data_4LNI
#
_entry.id   4LNI
#
_cell.length_a   110.200
_cell.length_b   141.600
_cell.length_c   142.100
_cell.angle_alpha   60.29
_cell.angle_beta   67.38
_cell.angle_gamma   76.20
#
_symmetry.space_group_name_H-M   'P 1'
#
loop_
_entity.id
_entity.type
_entity.pdbx_description
1 polymer 'Glutamine synthetase'
2 non-polymer 'L-METHIONINE-S-SULFOXIMINE PHOSPHATE'
3 non-polymer "ADENOSINE-5'-DIPHOSPHATE"
4 non-polymer 'MAGNESIUM ION'
5 water water
#
_entity_poly.entity_id   1
_entity_poly.type   'polypeptide(L)'
_entity_poly.pdbx_seq_one_letter_code
;AKYTREDIEKLVKEENVKYIRLQFTDILGTIKNVEIPVSQLGKALDNKVMFDGSSIEGFVRIEESDMYLYPDLNTFVIFP
WTAEKGKVARFICDIYNPDGTPFEGDPRNNLKRILKEMEDLGFSDFNLGPEPEFFLFKLDEKGEPTLELNDKGGYFDLAP
TDLGENCRRDIVLELEEMGFEIEASHHEVAPGQHEIDFKYAGAVRSCDDIQTFKLVVKTIARKHGLHATFMPKPLFGVNG
SGMHCNLSLFKNGVNAFFDENADLQLSETAKHFIAGIVKHATSFTAVTNPTVNSYKRLVPGYEAPCYVAWSAQNRSPLIR
IPASRGISTRVEVRSVDPAANPYLALSVLLAAGLDGIKNKLEAPAPIDRNIYVMSKEERMENGIVDLPATLAEALEEFKS
NEVMVKALGEHLFEHFIEAKEIEWDMFRTQVHPWEREQYMSQY
;
_entity_poly.pdbx_strand_id   A,B,C,D,E,F,G,H,I,J,K,L
#
# COMPACT_ATOMS: atom_id res chain seq x y z
N ALA A 1 -44.61 -29.68 -45.24
CA ALA A 1 -43.70 -28.90 -44.39
C ALA A 1 -44.29 -28.60 -43.00
N LYS A 2 -43.58 -27.75 -42.25
CA LYS A 2 -43.99 -27.35 -40.90
C LYS A 2 -44.50 -25.89 -40.84
N TYR A 3 -43.82 -24.96 -41.50
CA TYR A 3 -44.23 -23.55 -41.52
C TYR A 3 -44.28 -23.03 -42.94
N THR A 4 -45.15 -22.05 -43.20
CA THR A 4 -45.26 -21.40 -44.51
C THR A 4 -45.08 -19.91 -44.35
N ARG A 5 -44.59 -19.25 -45.39
CA ARG A 5 -44.49 -17.81 -45.30
C ARG A 5 -45.74 -17.26 -44.54
N GLU A 6 -46.90 -17.88 -44.73
CA GLU A 6 -48.11 -17.39 -44.08
C GLU A 6 -48.12 -17.60 -42.54
N ASP A 7 -47.78 -18.79 -42.07
CA ASP A 7 -47.76 -19.05 -40.63
C ASP A 7 -46.79 -18.16 -39.92
N ILE A 8 -45.64 -17.99 -40.55
CA ILE A 8 -44.58 -17.19 -40.00
C ILE A 8 -45.02 -15.73 -39.94
N GLU A 9 -45.76 -15.26 -40.94
CA GLU A 9 -46.25 -13.89 -40.91
C GLU A 9 -47.25 -13.65 -39.75
N LYS A 10 -48.07 -14.65 -39.44
CA LYS A 10 -49.07 -14.50 -38.40
C LYS A 10 -48.46 -14.70 -37.00
N LEU A 11 -47.49 -15.59 -36.90
CA LEU A 11 -46.79 -15.80 -35.62
C LEU A 11 -46.03 -14.57 -35.24
N VAL A 12 -45.33 -13.96 -36.19
CA VAL A 12 -44.60 -12.73 -35.91
C VAL A 12 -45.53 -11.70 -35.29
N LYS A 13 -46.66 -11.42 -35.96
CA LYS A 13 -47.67 -10.52 -35.38
C LYS A 13 -48.05 -10.98 -33.98
N GLU A 14 -48.72 -12.11 -33.85
CA GLU A 14 -49.30 -12.50 -32.56
C GLU A 14 -48.25 -12.47 -31.48
N GLU A 15 -47.08 -13.00 -31.77
CA GLU A 15 -46.01 -13.07 -30.80
C GLU A 15 -45.31 -11.73 -30.50
N ASN A 16 -45.56 -10.72 -31.34
CA ASN A 16 -44.99 -9.40 -31.18
C ASN A 16 -43.50 -9.33 -31.38
N VAL A 17 -43.03 -10.07 -32.37
CA VAL A 17 -41.61 -10.06 -32.70
C VAL A 17 -41.23 -8.70 -33.28
N LYS A 18 -40.14 -8.14 -32.79
CA LYS A 18 -39.73 -6.79 -33.19
C LYS A 18 -38.49 -6.86 -34.04
N TYR A 19 -37.71 -7.93 -33.93
CA TYR A 19 -36.52 -8.06 -34.77
C TYR A 19 -36.32 -9.47 -35.26
N ILE A 20 -35.57 -9.62 -36.35
CA ILE A 20 -35.32 -10.93 -36.91
C ILE A 20 -33.80 -11.11 -36.96
N ARG A 21 -33.34 -12.32 -36.65
CA ARG A 21 -31.95 -12.62 -36.84
C ARG A 21 -31.81 -13.63 -37.95
N LEU A 22 -31.01 -13.31 -38.96
CA LEU A 22 -30.71 -14.31 -39.95
C LEU A 22 -29.39 -14.92 -39.53
N GLN A 23 -29.37 -16.23 -39.36
CA GLN A 23 -28.16 -16.87 -38.90
C GLN A 23 -27.71 -17.95 -39.84
N PHE A 24 -26.38 -18.12 -39.91
CA PHE A 24 -25.74 -19.17 -40.69
C PHE A 24 -24.42 -19.61 -40.03
N THR A 25 -23.71 -20.57 -40.64
CA THR A 25 -22.51 -21.10 -40.02
C THR A 25 -21.37 -21.05 -40.93
N ASP A 26 -20.20 -20.57 -40.51
CA ASP A 26 -19.05 -20.59 -41.42
C ASP A 26 -18.30 -21.93 -41.43
N ILE A 27 -17.10 -21.96 -41.98
CA ILE A 27 -16.51 -23.23 -42.34
C ILE A 27 -15.91 -23.79 -41.04
N LEU A 28 -15.60 -22.90 -40.08
CA LEU A 28 -15.17 -23.33 -38.77
C LEU A 28 -16.25 -23.77 -37.79
N GLY A 29 -17.53 -23.66 -38.14
CA GLY A 29 -18.61 -24.09 -37.26
C GLY A 29 -19.22 -22.93 -36.47
N THR A 30 -18.54 -21.79 -36.55
CA THR A 30 -18.95 -20.60 -35.82
C THR A 30 -20.24 -20.01 -36.33
N ILE A 31 -21.19 -19.78 -35.44
CA ILE A 31 -22.49 -19.24 -35.83
C ILE A 31 -22.29 -17.75 -36.21
N LYS A 32 -22.99 -17.28 -37.24
CA LYS A 32 -22.92 -15.86 -37.68
C LYS A 32 -24.31 -15.25 -37.83
N ASN A 33 -24.45 -13.95 -37.66
CA ASN A 33 -25.77 -13.37 -37.90
C ASN A 33 -25.84 -11.86 -38.00
N VAL A 34 -26.95 -11.42 -38.63
CA VAL A 34 -27.31 -10.03 -38.84
C VAL A 34 -28.78 -9.82 -38.39
N GLU A 35 -29.09 -8.69 -37.74
CA GLU A 35 -30.39 -8.51 -37.15
C GLU A 35 -31.08 -7.42 -37.91
N ILE A 36 -32.30 -7.67 -38.37
CA ILE A 36 -33.04 -6.65 -39.13
C ILE A 36 -34.39 -6.30 -38.46
N PRO A 37 -34.85 -5.07 -38.56
CA PRO A 37 -36.14 -4.91 -37.89
C PRO A 37 -37.20 -5.74 -38.61
N VAL A 38 -38.30 -6.08 -37.96
CA VAL A 38 -39.28 -6.97 -38.59
C VAL A 38 -39.97 -6.29 -39.75
N SER A 39 -39.77 -4.98 -39.86
CA SER A 39 -40.29 -4.28 -41.02
C SER A 39 -39.62 -4.82 -42.28
N GLN A 40 -38.44 -5.44 -42.09
CA GLN A 40 -37.67 -5.98 -43.20
C GLN A 40 -37.95 -7.44 -43.41
N LEU A 41 -38.95 -7.98 -42.71
CA LEU A 41 -39.32 -9.37 -42.87
C LEU A 41 -39.56 -9.76 -44.34
N GLY A 42 -40.36 -8.97 -45.04
CA GLY A 42 -40.60 -9.21 -46.44
C GLY A 42 -39.31 -9.32 -47.23
N LYS A 43 -38.35 -8.42 -47.00
CA LYS A 43 -37.08 -8.51 -47.70
C LYS A 43 -36.35 -9.85 -47.40
N ALA A 44 -36.43 -10.34 -46.18
CA ALA A 44 -35.72 -11.54 -45.78
C ALA A 44 -36.32 -12.82 -46.40
N LEU A 45 -37.65 -12.92 -46.40
CA LEU A 45 -38.35 -14.05 -46.98
C LEU A 45 -38.31 -14.02 -48.52
N ASP A 46 -38.00 -12.84 -49.09
CA ASP A 46 -37.81 -12.71 -50.53
C ASP A 46 -36.37 -13.06 -50.93
N ASN A 47 -35.60 -13.63 -50.00
CA ASN A 47 -34.20 -14.00 -50.25
C ASN A 47 -33.33 -12.88 -50.74
N LYS A 48 -33.53 -11.67 -50.20
CA LYS A 48 -32.91 -10.46 -50.74
C LYS A 48 -31.85 -9.87 -49.81
N VAL A 49 -31.71 -10.41 -48.59
CA VAL A 49 -30.71 -9.82 -47.69
C VAL A 49 -29.35 -10.36 -48.10
N MET A 50 -28.29 -9.55 -48.06
CA MET A 50 -26.99 -9.94 -48.59
C MET A 50 -25.88 -9.71 -47.59
N PHE A 51 -24.67 -10.17 -47.86
CA PHE A 51 -23.65 -9.95 -46.85
C PHE A 51 -22.30 -10.10 -47.50
N ASP A 52 -21.26 -9.54 -46.89
CA ASP A 52 -19.88 -9.67 -47.40
C ASP A 52 -19.28 -11.13 -47.23
N GLY A 53 -19.56 -11.98 -48.21
CA GLY A 53 -19.00 -13.32 -48.17
C GLY A 53 -17.47 -13.40 -48.10
N SER A 54 -16.75 -12.31 -48.29
CA SER A 54 -15.29 -12.42 -48.22
C SER A 54 -14.81 -12.12 -46.83
N SER A 55 -15.76 -11.78 -45.95
CA SER A 55 -15.47 -11.58 -44.53
C SER A 55 -15.89 -12.77 -43.66
N ILE A 56 -16.39 -13.85 -44.27
CA ILE A 56 -16.77 -15.04 -43.54
C ILE A 56 -15.73 -16.12 -43.86
N GLU A 57 -15.19 -16.74 -42.84
CA GLU A 57 -14.11 -17.69 -43.00
C GLU A 57 -14.51 -18.78 -43.93
N GLY A 58 -13.69 -18.98 -44.95
CA GLY A 58 -13.84 -20.14 -45.81
C GLY A 58 -14.88 -20.02 -46.92
N PHE A 59 -15.35 -18.81 -47.21
CA PHE A 59 -16.35 -18.58 -48.27
C PHE A 59 -15.69 -18.08 -49.56
N VAL A 60 -16.10 -16.91 -49.97
CA VAL A 60 -15.69 -16.40 -51.28
C VAL A 60 -14.62 -15.33 -51.14
N ARG A 61 -14.04 -14.88 -52.23
CA ARG A 61 -12.97 -13.92 -52.08
C ARG A 61 -13.40 -12.50 -52.44
N ILE A 62 -12.51 -11.54 -52.13
CA ILE A 62 -12.86 -10.12 -52.09
C ILE A 62 -13.39 -9.57 -53.37
N GLU A 63 -12.82 -10.02 -54.51
CA GLU A 63 -13.34 -9.68 -55.87
C GLU A 63 -14.71 -10.18 -56.19
N GLU A 64 -15.23 -11.13 -55.43
CA GLU A 64 -16.58 -11.61 -55.71
C GLU A 64 -17.36 -11.76 -54.44
N SER A 65 -17.60 -10.64 -53.74
CA SER A 65 -17.93 -10.76 -52.36
C SER A 65 -19.43 -10.81 -52.04
N ASP A 66 -20.28 -10.27 -52.92
CA ASP A 66 -21.70 -10.19 -52.60
C ASP A 66 -22.24 -11.60 -52.54
N MET A 67 -23.13 -11.82 -51.59
CA MET A 67 -23.55 -13.19 -51.30
C MET A 67 -24.94 -13.09 -50.72
N TYR A 68 -25.81 -14.06 -50.98
CA TYR A 68 -27.20 -13.95 -50.49
C TYR A 68 -27.59 -14.96 -49.39
N LEU A 69 -28.57 -14.58 -48.56
CA LEU A 69 -29.05 -15.41 -47.43
C LEU A 69 -30.46 -15.89 -47.72
N TYR A 70 -30.69 -17.19 -47.72
CA TYR A 70 -32.03 -17.71 -47.96
C TYR A 70 -32.53 -18.41 -46.72
N PRO A 71 -33.44 -17.75 -45.99
CA PRO A 71 -33.94 -18.31 -44.72
C PRO A 71 -34.73 -19.59 -44.91
N ASP A 72 -34.54 -20.54 -43.99
CA ASP A 72 -35.26 -21.79 -43.97
C ASP A 72 -36.43 -21.58 -43.00
N LEU A 73 -37.62 -21.31 -43.55
CA LEU A 73 -38.81 -21.05 -42.70
C LEU A 73 -39.03 -22.00 -41.53
N ASN A 74 -38.68 -23.28 -41.66
CA ASN A 74 -38.94 -24.23 -40.57
C ASN A 74 -38.00 -24.10 -39.37
N THR A 75 -37.13 -23.13 -39.43
CA THR A 75 -36.13 -22.92 -38.41
C THR A 75 -36.55 -21.72 -37.52
N PHE A 76 -37.78 -21.21 -37.68
CA PHE A 76 -38.30 -20.15 -36.83
C PHE A 76 -38.29 -20.45 -35.33
N VAL A 77 -37.75 -19.52 -34.54
CA VAL A 77 -37.72 -19.69 -33.07
C VAL A 77 -37.47 -18.37 -32.32
N ILE A 78 -38.31 -18.02 -31.35
CA ILE A 78 -38.12 -16.76 -30.58
C ILE A 78 -37.09 -16.87 -29.44
N PHE A 79 -36.12 -15.96 -29.32
CA PHE A 79 -35.24 -16.02 -28.15
C PHE A 79 -35.87 -15.36 -26.92
N PRO A 80 -36.16 -16.15 -25.90
CA PRO A 80 -36.80 -15.66 -24.67
C PRO A 80 -36.03 -14.55 -23.93
N TRP A 81 -34.71 -14.66 -23.82
CA TRP A 81 -33.96 -13.64 -23.07
C TRP A 81 -34.04 -12.24 -23.75
N THR A 82 -34.48 -12.16 -25.00
CA THR A 82 -34.55 -10.86 -25.63
C THR A 82 -35.91 -10.14 -25.43
N ALA A 83 -36.92 -10.83 -24.92
CA ALA A 83 -38.28 -10.33 -24.99
C ALA A 83 -38.55 -9.03 -24.21
N GLU A 84 -37.98 -8.86 -23.02
CA GLU A 84 -38.35 -7.66 -22.26
C GLU A 84 -37.82 -6.33 -22.87
N LYS A 85 -37.00 -6.40 -23.90
CA LYS A 85 -36.42 -5.20 -24.49
C LYS A 85 -36.78 -5.05 -25.97
N GLY A 86 -37.04 -6.19 -26.64
CA GLY A 86 -37.40 -6.28 -28.07
C GLY A 86 -37.24 -7.72 -28.56
N LYS A 87 -38.38 -8.43 -28.56
CA LYS A 87 -38.46 -9.89 -28.87
C LYS A 87 -37.85 -10.19 -30.25
N VAL A 88 -36.96 -11.17 -30.27
CA VAL A 88 -36.17 -11.53 -31.44
C VAL A 88 -36.57 -12.93 -31.87
N ALA A 89 -36.91 -13.11 -33.13
CA ALA A 89 -37.05 -14.41 -33.77
C ALA A 89 -35.84 -14.65 -34.72
N ARG A 90 -35.38 -15.89 -34.84
CA ARG A 90 -34.27 -16.17 -35.73
C ARG A 90 -34.67 -17.11 -36.88
N PHE A 91 -33.86 -17.15 -37.93
CA PHE A 91 -33.99 -18.09 -39.04
C PHE A 91 -32.63 -18.59 -39.28
N ILE A 92 -32.50 -19.87 -39.57
CA ILE A 92 -31.27 -20.38 -40.14
C ILE A 92 -31.38 -20.29 -41.68
N CYS A 93 -30.29 -19.86 -42.31
CA CYS A 93 -30.30 -19.54 -43.75
C CYS A 93 -29.33 -20.40 -44.56
N ASP A 94 -29.64 -20.56 -45.87
CA ASP A 94 -28.77 -21.23 -46.84
C ASP A 94 -28.13 -20.12 -47.70
N ILE A 95 -26.82 -20.24 -47.96
CA ILE A 95 -26.05 -19.25 -48.67
C ILE A 95 -26.19 -19.48 -50.17
N TYR A 96 -26.57 -18.45 -50.92
CA TYR A 96 -26.69 -18.52 -52.36
C TYR A 96 -25.75 -17.55 -53.03
N ASN A 97 -25.46 -17.84 -54.31
CA ASN A 97 -24.61 -16.95 -55.11
C ASN A 97 -25.44 -15.87 -55.69
N PRO A 98 -24.82 -14.76 -56.01
CA PRO A 98 -25.59 -13.66 -56.62
C PRO A 98 -26.41 -14.14 -57.83
N ASP A 99 -25.96 -15.15 -58.53
CA ASP A 99 -26.76 -15.61 -59.67
C ASP A 99 -27.95 -16.53 -59.40
N GLY A 100 -28.28 -16.82 -58.16
CA GLY A 100 -29.39 -17.71 -57.87
C GLY A 100 -28.99 -19.15 -57.60
N THR A 101 -27.73 -19.47 -57.84
CA THR A 101 -27.30 -20.84 -57.55
C THR A 101 -26.77 -21.04 -56.13
N PRO A 102 -27.26 -22.08 -55.46
CA PRO A 102 -26.79 -22.34 -54.10
C PRO A 102 -25.25 -22.33 -54.04
N PHE A 103 -24.69 -21.71 -52.99
CA PHE A 103 -23.25 -21.69 -52.76
C PHE A 103 -22.77 -23.10 -52.34
N GLU A 104 -21.67 -23.54 -52.97
CA GLU A 104 -21.11 -24.88 -52.78
C GLU A 104 -20.13 -24.93 -51.63
N GLY A 105 -19.85 -23.80 -50.97
CA GLY A 105 -18.95 -23.80 -49.85
C GLY A 105 -19.70 -23.72 -48.57
N ASP A 106 -21.03 -23.74 -48.64
CA ASP A 106 -21.91 -23.66 -47.45
C ASP A 106 -22.00 -25.03 -46.73
N PRO A 107 -21.52 -25.14 -45.47
CA PRO A 107 -21.59 -26.44 -44.79
C PRO A 107 -22.99 -27.11 -44.69
N ARG A 108 -24.04 -26.35 -44.44
CA ARG A 108 -25.39 -26.89 -44.27
C ARG A 108 -25.96 -27.49 -45.58
N ASN A 109 -25.69 -26.78 -46.66
CA ASN A 109 -26.10 -27.23 -47.96
C ASN A 109 -25.37 -28.50 -48.33
N ASN A 110 -24.11 -28.62 -47.93
CA ASN A 110 -23.40 -29.82 -48.20
C ASN A 110 -23.96 -31.04 -47.45
N LEU A 111 -24.33 -30.87 -46.17
CA LEU A 111 -24.98 -31.95 -45.40
C LEU A 111 -26.22 -32.47 -46.13
N LYS A 112 -26.94 -31.61 -46.84
CA LYS A 112 -28.14 -32.01 -47.61
C LYS A 112 -27.80 -32.84 -48.84
N ARG A 113 -26.67 -32.55 -49.44
CA ARG A 113 -26.22 -33.33 -50.57
C ARG A 113 -25.95 -34.77 -50.14
N ILE A 114 -25.08 -34.96 -49.17
CA ILE A 114 -24.87 -36.29 -48.65
C ILE A 114 -26.18 -36.95 -48.19
N LEU A 115 -27.18 -36.16 -47.75
CA LEU A 115 -28.51 -36.70 -47.45
C LEU A 115 -29.24 -37.29 -48.69
N LYS A 116 -29.10 -36.66 -49.86
CA LYS A 116 -29.71 -37.16 -51.10
C LYS A 116 -29.17 -38.54 -51.43
N GLU A 117 -27.88 -38.75 -51.20
CA GLU A 117 -27.27 -40.06 -51.46
C GLU A 117 -27.86 -41.07 -50.52
N MET A 118 -28.19 -40.67 -49.30
CA MET A 118 -28.83 -41.60 -48.39
C MET A 118 -30.22 -41.96 -48.93
N GLU A 119 -30.87 -40.98 -49.52
CA GLU A 119 -32.21 -41.20 -49.91
C GLU A 119 -32.11 -42.11 -51.11
N ASP A 120 -31.16 -41.81 -51.96
CA ASP A 120 -31.06 -42.57 -53.18
C ASP A 120 -30.75 -43.99 -52.83
N LEU A 121 -30.32 -44.23 -51.61
CA LEU A 121 -29.92 -45.56 -51.20
C LEU A 121 -31.03 -46.21 -50.40
N GLY A 122 -32.21 -45.60 -50.33
CA GLY A 122 -33.37 -46.24 -49.70
C GLY A 122 -33.79 -45.81 -48.30
N PHE A 123 -33.03 -44.93 -47.63
CA PHE A 123 -33.37 -44.51 -46.26
C PHE A 123 -34.07 -43.21 -46.12
N SER A 124 -35.07 -43.23 -45.26
CA SER A 124 -35.85 -42.05 -44.96
C SER A 124 -35.13 -40.96 -44.12
N ASP A 125 -34.66 -41.27 -42.90
CA ASP A 125 -34.07 -40.23 -42.05
C ASP A 125 -32.73 -40.67 -41.53
N PHE A 126 -31.86 -39.71 -41.26
CA PHE A 126 -30.58 -39.99 -40.64
C PHE A 126 -30.72 -39.22 -39.34
N ASN A 127 -30.93 -39.94 -38.22
CA ASN A 127 -31.18 -39.30 -36.94
C ASN A 127 -29.89 -39.07 -36.20
N LEU A 128 -29.78 -37.92 -35.56
CA LEU A 128 -28.59 -37.57 -34.79
C LEU A 128 -28.97 -37.25 -33.34
N GLY A 129 -28.28 -37.89 -32.41
CA GLY A 129 -28.40 -37.58 -30.98
C GLY A 129 -27.11 -36.97 -30.41
N PRO A 130 -27.00 -35.64 -30.39
CA PRO A 130 -25.74 -34.99 -29.98
C PRO A 130 -25.64 -34.78 -28.47
N GLU A 131 -24.51 -35.08 -27.86
CA GLU A 131 -24.35 -34.70 -26.46
C GLU A 131 -23.15 -33.81 -26.25
N PRO A 132 -23.35 -32.49 -26.30
CA PRO A 132 -22.12 -31.64 -26.29
C PRO A 132 -21.71 -31.05 -24.90
N GLU A 133 -20.93 -31.82 -24.17
CA GLU A 133 -20.33 -31.42 -22.91
C GLU A 133 -19.66 -30.05 -22.97
N PHE A 134 -19.64 -29.32 -21.87
CA PHE A 134 -18.95 -28.04 -21.78
C PHE A 134 -18.35 -27.74 -20.40
N PHE A 135 -17.44 -26.81 -20.33
CA PHE A 135 -16.87 -26.37 -19.06
C PHE A 135 -17.39 -24.99 -18.71
N LEU A 136 -17.41 -24.70 -17.40
CA LEU A 136 -17.82 -23.36 -16.96
C LEU A 136 -16.71 -22.70 -16.15
N PHE A 137 -16.23 -21.57 -16.65
CA PHE A 137 -15.20 -20.81 -15.97
C PHE A 137 -15.81 -19.53 -15.43
N LYS A 138 -15.22 -19.06 -14.32
CA LYS A 138 -15.58 -17.81 -13.70
C LYS A 138 -15.03 -16.64 -14.50
N LEU A 139 -15.89 -15.64 -14.69
CA LEU A 139 -15.49 -14.35 -15.23
C LEU A 139 -14.82 -13.51 -14.14
N ASP A 140 -14.08 -12.49 -14.51
CA ASP A 140 -13.43 -11.58 -13.60
C ASP A 140 -14.27 -10.29 -13.50
N GLU A 141 -13.63 -9.17 -13.15
CA GLU A 141 -14.31 -7.89 -12.96
C GLU A 141 -14.35 -7.09 -14.26
N LYS A 142 -13.65 -7.58 -15.27
CA LYS A 142 -13.67 -6.97 -16.59
C LYS A 142 -14.57 -7.76 -17.55
N GLY A 143 -15.34 -8.70 -17.01
CA GLY A 143 -16.17 -9.60 -17.82
C GLY A 143 -15.44 -10.65 -18.65
N GLU A 144 -14.10 -10.71 -18.52
CA GLU A 144 -13.26 -11.70 -19.23
C GLU A 144 -13.20 -12.99 -18.42
N PRO A 145 -13.00 -14.14 -19.09
CA PRO A 145 -12.85 -15.42 -18.38
C PRO A 145 -11.49 -15.60 -17.72
N THR A 146 -11.45 -16.39 -16.66
CA THR A 146 -10.21 -16.83 -16.02
C THR A 146 -10.05 -18.35 -16.18
N LEU A 147 -9.08 -18.96 -15.49
CA LEU A 147 -8.85 -20.41 -15.58
C LEU A 147 -9.46 -21.13 -14.40
N GLU A 148 -10.38 -20.46 -13.74
CA GLU A 148 -10.95 -20.94 -12.52
C GLU A 148 -12.32 -21.57 -12.81
N LEU A 149 -12.36 -22.90 -12.74
CA LEU A 149 -13.59 -23.62 -12.92
C LEU A 149 -14.69 -23.12 -12.01
N ASN A 150 -15.93 -23.29 -12.41
CA ASN A 150 -17.02 -22.78 -11.60
C ASN A 150 -17.16 -23.58 -10.30
N ASP A 151 -16.62 -24.79 -10.26
CA ASP A 151 -16.71 -25.66 -9.08
C ASP A 151 -15.66 -26.77 -9.19
N LYS A 152 -15.53 -27.59 -8.14
CA LYS A 152 -14.62 -28.73 -8.12
C LYS A 152 -15.42 -30.03 -8.03
N GLY A 153 -16.69 -29.99 -8.44
CA GLY A 153 -17.55 -31.17 -8.42
C GLY A 153 -17.24 -32.25 -9.46
N GLY A 154 -18.03 -33.32 -9.45
CA GLY A 154 -17.82 -34.45 -10.37
C GLY A 154 -19.12 -35.03 -10.90
N TYR A 155 -19.01 -36.23 -11.46
CA TYR A 155 -20.12 -36.90 -12.13
C TYR A 155 -21.34 -37.09 -11.23
N PHE A 156 -22.45 -36.50 -11.63
CA PHE A 156 -23.73 -36.71 -10.94
C PHE A 156 -23.73 -36.16 -9.55
N ASP A 157 -22.72 -35.39 -9.18
CA ASP A 157 -22.74 -34.74 -7.86
C ASP A 157 -23.90 -33.75 -7.68
N LEU A 158 -24.31 -33.62 -6.42
CA LEU A 158 -25.36 -32.69 -6.00
C LEU A 158 -24.73 -31.46 -5.44
N ALA A 159 -25.59 -30.42 -5.35
CA ALA A 159 -25.18 -29.07 -4.89
C ALA A 159 -24.73 -29.08 -3.43
N PRO A 160 -24.20 -27.92 -2.99
CA PRO A 160 -22.91 -27.26 -2.78
C PRO A 160 -21.71 -27.85 -3.60
N THR A 161 -21.59 -29.15 -3.79
CA THR A 161 -20.38 -29.65 -4.46
C THR A 161 -20.46 -29.24 -5.94
N ASP A 162 -21.71 -29.30 -6.43
CA ASP A 162 -22.07 -28.96 -7.77
C ASP A 162 -22.64 -27.53 -7.71
N LEU A 163 -21.99 -26.60 -8.40
CA LEU A 163 -22.37 -25.22 -8.32
C LEU A 163 -22.88 -24.81 -9.68
N GLY A 164 -23.13 -25.77 -10.58
CA GLY A 164 -23.71 -25.46 -11.88
C GLY A 164 -25.22 -25.68 -11.90
N GLU A 165 -25.78 -26.25 -10.86
CA GLU A 165 -27.21 -26.49 -10.75
C GLU A 165 -28.01 -25.24 -11.11
N ASN A 166 -27.70 -24.10 -10.54
CA ASN A 166 -28.58 -23.00 -10.93
C ASN A 166 -28.47 -22.57 -12.42
N CYS A 167 -27.25 -22.61 -12.98
CA CYS A 167 -26.95 -22.07 -14.29
C CYS A 167 -27.58 -23.05 -15.29
N ARG A 168 -27.25 -24.31 -15.09
CA ARG A 168 -27.78 -25.40 -15.88
C ARG A 168 -29.28 -25.32 -15.79
N ARG A 169 -29.81 -24.99 -14.65
CA ARG A 169 -31.24 -25.01 -14.55
C ARG A 169 -31.78 -23.96 -15.48
N ASP A 170 -31.14 -22.78 -15.53
CA ASP A 170 -31.66 -21.71 -16.40
C ASP A 170 -31.49 -22.07 -17.88
N ILE A 171 -30.38 -22.76 -18.21
CA ILE A 171 -30.14 -23.18 -19.57
C ILE A 171 -31.38 -23.97 -19.99
N VAL A 172 -31.72 -24.97 -19.17
CA VAL A 172 -32.83 -25.87 -19.45
C VAL A 172 -34.13 -25.07 -19.59
N LEU A 173 -34.36 -24.12 -18.70
CA LEU A 173 -35.54 -23.25 -18.81
C LEU A 173 -35.60 -22.61 -20.21
N GLU A 174 -34.50 -21.98 -20.69
CA GLU A 174 -34.48 -21.35 -22.05
C GLU A 174 -34.76 -22.38 -23.12
N LEU A 175 -33.93 -23.45 -23.17
CA LEU A 175 -34.16 -24.51 -24.10
C LEU A 175 -35.61 -25.00 -24.10
N GLU A 176 -36.22 -25.19 -22.95
CA GLU A 176 -37.56 -25.78 -22.99
C GLU A 176 -38.53 -24.78 -23.60
N GLU A 177 -38.42 -23.52 -23.23
CA GLU A 177 -39.24 -22.51 -23.85
C GLU A 177 -38.98 -22.40 -25.36
N MET A 178 -37.76 -22.70 -25.79
CA MET A 178 -37.40 -22.59 -27.17
C MET A 178 -37.80 -23.85 -27.93
N GLY A 179 -38.55 -24.73 -27.29
CA GLY A 179 -38.99 -25.93 -27.97
C GLY A 179 -38.06 -27.15 -27.90
N PHE A 180 -36.89 -27.06 -27.25
CA PHE A 180 -36.04 -28.25 -27.10
C PHE A 180 -36.71 -29.30 -26.26
N GLU A 181 -36.50 -30.56 -26.60
CA GLU A 181 -36.93 -31.64 -25.67
C GLU A 181 -35.79 -32.12 -24.82
N ILE A 182 -35.61 -31.46 -23.70
CA ILE A 182 -34.57 -31.82 -22.75
C ILE A 182 -34.84 -33.17 -22.12
N GLU A 183 -33.82 -34.01 -22.08
CA GLU A 183 -33.99 -35.32 -21.56
C GLU A 183 -33.26 -35.47 -20.20
N ALA A 184 -32.22 -34.69 -19.98
CA ALA A 184 -31.50 -34.84 -18.72
C ALA A 184 -30.50 -33.72 -18.50
N SER A 185 -30.00 -33.62 -17.27
CA SER A 185 -29.07 -32.54 -16.94
C SER A 185 -28.26 -32.91 -15.71
N HIS A 186 -26.94 -32.89 -15.82
CA HIS A 186 -26.09 -33.28 -14.68
C HIS A 186 -24.72 -32.70 -14.77
N HIS A 187 -23.97 -32.82 -13.68
CA HIS A 187 -22.59 -32.41 -13.65
C HIS A 187 -21.80 -33.54 -14.32
N GLU A 188 -20.64 -33.27 -14.89
CA GLU A 188 -19.84 -34.34 -15.52
C GLU A 188 -18.60 -34.61 -14.70
N VAL A 189 -17.78 -35.55 -15.18
CA VAL A 189 -16.65 -36.12 -14.47
C VAL A 189 -15.61 -35.08 -14.08
N ALA A 190 -15.28 -34.16 -14.97
CA ALA A 190 -14.25 -33.17 -14.65
C ALA A 190 -14.80 -32.03 -13.82
N PRO A 191 -13.95 -31.41 -13.00
CA PRO A 191 -14.41 -30.25 -12.24
C PRO A 191 -14.87 -29.16 -13.21
N GLY A 192 -15.91 -28.42 -12.92
CA GLY A 192 -16.39 -27.44 -13.86
C GLY A 192 -17.04 -27.93 -15.16
N GLN A 193 -17.34 -29.20 -15.25
CA GLN A 193 -17.89 -29.76 -16.50
C GLN A 193 -19.37 -30.10 -16.37
N HIS A 194 -20.13 -29.93 -17.43
CA HIS A 194 -21.54 -30.15 -17.35
C HIS A 194 -22.08 -30.72 -18.64
N GLU A 195 -23.27 -31.31 -18.56
CA GLU A 195 -23.94 -31.90 -19.68
C GLU A 195 -25.44 -31.55 -19.62
N ILE A 196 -26.00 -31.16 -20.78
CA ILE A 196 -27.45 -31.18 -20.91
C ILE A 196 -27.80 -32.01 -22.10
N ASP A 197 -28.76 -32.91 -21.98
CA ASP A 197 -29.13 -33.77 -23.12
C ASP A 197 -30.49 -33.41 -23.73
N PHE A 198 -30.61 -33.58 -25.03
CA PHE A 198 -31.90 -33.33 -25.66
C PHE A 198 -32.20 -34.40 -26.72
N LYS A 199 -33.46 -34.52 -27.10
CA LYS A 199 -33.87 -35.63 -27.92
C LYS A 199 -33.21 -35.57 -29.30
N TYR A 200 -32.90 -36.72 -29.90
CA TYR A 200 -32.41 -36.69 -31.28
C TYR A 200 -33.44 -36.05 -32.19
N ALA A 201 -32.94 -35.64 -33.35
CA ALA A 201 -33.77 -35.19 -34.44
C ALA A 201 -33.11 -35.61 -35.81
N GLY A 202 -33.76 -35.33 -36.93
CA GLY A 202 -33.13 -35.65 -38.20
C GLY A 202 -31.86 -34.84 -38.41
N ALA A 203 -30.85 -35.42 -39.05
CA ALA A 203 -29.54 -34.76 -39.22
C ALA A 203 -29.53 -33.27 -39.43
N VAL A 204 -30.27 -32.67 -40.39
CA VAL A 204 -30.18 -31.19 -40.55
C VAL A 204 -30.66 -30.46 -39.27
N ARG A 205 -31.87 -30.77 -38.80
CA ARG A 205 -32.48 -30.14 -37.66
C ARG A 205 -31.62 -30.33 -36.40
N SER A 206 -31.00 -31.49 -36.33
CA SER A 206 -30.17 -31.80 -35.18
C SER A 206 -28.91 -30.95 -35.21
N CYS A 207 -28.40 -30.67 -36.40
CA CYS A 207 -27.20 -29.87 -36.57
C CYS A 207 -27.52 -28.41 -36.25
N ASP A 208 -28.76 -27.97 -36.52
CA ASP A 208 -29.22 -26.61 -36.21
C ASP A 208 -29.32 -26.46 -34.70
N ASP A 209 -29.76 -27.56 -34.07
CA ASP A 209 -29.94 -27.67 -32.62
C ASP A 209 -28.66 -27.47 -31.86
N ILE A 210 -27.62 -28.14 -32.32
CA ILE A 210 -26.30 -28.01 -31.76
C ILE A 210 -25.90 -26.54 -31.78
N GLN A 211 -26.13 -25.90 -32.89
CA GLN A 211 -25.64 -24.55 -33.02
C GLN A 211 -26.47 -23.71 -32.05
N THR A 212 -27.73 -24.02 -31.85
CA THR A 212 -28.57 -23.10 -31.07
C THR A 212 -28.33 -23.37 -29.59
N PHE A 213 -27.92 -24.60 -29.29
CA PHE A 213 -27.66 -25.01 -27.95
C PHE A 213 -26.37 -24.31 -27.49
N LYS A 214 -25.34 -24.27 -28.34
CA LYS A 214 -24.11 -23.63 -27.90
C LYS A 214 -24.39 -22.17 -27.59
N LEU A 215 -25.30 -21.56 -28.36
CA LEU A 215 -25.66 -20.19 -28.18
C LEU A 215 -26.30 -19.91 -26.85
N VAL A 216 -27.42 -20.57 -26.56
CA VAL A 216 -28.18 -20.38 -25.31
C VAL A 216 -27.32 -20.68 -24.04
N VAL A 217 -26.68 -21.84 -24.04
CA VAL A 217 -25.65 -22.14 -23.08
C VAL A 217 -24.67 -20.97 -22.84
N LYS A 218 -24.00 -20.41 -23.88
CA LYS A 218 -23.05 -19.34 -23.58
C LYS A 218 -23.76 -18.06 -23.13
N THR A 219 -24.94 -17.82 -23.64
CA THR A 219 -25.73 -16.68 -23.22
C THR A 219 -26.15 -16.74 -21.71
N ILE A 220 -26.79 -17.84 -21.26
CA ILE A 220 -27.22 -17.97 -19.87
C ILE A 220 -26.03 -18.03 -18.86
N ALA A 221 -25.00 -18.83 -19.19
CA ALA A 221 -23.77 -18.84 -18.40
C ALA A 221 -23.33 -17.41 -18.07
N ARG A 222 -23.28 -16.53 -19.09
CA ARG A 222 -22.77 -15.20 -18.87
C ARG A 222 -23.69 -14.47 -17.90
N LYS A 223 -24.99 -14.74 -17.98
CA LYS A 223 -25.90 -14.14 -16.99
C LYS A 223 -25.56 -14.56 -15.56
N HIS A 224 -24.88 -15.70 -15.36
CA HIS A 224 -24.53 -16.12 -14.01
C HIS A 224 -23.07 -15.87 -13.73
N GLY A 225 -22.48 -14.96 -14.47
CA GLY A 225 -21.13 -14.57 -14.21
C GLY A 225 -20.14 -15.63 -14.63
N LEU A 226 -20.51 -16.49 -15.57
CA LEU A 226 -19.63 -17.58 -15.99
C LEU A 226 -19.36 -17.53 -17.50
N HIS A 227 -18.35 -18.27 -17.95
CA HIS A 227 -17.98 -18.39 -19.33
C HIS A 227 -18.01 -19.84 -19.74
N ALA A 228 -18.89 -20.19 -20.69
CA ALA A 228 -19.06 -21.56 -21.12
C ALA A 228 -18.15 -21.73 -22.30
N THR A 229 -17.44 -22.84 -22.37
CA THR A 229 -16.59 -23.09 -23.52
C THR A 229 -16.81 -24.53 -23.97
N PHE A 230 -16.90 -24.75 -25.28
CA PHE A 230 -16.89 -26.12 -25.88
C PHE A 230 -15.53 -26.58 -26.45
N MET A 231 -14.45 -25.89 -26.06
CA MET A 231 -13.07 -26.28 -26.32
C MET A 231 -12.95 -27.72 -25.91
N PRO A 232 -12.24 -28.52 -26.71
CA PRO A 232 -12.16 -29.96 -26.44
C PRO A 232 -11.43 -30.36 -25.16
N LYS A 233 -10.26 -29.82 -24.90
CA LYS A 233 -9.43 -30.14 -23.74
C LYS A 233 -8.82 -28.87 -23.14
N PRO A 234 -9.60 -28.10 -22.38
CA PRO A 234 -9.12 -26.84 -21.81
C PRO A 234 -8.00 -26.97 -20.79
N LEU A 235 -7.91 -28.10 -20.11
CA LEU A 235 -6.90 -28.30 -19.07
C LEU A 235 -6.33 -29.70 -19.20
N PHE A 236 -5.03 -29.83 -19.01
CA PHE A 236 -4.38 -31.10 -19.12
C PHE A 236 -4.75 -31.96 -17.88
N GLY A 237 -4.73 -33.27 -18.02
CA GLY A 237 -4.85 -34.09 -16.82
C GLY A 237 -6.26 -34.39 -16.31
N VAL A 238 -7.26 -33.63 -16.76
CA VAL A 238 -8.67 -34.01 -16.53
C VAL A 238 -9.39 -34.34 -17.82
N ASN A 239 -10.60 -34.87 -17.70
CA ASN A 239 -11.43 -35.19 -18.84
C ASN A 239 -11.56 -34.03 -19.86
N GLY A 240 -11.73 -34.38 -21.13
CA GLY A 240 -11.98 -33.36 -22.14
C GLY A 240 -13.47 -33.33 -22.38
N SER A 241 -13.94 -32.46 -23.25
CA SER A 241 -15.35 -32.49 -23.62
C SER A 241 -15.48 -33.14 -24.97
N GLY A 242 -16.48 -34.00 -25.12
CA GLY A 242 -16.72 -34.68 -26.39
C GLY A 242 -18.06 -34.19 -26.93
N MET A 243 -18.34 -34.41 -28.21
CA MET A 243 -19.71 -34.30 -28.63
C MET A 243 -20.13 -35.59 -29.26
N HIS A 244 -20.42 -36.60 -28.45
CA HIS A 244 -20.75 -37.90 -29.02
C HIS A 244 -21.90 -37.80 -29.99
N CYS A 245 -21.79 -38.55 -31.07
CA CYS A 245 -22.83 -38.52 -32.09
C CYS A 245 -23.48 -39.85 -32.18
N ASN A 246 -24.69 -39.93 -31.60
CA ASN A 246 -25.53 -41.10 -31.73
C ASN A 246 -26.24 -41.12 -33.08
N LEU A 247 -25.91 -42.12 -33.92
CA LEU A 247 -26.44 -42.16 -35.28
C LEU A 247 -27.41 -43.32 -35.46
N SER A 248 -28.42 -43.13 -36.29
CA SER A 248 -29.18 -44.29 -36.78
C SER A 248 -29.89 -43.94 -38.11
N LEU A 249 -30.36 -44.96 -38.82
CA LEU A 249 -31.04 -44.77 -40.13
C LEU A 249 -32.46 -45.20 -39.92
N PHE A 250 -33.42 -44.53 -40.52
CA PHE A 250 -34.78 -45.02 -40.42
C PHE A 250 -35.22 -45.40 -41.85
N LYS A 251 -35.71 -46.60 -42.00
CA LYS A 251 -36.26 -47.04 -43.30
C LYS A 251 -37.76 -47.25 -43.14
N ASN A 252 -38.55 -46.59 -43.97
CA ASN A 252 -39.97 -46.78 -43.83
C ASN A 252 -40.35 -46.37 -42.42
N GLY A 253 -39.89 -45.19 -41.96
CA GLY A 253 -40.15 -44.70 -40.59
C GLY A 253 -39.83 -45.68 -39.43
N VAL A 254 -38.89 -46.57 -39.63
CA VAL A 254 -38.59 -47.53 -38.59
C VAL A 254 -37.10 -47.68 -38.44
N ASN A 255 -36.66 -47.73 -37.20
CA ASN A 255 -35.25 -47.90 -36.96
C ASN A 255 -34.72 -49.14 -37.75
N ALA A 256 -33.85 -48.88 -38.71
CA ALA A 256 -33.27 -49.89 -39.59
C ALA A 256 -32.05 -50.51 -38.95
N PHE A 257 -31.68 -50.02 -37.79
CA PHE A 257 -30.51 -50.57 -37.13
C PHE A 257 -30.87 -51.75 -36.18
N PHE A 258 -32.17 -52.00 -35.97
CA PHE A 258 -32.66 -52.96 -34.95
C PHE A 258 -33.04 -54.30 -35.57
N ASP A 259 -32.73 -55.38 -34.87
CA ASP A 259 -33.05 -56.69 -35.36
C ASP A 259 -33.21 -57.66 -34.18
N GLU A 260 -34.45 -57.74 -33.67
CA GLU A 260 -34.87 -58.72 -32.66
C GLU A 260 -34.04 -59.99 -32.71
N ASN A 261 -33.97 -60.65 -33.88
CA ASN A 261 -33.39 -62.00 -33.96
C ASN A 261 -31.92 -62.12 -34.33
N ALA A 262 -31.14 -61.09 -34.09
CA ALA A 262 -29.81 -61.00 -34.67
C ALA A 262 -28.81 -60.78 -33.55
N ASP A 263 -27.55 -61.14 -33.71
CA ASP A 263 -26.60 -60.88 -32.59
C ASP A 263 -26.73 -59.49 -32.04
N LEU A 264 -26.74 -59.39 -30.71
CA LEU A 264 -26.82 -58.10 -30.07
C LEU A 264 -28.07 -57.38 -30.56
N GLN A 265 -29.03 -58.10 -31.10
CA GLN A 265 -30.16 -57.46 -31.79
C GLN A 265 -29.73 -56.35 -32.76
N LEU A 266 -28.58 -56.52 -33.40
CA LEU A 266 -28.11 -55.57 -34.41
C LEU A 266 -28.38 -56.09 -35.82
N SER A 267 -29.18 -55.35 -36.57
CA SER A 267 -29.47 -55.62 -37.99
C SER A 267 -28.21 -55.60 -38.90
N GLU A 268 -28.34 -56.12 -40.10
CA GLU A 268 -27.18 -56.26 -40.99
C GLU A 268 -26.74 -54.87 -41.48
N THR A 269 -27.72 -54.01 -41.71
CA THR A 269 -27.45 -52.63 -42.11
C THR A 269 -26.57 -52.01 -41.09
N ALA A 270 -26.98 -52.16 -39.83
CA ALA A 270 -26.19 -51.64 -38.75
C ALA A 270 -24.78 -52.15 -38.87
N LYS A 271 -24.55 -53.43 -39.12
CA LYS A 271 -23.15 -53.87 -39.14
C LYS A 271 -22.35 -53.35 -40.37
N HIS A 272 -23.05 -53.07 -41.45
CA HIS A 272 -22.41 -52.47 -42.60
C HIS A 272 -22.07 -51.03 -42.30
N PHE A 273 -23.05 -50.27 -41.80
CA PHE A 273 -22.82 -48.92 -41.30
C PHE A 273 -21.63 -48.91 -40.33
N ILE A 274 -21.66 -49.76 -39.33
CA ILE A 274 -20.60 -49.76 -38.38
C ILE A 274 -19.29 -50.00 -39.11
N ALA A 275 -19.31 -50.85 -40.13
CA ALA A 275 -18.10 -51.17 -40.92
C ALA A 275 -17.59 -49.98 -41.77
N GLY A 276 -18.50 -49.23 -42.40
CA GLY A 276 -18.15 -47.97 -43.04
C GLY A 276 -17.49 -46.98 -42.05
N ILE A 277 -18.06 -46.77 -40.86
CA ILE A 277 -17.44 -45.84 -39.90
C ILE A 277 -15.99 -46.27 -39.57
N VAL A 278 -15.78 -47.50 -39.17
CA VAL A 278 -14.42 -47.98 -38.88
C VAL A 278 -13.39 -47.70 -40.02
N LYS A 279 -13.77 -48.14 -41.22
CA LYS A 279 -12.98 -47.93 -42.44
C LYS A 279 -12.53 -46.48 -42.66
N HIS A 280 -13.46 -45.52 -42.55
CA HIS A 280 -13.09 -44.15 -42.84
C HIS A 280 -12.69 -43.35 -41.58
N ALA A 281 -12.71 -44.01 -40.41
CA ALA A 281 -12.37 -43.33 -39.15
C ALA A 281 -11.15 -42.49 -39.23
N THR A 282 -10.03 -43.12 -39.50
CA THR A 282 -8.75 -42.42 -39.46
C THR A 282 -8.69 -41.27 -40.48
N SER A 283 -9.53 -41.37 -41.52
CA SER A 283 -9.66 -40.34 -42.57
C SER A 283 -10.59 -39.15 -42.28
N PHE A 284 -11.68 -39.34 -41.52
CA PHE A 284 -12.63 -38.25 -41.25
C PHE A 284 -12.36 -37.50 -39.91
N THR A 285 -11.29 -37.90 -39.21
CA THR A 285 -10.95 -37.34 -37.91
C THR A 285 -10.54 -35.88 -38.08
N ALA A 286 -9.82 -35.55 -39.14
CA ALA A 286 -9.48 -34.15 -39.37
C ALA A 286 -10.75 -33.35 -39.33
N VAL A 287 -11.84 -33.85 -39.89
CA VAL A 287 -13.08 -33.05 -39.91
C VAL A 287 -13.76 -32.99 -38.53
N THR A 288 -13.96 -34.17 -37.94
CA THR A 288 -14.66 -34.30 -36.67
C THR A 288 -13.85 -33.75 -35.46
N ASN A 289 -12.54 -33.65 -35.58
CA ASN A 289 -11.70 -33.11 -34.56
C ASN A 289 -10.83 -32.12 -35.25
N PRO A 290 -11.37 -30.93 -35.46
CA PRO A 290 -10.65 -30.08 -36.41
C PRO A 290 -9.70 -29.05 -35.77
N THR A 291 -9.32 -29.16 -34.50
CA THR A 291 -8.44 -28.15 -33.95
C THR A 291 -7.17 -28.87 -33.48
N VAL A 292 -6.13 -28.10 -33.19
CA VAL A 292 -4.93 -28.64 -32.71
C VAL A 292 -5.29 -29.34 -31.41
N ASN A 293 -5.94 -28.58 -30.51
CA ASN A 293 -6.42 -29.00 -29.19
C ASN A 293 -7.28 -30.28 -29.18
N SER A 294 -8.05 -30.53 -30.24
CA SER A 294 -8.79 -31.78 -30.36
C SER A 294 -7.94 -33.04 -30.08
N TYR A 295 -6.70 -32.98 -30.48
CA TYR A 295 -5.79 -34.12 -30.36
C TYR A 295 -5.18 -34.27 -28.99
N LYS A 296 -5.36 -33.25 -28.12
CA LYS A 296 -5.04 -33.43 -26.71
C LYS A 296 -6.20 -34.14 -25.97
N ARG A 297 -7.41 -34.23 -26.57
CA ARG A 297 -8.50 -34.98 -25.92
C ARG A 297 -8.42 -36.41 -26.39
N LEU A 298 -7.85 -36.64 -27.57
CA LEU A 298 -7.78 -37.99 -28.08
C LEU A 298 -6.54 -38.72 -27.57
N VAL A 299 -6.34 -38.66 -26.26
CA VAL A 299 -5.35 -39.51 -25.60
C VAL A 299 -6.01 -40.56 -24.67
N PRO A 300 -5.31 -41.62 -24.34
CA PRO A 300 -6.08 -42.67 -23.63
C PRO A 300 -6.43 -42.35 -22.19
N GLY A 301 -7.55 -42.89 -21.70
CA GLY A 301 -7.86 -42.84 -20.27
C GLY A 301 -8.90 -41.88 -19.73
N TYR A 302 -9.47 -41.04 -20.56
CA TYR A 302 -10.45 -40.08 -20.10
C TYR A 302 -11.80 -40.26 -20.80
N GLU A 303 -12.14 -41.49 -21.10
CA GLU A 303 -13.38 -41.86 -21.81
C GLU A 303 -13.55 -41.23 -23.21
N ALA A 304 -12.44 -40.85 -23.83
CA ALA A 304 -12.44 -40.36 -25.21
C ALA A 304 -11.70 -41.40 -26.04
N PRO A 305 -12.08 -41.59 -27.29
CA PRO A 305 -11.49 -42.68 -28.07
C PRO A 305 -10.10 -42.32 -28.63
N CYS A 306 -9.17 -43.26 -28.67
CA CYS A 306 -7.96 -42.96 -29.41
C CYS A 306 -7.58 -44.09 -30.36
N TYR A 307 -8.43 -45.13 -30.44
CA TYR A 307 -8.17 -46.31 -31.24
C TYR A 307 -9.44 -46.62 -31.98
N VAL A 308 -9.30 -47.16 -33.19
CA VAL A 308 -10.44 -47.44 -34.04
C VAL A 308 -11.00 -48.83 -33.81
N ALA A 309 -12.17 -48.91 -33.19
CA ALA A 309 -12.81 -50.17 -32.77
C ALA A 309 -14.26 -49.90 -32.32
N TRP A 310 -15.03 -50.94 -32.13
CA TRP A 310 -16.39 -50.76 -31.63
C TRP A 310 -16.72 -51.90 -30.67
N SER A 311 -17.78 -51.73 -29.90
CA SER A 311 -18.13 -52.64 -28.83
C SER A 311 -19.42 -52.19 -28.17
N ALA A 312 -20.20 -53.12 -27.64
CA ALA A 312 -21.43 -52.73 -26.92
C ALA A 312 -21.21 -52.18 -25.43
N GLN A 313 -21.90 -51.10 -25.09
CA GLN A 313 -21.92 -50.59 -23.72
C GLN A 313 -20.54 -50.34 -23.13
N ASN A 314 -19.60 -50.11 -24.00
CA ASN A 314 -18.21 -49.94 -23.65
C ASN A 314 -17.85 -48.46 -23.90
N ARG A 315 -17.08 -47.85 -23.02
CA ARG A 315 -16.97 -46.41 -23.05
C ARG A 315 -15.48 -46.02 -23.35
N SER A 316 -14.74 -46.98 -23.90
CA SER A 316 -13.32 -46.84 -24.27
C SER A 316 -13.03 -46.86 -25.80
N PRO A 317 -13.88 -47.55 -26.62
CA PRO A 317 -13.55 -47.57 -28.07
C PRO A 317 -13.97 -46.34 -28.81
N LEU A 318 -13.90 -46.39 -30.15
CA LEU A 318 -14.35 -45.31 -31.00
C LEU A 318 -15.88 -45.32 -31.09
N ILE A 319 -16.46 -46.49 -31.27
CA ILE A 319 -17.91 -46.65 -31.34
C ILE A 319 -18.38 -47.48 -30.18
N ARG A 320 -19.35 -46.91 -29.48
CA ARG A 320 -20.10 -47.64 -28.48
C ARG A 320 -21.51 -47.84 -29.01
N ILE A 321 -21.99 -49.06 -28.90
CA ILE A 321 -23.37 -49.38 -29.13
C ILE A 321 -24.06 -49.45 -27.80
N PRO A 322 -24.88 -48.44 -27.45
CA PRO A 322 -25.57 -48.40 -26.13
C PRO A 322 -26.49 -49.61 -25.89
N ALA A 323 -26.79 -49.95 -24.62
CA ALA A 323 -27.64 -51.11 -24.28
C ALA A 323 -29.08 -51.08 -24.87
N SER A 324 -29.73 -49.90 -24.87
CA SER A 324 -31.12 -49.80 -25.36
C SER A 324 -31.34 -50.21 -26.84
N ARG A 325 -32.49 -50.83 -27.12
CA ARG A 325 -32.81 -51.30 -28.44
C ARG A 325 -34.13 -50.72 -28.89
N GLY A 326 -34.83 -51.47 -29.74
CA GLY A 326 -36.04 -50.96 -30.33
C GLY A 326 -35.72 -49.66 -31.07
N ILE A 327 -36.56 -48.67 -30.82
CA ILE A 327 -36.46 -47.43 -31.51
C ILE A 327 -35.18 -46.67 -31.11
N SER A 328 -34.54 -47.10 -30.03
CA SER A 328 -33.43 -46.38 -29.49
C SER A 328 -32.07 -47.00 -29.79
N THR A 329 -32.08 -47.91 -30.76
CA THR A 329 -30.89 -48.63 -31.22
C THR A 329 -30.05 -47.68 -32.02
N ARG A 330 -28.80 -47.48 -31.66
CA ARG A 330 -28.05 -46.41 -32.26
C ARG A 330 -26.58 -46.75 -32.28
N VAL A 331 -25.80 -46.11 -33.17
CA VAL A 331 -24.34 -46.27 -33.11
C VAL A 331 -23.69 -44.98 -32.57
N GLU A 332 -23.01 -45.04 -31.43
CA GLU A 332 -22.48 -43.80 -30.84
C GLU A 332 -21.01 -43.62 -31.17
N VAL A 333 -20.73 -42.59 -31.97
CA VAL A 333 -19.38 -42.31 -32.47
C VAL A 333 -18.77 -41.30 -31.51
N ARG A 334 -17.79 -41.68 -30.74
CA ARG A 334 -17.51 -40.80 -29.61
C ARG A 334 -16.39 -39.88 -29.86
N SER A 335 -15.68 -40.02 -30.96
CA SER A 335 -14.54 -39.12 -31.25
C SER A 335 -14.99 -37.71 -31.54
N VAL A 336 -16.15 -37.55 -32.14
CA VAL A 336 -16.50 -36.23 -32.57
C VAL A 336 -16.33 -35.33 -31.35
N ASP A 337 -15.80 -34.10 -31.49
CA ASP A 337 -15.79 -33.19 -30.34
C ASP A 337 -16.60 -31.92 -30.72
N PRO A 338 -16.89 -31.06 -29.70
CA PRO A 338 -17.89 -30.02 -29.86
C PRO A 338 -17.22 -28.81 -30.48
N ALA A 339 -15.95 -28.94 -30.84
CA ALA A 339 -15.37 -27.94 -31.75
C ALA A 339 -15.70 -28.29 -33.22
N ALA A 340 -16.20 -29.48 -33.54
CA ALA A 340 -16.46 -29.81 -34.95
C ALA A 340 -17.54 -28.91 -35.44
N ASN A 341 -17.52 -28.62 -36.73
CA ASN A 341 -18.64 -28.05 -37.43
C ASN A 341 -19.68 -29.13 -37.63
N PRO A 342 -20.86 -28.98 -37.03
CA PRO A 342 -21.93 -30.00 -37.06
C PRO A 342 -22.21 -30.59 -38.48
N TYR A 343 -22.55 -29.71 -39.43
CA TYR A 343 -22.85 -30.08 -40.80
C TYR A 343 -21.76 -30.94 -41.46
N LEU A 344 -20.51 -30.53 -41.33
CA LEU A 344 -19.43 -31.26 -41.94
C LEU A 344 -19.18 -32.55 -41.18
N ALA A 345 -19.17 -32.51 -39.86
CA ALA A 345 -19.05 -33.77 -39.13
C ALA A 345 -20.14 -34.73 -39.63
N LEU A 346 -21.36 -34.26 -39.79
CA LEU A 346 -22.45 -35.15 -40.14
C LEU A 346 -22.26 -35.65 -41.58
N SER A 347 -21.64 -34.82 -42.44
CA SER A 347 -21.39 -35.16 -43.86
C SER A 347 -20.37 -36.29 -44.06
N VAL A 348 -19.27 -36.22 -43.32
CA VAL A 348 -18.27 -37.28 -43.40
C VAL A 348 -18.76 -38.56 -42.69
N LEU A 349 -19.51 -38.45 -41.58
CA LEU A 349 -20.01 -39.65 -40.88
C LEU A 349 -21.01 -40.39 -41.74
N LEU A 350 -21.96 -39.68 -42.31
CA LEU A 350 -22.94 -40.29 -43.21
C LEU A 350 -22.35 -40.84 -44.54
N ALA A 351 -21.32 -40.22 -45.09
CA ALA A 351 -20.69 -40.74 -46.31
C ALA A 351 -19.94 -42.01 -45.98
N ALA A 352 -19.28 -42.03 -44.82
CA ALA A 352 -18.63 -43.24 -44.30
C ALA A 352 -19.65 -44.39 -44.06
N GLY A 353 -20.76 -44.07 -43.41
CA GLY A 353 -21.73 -45.08 -43.10
C GLY A 353 -22.24 -45.67 -44.40
N LEU A 354 -22.75 -44.78 -45.24
CA LEU A 354 -23.38 -45.16 -46.48
C LEU A 354 -22.42 -45.97 -47.36
N ASP A 355 -21.11 -45.69 -47.33
CA ASP A 355 -20.17 -46.45 -48.13
C ASP A 355 -20.21 -47.90 -47.67
N GLY A 356 -20.11 -48.14 -46.37
CA GLY A 356 -20.23 -49.49 -45.83
C GLY A 356 -21.56 -50.19 -46.16
N ILE A 357 -22.67 -49.48 -46.24
CA ILE A 357 -23.93 -50.13 -46.62
C ILE A 357 -23.98 -50.49 -48.12
N LYS A 358 -23.40 -49.65 -48.99
CA LYS A 358 -23.71 -49.77 -50.39
C LYS A 358 -22.84 -50.92 -50.90
N ASN A 359 -21.70 -51.12 -50.21
CA ASN A 359 -20.75 -52.16 -50.57
C ASN A 359 -20.82 -53.35 -49.64
N LYS A 360 -21.92 -53.43 -48.89
CA LYS A 360 -22.02 -54.39 -47.82
C LYS A 360 -20.66 -54.74 -47.17
N LEU A 361 -19.89 -53.74 -46.67
CA LEU A 361 -18.61 -54.03 -45.98
C LEU A 361 -18.81 -54.91 -44.71
N GLU A 362 -17.80 -55.70 -44.36
CA GLU A 362 -17.96 -56.64 -43.26
C GLU A 362 -17.43 -56.02 -41.95
N ALA A 363 -18.24 -56.04 -40.90
CA ALA A 363 -17.80 -55.34 -39.71
C ALA A 363 -16.75 -56.19 -39.04
N PRO A 364 -15.67 -55.58 -38.61
CA PRO A 364 -14.73 -56.29 -37.74
C PRO A 364 -15.36 -56.87 -36.42
N ALA A 365 -14.66 -57.81 -35.79
CA ALA A 365 -15.13 -58.32 -34.49
C ALA A 365 -15.11 -57.18 -33.44
N PRO A 366 -16.15 -57.08 -32.55
CA PRO A 366 -16.12 -56.07 -31.48
C PRO A 366 -15.00 -56.35 -30.55
N ILE A 367 -14.47 -55.30 -29.95
CA ILE A 367 -13.32 -55.40 -29.07
C ILE A 367 -13.94 -55.22 -27.72
N ASP A 368 -14.22 -56.33 -27.02
CA ASP A 368 -15.04 -56.28 -25.83
C ASP A 368 -14.11 -56.20 -24.63
N ARG A 369 -13.45 -55.08 -24.48
CA ARG A 369 -12.66 -54.88 -23.31
C ARG A 369 -12.26 -53.41 -23.20
N ASN A 370 -11.31 -53.12 -22.35
CA ASN A 370 -10.92 -51.76 -22.12
C ASN A 370 -9.64 -51.60 -22.97
N ILE A 371 -9.83 -50.98 -24.14
CA ILE A 371 -8.76 -50.83 -25.11
C ILE A 371 -7.53 -50.11 -24.54
N TYR A 372 -7.75 -49.16 -23.61
CA TYR A 372 -6.68 -48.33 -23.02
C TYR A 372 -5.64 -49.17 -22.34
N VAL A 373 -5.99 -50.36 -21.89
CA VAL A 373 -4.98 -51.19 -21.22
C VAL A 373 -4.43 -52.30 -22.11
N MET A 374 -5.06 -52.49 -23.26
CA MET A 374 -4.58 -53.37 -24.33
C MET A 374 -3.14 -53.02 -24.74
N SER A 375 -2.23 -53.93 -24.44
CA SER A 375 -0.82 -53.79 -24.79
C SER A 375 -0.63 -53.34 -26.21
N LYS A 376 0.44 -52.58 -26.39
CA LYS A 376 0.81 -51.99 -27.68
C LYS A 376 0.86 -53.08 -28.77
N GLU A 377 1.32 -54.26 -28.40
CA GLU A 377 1.43 -55.33 -29.37
C GLU A 377 0.10 -56.04 -29.60
N GLU A 378 -0.71 -56.10 -28.57
CA GLU A 378 -1.99 -56.78 -28.65
C GLU A 378 -3.01 -56.06 -29.56
N ARG A 379 -2.95 -54.73 -29.57
CA ARG A 379 -3.79 -53.95 -30.48
C ARG A 379 -3.47 -54.33 -31.93
N MET A 380 -2.17 -54.45 -32.18
CA MET A 380 -1.65 -54.87 -33.49
C MET A 380 -2.17 -56.24 -33.89
N GLU A 381 -2.14 -57.20 -32.97
CA GLU A 381 -2.66 -58.52 -33.30
C GLU A 381 -4.08 -58.34 -33.73
N ASN A 382 -4.90 -57.77 -32.85
CA ASN A 382 -6.30 -57.54 -33.18
C ASN A 382 -6.52 -56.65 -34.40
N GLY A 383 -5.47 -55.97 -34.86
CA GLY A 383 -5.59 -55.15 -36.04
C GLY A 383 -6.35 -53.89 -35.67
N ILE A 384 -6.12 -53.40 -34.45
CA ILE A 384 -6.64 -52.11 -33.97
C ILE A 384 -5.69 -50.95 -34.35
N VAL A 385 -6.21 -50.06 -35.21
CA VAL A 385 -5.45 -48.91 -35.70
C VAL A 385 -5.68 -47.66 -34.88
N ASP A 386 -4.60 -46.91 -34.65
CA ASP A 386 -4.68 -45.65 -33.93
C ASP A 386 -5.34 -44.54 -34.73
N LEU A 387 -5.95 -43.58 -34.04
CA LEU A 387 -6.46 -42.40 -34.72
C LEU A 387 -5.30 -41.46 -34.95
N PRO A 388 -5.46 -40.51 -35.87
CA PRO A 388 -4.31 -39.65 -36.15
C PRO A 388 -3.93 -38.93 -34.90
N ALA A 389 -2.65 -38.65 -34.73
CA ALA A 389 -2.11 -38.14 -33.46
C ALA A 389 -2.06 -36.61 -33.38
N THR A 390 -2.19 -35.95 -34.50
CA THR A 390 -2.11 -34.52 -34.50
C THR A 390 -2.94 -34.08 -35.67
N LEU A 391 -3.40 -32.84 -35.62
CA LEU A 391 -4.16 -32.29 -36.70
C LEU A 391 -3.42 -32.53 -38.07
N ALA A 392 -2.13 -32.17 -38.13
CA ALA A 392 -1.32 -32.41 -39.32
C ALA A 392 -1.46 -33.83 -39.87
N GLU A 393 -1.16 -34.83 -39.02
CA GLU A 393 -1.43 -36.22 -39.40
C GLU A 393 -2.86 -36.44 -39.85
N ALA A 394 -3.86 -35.83 -39.21
CA ALA A 394 -5.23 -36.11 -39.64
C ALA A 394 -5.49 -35.60 -41.05
N LEU A 395 -4.87 -34.45 -41.38
CA LEU A 395 -5.04 -33.76 -42.65
C LEU A 395 -4.45 -34.67 -43.72
N GLU A 396 -3.21 -35.11 -43.51
CA GLU A 396 -2.64 -36.04 -44.48
C GLU A 396 -3.54 -37.26 -44.77
N GLU A 397 -4.12 -37.87 -43.72
CA GLU A 397 -5.01 -39.02 -43.89
C GLU A 397 -6.28 -38.67 -44.70
N PHE A 398 -6.88 -37.52 -44.41
CA PHE A 398 -8.08 -37.05 -45.09
C PHE A 398 -7.79 -36.75 -46.57
N LYS A 399 -6.63 -36.17 -46.84
CA LYS A 399 -6.32 -35.79 -48.23
C LYS A 399 -6.32 -37.02 -49.11
N SER A 400 -5.83 -38.12 -48.56
CA SER A 400 -5.53 -39.32 -49.38
C SER A 400 -6.72 -40.21 -49.58
N ASN A 401 -7.88 -39.75 -49.10
CA ASN A 401 -9.08 -40.59 -49.13
C ASN A 401 -10.20 -40.00 -49.98
N GLU A 402 -10.39 -40.67 -51.09
CA GLU A 402 -11.36 -40.26 -52.10
C GLU A 402 -12.78 -40.08 -51.57
N VAL A 403 -13.29 -41.04 -50.78
CA VAL A 403 -14.68 -40.95 -50.35
C VAL A 403 -15.00 -39.72 -49.47
N MET A 404 -14.16 -39.46 -48.46
CA MET A 404 -14.22 -38.26 -47.60
C MET A 404 -13.92 -36.94 -48.35
N VAL A 405 -12.82 -36.85 -49.07
CA VAL A 405 -12.59 -35.65 -49.86
C VAL A 405 -13.88 -35.32 -50.66
N LYS A 406 -14.43 -36.26 -51.42
CA LYS A 406 -15.67 -35.96 -52.13
C LYS A 406 -16.86 -35.63 -51.22
N ALA A 407 -16.86 -36.07 -49.96
CA ALA A 407 -18.02 -35.80 -49.07
C ALA A 407 -17.99 -34.35 -48.57
N LEU A 408 -16.83 -33.73 -48.60
CA LEU A 408 -16.79 -32.31 -48.42
C LEU A 408 -17.08 -31.54 -49.70
N GLY A 409 -16.64 -32.04 -50.85
CA GLY A 409 -16.85 -31.33 -52.11
C GLY A 409 -15.66 -30.43 -52.43
N GLU A 410 -15.61 -29.92 -53.66
CA GLU A 410 -14.41 -29.18 -54.08
C GLU A 410 -14.04 -27.94 -53.24
N HIS A 411 -15.00 -27.03 -53.09
CA HIS A 411 -14.80 -25.80 -52.33
C HIS A 411 -14.44 -25.98 -50.84
N LEU A 412 -15.29 -26.73 -50.11
CA LEU A 412 -15.11 -27.01 -48.71
C LEU A 412 -13.79 -27.66 -48.50
N PHE A 413 -13.53 -28.73 -49.23
CA PHE A 413 -12.29 -29.44 -49.08
C PHE A 413 -11.14 -28.48 -49.16
N GLU A 414 -11.01 -27.77 -50.28
CA GLU A 414 -9.86 -26.92 -50.45
C GLU A 414 -9.70 -25.88 -49.35
N HIS A 415 -10.82 -25.24 -49.03
CA HIS A 415 -10.85 -24.18 -48.05
C HIS A 415 -10.55 -24.69 -46.65
N PHE A 416 -11.08 -25.88 -46.33
CA PHE A 416 -10.87 -26.47 -45.01
C PHE A 416 -9.36 -26.75 -44.85
N ILE A 417 -8.78 -27.44 -45.85
CA ILE A 417 -7.37 -27.75 -45.83
C ILE A 417 -6.50 -26.52 -45.71
N GLU A 418 -6.85 -25.45 -46.42
CA GLU A 418 -6.07 -24.21 -46.36
C GLU A 418 -6.07 -23.59 -44.93
N ALA A 419 -7.25 -23.39 -44.35
CA ALA A 419 -7.35 -22.89 -42.98
C ALA A 419 -6.53 -23.74 -42.02
N LYS A 420 -6.64 -25.07 -42.10
CA LYS A 420 -5.97 -25.91 -41.11
C LYS A 420 -4.48 -25.92 -41.29
N GLU A 421 -4.02 -26.06 -42.51
CA GLU A 421 -2.57 -25.94 -42.73
C GLU A 421 -2.10 -24.64 -42.15
N ILE A 422 -2.79 -23.53 -42.43
CA ILE A 422 -2.38 -22.30 -41.74
C ILE A 422 -2.37 -22.43 -40.15
N GLU A 423 -3.37 -23.10 -39.60
CA GLU A 423 -3.55 -23.12 -38.19
C GLU A 423 -2.42 -23.95 -37.64
N TRP A 424 -2.14 -25.05 -38.33
CA TRP A 424 -1.11 -25.96 -37.86
C TRP A 424 0.22 -25.31 -37.94
N ASP A 425 0.45 -24.60 -39.02
CA ASP A 425 1.73 -23.97 -39.21
C ASP A 425 1.98 -22.93 -38.13
N MET A 426 0.92 -22.26 -37.72
CA MET A 426 1.04 -21.20 -36.77
C MET A 426 1.38 -21.77 -35.39
N PHE A 427 0.73 -22.91 -35.10
CA PHE A 427 0.91 -23.59 -33.84
C PHE A 427 2.30 -24.19 -33.74
N ARG A 428 2.74 -24.76 -34.86
CA ARG A 428 3.96 -25.54 -34.80
C ARG A 428 5.18 -24.60 -34.74
N THR A 429 5.05 -23.33 -35.11
CA THR A 429 6.23 -22.48 -35.06
C THR A 429 6.37 -21.70 -33.77
N GLN A 430 5.32 -21.66 -32.95
CA GLN A 430 5.38 -20.99 -31.66
C GLN A 430 6.34 -21.70 -30.74
N VAL A 431 6.85 -20.95 -29.77
CA VAL A 431 7.62 -21.55 -28.71
C VAL A 431 6.80 -21.49 -27.42
N HIS A 432 6.45 -22.62 -26.81
CA HIS A 432 5.50 -22.55 -25.65
C HIS A 432 6.17 -22.35 -24.28
N PRO A 433 5.44 -21.77 -23.32
CA PRO A 433 6.11 -21.69 -22.00
C PRO A 433 6.70 -23.01 -21.58
N TRP A 434 6.03 -24.11 -21.95
CA TRP A 434 6.49 -25.47 -21.63
C TRP A 434 7.91 -25.70 -22.07
N GLU A 435 8.18 -25.39 -23.34
CA GLU A 435 9.50 -25.55 -23.92
C GLU A 435 10.54 -24.77 -23.15
N ARG A 436 10.15 -23.61 -22.60
CA ARG A 436 11.10 -22.77 -21.83
C ARG A 436 11.34 -23.36 -20.46
N GLU A 437 10.31 -23.97 -19.88
CA GLU A 437 10.41 -24.64 -18.58
C GLU A 437 11.35 -25.80 -18.70
N GLN A 438 11.25 -26.54 -19.78
CA GLN A 438 11.97 -27.79 -19.95
C GLN A 438 13.39 -27.55 -20.38
N TYR A 439 13.66 -26.49 -21.17
CA TYR A 439 15.00 -26.38 -21.79
C TYR A 439 15.78 -25.15 -21.34
N MET A 440 15.06 -24.06 -21.03
CA MET A 440 15.75 -22.80 -20.88
C MET A 440 16.85 -22.85 -19.84
N SER A 441 16.70 -23.72 -18.84
CA SER A 441 17.71 -23.90 -17.80
C SER A 441 18.49 -25.21 -17.96
N GLN A 442 17.90 -26.19 -18.63
CA GLN A 442 18.56 -27.48 -18.87
C GLN A 442 19.66 -27.40 -19.91
N TYR A 443 19.47 -26.58 -20.93
CA TYR A 443 20.48 -26.39 -21.97
C TYR A 443 20.99 -24.94 -21.96
N ALA B 1 -47.45 -50.82 0.56
CA ALA B 1 -46.54 -49.69 0.36
C ALA B 1 -47.22 -48.37 0.77
N LYS B 2 -46.60 -47.23 0.46
CA LYS B 2 -47.17 -45.92 0.78
C LYS B 2 -47.63 -45.18 -0.50
N TYR B 3 -46.91 -45.34 -1.61
CA TYR B 3 -47.27 -44.72 -2.88
C TYR B 3 -47.35 -45.74 -3.99
N THR B 4 -48.16 -45.44 -4.99
CA THR B 4 -48.18 -46.20 -6.23
C THR B 4 -47.96 -45.29 -7.44
N ARG B 5 -47.76 -45.88 -8.62
CA ARG B 5 -47.50 -45.08 -9.83
C ARG B 5 -48.51 -43.93 -10.03
N GLU B 6 -49.79 -44.20 -9.78
CA GLU B 6 -50.87 -43.22 -9.96
C GLU B 6 -50.92 -42.15 -8.87
N ASP B 7 -50.50 -42.53 -7.66
CA ASP B 7 -50.42 -41.56 -6.56
C ASP B 7 -49.33 -40.57 -6.93
N ILE B 8 -48.25 -41.12 -7.48
CA ILE B 8 -47.10 -40.32 -7.85
C ILE B 8 -47.42 -39.43 -9.04
N GLU B 9 -48.21 -39.91 -9.99
CA GLU B 9 -48.58 -39.08 -11.16
C GLU B 9 -49.48 -37.90 -10.78
N LYS B 10 -50.54 -38.19 -10.03
CA LYS B 10 -51.47 -37.20 -9.51
C LYS B 10 -50.71 -36.23 -8.62
N LEU B 11 -49.94 -36.79 -7.70
CA LEU B 11 -49.07 -35.98 -6.86
C LEU B 11 -48.27 -34.98 -7.65
N VAL B 12 -47.56 -35.48 -8.67
CA VAL B 12 -46.68 -34.67 -9.49
C VAL B 12 -47.45 -33.56 -10.16
N LYS B 13 -48.64 -33.90 -10.64
CA LYS B 13 -49.51 -32.90 -11.27
C LYS B 13 -50.01 -31.93 -10.21
N GLU B 14 -50.65 -32.46 -9.18
CA GLU B 14 -51.32 -31.62 -8.21
C GLU B 14 -50.34 -30.70 -7.48
N GLU B 15 -49.04 -30.91 -7.66
CA GLU B 15 -48.03 -30.12 -6.97
C GLU B 15 -47.20 -29.21 -7.90
N ASN B 16 -47.47 -29.28 -9.20
CA ASN B 16 -46.61 -28.64 -10.19
C ASN B 16 -45.14 -28.93 -10.02
N VAL B 17 -44.79 -30.21 -10.02
CA VAL B 17 -43.39 -30.56 -10.15
C VAL B 17 -42.88 -30.36 -11.61
N LYS B 18 -41.74 -29.67 -11.75
CA LYS B 18 -41.20 -29.32 -13.06
C LYS B 18 -40.01 -30.23 -13.40
N TYR B 19 -39.37 -30.74 -12.35
CA TYR B 19 -38.24 -31.63 -12.56
C TYR B 19 -38.26 -32.76 -11.55
N ILE B 20 -37.62 -33.86 -11.91
CA ILE B 20 -37.42 -34.98 -11.06
C ILE B 20 -35.89 -35.21 -10.85
N ARG B 21 -35.47 -35.50 -9.64
CA ARG B 21 -34.12 -35.93 -9.47
C ARG B 21 -34.14 -37.42 -9.19
N LEU B 22 -33.35 -38.18 -9.94
CA LEU B 22 -33.19 -39.60 -9.61
C LEU B 22 -31.92 -39.65 -8.80
N GLN B 23 -31.99 -40.05 -7.54
CA GLN B 23 -30.78 -40.13 -6.75
C GLN B 23 -30.52 -41.49 -6.17
N PHE B 24 -29.24 -41.71 -5.96
CA PHE B 24 -28.71 -42.95 -5.50
C PHE B 24 -27.40 -42.64 -4.76
N THR B 25 -26.82 -43.64 -4.11
CA THR B 25 -25.65 -43.42 -3.25
C THR B 25 -24.46 -44.25 -3.71
N ASP B 26 -23.30 -43.65 -3.95
CA ASP B 26 -22.17 -44.49 -4.31
C ASP B 26 -21.59 -45.22 -3.08
N ILE B 27 -20.48 -45.92 -3.29
CA ILE B 27 -19.95 -46.78 -2.24
C ILE B 27 -19.35 -45.93 -1.09
N LEU B 28 -18.97 -44.71 -1.36
CA LEU B 28 -18.46 -43.85 -0.30
C LEU B 28 -19.59 -43.24 0.50
N GLY B 29 -20.84 -43.40 0.10
CA GLY B 29 -21.91 -42.83 0.93
C GLY B 29 -22.42 -41.50 0.36
N THR B 30 -21.65 -40.92 -0.56
CA THR B 30 -22.04 -39.78 -1.35
C THR B 30 -23.31 -39.91 -2.19
N ILE B 31 -24.19 -38.94 -2.05
CA ILE B 31 -25.42 -38.93 -2.79
C ILE B 31 -25.06 -38.44 -4.19
N LYS B 32 -25.76 -38.98 -5.18
CA LYS B 32 -25.45 -38.73 -6.58
C LYS B 32 -26.77 -38.62 -7.31
N ASN B 33 -26.88 -37.78 -8.30
CA ASN B 33 -28.15 -37.71 -8.98
C ASN B 33 -28.07 -37.14 -10.37
N VAL B 34 -29.13 -37.37 -11.11
CA VAL B 34 -29.30 -36.80 -12.45
C VAL B 34 -30.68 -36.14 -12.40
N GLU B 35 -30.88 -35.06 -13.18
CA GLU B 35 -32.17 -34.34 -13.18
C GLU B 35 -32.82 -34.46 -14.53
N ILE B 36 -34.12 -34.62 -14.56
CA ILE B 36 -34.83 -34.89 -15.82
C ILE B 36 -36.13 -34.06 -15.87
N PRO B 37 -36.49 -33.57 -17.05
CA PRO B 37 -37.73 -32.82 -17.02
C PRO B 37 -38.86 -33.75 -16.63
N VAL B 38 -39.93 -33.20 -16.09
CA VAL B 38 -41.01 -34.03 -15.56
C VAL B 38 -41.67 -34.82 -16.70
N SER B 39 -41.55 -34.32 -17.93
CA SER B 39 -42.06 -35.05 -19.08
C SER B 39 -41.33 -36.40 -19.26
N GLN B 40 -40.15 -36.52 -18.64
CA GLN B 40 -39.40 -37.76 -18.65
C GLN B 40 -39.93 -38.70 -17.56
N LEU B 41 -40.92 -38.25 -16.78
CA LEU B 41 -41.42 -39.03 -15.63
C LEU B 41 -41.66 -40.50 -16.01
N GLY B 42 -42.37 -40.71 -17.15
CA GLY B 42 -42.72 -42.02 -17.63
C GLY B 42 -41.47 -42.84 -17.83
N LYS B 43 -40.49 -42.27 -18.53
CA LYS B 43 -39.27 -43.01 -18.83
C LYS B 43 -38.65 -43.55 -17.48
N ALA B 44 -38.60 -42.71 -16.44
CA ALA B 44 -38.00 -43.10 -15.19
C ALA B 44 -38.88 -44.14 -14.46
N LEU B 45 -40.21 -43.93 -14.45
CA LEU B 45 -41.08 -44.89 -13.77
C LEU B 45 -41.09 -46.22 -14.56
N ASP B 46 -40.72 -46.15 -15.83
CA ASP B 46 -40.53 -47.34 -16.64
C ASP B 46 -39.12 -47.93 -16.40
N ASN B 47 -38.30 -47.30 -15.55
CA ASN B 47 -36.97 -47.81 -15.27
C ASN B 47 -36.02 -47.84 -16.48
N LYS B 48 -36.12 -46.81 -17.31
CA LYS B 48 -35.32 -46.74 -18.48
C LYS B 48 -34.27 -45.64 -18.39
N VAL B 49 -34.04 -45.06 -17.25
CA VAL B 49 -33.08 -43.98 -17.23
C VAL B 49 -31.70 -44.58 -17.00
N MET B 50 -30.66 -44.19 -17.75
CA MET B 50 -29.37 -44.83 -17.51
C MET B 50 -28.27 -43.84 -17.07
N PHE B 51 -27.12 -44.37 -16.65
CA PHE B 51 -25.94 -43.54 -16.47
C PHE B 51 -24.66 -44.35 -16.71
N ASP B 52 -23.55 -43.65 -16.75
CA ASP B 52 -22.23 -44.24 -16.72
C ASP B 52 -21.83 -44.83 -15.32
N GLY B 53 -22.09 -46.11 -15.15
CA GLY B 53 -21.64 -46.80 -13.95
C GLY B 53 -20.11 -46.81 -13.82
N SER B 54 -19.34 -46.53 -14.87
CA SER B 54 -17.89 -46.57 -14.66
C SER B 54 -17.38 -45.27 -14.08
N SER B 55 -18.30 -44.33 -13.86
CA SER B 55 -17.97 -43.03 -13.32
C SER B 55 -18.45 -42.87 -11.87
N ILE B 56 -18.99 -43.93 -11.26
CA ILE B 56 -19.39 -43.86 -9.87
C ILE B 56 -18.48 -44.77 -9.11
N GLU B 57 -17.88 -44.30 -8.02
CA GLU B 57 -16.97 -45.09 -7.22
C GLU B 57 -17.55 -46.38 -6.75
N GLY B 58 -16.85 -47.48 -7.04
CA GLY B 58 -17.22 -48.78 -6.48
C GLY B 58 -18.28 -49.50 -7.31
N PHE B 59 -18.59 -49.01 -8.52
CA PHE B 59 -19.61 -49.61 -9.39
C PHE B 59 -19.00 -50.48 -10.50
N VAL B 60 -19.30 -50.20 -11.77
CA VAL B 60 -18.86 -51.11 -12.84
C VAL B 60 -17.67 -50.61 -13.60
N ARG B 61 -17.13 -51.49 -14.42
CA ARG B 61 -15.91 -51.14 -15.13
C ARG B 61 -16.25 -50.39 -16.48
N ILE B 62 -15.26 -49.70 -17.05
CA ILE B 62 -15.52 -48.91 -18.24
C ILE B 62 -16.06 -49.75 -19.42
N GLU B 63 -15.72 -51.04 -19.47
CA GLU B 63 -16.15 -51.91 -20.58
C GLU B 63 -17.57 -52.39 -20.41
N GLU B 64 -18.14 -52.21 -19.21
CA GLU B 64 -19.54 -52.59 -18.97
C GLU B 64 -20.33 -51.45 -18.28
N SER B 65 -20.08 -50.25 -18.79
CA SER B 65 -20.55 -49.00 -18.23
C SER B 65 -22.05 -48.86 -18.03
N ASP B 66 -22.85 -49.26 -19.01
CA ASP B 66 -24.25 -48.89 -19.06
C ASP B 66 -24.93 -49.53 -17.85
N MET B 67 -25.76 -48.75 -17.17
CA MET B 67 -26.35 -49.12 -15.87
C MET B 67 -27.71 -48.48 -15.82
N TYR B 68 -28.67 -49.11 -15.16
CA TYR B 68 -30.03 -48.49 -15.02
C TYR B 68 -30.34 -48.06 -13.61
N LEU B 69 -31.37 -47.24 -13.48
CA LEU B 69 -31.74 -46.58 -12.25
C LEU B 69 -33.25 -46.93 -12.08
N TYR B 70 -33.62 -47.61 -10.99
CA TYR B 70 -35.03 -47.96 -10.71
C TYR B 70 -35.61 -47.18 -9.54
N PRO B 71 -36.40 -46.15 -9.81
CA PRO B 71 -36.89 -45.31 -8.69
C PRO B 71 -37.72 -46.10 -7.68
N ASP B 72 -37.49 -45.83 -6.41
CA ASP B 72 -38.36 -46.34 -5.35
C ASP B 72 -39.54 -45.38 -5.14
N LEU B 73 -40.74 -45.76 -5.57
CA LEU B 73 -41.88 -44.81 -5.50
C LEU B 73 -42.13 -44.28 -4.13
N ASN B 74 -41.70 -45.00 -3.10
CA ASN B 74 -42.01 -44.57 -1.75
C ASN B 74 -41.10 -43.48 -1.22
N THR B 75 -40.08 -43.13 -1.98
CA THR B 75 -39.10 -42.17 -1.52
C THR B 75 -39.41 -40.75 -2.04
N PHE B 76 -40.60 -40.60 -2.66
CA PHE B 76 -41.02 -39.35 -3.29
C PHE B 76 -41.00 -38.20 -2.31
N VAL B 77 -40.22 -37.15 -2.61
CA VAL B 77 -40.15 -35.95 -1.75
C VAL B 77 -39.87 -34.65 -2.57
N ILE B 78 -40.61 -33.59 -2.29
CA ILE B 78 -40.31 -32.29 -2.89
C ILE B 78 -39.21 -31.45 -2.17
N PHE B 79 -38.34 -30.80 -2.91
CA PHE B 79 -37.34 -29.98 -2.28
C PHE B 79 -37.88 -28.53 -2.19
N PRO B 80 -38.32 -28.08 -1.00
CA PRO B 80 -38.91 -26.75 -1.00
C PRO B 80 -37.94 -25.62 -1.41
N TRP B 81 -36.62 -25.74 -1.37
CA TRP B 81 -35.82 -24.59 -1.78
C TRP B 81 -35.78 -24.42 -3.31
N THR B 82 -36.34 -25.35 -4.03
CA THR B 82 -36.34 -25.30 -5.48
C THR B 82 -37.64 -24.78 -6.05
N ALA B 83 -38.66 -24.59 -5.22
CA ALA B 83 -39.99 -24.28 -5.76
C ALA B 83 -40.04 -22.96 -6.61
N GLU B 84 -39.47 -21.84 -6.17
CA GLU B 84 -39.69 -20.60 -6.94
C GLU B 84 -39.19 -20.74 -8.38
N LYS B 85 -37.94 -21.16 -8.60
CA LYS B 85 -37.43 -21.20 -9.97
C LYS B 85 -37.93 -22.45 -10.72
N GLY B 86 -37.98 -23.62 -10.06
CA GLY B 86 -38.42 -24.86 -10.75
C GLY B 86 -38.54 -26.02 -9.81
N LYS B 87 -39.76 -26.33 -9.40
CA LYS B 87 -39.98 -27.20 -8.24
C LYS B 87 -39.45 -28.56 -8.55
N VAL B 88 -38.47 -29.01 -7.76
CA VAL B 88 -37.94 -30.35 -7.85
C VAL B 88 -38.47 -31.38 -6.84
N ALA B 89 -38.89 -32.52 -7.39
CA ALA B 89 -39.24 -33.73 -6.65
C ALA B 89 -38.14 -34.83 -6.82
N ARG B 90 -37.89 -35.64 -5.79
CA ARG B 90 -36.75 -36.54 -5.83
C ARG B 90 -37.28 -37.98 -5.69
N PHE B 91 -36.49 -38.96 -6.12
CA PHE B 91 -36.80 -40.39 -5.98
C PHE B 91 -35.46 -40.97 -5.62
N ILE B 92 -35.43 -41.84 -4.61
CA ILE B 92 -34.25 -42.61 -4.35
C ILE B 92 -34.30 -43.85 -5.28
N CYS B 93 -33.18 -44.18 -5.92
CA CYS B 93 -33.18 -45.32 -6.81
C CYS B 93 -32.31 -46.51 -6.38
N ASP B 94 -32.77 -47.69 -6.77
CA ASP B 94 -32.01 -48.93 -6.77
C ASP B 94 -31.31 -49.10 -8.15
N ILE B 95 -30.04 -49.51 -8.18
CA ILE B 95 -29.30 -49.67 -9.41
C ILE B 95 -29.53 -51.08 -10.04
N TYR B 96 -29.77 -51.16 -11.34
CA TYR B 96 -29.97 -52.45 -12.01
C TYR B 96 -29.02 -52.64 -13.19
N ASN B 97 -28.66 -53.89 -13.51
CA ASN B 97 -27.86 -54.22 -14.69
C ASN B 97 -28.61 -54.20 -16.01
N PRO B 98 -27.89 -53.97 -17.10
CA PRO B 98 -28.64 -53.93 -18.37
C PRO B 98 -29.49 -55.21 -18.60
N ASP B 99 -29.10 -56.36 -18.07
CA ASP B 99 -29.94 -57.53 -18.21
C ASP B 99 -31.22 -57.59 -17.26
N GLY B 100 -31.44 -56.56 -16.45
CA GLY B 100 -32.64 -56.47 -15.62
C GLY B 100 -32.47 -57.07 -14.21
N THR B 101 -31.31 -57.67 -13.96
CA THR B 101 -31.00 -58.18 -12.64
C THR B 101 -30.45 -57.08 -11.70
N PRO B 102 -30.72 -57.18 -10.41
CA PRO B 102 -30.23 -56.15 -9.48
C PRO B 102 -28.70 -56.11 -9.41
N PHE B 103 -28.13 -54.92 -9.26
CA PHE B 103 -26.68 -54.82 -9.19
C PHE B 103 -26.20 -55.15 -7.76
N GLU B 104 -25.24 -56.07 -7.62
CA GLU B 104 -24.77 -56.61 -6.33
C GLU B 104 -23.93 -55.62 -5.57
N GLY B 105 -23.41 -54.61 -6.27
CA GLY B 105 -22.54 -53.61 -5.68
C GLY B 105 -23.31 -52.39 -5.26
N ASP B 106 -24.63 -52.43 -5.28
CA ASP B 106 -25.39 -51.27 -4.81
C ASP B 106 -25.64 -51.32 -3.26
N PRO B 107 -25.20 -50.28 -2.52
CA PRO B 107 -25.23 -50.24 -1.07
C PRO B 107 -26.62 -50.39 -0.47
N ARG B 108 -27.58 -49.61 -0.93
CA ARG B 108 -28.96 -49.72 -0.37
C ARG B 108 -29.55 -51.14 -0.61
N ASN B 109 -29.34 -51.69 -1.81
CA ASN B 109 -29.79 -53.06 -2.06
C ASN B 109 -29.15 -54.09 -1.07
N ASN B 110 -27.95 -53.86 -0.64
CA ASN B 110 -27.31 -54.83 0.22
C ASN B 110 -27.96 -54.79 1.60
N LEU B 111 -28.38 -53.59 2.01
CA LEU B 111 -29.11 -53.43 3.24
C LEU B 111 -30.41 -54.22 3.20
N LYS B 112 -31.14 -54.11 2.09
CA LYS B 112 -32.41 -54.80 1.91
C LYS B 112 -32.26 -56.31 2.03
N ARG B 113 -31.09 -56.79 1.65
CA ARG B 113 -30.81 -58.21 1.71
C ARG B 113 -30.61 -58.73 3.16
N ILE B 114 -29.77 -58.07 3.95
CA ILE B 114 -29.66 -58.41 5.36
C ILE B 114 -30.95 -58.23 6.17
N LEU B 115 -31.78 -57.26 5.80
CA LEU B 115 -33.11 -57.13 6.38
C LEU B 115 -33.97 -58.43 6.18
N LYS B 116 -33.78 -59.10 5.07
CA LYS B 116 -34.46 -60.34 4.76
C LYS B 116 -34.00 -61.44 5.73
N GLU B 117 -32.73 -61.37 6.09
CA GLU B 117 -32.19 -62.24 7.13
C GLU B 117 -32.82 -61.90 8.49
N MET B 118 -33.21 -60.66 8.73
CA MET B 118 -33.91 -60.32 9.98
C MET B 118 -35.33 -60.86 9.95
N GLU B 119 -36.01 -60.70 8.80
CA GLU B 119 -37.36 -61.21 8.66
C GLU B 119 -37.39 -62.73 8.78
N ASP B 120 -36.28 -63.37 8.47
CA ASP B 120 -36.19 -64.82 8.54
C ASP B 120 -36.17 -65.30 9.95
N LEU B 121 -35.86 -64.40 10.87
CA LEU B 121 -35.63 -64.74 12.26
C LEU B 121 -36.78 -64.26 13.15
N GLY B 122 -37.90 -63.86 12.56
CA GLY B 122 -39.08 -63.53 13.31
C GLY B 122 -39.31 -62.07 13.57
N PHE B 123 -38.32 -61.23 13.34
CA PHE B 123 -38.52 -59.80 13.54
C PHE B 123 -39.10 -59.11 12.32
N SER B 124 -39.91 -58.11 12.56
CA SER B 124 -40.53 -57.41 11.47
C SER B 124 -39.97 -56.01 11.17
N ASP B 125 -39.11 -55.47 12.03
CA ASP B 125 -38.63 -54.11 11.83
C ASP B 125 -37.33 -53.96 12.52
N PHE B 126 -36.41 -53.30 11.86
CA PHE B 126 -35.22 -52.85 12.50
C PHE B 126 -35.22 -51.33 12.37
N ASN B 127 -35.32 -50.64 13.49
CA ASN B 127 -35.46 -49.19 13.54
C ASN B 127 -34.17 -48.50 13.87
N LEU B 128 -33.94 -47.33 13.27
CA LEU B 128 -32.68 -46.59 13.42
C LEU B 128 -33.02 -45.13 13.75
N GLY B 129 -32.54 -44.66 14.89
CA GLY B 129 -32.60 -43.28 15.27
C GLY B 129 -31.18 -42.80 15.15
N PRO B 130 -30.84 -42.17 14.03
CA PRO B 130 -29.47 -41.67 13.86
C PRO B 130 -29.31 -40.22 14.39
N GLU B 131 -28.15 -39.87 14.92
CA GLU B 131 -27.94 -38.47 15.30
C GLU B 131 -26.74 -37.85 14.54
N PRO B 132 -26.91 -37.40 13.29
CA PRO B 132 -25.60 -37.07 12.66
C PRO B 132 -25.07 -35.66 13.02
N GLU B 133 -24.09 -35.51 13.92
CA GLU B 133 -23.66 -34.18 14.36
C GLU B 133 -22.87 -33.46 13.22
N PHE B 134 -22.90 -32.14 13.09
CA PHE B 134 -22.03 -31.45 12.11
C PHE B 134 -21.45 -30.18 12.70
N PHE B 135 -20.51 -29.58 11.97
CA PHE B 135 -19.91 -28.32 12.32
C PHE B 135 -20.27 -27.31 11.26
N LEU B 136 -20.23 -26.03 11.64
CA LEU B 136 -20.40 -24.95 10.67
C LEU B 136 -19.14 -24.07 10.60
N PHE B 137 -18.61 -23.95 9.39
CA PHE B 137 -17.46 -23.05 9.16
C PHE B 137 -17.92 -21.89 8.31
N LYS B 138 -17.34 -20.72 8.55
CA LYS B 138 -17.49 -19.60 7.60
C LYS B 138 -16.88 -19.83 6.21
N LEU B 139 -17.68 -19.53 5.19
CA LEU B 139 -17.15 -19.31 3.83
C LEU B 139 -16.34 -18.00 3.72
N ASP B 140 -15.39 -17.94 2.79
CA ASP B 140 -14.75 -16.67 2.39
C ASP B 140 -15.54 -15.93 1.26
N GLU B 141 -14.96 -14.83 0.75
CA GLU B 141 -15.60 -13.97 -0.26
C GLU B 141 -15.67 -14.71 -1.60
N LYS B 142 -14.76 -15.65 -1.81
CA LYS B 142 -14.78 -16.47 -3.01
C LYS B 142 -15.73 -17.70 -2.87
N GLY B 143 -16.43 -17.80 -1.72
CA GLY B 143 -17.38 -18.89 -1.46
C GLY B 143 -16.76 -20.27 -1.10
N GLU B 144 -15.49 -20.28 -0.70
CA GLU B 144 -14.80 -21.50 -0.29
C GLU B 144 -14.72 -21.56 1.25
N PRO B 145 -14.88 -22.75 1.84
CA PRO B 145 -14.78 -22.91 3.30
C PRO B 145 -13.50 -22.33 3.87
N THR B 146 -13.45 -22.22 5.18
CA THR B 146 -12.37 -21.55 5.90
C THR B 146 -12.21 -22.35 7.14
N LEU B 147 -11.11 -22.22 7.86
CA LEU B 147 -10.93 -22.96 9.10
C LEU B 147 -11.66 -22.34 10.31
N GLU B 148 -12.41 -21.27 10.11
CA GLU B 148 -12.96 -20.44 11.19
C GLU B 148 -14.38 -20.90 11.53
N LEU B 149 -14.65 -21.20 12.79
CA LEU B 149 -15.95 -21.80 13.17
C LEU B 149 -17.08 -20.75 13.18
N ASN B 150 -18.34 -21.18 13.01
CA ASN B 150 -19.40 -20.17 12.91
C ASN B 150 -19.48 -19.43 14.26
N ASP B 151 -19.08 -20.09 15.34
CA ASP B 151 -19.31 -19.51 16.64
C ASP B 151 -18.42 -20.21 17.63
N LYS B 152 -18.19 -19.61 18.80
CA LYS B 152 -17.47 -20.27 19.91
C LYS B 152 -18.37 -20.79 20.99
N GLY B 153 -19.64 -21.09 20.68
CA GLY B 153 -20.59 -21.62 21.68
C GLY B 153 -20.25 -22.99 22.19
N GLY B 154 -21.08 -23.53 23.09
CA GLY B 154 -20.93 -24.88 23.69
C GLY B 154 -22.30 -25.53 23.90
N TYR B 155 -22.38 -26.57 24.72
CA TYR B 155 -23.60 -27.41 24.76
C TYR B 155 -24.79 -26.63 25.27
N PHE B 156 -25.87 -26.69 24.56
CA PHE B 156 -27.13 -26.03 24.94
C PHE B 156 -27.04 -24.53 25.14
N ASP B 157 -26.03 -23.92 24.54
CA ASP B 157 -25.84 -22.48 24.69
C ASP B 157 -26.89 -21.71 23.94
N LEU B 158 -27.25 -20.57 24.48
CA LEU B 158 -28.20 -19.68 23.84
C LEU B 158 -27.47 -18.62 23.02
N ALA B 159 -28.23 -18.06 22.07
CA ALA B 159 -27.75 -16.94 21.28
C ALA B 159 -27.28 -15.81 22.21
N PRO B 160 -26.55 -14.88 21.59
CA PRO B 160 -25.18 -14.42 21.41
C PRO B 160 -24.15 -15.57 21.36
N THR B 161 -24.04 -16.41 22.38
CA THR B 161 -22.93 -17.36 22.43
C THR B 161 -23.09 -18.38 21.32
N ASP B 162 -24.35 -18.65 21.00
CA ASP B 162 -24.71 -19.62 19.96
C ASP B 162 -25.17 -18.84 18.73
N LEU B 163 -24.45 -18.95 17.62
CA LEU B 163 -24.74 -18.10 16.46
C LEU B 163 -25.30 -18.95 15.32
N GLY B 164 -25.70 -20.17 15.63
CA GLY B 164 -26.28 -21.04 14.61
C GLY B 164 -27.77 -21.20 14.88
N GLU B 165 -28.31 -20.32 15.70
CA GLU B 165 -29.70 -20.44 15.98
C GLU B 165 -30.52 -20.26 14.70
N ASN B 166 -30.19 -19.27 13.90
CA ASN B 166 -30.97 -19.04 12.69
C ASN B 166 -30.84 -20.12 11.64
N CYS B 167 -29.61 -20.57 11.41
CA CYS B 167 -29.33 -21.56 10.39
C CYS B 167 -29.96 -22.91 10.78
N ARG B 168 -29.96 -23.16 12.08
CA ARG B 168 -30.51 -24.40 12.62
C ARG B 168 -32.01 -24.26 12.49
N ARG B 169 -32.54 -23.07 12.78
CA ARG B 169 -33.97 -22.91 12.63
C ARG B 169 -34.45 -23.14 11.20
N ASP B 170 -33.65 -22.65 10.24
CA ASP B 170 -33.97 -22.73 8.83
C ASP B 170 -33.92 -24.17 8.33
N ILE B 171 -32.90 -24.89 8.76
CA ILE B 171 -32.78 -26.29 8.41
C ILE B 171 -34.00 -27.02 8.91
N VAL B 172 -34.39 -26.72 10.14
CA VAL B 172 -35.52 -27.41 10.79
C VAL B 172 -36.82 -27.11 10.00
N LEU B 173 -36.97 -25.88 9.52
CA LEU B 173 -38.15 -25.52 8.73
C LEU B 173 -38.19 -26.29 7.40
N GLU B 174 -37.05 -26.30 6.72
CA GLU B 174 -36.93 -27.02 5.44
C GLU B 174 -37.23 -28.51 5.66
N LEU B 175 -36.68 -29.10 6.72
CA LEU B 175 -36.97 -30.52 6.99
C LEU B 175 -38.46 -30.78 7.42
N GLU B 176 -39.05 -29.82 8.13
CA GLU B 176 -40.37 -30.11 8.58
C GLU B 176 -41.22 -30.16 7.37
N GLU B 177 -40.98 -29.23 6.47
CA GLU B 177 -41.78 -29.15 5.26
C GLU B 177 -41.64 -30.44 4.41
N MET B 178 -40.46 -31.03 4.38
CA MET B 178 -40.24 -32.26 3.63
C MET B 178 -40.74 -33.50 4.31
N GLY B 179 -41.31 -33.36 5.51
CA GLY B 179 -41.84 -34.50 6.23
C GLY B 179 -41.05 -35.07 7.42
N PHE B 180 -39.83 -34.61 7.69
CA PHE B 180 -39.12 -35.01 8.90
C PHE B 180 -39.89 -34.71 10.19
N GLU B 181 -39.88 -35.69 11.09
CA GLU B 181 -40.37 -35.48 12.44
C GLU B 181 -39.25 -35.03 13.37
N ILE B 182 -38.91 -33.76 13.27
CA ILE B 182 -37.88 -33.20 14.11
C ILE B 182 -38.23 -33.36 15.59
N GLU B 183 -37.30 -33.85 16.37
CA GLU B 183 -37.56 -33.97 17.77
C GLU B 183 -36.90 -32.84 18.53
N ALA B 184 -35.68 -32.45 18.17
CA ALA B 184 -34.97 -31.39 18.90
C ALA B 184 -33.85 -30.71 18.09
N SER B 185 -33.34 -29.62 18.63
CA SER B 185 -32.37 -28.78 17.93
C SER B 185 -31.55 -28.03 18.96
N HIS B 186 -30.22 -28.05 18.84
CA HIS B 186 -29.40 -27.49 19.89
C HIS B 186 -27.93 -27.37 19.49
N HIS B 187 -27.22 -26.45 20.12
CA HIS B 187 -25.77 -26.42 20.02
C HIS B 187 -25.12 -27.62 20.75
N GLU B 188 -24.06 -28.14 20.18
CA GLU B 188 -23.39 -29.30 20.72
C GLU B 188 -22.15 -28.81 21.45
N VAL B 189 -21.28 -29.70 21.90
CA VAL B 189 -20.23 -29.34 22.86
C VAL B 189 -19.08 -28.50 22.24
N ALA B 190 -18.59 -28.89 21.07
CA ALA B 190 -17.52 -28.13 20.42
C ALA B 190 -18.00 -26.78 19.89
N PRO B 191 -17.12 -25.80 19.93
CA PRO B 191 -17.33 -24.56 19.18
C PRO B 191 -17.84 -24.85 17.73
N GLY B 192 -18.82 -24.11 17.25
CA GLY B 192 -19.36 -24.40 15.96
C GLY B 192 -20.03 -25.75 15.71
N GLN B 193 -20.20 -26.55 16.72
CA GLN B 193 -20.88 -27.84 16.57
C GLN B 193 -22.40 -27.77 16.90
N HIS B 194 -23.18 -28.49 16.12
CA HIS B 194 -24.61 -28.36 16.17
C HIS B 194 -25.26 -29.71 15.94
N GLU B 195 -26.51 -29.84 16.41
CA GLU B 195 -27.23 -31.09 16.22
C GLU B 195 -28.70 -30.76 16.04
N ILE B 196 -29.34 -31.50 15.10
CA ILE B 196 -30.80 -31.54 14.92
C ILE B 196 -31.23 -32.98 14.98
N ASP B 197 -32.13 -33.33 15.89
CA ASP B 197 -32.57 -34.71 16.05
C ASP B 197 -33.90 -34.96 15.32
N PHE B 198 -34.08 -36.16 14.86
CA PHE B 198 -35.36 -36.49 14.24
C PHE B 198 -35.74 -37.91 14.61
N LYS B 199 -37.01 -38.22 14.53
CA LYS B 199 -37.60 -39.49 14.91
C LYS B 199 -37.08 -40.68 14.14
N TYR B 200 -36.87 -41.80 14.84
CA TYR B 200 -36.38 -43.07 14.23
C TYR B 200 -37.38 -43.56 13.21
N ALA B 201 -37.03 -44.64 12.53
CA ALA B 201 -37.87 -45.19 11.47
C ALA B 201 -37.24 -46.48 11.05
N GLY B 202 -37.93 -47.20 10.16
CA GLY B 202 -37.38 -48.42 9.57
C GLY B 202 -36.02 -48.22 8.96
N ALA B 203 -35.17 -49.24 8.97
CA ALA B 203 -33.77 -49.07 8.57
C ALA B 203 -33.54 -48.40 7.21
N VAL B 204 -34.22 -48.85 6.16
CA VAL B 204 -33.99 -48.28 4.83
C VAL B 204 -34.49 -46.82 4.81
N ARG B 205 -35.68 -46.61 5.34
CA ARG B 205 -36.30 -45.33 5.30
C ARG B 205 -35.38 -44.43 6.08
N SER B 206 -34.71 -44.97 7.08
CA SER B 206 -33.93 -44.14 7.97
C SER B 206 -32.59 -43.79 7.35
N CYS B 207 -31.98 -44.70 6.60
CA CYS B 207 -30.78 -44.33 5.83
C CYS B 207 -31.05 -43.24 4.73
N ASP B 208 -32.15 -43.41 4.01
CA ASP B 208 -32.60 -42.42 3.08
C ASP B 208 -32.65 -41.08 3.82
N ASP B 209 -33.11 -41.07 5.09
CA ASP B 209 -33.25 -39.80 5.84
C ASP B 209 -31.92 -39.16 6.13
N ILE B 210 -30.97 -39.95 6.58
CA ILE B 210 -29.62 -39.47 6.81
C ILE B 210 -29.09 -38.78 5.53
N GLN B 211 -29.38 -39.35 4.37
CA GLN B 211 -28.75 -38.92 3.14
C GLN B 211 -29.38 -37.56 2.80
N THR B 212 -30.69 -37.52 2.98
CA THR B 212 -31.48 -36.37 2.63
C THR B 212 -31.19 -35.26 3.63
N PHE B 213 -30.96 -35.67 4.89
CA PHE B 213 -30.60 -34.77 5.97
C PHE B 213 -29.28 -34.05 5.66
N LYS B 214 -28.21 -34.77 5.27
CA LYS B 214 -26.92 -34.15 5.00
C LYS B 214 -27.03 -33.11 3.84
N LEU B 215 -27.86 -33.46 2.88
CA LEU B 215 -27.99 -32.68 1.69
C LEU B 215 -28.67 -31.36 2.03
N VAL B 216 -29.70 -31.43 2.87
CA VAL B 216 -30.49 -30.27 3.31
C VAL B 216 -29.67 -29.40 4.26
N VAL B 217 -28.90 -30.03 5.12
CA VAL B 217 -28.05 -29.27 6.04
C VAL B 217 -26.99 -28.46 5.26
N LYS B 218 -26.44 -29.05 4.21
CA LYS B 218 -25.37 -28.41 3.49
C LYS B 218 -25.96 -27.29 2.62
N THR B 219 -27.09 -27.56 2.02
CA THR B 219 -27.70 -26.53 1.17
C THR B 219 -28.05 -25.28 1.99
N ILE B 220 -28.87 -25.43 3.02
CA ILE B 220 -29.26 -24.29 3.85
C ILE B 220 -28.07 -23.55 4.50
N ALA B 221 -27.05 -24.31 4.94
CA ALA B 221 -25.85 -23.70 5.51
C ALA B 221 -25.25 -22.74 4.47
N ARG B 222 -25.21 -23.21 3.21
CA ARG B 222 -24.67 -22.37 2.17
C ARG B 222 -25.43 -21.08 2.04
N LYS B 223 -26.76 -21.15 2.09
CA LYS B 223 -27.59 -19.95 2.20
C LYS B 223 -27.17 -19.02 3.33
N HIS B 224 -26.63 -19.50 4.43
CA HIS B 224 -26.33 -18.53 5.51
C HIS B 224 -24.92 -18.22 5.48
N GLY B 225 -24.29 -18.57 4.38
CA GLY B 225 -22.91 -18.20 4.20
C GLY B 225 -21.98 -19.09 4.96
N LEU B 226 -22.46 -20.30 5.24
CA LEU B 226 -21.68 -21.22 6.04
C LEU B 226 -21.44 -22.46 5.31
N HIS B 227 -20.41 -23.21 5.71
CA HIS B 227 -20.10 -24.50 5.10
C HIS B 227 -20.30 -25.70 6.06
N ALA B 228 -21.38 -26.48 5.94
CA ALA B 228 -21.63 -27.61 6.87
C ALA B 228 -20.78 -28.80 6.48
N THR B 229 -20.18 -29.50 7.43
CA THR B 229 -19.32 -30.63 7.11
C THR B 229 -19.63 -31.69 8.13
N PHE B 230 -19.63 -32.94 7.68
CA PHE B 230 -19.93 -34.10 8.54
C PHE B 230 -18.61 -34.90 8.80
N MET B 231 -17.47 -34.42 8.28
CA MET B 231 -16.15 -34.89 8.68
C MET B 231 -16.10 -35.15 10.19
N PRO B 232 -15.57 -36.31 10.62
CA PRO B 232 -15.50 -36.80 12.00
C PRO B 232 -14.72 -35.93 13.02
N LYS B 233 -13.50 -35.59 12.70
CA LYS B 233 -12.68 -34.82 13.62
C LYS B 233 -12.04 -33.67 12.79
N PRO B 234 -12.74 -32.55 12.62
CA PRO B 234 -12.17 -31.47 11.78
C PRO B 234 -10.96 -30.78 12.47
N LEU B 235 -10.84 -30.98 13.79
CA LEU B 235 -9.89 -30.21 14.61
C LEU B 235 -9.47 -30.96 15.85
N PHE B 236 -8.17 -30.93 16.07
CA PHE B 236 -7.64 -31.53 17.25
C PHE B 236 -8.13 -30.85 18.58
N GLY B 237 -8.14 -31.59 19.67
CA GLY B 237 -8.45 -31.07 20.99
C GLY B 237 -9.88 -30.67 21.32
N VAL B 238 -10.84 -30.95 20.44
CA VAL B 238 -12.27 -30.65 20.65
C VAL B 238 -13.13 -31.81 20.19
N ASN B 239 -14.36 -31.87 20.63
CA ASN B 239 -15.21 -33.00 20.32
C ASN B 239 -15.27 -33.19 18.82
N GLY B 240 -15.39 -34.45 18.41
CA GLY B 240 -15.58 -34.71 17.00
C GLY B 240 -17.06 -34.76 16.82
N SER B 241 -17.48 -35.19 15.63
CA SER B 241 -18.88 -35.40 15.39
C SER B 241 -19.10 -36.85 15.25
N GLY B 242 -20.19 -37.34 15.84
CA GLY B 242 -20.52 -38.75 15.72
C GLY B 242 -21.88 -38.89 15.08
N MET B 243 -22.23 -40.05 14.52
CA MET B 243 -23.59 -40.30 14.08
C MET B 243 -24.11 -41.51 14.81
N HIS B 244 -24.41 -41.33 16.10
CA HIS B 244 -24.95 -42.38 16.96
C HIS B 244 -26.09 -43.06 16.25
N CYS B 245 -26.08 -44.39 16.38
CA CYS B 245 -27.12 -45.27 15.85
C CYS B 245 -27.95 -45.95 16.96
N ASN B 246 -29.14 -45.45 17.17
CA ASN B 246 -30.04 -46.02 18.12
C ASN B 246 -30.83 -47.17 17.46
N LEU B 247 -30.72 -48.37 18.01
CA LEU B 247 -31.27 -49.55 17.36
C LEU B 247 -32.31 -50.24 18.20
N SER B 248 -33.36 -50.69 17.57
CA SER B 248 -34.24 -51.64 18.23
C SER B 248 -34.81 -52.66 17.21
N LEU B 249 -35.37 -53.77 17.69
CA LEU B 249 -36.00 -54.76 16.84
C LEU B 249 -37.43 -54.80 17.29
N PHE B 250 -38.39 -54.91 16.39
CA PHE B 250 -39.76 -55.00 16.82
C PHE B 250 -40.23 -56.36 16.39
N LYS B 251 -40.91 -57.06 17.28
CA LYS B 251 -41.39 -58.38 16.93
C LYS B 251 -42.87 -58.32 17.21
N ASN B 252 -43.67 -58.47 16.15
CA ASN B 252 -45.10 -58.35 16.31
C ASN B 252 -45.46 -56.93 16.68
N GLY B 253 -44.96 -55.93 15.92
CA GLY B 253 -45.25 -54.52 16.17
C GLY B 253 -44.97 -53.99 17.59
N VAL B 254 -44.04 -54.62 18.32
CA VAL B 254 -43.71 -54.17 19.67
C VAL B 254 -42.21 -54.18 19.92
N ASN B 255 -41.72 -53.32 20.81
CA ASN B 255 -40.28 -53.25 21.03
C ASN B 255 -39.78 -54.51 21.73
N ALA B 256 -39.31 -55.48 20.95
CA ALA B 256 -38.70 -56.72 21.43
C ALA B 256 -37.58 -56.50 22.43
N PHE B 257 -37.12 -55.26 22.59
CA PHE B 257 -35.93 -55.04 23.44
C PHE B 257 -36.30 -54.79 24.89
N PHE B 258 -37.57 -54.46 25.14
CA PHE B 258 -38.10 -54.07 26.46
C PHE B 258 -38.61 -55.24 27.28
N ASP B 259 -38.45 -55.13 28.59
CA ASP B 259 -38.88 -56.21 29.44
C ASP B 259 -39.13 -55.80 30.88
N GLU B 260 -40.41 -55.50 31.11
CA GLU B 260 -40.84 -54.91 32.35
C GLU B 260 -40.26 -55.56 33.62
N ASN B 261 -40.28 -56.88 33.71
CA ASN B 261 -39.82 -57.49 34.95
C ASN B 261 -38.41 -58.05 34.86
N ALA B 262 -37.54 -57.44 34.07
CA ALA B 262 -36.24 -58.06 33.81
C ALA B 262 -35.12 -57.18 34.36
N ASP B 263 -33.86 -57.68 34.34
CA ASP B 263 -32.66 -56.84 34.61
C ASP B 263 -32.65 -55.52 33.78
N LEU B 264 -32.64 -54.38 34.45
CA LEU B 264 -32.61 -53.09 33.74
C LEU B 264 -33.79 -53.01 32.80
N GLN B 265 -34.81 -53.83 32.99
CA GLN B 265 -35.95 -53.93 32.07
C GLN B 265 -35.56 -54.18 30.61
N LEU B 266 -34.43 -54.87 30.43
CA LEU B 266 -33.94 -55.28 29.12
C LEU B 266 -34.20 -56.76 28.91
N SER B 267 -34.86 -57.10 27.80
CA SER B 267 -35.25 -58.46 27.50
C SER B 267 -34.06 -59.31 27.09
N GLU B 268 -34.29 -60.60 26.94
CA GLU B 268 -33.22 -61.49 26.48
C GLU B 268 -32.72 -61.12 25.09
N THR B 269 -33.64 -61.01 24.13
CA THR B 269 -33.26 -60.60 22.78
C THR B 269 -32.32 -59.39 22.78
N ALA B 270 -32.64 -58.38 23.58
CA ALA B 270 -31.84 -57.17 23.63
C ALA B 270 -30.43 -57.53 24.07
N LYS B 271 -30.31 -58.51 24.94
CA LYS B 271 -29.01 -58.76 25.51
C LYS B 271 -28.19 -59.63 24.57
N HIS B 272 -28.95 -60.41 23.81
CA HIS B 272 -28.39 -61.22 22.73
C HIS B 272 -27.84 -60.36 21.63
N PHE B 273 -28.62 -59.33 21.28
CA PHE B 273 -28.22 -58.28 20.35
C PHE B 273 -26.98 -57.52 20.81
N ILE B 274 -27.02 -56.86 21.98
CA ILE B 274 -25.84 -56.22 22.60
C ILE B 274 -24.65 -57.17 22.56
N ALA B 275 -24.89 -58.43 22.85
CA ALA B 275 -23.83 -59.41 22.81
C ALA B 275 -23.23 -59.53 21.38
N GLY B 276 -24.11 -59.54 20.38
CA GLY B 276 -23.71 -59.51 18.98
C GLY B 276 -22.95 -58.22 18.55
N ILE B 277 -23.50 -57.05 18.83
CA ILE B 277 -22.72 -55.82 18.62
C ILE B 277 -21.30 -55.87 19.25
N VAL B 278 -21.20 -56.29 20.50
CA VAL B 278 -19.87 -56.36 21.16
C VAL B 278 -18.88 -57.32 20.46
N LYS B 279 -19.35 -58.53 20.16
CA LYS B 279 -18.49 -59.48 19.42
C LYS B 279 -17.91 -58.90 18.10
N HIS B 280 -18.73 -58.28 17.26
CA HIS B 280 -18.17 -57.87 15.99
C HIS B 280 -17.68 -56.41 15.97
N ALA B 281 -17.90 -55.67 17.05
CA ALA B 281 -17.45 -54.29 17.19
C ALA B 281 -16.12 -53.99 16.55
N THR B 282 -15.03 -54.68 16.88
CA THR B 282 -13.75 -54.25 16.27
C THR B 282 -13.61 -54.60 14.81
N SER B 283 -14.53 -55.45 14.34
CA SER B 283 -14.59 -55.88 12.96
C SER B 283 -15.36 -54.99 12.02
N PHE B 284 -16.57 -54.59 12.38
CA PHE B 284 -17.32 -53.66 11.54
C PHE B 284 -16.88 -52.19 11.60
N THR B 285 -15.83 -51.90 12.34
CA THR B 285 -15.39 -50.53 12.52
C THR B 285 -14.81 -49.89 11.27
N ALA B 286 -14.16 -50.67 10.43
CA ALA B 286 -13.70 -50.20 9.12
C ALA B 286 -14.89 -49.61 8.34
N VAL B 287 -16.08 -50.18 8.55
CA VAL B 287 -17.26 -49.72 7.82
C VAL B 287 -17.98 -48.57 8.50
N THR B 288 -18.10 -48.61 9.83
CA THR B 288 -18.84 -47.58 10.56
C THR B 288 -17.99 -46.33 10.68
N ASN B 289 -16.69 -46.50 10.47
CA ASN B 289 -15.76 -45.40 10.48
C ASN B 289 -14.84 -45.49 9.28
N PRO B 290 -15.30 -45.02 8.11
CA PRO B 290 -14.52 -45.41 6.92
C PRO B 290 -13.37 -44.48 6.52
N THR B 291 -13.03 -43.45 7.29
CA THR B 291 -12.04 -42.50 6.76
C THR B 291 -10.80 -42.51 7.62
N VAL B 292 -9.71 -41.94 7.14
CA VAL B 292 -8.50 -41.94 7.90
C VAL B 292 -8.78 -41.13 9.16
N ASN B 293 -9.46 -40.00 8.96
CA ASN B 293 -9.88 -39.07 10.00
C ASN B 293 -10.88 -39.64 11.05
N SER B 294 -11.72 -40.60 10.68
CA SER B 294 -12.56 -41.28 11.69
C SER B 294 -11.78 -41.65 12.95
N TYR B 295 -10.57 -42.13 12.78
CA TYR B 295 -9.73 -42.62 13.88
C TYR B 295 -9.20 -41.49 14.78
N LYS B 296 -9.32 -40.25 14.34
CA LYS B 296 -8.86 -39.21 15.21
C LYS B 296 -10.04 -38.88 16.12
N ARG B 297 -11.26 -39.34 15.78
CA ARG B 297 -12.37 -39.03 16.67
C ARG B 297 -12.40 -40.05 17.77
N LEU B 298 -11.94 -41.28 17.46
CA LEU B 298 -11.94 -42.40 18.40
C LEU B 298 -10.75 -42.33 19.38
N VAL B 299 -10.67 -41.23 20.11
CA VAL B 299 -9.60 -41.02 21.08
C VAL B 299 -10.36 -40.61 22.36
N PRO B 300 -9.92 -41.08 23.53
CA PRO B 300 -10.63 -40.89 24.80
C PRO B 300 -10.77 -39.44 25.27
N GLY B 301 -11.85 -39.13 26.00
CA GLY B 301 -12.05 -37.82 26.59
C GLY B 301 -13.04 -36.89 25.90
N TYR B 302 -13.59 -37.32 24.77
CA TYR B 302 -14.44 -36.43 23.99
C TYR B 302 -15.81 -37.10 23.78
N GLU B 303 -16.19 -37.98 24.68
CA GLU B 303 -17.51 -38.61 24.57
C GLU B 303 -17.70 -39.45 23.25
N ALA B 304 -16.60 -39.83 22.62
CA ALA B 304 -16.64 -40.89 21.60
C ALA B 304 -16.19 -42.22 22.23
N PRO B 305 -16.61 -43.36 21.64
CA PRO B 305 -16.13 -44.63 22.21
C PRO B 305 -14.72 -44.93 21.73
N CYS B 306 -13.90 -45.54 22.58
CA CYS B 306 -12.69 -46.12 22.03
C CYS B 306 -12.49 -47.54 22.50
N TYR B 307 -13.50 -48.08 23.18
CA TYR B 307 -13.36 -49.32 23.93
C TYR B 307 -14.64 -50.11 23.78
N VAL B 308 -14.53 -51.40 23.50
CA VAL B 308 -15.71 -52.21 23.31
C VAL B 308 -16.28 -52.49 24.69
N ALA B 309 -17.42 -51.87 25.02
CA ALA B 309 -18.08 -52.11 26.31
C ALA B 309 -19.46 -51.57 26.22
N TRP B 310 -20.36 -51.94 27.11
CA TRP B 310 -21.67 -51.31 27.14
C TRP B 310 -22.08 -50.96 28.57
N SER B 311 -23.00 -50.03 28.73
CA SER B 311 -23.41 -49.63 30.06
C SER B 311 -24.66 -48.77 29.99
N ALA B 312 -25.55 -48.86 30.97
CA ALA B 312 -26.72 -47.97 31.01
C ALA B 312 -26.38 -46.49 31.36
N GLN B 313 -26.94 -45.61 30.55
CA GLN B 313 -26.84 -44.16 30.75
C GLN B 313 -25.42 -43.67 30.84
N ASN B 314 -24.49 -44.44 30.29
CA ASN B 314 -23.09 -44.03 30.24
C ASN B 314 -22.60 -43.44 28.85
N ARG B 315 -22.20 -42.19 28.80
CA ARG B 315 -21.81 -41.59 27.52
C ARG B 315 -20.31 -41.85 27.17
N SER B 316 -19.70 -42.84 27.80
CA SER B 316 -18.26 -43.15 27.62
C SER B 316 -17.97 -44.51 26.93
N PRO B 317 -18.93 -45.42 26.89
CA PRO B 317 -18.62 -46.72 26.26
C PRO B 317 -19.03 -46.74 24.79
N LEU B 318 -18.71 -47.83 24.09
CA LEU B 318 -19.16 -48.07 22.72
C LEU B 318 -20.66 -48.05 22.66
N ILE B 319 -21.30 -48.81 23.54
CA ILE B 319 -22.76 -48.91 23.59
C ILE B 319 -23.32 -48.38 24.86
N ARG B 320 -24.23 -47.44 24.75
CA ARG B 320 -24.96 -46.96 25.90
C ARG B 320 -26.42 -47.34 25.72
N ILE B 321 -27.03 -47.80 26.80
CA ILE B 321 -28.46 -47.98 26.83
C ILE B 321 -29.09 -46.68 27.38
N PRO B 322 -29.77 -45.92 26.56
CA PRO B 322 -30.41 -44.75 27.19
C PRO B 322 -31.49 -45.18 28.18
N ALA B 323 -31.80 -44.28 29.12
CA ALA B 323 -32.73 -44.49 30.23
C ALA B 323 -34.17 -44.71 29.80
N SER B 324 -34.61 -44.10 28.69
CA SER B 324 -35.95 -44.33 28.10
C SER B 324 -36.25 -45.82 28.06
N ARG B 325 -37.46 -46.20 28.45
CA ARG B 325 -37.78 -47.63 28.50
C ARG B 325 -39.08 -47.88 27.68
N GLY B 326 -39.82 -48.96 27.91
CA GLY B 326 -40.98 -49.18 27.06
C GLY B 326 -40.71 -49.22 25.54
N ILE B 327 -41.52 -48.49 24.77
CA ILE B 327 -41.35 -48.47 23.31
C ILE B 327 -40.06 -47.74 22.85
N SER B 328 -39.44 -46.96 23.73
CA SER B 328 -38.17 -46.30 23.49
C SER B 328 -36.91 -47.11 23.85
N THR B 329 -37.07 -48.34 24.28
CA THR B 329 -35.92 -49.13 24.74
C THR B 329 -35.00 -49.29 23.58
N ARG B 330 -33.73 -49.01 23.74
CA ARG B 330 -32.91 -49.03 22.53
C ARG B 330 -31.46 -49.27 22.77
N VAL B 331 -30.81 -49.92 21.82
CA VAL B 331 -29.35 -49.97 21.89
C VAL B 331 -28.63 -48.82 21.11
N GLU B 332 -27.87 -48.00 21.86
CA GLU B 332 -27.20 -46.87 21.21
C GLU B 332 -25.72 -47.16 20.83
N VAL B 333 -25.44 -47.40 19.53
CA VAL B 333 -24.06 -47.68 19.13
C VAL B 333 -23.34 -46.36 18.86
N ARG B 334 -22.41 -45.99 19.71
CA ARG B 334 -21.89 -44.62 19.57
C ARG B 334 -20.64 -44.48 18.69
N SER B 335 -20.06 -45.56 18.22
CA SER B 335 -18.90 -45.37 17.38
C SER B 335 -19.22 -44.76 15.97
N VAL B 336 -20.38 -45.04 15.40
CA VAL B 336 -20.59 -44.73 14.01
C VAL B 336 -20.32 -43.23 13.78
N ASP B 337 -19.78 -42.85 12.64
CA ASP B 337 -19.59 -41.43 12.39
C ASP B 337 -20.30 -41.07 11.11
N PRO B 338 -20.48 -39.76 10.86
CA PRO B 338 -21.35 -39.35 9.74
C PRO B 338 -20.65 -39.51 8.40
N ALA B 339 -19.38 -39.86 8.38
CA ALA B 339 -18.78 -40.14 7.09
C ALA B 339 -19.14 -41.56 6.64
N ALA B 340 -19.67 -42.41 7.50
CA ALA B 340 -20.01 -43.80 7.15
C ALA B 340 -21.01 -43.79 6.00
N ASN B 341 -20.92 -44.78 5.10
CA ASN B 341 -22.02 -44.96 4.17
C ASN B 341 -23.13 -45.54 5.04
N PRO B 342 -24.28 -44.85 5.15
CA PRO B 342 -25.29 -45.35 6.11
C PRO B 342 -25.85 -46.76 5.81
N TYR B 343 -26.12 -47.09 4.55
CA TYR B 343 -26.61 -48.41 4.19
C TYR B 343 -25.65 -49.55 4.60
N LEU B 344 -24.35 -49.36 4.35
CA LEU B 344 -23.36 -50.36 4.68
C LEU B 344 -23.20 -50.43 6.20
N ALA B 345 -23.25 -49.28 6.89
CA ALA B 345 -23.20 -49.26 8.37
C ALA B 345 -24.32 -50.09 8.97
N LEU B 346 -25.58 -49.73 8.72
CA LEU B 346 -26.70 -50.53 9.22
C LEU B 346 -26.60 -52.00 8.78
N SER B 347 -25.96 -52.30 7.65
CA SER B 347 -25.94 -53.68 7.16
C SER B 347 -24.97 -54.49 8.02
N VAL B 348 -23.93 -53.84 8.47
CA VAL B 348 -22.87 -54.48 9.23
C VAL B 348 -23.30 -54.57 10.72
N LEU B 349 -24.12 -53.62 11.19
CA LEU B 349 -24.68 -53.63 12.56
C LEU B 349 -25.80 -54.63 12.68
N LEU B 350 -26.75 -54.62 11.74
CA LEU B 350 -27.84 -55.58 11.80
C LEU B 350 -27.28 -57.01 11.70
N ALA B 351 -26.23 -57.22 10.91
CA ALA B 351 -25.63 -58.55 10.82
C ALA B 351 -24.95 -58.92 12.15
N ALA B 352 -24.30 -57.98 12.86
CA ALA B 352 -23.77 -58.30 14.21
C ALA B 352 -24.89 -58.59 15.21
N GLY B 353 -25.92 -57.78 15.20
CA GLY B 353 -27.00 -57.94 16.14
C GLY B 353 -27.70 -59.26 15.93
N LEU B 354 -27.98 -59.60 14.67
CA LEU B 354 -28.71 -60.83 14.32
C LEU B 354 -27.84 -62.04 14.56
N ASP B 355 -26.54 -61.92 14.40
CA ASP B 355 -25.68 -63.04 14.69
C ASP B 355 -25.81 -63.42 16.19
N GLY B 356 -25.74 -62.40 17.06
CA GLY B 356 -25.81 -62.57 18.49
C GLY B 356 -27.14 -63.17 18.91
N ILE B 357 -28.23 -62.71 18.30
CA ILE B 357 -29.56 -63.28 18.55
C ILE B 357 -29.75 -64.68 17.95
N LYS B 358 -29.12 -64.99 16.81
CA LYS B 358 -29.28 -66.31 16.19
C LYS B 358 -28.68 -67.38 17.09
N ASN B 359 -27.53 -67.03 17.67
CA ASN B 359 -26.76 -67.92 18.49
C ASN B 359 -26.88 -67.64 19.98
N LYS B 360 -27.96 -66.96 20.38
CA LYS B 360 -28.15 -66.52 21.75
C LYS B 360 -26.82 -66.31 22.49
N LEU B 361 -25.93 -65.55 21.87
CA LEU B 361 -24.67 -65.13 22.49
C LEU B 361 -24.90 -64.49 23.88
N GLU B 362 -23.86 -64.57 24.70
CA GLU B 362 -23.87 -64.14 26.10
C GLU B 362 -23.38 -62.69 26.28
N ALA B 363 -24.27 -61.83 26.75
CA ALA B 363 -23.92 -60.43 26.91
C ALA B 363 -22.89 -60.34 27.99
N PRO B 364 -21.78 -59.69 27.72
CA PRO B 364 -20.90 -59.41 28.86
C PRO B 364 -21.54 -58.49 29.94
N ALA B 365 -21.01 -58.53 31.17
CA ALA B 365 -21.37 -57.58 32.23
C ALA B 365 -21.04 -56.13 31.78
N PRO B 366 -21.99 -55.17 31.95
CA PRO B 366 -21.75 -53.74 31.66
C PRO B 366 -20.64 -53.11 32.50
N ILE B 367 -20.05 -52.04 32.03
CA ILE B 367 -18.91 -51.49 32.70
C ILE B 367 -19.44 -50.19 33.18
N ASP B 368 -20.04 -50.19 34.37
CA ASP B 368 -20.69 -48.98 34.87
C ASP B 368 -19.65 -48.03 35.46
N ARG B 369 -18.79 -47.47 34.61
CA ARG B 369 -17.99 -46.35 35.04
C ARG B 369 -17.42 -45.59 33.86
N ASN B 370 -16.64 -44.57 34.16
CA ASN B 370 -15.93 -43.79 33.14
C ASN B 370 -14.69 -44.56 32.56
N ILE B 371 -14.91 -45.38 31.51
CA ILE B 371 -13.88 -46.21 30.91
C ILE B 371 -12.58 -45.47 30.65
N TYR B 372 -12.66 -44.16 30.33
CA TYR B 372 -11.48 -43.33 30.03
C TYR B 372 -10.48 -43.20 31.18
N VAL B 373 -10.97 -43.12 32.41
CA VAL B 373 -10.04 -43.01 33.54
C VAL B 373 -9.52 -44.38 33.99
N MET B 374 -10.23 -45.45 33.66
CA MET B 374 -9.81 -46.83 33.85
C MET B 374 -8.43 -47.14 33.24
N SER B 375 -7.50 -47.58 34.09
CA SER B 375 -6.14 -47.81 33.66
C SER B 375 -6.03 -49.04 32.79
N LYS B 376 -5.01 -48.98 31.94
CA LYS B 376 -4.65 -50.05 31.00
C LYS B 376 -4.85 -51.42 31.63
N GLU B 377 -4.31 -51.57 32.82
CA GLU B 377 -4.31 -52.89 33.40
C GLU B 377 -5.73 -53.26 33.86
N GLU B 378 -6.40 -52.24 34.38
CA GLU B 378 -7.75 -52.38 34.87
C GLU B 378 -8.69 -52.82 33.78
N ARG B 379 -8.42 -52.43 32.55
CA ARG B 379 -9.24 -52.82 31.40
C ARG B 379 -9.07 -54.28 30.93
N MET B 380 -7.81 -54.72 30.86
CA MET B 380 -7.56 -56.11 30.57
C MET B 380 -8.33 -56.97 31.58
N GLU B 381 -8.26 -56.60 32.86
CA GLU B 381 -9.01 -57.32 33.88
C GLU B 381 -10.45 -57.57 33.53
N ASN B 382 -11.09 -56.64 32.82
CA ASN B 382 -12.50 -56.84 32.47
C ASN B 382 -12.71 -57.34 31.03
N GLY B 383 -11.64 -57.56 30.31
CA GLY B 383 -11.78 -58.10 28.99
C GLY B 383 -12.30 -57.02 28.06
N ILE B 384 -11.86 -55.79 28.31
CA ILE B 384 -12.23 -54.67 27.47
C ILE B 384 -11.20 -54.52 26.38
N VAL B 385 -11.63 -54.76 25.15
CA VAL B 385 -10.72 -54.64 24.00
C VAL B 385 -10.84 -53.25 23.38
N ASP B 386 -9.73 -52.69 22.94
CA ASP B 386 -9.73 -51.42 22.20
C ASP B 386 -10.31 -51.48 20.78
N LEU B 387 -10.84 -50.37 20.24
CA LEU B 387 -11.18 -50.35 18.80
C LEU B 387 -9.93 -50.19 17.95
N PRO B 388 -10.03 -50.50 16.67
CA PRO B 388 -8.82 -50.27 15.87
C PRO B 388 -8.34 -48.79 15.90
N ALA B 389 -7.03 -48.62 15.76
CA ALA B 389 -6.41 -47.32 16.01
C ALA B 389 -6.20 -46.58 14.72
N THR B 390 -6.23 -47.28 13.60
CA THR B 390 -6.09 -46.57 12.35
C THR B 390 -7.01 -47.24 11.38
N LEU B 391 -7.26 -46.61 10.22
CA LEU B 391 -8.11 -47.19 9.22
C LEU B 391 -7.45 -48.52 8.75
N ALA B 392 -6.11 -48.54 8.66
CA ALA B 392 -5.39 -49.73 8.22
C ALA B 392 -5.67 -50.91 9.18
N GLU B 393 -5.50 -50.64 10.47
CA GLU B 393 -5.79 -51.61 11.51
C GLU B 393 -7.24 -52.08 11.37
N ALA B 394 -8.19 -51.18 11.12
CA ALA B 394 -9.58 -51.59 11.01
C ALA B 394 -9.92 -52.50 9.80
N LEU B 395 -9.21 -52.31 8.69
CA LEU B 395 -9.47 -53.05 7.46
C LEU B 395 -9.00 -54.47 7.63
N GLU B 396 -7.88 -54.63 8.36
CA GLU B 396 -7.35 -55.97 8.62
C GLU B 396 -8.40 -56.78 9.40
N GLU B 397 -8.90 -56.16 10.47
CA GLU B 397 -9.88 -56.76 11.35
C GLU B 397 -11.11 -57.08 10.60
N PHE B 398 -11.55 -56.13 9.79
CA PHE B 398 -12.71 -56.35 8.97
C PHE B 398 -12.46 -57.55 8.03
N LYS B 399 -11.26 -57.69 7.48
CA LYS B 399 -11.05 -58.74 6.50
C LYS B 399 -11.19 -60.12 7.08
N SER B 400 -10.86 -60.24 8.36
CA SER B 400 -10.82 -61.54 9.05
C SER B 400 -12.16 -62.03 9.54
N ASN B 401 -13.23 -61.33 9.23
CA ASN B 401 -14.48 -61.64 9.85
C ASN B 401 -15.54 -62.05 8.82
N GLU B 402 -15.64 -63.35 8.60
CA GLU B 402 -16.58 -63.90 7.66
C GLU B 402 -17.98 -63.22 7.76
N VAL B 403 -18.49 -62.94 8.97
CA VAL B 403 -19.88 -62.44 9.07
C VAL B 403 -19.99 -61.05 8.44
N MET B 404 -19.00 -60.20 8.73
CA MET B 404 -18.99 -58.81 8.22
C MET B 404 -18.70 -58.81 6.73
N VAL B 405 -17.72 -59.58 6.31
CA VAL B 405 -17.45 -59.70 4.91
C VAL B 405 -18.71 -60.14 4.16
N LYS B 406 -19.32 -61.22 4.59
CA LYS B 406 -20.55 -61.61 3.94
C LYS B 406 -21.67 -60.60 4.18
N ALA B 407 -21.59 -59.77 5.21
CA ALA B 407 -22.61 -58.66 5.33
C ALA B 407 -22.54 -57.63 4.16
N LEU B 408 -21.34 -57.38 3.62
CA LEU B 408 -21.20 -56.51 2.47
C LEU B 408 -21.46 -57.16 1.11
N GLY B 409 -21.10 -58.42 0.88
CA GLY B 409 -21.32 -59.03 -0.42
C GLY B 409 -20.03 -58.95 -1.16
N GLU B 410 -19.83 -59.70 -2.26
CA GLU B 410 -18.48 -59.76 -2.81
C GLU B 410 -18.02 -58.46 -3.48
N HIS B 411 -18.93 -57.87 -4.27
CA HIS B 411 -18.64 -56.69 -5.06
C HIS B 411 -18.34 -55.50 -4.14
N LEU B 412 -19.22 -55.27 -3.17
CA LEU B 412 -19.02 -54.22 -2.20
C LEU B 412 -17.75 -54.46 -1.36
N PHE B 413 -17.44 -55.73 -1.06
CA PHE B 413 -16.35 -55.98 -0.17
C PHE B 413 -15.06 -55.65 -0.84
N GLU B 414 -14.83 -56.28 -1.97
CA GLU B 414 -13.64 -56.07 -2.75
C GLU B 414 -13.43 -54.61 -3.17
N HIS B 415 -14.52 -53.91 -3.54
CA HIS B 415 -14.38 -52.51 -3.92
C HIS B 415 -14.13 -51.65 -2.74
N PHE B 416 -14.64 -52.04 -1.57
CA PHE B 416 -14.49 -51.20 -0.38
C PHE B 416 -13.02 -51.27 0.06
N ILE B 417 -12.51 -52.49 0.03
CA ILE B 417 -11.14 -52.72 0.39
C ILE B 417 -10.19 -52.00 -0.53
N GLU B 418 -10.44 -52.06 -1.82
CA GLU B 418 -9.53 -51.46 -2.80
C GLU B 418 -9.46 -49.92 -2.67
N ALA B 419 -10.63 -49.27 -2.47
CA ALA B 419 -10.71 -47.82 -2.35
C ALA B 419 -9.98 -47.32 -1.13
N LYS B 420 -10.15 -48.01 0.00
CA LYS B 420 -9.61 -47.56 1.29
C LYS B 420 -8.16 -47.91 1.40
N GLU B 421 -7.75 -48.98 0.74
CA GLU B 421 -6.34 -49.28 0.67
C GLU B 421 -5.63 -48.20 -0.15
N ILE B 422 -6.17 -47.84 -1.30
CA ILE B 422 -5.61 -46.70 -2.00
C ILE B 422 -5.55 -45.42 -1.09
N GLU B 423 -6.66 -45.13 -0.42
CA GLU B 423 -6.79 -43.97 0.41
C GLU B 423 -5.72 -43.95 1.51
N TRP B 424 -5.54 -45.08 2.14
CA TRP B 424 -4.64 -45.13 3.25
C TRP B 424 -3.23 -45.03 2.73
N ASP B 425 -3.01 -45.60 1.58
CA ASP B 425 -1.67 -45.61 1.02
C ASP B 425 -1.23 -44.21 0.61
N MET B 426 -2.19 -43.40 0.17
CA MET B 426 -1.92 -41.99 -0.07
C MET B 426 -1.61 -41.26 1.22
N PHE B 427 -2.40 -41.52 2.25
CA PHE B 427 -2.27 -40.81 3.50
C PHE B 427 -0.90 -41.05 4.09
N ARG B 428 -0.48 -42.31 4.07
CA ARG B 428 0.73 -42.74 4.74
C ARG B 428 1.98 -42.34 4.01
N THR B 429 1.92 -42.16 2.69
CA THR B 429 3.09 -41.71 1.95
C THR B 429 3.20 -40.18 1.95
N GLN B 430 2.14 -39.45 2.36
CA GLN B 430 2.24 -37.97 2.42
C GLN B 430 3.19 -37.60 3.54
N VAL B 431 3.87 -36.46 3.37
CA VAL B 431 4.72 -35.89 4.40
C VAL B 431 3.99 -34.67 4.97
N HIS B 432 3.49 -34.75 6.20
CA HIS B 432 2.68 -33.63 6.72
C HIS B 432 3.46 -32.44 7.29
N PRO B 433 2.83 -31.24 7.38
CA PRO B 433 3.53 -30.15 8.04
C PRO B 433 3.99 -30.53 9.48
N TRP B 434 3.15 -31.25 10.23
CA TRP B 434 3.48 -31.66 11.60
C TRP B 434 4.89 -32.22 11.60
N GLU B 435 5.21 -33.07 10.61
CA GLU B 435 6.49 -33.79 10.64
C GLU B 435 7.63 -32.78 10.45
N ARG B 436 7.45 -31.77 9.59
CA ARG B 436 8.49 -30.77 9.37
C ARG B 436 8.70 -29.92 10.61
N GLU B 437 7.59 -29.52 11.22
CA GLU B 437 7.57 -28.82 12.48
C GLU B 437 8.36 -29.61 13.55
N GLN B 438 8.21 -30.92 13.58
CA GLN B 438 8.89 -31.67 14.58
C GLN B 438 10.30 -32.07 14.19
N TYR B 439 10.62 -32.27 12.94
CA TYR B 439 11.91 -32.92 12.66
C TYR B 439 12.85 -32.03 11.86
N MET B 440 12.27 -31.12 11.09
CA MET B 440 13.00 -30.32 10.12
C MET B 440 14.16 -29.55 10.73
N SER B 441 14.04 -29.15 11.97
CA SER B 441 15.09 -28.37 12.60
C SER B 441 15.72 -29.15 13.70
N GLN B 442 15.02 -30.19 14.19
CA GLN B 442 15.51 -30.99 15.33
C GLN B 442 16.61 -31.92 14.81
N TYR B 443 16.54 -32.21 13.51
CA TYR B 443 17.49 -33.04 12.82
C TYR B 443 18.02 -32.32 11.56
N ALA C 1 -50.41 -21.51 41.38
CA ALA C 1 -50.37 -21.84 39.95
C ALA C 1 -51.01 -20.74 39.05
N LYS C 2 -50.15 -20.07 38.29
CA LYS C 2 -50.58 -19.14 37.28
C LYS C 2 -51.28 -19.91 36.15
N TYR C 3 -50.52 -20.66 35.36
CA TYR C 3 -51.06 -21.42 34.22
C TYR C 3 -51.29 -22.92 34.57
N THR C 4 -52.23 -23.56 33.88
CA THR C 4 -52.44 -24.99 34.04
C THR C 4 -52.12 -25.63 32.71
N ARG C 5 -51.94 -26.95 32.66
CA ARG C 5 -51.65 -27.61 31.38
C ARG C 5 -52.60 -27.13 30.31
N GLU C 6 -53.88 -27.02 30.64
CA GLU C 6 -54.88 -26.68 29.65
C GLU C 6 -54.69 -25.28 29.14
N ASP C 7 -54.33 -24.38 30.03
CA ASP C 7 -54.03 -23.01 29.61
C ASP C 7 -52.86 -22.98 28.61
N ILE C 8 -51.81 -23.74 28.93
CA ILE C 8 -50.62 -23.74 28.11
C ILE C 8 -50.91 -24.40 26.74
N GLU C 9 -51.74 -25.43 26.71
CA GLU C 9 -52.10 -26.04 25.45
C GLU C 9 -52.96 -25.08 24.66
N LYS C 10 -53.75 -24.25 25.32
CA LYS C 10 -54.59 -23.33 24.57
C LYS C 10 -53.80 -22.06 24.18
N LEU C 11 -52.96 -21.57 25.05
CA LEU C 11 -52.08 -20.45 24.69
C LEU C 11 -51.24 -20.74 23.45
N VAL C 12 -50.71 -21.95 23.37
CA VAL C 12 -49.84 -22.34 22.25
C VAL C 12 -50.60 -22.34 20.94
N LYS C 13 -51.85 -22.82 20.96
CA LYS C 13 -52.68 -22.77 19.74
C LYS C 13 -52.98 -21.35 19.39
N GLU C 14 -53.60 -20.59 20.30
CA GLU C 14 -54.15 -19.27 19.94
C GLU C 14 -53.06 -18.22 19.82
N GLU C 15 -51.81 -18.63 19.93
CA GLU C 15 -50.72 -17.69 19.81
C GLU C 15 -49.77 -18.15 18.69
N ASN C 16 -50.04 -19.33 18.15
CA ASN C 16 -49.23 -19.93 17.09
C ASN C 16 -47.76 -20.09 17.41
N VAL C 17 -47.50 -20.66 18.57
CA VAL C 17 -46.17 -21.00 18.97
C VAL C 17 -45.66 -22.22 18.16
N LYS C 18 -44.56 -22.05 17.42
CA LYS C 18 -44.07 -23.07 16.46
C LYS C 18 -42.95 -23.91 17.10
N TYR C 19 -42.32 -23.34 18.11
CA TYR C 19 -41.23 -24.00 18.80
C TYR C 19 -41.28 -23.70 20.28
N ILE C 20 -40.86 -24.69 21.05
CA ILE C 20 -40.76 -24.54 22.49
C ILE C 20 -39.30 -24.55 22.93
N ARG C 21 -38.88 -23.63 23.79
CA ARG C 21 -37.56 -23.82 24.42
C ARG C 21 -37.70 -24.20 25.86
N LEU C 22 -37.01 -25.30 26.20
CA LEU C 22 -36.84 -25.68 27.57
C LEU C 22 -35.53 -25.12 28.12
N GLN C 23 -35.60 -24.23 29.10
CA GLN C 23 -34.38 -23.64 29.62
C GLN C 23 -34.13 -24.05 31.06
N PHE C 24 -32.87 -23.92 31.50
CA PHE C 24 -32.48 -24.07 32.91
C PHE C 24 -31.15 -23.36 33.16
N THR C 25 -30.67 -23.34 34.40
CA THR C 25 -29.43 -22.62 34.75
C THR C 25 -28.33 -23.57 35.22
N ASP C 26 -27.12 -23.40 34.75
CA ASP C 26 -26.04 -24.17 35.30
C ASP C 26 -25.45 -23.57 36.64
N ILE C 27 -24.36 -24.13 37.15
CA ILE C 27 -23.86 -23.75 38.46
C ILE C 27 -23.24 -22.33 38.41
N LEU C 28 -22.64 -21.97 37.27
CA LEU C 28 -22.08 -20.64 37.07
C LEU C 28 -23.10 -19.55 36.72
N GLY C 29 -24.34 -19.97 36.59
CA GLY C 29 -25.43 -19.07 36.28
C GLY C 29 -25.78 -18.91 34.80
N THR C 30 -25.10 -19.64 33.93
CA THR C 30 -25.38 -19.56 32.51
C THR C 30 -26.68 -20.20 32.06
N ILE C 31 -27.48 -19.45 31.30
CA ILE C 31 -28.74 -19.95 30.74
C ILE C 31 -28.39 -21.07 29.77
N LYS C 32 -29.14 -22.17 29.82
CA LYS C 32 -28.94 -23.29 28.90
C LYS C 32 -30.26 -23.68 28.31
N ASN C 33 -30.27 -24.12 27.07
CA ASN C 33 -31.56 -24.57 26.52
C ASN C 33 -31.49 -25.42 25.29
N VAL C 34 -32.57 -26.14 25.11
CA VAL C 34 -32.82 -26.97 23.96
C VAL C 34 -34.13 -26.50 23.37
N GLU C 35 -34.28 -26.66 22.05
CA GLU C 35 -35.52 -26.26 21.40
C GLU C 35 -36.08 -27.45 20.74
N ILE C 36 -37.41 -27.56 20.87
CA ILE C 36 -38.18 -28.66 20.30
C ILE C 36 -39.40 -28.13 19.48
N PRO C 37 -39.75 -28.82 18.39
CA PRO C 37 -40.97 -28.44 17.67
C PRO C 37 -42.17 -28.53 18.58
N VAL C 38 -43.13 -27.66 18.36
CA VAL C 38 -44.25 -27.55 19.28
C VAL C 38 -44.99 -28.85 19.25
N SER C 39 -44.74 -29.68 18.24
CA SER C 39 -45.36 -31.02 18.18
C SER C 39 -44.88 -31.96 19.32
N GLN C 40 -43.83 -31.53 20.03
CA GLN C 40 -43.24 -32.29 21.12
C GLN C 40 -43.66 -31.75 22.46
N LEU C 41 -44.60 -30.80 22.48
CA LEU C 41 -45.18 -30.26 23.73
C LEU C 41 -45.66 -31.35 24.70
N GLY C 42 -46.45 -32.31 24.24
CA GLY C 42 -46.85 -33.39 25.14
C GLY C 42 -45.65 -34.09 25.80
N LYS C 43 -44.66 -34.52 24.99
CA LYS C 43 -43.41 -35.07 25.52
C LYS C 43 -42.77 -34.20 26.63
N ALA C 44 -42.65 -32.91 26.39
CA ALA C 44 -42.07 -32.07 27.38
C ALA C 44 -42.97 -31.84 28.59
N LEU C 45 -44.29 -31.75 28.41
CA LEU C 45 -45.16 -31.45 29.56
C LEU C 45 -45.37 -32.73 30.35
N ASP C 46 -44.79 -33.81 29.88
CA ASP C 46 -44.84 -35.06 30.56
C ASP C 46 -43.52 -35.28 31.25
N ASN C 47 -42.69 -34.25 31.31
CA ASN C 47 -41.38 -34.38 31.89
C ASN C 47 -40.58 -35.49 31.31
N LYS C 48 -40.52 -35.54 29.97
CA LYS C 48 -39.86 -36.65 29.28
C LYS C 48 -38.69 -36.25 28.38
N VAL C 49 -38.52 -34.98 28.14
CA VAL C 49 -37.42 -34.53 27.31
C VAL C 49 -36.16 -34.71 28.17
N MET C 50 -35.08 -35.29 27.61
CA MET C 50 -33.84 -35.46 28.36
C MET C 50 -32.65 -34.70 27.79
N PHE C 51 -31.58 -34.60 28.56
CA PHE C 51 -30.33 -34.03 28.03
C PHE C 51 -29.12 -34.65 28.71
N ASP C 52 -27.94 -34.35 28.17
CA ASP C 52 -26.67 -34.86 28.70
C ASP C 52 -26.14 -34.05 29.90
N GLY C 53 -26.45 -34.53 31.08
CA GLY C 53 -26.06 -33.82 32.26
C GLY C 53 -24.56 -33.73 32.44
N SER C 54 -23.76 -34.45 31.69
CA SER C 54 -22.33 -34.38 31.95
C SER C 54 -21.67 -33.32 31.07
N SER C 55 -22.48 -32.52 30.39
CA SER C 55 -22.00 -31.43 29.55
C SER C 55 -22.46 -30.08 30.10
N ILE C 56 -23.18 -30.09 31.21
CA ILE C 56 -23.53 -28.84 31.88
C ILE C 56 -22.67 -28.60 33.14
N GLU C 57 -21.92 -27.52 33.18
CA GLU C 57 -21.10 -27.17 34.36
C GLU C 57 -21.75 -27.45 35.73
N GLY C 58 -21.15 -28.37 36.50
CA GLY C 58 -21.51 -28.66 37.89
C GLY C 58 -22.71 -29.56 38.11
N PHE C 59 -23.08 -30.33 37.11
CA PHE C 59 -24.22 -31.26 37.16
C PHE C 59 -23.68 -32.69 37.38
N VAL C 60 -24.04 -33.66 36.53
CA VAL C 60 -23.75 -35.09 36.84
C VAL C 60 -22.50 -35.52 36.12
N ARG C 61 -22.07 -36.77 36.27
CA ARG C 61 -20.87 -37.16 35.54
C ARG C 61 -21.15 -38.17 34.39
N ILE C 62 -20.16 -38.36 33.54
CA ILE C 62 -20.39 -38.95 32.23
C ILE C 62 -20.95 -40.37 32.35
N GLU C 63 -20.62 -41.10 33.41
CA GLU C 63 -21.12 -42.49 33.61
C GLU C 63 -22.57 -42.55 33.95
N GLU C 64 -23.15 -41.45 34.36
CA GLU C 64 -24.57 -41.45 34.69
C GLU C 64 -25.15 -40.13 34.18
N SER C 65 -25.20 -40.03 32.86
CA SER C 65 -25.41 -38.76 32.19
C SER C 65 -26.85 -38.35 32.11
N ASP C 66 -27.71 -39.33 31.80
CA ASP C 66 -29.11 -39.05 31.50
C ASP C 66 -29.69 -38.35 32.69
N MET C 67 -30.42 -37.30 32.35
CA MET C 67 -31.00 -36.31 33.23
C MET C 67 -32.29 -35.90 32.52
N TYR C 68 -33.25 -35.34 33.24
CA TYR C 68 -34.58 -35.02 32.70
C TYR C 68 -34.92 -33.58 33.00
N LEU C 69 -35.83 -33.03 32.22
CA LEU C 69 -36.21 -31.62 32.30
C LEU C 69 -37.69 -31.59 32.69
N TYR C 70 -38.03 -30.89 33.75
CA TYR C 70 -39.45 -30.81 34.12
C TYR C 70 -39.91 -29.40 34.06
N PRO C 71 -40.58 -29.02 32.98
CA PRO C 71 -41.05 -27.64 32.82
C PRO C 71 -42.01 -27.16 33.95
N ASP C 72 -41.79 -25.90 34.35
CA ASP C 72 -42.60 -25.19 35.30
C ASP C 72 -43.59 -24.37 34.49
N LEU C 73 -44.85 -24.79 34.51
CA LEU C 73 -45.90 -24.12 33.72
C LEU C 73 -46.02 -22.60 33.93
N ASN C 74 -45.66 -22.08 35.09
CA ASN C 74 -45.81 -20.65 35.36
C ASN C 74 -44.76 -19.75 34.74
N THR C 75 -43.70 -20.32 34.19
CA THR C 75 -42.68 -19.53 33.55
C THR C 75 -42.89 -19.41 32.05
N PHE C 76 -44.01 -19.93 31.52
CA PHE C 76 -44.33 -19.81 30.05
C PHE C 76 -44.27 -18.39 29.52
N VAL C 77 -43.33 -18.15 28.63
CA VAL C 77 -43.19 -16.84 27.98
C VAL C 77 -42.78 -16.98 26.49
N ILE C 78 -43.32 -16.09 25.66
CA ILE C 78 -42.99 -15.97 24.23
C ILE C 78 -41.88 -14.93 23.91
N PHE C 79 -40.93 -15.29 23.07
CA PHE C 79 -39.86 -14.37 22.66
C PHE C 79 -40.23 -13.58 21.40
N PRO C 80 -40.58 -12.30 21.55
CA PRO C 80 -40.94 -11.45 20.39
C PRO C 80 -40.00 -11.49 19.18
N TRP C 81 -38.69 -11.52 19.37
CA TRP C 81 -37.75 -11.49 18.23
C TRP C 81 -37.79 -12.77 17.38
N THR C 82 -38.60 -13.75 17.74
CA THR C 82 -38.62 -14.97 16.93
C THR C 82 -39.92 -15.12 16.13
N ALA C 83 -40.89 -14.26 16.42
CA ALA C 83 -42.21 -14.44 15.85
C ALA C 83 -42.25 -14.43 14.26
N GLU C 84 -41.39 -13.67 13.61
CA GLU C 84 -41.51 -13.51 12.16
C GLU C 84 -40.99 -14.71 11.35
N LYS C 85 -40.04 -15.46 11.92
CA LYS C 85 -39.54 -16.65 11.27
C LYS C 85 -40.07 -17.95 11.87
N GLY C 86 -40.43 -17.95 13.16
CA GLY C 86 -40.92 -19.14 13.86
C GLY C 86 -41.04 -18.94 15.37
N LYS C 87 -42.23 -18.50 15.81
CA LYS C 87 -42.52 -18.08 17.20
C LYS C 87 -42.10 -19.14 18.24
N VAL C 88 -41.45 -18.63 19.29
CA VAL C 88 -40.84 -19.41 20.34
C VAL C 88 -41.41 -19.03 21.69
N ALA C 89 -41.90 -20.03 22.41
CA ALA C 89 -42.30 -19.89 23.82
C ALA C 89 -41.27 -20.62 24.63
N ARG C 90 -40.82 -20.04 25.74
CA ARG C 90 -39.91 -20.70 26.69
C ARG C 90 -40.64 -21.28 27.91
N PHE C 91 -40.10 -22.34 28.50
CA PHE C 91 -40.41 -22.80 29.87
C PHE C 91 -39.12 -22.80 30.67
N ILE C 92 -39.07 -22.27 31.88
CA ILE C 92 -37.93 -22.56 32.75
C ILE C 92 -38.17 -23.99 33.40
N CYS C 93 -37.12 -24.80 33.51
CA CYS C 93 -37.34 -26.16 34.00
C CYS C 93 -36.50 -26.45 35.21
N ASP C 94 -36.99 -27.40 35.98
CA ASP C 94 -36.30 -27.98 37.11
C ASP C 94 -35.66 -29.30 36.66
N ILE C 95 -34.46 -29.62 37.19
CA ILE C 95 -33.75 -30.83 36.77
C ILE C 95 -34.12 -32.00 37.66
N TYR C 96 -34.43 -33.15 37.04
CA TYR C 96 -34.76 -34.34 37.81
C TYR C 96 -33.81 -35.43 37.40
N ASN C 97 -33.54 -36.38 38.30
CA ASN C 97 -32.80 -37.58 37.92
C ASN C 97 -33.70 -38.56 37.25
N PRO C 98 -33.12 -39.49 36.53
CA PRO C 98 -33.88 -40.57 35.87
C PRO C 98 -34.86 -41.32 36.82
N ASP C 99 -34.59 -41.38 38.10
CA ASP C 99 -35.52 -42.14 38.94
C ASP C 99 -36.66 -41.33 39.51
N GLY C 100 -37.00 -40.20 38.94
CA GLY C 100 -38.19 -39.47 39.40
C GLY C 100 -37.96 -38.40 40.45
N THR C 101 -36.81 -38.47 41.13
CA THR C 101 -36.47 -37.54 42.20
C THR C 101 -35.72 -36.27 41.74
N PRO C 102 -36.05 -35.12 42.35
CA PRO C 102 -35.31 -33.91 41.95
C PRO C 102 -33.75 -34.04 42.02
N PHE C 103 -33.02 -33.43 41.08
CA PHE C 103 -31.53 -33.35 41.17
C PHE C 103 -31.13 -32.39 42.30
N GLU C 104 -30.33 -32.83 43.26
CA GLU C 104 -29.96 -31.90 44.36
C GLU C 104 -28.85 -30.90 43.94
N GLY C 105 -28.54 -30.86 42.67
CA GLY C 105 -27.53 -29.92 42.20
C GLY C 105 -28.07 -28.85 41.30
N ASP C 106 -29.38 -28.80 41.19
CA ASP C 106 -30.11 -27.76 40.50
C ASP C 106 -30.22 -26.50 41.37
N PRO C 107 -29.56 -25.38 40.97
CA PRO C 107 -29.57 -24.11 41.68
C PRO C 107 -30.98 -23.59 41.96
N ARG C 108 -31.90 -23.75 41.02
CA ARG C 108 -33.26 -23.27 41.21
C ARG C 108 -34.02 -24.03 42.27
N ASN C 109 -33.81 -25.35 42.33
CA ASN C 109 -34.46 -26.19 43.32
C ASN C 109 -33.90 -25.89 44.73
N ASN C 110 -32.62 -25.68 44.83
CA ASN C 110 -32.06 -25.30 46.10
C ASN C 110 -32.68 -24.03 46.72
N LEU C 111 -33.01 -23.08 45.86
CA LEU C 111 -33.51 -21.82 46.32
C LEU C 111 -34.89 -22.09 46.95
N LYS C 112 -35.54 -23.16 46.50
CA LYS C 112 -36.93 -23.39 46.87
C LYS C 112 -36.96 -24.00 48.25
N ARG C 113 -35.92 -24.77 48.51
CA ARG C 113 -35.70 -25.39 49.80
C ARG C 113 -35.44 -24.31 50.85
N ILE C 114 -34.58 -23.36 50.56
CA ILE C 114 -34.33 -22.30 51.53
C ILE C 114 -35.63 -21.46 51.72
N LEU C 115 -36.52 -21.45 50.73
CA LEU C 115 -37.72 -20.64 50.83
C LEU C 115 -38.77 -21.32 51.74
N LYS C 116 -38.60 -22.63 51.90
CA LYS C 116 -39.51 -23.42 52.71
C LYS C 116 -39.14 -23.21 54.17
N GLU C 117 -37.85 -23.14 54.47
CA GLU C 117 -37.39 -22.69 55.80
C GLU C 117 -38.01 -21.34 56.14
N MET C 118 -38.02 -20.39 55.21
CA MET C 118 -38.77 -19.18 55.42
C MET C 118 -40.25 -19.40 55.80
N GLU C 119 -40.94 -20.24 55.06
CA GLU C 119 -42.34 -20.51 55.40
C GLU C 119 -42.50 -21.03 56.81
N ASP C 120 -41.51 -21.76 57.32
CA ASP C 120 -41.64 -22.32 58.68
C ASP C 120 -41.40 -21.27 59.74
N LEU C 121 -40.65 -20.20 59.43
CA LEU C 121 -40.51 -19.05 60.32
C LEU C 121 -41.77 -18.17 60.24
N GLY C 122 -42.77 -18.53 59.44
CA GLY C 122 -44.01 -17.81 59.51
C GLY C 122 -44.15 -16.80 58.39
N PHE C 123 -43.10 -16.60 57.60
CA PHE C 123 -43.20 -15.59 56.52
C PHE C 123 -43.72 -16.22 55.26
N SER C 124 -44.36 -15.45 54.43
CA SER C 124 -45.00 -16.05 53.30
C SER C 124 -44.47 -15.57 51.96
N ASP C 125 -43.50 -14.67 51.95
CA ASP C 125 -42.93 -14.16 50.69
C ASP C 125 -41.60 -13.51 50.92
N PHE C 126 -40.66 -13.81 50.04
CA PHE C 126 -39.34 -13.20 50.04
C PHE C 126 -39.20 -12.41 48.72
N ASN C 127 -39.36 -11.10 48.79
CA ASN C 127 -39.27 -10.30 47.58
C ASN C 127 -37.86 -9.86 47.30
N LEU C 128 -37.48 -9.96 46.04
CA LEU C 128 -36.20 -9.54 45.52
C LEU C 128 -36.44 -8.54 44.35
N GLY C 129 -35.76 -7.40 44.45
CA GLY C 129 -35.75 -6.39 43.38
C GLY C 129 -34.32 -6.27 42.90
N PRO C 130 -33.95 -6.95 41.80
CA PRO C 130 -32.54 -6.94 41.38
C PRO C 130 -32.23 -5.76 40.45
N GLU C 131 -31.05 -5.16 40.52
CA GLU C 131 -30.74 -4.10 39.58
C GLU C 131 -29.40 -4.41 38.88
N PRO C 132 -29.39 -5.23 37.81
CA PRO C 132 -28.12 -5.69 37.25
C PRO C 132 -27.60 -4.76 36.14
N GLU C 133 -26.55 -4.00 36.45
CA GLU C 133 -25.95 -3.00 35.52
C GLU C 133 -25.17 -3.72 34.39
N PHE C 134 -24.99 -3.11 33.23
CA PHE C 134 -24.15 -3.78 32.18
C PHE C 134 -23.43 -2.71 31.32
N PHE C 135 -22.38 -3.13 30.64
CA PHE C 135 -21.70 -2.30 29.71
C PHE C 135 -22.03 -2.71 28.30
N LEU C 136 -21.84 -1.77 27.39
CA LEU C 136 -21.96 -2.04 25.97
C LEU C 136 -20.65 -1.67 25.21
N PHE C 137 -20.20 -2.63 24.45
CA PHE C 137 -19.04 -2.47 23.65
C PHE C 137 -19.38 -2.67 22.15
N LYS C 138 -18.58 -2.01 21.32
CA LYS C 138 -18.78 -2.08 19.89
C LYS C 138 -18.22 -3.39 19.34
N LEU C 139 -19.01 -4.02 18.47
CA LEU C 139 -18.57 -5.15 17.66
C LEU C 139 -17.59 -4.70 16.52
N ASP C 140 -16.63 -5.53 16.11
CA ASP C 140 -15.82 -5.22 14.92
C ASP C 140 -16.61 -5.65 13.68
N GLU C 141 -15.93 -5.66 12.53
CA GLU C 141 -16.56 -5.98 11.25
C GLU C 141 -16.83 -7.47 11.14
N LYS C 142 -16.24 -8.26 12.02
CA LYS C 142 -16.51 -9.69 12.03
C LYS C 142 -17.56 -10.10 13.10
N GLY C 143 -18.28 -9.12 13.66
CA GLY C 143 -19.28 -9.37 14.70
C GLY C 143 -18.68 -9.73 16.06
N GLU C 144 -17.39 -9.50 16.25
CA GLU C 144 -16.75 -9.84 17.53
C GLU C 144 -16.61 -8.62 18.42
N PRO C 145 -16.62 -8.80 19.72
CA PRO C 145 -16.46 -7.69 20.67
C PRO C 145 -15.15 -6.93 20.53
N THR C 146 -15.15 -5.61 20.61
CA THR C 146 -13.90 -4.87 20.73
C THR C 146 -13.88 -4.30 22.13
N LEU C 147 -12.93 -3.41 22.41
CA LEU C 147 -12.77 -2.79 23.73
C LEU C 147 -13.26 -1.36 23.69
N GLU C 148 -13.91 -0.94 22.62
CA GLU C 148 -14.39 0.44 22.54
C GLU C 148 -15.76 0.46 23.13
N LEU C 149 -15.93 1.29 24.16
CA LEU C 149 -17.23 1.49 24.77
C LEU C 149 -18.16 2.03 23.71
N ASN C 150 -19.45 1.84 23.88
CA ASN C 150 -20.38 2.41 22.92
C ASN C 150 -20.42 3.91 23.04
N ASP C 151 -20.05 4.47 24.19
CA ASP C 151 -19.99 5.94 24.40
C ASP C 151 -19.13 6.36 25.61
N LYS C 152 -19.03 7.66 25.87
CA LYS C 152 -18.22 8.18 26.95
C LYS C 152 -19.10 9.00 27.88
N GLY C 153 -20.39 8.69 27.94
CA GLY C 153 -21.35 9.35 28.83
C GLY C 153 -21.27 8.90 30.28
N GLY C 154 -22.17 9.46 31.10
CA GLY C 154 -22.14 9.31 32.51
C GLY C 154 -23.56 9.33 33.08
N TYR C 155 -23.67 9.49 34.40
CA TYR C 155 -24.90 9.22 35.14
C TYR C 155 -25.99 10.11 34.66
N PHE C 156 -27.08 9.50 34.23
CA PHE C 156 -28.25 10.25 33.76
C PHE C 156 -27.95 11.19 32.56
N ASP C 157 -26.91 10.96 31.81
CA ASP C 157 -26.68 11.77 30.65
C ASP C 157 -27.75 11.56 29.52
N LEU C 158 -27.97 12.63 28.77
CA LEU C 158 -28.90 12.65 27.68
C LEU C 158 -28.15 12.37 26.40
N ALA C 159 -28.92 11.94 25.39
CA ALA C 159 -28.34 11.73 24.08
C ALA C 159 -27.76 13.02 23.51
N PRO C 160 -26.78 12.75 22.61
CA PRO C 160 -25.41 12.82 22.00
C PRO C 160 -24.33 12.21 22.90
N THR C 161 -24.33 12.63 24.14
CA THR C 161 -23.42 12.06 25.11
C THR C 161 -23.73 10.60 25.49
N ASP C 162 -24.99 10.35 25.75
CA ASP C 162 -25.51 9.00 25.90
C ASP C 162 -25.93 8.54 24.49
N LEU C 163 -25.25 7.50 24.00
CA LEU C 163 -25.56 6.79 22.76
C LEU C 163 -26.23 5.39 23.01
N GLY C 164 -26.60 5.05 24.24
CA GLY C 164 -27.24 3.76 24.44
C GLY C 164 -28.74 3.92 24.52
N GLU C 165 -29.19 5.12 24.23
CA GLU C 165 -30.56 5.46 24.43
C GLU C 165 -31.40 4.58 23.53
N ASN C 166 -30.99 4.35 22.30
CA ASN C 166 -31.88 3.56 21.43
C ASN C 166 -31.88 2.11 21.73
N CYS C 167 -30.70 1.60 22.08
CA CYS C 167 -30.57 0.20 22.43
C CYS C 167 -31.42 -0.11 23.70
N ARG C 168 -31.30 0.73 24.71
CA ARG C 168 -32.09 0.66 25.92
C ARG C 168 -33.56 0.75 25.63
N ARG C 169 -33.92 1.63 24.74
CA ARG C 169 -35.33 1.76 24.44
C ARG C 169 -35.81 0.46 23.79
N ASP C 170 -34.93 -0.24 23.07
CA ASP C 170 -35.33 -1.50 22.39
C ASP C 170 -35.30 -2.71 23.30
N ILE C 171 -34.40 -2.69 24.26
CA ILE C 171 -34.47 -3.61 25.34
C ILE C 171 -35.80 -3.43 26.13
N VAL C 172 -36.15 -2.20 26.51
CA VAL C 172 -37.37 -2.00 27.29
C VAL C 172 -38.59 -2.48 26.47
N LEU C 173 -38.71 -2.15 25.17
CA LEU C 173 -39.79 -2.75 24.36
C LEU C 173 -39.91 -4.28 24.41
N GLU C 174 -38.81 -5.03 24.24
CA GLU C 174 -38.92 -6.49 24.31
C GLU C 174 -39.35 -6.91 25.72
N LEU C 175 -38.75 -6.38 26.80
CA LEU C 175 -39.13 -6.82 28.16
C LEU C 175 -40.61 -6.52 28.43
N GLU C 176 -41.08 -5.33 28.05
CA GLU C 176 -42.46 -4.97 28.27
C GLU C 176 -43.33 -5.92 27.50
N GLU C 177 -42.95 -6.29 26.29
CA GLU C 177 -43.84 -7.20 25.57
C GLU C 177 -43.87 -8.57 26.25
N MET C 178 -42.82 -8.86 27.01
CA MET C 178 -42.65 -10.16 27.61
C MET C 178 -43.28 -10.19 28.98
N GLY C 179 -44.04 -9.15 29.35
CA GLY C 179 -44.64 -9.08 30.69
C GLY C 179 -43.79 -8.43 31.79
N PHE C 180 -42.54 -8.08 31.54
CA PHE C 180 -41.79 -7.41 32.58
C PHE C 180 -42.44 -6.10 32.95
N GLU C 181 -42.35 -5.73 34.20
CA GLU C 181 -42.81 -4.42 34.62
C GLU C 181 -41.68 -3.43 34.80
N ILE C 182 -41.35 -2.66 33.78
CA ILE C 182 -40.22 -1.73 33.83
C ILE C 182 -40.44 -0.45 34.70
N GLU C 183 -39.47 -0.13 35.53
CA GLU C 183 -39.61 1.00 36.41
C GLU C 183 -38.80 2.18 35.91
N ALA C 184 -37.63 1.92 35.33
CA ALA C 184 -36.76 3.00 34.94
C ALA C 184 -35.62 2.56 34.03
N SER C 185 -35.03 3.46 33.25
CA SER C 185 -33.80 3.13 32.54
C SER C 185 -32.91 4.35 32.47
N HIS C 186 -31.60 4.16 32.48
CA HIS C 186 -30.69 5.30 32.36
C HIS C 186 -29.27 4.88 32.08
N HIS C 187 -28.46 5.84 31.62
CA HIS C 187 -27.01 5.75 31.57
C HIS C 187 -26.54 5.73 33.03
N GLU C 188 -25.58 4.88 33.32
CA GLU C 188 -25.01 4.78 34.62
C GLU C 188 -23.66 5.55 34.64
N VAL C 189 -22.93 5.50 35.76
CA VAL C 189 -21.82 6.41 35.97
C VAL C 189 -20.67 6.26 34.98
N ALA C 190 -20.16 5.05 34.74
CA ALA C 190 -19.00 4.87 33.87
C ALA C 190 -19.36 4.97 32.40
N PRO C 191 -18.33 5.19 31.56
CA PRO C 191 -18.67 5.29 30.12
C PRO C 191 -19.20 3.98 29.55
N GLY C 192 -20.13 4.04 28.62
CA GLY C 192 -20.74 2.83 28.12
C GLY C 192 -21.50 1.96 29.16
N GLN C 193 -21.87 2.53 30.30
CA GLN C 193 -22.60 1.76 31.35
C GLN C 193 -24.06 2.18 31.43
N HIS C 194 -24.92 1.22 31.75
CA HIS C 194 -26.36 1.39 31.64
C HIS C 194 -27.10 0.57 32.69
N GLU C 195 -28.35 0.95 32.93
CA GLU C 195 -29.21 0.20 33.81
C GLU C 195 -30.62 0.33 33.36
N ILE C 196 -31.34 -0.78 33.40
CA ILE C 196 -32.79 -0.81 33.29
C ILE C 196 -33.32 -1.46 34.54
N ASP C 197 -34.30 -0.89 35.23
CA ASP C 197 -34.85 -1.48 36.46
C ASP C 197 -36.23 -2.07 36.29
N PHE C 198 -36.59 -3.04 37.12
CA PHE C 198 -37.95 -3.56 37.01
C PHE C 198 -38.49 -4.02 38.33
N LYS C 199 -39.80 -4.13 38.46
CA LYS C 199 -40.43 -4.39 39.77
C LYS C 199 -39.97 -5.68 40.44
N TYR C 200 -39.81 -5.62 41.75
CA TYR C 200 -39.45 -6.82 42.55
C TYR C 200 -40.52 -7.89 42.40
N ALA C 201 -40.13 -9.16 42.58
CA ALA C 201 -41.09 -10.25 42.61
C ALA C 201 -40.67 -11.27 43.70
N GLY C 202 -41.42 -12.37 43.87
CA GLY C 202 -40.99 -13.42 44.77
C GLY C 202 -39.64 -13.99 44.40
N ALA C 203 -38.83 -14.44 45.34
CA ALA C 203 -37.48 -14.92 45.06
C ALA C 203 -37.35 -15.74 43.78
N VAL C 204 -38.18 -16.77 43.59
CA VAL C 204 -37.97 -17.64 42.42
C VAL C 204 -38.24 -16.91 41.09
N ARG C 205 -39.28 -16.10 41.05
CA ARG C 205 -39.72 -15.44 39.84
C ARG C 205 -38.72 -14.35 39.50
N SER C 206 -38.16 -13.76 40.52
CA SER C 206 -37.18 -12.70 40.32
C SER C 206 -35.86 -13.24 39.75
N CYS C 207 -35.40 -14.42 40.19
CA CYS C 207 -34.22 -15.03 39.57
C CYS C 207 -34.55 -15.46 38.13
N ASP C 208 -35.71 -16.09 37.93
CA ASP C 208 -36.14 -16.41 36.58
C ASP C 208 -35.99 -15.13 35.74
N ASP C 209 -36.42 -13.97 36.28
CA ASP C 209 -36.40 -12.72 35.53
C ASP C 209 -34.99 -12.17 35.35
N ILE C 210 -34.13 -12.28 36.35
CA ILE C 210 -32.76 -11.95 36.09
C ILE C 210 -32.22 -12.77 34.92
N GLN C 211 -32.55 -14.06 34.86
CA GLN C 211 -32.05 -14.85 33.76
C GLN C 211 -32.63 -14.33 32.42
N THR C 212 -33.86 -13.90 32.39
CA THR C 212 -34.49 -13.62 31.08
C THR C 212 -33.98 -12.26 30.52
N PHE C 213 -33.88 -11.33 31.44
CA PHE C 213 -33.23 -10.06 31.26
C PHE C 213 -31.79 -10.16 30.69
N LYS C 214 -30.90 -10.89 31.34
CA LYS C 214 -29.54 -10.96 30.77
C LYS C 214 -29.66 -11.43 29.28
N LEU C 215 -30.56 -12.38 29.01
CA LEU C 215 -30.74 -12.92 27.69
C LEU C 215 -31.22 -11.85 26.71
N VAL C 216 -32.23 -11.08 27.09
CA VAL C 216 -32.86 -10.12 26.19
C VAL C 216 -31.98 -8.94 25.97
N VAL C 217 -31.20 -8.52 26.97
CA VAL C 217 -30.19 -7.48 26.81
C VAL C 217 -29.06 -7.90 25.80
N LYS C 218 -28.43 -9.06 26.02
CA LYS C 218 -27.43 -9.50 25.06
C LYS C 218 -27.95 -9.64 23.61
N THR C 219 -29.12 -10.25 23.41
CA THR C 219 -29.72 -10.37 22.08
C THR C 219 -29.97 -9.04 21.43
N ILE C 220 -30.73 -8.15 22.06
CA ILE C 220 -31.09 -6.89 21.40
C ILE C 220 -29.85 -6.03 21.17
N ALA C 221 -28.91 -6.06 22.11
CA ALA C 221 -27.69 -5.27 21.98
C ALA C 221 -26.98 -5.66 20.68
N ARG C 222 -26.93 -6.98 20.42
CA ARG C 222 -26.31 -7.50 19.20
C ARG C 222 -27.02 -6.97 17.92
N LYS C 223 -28.33 -6.81 17.92
CA LYS C 223 -28.96 -6.21 16.76
C LYS C 223 -28.53 -4.79 16.52
N HIS C 224 -28.01 -4.10 17.51
CA HIS C 224 -27.65 -2.69 17.32
C HIS C 224 -26.14 -2.67 17.14
N GLY C 225 -25.55 -3.78 16.82
CA GLY C 225 -24.14 -3.76 16.57
C GLY C 225 -23.30 -3.72 17.83
N LEU C 226 -23.87 -4.14 18.98
CA LEU C 226 -23.16 -4.01 20.25
C LEU C 226 -23.05 -5.30 20.95
N HIS C 227 -22.16 -5.30 21.93
CA HIS C 227 -21.92 -6.48 22.74
C HIS C 227 -22.15 -6.15 24.17
N ALA C 228 -23.18 -6.73 24.80
CA ALA C 228 -23.48 -6.44 26.21
C ALA C 228 -22.78 -7.43 27.08
N THR C 229 -22.20 -6.92 28.16
CA THR C 229 -21.51 -7.74 29.12
C THR C 229 -21.89 -7.31 30.52
N PHE C 230 -22.29 -8.32 31.31
CA PHE C 230 -22.51 -8.19 32.76
C PHE C 230 -21.25 -8.55 33.57
N MET C 231 -20.07 -8.51 32.94
CA MET C 231 -18.83 -8.80 33.65
C MET C 231 -18.73 -7.71 34.74
N PRO C 232 -18.34 -8.05 35.96
CA PRO C 232 -18.23 -7.08 37.07
C PRO C 232 -17.35 -5.79 36.88
N LYS C 233 -16.05 -5.92 36.63
CA LYS C 233 -15.20 -4.74 36.44
C LYS C 233 -14.40 -4.84 35.12
N PRO C 234 -15.04 -4.54 33.96
CA PRO C 234 -14.37 -4.81 32.67
C PRO C 234 -13.18 -3.90 32.44
N LEU C 235 -13.16 -2.77 33.15
CA LEU C 235 -12.07 -1.81 33.02
C LEU C 235 -11.61 -1.23 34.35
N PHE C 236 -10.31 -1.18 34.53
CA PHE C 236 -9.77 -0.56 35.71
C PHE C 236 -10.03 0.99 35.69
N GLY C 237 -10.19 1.61 36.86
CA GLY C 237 -10.30 3.06 36.94
C GLY C 237 -11.67 3.72 36.89
N VAL C 238 -12.68 2.95 36.47
CA VAL C 238 -14.06 3.42 36.41
C VAL C 238 -14.95 2.44 37.17
N ASN C 239 -16.21 2.78 37.38
CA ASN C 239 -17.12 1.93 38.09
C ASN C 239 -17.23 0.53 37.47
N GLY C 240 -17.57 -0.44 38.32
CA GLY C 240 -17.83 -1.81 37.88
C GLY C 240 -19.34 -1.91 37.83
N SER C 241 -19.81 -3.05 37.39
CA SER C 241 -21.23 -3.29 37.36
C SER C 241 -21.67 -4.01 38.64
N GLY C 242 -22.75 -3.57 39.25
CA GLY C 242 -23.25 -4.22 40.46
C GLY C 242 -24.53 -4.89 40.12
N MET C 243 -25.00 -5.79 40.98
CA MET C 243 -26.36 -6.31 40.84
C MET C 243 -27.05 -6.21 42.15
N HIS C 244 -27.37 -5.01 42.60
CA HIS C 244 -27.89 -4.84 43.95
C HIS C 244 -29.13 -5.68 44.20
N CYS C 245 -29.18 -6.30 45.38
CA CYS C 245 -30.35 -7.09 45.78
C CYS C 245 -31.20 -6.42 46.86
N ASN C 246 -32.30 -5.82 46.45
CA ASN C 246 -33.25 -5.27 47.39
C ASN C 246 -34.09 -6.41 47.97
N LEU C 247 -33.98 -6.62 49.30
CA LEU C 247 -34.62 -7.76 49.94
C LEU C 247 -35.72 -7.33 50.89
N SER C 248 -36.86 -7.96 50.85
CA SER C 248 -37.81 -7.73 51.93
C SER C 248 -38.65 -9.02 52.30
N LEU C 249 -39.24 -9.07 53.50
CA LEU C 249 -40.07 -10.23 53.92
C LEU C 249 -41.51 -9.81 53.98
N PHE C 250 -42.42 -10.61 53.47
CA PHE C 250 -43.82 -10.33 53.74
C PHE C 250 -44.46 -11.42 54.63
N LYS C 251 -45.43 -11.00 55.44
CA LYS C 251 -46.07 -11.86 56.41
C LYS C 251 -47.51 -11.41 56.44
N ASN C 252 -48.38 -12.22 55.88
CA ASN C 252 -49.81 -11.89 55.79
C ASN C 252 -50.09 -10.90 54.64
N GLY C 253 -49.25 -10.92 53.61
CA GLY C 253 -49.34 -9.92 52.56
C GLY C 253 -48.93 -8.49 52.98
N VAL C 254 -48.08 -8.35 54.00
CA VAL C 254 -47.64 -7.04 54.47
C VAL C 254 -46.13 -7.01 54.70
N ASN C 255 -45.49 -5.93 54.28
CA ASN C 255 -44.06 -5.77 54.50
C ASN C 255 -43.79 -5.78 56.00
N ALA C 256 -43.31 -6.92 56.48
CA ALA C 256 -42.87 -7.12 57.85
C ALA C 256 -41.67 -6.26 58.25
N PHE C 257 -41.11 -5.52 57.30
CA PHE C 257 -39.93 -4.69 57.62
C PHE C 257 -40.37 -3.29 58.08
N PHE C 258 -41.56 -2.90 57.67
CA PHE C 258 -42.06 -1.60 58.07
C PHE C 258 -42.70 -1.61 59.44
N ASP C 259 -42.22 -0.73 60.30
CA ASP C 259 -42.89 -0.39 61.57
C ASP C 259 -43.12 1.16 61.69
N GLU C 260 -44.33 1.57 61.31
CA GLU C 260 -44.88 2.90 61.60
C GLU C 260 -44.23 3.67 62.79
N ASN C 261 -44.12 3.01 63.95
CA ASN C 261 -43.72 3.69 65.20
C ASN C 261 -42.44 3.07 65.76
N ALA C 262 -41.29 3.39 65.20
CA ALA C 262 -40.06 2.70 65.62
C ALA C 262 -38.88 3.43 65.06
N ASP C 263 -37.71 3.15 65.58
CA ASP C 263 -36.50 3.85 65.17
C ASP C 263 -36.31 3.71 63.65
N LEU C 264 -36.07 4.79 62.92
CA LEU C 264 -36.02 4.71 61.45
C LEU C 264 -37.22 4.02 60.79
N GLN C 265 -38.25 3.68 61.54
CA GLN C 265 -39.44 2.99 61.04
C GLN C 265 -39.13 1.61 60.52
N LEU C 266 -38.04 1.07 61.02
CA LEU C 266 -37.69 -0.32 60.80
C LEU C 266 -38.10 -1.23 61.98
N SER C 267 -38.95 -2.21 61.69
CA SER C 267 -39.45 -3.17 62.69
C SER C 267 -38.34 -3.98 63.29
N GLU C 268 -38.61 -4.76 64.31
CA GLU C 268 -37.53 -5.57 64.93
C GLU C 268 -37.06 -6.67 63.96
N THR C 269 -38.02 -7.23 63.24
CA THR C 269 -37.73 -8.24 62.24
C THR C 269 -36.73 -7.75 61.20
N ALA C 270 -36.84 -6.49 60.79
CA ALA C 270 -35.92 -5.96 59.77
C ALA C 270 -34.59 -5.87 60.42
N LYS C 271 -34.59 -5.58 61.73
CA LYS C 271 -33.32 -5.34 62.40
C LYS C 271 -32.57 -6.64 62.59
N HIS C 272 -33.27 -7.73 62.89
CA HIS C 272 -32.66 -9.07 63.00
C HIS C 272 -32.12 -9.61 61.67
N PHE C 273 -32.91 -9.36 60.61
CA PHE C 273 -32.52 -9.68 59.26
C PHE C 273 -31.20 -9.00 58.93
N ILE C 274 -31.11 -7.70 59.18
CA ILE C 274 -29.87 -6.96 58.90
C ILE C 274 -28.74 -7.53 59.75
N ALA C 275 -29.08 -7.91 60.97
CA ALA C 275 -28.12 -8.54 61.85
C ALA C 275 -27.60 -9.84 61.16
N GLY C 276 -28.49 -10.64 60.55
CA GLY C 276 -28.06 -11.81 59.79
C GLY C 276 -27.17 -11.53 58.57
N ILE C 277 -27.60 -10.57 57.77
CA ILE C 277 -26.84 -10.31 56.58
C ILE C 277 -25.42 -9.94 57.07
N VAL C 278 -25.37 -9.06 58.06
CA VAL C 278 -24.09 -8.55 58.55
C VAL C 278 -23.17 -9.66 59.06
N LYS C 279 -23.72 -10.55 59.86
CA LYS C 279 -22.95 -11.63 60.43
C LYS C 279 -22.31 -12.49 59.33
N HIS C 280 -23.13 -12.97 58.37
CA HIS C 280 -22.61 -13.89 57.36
C HIS C 280 -22.03 -13.20 56.12
N ALA C 281 -22.10 -11.85 56.04
CA ALA C 281 -21.52 -11.11 54.90
C ALA C 281 -20.20 -11.70 54.37
N THR C 282 -19.16 -11.72 55.19
CA THR C 282 -17.85 -12.05 54.64
C THR C 282 -17.85 -13.51 54.12
N SER C 283 -18.84 -14.27 54.56
CA SER C 283 -18.96 -15.71 54.32
C SER C 283 -19.67 -16.11 53.01
N PHE C 284 -20.63 -15.31 52.58
CA PHE C 284 -21.39 -15.59 51.36
C PHE C 284 -20.91 -14.78 50.14
N THR C 285 -19.92 -13.89 50.35
CA THR C 285 -19.27 -13.17 49.24
C THR C 285 -18.78 -14.07 48.11
N ALA C 286 -18.22 -15.23 48.44
CA ALA C 286 -17.77 -16.13 47.38
C ALA C 286 -18.97 -16.46 46.47
N VAL C 287 -20.16 -16.61 47.02
CA VAL C 287 -21.27 -17.02 46.16
C VAL C 287 -21.85 -15.80 45.46
N THR C 288 -21.92 -14.68 46.18
CA THR C 288 -22.51 -13.48 45.58
C THR C 288 -21.54 -12.79 44.59
N ASN C 289 -20.28 -13.19 44.62
CA ASN C 289 -19.25 -12.59 43.82
C ASN C 289 -18.30 -13.69 43.41
N PRO C 290 -18.74 -14.55 42.47
CA PRO C 290 -18.06 -15.81 42.16
C PRO C 290 -16.91 -15.78 41.13
N THR C 291 -16.56 -14.64 40.54
CA THR C 291 -15.47 -14.63 39.60
C THR C 291 -14.27 -13.90 40.16
N VAL C 292 -13.10 -14.22 39.63
CA VAL C 292 -11.90 -13.53 39.96
C VAL C 292 -12.11 -12.05 39.71
N ASN C 293 -12.72 -11.70 38.58
CA ASN C 293 -12.88 -10.28 38.28
C ASN C 293 -13.71 -9.54 39.37
N SER C 294 -14.60 -10.28 40.04
CA SER C 294 -15.55 -9.68 41.00
C SER C 294 -14.83 -8.84 42.06
N TYR C 295 -13.64 -9.29 42.41
CA TYR C 295 -12.90 -8.67 43.51
C TYR C 295 -12.18 -7.40 43.06
N LYS C 296 -12.21 -7.14 41.76
CA LYS C 296 -11.64 -5.91 41.25
C LYS C 296 -12.70 -4.81 41.31
N ARG C 297 -13.94 -5.18 41.61
CA ARG C 297 -14.99 -4.18 41.74
C ARG C 297 -15.05 -3.80 43.17
N LEU C 298 -14.67 -4.73 44.05
CA LEU C 298 -14.82 -4.51 45.50
C LEU C 298 -13.60 -3.74 46.02
N VAL C 299 -13.50 -2.49 45.61
CA VAL C 299 -12.44 -1.59 46.02
C VAL C 299 -13.08 -0.22 46.21
N PRO C 300 -12.64 0.52 47.23
CA PRO C 300 -13.28 1.79 47.59
C PRO C 300 -13.21 2.86 46.51
N GLY C 301 -14.23 3.74 46.46
CA GLY C 301 -14.25 4.89 45.57
C GLY C 301 -15.15 4.73 44.36
N TYR C 302 -15.73 3.55 44.17
CA TYR C 302 -16.54 3.28 43.01
C TYR C 302 -18.00 2.95 43.34
N GLU C 303 -18.49 3.41 44.49
CA GLU C 303 -19.88 3.12 44.94
C GLU C 303 -20.25 1.63 45.06
N ALA C 304 -19.24 0.78 45.29
CA ALA C 304 -19.37 -0.66 45.48
C ALA C 304 -18.98 -0.87 46.97
N PRO C 305 -19.57 -1.86 47.65
CA PRO C 305 -19.25 -2.17 49.06
C PRO C 305 -17.87 -2.77 49.17
N CYS C 306 -17.05 -2.30 50.09
CA CYS C 306 -15.89 -3.08 50.43
C CYS C 306 -15.74 -3.31 51.93
N TYR C 307 -16.68 -2.79 52.74
CA TYR C 307 -16.65 -2.90 54.20
C TYR C 307 -18.03 -3.28 54.73
N VAL C 308 -18.09 -4.22 55.66
CA VAL C 308 -19.35 -4.72 56.16
C VAL C 308 -19.91 -3.73 57.19
N ALA C 309 -21.04 -3.12 56.88
CA ALA C 309 -21.66 -2.16 57.77
C ALA C 309 -22.94 -1.78 57.12
N TRP C 310 -23.92 -1.31 57.83
CA TRP C 310 -25.14 -0.87 57.16
C TRP C 310 -25.41 0.62 57.42
N SER C 311 -26.28 1.23 56.64
CA SER C 311 -26.57 2.62 56.88
C SER C 311 -27.83 3.06 56.15
N ALA C 312 -28.44 4.15 56.53
CA ALA C 312 -29.59 4.64 55.76
C ALA C 312 -29.13 5.61 54.63
N GLN C 313 -29.63 5.38 53.41
CA GLN C 313 -29.43 6.31 52.31
C GLN C 313 -27.97 6.60 52.01
N ASN C 314 -27.14 5.58 52.18
CA ASN C 314 -25.71 5.76 52.15
C ASN C 314 -25.23 4.78 51.07
N ARG C 315 -24.44 5.26 50.12
CA ARG C 315 -24.08 4.42 48.98
C ARG C 315 -22.65 3.88 49.10
N SER C 316 -22.10 3.90 50.34
CA SER C 316 -20.72 3.38 50.65
C SER C 316 -20.61 2.04 51.49
N PRO C 317 -21.71 1.61 52.12
CA PRO C 317 -21.63 0.36 52.90
C PRO C 317 -22.08 -0.85 52.10
N LEU C 318 -22.18 -1.93 52.83
CA LEU C 318 -22.55 -3.21 52.30
C LEU C 318 -24.08 -3.30 52.20
N ILE C 319 -24.78 -2.55 53.06
CA ILE C 319 -26.24 -2.51 53.12
C ILE C 319 -26.66 -1.07 53.26
N ARG C 320 -27.39 -0.58 52.27
CA ARG C 320 -28.06 0.69 52.35
C ARG C 320 -29.50 0.33 52.66
N ILE C 321 -30.15 1.08 53.55
CA ILE C 321 -31.58 1.03 53.69
C ILE C 321 -32.07 2.28 53.01
N PRO C 322 -32.72 2.18 51.82
CA PRO C 322 -33.20 3.37 51.08
C PRO C 322 -34.24 4.13 51.89
N ALA C 323 -34.45 5.42 51.59
CA ALA C 323 -35.40 6.29 52.33
C ALA C 323 -36.88 5.89 52.17
N SER C 324 -37.19 5.01 51.22
CA SER C 324 -38.54 4.50 51.09
C SER C 324 -39.05 3.71 52.33
N ARG C 325 -40.35 3.86 52.62
CA ARG C 325 -40.96 3.13 53.72
C ARG C 325 -42.34 2.64 53.26
N GLY C 326 -43.12 2.07 54.18
CA GLY C 326 -44.38 1.45 53.83
C GLY C 326 -44.11 0.14 53.10
N ILE C 327 -44.90 -0.15 52.07
CA ILE C 327 -44.65 -1.38 51.33
C ILE C 327 -43.25 -1.46 50.63
N SER C 328 -42.51 -0.36 50.59
CA SER C 328 -41.24 -0.35 49.91
C SER C 328 -40.06 -0.35 50.86
N THR C 329 -40.30 -0.65 52.14
CA THR C 329 -39.21 -0.75 53.11
C THR C 329 -38.32 -1.93 52.70
N ARG C 330 -37.01 -1.76 52.56
CA ARG C 330 -36.20 -2.88 52.01
C ARG C 330 -34.76 -2.81 52.42
N VAL C 331 -34.13 -3.95 52.46
CA VAL C 331 -32.72 -3.97 52.75
C VAL C 331 -31.98 -4.15 51.44
N GLU C 332 -31.24 -3.14 51.00
CA GLU C 332 -30.49 -3.30 49.77
C GLU C 332 -29.06 -3.78 50.01
N VAL C 333 -28.77 -5.01 49.53
CA VAL C 333 -27.40 -5.59 49.65
C VAL C 333 -26.57 -5.27 48.40
N ARG C 334 -25.59 -4.39 48.50
CA ARG C 334 -24.98 -3.84 47.29
C ARG C 334 -23.74 -4.60 46.89
N SER C 335 -23.47 -5.75 47.51
CA SER C 335 -22.28 -6.48 47.11
C SER C 335 -22.47 -7.41 45.93
N VAL C 336 -23.67 -7.93 45.76
CA VAL C 336 -23.90 -8.94 44.75
C VAL C 336 -23.49 -8.41 43.37
N ASP C 337 -22.77 -9.17 42.57
CA ASP C 337 -22.60 -8.67 41.20
C ASP C 337 -23.38 -9.51 40.17
N PRO C 338 -23.59 -8.92 38.98
CA PRO C 338 -24.33 -9.63 37.94
C PRO C 338 -23.61 -10.89 37.43
N ALA C 339 -22.38 -11.24 37.82
CA ALA C 339 -21.90 -12.59 37.50
C ALA C 339 -22.44 -13.67 38.45
N ALA C 340 -23.16 -13.30 39.51
CA ALA C 340 -23.57 -14.29 40.51
C ALA C 340 -24.66 -15.17 39.93
N ASN C 341 -24.72 -16.43 40.32
CA ASN C 341 -25.85 -17.25 39.96
C ASN C 341 -27.06 -16.76 40.75
N PRO C 342 -27.99 -16.01 40.14
CA PRO C 342 -29.03 -15.46 41.03
C PRO C 342 -29.68 -16.48 42.00
N TYR C 343 -30.04 -17.71 41.58
CA TYR C 343 -30.64 -18.73 42.44
C TYR C 343 -29.82 -19.02 43.75
N LEU C 344 -28.48 -19.06 43.62
CA LEU C 344 -27.61 -19.35 44.71
C LEU C 344 -27.31 -18.08 45.50
N ALA C 345 -27.23 -16.93 44.89
CA ALA C 345 -27.08 -15.69 45.71
C ALA C 345 -28.25 -15.46 46.67
N LEU C 346 -29.48 -15.78 46.26
CA LEU C 346 -30.67 -15.62 47.10
C LEU C 346 -30.74 -16.68 48.15
N SER C 347 -30.17 -17.83 47.86
CA SER C 347 -30.25 -18.95 48.78
C SER C 347 -29.43 -18.57 50.00
N VAL C 348 -28.29 -17.98 49.76
CA VAL C 348 -27.33 -17.68 50.79
C VAL C 348 -27.71 -16.36 51.52
N LEU C 349 -28.40 -15.47 50.84
CA LEU C 349 -28.81 -14.25 51.47
C LEU C 349 -30.08 -14.53 52.26
N LEU C 350 -30.97 -15.39 51.77
CA LEU C 350 -32.13 -15.77 52.54
C LEU C 350 -31.74 -16.48 53.88
N ALA C 351 -30.68 -17.29 53.84
CA ALA C 351 -30.32 -18.16 54.94
C ALA C 351 -29.68 -17.29 55.99
N ALA C 352 -28.89 -16.33 55.53
CA ALA C 352 -28.25 -15.40 56.42
C ALA C 352 -29.32 -14.60 57.18
N GLY C 353 -30.23 -13.97 56.45
CA GLY C 353 -31.24 -13.15 57.09
C GLY C 353 -32.26 -13.93 57.91
N LEU C 354 -32.48 -15.21 57.59
CA LEU C 354 -33.36 -16.08 58.38
C LEU C 354 -32.65 -16.52 59.65
N ASP C 355 -31.33 -16.54 59.63
CA ASP C 355 -30.56 -16.86 60.82
C ASP C 355 -30.71 -15.78 61.87
N GLY C 356 -30.58 -14.52 61.42
CA GLY C 356 -30.66 -13.35 62.30
C GLY C 356 -32.03 -13.28 62.95
N ILE C 357 -33.08 -13.55 62.17
CA ILE C 357 -34.43 -13.47 62.66
C ILE C 357 -34.72 -14.58 63.68
N LYS C 358 -34.51 -15.83 63.30
CA LYS C 358 -34.93 -16.91 64.15
C LYS C 358 -34.14 -16.90 65.45
N ASN C 359 -32.96 -16.29 65.49
CA ASN C 359 -32.21 -16.16 66.75
C ASN C 359 -32.18 -14.75 67.29
N LYS C 360 -33.26 -14.01 67.13
CA LYS C 360 -33.23 -12.57 67.36
C LYS C 360 -31.87 -11.87 67.55
N LEU C 361 -30.98 -11.88 66.55
CA LEU C 361 -29.67 -11.21 66.65
C LEU C 361 -29.80 -9.70 66.69
N GLU C 362 -28.86 -9.07 67.36
CA GLU C 362 -28.93 -7.64 67.50
C GLU C 362 -28.12 -6.99 66.37
N ALA C 363 -28.73 -6.00 65.70
CA ALA C 363 -28.07 -5.29 64.60
C ALA C 363 -27.05 -4.35 65.16
N PRO C 364 -26.00 -4.11 64.42
CA PRO C 364 -25.00 -3.21 64.96
C PRO C 364 -25.40 -1.74 64.84
N ALA C 365 -24.64 -0.88 65.47
CA ALA C 365 -24.83 0.54 65.22
C ALA C 365 -24.57 0.81 63.72
N PRO C 366 -25.49 1.51 63.02
CA PRO C 366 -25.27 1.87 61.63
C PRO C 366 -24.12 2.81 61.56
N ILE C 367 -23.36 2.76 60.48
CA ILE C 367 -22.30 3.72 60.30
C ILE C 367 -22.81 4.78 59.33
N ASP C 368 -23.08 5.96 59.85
CA ASP C 368 -23.55 7.04 59.01
C ASP C 368 -22.39 7.91 58.54
N ARG C 369 -21.57 7.32 57.71
CA ARG C 369 -20.34 7.95 57.29
C ARG C 369 -19.96 7.50 55.90
N ASN C 370 -19.01 8.21 55.29
CA ASN C 370 -18.35 7.71 54.08
C ASN C 370 -17.20 6.75 54.57
N ILE C 371 -17.61 5.53 54.87
CA ILE C 371 -16.69 4.45 55.21
C ILE C 371 -15.38 4.39 54.39
N TYR C 372 -15.42 4.65 53.07
CA TYR C 372 -14.21 4.74 52.23
C TYR C 372 -13.17 5.71 52.74
N VAL C 373 -13.56 6.84 53.29
CA VAL C 373 -12.55 7.77 53.76
C VAL C 373 -12.16 7.58 55.22
N MET C 374 -12.95 6.86 56.01
CA MET C 374 -12.55 6.64 57.38
C MET C 374 -11.38 5.69 57.50
N SER C 375 -10.40 6.15 58.27
CA SER C 375 -9.13 5.46 58.44
C SER C 375 -9.21 3.99 58.92
N LYS C 376 -8.16 3.22 58.60
CA LYS C 376 -8.00 1.90 59.21
C LYS C 376 -8.42 1.90 60.68
N GLU C 377 -7.66 2.60 61.52
CA GLU C 377 -7.80 2.48 62.97
C GLU C 377 -9.26 2.74 63.39
N GLU C 378 -9.78 3.83 62.85
CA GLU C 378 -11.14 4.22 63.08
C GLU C 378 -12.21 3.18 62.70
N ARG C 379 -12.06 2.46 61.59
CA ARG C 379 -13.08 1.46 61.33
C ARG C 379 -12.92 0.19 62.16
N MET C 380 -11.72 -0.13 62.63
CA MET C 380 -11.65 -1.31 63.49
C MET C 380 -12.22 -0.96 64.86
N GLU C 381 -12.10 0.30 65.27
CA GLU C 381 -12.79 0.80 66.48
C GLU C 381 -14.31 0.70 66.47
N ASN C 382 -14.89 0.73 65.28
CA ASN C 382 -16.30 0.53 65.12
C ASN C 382 -16.64 -0.91 64.75
N GLY C 383 -15.65 -1.78 64.75
CA GLY C 383 -15.89 -3.16 64.40
C GLY C 383 -16.19 -3.34 62.92
N ILE C 384 -15.76 -2.40 62.10
CA ILE C 384 -16.02 -2.49 60.68
C ILE C 384 -15.09 -3.56 60.11
N VAL C 385 -15.67 -4.57 59.46
CA VAL C 385 -14.90 -5.67 58.91
C VAL C 385 -14.78 -5.53 57.40
N ASP C 386 -13.59 -5.78 56.85
CA ASP C 386 -13.34 -5.75 55.42
C ASP C 386 -13.94 -6.98 54.70
N LEU C 387 -14.49 -6.87 53.49
CA LEU C 387 -14.91 -8.06 52.73
C LEU C 387 -13.74 -8.84 52.19
N PRO C 388 -13.96 -10.06 51.74
CA PRO C 388 -12.77 -10.79 51.28
C PRO C 388 -12.10 -10.10 50.10
N ALA C 389 -10.78 -10.18 49.97
CA ALA C 389 -10.11 -9.33 49.00
C ALA C 389 -9.81 -10.06 47.70
N THR C 390 -9.98 -11.39 47.69
CA THR C 390 -9.88 -12.11 46.43
C THR C 390 -10.83 -13.27 46.51
N LEU C 391 -11.07 -13.89 45.35
CA LEU C 391 -11.96 -15.01 45.26
C LEU C 391 -11.37 -16.15 46.11
N ALA C 392 -10.08 -16.34 46.11
CA ALA C 392 -9.53 -17.39 46.99
C ALA C 392 -9.77 -17.02 48.45
N GLU C 393 -9.60 -15.76 48.80
CA GLU C 393 -9.84 -15.34 50.20
C GLU C 393 -11.30 -15.60 50.56
N ALA C 394 -12.23 -15.30 49.63
CA ALA C 394 -13.69 -15.48 49.83
C ALA C 394 -14.14 -16.94 49.96
N LEU C 395 -13.52 -17.84 49.18
CA LEU C 395 -13.78 -19.28 49.21
C LEU C 395 -13.43 -19.87 50.58
N GLU C 396 -12.26 -19.51 51.08
CA GLU C 396 -11.90 -19.88 52.46
C GLU C 396 -12.92 -19.40 53.53
N GLU C 397 -13.46 -18.16 53.47
CA GLU C 397 -14.48 -17.76 54.46
C GLU C 397 -15.72 -18.56 54.30
N PHE C 398 -16.08 -18.84 53.03
CA PHE C 398 -17.29 -19.58 52.72
C PHE C 398 -17.18 -21.01 53.32
N LYS C 399 -16.04 -21.67 53.13
CA LYS C 399 -15.93 -23.03 53.60
C LYS C 399 -16.15 -23.03 55.11
N SER C 400 -15.68 -21.98 55.79
CA SER C 400 -15.73 -21.99 57.25
C SER C 400 -17.08 -21.78 57.86
N ASN C 401 -18.13 -21.71 57.08
CA ASN C 401 -19.38 -21.27 57.66
C ASN C 401 -20.47 -22.28 57.41
N GLU C 402 -20.95 -22.87 58.49
CA GLU C 402 -21.87 -23.99 58.36
C GLU C 402 -23.22 -23.58 57.83
N VAL C 403 -23.74 -22.43 58.26
CA VAL C 403 -25.10 -22.09 57.84
C VAL C 403 -25.16 -21.74 56.31
N MET C 404 -24.11 -21.10 55.79
CA MET C 404 -23.94 -20.84 54.34
C MET C 404 -23.65 -22.09 53.50
N VAL C 405 -22.79 -22.96 54.00
CA VAL C 405 -22.57 -24.23 53.39
C VAL C 405 -23.87 -25.02 53.37
N LYS C 406 -24.63 -24.97 54.45
CA LYS C 406 -25.85 -25.75 54.39
C LYS C 406 -26.78 -25.13 53.39
N ALA C 407 -26.69 -23.79 53.25
CA ALA C 407 -27.54 -23.03 52.31
C ALA C 407 -27.39 -23.56 50.84
N LEU C 408 -26.20 -23.94 50.40
CA LEU C 408 -26.01 -24.57 49.11
C LEU C 408 -26.34 -26.08 49.10
N GLY C 409 -25.96 -26.86 50.12
CA GLY C 409 -26.16 -28.30 50.07
C GLY C 409 -24.91 -28.99 49.55
N GLU C 410 -24.78 -30.28 49.73
CA GLU C 410 -23.51 -30.97 49.43
C GLU C 410 -23.06 -30.86 47.96
N HIS C 411 -23.98 -31.15 47.05
CA HIS C 411 -23.67 -31.26 45.64
C HIS C 411 -23.25 -29.91 45.12
N LEU C 412 -24.04 -28.88 45.43
CA LEU C 412 -23.78 -27.53 44.97
C LEU C 412 -22.48 -27.06 45.54
N PHE C 413 -22.34 -27.24 46.85
CA PHE C 413 -21.16 -26.74 47.53
C PHE C 413 -19.91 -27.45 47.02
N GLU C 414 -19.95 -28.77 46.84
CA GLU C 414 -18.76 -29.49 46.40
C GLU C 414 -18.42 -28.98 44.97
N HIS C 415 -19.42 -28.84 44.10
CA HIS C 415 -19.12 -28.51 42.72
C HIS C 415 -18.72 -27.05 42.56
N PHE C 416 -19.40 -26.21 43.33
CA PHE C 416 -19.10 -24.80 43.26
C PHE C 416 -17.63 -24.55 43.64
N ILE C 417 -17.13 -25.24 44.65
CA ILE C 417 -15.81 -24.94 45.18
C ILE C 417 -14.74 -25.45 44.32
N GLU C 418 -14.96 -26.63 43.77
CA GLU C 418 -14.06 -27.23 42.81
C GLU C 418 -13.90 -26.34 41.53
N ALA C 419 -15.03 -25.95 40.92
CA ALA C 419 -15.00 -25.06 39.74
C ALA C 419 -14.27 -23.75 40.04
N LYS C 420 -14.58 -23.07 41.18
CA LYS C 420 -13.87 -21.84 41.57
C LYS C 420 -12.39 -22.07 41.92
N GLU C 421 -12.04 -23.25 42.36
CA GLU C 421 -10.63 -23.48 42.67
C GLU C 421 -9.85 -23.63 41.38
N ILE C 422 -10.49 -24.21 40.39
CA ILE C 422 -9.81 -24.40 39.11
C ILE C 422 -9.54 -23.02 38.51
N GLU C 423 -10.58 -22.20 38.52
CA GLU C 423 -10.57 -20.88 37.95
C GLU C 423 -9.46 -20.05 38.61
N TRP C 424 -9.50 -19.95 39.95
CA TRP C 424 -8.49 -19.20 40.70
C TRP C 424 -7.09 -19.68 40.37
N ASP C 425 -6.91 -20.98 40.40
CA ASP C 425 -5.63 -21.50 40.03
C ASP C 425 -5.16 -21.08 38.60
N MET C 426 -6.06 -21.12 37.60
CA MET C 426 -5.62 -20.76 36.27
C MET C 426 -5.12 -19.35 36.35
N PHE C 427 -5.97 -18.47 36.92
CA PHE C 427 -5.65 -17.06 37.00
C PHE C 427 -4.29 -16.84 37.67
N ARG C 428 -4.01 -17.55 38.75
CA ARG C 428 -2.90 -17.20 39.64
C ARG C 428 -1.56 -17.60 38.99
N THR C 429 -1.63 -18.57 38.08
CA THR C 429 -0.44 -19.07 37.39
C THR C 429 -0.15 -18.39 36.03
N GLN C 430 -1.13 -17.68 35.49
CA GLN C 430 -0.97 -16.87 34.28
C GLN C 430 0.03 -15.77 34.52
N VAL C 431 0.84 -15.47 33.54
CA VAL C 431 1.70 -14.29 33.61
C VAL C 431 1.07 -13.10 32.83
N HIS C 432 0.67 -12.04 33.52
CA HIS C 432 -0.12 -11.04 32.82
C HIS C 432 0.79 -10.00 32.12
N PRO C 433 0.30 -9.40 31.02
CA PRO C 433 1.18 -8.37 30.42
C PRO C 433 1.65 -7.35 31.45
N TRP C 434 0.82 -7.02 32.43
CA TRP C 434 1.19 -6.08 33.49
C TRP C 434 2.58 -6.43 34.05
N GLU C 435 2.79 -7.71 34.29
CA GLU C 435 3.99 -8.16 34.97
C GLU C 435 5.18 -7.89 34.08
N ARG C 436 4.95 -8.03 32.81
CA ARG C 436 6.04 -7.84 31.85
C ARG C 436 6.41 -6.34 31.75
N GLU C 437 5.40 -5.47 31.72
CA GLU C 437 5.62 -4.03 31.76
C GLU C 437 6.33 -3.58 32.99
N GLN C 438 6.09 -4.24 34.10
CA GLN C 438 6.66 -3.85 35.38
C GLN C 438 8.06 -4.39 35.61
N TYR C 439 8.36 -5.57 35.07
CA TYR C 439 9.59 -6.26 35.48
C TYR C 439 10.54 -6.58 34.34
N MET C 440 10.07 -6.60 33.10
CA MET C 440 10.91 -7.07 31.99
C MET C 440 12.07 -6.15 31.69
N SER C 441 11.91 -4.87 31.93
CA SER C 441 13.04 -3.96 31.73
C SER C 441 13.64 -3.55 33.03
N GLN C 442 12.93 -3.73 34.12
CA GLN C 442 13.41 -3.28 35.40
C GLN C 442 14.32 -4.32 35.99
N TYR C 443 14.09 -5.58 35.64
CA TYR C 443 14.90 -6.72 36.09
C TYR C 443 15.47 -7.47 34.90
N ALA D 1 -50.88 26.23 37.23
CA ALA D 1 -51.03 27.28 36.23
C ALA D 1 -51.34 26.65 34.86
N LYS D 2 -50.53 26.91 33.84
CA LYS D 2 -50.58 26.13 32.61
C LYS D 2 -51.33 24.81 32.81
N TYR D 3 -50.70 23.78 33.41
CA TYR D 3 -51.35 22.47 33.56
C TYR D 3 -51.57 22.02 35.00
N THR D 4 -52.71 21.36 35.21
CA THR D 4 -52.98 20.64 36.45
C THR D 4 -52.65 19.13 36.35
N ARG D 5 -52.57 18.45 37.48
CA ARG D 5 -52.30 17.01 37.43
C ARG D 5 -53.26 16.32 36.45
N GLU D 6 -54.54 16.64 36.53
CA GLU D 6 -55.50 15.98 35.70
C GLU D 6 -55.32 16.30 34.20
N ASP D 7 -54.98 17.55 33.87
CA ASP D 7 -54.60 17.94 32.50
C ASP D 7 -53.52 17.03 31.94
N ILE D 8 -52.44 16.91 32.71
CA ILE D 8 -51.35 16.05 32.32
C ILE D 8 -51.82 14.66 32.07
N GLU D 9 -52.71 14.15 32.94
CA GLU D 9 -53.09 12.73 32.83
C GLU D 9 -53.83 12.50 31.55
N LYS D 10 -54.64 13.48 31.18
CA LYS D 10 -55.41 13.42 29.96
C LYS D 10 -54.55 13.65 28.69
N LEU D 11 -53.63 14.61 28.74
CA LEU D 11 -52.71 14.88 27.64
C LEU D 11 -51.96 13.63 27.24
N VAL D 12 -51.35 13.00 28.26
CA VAL D 12 -50.60 11.76 28.12
C VAL D 12 -51.36 10.71 27.33
N LYS D 13 -52.65 10.53 27.62
CA LYS D 13 -53.51 9.65 26.82
C LYS D 13 -53.66 10.11 25.36
N GLU D 14 -54.27 11.26 25.11
CA GLU D 14 -54.52 11.69 23.74
C GLU D 14 -53.26 11.67 22.84
N GLU D 15 -52.09 11.83 23.45
CA GLU D 15 -50.88 11.93 22.63
C GLU D 15 -50.20 10.56 22.50
N ASN D 16 -50.62 9.61 23.34
CA ASN D 16 -50.03 8.28 23.36
C ASN D 16 -48.58 8.34 23.70
N VAL D 17 -48.31 9.09 24.75
CA VAL D 17 -47.00 9.09 25.33
C VAL D 17 -46.74 7.71 25.95
N LYS D 18 -45.57 7.17 25.65
CA LYS D 18 -45.21 5.84 26.09
C LYS D 18 -44.17 5.90 27.20
N TYR D 19 -43.36 6.94 27.19
CA TYR D 19 -42.34 7.08 28.22
C TYR D 19 -42.24 8.50 28.75
N ILE D 20 -41.91 8.69 30.02
CA ILE D 20 -41.73 10.04 30.57
C ILE D 20 -40.25 10.25 30.87
N ARG D 21 -39.64 11.36 30.45
CA ARG D 21 -38.27 11.66 30.89
C ARG D 21 -38.32 12.68 32.02
N LEU D 22 -37.77 12.35 33.19
CA LEU D 22 -37.67 13.35 34.28
C LEU D 22 -36.31 14.02 34.13
N GLN D 23 -36.29 15.30 33.84
CA GLN D 23 -35.00 15.96 33.63
C GLN D 23 -34.70 17.02 34.66
N PHE D 24 -33.43 17.24 34.92
CA PHE D 24 -33.02 18.37 35.74
C PHE D 24 -31.58 18.85 35.36
N THR D 25 -31.09 19.88 36.03
CA THR D 25 -29.80 20.44 35.70
C THR D 25 -28.85 20.40 36.85
N ASP D 26 -27.59 20.08 36.60
CA ASP D 26 -26.61 19.93 37.65
C ASP D 26 -25.94 21.26 37.84
N ILE D 27 -24.85 21.34 38.59
CA ILE D 27 -24.32 22.67 38.93
C ILE D 27 -23.59 23.26 37.70
N LEU D 28 -23.04 22.40 36.85
CA LEU D 28 -22.35 22.87 35.65
C LEU D 28 -23.33 23.32 34.53
N GLY D 29 -24.62 23.06 34.72
CA GLY D 29 -25.62 23.42 33.73
C GLY D 29 -25.96 22.28 32.78
N THR D 30 -25.46 21.09 33.06
CA THR D 30 -25.67 20.03 32.13
C THR D 30 -26.94 19.25 32.45
N ILE D 31 -27.82 19.16 31.45
CA ILE D 31 -29.10 18.54 31.66
C ILE D 31 -28.90 17.06 31.98
N LYS D 32 -29.76 16.51 32.86
CA LYS D 32 -29.68 15.12 33.30
C LYS D 32 -31.07 14.51 33.28
N ASN D 33 -31.16 13.23 33.02
CA ASN D 33 -32.48 12.65 33.02
C ASN D 33 -32.54 11.15 33.23
N VAL D 34 -33.71 10.72 33.63
CA VAL D 34 -34.00 9.28 33.77
C VAL D 34 -35.28 9.00 33.00
N GLU D 35 -35.40 7.78 32.46
CA GLU D 35 -36.59 7.47 31.66
C GLU D 35 -37.40 6.44 32.36
N ILE D 36 -38.71 6.67 32.47
CA ILE D 36 -39.61 5.68 33.10
C ILE D 36 -40.83 5.40 32.20
N PRO D 37 -41.38 4.20 32.25
CA PRO D 37 -42.54 3.98 31.38
C PRO D 37 -43.76 4.77 31.80
N VAL D 38 -44.72 5.02 30.91
CA VAL D 38 -45.87 5.87 31.25
C VAL D 38 -46.70 5.30 32.41
N SER D 39 -46.65 3.98 32.61
CA SER D 39 -47.32 3.34 33.75
C SER D 39 -46.79 3.82 35.12
N GLN D 40 -45.56 4.31 35.16
CA GLN D 40 -45.02 4.93 36.37
C GLN D 40 -45.44 6.41 36.52
N LEU D 41 -46.28 6.93 35.62
CA LEU D 41 -46.70 8.35 35.72
C LEU D 41 -47.19 8.78 37.14
N GLY D 42 -48.10 8.00 37.73
CA GLY D 42 -48.58 8.27 39.06
C GLY D 42 -47.47 8.33 40.13
N LYS D 43 -46.48 7.46 40.01
CA LYS D 43 -45.34 7.50 40.93
C LYS D 43 -44.56 8.82 40.79
N ALA D 44 -44.33 9.28 39.57
CA ALA D 44 -43.58 10.51 39.37
C ALA D 44 -44.42 11.71 39.85
N LEU D 45 -45.74 11.67 39.65
CA LEU D 45 -46.57 12.81 39.96
C LEU D 45 -46.72 12.92 41.43
N ASP D 46 -46.40 11.83 42.14
CA ASP D 46 -46.46 11.78 43.59
C ASP D 46 -45.14 12.23 44.26
N ASN D 47 -44.19 12.72 43.45
CA ASN D 47 -42.88 13.04 43.98
C ASN D 47 -42.21 11.83 44.71
N LYS D 48 -42.13 10.69 44.01
CA LYS D 48 -41.71 9.42 44.56
C LYS D 48 -40.53 8.85 43.76
N VAL D 49 -40.13 9.51 42.68
CA VAL D 49 -39.08 8.92 41.88
C VAL D 49 -37.78 9.44 42.47
N MET D 50 -36.84 8.54 42.77
CA MET D 50 -35.63 8.95 43.47
C MET D 50 -34.40 8.93 42.59
N PHE D 51 -33.29 9.50 43.08
CA PHE D 51 -32.00 9.28 42.42
C PHE D 51 -30.77 9.45 43.32
N ASP D 52 -29.66 8.89 42.88
CA ASP D 52 -28.39 9.09 43.50
C ASP D 52 -27.81 10.54 43.31
N GLY D 53 -28.09 11.34 44.33
CA GLY D 53 -27.56 12.67 44.45
C GLY D 53 -26.06 12.78 44.54
N SER D 54 -25.35 11.72 44.87
CA SER D 54 -23.90 11.83 44.93
C SER D 54 -23.29 11.65 43.55
N SER D 55 -24.07 11.17 42.59
CA SER D 55 -23.55 10.95 41.26
C SER D 55 -23.79 12.12 40.29
N ILE D 56 -24.03 13.30 40.85
CA ILE D 56 -24.34 14.49 40.07
C ILE D 56 -23.53 15.66 40.62
N GLU D 57 -22.82 16.32 39.75
CA GLU D 57 -21.93 17.35 40.16
C GLU D 57 -22.67 18.40 40.96
N GLY D 58 -22.13 18.70 42.15
CA GLY D 58 -22.58 19.82 42.97
C GLY D 58 -23.77 19.55 43.90
N PHE D 59 -24.13 18.29 44.05
CA PHE D 59 -25.30 17.91 44.82
C PHE D 59 -24.93 17.38 46.21
N VAL D 60 -25.44 16.24 46.60
CA VAL D 60 -25.16 15.76 47.96
C VAL D 60 -23.99 14.77 48.02
N ARG D 61 -23.59 14.39 49.22
CA ARG D 61 -22.50 13.46 49.41
C ARG D 61 -23.07 12.05 49.46
N ILE D 62 -22.15 11.09 49.33
CA ILE D 62 -22.52 9.70 49.22
C ILE D 62 -23.17 9.14 50.49
N GLU D 63 -22.79 9.65 51.67
CA GLU D 63 -23.40 9.23 52.98
C GLU D 63 -24.87 9.52 53.08
N GLU D 64 -25.32 10.50 52.30
CA GLU D 64 -26.70 10.89 52.34
C GLU D 64 -27.14 11.22 50.95
N SER D 65 -27.09 10.19 50.09
CA SER D 65 -27.19 10.36 48.66
C SER D 65 -28.60 10.27 48.11
N ASP D 66 -29.52 9.58 48.79
CA ASP D 66 -30.91 9.50 48.32
C ASP D 66 -31.46 10.90 48.23
N MET D 67 -32.29 11.12 47.22
CA MET D 67 -32.75 12.44 46.80
C MET D 67 -33.96 12.22 45.97
N TYR D 68 -34.93 13.12 46.09
CA TYR D 68 -36.18 13.01 45.33
C TYR D 68 -36.41 14.04 44.24
N LEU D 69 -37.23 13.62 43.26
CA LEU D 69 -37.58 14.42 42.10
C LEU D 69 -39.06 14.88 42.16
N TYR D 70 -39.27 16.18 42.01
CA TYR D 70 -40.60 16.78 42.02
C TYR D 70 -40.91 17.49 40.68
N PRO D 71 -41.51 16.75 39.73
CA PRO D 71 -41.78 17.29 38.40
C PRO D 71 -42.65 18.54 38.48
N ASP D 72 -42.26 19.57 37.72
CA ASP D 72 -43.05 20.75 37.47
C ASP D 72 -44.05 20.46 36.35
N LEU D 73 -45.34 20.32 36.66
CA LEU D 73 -46.34 19.99 35.63
C LEU D 73 -46.38 20.96 34.45
N ASN D 74 -46.05 22.21 34.67
CA ASN D 74 -46.07 23.19 33.62
C ASN D 74 -44.99 23.00 32.56
N THR D 75 -44.03 22.13 32.80
CA THR D 75 -42.96 21.96 31.85
C THR D 75 -43.15 20.75 30.92
N PHE D 76 -44.36 20.21 30.87
CA PHE D 76 -44.67 19.07 30.00
C PHE D 76 -44.45 19.32 28.50
N VAL D 77 -43.55 18.56 27.88
CA VAL D 77 -43.28 18.70 26.44
C VAL D 77 -42.97 17.32 25.82
N ILE D 78 -43.55 17.03 24.66
CA ILE D 78 -43.27 15.80 23.89
C ILE D 78 -42.07 15.94 22.93
N PHE D 79 -41.19 14.97 22.86
CA PHE D 79 -40.03 15.04 21.94
C PHE D 79 -40.37 14.42 20.57
N PRO D 80 -40.54 15.27 19.54
CA PRO D 80 -41.05 14.72 18.26
C PRO D 80 -40.19 13.58 17.69
N TRP D 81 -38.86 13.70 17.74
CA TRP D 81 -37.93 12.68 17.20
C TRP D 81 -38.01 11.28 17.87
N THR D 82 -38.92 11.08 18.82
CA THR D 82 -39.01 9.79 19.49
C THR D 82 -40.35 9.08 19.23
N ALA D 83 -41.30 9.75 18.60
CA ALA D 83 -42.65 9.20 18.49
C ALA D 83 -42.63 7.89 17.73
N GLU D 84 -41.81 7.85 16.70
CA GLU D 84 -41.76 6.69 15.84
C GLU D 84 -41.57 5.32 16.51
N LYS D 85 -40.90 5.26 17.66
CA LYS D 85 -40.61 3.96 18.29
C LYS D 85 -41.06 3.87 19.77
N GLY D 86 -41.39 5.02 20.39
CA GLY D 86 -41.78 5.11 21.79
C GLY D 86 -41.90 6.54 22.23
N LYS D 87 -43.03 7.17 21.93
CA LYS D 87 -43.23 8.60 22.19
C LYS D 87 -42.91 9.00 23.64
N VAL D 88 -42.05 9.98 23.79
CA VAL D 88 -41.57 10.49 25.09
C VAL D 88 -42.05 11.89 25.42
N ALA D 89 -42.47 12.10 26.66
CA ALA D 89 -42.72 13.43 27.23
C ALA D 89 -41.73 13.67 28.40
N ARG D 90 -41.23 14.86 28.53
CA ARG D 90 -40.30 15.18 29.58
C ARG D 90 -41.05 16.06 30.62
N PHE D 91 -40.50 16.16 31.83
CA PHE D 91 -40.93 17.06 32.91
C PHE D 91 -39.66 17.59 33.43
N ILE D 92 -39.55 18.89 33.71
CA ILE D 92 -38.37 19.35 34.41
C ILE D 92 -38.68 19.35 35.87
N CYS D 93 -37.73 18.92 36.69
CA CYS D 93 -38.03 18.71 38.11
C CYS D 93 -37.21 19.55 39.05
N ASP D 94 -37.80 19.76 40.23
CA ASP D 94 -37.11 20.41 41.34
C ASP D 94 -36.53 19.30 42.21
N ILE D 95 -35.48 19.59 42.96
CA ILE D 95 -34.83 18.58 43.72
C ILE D 95 -35.26 18.72 45.17
N TYR D 96 -35.62 17.61 45.79
CA TYR D 96 -36.08 17.62 47.16
C TYR D 96 -35.26 16.65 48.02
N ASN D 97 -34.95 17.03 49.28
CA ASN D 97 -34.37 16.04 50.22
C ASN D 97 -35.33 14.93 50.66
N PRO D 98 -34.78 13.79 51.03
CA PRO D 98 -35.76 12.82 51.53
C PRO D 98 -36.68 13.27 52.67
N ASP D 99 -36.48 14.41 53.31
CA ASP D 99 -37.42 14.82 54.36
C ASP D 99 -38.59 15.69 53.92
N GLY D 100 -38.66 16.05 52.65
CA GLY D 100 -39.78 16.83 52.19
C GLY D 100 -39.43 18.29 51.94
N THR D 101 -38.26 18.69 52.43
CA THR D 101 -37.78 20.05 52.20
C THR D 101 -36.98 20.11 50.92
N PRO D 102 -37.17 21.19 50.15
CA PRO D 102 -36.46 21.49 48.90
C PRO D 102 -34.96 21.51 49.07
N PHE D 103 -34.21 21.12 48.04
CA PHE D 103 -32.75 20.97 48.15
C PHE D 103 -32.17 22.29 47.88
N GLU D 104 -31.37 22.80 48.79
CA GLU D 104 -30.78 24.13 48.68
C GLU D 104 -29.70 24.29 47.63
N GLY D 105 -29.17 23.21 47.04
CA GLY D 105 -28.25 23.32 45.94
C GLY D 105 -28.87 23.11 44.56
N ASP D 106 -30.19 23.14 44.46
CA ASP D 106 -30.86 23.00 43.19
C ASP D 106 -30.79 24.36 42.50
N PRO D 107 -30.09 24.45 41.32
CA PRO D 107 -29.97 25.74 40.67
C PRO D 107 -31.33 26.29 40.27
N ARG D 108 -32.25 25.46 39.81
CA ARG D 108 -33.56 26.02 39.36
C ARG D 108 -34.34 26.60 40.52
N ASN D 109 -34.36 25.84 41.62
CA ASN D 109 -34.92 26.37 42.89
C ASN D 109 -34.24 27.69 43.41
N ASN D 110 -32.93 27.74 43.50
CA ASN D 110 -32.32 29.02 43.83
C ASN D 110 -32.77 30.24 42.97
N LEU D 111 -33.07 30.01 41.70
CA LEU D 111 -33.45 31.10 40.82
C LEU D 111 -34.84 31.58 41.28
N LYS D 112 -35.63 30.69 41.89
CA LYS D 112 -37.00 31.00 42.28
C LYS D 112 -37.03 31.90 43.48
N ARG D 113 -35.96 31.75 44.26
CA ARG D 113 -35.72 32.54 45.45
C ARG D 113 -35.41 33.99 45.09
N ILE D 114 -34.40 34.20 44.24
CA ILE D 114 -34.12 35.56 43.76
C ILE D 114 -35.39 36.16 43.09
N LEU D 115 -36.15 35.38 42.34
CA LEU D 115 -37.45 35.86 41.88
C LEU D 115 -38.47 36.32 42.97
N LYS D 116 -38.35 35.83 44.21
CA LYS D 116 -39.25 36.24 45.30
C LYS D 116 -38.84 37.59 45.85
N GLU D 117 -37.55 37.86 45.83
CA GLU D 117 -36.99 39.15 46.14
C GLU D 117 -37.37 40.18 45.10
N MET D 118 -37.56 39.71 43.88
CA MET D 118 -38.06 40.59 42.86
C MET D 118 -39.54 40.95 43.21
N GLU D 119 -40.35 39.96 43.55
CA GLU D 119 -41.74 40.24 43.86
C GLU D 119 -41.87 41.20 44.99
N ASP D 120 -41.02 41.12 45.99
CA ASP D 120 -41.35 41.94 47.16
C ASP D 120 -40.90 43.36 46.92
N LEU D 121 -40.11 43.58 45.87
CA LEU D 121 -39.83 44.92 45.36
C LEU D 121 -40.87 45.42 44.35
N GLY D 122 -41.99 44.74 44.16
CA GLY D 122 -42.99 45.32 43.28
C GLY D 122 -43.08 44.84 41.84
N PHE D 123 -42.06 44.16 41.34
CA PHE D 123 -42.15 43.58 39.99
C PHE D 123 -42.81 42.22 39.88
N SER D 124 -43.46 42.01 38.76
CA SER D 124 -44.19 40.78 38.56
C SER D 124 -43.55 39.87 37.46
N ASP D 125 -42.56 40.35 36.73
CA ASP D 125 -41.95 39.50 35.73
C ASP D 125 -40.54 39.89 35.46
N PHE D 126 -39.69 38.90 35.41
CA PHE D 126 -38.34 39.09 34.94
C PHE D 126 -38.19 38.26 33.64
N ASN D 127 -38.23 38.92 32.49
CA ASN D 127 -38.10 38.23 31.22
C ASN D 127 -36.71 38.20 30.67
N LEU D 128 -36.38 37.07 30.04
CA LEU D 128 -35.08 36.79 29.43
C LEU D 128 -35.22 36.40 27.94
N GLY D 129 -34.38 36.98 27.10
CA GLY D 129 -34.32 36.60 25.70
C GLY D 129 -32.91 36.09 25.40
N PRO D 130 -32.67 34.79 25.59
CA PRO D 130 -31.34 34.19 25.39
C PRO D 130 -30.95 33.98 23.90
N GLU D 131 -29.74 34.31 23.50
CA GLU D 131 -29.32 34.06 22.12
C GLU D 131 -28.08 33.18 22.06
N PRO D 132 -28.26 31.85 22.24
CA PRO D 132 -27.10 30.98 22.42
C PRO D 132 -26.66 30.50 21.06
N GLU D 133 -25.50 30.95 20.62
CA GLU D 133 -24.96 30.69 19.28
C GLU D 133 -24.17 29.40 19.40
N PHE D 134 -23.86 28.74 18.31
CA PHE D 134 -23.18 27.47 18.37
C PHE D 134 -22.33 27.24 17.09
N PHE D 135 -21.38 26.32 17.15
CA PHE D 135 -20.65 25.95 15.97
C PHE D 135 -21.13 24.60 15.58
N LEU D 136 -20.85 24.24 14.32
CA LEU D 136 -21.15 22.90 13.81
C LEU D 136 -19.86 22.31 13.28
N PHE D 137 -19.50 21.13 13.75
CA PHE D 137 -18.34 20.42 13.20
C PHE D 137 -18.68 19.12 12.53
N LYS D 138 -17.85 18.70 11.59
CA LYS D 138 -18.05 17.42 10.89
C LYS D 138 -17.65 16.24 11.77
N LEU D 139 -18.52 15.27 11.86
CA LEU D 139 -18.24 14.00 12.50
C LEU D 139 -17.40 13.15 11.57
N ASP D 140 -16.84 12.04 12.04
CA ASP D 140 -16.07 11.13 11.16
C ASP D 140 -16.81 9.79 11.01
N GLU D 141 -16.16 8.78 10.44
CA GLU D 141 -16.82 7.51 10.13
C GLU D 141 -17.17 6.88 11.44
N LYS D 142 -16.41 7.19 12.49
CA LYS D 142 -16.74 6.69 13.81
C LYS D 142 -17.59 7.72 14.64
N GLY D 143 -18.42 8.50 13.95
CA GLY D 143 -19.27 9.48 14.59
C GLY D 143 -18.61 10.36 15.65
N GLU D 144 -17.29 10.46 15.61
CA GLU D 144 -16.55 11.33 16.53
C GLU D 144 -16.31 12.73 15.89
N PRO D 145 -16.32 13.81 16.66
CA PRO D 145 -16.11 15.10 16.04
C PRO D 145 -14.72 15.26 15.56
N THR D 146 -14.55 15.95 14.43
CA THR D 146 -13.27 16.38 13.92
C THR D 146 -13.23 17.92 14.13
N LEU D 147 -12.13 18.59 13.79
CA LEU D 147 -12.06 20.05 13.85
C LEU D 147 -12.39 20.74 12.53
N GLU D 148 -13.06 20.03 11.63
CA GLU D 148 -13.51 20.58 10.37
C GLU D 148 -14.91 21.19 10.50
N LEU D 149 -15.00 22.48 10.25
CA LEU D 149 -16.27 23.16 10.35
C LEU D 149 -17.19 22.68 9.27
N ASN D 150 -18.48 22.87 9.50
CA ASN D 150 -19.44 22.33 8.55
C ASN D 150 -19.33 23.10 7.18
N ASP D 151 -18.90 24.34 7.23
CA ASP D 151 -18.73 25.18 6.06
C ASP D 151 -17.72 26.28 6.34
N LYS D 152 -17.55 27.22 5.40
CA LYS D 152 -16.68 28.37 5.60
C LYS D 152 -17.41 29.67 5.34
N GLY D 153 -18.73 29.67 5.53
CA GLY D 153 -19.57 30.83 5.37
C GLY D 153 -19.38 31.91 6.45
N GLY D 154 -20.02 33.07 6.31
CA GLY D 154 -19.96 34.14 7.25
C GLY D 154 -21.35 34.65 7.48
N TYR D 155 -21.43 35.83 8.08
CA TYR D 155 -22.67 36.38 8.58
C TYR D 155 -23.72 36.48 7.47
N PHE D 156 -24.86 35.86 7.69
CA PHE D 156 -26.02 35.99 6.78
C PHE D 156 -25.86 35.38 5.39
N ASP D 157 -24.86 34.53 5.25
CA ASP D 157 -24.56 33.94 3.97
C ASP D 157 -25.60 32.94 3.47
N LEU D 158 -25.72 32.83 2.16
CA LEU D 158 -26.70 32.00 1.47
C LEU D 158 -26.05 30.70 1.10
N ALA D 159 -26.88 29.69 0.87
CA ALA D 159 -26.35 28.34 0.52
C ALA D 159 -25.52 28.45 -0.72
N PRO D 160 -24.80 27.40 -1.03
CA PRO D 160 -23.49 26.86 -1.31
C PRO D 160 -22.50 27.35 -0.19
N THR D 161 -22.45 28.65 0.04
CA THR D 161 -21.52 29.16 1.04
C THR D 161 -21.87 28.75 2.47
N ASP D 162 -23.14 28.89 2.83
CA ASP D 162 -23.66 28.38 4.08
C ASP D 162 -24.18 26.94 3.87
N LEU D 163 -23.65 25.96 4.60
CA LEU D 163 -24.03 24.58 4.39
C LEU D 163 -24.72 24.07 5.65
N GLY D 164 -25.21 24.96 6.48
CA GLY D 164 -25.88 24.56 7.72
C GLY D 164 -27.35 24.85 7.63
N GLU D 165 -27.75 25.37 6.48
CA GLU D 165 -29.12 25.66 6.14
C GLU D 165 -30.07 24.51 6.43
N ASN D 166 -29.67 23.27 6.16
CA ASN D 166 -30.67 22.22 6.34
C ASN D 166 -30.75 21.75 7.75
N CYS D 167 -29.56 21.65 8.36
CA CYS D 167 -29.49 21.36 9.75
C CYS D 167 -30.35 22.40 10.49
N ARG D 168 -30.08 23.68 10.33
CA ARG D 168 -30.81 24.60 11.16
C ARG D 168 -32.28 24.62 10.75
N ARG D 169 -32.59 24.24 9.54
CA ARG D 169 -33.97 24.09 9.10
C ARG D 169 -34.69 22.97 9.86
N ASP D 170 -34.02 21.82 10.05
CA ASP D 170 -34.61 20.71 10.81
C ASP D 170 -34.75 21.03 12.32
N ILE D 171 -33.75 21.75 12.85
CA ILE D 171 -33.79 22.18 14.22
C ILE D 171 -35.02 23.02 14.42
N VAL D 172 -35.15 24.04 13.60
CA VAL D 172 -36.24 24.98 13.76
C VAL D 172 -37.57 24.30 13.75
N LEU D 173 -37.67 23.16 13.05
CA LEU D 173 -38.92 22.43 12.87
C LEU D 173 -39.19 21.64 14.15
N GLU D 174 -38.19 20.90 14.67
CA GLU D 174 -38.33 20.31 16.00
C GLU D 174 -38.77 21.35 17.03
N LEU D 175 -38.07 22.47 17.15
CA LEU D 175 -38.50 23.43 18.16
C LEU D 175 -39.97 23.86 17.96
N GLU D 176 -40.40 24.04 16.72
CA GLU D 176 -41.72 24.61 16.52
C GLU D 176 -42.75 23.58 16.91
N GLU D 177 -42.46 22.33 16.67
CA GLU D 177 -43.41 21.33 17.11
C GLU D 177 -43.42 21.24 18.63
N MET D 178 -42.30 21.49 19.29
CA MET D 178 -42.29 21.51 20.75
C MET D 178 -42.80 22.82 21.38
N GLY D 179 -43.45 23.67 20.60
CA GLY D 179 -44.02 24.91 21.16
C GLY D 179 -43.12 26.14 21.20
N PHE D 180 -41.84 26.02 20.90
CA PHE D 180 -41.02 27.21 20.77
C PHE D 180 -41.61 28.26 19.77
N GLU D 181 -41.55 29.53 20.15
CA GLU D 181 -41.77 30.58 19.16
C GLU D 181 -40.52 31.04 18.49
N ILE D 182 -40.11 30.39 17.42
CA ILE D 182 -38.87 30.77 16.77
C ILE D 182 -39.01 32.13 16.10
N GLU D 183 -37.97 32.94 16.19
CA GLU D 183 -38.06 34.27 15.65
C GLU D 183 -37.18 34.46 14.44
N ALA D 184 -35.95 33.93 14.47
CA ALA D 184 -35.04 34.11 13.33
C ALA D 184 -34.08 32.92 13.23
N SER D 185 -33.46 32.73 12.07
CA SER D 185 -32.48 31.67 11.89
C SER D 185 -31.46 32.11 10.83
N HIS D 186 -30.16 32.03 11.12
CA HIS D 186 -29.14 32.45 10.16
C HIS D 186 -27.77 31.92 10.50
N HIS D 187 -26.83 32.12 9.56
CA HIS D 187 -25.42 31.78 9.73
C HIS D 187 -24.76 32.99 10.39
N GLU D 188 -23.86 32.76 11.34
CA GLU D 188 -23.25 33.83 12.13
C GLU D 188 -21.86 34.09 11.57
N VAL D 189 -21.11 34.98 12.22
CA VAL D 189 -19.92 35.60 11.64
C VAL D 189 -18.83 34.60 11.33
N ALA D 190 -18.53 33.74 12.27
CA ALA D 190 -17.40 32.82 12.15
C ALA D 190 -17.72 31.66 11.21
N PRO D 191 -16.72 31.05 10.59
CA PRO D 191 -17.03 29.84 9.82
C PRO D 191 -17.63 28.69 10.64
N GLY D 192 -18.65 28.07 10.12
CA GLY D 192 -19.32 27.01 10.82
C GLY D 192 -20.11 27.45 12.03
N GLN D 193 -20.45 28.73 12.13
CA GLN D 193 -21.22 29.26 13.27
C GLN D 193 -22.66 29.57 12.93
N HIS D 194 -23.58 29.26 13.83
CA HIS D 194 -25.01 29.44 13.57
C HIS D 194 -25.80 30.04 14.75
N GLU D 195 -26.89 30.70 14.44
CA GLU D 195 -27.73 31.24 15.47
C GLU D 195 -29.18 30.88 15.20
N ILE D 196 -29.90 30.42 16.22
CA ILE D 196 -31.36 30.36 16.09
C ILE D 196 -31.96 31.15 17.19
N ASP D 197 -32.95 31.99 16.95
CA ASP D 197 -33.43 32.88 18.03
C ASP D 197 -34.88 32.54 18.33
N PHE D 198 -35.28 32.70 19.59
CA PHE D 198 -36.65 32.42 20.00
C PHE D 198 -37.15 33.49 20.99
N LYS D 199 -38.47 33.59 21.14
CA LYS D 199 -39.07 34.66 21.93
C LYS D 199 -38.73 34.50 23.39
N TYR D 200 -38.43 35.61 24.04
CA TYR D 200 -38.21 35.60 25.48
C TYR D 200 -39.43 35.02 26.22
N ALA D 201 -39.19 34.71 27.50
CA ALA D 201 -40.22 34.28 28.43
C ALA D 201 -39.79 34.57 29.86
N GLY D 202 -40.69 34.32 30.82
CA GLY D 202 -40.34 34.37 32.24
C GLY D 202 -38.99 33.75 32.52
N ALA D 203 -38.26 34.21 33.51
CA ALA D 203 -36.91 33.77 33.75
C ALA D 203 -36.77 32.26 33.89
N VAL D 204 -37.69 31.60 34.61
CA VAL D 204 -37.55 30.16 34.85
C VAL D 204 -37.86 29.40 33.57
N ARG D 205 -39.00 29.70 32.95
CA ARG D 205 -39.38 29.12 31.67
C ARG D 205 -38.29 29.34 30.62
N SER D 206 -37.62 30.47 30.69
CA SER D 206 -36.62 30.79 29.69
C SER D 206 -35.33 30.02 29.92
N CYS D 207 -35.00 29.74 31.16
CA CYS D 207 -33.89 28.86 31.45
C CYS D 207 -34.22 27.42 31.11
N ASP D 208 -35.47 27.03 31.33
CA ASP D 208 -35.96 25.75 30.87
C ASP D 208 -35.80 25.67 29.33
N ASP D 209 -36.04 26.77 28.59
CA ASP D 209 -35.93 26.79 27.12
C ASP D 209 -34.51 26.69 26.67
N ILE D 210 -33.60 27.33 27.37
CA ILE D 210 -32.22 27.18 26.98
C ILE D 210 -31.79 25.74 27.08
N GLN D 211 -32.26 25.01 28.08
CA GLN D 211 -31.74 23.66 28.31
C GLN D 211 -32.41 22.79 27.23
N THR D 212 -33.69 23.01 26.99
CA THR D 212 -34.37 22.32 25.91
C THR D 212 -33.71 22.56 24.54
N PHE D 213 -33.45 23.82 24.17
CA PHE D 213 -32.79 24.19 22.87
C PHE D 213 -31.44 23.45 22.67
N LYS D 214 -30.58 23.45 23.69
CA LYS D 214 -29.25 22.88 23.54
C LYS D 214 -29.42 21.41 23.15
N LEU D 215 -30.33 20.74 23.87
CA LEU D 215 -30.65 19.35 23.59
C LEU D 215 -31.13 19.06 22.16
N VAL D 216 -32.13 19.81 21.72
CA VAL D 216 -32.68 19.65 20.39
C VAL D 216 -31.66 20.01 19.31
N VAL D 217 -30.82 21.02 19.56
CA VAL D 217 -29.76 21.36 18.57
C VAL D 217 -28.77 20.18 18.38
N LYS D 218 -28.27 19.62 19.50
CA LYS D 218 -27.21 18.63 19.46
C LYS D 218 -27.77 17.38 18.79
N THR D 219 -28.99 16.96 19.19
CA THR D 219 -29.76 15.85 18.61
C THR D 219 -29.95 15.97 17.07
N ILE D 220 -30.56 17.04 16.60
CA ILE D 220 -30.72 17.16 15.17
C ILE D 220 -29.37 17.35 14.37
N ALA D 221 -28.34 17.95 14.95
CA ALA D 221 -27.06 18.04 14.24
C ALA D 221 -26.51 16.64 14.01
N ARG D 222 -26.82 15.73 14.93
CA ARG D 222 -26.27 14.39 14.84
C ARG D 222 -27.03 13.66 13.75
N LYS D 223 -28.27 14.00 13.53
CA LYS D 223 -28.87 13.42 12.36
C LYS D 223 -28.18 13.93 11.08
N HIS D 224 -27.54 15.09 11.06
CA HIS D 224 -26.93 15.56 9.77
C HIS D 224 -25.46 15.24 9.71
N GLY D 225 -25.06 14.28 10.54
CA GLY D 225 -23.68 13.91 10.65
C GLY D 225 -22.81 15.06 11.12
N LEU D 226 -23.37 15.88 12.01
CA LEU D 226 -22.65 17.01 12.53
C LEU D 226 -22.58 16.94 14.03
N HIS D 227 -21.57 17.57 14.58
CA HIS D 227 -21.49 17.77 16.02
C HIS D 227 -21.64 19.23 16.39
N ALA D 228 -22.66 19.57 17.18
CA ALA D 228 -22.90 20.96 17.62
C ALA D 228 -22.31 21.21 18.99
N THR D 229 -21.55 22.27 19.12
CA THR D 229 -20.96 22.61 20.39
C THR D 229 -21.34 24.02 20.73
N PHE D 230 -21.54 24.29 22.01
CA PHE D 230 -21.75 25.66 22.50
C PHE D 230 -20.58 26.08 23.39
N MET D 231 -19.44 25.41 23.28
CA MET D 231 -18.17 25.95 23.75
C MET D 231 -18.09 27.41 23.34
N PRO D 232 -17.55 28.26 24.21
CA PRO D 232 -17.40 29.70 23.97
C PRO D 232 -16.46 30.08 22.81
N LYS D 233 -15.25 29.55 22.80
CA LYS D 233 -14.26 29.91 21.81
C LYS D 233 -13.52 28.67 21.36
N PRO D 234 -14.13 27.94 20.38
CA PRO D 234 -13.58 26.69 19.87
C PRO D 234 -12.22 26.88 19.14
N LEU D 235 -12.01 28.05 18.54
CA LEU D 235 -10.82 28.27 17.71
C LEU D 235 -10.28 29.67 17.89
N PHE D 236 -8.97 29.80 17.95
CA PHE D 236 -8.37 31.11 18.01
C PHE D 236 -8.49 31.83 16.66
N GLY D 237 -8.62 33.15 16.69
CA GLY D 237 -8.57 33.88 15.46
C GLY D 237 -9.92 34.27 14.88
N VAL D 238 -11.00 33.59 15.29
CA VAL D 238 -12.38 33.89 14.85
C VAL D 238 -13.34 34.13 16.01
N ASN D 239 -14.53 34.66 15.76
CA ASN D 239 -15.49 34.86 16.85
C ASN D 239 -15.76 33.60 17.75
N GLY D 240 -16.14 33.84 19.00
CA GLY D 240 -16.62 32.76 19.83
C GLY D 240 -18.13 32.78 19.81
N SER D 241 -18.74 31.88 20.54
CA SER D 241 -20.17 31.92 20.67
C SER D 241 -20.50 32.60 22.01
N GLY D 242 -21.45 33.52 21.93
CA GLY D 242 -22.00 34.14 23.11
C GLY D 242 -23.39 33.56 23.34
N MET D 243 -23.93 33.86 24.53
CA MET D 243 -25.36 33.72 24.80
C MET D 243 -25.82 35.06 25.36
N HIS D 244 -26.17 36.00 24.51
CA HIS D 244 -26.56 37.26 25.02
C HIS D 244 -27.83 37.07 25.80
N CYS D 245 -27.94 37.77 26.93
CA CYS D 245 -29.14 37.78 27.78
C CYS D 245 -29.87 39.15 27.75
N ASN D 246 -31.01 39.17 27.07
CA ASN D 246 -31.79 40.37 27.02
C ASN D 246 -32.74 40.34 28.19
N LEU D 247 -32.63 41.33 29.08
CA LEU D 247 -33.38 41.29 30.34
C LEU D 247 -34.40 42.43 30.39
N SER D 248 -35.55 42.20 30.97
CA SER D 248 -36.47 43.32 31.21
C SER D 248 -37.40 42.97 32.43
N LEU D 249 -37.82 43.97 33.19
CA LEU D 249 -38.72 43.75 34.31
C LEU D 249 -40.10 44.22 33.92
N PHE D 250 -41.15 43.55 34.32
CA PHE D 250 -42.48 44.07 34.07
C PHE D 250 -43.15 44.30 35.41
N LYS D 251 -43.68 45.49 35.59
CA LYS D 251 -44.49 45.84 36.75
C LYS D 251 -45.93 45.96 36.25
N ASN D 252 -46.85 45.34 36.98
CA ASN D 252 -48.27 45.36 36.62
C ASN D 252 -48.50 44.93 35.16
N GLY D 253 -47.70 43.98 34.66
CA GLY D 253 -47.80 43.51 33.28
C GLY D 253 -47.44 44.49 32.16
N VAL D 254 -46.62 45.50 32.43
CA VAL D 254 -46.09 46.30 31.34
C VAL D 254 -44.59 46.48 31.53
N ASN D 255 -43.91 46.76 30.43
CA ASN D 255 -42.47 46.88 30.43
C ASN D 255 -41.99 48.06 31.31
N ALA D 256 -41.61 47.74 32.54
CA ALA D 256 -41.11 48.75 33.49
C ALA D 256 -39.82 49.49 33.04
N PHE D 257 -39.28 49.17 31.88
CA PHE D 257 -38.01 49.74 31.43
C PHE D 257 -38.23 50.84 30.43
N PHE D 258 -39.45 50.90 29.87
CA PHE D 258 -39.78 51.85 28.82
C PHE D 258 -40.33 53.09 29.43
N ASP D 259 -39.86 54.23 28.91
CA ASP D 259 -40.34 55.55 29.32
C ASP D 259 -40.26 56.53 28.15
N GLU D 260 -41.37 56.69 27.42
CA GLU D 260 -41.48 57.63 26.28
C GLU D 260 -40.78 58.97 26.47
N ASN D 261 -40.98 59.60 27.61
CA ASN D 261 -40.49 60.96 27.82
C ASN D 261 -39.11 61.02 28.38
N ALA D 262 -38.63 59.88 28.91
CA ALA D 262 -37.27 59.83 29.50
C ALA D 262 -36.24 59.99 28.41
N ASP D 263 -35.01 60.35 28.76
CA ASP D 263 -33.97 60.35 27.75
C ASP D 263 -33.70 58.90 27.22
N LEU D 264 -33.48 58.78 25.93
CA LEU D 264 -33.27 57.47 25.33
C LEU D 264 -34.47 56.56 25.60
N GLN D 265 -35.60 57.14 26.00
CA GLN D 265 -36.82 56.36 26.30
C GLN D 265 -36.59 55.22 27.32
N LEU D 266 -35.48 55.31 28.03
CA LEU D 266 -35.21 54.46 29.18
C LEU D 266 -35.85 55.04 30.47
N SER D 267 -36.50 54.18 31.26
CA SER D 267 -37.12 54.59 32.52
C SER D 267 -36.05 54.68 33.55
N GLU D 268 -36.41 55.20 34.71
CA GLU D 268 -35.43 55.40 35.77
C GLU D 268 -35.12 54.03 36.40
N THR D 269 -36.12 53.17 36.48
CA THR D 269 -35.86 51.77 36.86
C THR D 269 -34.77 51.15 36.02
N ALA D 270 -34.86 51.39 34.74
CA ALA D 270 -33.90 50.87 33.81
C ALA D 270 -32.51 51.38 34.13
N LYS D 271 -32.41 52.63 34.49
CA LYS D 271 -31.10 53.19 34.73
C LYS D 271 -30.54 52.53 35.97
N HIS D 272 -31.41 52.32 36.93
CA HIS D 272 -30.98 51.71 38.19
C HIS D 272 -30.49 50.29 38.04
N PHE D 273 -31.22 49.52 37.20
CA PHE D 273 -30.96 48.15 36.91
C PHE D 273 -29.59 48.01 36.30
N ILE D 274 -29.34 48.83 35.26
CA ILE D 274 -28.08 48.92 34.53
C ILE D 274 -26.99 49.28 35.52
N ALA D 275 -27.27 50.26 36.37
CA ALA D 275 -26.35 50.65 37.43
C ALA D 275 -25.97 49.43 38.29
N GLY D 276 -26.95 48.61 38.70
CA GLY D 276 -26.69 47.32 39.36
C GLY D 276 -25.82 46.35 38.54
N ILE D 277 -26.22 45.97 37.32
CA ILE D 277 -25.30 45.24 36.41
C ILE D 277 -23.82 45.78 36.34
N VAL D 278 -23.65 46.98 35.88
CA VAL D 278 -22.32 47.59 35.87
C VAL D 278 -21.49 47.44 37.22
N LYS D 279 -22.14 47.77 38.34
CA LYS D 279 -21.56 47.57 39.69
C LYS D 279 -21.08 46.11 39.96
N HIS D 280 -21.92 45.14 39.68
CA HIS D 280 -21.52 43.80 39.97
C HIS D 280 -20.84 43.07 38.82
N ALA D 281 -20.74 43.70 37.65
CA ALA D 281 -20.29 43.01 36.45
C ALA D 281 -19.05 42.17 36.70
N THR D 282 -18.00 42.79 37.21
CA THR D 282 -16.76 42.05 37.30
C THR D 282 -16.86 40.95 38.32
N SER D 283 -17.96 40.91 39.04
CA SER D 283 -18.18 39.93 40.13
C SER D 283 -19.00 38.72 39.75
N PHE D 284 -19.97 38.86 38.83
CA PHE D 284 -20.80 37.72 38.42
C PHE D 284 -20.15 37.05 37.24
N THR D 285 -19.03 37.58 36.77
CA THR D 285 -18.42 37.00 35.60
C THR D 285 -18.01 35.54 35.81
N ALA D 286 -17.49 35.22 36.98
CA ALA D 286 -17.17 33.83 37.31
C ALA D 286 -18.37 32.94 36.97
N VAL D 287 -19.59 33.39 37.27
CA VAL D 287 -20.75 32.54 37.02
C VAL D 287 -21.19 32.57 35.58
N THR D 288 -21.27 33.78 34.99
CA THR D 288 -21.76 33.91 33.62
C THR D 288 -20.78 33.37 32.59
N ASN D 289 -19.52 33.28 32.97
CA ASN D 289 -18.51 32.78 32.09
C ASN D 289 -17.68 31.82 32.90
N PRO D 290 -18.26 30.65 33.20
CA PRO D 290 -17.74 29.70 34.17
C PRO D 290 -16.63 28.72 33.68
N THR D 291 -16.07 28.89 32.48
CA THR D 291 -15.07 27.93 32.02
C THR D 291 -13.76 28.62 31.77
N VAL D 292 -12.70 27.84 31.62
CA VAL D 292 -11.41 28.43 31.32
C VAL D 292 -11.54 29.06 29.96
N ASN D 293 -12.14 28.35 29.02
CA ASN D 293 -12.20 28.77 27.64
C ASN D 293 -12.95 30.10 27.45
N SER D 294 -13.96 30.31 28.29
CA SER D 294 -14.72 31.56 28.26
C SER D 294 -13.83 32.78 28.19
N TYR D 295 -12.65 32.76 28.80
CA TYR D 295 -11.87 34.01 28.90
C TYR D 295 -11.11 34.21 27.61
N LYS D 296 -11.10 33.19 26.76
CA LYS D 296 -10.58 33.37 25.38
C LYS D 296 -11.58 34.15 24.45
N ARG D 297 -12.86 34.16 24.80
CA ARG D 297 -13.83 34.91 24.02
C ARG D 297 -13.80 36.32 24.45
N LEU D 298 -13.57 36.56 25.74
CA LEU D 298 -13.55 37.91 26.30
C LEU D 298 -12.22 38.59 25.99
N VAL D 299 -11.91 38.70 24.71
CA VAL D 299 -10.76 39.46 24.24
C VAL D 299 -11.27 40.46 23.18
N PRO D 300 -10.69 41.67 23.13
CA PRO D 300 -11.12 42.72 22.19
C PRO D 300 -11.12 42.35 20.67
N GLY D 301 -12.17 42.74 19.96
CA GLY D 301 -12.16 42.59 18.52
C GLY D 301 -13.08 41.56 17.87
N TYR D 302 -13.76 40.74 18.66
CA TYR D 302 -14.61 39.73 18.07
C TYR D 302 -16.03 39.92 18.54
N GLU D 303 -16.42 41.17 18.79
CA GLU D 303 -17.80 41.46 19.17
C GLU D 303 -18.25 40.86 20.55
N ALA D 304 -17.34 40.29 21.32
CA ALA D 304 -17.66 39.92 22.68
C ALA D 304 -17.16 41.03 23.63
N PRO D 305 -17.73 41.09 24.82
CA PRO D 305 -17.36 42.18 25.70
C PRO D 305 -15.99 41.96 26.40
N CYS D 306 -15.28 43.03 26.73
CA CYS D 306 -14.18 42.81 27.66
C CYS D 306 -13.98 43.97 28.62
N TYR D 307 -14.89 44.93 28.57
CA TYR D 307 -14.79 46.14 29.35
C TYR D 307 -16.17 46.47 29.90
N VAL D 308 -16.27 46.75 31.19
CA VAL D 308 -17.53 47.10 31.81
C VAL D 308 -18.00 48.50 31.35
N ALA D 309 -18.97 48.52 30.45
CA ALA D 309 -19.55 49.79 29.99
C ALA D 309 -20.89 49.50 29.41
N TRP D 310 -21.71 50.50 29.22
CA TRP D 310 -22.91 50.31 28.42
C TRP D 310 -23.08 51.43 27.37
N SER D 311 -23.99 51.17 26.43
CA SER D 311 -24.16 52.01 25.24
C SER D 311 -25.37 51.57 24.43
N ALA D 312 -25.91 52.49 23.65
CA ALA D 312 -27.05 52.17 22.81
C ALA D 312 -26.56 51.61 21.44
N GLN D 313 -27.16 50.51 21.00
CA GLN D 313 -26.90 49.95 19.67
C GLN D 313 -25.42 49.72 19.36
N ASN D 314 -24.63 49.52 20.40
CA ASN D 314 -23.21 49.38 20.29
C ASN D 314 -22.85 47.91 20.61
N ARG D 315 -22.10 47.27 19.74
CA ARG D 315 -21.77 45.88 19.96
C ARG D 315 -20.38 45.65 20.54
N SER D 316 -19.74 46.68 21.06
CA SER D 316 -18.40 46.52 21.64
C SER D 316 -18.33 46.58 23.19
N PRO D 317 -19.40 47.07 23.87
CA PRO D 317 -19.36 47.10 25.36
C PRO D 317 -20.07 45.91 26.04
N LEU D 318 -20.09 45.92 27.38
CA LEU D 318 -20.72 44.89 28.17
C LEU D 318 -22.25 44.84 27.96
N ILE D 319 -22.91 46.00 28.07
CA ILE D 319 -24.35 46.12 27.91
C ILE D 319 -24.59 46.96 26.66
N ARG D 320 -25.46 46.43 25.80
CA ARG D 320 -26.01 47.16 24.68
C ARG D 320 -27.50 47.36 24.99
N ILE D 321 -28.01 48.54 24.71
CA ILE D 321 -29.42 48.72 24.72
C ILE D 321 -29.88 48.74 23.28
N PRO D 322 -30.36 47.58 22.77
CA PRO D 322 -30.87 47.49 21.39
C PRO D 322 -31.80 48.64 21.10
N ALA D 323 -31.96 48.96 19.82
CA ALA D 323 -32.62 50.18 19.36
C ALA D 323 -34.10 50.12 19.58
N SER D 324 -34.65 48.92 19.69
CA SER D 324 -36.11 48.73 19.80
C SER D 324 -36.70 49.19 21.20
N ARG D 325 -37.86 49.83 21.19
CA ARG D 325 -38.46 50.35 22.41
C ARG D 325 -39.86 49.79 22.67
N GLY D 326 -40.70 50.53 23.40
CA GLY D 326 -42.01 50.01 23.77
C GLY D 326 -41.88 48.72 24.58
N ILE D 327 -42.57 47.67 24.16
CA ILE D 327 -42.59 46.46 24.94
C ILE D 327 -41.28 45.65 24.78
N SER D 328 -40.39 46.06 23.89
CA SER D 328 -39.17 45.30 23.63
C SER D 328 -37.95 45.96 24.21
N THR D 329 -38.20 46.94 25.06
CA THR D 329 -37.15 47.69 25.70
C THR D 329 -36.42 46.77 26.61
N ARG D 330 -35.12 46.62 26.40
CA ARG D 330 -34.42 45.58 27.11
C ARG D 330 -32.98 45.90 27.33
N VAL D 331 -32.39 45.21 28.28
CA VAL D 331 -31.00 45.44 28.62
C VAL D 331 -30.27 44.18 28.17
N GLU D 332 -29.37 44.32 27.19
CA GLU D 332 -28.66 43.16 26.64
C GLU D 332 -27.31 43.02 27.29
N VAL D 333 -27.15 41.92 28.02
CA VAL D 333 -25.89 41.67 28.71
C VAL D 333 -25.11 40.65 27.86
N ARG D 334 -24.07 41.07 27.14
CA ARG D 334 -23.54 40.18 26.08
C ARG D 334 -22.31 39.46 26.50
N SER D 335 -22.04 39.56 27.78
CA SER D 335 -20.95 38.91 28.45
C SER D 335 -21.24 37.40 28.63
N VAL D 336 -22.50 37.04 28.91
CA VAL D 336 -22.84 35.70 29.29
C VAL D 336 -22.49 34.74 28.14
N ASP D 337 -21.95 33.55 28.41
CA ASP D 337 -21.66 32.65 27.32
C ASP D 337 -22.53 31.41 27.44
N PRO D 338 -22.72 30.66 26.33
CA PRO D 338 -23.66 29.50 26.31
C PRO D 338 -23.16 28.27 27.09
N ALA D 339 -22.04 28.42 27.81
CA ALA D 339 -21.59 27.44 28.80
C ALA D 339 -22.04 27.71 30.23
N ALA D 340 -22.54 28.92 30.52
CA ALA D 340 -23.07 29.27 31.84
C ALA D 340 -24.25 28.37 32.17
N ASN D 341 -24.33 27.90 33.41
CA ASN D 341 -25.59 27.39 33.92
C ASN D 341 -26.68 28.48 33.86
N PRO D 342 -27.72 28.30 33.02
CA PRO D 342 -28.77 29.33 32.88
C PRO D 342 -29.32 29.84 34.20
N TYR D 343 -29.74 28.96 35.11
CA TYR D 343 -30.38 29.37 36.37
C TYR D 343 -29.48 30.28 37.22
N LEU D 344 -28.20 29.94 37.30
CA LEU D 344 -27.25 30.69 38.11
C LEU D 344 -26.87 32.05 37.50
N ALA D 345 -26.83 32.12 36.16
CA ALA D 345 -26.45 33.39 35.53
C ALA D 345 -27.64 34.30 35.68
N LEU D 346 -28.85 33.77 35.55
CA LEU D 346 -30.03 34.57 35.77
C LEU D 346 -30.16 35.02 37.21
N SER D 347 -29.75 34.18 38.17
CA SER D 347 -29.76 34.53 39.63
C SER D 347 -28.82 35.69 39.97
N VAL D 348 -27.57 35.64 39.50
CA VAL D 348 -26.62 36.71 39.72
C VAL D 348 -26.91 38.03 38.91
N LEU D 349 -27.56 37.92 37.75
CA LEU D 349 -27.97 39.11 36.99
C LEU D 349 -29.24 39.74 37.61
N LEU D 350 -30.15 38.91 38.11
CA LEU D 350 -31.36 39.43 38.72
C LEU D 350 -31.00 40.14 40.00
N ALA D 351 -30.05 39.60 40.75
CA ALA D 351 -29.68 40.17 42.06
C ALA D 351 -28.84 41.41 41.86
N ALA D 352 -27.91 41.44 40.87
CA ALA D 352 -27.24 42.73 40.51
C ALA D 352 -28.25 43.81 40.11
N GLY D 353 -29.19 43.45 39.26
CA GLY D 353 -30.18 44.41 38.83
C GLY D 353 -31.03 44.91 39.98
N LEU D 354 -31.56 44.00 40.77
CA LEU D 354 -32.43 44.36 41.89
C LEU D 354 -31.67 45.27 42.90
N ASP D 355 -30.36 45.04 43.11
CA ASP D 355 -29.59 45.85 44.06
C ASP D 355 -29.56 47.31 43.55
N GLY D 356 -29.41 47.50 42.24
CA GLY D 356 -29.42 48.83 41.63
C GLY D 356 -30.71 49.57 41.84
N ILE D 357 -31.81 48.88 41.58
CA ILE D 357 -33.15 49.44 41.79
C ILE D 357 -33.44 49.76 43.28
N LYS D 358 -33.05 48.87 44.20
CA LYS D 358 -33.36 49.02 45.63
C LYS D 358 -32.66 50.24 46.15
N ASN D 359 -31.45 50.48 45.69
CA ASN D 359 -30.68 51.59 46.22
C ASN D 359 -30.58 52.70 45.21
N LYS D 360 -31.53 52.71 44.28
CA LYS D 360 -31.54 53.70 43.23
C LYS D 360 -30.14 54.19 42.87
N LEU D 361 -29.20 53.27 42.63
CA LEU D 361 -27.84 53.57 42.10
C LEU D 361 -27.86 54.28 40.75
N GLU D 362 -26.88 55.18 40.53
CA GLU D 362 -26.91 56.10 39.38
C GLU D 362 -26.10 55.51 38.26
N ALA D 363 -26.72 55.31 37.10
CA ALA D 363 -25.99 54.63 36.03
C ALA D 363 -24.85 55.52 35.59
N PRO D 364 -23.72 54.93 35.22
CA PRO D 364 -22.65 55.78 34.75
C PRO D 364 -23.00 56.37 33.36
N ALA D 365 -22.06 57.05 32.74
CA ALA D 365 -22.33 57.65 31.45
C ALA D 365 -22.04 56.60 30.36
N PRO D 366 -22.98 56.42 29.37
CA PRO D 366 -22.87 55.56 28.20
C PRO D 366 -21.55 55.82 27.54
N ILE D 367 -20.95 54.83 26.90
CA ILE D 367 -19.66 54.97 26.25
C ILE D 367 -20.01 54.70 24.78
N ASP D 368 -20.21 55.78 24.03
CA ASP D 368 -20.65 55.73 22.65
C ASP D 368 -19.43 55.75 21.69
N ARG D 369 -18.66 54.67 21.73
CA ARG D 369 -17.39 54.59 21.05
C ARG D 369 -17.19 53.13 20.68
N ASN D 370 -16.18 52.85 19.91
CA ASN D 370 -15.75 51.46 19.72
C ASN D 370 -14.67 51.23 20.80
N ILE D 371 -15.07 50.62 21.89
CA ILE D 371 -14.20 50.53 23.08
C ILE D 371 -12.88 49.74 22.89
N TYR D 372 -12.83 48.91 21.83
CA TYR D 372 -11.65 48.14 21.46
C TYR D 372 -10.58 49.07 20.96
N VAL D 373 -10.99 50.21 20.47
CA VAL D 373 -10.03 51.08 19.82
C VAL D 373 -9.45 52.06 20.80
N MET D 374 -10.19 52.32 21.88
CA MET D 374 -9.76 53.22 22.96
C MET D 374 -8.44 52.78 23.57
N SER D 375 -7.55 53.74 23.76
CA SER D 375 -6.27 53.48 24.39
C SER D 375 -6.50 53.32 25.88
N LYS D 376 -5.75 52.43 26.51
CA LYS D 376 -5.86 52.24 27.95
C LYS D 376 -5.85 53.56 28.74
N GLU D 377 -5.04 54.51 28.29
CA GLU D 377 -5.04 55.84 28.87
C GLU D 377 -6.50 56.35 28.83
N GLU D 378 -7.06 56.43 27.62
CA GLU D 378 -8.48 56.76 27.43
C GLU D 378 -9.45 56.01 28.37
N ARG D 379 -9.30 54.69 28.48
CA ARG D 379 -10.19 53.89 29.33
C ARG D 379 -10.14 54.29 30.81
N MET D 380 -8.94 54.56 31.30
CA MET D 380 -8.71 55.12 32.62
C MET D 380 -9.48 56.43 32.82
N GLU D 381 -9.35 57.41 31.91
CA GLU D 381 -10.12 58.67 32.00
C GLU D 381 -11.58 58.42 32.35
N ASN D 382 -12.18 57.42 31.71
CA ASN D 382 -13.53 57.08 32.04
C ASN D 382 -13.44 55.96 33.08
N GLY D 383 -14.47 55.73 33.85
CA GLY D 383 -14.34 54.65 34.81
C GLY D 383 -14.32 53.29 34.17
N ILE D 384 -13.75 53.13 32.98
CA ILE D 384 -13.93 51.88 32.24
C ILE D 384 -13.07 50.80 32.86
N VAL D 385 -13.71 49.81 33.49
CA VAL D 385 -13.00 48.76 34.20
C VAL D 385 -12.90 47.54 33.29
N ASP D 386 -11.75 46.89 33.26
CA ASP D 386 -11.63 45.58 32.63
C ASP D 386 -12.52 44.51 33.24
N LEU D 387 -12.99 43.59 32.43
CA LEU D 387 -13.52 42.38 32.97
C LEU D 387 -12.31 41.54 33.30
N PRO D 388 -12.49 40.53 34.15
CA PRO D 388 -11.47 39.56 34.54
C PRO D 388 -10.95 38.77 33.35
N ALA D 389 -9.65 38.53 33.32
CA ALA D 389 -8.99 38.01 32.13
C ALA D 389 -8.81 36.48 32.21
N THR D 390 -9.13 35.90 33.37
CA THR D 390 -9.07 34.47 33.55
C THR D 390 -10.11 34.04 34.56
N LEU D 391 -10.38 32.75 34.55
CA LEU D 391 -11.35 32.21 35.45
C LEU D 391 -10.79 32.38 36.90
N ALA D 392 -9.51 32.16 37.11
CA ALA D 392 -8.96 32.32 38.46
C ALA D 392 -9.24 33.74 38.97
N GLU D 393 -8.91 34.73 38.15
CA GLU D 393 -9.22 36.12 38.43
C GLU D 393 -10.74 36.38 38.61
N ALA D 394 -11.62 35.78 37.82
CA ALA D 394 -13.07 35.97 38.02
C ALA D 394 -13.58 35.42 39.37
N LEU D 395 -13.08 34.27 39.78
CA LEU D 395 -13.51 33.67 41.03
C LEU D 395 -13.12 34.54 42.24
N GLU D 396 -11.94 35.17 42.18
CA GLU D 396 -11.55 36.00 43.31
C GLU D 396 -12.57 37.13 43.54
N GLU D 397 -12.98 37.81 42.47
CA GLU D 397 -13.91 38.93 42.54
C GLU D 397 -15.26 38.51 43.01
N PHE D 398 -15.70 37.38 42.51
CA PHE D 398 -16.98 36.85 42.91
C PHE D 398 -16.92 36.61 44.45
N LYS D 399 -15.79 36.08 44.93
CA LYS D 399 -15.73 35.77 46.34
C LYS D 399 -15.89 37.01 47.18
N SER D 400 -15.40 38.12 46.68
CA SER D 400 -15.38 39.31 47.51
C SER D 400 -16.65 40.15 47.38
N ASN D 401 -17.78 39.57 46.97
CA ASN D 401 -18.98 40.35 46.74
C ASN D 401 -20.17 39.71 47.43
N GLU D 402 -20.53 40.29 48.56
CA GLU D 402 -21.61 39.76 49.36
C GLU D 402 -22.85 39.49 48.57
N VAL D 403 -23.26 40.47 47.75
CA VAL D 403 -24.55 40.38 47.08
C VAL D 403 -24.62 39.22 46.09
N MET D 404 -23.59 39.08 45.24
CA MET D 404 -23.39 37.87 44.38
C MET D 404 -23.22 36.54 45.12
N VAL D 405 -22.50 36.51 46.24
CA VAL D 405 -22.43 35.25 47.04
C VAL D 405 -23.83 34.87 47.58
N LYS D 406 -24.47 35.77 48.31
CA LYS D 406 -25.81 35.49 48.79
C LYS D 406 -26.73 35.10 47.62
N ALA D 407 -26.50 35.63 46.41
CA ALA D 407 -27.35 35.30 45.25
C ALA D 407 -27.24 33.80 44.88
N LEU D 408 -26.08 33.18 45.05
CA LEU D 408 -26.03 31.76 44.91
C LEU D 408 -26.50 30.98 46.15
N GLY D 409 -26.38 31.54 47.35
CA GLY D 409 -26.65 30.75 48.54
C GLY D 409 -25.47 29.87 49.00
N GLU D 410 -25.60 29.16 50.13
CA GLU D 410 -24.44 28.52 50.78
C GLU D 410 -23.93 27.30 50.01
N HIS D 411 -24.87 26.40 49.73
CA HIS D 411 -24.55 25.13 49.09
C HIS D 411 -23.98 25.33 47.69
N LEU D 412 -24.72 26.14 46.90
CA LEU D 412 -24.37 26.45 45.52
C LEU D 412 -23.08 27.24 45.47
N PHE D 413 -22.87 28.13 46.43
CA PHE D 413 -21.68 28.96 46.38
C PHE D 413 -20.42 28.15 46.63
N GLU D 414 -20.47 27.25 47.60
CA GLU D 414 -19.31 26.47 47.98
C GLU D 414 -19.00 25.40 46.96
N HIS D 415 -20.03 24.69 46.52
CA HIS D 415 -19.81 23.71 45.46
C HIS D 415 -19.34 24.30 44.17
N PHE D 416 -19.83 25.51 43.84
CA PHE D 416 -19.41 26.15 42.58
C PHE D 416 -17.93 26.51 42.63
N ILE D 417 -17.48 27.15 43.71
CA ILE D 417 -16.06 27.49 43.87
C ILE D 417 -15.12 26.31 43.91
N GLU D 418 -15.55 25.25 44.56
CA GLU D 418 -14.77 24.05 44.64
C GLU D 418 -14.60 23.41 43.25
N ALA D 419 -15.69 23.29 42.51
CA ALA D 419 -15.58 22.71 41.17
C ALA D 419 -14.64 23.53 40.30
N LYS D 420 -14.74 24.87 40.35
CA LYS D 420 -13.99 25.73 39.42
C LYS D 420 -12.54 25.89 39.81
N GLU D 421 -12.21 25.82 41.10
CA GLU D 421 -10.81 25.85 41.48
C GLU D 421 -10.17 24.56 41.01
N ILE D 422 -10.85 23.43 41.19
CA ILE D 422 -10.30 22.19 40.67
C ILE D 422 -9.96 22.28 39.15
N GLU D 423 -10.89 22.88 38.38
CA GLU D 423 -10.81 22.97 36.93
C GLU D 423 -9.66 23.87 36.56
N TRP D 424 -9.55 24.97 37.27
CA TRP D 424 -8.53 25.96 36.98
C TRP D 424 -7.17 25.35 37.23
N ASP D 425 -7.12 24.48 38.22
CA ASP D 425 -5.86 24.01 38.63
C ASP D 425 -5.38 22.91 37.66
N MET D 426 -6.28 22.05 37.21
CA MET D 426 -5.90 21.09 36.18
C MET D 426 -5.36 21.79 34.93
N PHE D 427 -6.06 22.84 34.50
CA PHE D 427 -5.59 23.63 33.38
C PHE D 427 -4.26 24.35 33.67
N ARG D 428 -4.06 24.89 34.85
CA ARG D 428 -2.89 25.71 35.02
C ARG D 428 -1.69 24.78 35.11
N THR D 429 -1.87 23.54 35.54
CA THR D 429 -0.69 22.66 35.69
C THR D 429 -0.33 21.90 34.41
N GLN D 430 -1.33 21.71 33.57
CA GLN D 430 -1.12 21.17 32.21
C GLN D 430 0.01 21.90 31.38
N VAL D 431 0.79 21.16 30.60
CA VAL D 431 1.73 21.75 29.65
C VAL D 431 1.21 21.59 28.18
N HIS D 432 0.96 22.71 27.51
CA HIS D 432 0.29 22.66 26.24
C HIS D 432 1.23 22.61 25.07
N PRO D 433 0.73 22.04 23.94
CA PRO D 433 1.58 21.96 22.74
C PRO D 433 2.21 23.34 22.39
N TRP D 434 1.47 24.43 22.58
CA TRP D 434 1.98 25.79 22.31
C TRP D 434 3.32 26.01 23.02
N GLU D 435 3.33 25.60 24.30
CA GLU D 435 4.51 25.79 25.11
C GLU D 435 5.74 25.08 24.51
N ARG D 436 5.56 23.94 23.88
CA ARG D 436 6.69 23.21 23.34
C ARG D 436 7.07 23.84 21.99
N GLU D 437 6.08 24.21 21.20
CA GLU D 437 6.34 24.87 19.95
C GLU D 437 7.21 26.12 20.20
N GLN D 438 6.86 26.85 21.24
CA GLN D 438 7.55 28.10 21.57
C GLN D 438 8.91 27.89 22.23
N TYR D 439 9.02 26.95 23.17
CA TYR D 439 10.25 26.83 23.98
C TYR D 439 11.17 25.65 23.70
N MET D 440 10.63 24.54 23.15
CA MET D 440 11.36 23.23 23.05
C MET D 440 12.59 23.32 22.19
N SER D 441 12.60 24.27 21.29
CA SER D 441 13.76 24.46 20.42
C SER D 441 14.46 25.73 20.68
N GLN D 442 13.69 26.74 21.09
CA GLN D 442 14.24 28.03 21.43
C GLN D 442 15.18 27.92 22.63
N TYR D 443 14.81 27.07 23.60
CA TYR D 443 15.55 26.85 24.84
C TYR D 443 15.99 25.39 24.95
N ALA E 1 -47.69 48.71 -6.23
CA ALA E 1 -47.14 48.67 -7.59
C ALA E 1 -47.59 47.39 -8.32
N LYS E 2 -47.10 46.25 -7.84
CA LYS E 2 -47.54 44.95 -8.34
C LYS E 2 -48.09 44.01 -7.21
N TYR E 3 -47.69 44.23 -5.95
CA TYR E 3 -48.22 43.43 -4.83
C TYR E 3 -48.48 44.34 -3.64
N THR E 4 -49.56 44.05 -2.94
CA THR E 4 -49.88 44.76 -1.71
C THR E 4 -49.77 43.87 -0.47
N ARG E 5 -49.58 44.51 0.68
CA ARG E 5 -49.51 43.80 1.94
C ARG E 5 -50.62 42.70 2.02
N GLU E 6 -51.73 42.82 1.29
CA GLU E 6 -52.83 41.83 1.36
C GLU E 6 -52.68 40.63 0.40
N ASP E 7 -52.19 40.94 -0.81
CA ASP E 7 -51.84 39.92 -1.79
C ASP E 7 -50.77 38.97 -1.31
N ILE E 8 -49.83 39.52 -0.53
CA ILE E 8 -48.71 38.75 -0.01
C ILE E 8 -49.24 37.90 1.13
N GLU E 9 -50.13 38.47 1.96
CA GLU E 9 -50.75 37.68 3.04
C GLU E 9 -51.57 36.53 2.47
N LYS E 10 -52.54 36.84 1.63
CA LYS E 10 -53.29 35.79 0.99
C LYS E 10 -52.45 34.86 0.05
N LEU E 11 -51.33 35.34 -0.49
CA LEU E 11 -50.37 34.44 -1.16
C LEU E 11 -49.66 33.42 -0.26
N VAL E 12 -49.25 33.88 0.93
CA VAL E 12 -48.52 33.05 1.84
C VAL E 12 -49.38 31.92 2.40
N LYS E 13 -50.67 32.20 2.70
CA LYS E 13 -51.49 31.11 3.22
C LYS E 13 -51.72 30.04 2.17
N GLU E 14 -52.16 30.42 0.98
CA GLU E 14 -52.67 29.41 0.06
C GLU E 14 -51.53 28.70 -0.66
N GLU E 15 -50.35 29.29 -0.60
CA GLU E 15 -49.16 28.61 -1.10
C GLU E 15 -48.46 27.81 -0.01
N ASN E 16 -48.95 27.92 1.24
CA ASN E 16 -48.36 27.26 2.42
C ASN E 16 -46.91 27.53 2.57
N VAL E 17 -46.61 28.81 2.52
CA VAL E 17 -45.27 29.27 2.80
C VAL E 17 -45.03 29.15 4.32
N LYS E 18 -43.97 28.43 4.70
CA LYS E 18 -43.68 28.18 6.10
C LYS E 18 -42.60 29.11 6.62
N TYR E 19 -41.69 29.54 5.74
CA TYR E 19 -40.60 30.49 6.09
C TYR E 19 -40.44 31.69 5.15
N ILE E 20 -39.92 32.79 5.67
CA ILE E 20 -39.62 33.94 4.83
C ILE E 20 -38.10 34.18 4.86
N ARG E 21 -37.49 34.50 3.72
CA ARG E 21 -36.09 34.96 3.70
C ARG E 21 -36.01 36.43 3.30
N LEU E 22 -35.58 37.25 4.26
CA LEU E 22 -35.22 38.63 3.97
C LEU E 22 -33.79 38.75 3.37
N GLN E 23 -33.71 39.19 2.12
CA GLN E 23 -32.42 39.19 1.40
C GLN E 23 -32.00 40.59 1.05
N PHE E 24 -30.69 40.81 1.05
CA PHE E 24 -30.15 42.03 0.54
C PHE E 24 -28.72 41.83 0.07
N THR E 25 -28.09 42.88 -0.44
CA THR E 25 -26.76 42.78 -1.05
C THR E 25 -25.70 43.61 -0.31
N ASP E 26 -24.51 43.06 -0.10
CA ASP E 26 -23.42 43.88 0.45
C ASP E 26 -22.62 44.75 -0.59
N ILE E 27 -21.64 45.49 -0.12
CA ILE E 27 -20.87 46.40 -0.94
C ILE E 27 -20.24 45.63 -2.12
N LEU E 28 -19.91 44.34 -1.95
CA LEU E 28 -19.25 43.49 -2.96
C LEU E 28 -20.20 42.78 -3.92
N GLY E 29 -21.48 42.94 -3.69
CA GLY E 29 -22.44 42.33 -4.58
C GLY E 29 -22.92 41.00 -4.02
N THR E 30 -22.35 40.54 -2.91
CA THR E 30 -22.74 39.25 -2.37
C THR E 30 -24.12 39.26 -1.73
N ILE E 31 -24.97 38.31 -2.09
CA ILE E 31 -26.32 38.27 -1.52
C ILE E 31 -26.27 37.81 -0.02
N LYS E 32 -27.09 38.41 0.84
CA LYS E 32 -27.13 38.08 2.27
C LYS E 32 -28.58 37.84 2.73
N ASN E 33 -28.83 37.00 3.71
CA ASN E 33 -30.21 36.85 4.14
C ASN E 33 -30.33 36.27 5.51
N VAL E 34 -31.52 36.43 6.08
CA VAL E 34 -31.90 35.87 7.36
C VAL E 34 -33.23 35.23 7.07
N GLU E 35 -33.52 34.10 7.74
CA GLU E 35 -34.80 33.38 7.58
C GLU E 35 -35.61 33.44 8.83
N ILE E 36 -36.92 33.69 8.69
CA ILE E 36 -37.83 33.84 9.83
C ILE E 36 -39.10 33.03 9.61
N PRO E 37 -39.58 32.31 10.63
CA PRO E 37 -40.84 31.61 10.35
C PRO E 37 -41.94 32.58 9.99
N VAL E 38 -42.90 32.07 9.24
CA VAL E 38 -43.96 32.86 8.61
C VAL E 38 -44.92 33.45 9.68
N SER E 39 -44.81 32.98 10.91
CA SER E 39 -45.47 33.63 12.03
C SER E 39 -44.89 35.06 12.27
N GLN E 40 -43.70 35.31 11.78
CA GLN E 40 -43.06 36.60 11.95
C GLN E 40 -43.32 37.48 10.73
N LEU E 41 -44.15 37.00 9.80
CA LEU E 41 -44.46 37.79 8.60
C LEU E 41 -44.85 39.23 8.95
N GLY E 42 -45.76 39.41 9.93
CA GLY E 42 -46.21 40.73 10.29
C GLY E 42 -45.09 41.58 10.85
N LYS E 43 -44.20 40.99 11.64
CA LYS E 43 -43.05 41.76 12.13
C LYS E 43 -42.23 42.27 10.93
N ALA E 44 -42.07 41.41 9.92
CA ALA E 44 -41.24 41.68 8.77
C ALA E 44 -41.87 42.78 7.90
N LEU E 45 -43.15 42.63 7.53
CA LEU E 45 -43.83 43.64 6.75
C LEU E 45 -44.01 44.99 7.51
N ASP E 46 -43.85 44.96 8.82
CA ASP E 46 -43.93 46.15 9.67
C ASP E 46 -42.57 46.76 9.76
N ASN E 47 -41.65 46.24 8.97
CA ASN E 47 -40.27 46.74 8.91
C ASN E 47 -39.58 46.86 10.27
N LYS E 48 -39.69 45.81 11.07
CA LYS E 48 -39.10 45.79 12.42
C LYS E 48 -37.99 44.74 12.52
N VAL E 49 -37.65 44.05 11.43
CA VAL E 49 -36.66 43.02 11.57
C VAL E 49 -35.31 43.69 11.50
N MET E 50 -34.39 43.36 12.42
CA MET E 50 -33.12 44.06 12.49
C MET E 50 -31.93 43.15 12.22
N PHE E 51 -30.75 43.72 12.01
CA PHE E 51 -29.55 42.92 11.86
C PHE E 51 -28.29 43.72 12.27
N ASP E 52 -27.22 43.00 12.61
CA ASP E 52 -25.95 43.61 12.86
C ASP E 52 -25.23 44.18 11.57
N GLY E 53 -25.40 45.47 11.36
CA GLY E 53 -24.77 46.14 10.25
C GLY E 53 -23.26 46.17 10.21
N SER E 54 -22.58 46.02 11.33
CA SER E 54 -21.14 46.09 11.29
C SER E 54 -20.54 44.77 10.78
N SER E 55 -21.41 43.83 10.50
CA SER E 55 -20.95 42.47 10.10
C SER E 55 -21.19 42.24 8.62
N ILE E 56 -21.65 43.28 7.95
CA ILE E 56 -21.93 43.27 6.54
C ILE E 56 -20.94 44.24 5.94
N GLU E 57 -20.13 43.74 5.02
CA GLU E 57 -19.09 44.47 4.41
C GLU E 57 -19.56 45.73 3.72
N GLY E 58 -18.97 46.85 4.18
CA GLY E 58 -19.12 48.16 3.57
C GLY E 58 -20.35 48.90 4.05
N PHE E 59 -21.04 48.33 5.07
CA PHE E 59 -22.17 49.01 5.73
C PHE E 59 -21.68 49.88 6.95
N VAL E 60 -22.20 49.60 8.16
CA VAL E 60 -21.93 50.47 9.34
C VAL E 60 -20.91 49.95 10.31
N ARG E 61 -20.56 50.78 11.30
CA ARG E 61 -19.51 50.45 12.27
C ARG E 61 -20.08 49.77 13.52
N ILE E 62 -19.18 49.14 14.30
CA ILE E 62 -19.56 48.41 15.52
C ILE E 62 -20.35 49.24 16.53
N GLU E 63 -20.05 50.54 16.65
CA GLU E 63 -20.69 51.49 17.61
C GLU E 63 -22.12 51.84 17.25
N GLU E 64 -22.48 51.74 15.98
CA GLU E 64 -23.83 52.08 15.61
C GLU E 64 -24.42 50.99 14.76
N SER E 65 -24.34 49.77 15.31
CA SER E 65 -24.53 48.54 14.56
C SER E 65 -25.93 48.23 14.15
N ASP E 66 -26.93 48.55 14.97
CA ASP E 66 -28.28 48.10 14.69
C ASP E 66 -28.73 48.75 13.41
N MET E 67 -29.53 48.05 12.62
CA MET E 67 -29.83 48.47 11.29
C MET E 67 -31.12 47.73 10.97
N TYR E 68 -32.00 48.33 10.17
CA TYR E 68 -33.32 47.74 9.87
C TYR E 68 -33.49 47.34 8.41
N LEU E 69 -34.48 46.49 8.17
CA LEU E 69 -34.64 45.79 6.88
C LEU E 69 -36.09 46.00 6.47
N TYR E 70 -36.29 46.64 5.35
CA TYR E 70 -37.64 46.97 4.86
C TYR E 70 -37.84 46.18 3.60
N PRO E 71 -38.61 45.09 3.67
CA PRO E 71 -38.82 44.31 2.43
C PRO E 71 -39.51 45.07 1.32
N ASP E 72 -39.12 44.77 0.10
CA ASP E 72 -39.81 45.26 -1.08
C ASP E 72 -40.85 44.21 -1.47
N LEU E 73 -42.12 44.50 -1.18
CA LEU E 73 -43.19 43.59 -1.57
C LEU E 73 -43.12 43.05 -3.01
N ASN E 74 -42.59 43.84 -3.93
CA ASN E 74 -42.60 43.39 -5.33
C ASN E 74 -41.59 42.29 -5.67
N THR E 75 -40.69 42.01 -4.75
CA THR E 75 -39.65 41.04 -4.95
C THR E 75 -40.06 39.64 -4.45
N PHE E 76 -41.32 39.47 -4.01
CA PHE E 76 -41.82 38.16 -3.55
C PHE E 76 -41.54 37.02 -4.52
N VAL E 77 -40.86 35.98 -4.08
CA VAL E 77 -40.67 34.82 -4.95
C VAL E 77 -40.53 33.60 -4.07
N ILE E 78 -41.14 32.50 -4.48
CA ILE E 78 -40.96 31.23 -3.77
C ILE E 78 -39.76 30.42 -4.30
N PHE E 79 -38.96 29.82 -3.45
CA PHE E 79 -37.85 29.01 -3.91
C PHE E 79 -38.29 27.56 -4.08
N PRO E 80 -38.55 27.12 -5.32
CA PRO E 80 -39.01 25.74 -5.57
C PRO E 80 -38.20 24.62 -4.83
N TRP E 81 -36.87 24.65 -4.80
CA TRP E 81 -36.11 23.59 -4.16
C TRP E 81 -36.31 23.53 -2.60
N THR E 82 -37.14 24.40 -2.04
CA THR E 82 -37.35 24.31 -0.60
C THR E 82 -38.73 23.74 -0.23
N ALA E 83 -39.55 23.45 -1.24
CA ALA E 83 -40.96 23.16 -1.00
C ALA E 83 -41.11 21.88 -0.15
N GLU E 84 -40.41 20.83 -0.53
CA GLU E 84 -40.62 19.55 0.09
C GLU E 84 -40.47 19.58 1.60
N LYS E 85 -39.49 20.30 2.14
CA LYS E 85 -39.20 20.20 3.57
C LYS E 85 -39.55 21.42 4.42
N GLY E 86 -39.80 22.57 3.77
CA GLY E 86 -40.17 23.83 4.45
C GLY E 86 -40.23 24.97 3.42
N LYS E 87 -41.31 25.03 2.62
CA LYS E 87 -41.44 26.02 1.57
C LYS E 87 -41.12 27.44 2.09
N VAL E 88 -40.32 28.17 1.31
CA VAL E 88 -39.62 29.38 1.69
C VAL E 88 -39.85 30.39 0.63
N ALA E 89 -40.44 31.53 1.00
CA ALA E 89 -40.58 32.68 0.09
C ALA E 89 -39.50 33.75 0.39
N ARG E 90 -39.14 34.57 -0.58
CA ARG E 90 -38.11 35.55 -0.32
C ARG E 90 -38.62 36.96 -0.63
N PHE E 91 -38.06 37.96 0.07
CA PHE E 91 -38.22 39.36 -0.25
C PHE E 91 -36.84 39.91 -0.36
N ILE E 92 -36.55 40.70 -1.41
CA ILE E 92 -35.38 41.56 -1.38
C ILE E 92 -35.69 42.80 -0.50
N CYS E 93 -34.73 43.26 0.30
CA CYS E 93 -35.03 44.38 1.20
C CYS E 93 -34.09 45.56 1.03
N ASP E 94 -34.59 46.74 1.45
CA ASP E 94 -33.82 48.00 1.49
C ASP E 94 -33.38 48.18 2.95
N ILE E 95 -32.18 48.69 3.16
CA ILE E 95 -31.63 48.92 4.51
C ILE E 95 -32.00 50.27 5.11
N TYR E 96 -32.42 50.29 6.36
CA TYR E 96 -32.77 51.56 6.99
C TYR E 96 -32.01 51.76 8.28
N ASN E 97 -31.76 53.02 8.60
CA ASN E 97 -31.24 53.40 9.89
C ASN E 97 -32.26 53.23 10.97
N PRO E 98 -31.80 53.04 12.22
CA PRO E 98 -32.74 53.00 13.36
C PRO E 98 -33.56 54.30 13.38
N ASP E 99 -33.03 55.41 12.88
CA ASP E 99 -33.78 56.65 12.95
C ASP E 99 -34.90 56.72 11.93
N GLY E 100 -35.07 55.69 11.09
CA GLY E 100 -36.15 55.62 10.09
C GLY E 100 -35.77 56.13 8.70
N THR E 101 -34.63 56.82 8.58
CA THR E 101 -34.07 57.23 7.29
C THR E 101 -33.31 56.10 6.48
N PRO E 102 -33.48 56.08 5.17
CA PRO E 102 -32.77 55.03 4.41
C PRO E 102 -31.24 55.03 4.56
N PHE E 103 -30.59 53.86 4.44
CA PHE E 103 -29.13 53.79 4.57
C PHE E 103 -28.39 54.24 3.30
N GLU E 104 -27.55 55.26 3.40
CA GLU E 104 -26.86 55.88 2.22
C GLU E 104 -25.84 54.98 1.51
N GLY E 105 -25.39 53.92 2.18
CA GLY E 105 -24.46 52.96 1.60
C GLY E 105 -25.14 51.64 1.20
N ASP E 106 -26.43 51.68 0.98
CA ASP E 106 -27.09 50.52 0.42
C ASP E 106 -27.04 50.62 -1.14
N PRO E 107 -26.30 49.73 -1.82
CA PRO E 107 -26.19 49.70 -3.30
C PRO E 107 -27.51 49.68 -4.10
N ARG E 108 -28.48 48.88 -3.74
CA ARG E 108 -29.80 48.91 -4.41
C ARG E 108 -30.50 50.28 -4.28
N ASN E 109 -30.35 50.88 -3.11
CA ASN E 109 -30.81 52.22 -2.91
C ASN E 109 -30.00 53.29 -3.69
N ASN E 110 -28.72 53.08 -3.89
CA ASN E 110 -28.00 53.94 -4.74
C ASN E 110 -28.49 53.88 -6.21
N LEU E 111 -28.80 52.67 -6.68
CA LEU E 111 -29.20 52.55 -8.04
C LEU E 111 -30.48 53.34 -8.25
N LYS E 112 -31.38 53.34 -7.27
CA LYS E 112 -32.67 54.00 -7.41
C LYS E 112 -32.44 55.48 -7.49
N ARG E 113 -31.38 55.92 -6.86
CA ARG E 113 -31.12 57.35 -6.83
C ARG E 113 -30.70 57.88 -8.23
N ILE E 114 -29.80 57.13 -8.88
CA ILE E 114 -29.41 57.35 -10.26
C ILE E 114 -30.60 57.19 -11.24
N LEU E 115 -31.50 56.27 -10.93
CA LEU E 115 -32.66 56.10 -11.78
C LEU E 115 -33.52 57.36 -11.71
N LYS E 116 -33.35 58.17 -10.65
CA LYS E 116 -34.22 59.31 -10.40
C LYS E 116 -33.69 60.46 -11.23
N GLU E 117 -32.38 60.49 -11.39
CA GLU E 117 -31.76 61.40 -12.34
C GLU E 117 -32.17 61.08 -13.77
N MET E 118 -32.26 59.81 -14.11
CA MET E 118 -32.81 59.40 -15.39
C MET E 118 -34.25 59.88 -15.62
N GLU E 119 -35.14 59.66 -14.66
CA GLU E 119 -36.50 60.17 -14.79
C GLU E 119 -36.51 61.68 -14.97
N ASP E 120 -35.60 62.38 -14.34
CA ASP E 120 -35.61 63.84 -14.39
C ASP E 120 -35.29 64.31 -15.81
N LEU E 121 -34.44 63.56 -16.52
CA LEU E 121 -34.12 63.80 -17.91
C LEU E 121 -35.18 63.26 -18.88
N GLY E 122 -36.33 62.83 -18.39
CA GLY E 122 -37.41 62.48 -19.29
C GLY E 122 -37.52 61.04 -19.79
N PHE E 123 -36.64 60.15 -19.35
CA PHE E 123 -36.81 58.76 -19.74
C PHE E 123 -37.65 58.04 -18.72
N SER E 124 -38.39 57.02 -19.10
CA SER E 124 -39.20 56.30 -18.12
C SER E 124 -38.63 54.95 -17.62
N ASP E 125 -37.64 54.38 -18.31
CA ASP E 125 -37.13 53.05 -17.98
C ASP E 125 -35.72 52.90 -18.45
N PHE E 126 -34.88 52.31 -17.63
CA PHE E 126 -33.57 51.91 -18.06
C PHE E 126 -33.55 50.35 -18.04
N ASN E 127 -33.61 49.72 -19.19
CA ASN E 127 -33.61 48.25 -19.24
C ASN E 127 -32.21 47.67 -19.38
N LEU E 128 -32.01 46.53 -18.68
CA LEU E 128 -30.75 45.80 -18.58
C LEU E 128 -31.00 44.34 -18.92
N GLY E 129 -30.36 43.87 -19.98
CA GLY E 129 -30.37 42.48 -20.39
C GLY E 129 -28.99 41.89 -20.09
N PRO E 130 -28.84 41.20 -18.92
CA PRO E 130 -27.50 40.81 -18.47
C PRO E 130 -27.10 39.37 -18.97
N GLU E 131 -25.87 39.11 -19.40
CA GLU E 131 -25.56 37.71 -19.72
C GLU E 131 -24.47 37.19 -18.80
N PRO E 132 -24.85 36.59 -17.65
CA PRO E 132 -23.72 36.30 -16.74
C PRO E 132 -23.15 34.89 -16.95
N GLU E 133 -22.05 34.78 -17.67
CA GLU E 133 -21.45 33.52 -18.10
C GLU E 133 -20.80 32.85 -16.86
N PHE E 134 -20.65 31.53 -16.81
CA PHE E 134 -20.11 30.87 -15.62
C PHE E 134 -19.45 29.53 -15.96
N PHE E 135 -18.46 29.11 -15.20
CA PHE E 135 -17.87 27.81 -15.39
C PHE E 135 -18.42 26.77 -14.42
N LEU E 136 -18.32 25.49 -14.78
CA LEU E 136 -18.64 24.41 -13.89
C LEU E 136 -17.37 23.55 -13.59
N PHE E 137 -16.98 23.53 -12.32
CA PHE E 137 -15.90 22.68 -11.86
C PHE E 137 -16.44 21.53 -11.06
N LYS E 138 -15.73 20.41 -11.06
CA LYS E 138 -16.12 19.22 -10.32
C LYS E 138 -15.76 19.34 -8.87
N LEU E 139 -16.71 18.98 -8.02
CA LEU E 139 -16.49 18.85 -6.58
C LEU E 139 -15.78 17.53 -6.33
N ASP E 140 -15.09 17.42 -5.20
CA ASP E 140 -14.55 16.13 -4.77
C ASP E 140 -15.49 15.42 -3.77
N GLU E 141 -14.94 14.41 -3.09
CA GLU E 141 -15.66 13.62 -2.11
C GLU E 141 -15.87 14.50 -0.85
N LYS E 142 -14.96 15.42 -0.57
CA LYS E 142 -15.19 16.34 0.53
C LYS E 142 -16.28 17.40 0.19
N GLY E 143 -16.81 17.40 -1.04
CA GLY E 143 -17.73 18.45 -1.51
C GLY E 143 -17.12 19.85 -1.69
N GLU E 144 -15.80 19.93 -1.85
CA GLU E 144 -15.10 21.16 -2.21
C GLU E 144 -14.78 21.18 -3.73
N PRO E 145 -14.77 22.34 -4.36
CA PRO E 145 -14.44 22.38 -5.80
C PRO E 145 -13.00 21.93 -6.15
N THR E 146 -12.79 21.46 -7.38
CA THR E 146 -11.46 21.09 -7.90
C THR E 146 -11.16 21.97 -9.08
N LEU E 147 -9.96 21.90 -9.66
CA LEU E 147 -9.71 22.60 -10.92
C LEU E 147 -10.11 21.82 -12.19
N GLU E 148 -10.90 20.74 -12.09
CA GLU E 148 -11.31 19.96 -13.28
C GLU E 148 -12.61 20.54 -13.76
N LEU E 149 -12.59 21.10 -14.96
CA LEU E 149 -13.83 21.53 -15.61
C LEU E 149 -14.75 20.36 -15.80
N ASN E 150 -16.06 20.62 -15.80
CA ASN E 150 -17.06 19.57 -15.97
C ASN E 150 -16.97 18.90 -17.37
N ASP E 151 -16.34 19.56 -18.34
CA ASP E 151 -16.22 18.98 -19.67
C ASP E 151 -15.16 19.69 -20.52
N LYS E 152 -14.84 19.19 -21.71
CA LYS E 152 -13.89 19.88 -22.59
C LYS E 152 -14.58 20.43 -23.84
N GLY E 153 -15.89 20.70 -23.70
CA GLY E 153 -16.70 21.21 -24.81
C GLY E 153 -16.38 22.65 -25.15
N GLY E 154 -16.84 23.07 -26.33
CA GLY E 154 -16.77 24.41 -26.84
C GLY E 154 -18.14 25.01 -27.18
N TYR E 155 -18.10 26.11 -27.97
CA TYR E 155 -19.27 26.93 -28.30
C TYR E 155 -20.28 26.09 -29.04
N PHE E 156 -21.49 26.07 -28.51
CA PHE E 156 -22.64 25.37 -29.10
C PHE E 156 -22.49 23.87 -29.23
N ASP E 157 -21.53 23.27 -28.56
CA ASP E 157 -21.38 21.81 -28.59
C ASP E 157 -22.55 21.02 -28.01
N LEU E 158 -22.80 19.86 -28.61
CA LEU E 158 -23.85 18.96 -28.19
C LEU E 158 -23.33 17.97 -27.21
N ALA E 159 -24.27 17.36 -26.49
CA ALA E 159 -23.94 16.30 -25.57
C ALA E 159 -23.29 15.04 -26.22
N PRO E 160 -22.20 14.73 -25.48
CA PRO E 160 -21.25 13.86 -24.73
C PRO E 160 -20.01 14.89 -24.71
N THR E 161 -19.89 15.80 -25.69
CA THR E 161 -18.84 16.82 -25.64
C THR E 161 -19.22 17.88 -24.61
N ASP E 162 -20.50 18.21 -24.63
CA ASP E 162 -21.13 19.03 -23.64
C ASP E 162 -21.73 18.16 -22.52
N LEU E 163 -21.26 18.34 -21.30
CA LEU E 163 -21.82 17.58 -20.20
C LEU E 163 -22.51 18.48 -19.21
N GLY E 164 -22.65 19.75 -19.53
CA GLY E 164 -23.37 20.66 -18.63
C GLY E 164 -24.83 20.74 -19.03
N GLU E 165 -25.21 19.85 -19.91
CA GLU E 165 -26.49 19.98 -20.55
C GLU E 165 -27.60 19.58 -19.54
N ASN E 166 -27.41 18.50 -18.78
CA ASN E 166 -28.39 18.21 -17.73
C ASN E 166 -28.46 19.23 -16.63
N CYS E 167 -27.29 19.83 -16.26
CA CYS E 167 -27.24 20.80 -15.21
C CYS E 167 -28.02 22.03 -15.66
N ARG E 168 -27.61 22.56 -16.79
CA ARG E 168 -28.30 23.67 -17.43
C ARG E 168 -29.76 23.41 -17.52
N ARG E 169 -30.16 22.19 -17.81
CA ARG E 169 -31.60 21.92 -17.93
C ARG E 169 -32.32 22.08 -16.55
N ASP E 170 -31.70 21.63 -15.44
CA ASP E 170 -32.28 21.91 -14.11
C ASP E 170 -32.20 23.37 -13.68
N ILE E 171 -31.14 24.07 -14.05
CA ILE E 171 -31.08 25.46 -13.73
C ILE E 171 -32.28 26.14 -14.34
N VAL E 172 -32.50 25.85 -15.62
CA VAL E 172 -33.57 26.49 -16.39
C VAL E 172 -34.91 26.11 -15.79
N LEU E 173 -35.08 24.88 -15.38
CA LEU E 173 -36.38 24.49 -14.81
C LEU E 173 -36.71 25.32 -13.54
N GLU E 174 -35.74 25.49 -12.61
CA GLU E 174 -35.98 26.26 -11.39
C GLU E 174 -36.29 27.69 -11.76
N LEU E 175 -35.41 28.30 -12.57
CA LEU E 175 -35.63 29.69 -13.06
C LEU E 175 -37.04 29.89 -13.66
N GLU E 176 -37.46 28.98 -14.53
CA GLU E 176 -38.82 29.05 -15.05
C GLU E 176 -39.91 28.88 -13.95
N GLU E 177 -39.78 28.00 -12.95
CA GLU E 177 -40.77 28.06 -11.85
C GLU E 177 -40.79 29.39 -11.07
N MET E 178 -39.67 30.09 -11.00
CA MET E 178 -39.64 31.33 -10.25
C MET E 178 -40.03 32.53 -11.08
N GLY E 179 -40.62 32.27 -12.23
CA GLY E 179 -41.08 33.32 -13.09
C GLY E 179 -40.07 33.97 -14.03
N PHE E 180 -38.90 33.39 -14.26
CA PHE E 180 -37.96 33.96 -15.24
C PHE E 180 -38.43 33.72 -16.69
N GLU E 181 -38.12 34.66 -17.57
CA GLU E 181 -38.25 34.43 -19.00
C GLU E 181 -36.93 33.96 -19.58
N ILE E 182 -36.69 32.66 -19.61
CA ILE E 182 -35.44 32.22 -20.18
C ILE E 182 -35.47 32.35 -21.72
N GLU E 183 -34.34 32.76 -22.28
CA GLU E 183 -34.24 33.01 -23.69
C GLU E 183 -33.49 31.90 -24.39
N ALA E 184 -32.31 31.59 -23.91
CA ALA E 184 -31.55 30.53 -24.56
C ALA E 184 -30.61 29.84 -23.54
N SER E 185 -30.12 28.67 -23.85
CA SER E 185 -29.01 28.16 -23.04
C SER E 185 -28.07 27.35 -23.90
N HIS E 186 -26.78 27.44 -23.62
CA HIS E 186 -25.76 26.70 -24.38
C HIS E 186 -24.39 26.60 -23.69
N HIS E 187 -23.54 25.76 -24.24
CA HIS E 187 -22.15 25.76 -23.85
C HIS E 187 -21.43 26.97 -24.48
N GLU E 188 -20.47 27.54 -23.79
CA GLU E 188 -19.79 28.71 -24.32
C GLU E 188 -18.42 28.27 -24.83
N VAL E 189 -17.56 29.21 -25.20
CA VAL E 189 -16.34 28.89 -25.92
C VAL E 189 -15.31 28.12 -25.12
N ALA E 190 -15.04 28.47 -23.84
CA ALA E 190 -14.01 27.71 -23.06
C ALA E 190 -14.48 26.33 -22.54
N PRO E 191 -13.57 25.38 -22.36
CA PRO E 191 -14.06 24.17 -21.67
C PRO E 191 -14.72 24.43 -20.29
N GLY E 192 -15.80 23.72 -19.93
CA GLY E 192 -16.57 24.04 -18.72
C GLY E 192 -17.37 25.37 -18.65
N GLN E 193 -17.55 26.05 -19.79
CA GLN E 193 -18.11 27.40 -19.72
C GLN E 193 -19.48 27.31 -20.31
N HIS E 194 -20.43 28.09 -19.74
CA HIS E 194 -21.88 27.91 -20.00
C HIS E 194 -22.57 29.19 -19.88
N GLU E 195 -23.76 29.25 -20.45
CA GLU E 195 -24.51 30.49 -20.48
C GLU E 195 -25.99 30.18 -20.54
N ILE E 196 -26.77 30.99 -19.80
CA ILE E 196 -28.23 30.94 -19.82
C ILE E 196 -28.66 32.39 -19.91
N ASP E 197 -29.55 32.68 -20.85
CA ASP E 197 -29.98 34.04 -21.00
C ASP E 197 -31.43 34.14 -20.62
N PHE E 198 -31.84 35.33 -20.26
CA PHE E 198 -33.21 35.55 -19.85
C PHE E 198 -33.57 36.96 -20.32
N LYS E 199 -34.84 37.22 -20.60
CA LYS E 199 -35.31 38.55 -21.02
C LYS E 199 -34.84 39.69 -20.12
N TYR E 200 -34.59 40.85 -20.72
CA TYR E 200 -34.17 42.05 -19.98
C TYR E 200 -35.34 42.53 -19.10
N ALA E 201 -35.07 43.47 -18.17
CA ALA E 201 -36.10 44.01 -17.30
C ALA E 201 -35.65 45.39 -16.96
N GLY E 202 -36.43 46.14 -16.17
CA GLY E 202 -35.99 47.44 -15.65
C GLY E 202 -34.83 47.31 -14.69
N ALA E 203 -33.86 48.21 -14.75
CA ALA E 203 -32.64 48.18 -13.92
C ALA E 203 -32.73 47.57 -12.53
N VAL E 204 -33.67 47.98 -11.67
CA VAL E 204 -33.67 47.32 -10.36
C VAL E 204 -34.03 45.79 -10.40
N ARG E 205 -35.13 45.48 -11.07
CA ARG E 205 -35.57 44.14 -11.20
C ARG E 205 -34.51 43.36 -11.87
N SER E 206 -33.89 43.95 -12.86
CA SER E 206 -32.88 43.20 -13.60
C SER E 206 -31.66 42.85 -12.71
N CYS E 207 -31.16 43.80 -11.91
CA CYS E 207 -30.20 43.52 -10.83
C CYS E 207 -30.66 42.47 -9.81
N ASP E 208 -31.85 42.63 -9.24
CA ASP E 208 -32.43 41.56 -8.40
C ASP E 208 -32.35 40.19 -9.14
N ASP E 209 -32.61 40.16 -10.45
CA ASP E 209 -32.43 38.93 -11.26
C ASP E 209 -30.99 38.40 -11.33
N ILE E 210 -30.01 39.21 -11.68
CA ILE E 210 -28.65 38.70 -11.62
C ILE E 210 -28.42 38.04 -10.23
N GLN E 211 -28.93 38.67 -9.16
CA GLN E 211 -28.66 38.17 -7.83
C GLN E 211 -29.37 36.80 -7.62
N THR E 212 -30.60 36.69 -8.09
CA THR E 212 -31.35 35.47 -7.90
C THR E 212 -30.81 34.29 -8.80
N PHE E 213 -30.51 34.64 -10.04
CA PHE E 213 -29.87 33.74 -10.99
C PHE E 213 -28.58 33.11 -10.46
N LYS E 214 -27.70 33.91 -9.85
CA LYS E 214 -26.42 33.40 -9.36
C LYS E 214 -26.70 32.44 -8.19
N LEU E 215 -27.72 32.76 -7.41
CA LEU E 215 -28.09 31.90 -6.30
C LEU E 215 -28.54 30.54 -6.82
N VAL E 216 -29.47 30.56 -7.79
CA VAL E 216 -30.10 29.35 -8.33
C VAL E 216 -29.08 28.51 -9.12
N VAL E 217 -28.16 29.19 -9.78
CA VAL E 217 -27.13 28.52 -10.55
C VAL E 217 -26.23 27.78 -9.59
N LYS E 218 -25.79 28.45 -8.54
CA LYS E 218 -24.91 27.81 -7.54
C LYS E 218 -25.59 26.66 -6.81
N THR E 219 -26.87 26.83 -6.46
CA THR E 219 -27.65 25.79 -5.76
C THR E 219 -27.82 24.57 -6.68
N ILE E 220 -28.43 24.73 -7.86
CA ILE E 220 -28.64 23.54 -8.66
C ILE E 220 -27.30 22.82 -9.07
N ALA E 221 -26.21 23.58 -9.26
CA ALA E 221 -25.00 22.95 -9.72
C ALA E 221 -24.49 22.05 -8.61
N ARG E 222 -24.64 22.50 -7.35
CA ARG E 222 -24.30 21.62 -6.23
C ARG E 222 -25.19 20.36 -6.25
N LYS E 223 -26.45 20.49 -6.58
CA LYS E 223 -27.27 19.34 -6.75
C LYS E 223 -26.61 18.37 -7.77
N HIS E 224 -25.91 18.84 -8.81
CA HIS E 224 -25.34 17.81 -9.73
C HIS E 224 -23.90 17.53 -9.45
N GLY E 225 -23.51 17.78 -8.24
CA GLY E 225 -22.14 17.58 -7.89
C GLY E 225 -21.16 18.47 -8.57
N LEU E 226 -21.52 19.76 -8.79
CA LEU E 226 -20.63 20.70 -9.49
C LEU E 226 -20.57 21.97 -8.75
N HIS E 227 -19.48 22.70 -8.96
CA HIS E 227 -19.33 24.01 -8.37
C HIS E 227 -19.34 25.13 -9.40
N ALA E 228 -20.42 25.91 -9.42
CA ALA E 228 -20.57 27.00 -10.40
C ALA E 228 -19.81 28.23 -9.88
N THR E 229 -19.12 28.95 -10.74
CA THR E 229 -18.35 30.13 -10.30
C THR E 229 -18.50 31.25 -11.32
N PHE E 230 -18.74 32.45 -10.81
CA PHE E 230 -18.79 33.69 -11.64
C PHE E 230 -17.44 34.44 -11.62
N MET E 231 -16.36 33.79 -11.20
CA MET E 231 -15.01 34.36 -11.30
C MET E 231 -14.74 34.74 -12.77
N PRO E 232 -14.28 35.96 -13.00
CA PRO E 232 -14.04 36.45 -14.37
C PRO E 232 -13.05 35.60 -15.23
N LYS E 233 -11.94 35.17 -14.68
CA LYS E 233 -10.93 34.47 -15.48
C LYS E 233 -10.30 33.37 -14.64
N PRO E 234 -10.96 32.22 -14.54
CA PRO E 234 -10.47 31.19 -13.62
C PRO E 234 -9.19 30.56 -14.13
N LEU E 235 -8.94 30.56 -15.44
CA LEU E 235 -7.79 29.85 -16.03
C LEU E 235 -7.11 30.67 -17.12
N PHE E 236 -5.79 30.72 -17.11
CA PHE E 236 -5.09 31.42 -18.14
C PHE E 236 -5.17 30.69 -19.50
N GLY E 237 -5.14 31.45 -20.61
CA GLY E 237 -5.15 30.85 -21.93
C GLY E 237 -6.45 30.35 -22.56
N VAL E 238 -7.56 30.44 -21.82
CA VAL E 238 -8.93 30.24 -22.34
C VAL E 238 -9.82 31.47 -21.99
N ASN E 239 -10.94 31.55 -22.67
CA ASN E 239 -11.91 32.59 -22.44
C ASN E 239 -12.23 32.79 -20.92
N GLY E 240 -12.44 34.06 -20.56
CA GLY E 240 -12.94 34.42 -19.25
C GLY E 240 -14.46 34.45 -19.30
N SER E 241 -15.11 34.62 -18.16
CA SER E 241 -16.55 34.86 -18.20
C SER E 241 -16.86 36.35 -18.16
N GLY E 242 -17.75 36.80 -19.03
CA GLY E 242 -18.23 38.16 -18.95
C GLY E 242 -19.64 38.25 -18.44
N MET E 243 -20.05 39.44 -17.97
CA MET E 243 -21.46 39.67 -17.75
C MET E 243 -21.86 40.79 -18.66
N HIS E 244 -22.06 40.51 -19.94
CA HIS E 244 -22.32 41.61 -20.89
C HIS E 244 -23.62 42.31 -20.44
N CYS E 245 -23.67 43.64 -20.54
CA CYS E 245 -24.87 44.41 -20.13
C CYS E 245 -25.43 45.15 -21.30
N ASN E 246 -26.62 44.74 -21.69
CA ASN E 246 -27.22 45.28 -22.86
C ASN E 246 -28.07 46.37 -22.32
N LEU E 247 -27.82 47.60 -22.75
CA LEU E 247 -28.52 48.73 -22.16
C LEU E 247 -29.48 49.35 -23.17
N SER E 248 -30.66 49.73 -22.73
CA SER E 248 -31.41 50.68 -23.52
C SER E 248 -32.26 51.62 -22.61
N LEU E 249 -32.64 52.79 -23.16
CA LEU E 249 -33.51 53.77 -22.49
C LEU E 249 -34.86 53.82 -23.14
N PHE E 250 -35.92 53.82 -22.39
CA PHE E 250 -37.24 53.89 -22.98
C PHE E 250 -37.88 55.23 -22.64
N LYS E 251 -38.59 55.80 -23.58
CA LYS E 251 -39.17 57.13 -23.38
C LYS E 251 -40.51 57.06 -24.03
N ASN E 252 -41.55 57.01 -23.20
CA ASN E 252 -42.89 56.81 -23.71
C ASN E 252 -43.04 55.37 -24.18
N GLY E 253 -42.71 54.42 -23.29
CA GLY E 253 -42.86 53.01 -23.60
C GLY E 253 -42.24 52.57 -24.94
N VAL E 254 -41.31 53.33 -25.51
CA VAL E 254 -40.68 52.90 -26.76
C VAL E 254 -39.18 53.04 -26.67
N ASN E 255 -38.46 52.09 -27.26
CA ASN E 255 -37.01 52.16 -27.30
C ASN E 255 -36.53 53.51 -27.91
N ALA E 256 -35.91 54.34 -27.09
CA ALA E 256 -35.35 55.61 -27.49
C ALA E 256 -34.08 55.49 -28.33
N PHE E 257 -33.58 54.28 -28.50
CA PHE E 257 -32.28 54.12 -29.15
C PHE E 257 -32.42 53.83 -30.63
N PHE E 258 -33.57 53.29 -31.05
CA PHE E 258 -33.87 52.99 -32.45
C PHE E 258 -34.38 54.18 -33.23
N ASP E 259 -33.99 54.23 -34.49
CA ASP E 259 -34.43 55.31 -35.37
C ASP E 259 -34.27 54.89 -36.82
N GLU E 260 -35.37 54.33 -37.35
CA GLU E 260 -35.45 53.76 -38.70
C GLU E 260 -34.73 54.61 -39.76
N ASN E 261 -34.90 55.91 -39.73
CA ASN E 261 -34.26 56.68 -40.76
C ASN E 261 -32.82 57.08 -40.46
N ALA E 262 -32.36 56.91 -39.24
CA ALA E 262 -30.98 57.29 -38.92
C ALA E 262 -29.98 56.42 -39.62
N ASP E 263 -28.73 56.88 -39.59
CA ASP E 263 -27.60 56.08 -39.98
C ASP E 263 -27.43 54.91 -39.01
N LEU E 264 -27.33 53.71 -39.56
CA LEU E 264 -27.24 52.51 -38.76
C LEU E 264 -28.53 52.37 -37.99
N GLN E 265 -29.54 53.17 -38.25
CA GLN E 265 -30.81 53.01 -37.52
C GLN E 265 -30.61 53.26 -36.01
N LEU E 266 -29.53 53.97 -35.68
CA LEU E 266 -29.27 54.45 -34.30
C LEU E 266 -29.65 55.93 -34.12
N SER E 267 -30.66 56.20 -33.31
CA SER E 267 -31.09 57.58 -32.95
C SER E 267 -29.97 58.40 -32.35
N GLU E 268 -30.27 59.64 -32.01
CA GLU E 268 -29.25 60.56 -31.47
C GLU E 268 -29.01 60.30 -30.01
N THR E 269 -30.10 60.06 -29.30
CA THR E 269 -30.01 59.60 -27.94
C THR E 269 -29.04 58.43 -27.78
N ALA E 270 -29.15 57.44 -28.66
CA ALA E 270 -28.21 56.32 -28.66
C ALA E 270 -26.79 56.76 -28.90
N LYS E 271 -26.57 57.79 -29.69
CA LYS E 271 -25.21 58.12 -30.08
C LYS E 271 -24.56 58.96 -28.97
N HIS E 272 -25.42 59.76 -28.34
CA HIS E 272 -25.06 60.57 -27.19
C HIS E 272 -24.65 59.72 -25.98
N PHE E 273 -25.45 58.66 -25.72
CA PHE E 273 -25.28 57.71 -24.63
C PHE E 273 -23.99 56.96 -24.84
N ILE E 274 -23.81 56.47 -26.05
CA ILE E 274 -22.60 55.73 -26.40
C ILE E 274 -21.39 56.60 -26.17
N ALA E 275 -21.55 57.90 -26.45
CA ALA E 275 -20.47 58.88 -26.29
C ALA E 275 -20.19 59.01 -24.82
N GLY E 276 -21.25 59.00 -24.03
CA GLY E 276 -21.12 58.96 -22.58
C GLY E 276 -20.34 57.73 -22.10
N ILE E 277 -20.61 56.55 -22.67
CA ILE E 277 -19.93 55.36 -22.20
C ILE E 277 -18.47 55.40 -22.52
N VAL E 278 -18.16 55.78 -23.72
CA VAL E 278 -16.77 55.89 -24.18
C VAL E 278 -15.95 56.84 -23.27
N LYS E 279 -16.52 58.01 -22.99
CA LYS E 279 -15.83 59.05 -22.19
C LYS E 279 -15.51 58.58 -20.77
N HIS E 280 -16.38 57.78 -20.19
CA HIS E 280 -16.18 57.34 -18.82
C HIS E 280 -15.67 55.93 -18.68
N ALA E 281 -15.44 55.23 -19.78
CA ALA E 281 -15.04 53.83 -19.76
C ALA E 281 -13.82 53.57 -18.89
N THR E 282 -12.74 54.31 -19.11
CA THR E 282 -11.52 54.04 -18.31
C THR E 282 -11.74 54.35 -16.82
N SER E 283 -12.78 55.15 -16.53
CA SER E 283 -13.13 55.63 -15.19
C SER E 283 -14.07 54.74 -14.37
N PHE E 284 -15.04 54.07 -15.00
CA PHE E 284 -15.97 53.16 -14.28
C PHE E 284 -15.57 51.67 -14.29
N THR E 285 -14.37 51.39 -14.81
CA THR E 285 -13.89 50.02 -14.97
C THR E 285 -13.60 49.40 -13.62
N ALA E 286 -13.17 50.22 -12.64
CA ALA E 286 -12.89 49.79 -11.25
C ALA E 286 -14.16 49.19 -10.66
N VAL E 287 -15.32 49.82 -10.89
CA VAL E 287 -16.62 49.19 -10.48
C VAL E 287 -17.17 48.01 -11.31
N THR E 288 -17.14 48.12 -12.65
CA THR E 288 -17.67 47.06 -13.51
C THR E 288 -16.73 45.85 -13.53
N ASN E 289 -15.52 46.08 -13.08
CA ASN E 289 -14.50 45.06 -13.02
C ASN E 289 -13.78 45.20 -11.70
N PRO E 290 -14.44 44.73 -10.63
CA PRO E 290 -13.97 45.12 -9.30
C PRO E 290 -12.92 44.22 -8.65
N THR E 291 -12.42 43.20 -9.32
CA THR E 291 -11.51 42.30 -8.65
C THR E 291 -10.15 42.35 -9.27
N VAL E 292 -9.18 41.74 -8.62
CA VAL E 292 -7.86 41.71 -9.19
C VAL E 292 -7.97 40.88 -10.50
N ASN E 293 -8.65 39.75 -10.43
CA ASN E 293 -8.68 38.76 -11.49
C ASN E 293 -9.41 39.36 -12.71
N SER E 294 -10.27 40.37 -12.51
CA SER E 294 -10.99 40.92 -13.67
C SER E 294 -10.02 41.41 -14.76
N TYR E 295 -8.86 41.84 -14.36
CA TYR E 295 -7.91 42.47 -15.25
C TYR E 295 -7.14 41.44 -16.04
N LYS E 296 -7.20 40.16 -15.65
CA LYS E 296 -6.55 39.10 -16.44
C LYS E 296 -7.52 38.66 -17.56
N ARG E 297 -8.78 39.13 -17.50
CA ARG E 297 -9.72 38.83 -18.58
C ARG E 297 -9.68 39.91 -19.66
N LEU E 298 -9.27 41.14 -19.27
CA LEU E 298 -9.23 42.27 -20.21
C LEU E 298 -7.89 42.23 -20.90
N VAL E 299 -7.58 41.06 -21.48
CA VAL E 299 -6.40 40.87 -22.30
C VAL E 299 -6.84 40.52 -23.73
N PRO E 300 -6.01 40.86 -24.71
CA PRO E 300 -6.62 40.71 -26.04
C PRO E 300 -6.70 39.27 -26.54
N GLY E 301 -7.68 39.00 -27.43
CA GLY E 301 -7.77 37.72 -28.09
C GLY E 301 -8.79 36.69 -27.63
N TYR E 302 -9.71 37.05 -26.74
CA TYR E 302 -10.62 36.05 -26.14
C TYR E 302 -12.04 36.65 -26.11
N GLU E 303 -12.28 37.66 -26.94
CA GLU E 303 -13.59 38.28 -27.03
C GLU E 303 -13.99 39.08 -25.84
N ALA E 304 -13.03 39.50 -25.04
CA ALA E 304 -13.25 40.51 -24.02
C ALA E 304 -12.75 41.87 -24.49
N PRO E 305 -13.38 42.96 -24.06
CA PRO E 305 -12.86 44.25 -24.53
C PRO E 305 -11.56 44.57 -23.80
N CYS E 306 -10.66 45.31 -24.42
CA CYS E 306 -9.49 45.81 -23.73
C CYS E 306 -9.08 47.18 -24.27
N TYR E 307 -9.89 47.68 -25.22
CA TYR E 307 -9.76 49.00 -25.82
C TYR E 307 -11.12 49.67 -25.88
N VAL E 308 -11.14 50.98 -25.66
CA VAL E 308 -12.34 51.79 -25.70
C VAL E 308 -12.72 52.15 -27.16
N ALA E 309 -13.77 51.50 -27.66
CA ALA E 309 -14.24 51.73 -29.03
C ALA E 309 -15.58 51.04 -29.13
N TRP E 310 -16.35 51.35 -30.15
CA TRP E 310 -17.61 50.63 -30.37
C TRP E 310 -17.67 50.27 -31.82
N SER E 311 -18.65 49.47 -32.23
CA SER E 311 -18.69 48.92 -33.62
C SER E 311 -19.95 48.13 -33.73
N ALA E 312 -20.53 48.00 -34.92
CA ALA E 312 -21.70 47.13 -35.06
C ALA E 312 -21.25 45.67 -35.29
N GLN E 313 -21.87 44.75 -34.54
CA GLN E 313 -21.66 43.31 -34.78
C GLN E 313 -20.21 42.86 -34.60
N ASN E 314 -19.47 43.65 -33.86
CA ASN E 314 -18.07 43.41 -33.70
C ASN E 314 -17.97 42.91 -32.27
N ARG E 315 -17.30 41.79 -32.11
CA ARG E 315 -17.33 41.09 -30.86
C ARG E 315 -15.98 41.42 -30.20
N SER E 316 -15.23 42.38 -30.76
CA SER E 316 -13.87 42.73 -30.30
C SER E 316 -13.67 44.11 -29.57
N PRO E 317 -14.65 45.03 -29.65
CA PRO E 317 -14.53 46.35 -29.01
C PRO E 317 -15.14 46.40 -27.63
N LEU E 318 -15.10 47.57 -26.99
CA LEU E 318 -15.73 47.75 -25.68
C LEU E 318 -17.27 47.76 -25.82
N ILE E 319 -17.76 48.24 -26.97
CA ILE E 319 -19.20 48.32 -27.23
C ILE E 319 -19.56 47.69 -28.56
N ARG E 320 -20.38 46.67 -28.49
CA ARG E 320 -20.89 46.14 -29.69
C ARG E 320 -22.32 46.56 -29.76
N ILE E 321 -22.75 46.99 -30.93
CA ILE E 321 -24.16 47.20 -31.21
C ILE E 321 -24.56 45.99 -31.97
N PRO E 322 -25.40 45.15 -31.38
CA PRO E 322 -25.92 43.94 -32.06
C PRO E 322 -26.81 44.29 -33.25
N ALA E 323 -26.85 43.40 -34.23
CA ALA E 323 -27.56 43.61 -35.48
C ALA E 323 -29.01 43.95 -35.25
N SER E 324 -29.62 43.45 -34.18
CA SER E 324 -31.02 43.72 -33.84
C SER E 324 -31.44 45.22 -33.85
N ARG E 325 -32.65 45.51 -34.32
CA ARG E 325 -33.15 46.90 -34.25
C ARG E 325 -34.58 46.86 -33.73
N GLY E 326 -35.36 47.91 -33.91
CA GLY E 326 -36.68 47.90 -33.27
C GLY E 326 -36.61 47.93 -31.75
N ILE E 327 -37.52 47.19 -31.11
CA ILE E 327 -37.51 47.17 -29.65
C ILE E 327 -36.23 46.55 -29.07
N SER E 328 -35.48 45.79 -29.88
CA SER E 328 -34.25 45.12 -29.44
C SER E 328 -32.96 45.89 -29.62
N THR E 329 -33.09 47.18 -29.89
CA THR E 329 -31.95 48.00 -30.29
C THR E 329 -31.25 48.34 -29.00
N ARG E 330 -29.97 48.06 -28.86
CA ARG E 330 -29.39 48.14 -27.53
C ARG E 330 -27.92 48.39 -27.61
N VAL E 331 -27.31 48.86 -26.53
CA VAL E 331 -25.88 49.03 -26.54
C VAL E 331 -25.29 47.92 -25.71
N GLU E 332 -24.58 47.00 -26.31
CA GLU E 332 -23.98 45.96 -25.47
C GLU E 332 -22.62 46.40 -24.88
N VAL E 333 -22.53 46.57 -23.54
CA VAL E 333 -21.23 46.92 -22.90
C VAL E 333 -20.54 45.65 -22.40
N ARG E 334 -19.40 45.32 -22.98
CA ARG E 334 -18.92 43.96 -22.85
C ARG E 334 -17.85 43.83 -21.80
N SER E 335 -17.40 44.94 -21.27
CA SER E 335 -16.39 44.90 -20.21
C SER E 335 -16.89 44.28 -18.88
N VAL E 336 -18.11 44.63 -18.47
CA VAL E 336 -18.64 44.19 -17.19
C VAL E 336 -18.43 42.70 -16.96
N ASP E 337 -18.00 42.29 -15.76
CA ASP E 337 -17.84 40.85 -15.52
C ASP E 337 -18.71 40.42 -14.34
N PRO E 338 -18.84 39.11 -14.12
CA PRO E 338 -19.96 38.81 -13.22
C PRO E 338 -19.54 38.89 -11.79
N ALA E 339 -18.33 39.35 -11.52
CA ALA E 339 -17.98 39.69 -10.13
C ALA E 339 -18.45 41.12 -9.77
N ALA E 340 -18.96 41.88 -10.73
CA ALA E 340 -19.35 43.25 -10.42
C ALA E 340 -20.63 43.23 -9.58
N ASN E 341 -20.71 44.09 -8.58
CA ASN E 341 -21.98 44.39 -7.96
C ASN E 341 -22.98 44.98 -8.95
N PRO E 342 -24.02 44.23 -9.32
CA PRO E 342 -24.84 44.72 -10.44
C PRO E 342 -25.43 46.14 -10.21
N TYR E 343 -25.73 46.48 -8.97
CA TYR E 343 -26.42 47.72 -8.62
C TYR E 343 -25.46 48.90 -8.79
N LEU E 344 -24.21 48.72 -8.36
CA LEU E 344 -23.16 49.72 -8.55
C LEU E 344 -22.74 49.84 -10.04
N ALA E 345 -22.64 48.70 -10.75
CA ALA E 345 -22.27 48.70 -12.18
C ALA E 345 -23.30 49.48 -12.95
N LEU E 346 -24.57 49.24 -12.65
CA LEU E 346 -25.66 49.90 -13.37
C LEU E 346 -25.73 51.36 -13.00
N SER E 347 -25.30 51.72 -11.80
CA SER E 347 -25.40 53.11 -11.36
C SER E 347 -24.36 53.95 -12.10
N VAL E 348 -23.14 53.41 -12.19
CA VAL E 348 -22.04 54.04 -12.88
C VAL E 348 -22.27 54.05 -14.42
N LEU E 349 -22.79 52.98 -15.03
CA LEU E 349 -23.14 52.99 -16.49
C LEU E 349 -24.22 53.96 -16.85
N LEU E 350 -25.29 53.97 -16.05
CA LEU E 350 -26.40 54.88 -16.27
C LEU E 350 -25.91 56.29 -16.12
N ALA E 351 -24.96 56.50 -15.21
CA ALA E 351 -24.49 57.85 -14.99
C ALA E 351 -23.63 58.26 -16.18
N ALA E 352 -22.76 57.35 -16.67
CA ALA E 352 -21.95 57.63 -17.85
C ALA E 352 -22.87 58.01 -19.05
N GLY E 353 -23.79 57.14 -19.38
CA GLY E 353 -24.63 57.40 -20.52
C GLY E 353 -25.37 58.70 -20.34
N LEU E 354 -26.10 58.84 -19.24
CA LEU E 354 -26.83 60.08 -18.95
C LEU E 354 -25.93 61.31 -19.08
N ASP E 355 -24.64 61.17 -18.85
CA ASP E 355 -23.77 62.30 -18.95
C ASP E 355 -23.60 62.68 -20.43
N GLY E 356 -23.52 61.69 -21.30
CA GLY E 356 -23.43 61.93 -22.73
C GLY E 356 -24.74 62.51 -23.20
N ILE E 357 -25.87 62.03 -22.72
CA ILE E 357 -27.13 62.55 -23.21
C ILE E 357 -27.38 64.00 -22.71
N LYS E 358 -26.97 64.27 -21.48
CA LYS E 358 -27.27 65.53 -20.82
C LYS E 358 -26.52 66.60 -21.59
N ASN E 359 -25.28 66.28 -21.93
CA ASN E 359 -24.45 67.23 -22.60
C ASN E 359 -24.37 66.93 -24.07
N LYS E 360 -25.30 66.13 -24.57
CA LYS E 360 -25.24 65.69 -25.96
C LYS E 360 -23.79 65.55 -26.46
N LEU E 361 -22.96 64.69 -25.86
CA LEU E 361 -21.59 64.46 -26.34
C LEU E 361 -21.59 63.82 -27.73
N GLU E 362 -20.50 63.96 -28.49
CA GLU E 362 -20.43 63.40 -29.84
C GLU E 362 -19.75 62.01 -29.88
N ALA E 363 -20.42 61.03 -30.50
CA ALA E 363 -19.87 59.68 -30.48
C ALA E 363 -18.60 59.61 -31.31
N PRO E 364 -17.62 58.85 -30.89
CA PRO E 364 -16.48 58.78 -31.79
C PRO E 364 -16.88 58.02 -33.04
N ALA E 365 -15.91 57.87 -33.93
CA ALA E 365 -16.13 57.11 -35.15
C ALA E 365 -16.01 55.64 -34.79
N PRO E 366 -16.91 54.81 -35.33
CA PRO E 366 -16.94 53.34 -35.23
C PRO E 366 -15.61 52.76 -35.63
N ILE E 367 -15.12 51.79 -34.90
CA ILE E 367 -13.92 51.14 -35.30
C ILE E 367 -14.36 49.85 -35.90
N ASP E 368 -14.52 49.81 -37.22
CA ASP E 368 -15.06 48.62 -37.85
C ASP E 368 -14.02 47.62 -38.25
N ARG E 369 -13.21 47.20 -37.29
CA ARG E 369 -12.31 46.09 -37.55
C ARG E 369 -12.00 45.28 -36.31
N ASN E 370 -10.99 44.42 -36.43
CA ASN E 370 -10.56 43.57 -35.33
C ASN E 370 -9.50 44.35 -34.52
N ILE E 371 -9.95 45.08 -33.52
CA ILE E 371 -9.05 45.92 -32.74
C ILE E 371 -7.82 45.17 -32.29
N TYR E 372 -7.96 43.89 -31.94
CA TYR E 372 -6.84 43.06 -31.46
C TYR E 372 -5.63 43.05 -32.43
N VAL E 373 -5.87 42.92 -33.73
CA VAL E 373 -4.76 42.89 -34.68
C VAL E 373 -4.33 44.30 -35.09
N MET E 374 -4.93 45.29 -34.47
CA MET E 374 -4.68 46.68 -34.76
C MET E 374 -3.40 47.08 -34.00
N SER E 375 -2.37 47.38 -34.79
CA SER E 375 -1.04 47.73 -34.30
C SER E 375 -1.05 48.94 -33.37
N LYS E 376 -0.13 48.97 -32.42
CA LYS E 376 -0.10 50.09 -31.51
C LYS E 376 -0.20 51.44 -32.24
N GLU E 377 0.51 51.59 -33.35
CA GLU E 377 0.54 52.89 -34.01
C GLU E 377 -0.83 53.15 -34.58
N GLU E 378 -1.41 52.09 -35.12
CA GLU E 378 -2.75 52.17 -35.68
C GLU E 378 -3.76 52.73 -34.67
N ARG E 379 -3.70 52.22 -33.44
CA ARG E 379 -4.61 52.66 -32.40
C ARG E 379 -4.39 54.12 -32.01
N MET E 380 -3.12 54.53 -31.92
CA MET E 380 -2.82 55.91 -31.56
C MET E 380 -3.46 56.85 -32.56
N GLU E 381 -3.32 56.48 -33.83
CA GLU E 381 -3.79 57.33 -34.94
C GLU E 381 -5.29 57.45 -34.87
N ASN E 382 -5.95 56.44 -34.36
CA ASN E 382 -7.40 56.47 -34.23
C ASN E 382 -7.93 56.93 -32.89
N GLY E 383 -7.04 57.33 -31.98
CA GLY E 383 -7.46 57.85 -30.70
C GLY E 383 -8.07 56.76 -29.82
N ILE E 384 -7.51 55.57 -29.91
CA ILE E 384 -8.05 54.43 -29.15
C ILE E 384 -7.27 54.22 -27.86
N VAL E 385 -7.91 54.55 -26.75
CA VAL E 385 -7.26 54.41 -25.44
C VAL E 385 -7.44 53.01 -24.91
N ASP E 386 -6.46 52.52 -24.16
CA ASP E 386 -6.65 51.22 -23.54
C ASP E 386 -7.46 51.37 -22.28
N LEU E 387 -8.16 50.27 -21.93
CA LEU E 387 -8.72 50.13 -20.62
C LEU E 387 -7.60 50.00 -19.65
N PRO E 388 -7.88 50.25 -18.36
CA PRO E 388 -6.86 50.16 -17.31
C PRO E 388 -6.36 48.72 -17.18
N ALA E 389 -5.09 48.51 -16.88
CA ALA E 389 -4.43 47.20 -16.95
C ALA E 389 -4.46 46.37 -15.66
N THR E 390 -4.63 47.04 -14.54
CA THR E 390 -4.72 46.38 -13.28
C THR E 390 -5.81 47.11 -12.53
N LEU E 391 -6.26 46.51 -11.43
CA LEU E 391 -7.25 47.10 -10.54
C LEU E 391 -6.72 48.41 -9.91
N ALA E 392 -5.44 48.45 -9.58
CA ALA E 392 -4.82 49.65 -9.01
C ALA E 392 -4.93 50.83 -9.96
N GLU E 393 -4.63 50.55 -11.22
CA GLU E 393 -4.76 51.53 -12.28
C GLU E 393 -6.22 51.92 -12.49
N ALA E 394 -7.17 50.99 -12.33
CA ALA E 394 -8.61 51.33 -12.50
C ALA E 394 -9.15 52.29 -11.39
N LEU E 395 -8.65 52.06 -10.17
CA LEU E 395 -9.04 52.80 -8.98
C LEU E 395 -8.65 54.27 -9.07
N GLU E 396 -7.42 54.54 -9.56
CA GLU E 396 -6.93 55.91 -9.73
C GLU E 396 -7.69 56.61 -10.80
N GLU E 397 -7.95 55.94 -11.92
CA GLU E 397 -8.81 56.55 -12.93
C GLU E 397 -10.16 56.89 -12.35
N PHE E 398 -10.73 56.00 -11.54
CA PHE E 398 -12.06 56.18 -10.95
C PHE E 398 -12.11 57.37 -9.97
N LYS E 399 -11.09 57.49 -9.11
CA LYS E 399 -11.02 58.58 -8.14
C LYS E 399 -11.00 59.96 -8.81
N SER E 400 -10.28 60.11 -9.90
CA SER E 400 -10.16 61.43 -10.52
C SER E 400 -11.39 61.79 -11.36
N ASN E 401 -12.49 61.05 -11.30
CA ASN E 401 -13.59 61.35 -12.21
C ASN E 401 -14.81 61.69 -11.41
N GLU E 402 -15.19 62.97 -11.35
CA GLU E 402 -16.14 63.35 -10.34
C GLU E 402 -17.52 62.84 -10.62
N VAL E 403 -17.83 62.65 -11.91
CA VAL E 403 -19.13 62.09 -12.31
C VAL E 403 -19.30 60.60 -11.85
N MET E 404 -18.26 59.78 -11.98
CA MET E 404 -18.31 58.42 -11.46
C MET E 404 -18.32 58.38 -9.91
N VAL E 405 -17.41 59.15 -9.29
CA VAL E 405 -17.41 59.29 -7.84
C VAL E 405 -18.80 59.69 -7.29
N LYS E 406 -19.52 60.60 -7.94
CA LYS E 406 -20.81 60.97 -7.39
C LYS E 406 -21.88 59.94 -7.77
N ALA E 407 -21.67 59.13 -8.82
CA ALA E 407 -22.64 58.04 -9.11
C ALA E 407 -22.76 56.98 -7.93
N LEU E 408 -21.64 56.73 -7.23
CA LEU E 408 -21.62 55.92 -6.01
C LEU E 408 -22.15 56.63 -4.75
N GLY E 409 -21.63 57.83 -4.46
CA GLY E 409 -22.05 58.62 -3.30
C GLY E 409 -20.98 58.51 -2.24
N GLU E 410 -21.01 59.37 -1.22
CA GLU E 410 -19.95 59.41 -0.19
C GLU E 410 -19.55 58.06 0.46
N HIS E 411 -20.54 57.44 1.10
CA HIS E 411 -20.38 56.22 1.88
C HIS E 411 -19.86 55.09 1.01
N LEU E 412 -20.56 54.88 -0.11
CA LEU E 412 -20.20 53.86 -1.07
C LEU E 412 -18.82 54.07 -1.64
N PHE E 413 -18.55 55.27 -2.12
CA PHE E 413 -17.29 55.55 -2.76
C PHE E 413 -16.18 55.33 -1.80
N GLU E 414 -16.29 55.90 -0.61
CA GLU E 414 -15.23 55.74 0.36
C GLU E 414 -15.04 54.28 0.82
N HIS E 415 -16.15 53.56 1.09
CA HIS E 415 -16.02 52.17 1.55
C HIS E 415 -15.50 51.25 0.45
N PHE E 416 -15.93 51.54 -0.80
CA PHE E 416 -15.53 50.73 -1.96
C PHE E 416 -13.99 50.90 -2.20
N ILE E 417 -13.52 52.15 -2.20
CA ILE E 417 -12.11 52.41 -2.42
C ILE E 417 -11.31 51.81 -1.29
N GLU E 418 -11.86 51.87 -0.09
CA GLU E 418 -11.19 51.21 1.05
C GLU E 418 -11.12 49.66 0.95
N ALA E 419 -12.23 49.00 0.56
CA ALA E 419 -12.21 47.55 0.32
C ALA E 419 -11.21 47.12 -0.79
N LYS E 420 -11.08 47.93 -1.85
CA LYS E 420 -10.29 47.48 -2.98
C LYS E 420 -8.82 47.79 -2.80
N GLU E 421 -8.50 48.90 -2.14
CA GLU E 421 -7.10 49.17 -1.78
C GLU E 421 -6.56 48.11 -0.81
N ILE E 422 -7.36 47.65 0.14
CA ILE E 422 -6.95 46.53 0.95
C ILE E 422 -6.65 45.29 0.08
N GLU E 423 -7.61 44.93 -0.75
CA GLU E 423 -7.55 43.77 -1.59
C GLU E 423 -6.32 43.82 -2.48
N TRP E 424 -6.16 44.96 -3.17
CA TRP E 424 -4.99 45.18 -4.02
C TRP E 424 -3.69 45.06 -3.23
N ASP E 425 -3.67 45.61 -2.02
CA ASP E 425 -2.45 45.54 -1.29
C ASP E 425 -2.13 44.08 -0.95
N MET E 426 -3.10 43.32 -0.46
CA MET E 426 -2.88 41.91 -0.19
C MET E 426 -2.23 41.28 -1.42
N PHE E 427 -2.85 41.50 -2.57
CA PHE E 427 -2.41 40.82 -3.77
C PHE E 427 -0.98 41.25 -4.16
N ARG E 428 -0.67 42.52 -4.01
CA ARG E 428 0.56 43.01 -4.56
C ARG E 428 1.71 42.58 -3.72
N THR E 429 1.49 42.36 -2.40
CA THR E 429 2.58 41.93 -1.48
C THR E 429 2.80 40.41 -1.42
N GLN E 430 1.79 39.63 -1.80
CA GLN E 430 1.93 38.18 -1.89
C GLN E 430 3.06 37.76 -2.86
N VAL E 431 3.65 36.58 -2.68
CA VAL E 431 4.67 36.12 -3.62
C VAL E 431 4.13 34.89 -4.34
N HIS E 432 3.89 34.95 -5.65
CA HIS E 432 3.20 33.86 -6.35
C HIS E 432 4.07 32.69 -6.80
N PRO E 433 3.51 31.47 -6.82
CA PRO E 433 4.37 30.40 -7.39
C PRO E 433 5.04 30.79 -8.74
N TRP E 434 4.35 31.49 -9.61
CA TRP E 434 4.98 31.94 -10.87
C TRP E 434 6.40 32.60 -10.67
N GLU E 435 6.49 33.52 -9.70
CA GLU E 435 7.76 34.20 -9.39
C GLU E 435 8.82 33.18 -9.02
N ARG E 436 8.40 32.13 -8.34
CA ARG E 436 9.39 31.17 -7.88
C ARG E 436 9.88 30.36 -9.06
N GLU E 437 8.96 29.91 -9.94
CA GLU E 437 9.33 29.13 -11.09
C GLU E 437 10.29 29.83 -12.00
N GLN E 438 10.07 31.13 -12.14
CA GLN E 438 10.84 32.05 -12.99
C GLN E 438 12.15 32.52 -12.44
N TYR E 439 12.22 32.74 -11.14
CA TYR E 439 13.40 33.39 -10.58
C TYR E 439 14.16 32.48 -9.58
N MET E 440 13.46 31.57 -8.92
CA MET E 440 14.05 30.77 -7.84
C MET E 440 15.27 29.95 -8.30
N SER E 441 15.33 29.58 -9.57
CA SER E 441 16.48 28.87 -10.11
C SER E 441 17.32 29.72 -11.05
N GLN E 442 16.69 30.71 -11.72
CA GLN E 442 17.40 31.56 -12.64
C GLN E 442 18.31 32.51 -11.86
N TYR E 443 18.02 32.71 -10.58
CA TYR E 443 18.79 33.67 -9.80
C TYR E 443 19.22 33.04 -8.53
N ALA F 1 -44.47 19.68 -49.58
CA ALA F 1 -43.68 19.93 -48.38
C ALA F 1 -44.10 19.01 -47.19
N LYS F 2 -43.18 18.70 -46.28
CA LYS F 2 -43.52 17.81 -45.16
C LYS F 2 -44.36 18.57 -44.13
N TYR F 3 -43.71 19.37 -43.29
CA TYR F 3 -44.36 20.00 -42.14
C TYR F 3 -44.63 21.48 -42.38
N THR F 4 -45.82 21.94 -42.02
CA THR F 4 -46.12 23.36 -42.09
C THR F 4 -45.94 24.03 -40.71
N ARG F 5 -45.69 25.34 -40.69
CA ARG F 5 -45.58 26.07 -39.43
C ARG F 5 -46.75 25.75 -38.46
N GLU F 6 -47.97 25.59 -38.97
CA GLU F 6 -49.10 25.15 -38.13
C GLU F 6 -48.97 23.72 -37.60
N ASP F 7 -48.51 22.80 -38.45
CA ASP F 7 -48.27 21.42 -38.02
C ASP F 7 -47.29 21.42 -36.87
N ILE F 8 -46.21 22.17 -37.05
CA ILE F 8 -45.20 22.29 -36.02
C ILE F 8 -45.85 22.82 -34.76
N GLU F 9 -46.51 24.00 -34.83
CA GLU F 9 -47.18 24.58 -33.67
C GLU F 9 -48.15 23.56 -33.08
N LYS F 10 -48.79 22.75 -33.93
CA LYS F 10 -49.73 21.72 -33.44
C LYS F 10 -49.00 20.59 -32.74
N LEU F 11 -48.04 19.97 -33.42
CA LEU F 11 -47.25 18.92 -32.80
C LEU F 11 -46.65 19.34 -31.45
N VAL F 12 -46.09 20.54 -31.41
CA VAL F 12 -45.38 20.98 -30.21
C VAL F 12 -46.34 21.01 -29.02
N LYS F 13 -47.54 21.53 -29.23
CA LYS F 13 -48.50 21.51 -28.15
C LYS F 13 -48.98 20.07 -27.90
N GLU F 14 -49.39 19.34 -28.92
CA GLU F 14 -49.91 17.98 -28.72
C GLU F 14 -48.95 17.08 -27.93
N GLU F 15 -47.71 17.00 -28.41
CA GLU F 15 -46.69 16.14 -27.84
C GLU F 15 -46.01 16.76 -26.59
N ASN F 16 -46.53 17.90 -26.16
CA ASN F 16 -46.07 18.59 -24.95
C ASN F 16 -44.57 18.79 -24.87
N VAL F 17 -44.04 19.31 -25.98
CA VAL F 17 -42.63 19.63 -26.12
C VAL F 17 -42.36 20.89 -25.30
N LYS F 18 -41.26 20.87 -24.54
CA LYS F 18 -40.88 21.91 -23.58
C LYS F 18 -39.64 22.73 -24.06
N TYR F 19 -38.82 22.16 -24.95
CA TYR F 19 -37.62 22.85 -25.47
C TYR F 19 -37.38 22.53 -26.93
N ILE F 20 -36.75 23.46 -27.65
CA ILE F 20 -36.43 23.32 -29.05
C ILE F 20 -34.92 23.49 -29.18
N ARG F 21 -34.26 22.62 -29.91
CA ARG F 21 -32.84 22.77 -30.13
C ARG F 21 -32.66 23.15 -31.57
N LEU F 22 -31.94 24.25 -31.81
CA LEU F 22 -31.66 24.68 -33.17
C LEU F 22 -30.27 24.22 -33.58
N GLN F 23 -30.16 23.38 -34.62
CA GLN F 23 -28.88 22.76 -34.93
C GLN F 23 -28.33 23.11 -36.33
N PHE F 24 -27.02 23.22 -36.46
CA PHE F 24 -26.43 23.38 -37.74
C PHE F 24 -25.08 22.65 -37.80
N THR F 25 -24.32 22.77 -38.89
CA THR F 25 -23.05 22.03 -39.01
C THR F 25 -21.89 22.95 -39.42
N ASP F 26 -20.69 22.74 -38.89
CA ASP F 26 -19.60 23.66 -39.19
C ASP F 26 -18.79 23.07 -40.32
N ILE F 27 -17.67 23.66 -40.68
CA ILE F 27 -16.92 23.26 -41.86
C ILE F 27 -16.33 21.87 -41.58
N LEU F 28 -15.96 21.60 -40.33
CA LEU F 28 -15.38 20.29 -40.05
C LEU F 28 -16.38 19.15 -39.98
N GLY F 29 -17.65 19.46 -40.05
CA GLY F 29 -18.67 18.44 -39.91
C GLY F 29 -19.33 18.30 -38.54
N THR F 30 -18.79 19.01 -37.55
CA THR F 30 -19.33 18.92 -36.21
C THR F 30 -20.68 19.59 -36.04
N ILE F 31 -21.65 18.83 -35.55
CA ILE F 31 -22.97 19.38 -35.19
C ILE F 31 -22.87 20.40 -34.04
N LYS F 32 -23.66 21.48 -34.10
CA LYS F 32 -23.64 22.55 -33.11
C LYS F 32 -25.06 22.95 -32.78
N ASN F 33 -25.35 23.35 -31.54
CA ASN F 33 -26.74 23.75 -31.28
C ASN F 33 -26.93 24.66 -30.09
N VAL F 34 -28.09 25.30 -30.05
CA VAL F 34 -28.52 26.17 -28.94
C VAL F 34 -29.94 25.72 -28.55
N GLU F 35 -30.28 25.73 -27.26
CA GLU F 35 -31.61 25.22 -26.83
C GLU F 35 -32.41 26.42 -26.42
N ILE F 36 -33.72 26.40 -26.61
CA ILE F 36 -34.57 27.55 -26.25
C ILE F 36 -35.89 27.05 -25.66
N PRO F 37 -36.42 27.74 -24.66
CA PRO F 37 -37.69 27.25 -24.16
C PRO F 37 -38.73 27.39 -25.30
N VAL F 38 -39.77 26.57 -25.27
CA VAL F 38 -40.74 26.54 -26.36
C VAL F 38 -41.58 27.82 -26.43
N SER F 39 -41.49 28.67 -25.40
CA SER F 39 -42.14 29.97 -25.47
C SER F 39 -41.36 30.85 -26.44
N GLN F 40 -40.22 30.34 -26.94
CA GLN F 40 -39.35 31.08 -27.85
C GLN F 40 -39.54 30.56 -29.24
N LEU F 41 -40.47 29.62 -29.39
CA LEU F 41 -40.75 29.03 -30.72
C LEU F 41 -40.94 30.05 -31.83
N GLY F 42 -41.86 30.99 -31.64
CA GLY F 42 -42.17 31.96 -32.65
C GLY F 42 -40.91 32.72 -33.05
N LYS F 43 -40.05 33.02 -32.08
CA LYS F 43 -38.86 33.82 -32.40
C LYS F 43 -37.96 33.06 -33.35
N ALA F 44 -37.82 31.74 -33.10
CA ALA F 44 -37.04 30.83 -33.97
C ALA F 44 -37.72 30.64 -35.32
N LEU F 45 -39.02 30.38 -35.36
CA LEU F 45 -39.70 30.26 -36.67
C LEU F 45 -39.65 31.57 -37.47
N ASP F 46 -39.41 32.69 -36.81
CA ASP F 46 -39.37 33.98 -37.47
C ASP F 46 -37.95 34.29 -37.90
N ASN F 47 -37.07 33.32 -37.71
CA ASN F 47 -35.70 33.47 -38.15
C ASN F 47 -34.99 34.62 -37.45
N LYS F 48 -35.13 34.70 -36.12
CA LYS F 48 -34.55 35.81 -35.38
C LYS F 48 -33.58 35.37 -34.27
N VAL F 49 -33.26 34.11 -34.22
CA VAL F 49 -32.38 33.64 -33.20
C VAL F 49 -30.99 33.81 -33.77
N MET F 50 -30.01 34.33 -33.02
CA MET F 50 -28.67 34.54 -33.55
C MET F 50 -27.55 33.75 -32.84
N PHE F 51 -26.34 33.84 -33.37
CA PHE F 51 -25.20 33.30 -32.67
C PHE F 51 -23.92 34.05 -33.02
N ASP F 52 -22.85 33.73 -32.31
CA ASP F 52 -21.53 34.20 -32.63
C ASP F 52 -20.89 33.33 -33.73
N GLY F 53 -21.05 33.77 -34.97
CA GLY F 53 -20.46 33.02 -36.06
C GLY F 53 -18.93 33.12 -36.05
N SER F 54 -18.32 33.87 -35.15
CA SER F 54 -16.87 33.86 -35.13
C SER F 54 -16.43 32.69 -34.22
N SER F 55 -17.39 32.05 -33.55
CA SER F 55 -17.04 30.96 -32.67
C SER F 55 -17.25 29.60 -33.29
N ILE F 56 -17.66 29.58 -34.55
CA ILE F 56 -17.89 28.36 -35.28
C ILE F 56 -16.75 28.19 -36.31
N GLU F 57 -16.03 27.08 -36.25
CA GLU F 57 -15.01 26.76 -37.26
C GLU F 57 -15.41 27.00 -38.77
N GLY F 58 -14.56 27.73 -39.49
CA GLY F 58 -14.77 28.07 -40.90
C GLY F 58 -15.87 29.08 -41.28
N PHE F 59 -16.35 29.95 -40.37
CA PHE F 59 -17.46 30.85 -40.67
C PHE F 59 -16.98 32.28 -40.78
N VAL F 60 -17.64 33.20 -40.08
CA VAL F 60 -17.32 34.62 -40.26
C VAL F 60 -16.29 35.09 -39.27
N ARG F 61 -15.77 36.30 -39.45
CA ARG F 61 -14.74 36.77 -38.53
C ARG F 61 -15.33 37.60 -37.42
N ILE F 62 -14.50 37.93 -36.45
CA ILE F 62 -14.94 38.46 -35.17
C ILE F 62 -15.57 39.85 -35.35
N GLU F 63 -15.13 40.59 -36.37
CA GLU F 63 -15.65 41.93 -36.70
C GLU F 63 -16.99 41.88 -37.35
N GLU F 64 -17.42 40.71 -37.83
CA GLU F 64 -18.72 40.58 -38.49
C GLU F 64 -19.53 39.42 -37.92
N SER F 65 -19.40 39.22 -36.60
CA SER F 65 -19.82 38.07 -35.82
C SER F 65 -21.25 37.60 -35.98
N ASP F 66 -22.21 38.52 -35.82
CA ASP F 66 -23.65 38.21 -35.78
C ASP F 66 -24.11 37.42 -37.00
N MET F 67 -24.82 36.30 -36.78
CA MET F 67 -25.34 35.41 -37.87
C MET F 67 -26.68 34.93 -37.40
N TYR F 68 -27.58 34.64 -38.33
CA TYR F 68 -28.91 34.17 -37.95
C TYR F 68 -29.12 32.74 -38.34
N LEU F 69 -30.08 32.11 -37.63
CA LEU F 69 -30.46 30.70 -37.86
C LEU F 69 -31.84 30.63 -38.49
N TYR F 70 -31.95 29.91 -39.59
CA TYR F 70 -33.25 29.74 -40.25
C TYR F 70 -33.59 28.25 -40.28
N PRO F 71 -34.49 27.84 -39.39
CA PRO F 71 -34.87 26.44 -39.22
C PRO F 71 -35.65 25.90 -40.41
N ASP F 72 -35.33 24.67 -40.80
CA ASP F 72 -35.98 23.97 -41.87
C ASP F 72 -37.11 23.18 -41.22
N LEU F 73 -38.35 23.62 -41.37
CA LEU F 73 -39.45 22.91 -40.70
C LEU F 73 -39.43 21.43 -40.93
N ASN F 74 -38.80 20.91 -41.99
CA ASN F 74 -38.98 19.47 -42.28
C ASN F 74 -38.05 18.58 -41.45
N THR F 75 -37.18 19.19 -40.67
CA THR F 75 -36.20 18.45 -39.95
C THR F 75 -36.63 18.24 -38.51
N PHE F 76 -37.81 18.72 -38.17
CA PHE F 76 -38.40 18.61 -36.82
C PHE F 76 -38.39 17.16 -36.28
N VAL F 77 -37.70 16.96 -35.16
CA VAL F 77 -37.57 15.64 -34.58
C VAL F 77 -37.53 15.72 -33.06
N ILE F 78 -38.24 14.79 -32.43
CA ILE F 78 -38.28 14.73 -30.99
C ILE F 78 -37.20 13.81 -30.39
N PHE F 79 -36.39 14.28 -29.45
CA PHE F 79 -35.41 13.37 -28.88
C PHE F 79 -36.04 12.53 -27.72
N PRO F 80 -36.28 11.25 -27.97
CA PRO F 80 -36.98 10.44 -26.95
C PRO F 80 -36.35 10.48 -25.53
N TRP F 81 -35.03 10.51 -25.45
CA TRP F 81 -34.33 10.47 -24.18
C TRP F 81 -34.51 11.74 -23.36
N THR F 82 -35.24 12.71 -23.84
CA THR F 82 -35.36 13.96 -23.09
C THR F 82 -36.77 14.17 -22.50
N ALA F 83 -37.72 13.35 -22.91
CA ALA F 83 -39.10 13.51 -22.53
C ALA F 83 -39.37 13.53 -20.99
N GLU F 84 -38.81 12.61 -20.25
CA GLU F 84 -39.24 12.55 -18.85
C GLU F 84 -38.66 13.65 -17.98
N LYS F 85 -38.10 14.70 -18.58
CA LYS F 85 -37.56 15.81 -17.80
C LYS F 85 -37.77 17.19 -18.42
N GLY F 86 -37.70 17.24 -19.76
CA GLY F 86 -37.96 18.45 -20.53
C GLY F 86 -37.91 18.06 -21.99
N LYS F 87 -39.01 17.51 -22.52
CA LYS F 87 -39.08 17.02 -23.91
C LYS F 87 -38.51 18.05 -24.90
N VAL F 88 -37.49 17.62 -25.65
CA VAL F 88 -36.84 18.40 -26.70
C VAL F 88 -37.15 17.92 -28.15
N ALA F 89 -37.51 18.88 -29.01
CA ALA F 89 -37.57 18.77 -30.49
C ALA F 89 -36.51 19.68 -31.18
N ARG F 90 -35.79 19.16 -32.16
CA ARG F 90 -34.77 19.93 -32.83
C ARG F 90 -35.30 20.39 -34.20
N PHE F 91 -34.46 21.19 -34.86
CA PHE F 91 -34.65 21.70 -36.20
C PHE F 91 -33.29 21.79 -36.75
N ILE F 92 -32.99 21.24 -37.90
CA ILE F 92 -31.72 21.58 -38.49
C ILE F 92 -31.86 22.99 -39.13
N CYS F 93 -30.85 23.84 -39.10
CA CYS F 93 -31.03 25.17 -39.70
C CYS F 93 -30.07 25.57 -40.83
N ASP F 94 -30.45 26.59 -41.59
CA ASP F 94 -29.58 27.23 -42.59
C ASP F 94 -29.04 28.54 -42.01
N ILE F 95 -27.82 28.92 -42.40
CA ILE F 95 -27.16 30.14 -41.90
C ILE F 95 -27.36 31.34 -42.81
N TYR F 96 -27.86 32.44 -42.26
CA TYR F 96 -28.07 33.65 -43.07
C TYR F 96 -27.19 34.74 -42.49
N ASN F 97 -26.68 35.66 -43.35
CA ASN F 97 -25.96 36.81 -42.82
C ASN F 97 -26.94 37.79 -42.28
N PRO F 98 -26.49 38.65 -41.40
CA PRO F 98 -27.44 39.60 -40.82
C PRO F 98 -28.24 40.36 -41.88
N ASP F 99 -27.68 40.66 -43.04
CA ASP F 99 -28.50 41.33 -44.08
C ASP F 99 -29.51 40.42 -44.84
N GLY F 100 -29.93 39.30 -44.24
CA GLY F 100 -30.93 38.42 -44.86
C GLY F 100 -30.52 37.54 -46.04
N THR F 101 -29.27 37.59 -46.44
CA THR F 101 -28.79 36.76 -47.55
C THR F 101 -28.20 35.44 -47.00
N PRO F 102 -28.39 34.34 -47.70
CA PRO F 102 -27.70 33.10 -47.30
C PRO F 102 -26.17 33.23 -47.09
N PHE F 103 -25.63 32.40 -46.19
CA PHE F 103 -24.22 32.48 -45.94
C PHE F 103 -23.46 31.47 -46.83
N GLU F 104 -22.52 32.00 -47.61
CA GLU F 104 -21.74 31.23 -48.59
C GLU F 104 -20.92 30.10 -48.03
N GLY F 105 -20.71 30.10 -46.74
CA GLY F 105 -19.88 29.08 -46.11
C GLY F 105 -20.71 28.07 -45.35
N ASP F 106 -22.03 28.20 -45.34
CA ASP F 106 -22.90 27.16 -44.83
C ASP F 106 -22.68 25.91 -45.71
N PRO F 107 -22.20 24.79 -45.12
CA PRO F 107 -21.99 23.58 -45.91
C PRO F 107 -23.29 22.96 -46.40
N ARG F 108 -24.38 23.08 -45.65
CA ARG F 108 -25.67 22.52 -46.07
C ARG F 108 -26.19 23.29 -47.28
N ASN F 109 -26.02 24.58 -47.24
CA ASN F 109 -26.34 25.38 -48.39
C ASN F 109 -25.51 25.06 -49.66
N ASN F 110 -24.19 24.99 -49.54
CA ASN F 110 -23.47 24.54 -50.69
C ASN F 110 -24.07 23.26 -51.31
N LEU F 111 -24.49 22.29 -50.50
CA LEU F 111 -24.94 21.00 -51.04
C LEU F 111 -26.22 21.18 -51.87
N LYS F 112 -27.02 22.18 -51.49
CA LYS F 112 -28.21 22.51 -52.24
C LYS F 112 -27.83 23.12 -53.59
N ARG F 113 -26.76 23.89 -53.59
CA ARG F 113 -26.35 24.55 -54.80
C ARG F 113 -25.98 23.52 -55.89
N ILE F 114 -25.09 22.57 -55.58
CA ILE F 114 -24.78 21.51 -56.52
C ILE F 114 -26.01 20.64 -56.84
N LEU F 115 -26.94 20.52 -55.91
CA LEU F 115 -28.20 19.84 -56.26
C LEU F 115 -28.98 20.53 -57.39
N LYS F 116 -28.89 21.86 -57.46
CA LYS F 116 -29.53 22.66 -58.50
C LYS F 116 -28.92 22.39 -59.88
N GLU F 117 -27.59 22.28 -59.93
CA GLU F 117 -26.92 21.78 -61.11
C GLU F 117 -27.43 20.38 -61.55
N MET F 118 -27.75 19.51 -60.60
CA MET F 118 -28.32 18.22 -60.97
C MET F 118 -29.71 18.34 -61.60
N GLU F 119 -30.52 19.25 -61.07
CA GLU F 119 -31.80 19.57 -61.69
C GLU F 119 -31.57 20.17 -63.06
N ASP F 120 -30.66 21.12 -63.19
CA ASP F 120 -30.37 21.69 -64.53
C ASP F 120 -30.13 20.60 -65.60
N LEU F 121 -29.46 19.50 -65.26
CA LEU F 121 -29.30 18.37 -66.18
C LEU F 121 -30.50 17.37 -66.20
N GLY F 122 -31.61 17.67 -65.54
CA GLY F 122 -32.80 16.86 -65.74
C GLY F 122 -33.05 15.72 -64.79
N PHE F 123 -32.28 15.64 -63.71
CA PHE F 123 -32.50 14.57 -62.73
C PHE F 123 -33.32 15.05 -61.55
N SER F 124 -34.29 14.26 -61.09
CA SER F 124 -35.15 14.69 -59.98
C SER F 124 -34.52 14.60 -58.58
N ASP F 125 -33.88 13.46 -58.27
CA ASP F 125 -33.35 13.27 -56.91
C ASP F 125 -31.98 12.62 -56.99
N PHE F 126 -31.13 12.89 -56.00
CA PHE F 126 -29.83 12.24 -55.84
C PHE F 126 -29.85 11.49 -54.52
N ASN F 127 -29.94 10.17 -54.55
CA ASN F 127 -30.03 9.39 -53.32
C ASN F 127 -28.71 8.98 -52.76
N LEU F 128 -28.64 9.00 -51.43
CA LEU F 128 -27.46 8.63 -50.66
C LEU F 128 -27.87 7.55 -49.63
N GLY F 129 -27.13 6.44 -49.65
CA GLY F 129 -27.25 5.32 -48.71
C GLY F 129 -25.94 5.22 -47.96
N PRO F 130 -25.77 6.07 -46.91
CA PRO F 130 -24.53 6.11 -46.13
C PRO F 130 -24.47 4.96 -45.10
N GLU F 131 -23.31 4.38 -44.82
CA GLU F 131 -23.21 3.32 -43.84
C GLU F 131 -22.19 3.65 -42.74
N PRO F 132 -22.44 4.64 -41.87
CA PRO F 132 -21.32 5.16 -41.04
C PRO F 132 -20.84 4.18 -39.97
N GLU F 133 -19.80 3.40 -40.21
CA GLU F 133 -19.30 2.43 -39.24
C GLU F 133 -18.65 3.13 -38.02
N PHE F 134 -18.52 2.47 -36.87
CA PHE F 134 -17.95 3.14 -35.68
C PHE F 134 -17.38 2.11 -34.78
N PHE F 135 -16.62 2.56 -33.78
CA PHE F 135 -16.01 1.73 -32.75
C PHE F 135 -16.62 2.12 -31.44
N LEU F 136 -16.62 1.16 -30.54
CA LEU F 136 -17.03 1.35 -29.17
C LEU F 136 -15.83 1.10 -28.20
N PHE F 137 -15.45 2.15 -27.48
CA PHE F 137 -14.46 2.07 -26.41
C PHE F 137 -15.11 2.25 -25.02
N LYS F 138 -14.44 1.69 -24.01
CA LYS F 138 -14.95 1.66 -22.65
C LYS F 138 -14.53 2.94 -21.95
N LEU F 139 -15.46 3.54 -21.20
CA LEU F 139 -15.17 4.71 -20.36
C LEU F 139 -14.50 4.30 -19.07
N ASP F 140 -13.68 5.16 -18.50
CA ASP F 140 -13.14 4.90 -17.18
C ASP F 140 -14.09 5.47 -16.12
N GLU F 141 -13.57 5.68 -14.90
CA GLU F 141 -14.35 6.21 -13.77
C GLU F 141 -14.62 7.71 -13.89
N LYS F 142 -13.64 8.48 -14.35
CA LYS F 142 -13.83 9.90 -14.56
C LYS F 142 -14.71 10.19 -15.81
N GLY F 143 -15.48 9.19 -16.26
CA GLY F 143 -16.24 9.22 -17.51
C GLY F 143 -15.47 9.37 -18.84
N GLU F 144 -14.14 9.37 -18.75
CA GLU F 144 -13.27 9.53 -19.92
C GLU F 144 -13.16 8.22 -20.72
N PRO F 145 -12.87 8.30 -22.01
CA PRO F 145 -12.78 7.05 -22.78
C PRO F 145 -11.40 6.51 -22.63
N THR F 146 -11.23 5.20 -22.82
CA THR F 146 -9.92 4.55 -22.79
C THR F 146 -9.63 3.94 -24.15
N LEU F 147 -8.52 3.23 -24.28
CA LEU F 147 -8.17 2.60 -25.55
C LEU F 147 -8.66 1.19 -25.61
N GLU F 148 -9.56 0.79 -24.71
CA GLU F 148 -9.97 -0.59 -24.62
C GLU F 148 -11.32 -0.79 -25.36
N LEU F 149 -11.33 -1.58 -26.44
CA LEU F 149 -12.53 -1.79 -27.23
C LEU F 149 -13.60 -2.52 -26.41
N ASN F 150 -14.88 -2.28 -26.72
CA ASN F 150 -15.96 -2.87 -25.93
C ASN F 150 -15.99 -4.38 -26.00
N ASP F 151 -15.43 -4.97 -27.06
CA ASP F 151 -15.38 -6.43 -27.17
C ASP F 151 -14.24 -6.83 -28.08
N LYS F 152 -14.09 -8.13 -28.37
CA LYS F 152 -13.06 -8.66 -29.30
C LYS F 152 -13.67 -9.53 -30.43
N GLY F 153 -14.93 -9.31 -30.75
CA GLY F 153 -15.55 -10.01 -31.87
C GLY F 153 -15.20 -9.40 -33.22
N GLY F 154 -15.73 -10.06 -34.25
CA GLY F 154 -15.51 -9.74 -35.63
C GLY F 154 -16.82 -9.82 -36.37
N TYR F 155 -16.74 -9.98 -37.68
CA TYR F 155 -17.86 -9.76 -38.57
C TYR F 155 -19.01 -10.72 -38.36
N PHE F 156 -20.21 -10.18 -38.15
CA PHE F 156 -21.45 -10.98 -37.94
C PHE F 156 -21.46 -11.88 -36.69
N ASP F 157 -20.62 -11.59 -35.70
CA ASP F 157 -20.57 -12.43 -34.50
C ASP F 157 -21.78 -12.30 -33.61
N LEU F 158 -22.11 -13.40 -32.90
CA LEU F 158 -23.21 -13.37 -31.94
C LEU F 158 -22.69 -13.12 -30.54
N ALA F 159 -23.63 -12.74 -29.69
CA ALA F 159 -23.28 -12.40 -28.35
C ALA F 159 -23.03 -13.62 -27.54
N PRO F 160 -21.80 -13.72 -27.05
CA PRO F 160 -21.04 -13.10 -25.97
C PRO F 160 -19.73 -12.66 -26.61
N THR F 161 -19.50 -13.05 -27.87
CA THR F 161 -18.31 -12.58 -28.56
C THR F 161 -18.54 -11.16 -28.98
N ASP F 162 -19.82 -10.89 -29.23
CA ASP F 162 -20.37 -9.58 -29.54
C ASP F 162 -21.01 -9.00 -28.29
N LEU F 163 -20.32 -8.08 -27.67
CA LEU F 163 -20.81 -7.44 -26.48
C LEU F 163 -21.48 -6.08 -26.83
N GLY F 164 -21.68 -5.80 -28.12
CA GLY F 164 -22.32 -4.57 -28.55
C GLY F 164 -23.80 -4.74 -28.83
N GLU F 165 -24.30 -5.96 -28.70
CA GLU F 165 -25.68 -6.24 -29.06
C GLU F 165 -26.66 -5.32 -28.33
N ASN F 166 -26.41 -5.04 -27.08
CA ASN F 166 -27.45 -4.34 -26.32
C ASN F 166 -27.42 -2.88 -26.57
N CYS F 167 -26.21 -2.35 -26.74
CA CYS F 167 -26.06 -0.94 -27.04
C CYS F 167 -26.68 -0.68 -28.41
N ARG F 168 -26.33 -1.52 -29.35
CA ARG F 168 -26.77 -1.27 -30.69
C ARG F 168 -28.28 -1.45 -30.79
N ARG F 169 -28.81 -2.38 -30.03
CA ARG F 169 -30.25 -2.53 -29.93
C ARG F 169 -30.96 -1.27 -29.43
N ASP F 170 -30.41 -0.65 -28.38
CA ASP F 170 -30.96 0.55 -27.76
C ASP F 170 -30.79 1.76 -28.65
N ILE F 171 -29.71 1.76 -29.44
CA ILE F 171 -29.52 2.72 -30.53
C ILE F 171 -30.59 2.50 -31.61
N VAL F 172 -30.77 1.27 -32.08
CA VAL F 172 -31.80 1.04 -33.08
C VAL F 172 -33.14 1.51 -32.51
N LEU F 173 -33.41 1.28 -31.24
CA LEU F 173 -34.69 1.79 -30.66
C LEU F 173 -34.92 3.28 -30.72
N GLU F 174 -33.93 4.10 -30.35
CA GLU F 174 -34.09 5.56 -30.37
C GLU F 174 -34.31 6.03 -31.79
N LEU F 175 -33.46 5.57 -32.71
CA LEU F 175 -33.60 5.88 -34.13
C LEU F 175 -34.98 5.48 -34.67
N GLU F 176 -35.58 4.37 -34.25
CA GLU F 176 -36.85 3.93 -34.89
C GLU F 176 -37.97 4.84 -34.42
N GLU F 177 -37.80 5.26 -33.19
CA GLU F 177 -38.70 6.16 -32.53
C GLU F 177 -38.53 7.60 -33.13
N MET F 178 -37.42 7.85 -33.82
CA MET F 178 -37.15 9.16 -34.41
C MET F 178 -37.36 9.09 -35.91
N GLY F 179 -38.10 8.08 -36.35
CA GLY F 179 -38.48 7.97 -37.75
C GLY F 179 -37.50 7.32 -38.72
N PHE F 180 -36.35 6.86 -38.25
CA PHE F 180 -35.47 6.14 -39.14
C PHE F 180 -36.08 4.77 -39.55
N GLU F 181 -35.82 4.39 -40.79
CA GLU F 181 -36.10 3.03 -41.24
C GLU F 181 -34.81 2.29 -41.18
N ILE F 182 -34.61 1.50 -40.13
CA ILE F 182 -33.37 0.75 -39.95
C ILE F 182 -33.43 -0.48 -40.83
N GLU F 183 -32.32 -0.78 -41.51
CA GLU F 183 -32.24 -1.89 -42.46
C GLU F 183 -31.64 -3.14 -41.79
N ALA F 184 -30.66 -2.93 -40.89
CA ALA F 184 -29.82 -4.01 -40.36
C ALA F 184 -28.86 -3.49 -39.28
N SER F 185 -28.44 -4.40 -38.41
CA SER F 185 -27.55 -4.08 -37.32
C SER F 185 -26.62 -5.31 -37.14
N HIS F 186 -25.32 -5.10 -36.98
CA HIS F 186 -24.33 -6.18 -36.88
C HIS F 186 -22.92 -5.70 -36.42
N HIS F 187 -22.11 -6.64 -35.92
CA HIS F 187 -20.72 -6.39 -35.66
C HIS F 187 -19.95 -6.32 -36.96
N GLU F 188 -19.03 -5.39 -37.09
CA GLU F 188 -18.22 -5.30 -38.30
C GLU F 188 -16.96 -6.10 -38.11
N VAL F 189 -15.96 -5.90 -38.95
CA VAL F 189 -14.88 -6.86 -39.02
C VAL F 189 -13.87 -6.75 -37.89
N ALA F 190 -13.51 -5.51 -37.55
CA ALA F 190 -12.56 -5.24 -36.46
C ALA F 190 -13.18 -5.41 -35.08
N PRO F 191 -12.32 -5.71 -34.09
CA PRO F 191 -12.80 -5.78 -32.72
C PRO F 191 -13.40 -4.47 -32.31
N GLY F 192 -14.45 -4.56 -31.52
CA GLY F 192 -15.11 -3.35 -31.07
C GLY F 192 -15.77 -2.57 -32.17
N GLN F 193 -16.04 -3.18 -33.34
CA GLN F 193 -16.54 -2.40 -34.50
C GLN F 193 -17.96 -2.80 -34.88
N HIS F 194 -18.78 -1.78 -35.15
CA HIS F 194 -20.23 -1.94 -35.29
C HIS F 194 -20.83 -1.17 -36.45
N GLU F 195 -22.00 -1.59 -36.88
CA GLU F 195 -22.57 -0.96 -38.05
C GLU F 195 -24.06 -1.03 -37.92
N ILE F 196 -24.70 0.14 -38.09
CA ILE F 196 -26.12 0.16 -38.19
C ILE F 196 -26.47 0.83 -39.48
N ASP F 197 -27.25 0.14 -40.30
CA ASP F 197 -27.66 0.61 -41.62
C ASP F 197 -29.07 1.15 -41.61
N PHE F 198 -29.33 2.14 -42.46
CA PHE F 198 -30.66 2.71 -42.62
C PHE F 198 -30.95 3.10 -44.05
N LYS F 199 -32.23 3.11 -44.41
CA LYS F 199 -32.68 3.27 -45.79
C LYS F 199 -32.11 4.54 -46.37
N TYR F 200 -31.88 4.55 -47.68
CA TYR F 200 -31.38 5.75 -48.35
C TYR F 200 -32.38 6.90 -48.27
N ALA F 201 -31.91 8.07 -48.67
CA ALA F 201 -32.74 9.27 -48.72
C ALA F 201 -32.17 10.30 -49.71
N GLY F 202 -32.94 11.36 -49.97
CA GLY F 202 -32.44 12.42 -50.84
C GLY F 202 -31.24 13.04 -50.20
N ALA F 203 -30.25 13.41 -51.00
CA ALA F 203 -28.99 13.88 -50.50
C ALA F 203 -29.06 14.72 -49.23
N VAL F 204 -29.88 15.79 -49.23
CA VAL F 204 -29.93 16.67 -48.07
C VAL F 204 -30.48 15.95 -46.79
N ARG F 205 -31.57 15.19 -46.94
CA ARG F 205 -32.21 14.55 -45.81
C ARG F 205 -31.19 13.55 -45.27
N SER F 206 -30.59 12.83 -46.18
CA SER F 206 -29.70 11.78 -45.83
C SER F 206 -28.47 12.33 -45.09
N CYS F 207 -27.89 13.45 -45.50
CA CYS F 207 -26.83 14.07 -44.68
C CYS F 207 -27.29 14.49 -43.25
N ASP F 208 -28.53 15.01 -43.13
CA ASP F 208 -29.17 15.28 -41.86
C ASP F 208 -29.22 13.96 -41.01
N ASP F 209 -29.75 12.89 -41.59
CA ASP F 209 -29.63 11.57 -40.98
C ASP F 209 -28.22 11.24 -40.54
N ILE F 210 -27.19 11.37 -41.38
CA ILE F 210 -25.85 11.09 -40.85
C ILE F 210 -25.59 11.91 -39.53
N GLN F 211 -25.96 13.18 -39.54
CA GLN F 211 -25.65 13.99 -38.41
C GLN F 211 -26.47 13.47 -37.21
N THR F 212 -27.72 13.09 -37.43
CA THR F 212 -28.58 12.74 -36.30
C THR F 212 -28.13 11.39 -35.78
N PHE F 213 -27.80 10.51 -36.69
CA PHE F 213 -27.23 9.22 -36.39
C PHE F 213 -25.93 9.30 -35.59
N LYS F 214 -24.99 10.13 -35.97
CA LYS F 214 -23.77 10.14 -35.21
C LYS F 214 -24.10 10.61 -33.74
N LEU F 215 -25.06 11.53 -33.61
CA LEU F 215 -25.38 12.13 -32.38
C LEU F 215 -26.06 11.12 -31.46
N VAL F 216 -26.99 10.35 -32.01
CA VAL F 216 -27.79 9.37 -31.25
C VAL F 216 -26.83 8.22 -30.87
N VAL F 217 -25.93 7.81 -31.77
CA VAL F 217 -25.00 6.75 -31.45
C VAL F 217 -24.11 7.16 -30.27
N LYS F 218 -23.53 8.36 -30.30
CA LYS F 218 -22.70 8.84 -29.16
C LYS F 218 -23.43 8.92 -27.79
N THR F 219 -24.66 9.40 -27.81
CA THR F 219 -25.51 9.52 -26.62
C THR F 219 -25.88 8.18 -25.99
N ILE F 220 -26.50 7.29 -26.73
CA ILE F 220 -26.84 5.98 -26.18
C ILE F 220 -25.62 5.16 -25.74
N ALA F 221 -24.53 5.20 -26.51
CA ALA F 221 -23.34 4.46 -26.09
C ALA F 221 -22.85 4.98 -24.72
N ARG F 222 -22.93 6.28 -24.49
CA ARG F 222 -22.61 6.86 -23.18
C ARG F 222 -23.50 6.24 -22.10
N LYS F 223 -24.81 6.18 -22.34
CA LYS F 223 -25.69 5.56 -21.35
C LYS F 223 -25.25 4.13 -21.04
N HIS F 224 -24.48 3.48 -21.89
CA HIS F 224 -24.14 2.09 -21.63
C HIS F 224 -22.72 2.05 -21.16
N GLY F 225 -22.21 3.20 -20.75
CA GLY F 225 -20.87 3.28 -20.22
C GLY F 225 -19.80 3.19 -21.28
N LEU F 226 -20.16 3.55 -22.50
CA LEU F 226 -19.27 3.36 -23.65
C LEU F 226 -19.11 4.62 -24.46
N HIS F 227 -17.99 4.67 -25.17
CA HIS F 227 -17.67 5.83 -26.02
C HIS F 227 -17.61 5.46 -27.49
N ALA F 228 -18.50 6.04 -28.30
CA ALA F 228 -18.57 5.75 -29.75
C ALA F 228 -17.71 6.79 -30.49
N THR F 229 -16.95 6.34 -31.48
CA THR F 229 -16.20 7.25 -32.34
C THR F 229 -16.26 6.80 -33.78
N PHE F 230 -16.24 7.78 -34.65
CA PHE F 230 -16.23 7.59 -36.07
C PHE F 230 -14.87 8.01 -36.62
N MET F 231 -13.84 8.03 -35.79
CA MET F 231 -12.47 8.21 -36.24
C MET F 231 -12.14 7.17 -37.33
N PRO F 232 -11.47 7.57 -38.40
CA PRO F 232 -11.38 6.54 -39.45
C PRO F 232 -10.45 5.31 -39.14
N LYS F 233 -9.32 5.51 -38.53
CA LYS F 233 -8.48 4.39 -38.17
C LYS F 233 -7.99 4.56 -36.70
N PRO F 234 -8.80 4.10 -35.71
CA PRO F 234 -8.33 4.32 -34.32
C PRO F 234 -7.06 3.48 -34.03
N LEU F 235 -6.92 2.32 -34.66
CA LEU F 235 -5.82 1.41 -34.32
C LEU F 235 -5.08 0.88 -35.53
N PHE F 236 -3.75 0.92 -35.52
CA PHE F 236 -3.02 0.35 -36.64
C PHE F 236 -3.23 -1.18 -36.71
N GLY F 237 -3.37 -1.72 -37.92
CA GLY F 237 -3.37 -3.15 -38.05
C GLY F 237 -4.72 -3.81 -38.19
N VAL F 238 -5.79 -3.18 -37.72
CA VAL F 238 -7.18 -3.65 -37.97
C VAL F 238 -7.94 -2.72 -38.93
N ASN F 239 -9.10 -3.13 -39.43
CA ASN F 239 -9.86 -2.29 -40.34
C ASN F 239 -10.10 -0.91 -39.75
N GLY F 240 -10.07 0.15 -40.58
CA GLY F 240 -10.58 1.46 -40.20
C GLY F 240 -12.09 1.43 -40.30
N SER F 241 -12.75 2.55 -40.05
CA SER F 241 -14.18 2.65 -40.34
C SER F 241 -14.37 3.42 -41.65
N GLY F 242 -15.29 2.98 -42.53
CA GLY F 242 -15.64 3.79 -43.70
C GLY F 242 -17.00 4.43 -43.54
N MET F 243 -17.29 5.43 -44.36
CA MET F 243 -18.69 5.80 -44.57
C MET F 243 -19.07 5.68 -46.05
N HIS F 244 -19.19 4.46 -46.55
CA HIS F 244 -19.51 4.18 -47.95
C HIS F 244 -20.70 4.95 -48.43
N CYS F 245 -20.51 5.75 -49.46
CA CYS F 245 -21.63 6.46 -50.07
C CYS F 245 -22.23 5.74 -51.27
N ASN F 246 -23.41 5.19 -51.06
CA ASN F 246 -24.15 4.54 -52.12
C ASN F 246 -24.91 5.63 -52.89
N LEU F 247 -24.70 5.72 -54.19
CA LEU F 247 -25.24 6.85 -55.00
C LEU F 247 -26.12 6.37 -56.15
N SER F 248 -27.25 7.02 -56.32
CA SER F 248 -28.02 6.79 -57.53
C SER F 248 -28.75 8.06 -57.96
N LEU F 249 -29.03 8.20 -59.26
CA LEU F 249 -29.73 9.39 -59.76
C LEU F 249 -31.12 8.91 -60.13
N PHE F 250 -32.14 9.67 -59.79
CA PHE F 250 -33.48 9.34 -60.22
C PHE F 250 -33.95 10.36 -61.23
N LYS F 251 -34.49 9.85 -62.32
CA LYS F 251 -35.07 10.71 -63.34
C LYS F 251 -36.51 10.33 -63.42
N ASN F 252 -37.38 11.27 -63.05
CA ASN F 252 -38.81 11.05 -63.14
C ASN F 252 -39.17 9.90 -62.21
N GLY F 253 -38.72 10.00 -60.96
CA GLY F 253 -38.91 8.93 -59.97
C GLY F 253 -38.56 7.53 -60.53
N VAL F 254 -37.35 7.34 -61.04
CA VAL F 254 -36.97 6.05 -61.56
C VAL F 254 -35.47 5.96 -61.60
N ASN F 255 -34.95 4.82 -61.22
CA ASN F 255 -33.51 4.66 -61.13
C ASN F 255 -32.90 4.82 -62.51
N ALA F 256 -32.35 6.00 -62.77
CA ALA F 256 -31.62 6.26 -64.02
C ALA F 256 -30.30 5.48 -64.15
N PHE F 257 -30.04 4.56 -63.22
CA PHE F 257 -28.78 3.83 -63.31
C PHE F 257 -28.99 2.46 -63.89
N PHE F 258 -30.24 2.01 -63.88
CA PHE F 258 -30.55 0.62 -64.22
C PHE F 258 -30.93 0.58 -65.68
N ASP F 259 -30.23 -0.27 -66.43
CA ASP F 259 -30.57 -0.63 -67.82
C ASP F 259 -30.74 -2.16 -68.05
N GLU F 260 -31.99 -2.64 -67.91
CA GLU F 260 -32.37 -4.06 -68.18
C GLU F 260 -31.62 -4.73 -69.33
N ASN F 261 -31.55 -4.06 -70.47
CA ASN F 261 -30.93 -4.66 -71.66
C ASN F 261 -29.60 -4.05 -71.97
N ALA F 262 -28.66 -4.12 -71.06
CA ALA F 262 -27.44 -3.37 -71.28
C ALA F 262 -26.38 -4.15 -70.62
N ASP F 263 -25.16 -4.07 -71.12
CA ASP F 263 -24.05 -4.75 -70.46
C ASP F 263 -24.04 -4.55 -68.92
N LEU F 264 -24.07 -5.64 -68.16
CA LEU F 264 -24.08 -5.62 -66.69
C LEU F 264 -25.27 -4.85 -66.19
N GLN F 265 -26.29 -4.70 -67.01
CA GLN F 265 -27.50 -4.01 -66.60
C GLN F 265 -27.29 -2.58 -66.07
N LEU F 266 -26.13 -2.01 -66.39
CA LEU F 266 -25.84 -0.60 -66.12
C LEU F 266 -26.08 0.31 -67.34
N SER F 267 -26.93 1.31 -67.14
CA SER F 267 -27.27 2.31 -68.14
C SER F 267 -26.09 3.12 -68.54
N GLU F 268 -26.19 3.89 -69.62
CA GLU F 268 -25.10 4.76 -70.00
C GLU F 268 -24.84 5.93 -69.00
N THR F 269 -25.92 6.51 -68.46
CA THR F 269 -25.79 7.47 -67.38
C THR F 269 -24.91 6.99 -66.20
N ALA F 270 -25.21 5.80 -65.67
CA ALA F 270 -24.38 5.18 -64.64
C ALA F 270 -22.94 5.16 -65.12
N LYS F 271 -22.72 4.80 -66.38
CA LYS F 271 -21.36 4.65 -66.89
C LYS F 271 -20.64 5.97 -67.00
N HIS F 272 -21.35 7.02 -67.44
CA HIS F 272 -20.75 8.36 -67.53
C HIS F 272 -20.44 8.87 -66.13
N PHE F 273 -21.39 8.59 -65.25
CA PHE F 273 -21.29 8.90 -63.84
C PHE F 273 -20.04 8.23 -63.26
N ILE F 274 -19.88 6.92 -63.47
CA ILE F 274 -18.75 6.20 -62.96
C ILE F 274 -17.51 6.89 -63.49
N ALA F 275 -17.51 7.20 -64.78
CA ALA F 275 -16.38 7.87 -65.47
C ALA F 275 -15.95 9.14 -64.74
N GLY F 276 -16.94 9.99 -64.40
CA GLY F 276 -16.72 11.24 -63.71
C GLY F 276 -16.09 11.08 -62.31
N ILE F 277 -16.73 10.28 -61.48
CA ILE F 277 -16.15 9.92 -60.22
C ILE F 277 -14.70 9.52 -60.43
N VAL F 278 -14.46 8.49 -61.25
CA VAL F 278 -13.09 8.00 -61.43
C VAL F 278 -12.07 9.12 -61.78
N LYS F 279 -12.38 9.89 -62.81
CA LYS F 279 -11.47 10.97 -63.16
C LYS F 279 -11.33 12.09 -62.08
N HIS F 280 -12.31 12.28 -61.20
CA HIS F 280 -12.13 13.27 -60.14
C HIS F 280 -11.58 12.72 -58.81
N ALA F 281 -11.59 11.39 -58.67
CA ALA F 281 -11.42 10.75 -57.38
C ALA F 281 -10.14 11.21 -56.72
N THR F 282 -9.04 11.38 -57.45
CA THR F 282 -7.80 11.72 -56.73
C THR F 282 -7.84 13.15 -56.21
N SER F 283 -8.81 13.93 -56.68
CA SER F 283 -8.97 15.34 -56.39
C SER F 283 -9.96 15.66 -55.31
N PHE F 284 -10.88 14.75 -55.03
CA PHE F 284 -11.89 15.01 -54.01
C PHE F 284 -11.64 14.24 -52.70
N THR F 285 -10.55 13.49 -52.68
CA THR F 285 -10.16 12.73 -51.51
C THR F 285 -9.87 13.66 -50.36
N ALA F 286 -9.20 14.79 -50.61
CA ALA F 286 -9.01 15.80 -49.54
C ALA F 286 -10.31 16.08 -48.81
N VAL F 287 -11.43 16.11 -49.54
CA VAL F 287 -12.72 16.42 -48.90
C VAL F 287 -13.45 15.16 -48.38
N THR F 288 -13.35 14.05 -49.09
CA THR F 288 -14.05 12.87 -48.69
C THR F 288 -13.33 12.21 -47.52
N ASN F 289 -12.09 12.61 -47.28
CA ASN F 289 -11.20 12.00 -46.31
C ASN F 289 -10.39 13.14 -45.72
N PRO F 290 -11.02 13.94 -44.86
CA PRO F 290 -10.47 15.27 -44.49
C PRO F 290 -9.50 15.39 -43.32
N THR F 291 -9.00 14.29 -42.75
CA THR F 291 -8.18 14.38 -41.54
C THR F 291 -6.88 13.68 -41.82
N VAL F 292 -5.92 13.89 -40.97
CA VAL F 292 -4.64 13.31 -41.25
C VAL F 292 -4.84 11.83 -41.19
N ASN F 293 -5.68 11.38 -40.26
CA ASN F 293 -5.85 9.97 -39.94
C ASN F 293 -6.56 9.18 -41.06
N SER F 294 -7.50 9.81 -41.77
CA SER F 294 -8.09 9.22 -42.95
C SER F 294 -7.11 8.49 -43.79
N TYR F 295 -5.87 8.95 -43.86
CA TYR F 295 -4.91 8.33 -44.80
C TYR F 295 -4.36 7.03 -44.25
N LYS F 296 -4.42 6.85 -42.94
CA LYS F 296 -4.02 5.58 -42.34
C LYS F 296 -5.07 4.50 -42.63
N ARG F 297 -6.27 4.88 -43.09
CA ARG F 297 -7.24 3.85 -43.55
C ARG F 297 -7.09 3.52 -45.05
N LEU F 298 -6.61 4.47 -45.82
CA LEU F 298 -6.49 4.25 -47.26
C LEU F 298 -5.17 3.51 -47.57
N VAL F 299 -4.99 2.36 -46.94
CA VAL F 299 -3.87 1.49 -47.27
C VAL F 299 -4.45 0.12 -47.63
N PRO F 300 -3.78 -0.62 -48.50
CA PRO F 300 -4.33 -1.88 -49.03
C PRO F 300 -4.48 -2.99 -48.02
N GLY F 301 -5.53 -3.83 -48.16
CA GLY F 301 -5.72 -4.97 -47.26
C GLY F 301 -6.90 -4.93 -46.27
N TYR F 302 -7.59 -3.82 -46.11
CA TYR F 302 -8.61 -3.72 -45.06
C TYR F 302 -9.96 -3.31 -45.68
N GLU F 303 -10.22 -3.84 -46.86
CA GLU F 303 -11.44 -3.51 -47.59
C GLU F 303 -11.69 -2.01 -47.67
N ALA F 304 -10.62 -1.20 -47.68
CA ALA F 304 -10.69 0.26 -47.99
C ALA F 304 -10.08 0.46 -49.35
N PRO F 305 -10.52 1.47 -50.08
CA PRO F 305 -9.98 1.69 -51.42
C PRO F 305 -8.66 2.38 -51.31
N CYS F 306 -7.68 2.04 -52.14
CA CYS F 306 -6.50 2.90 -52.25
C CYS F 306 -6.07 3.20 -53.70
N TYR F 307 -6.75 2.57 -54.64
CA TYR F 307 -6.45 2.71 -56.05
C TYR F 307 -7.73 3.10 -56.76
N VAL F 308 -7.59 3.88 -57.82
CA VAL F 308 -8.75 4.33 -58.55
C VAL F 308 -9.05 3.28 -59.57
N ALA F 309 -10.11 2.52 -59.34
CA ALA F 309 -10.65 1.58 -60.34
C ALA F 309 -12.04 1.26 -59.86
N TRP F 310 -12.93 0.80 -60.74
CA TRP F 310 -14.23 0.29 -60.33
C TRP F 310 -14.37 -1.18 -60.73
N SER F 311 -15.35 -1.87 -60.16
CA SER F 311 -15.57 -3.27 -60.44
C SER F 311 -16.85 -3.75 -59.82
N ALA F 312 -17.58 -4.66 -60.49
CA ALA F 312 -18.84 -5.19 -59.91
C ALA F 312 -18.58 -6.14 -58.73
N GLN F 313 -19.41 -6.03 -57.70
CA GLN F 313 -19.43 -6.96 -56.57
C GLN F 313 -18.02 -7.13 -55.98
N ASN F 314 -17.21 -6.07 -56.04
CA ASN F 314 -15.79 -6.20 -55.67
C ASN F 314 -15.44 -5.24 -54.52
N ARG F 315 -14.97 -5.75 -53.40
CA ARG F 315 -14.72 -4.90 -52.22
C ARG F 315 -13.30 -4.33 -52.08
N SER F 316 -12.53 -4.36 -53.16
CA SER F 316 -11.17 -3.84 -53.12
C SER F 316 -10.91 -2.57 -53.99
N PRO F 317 -11.80 -2.24 -54.95
CA PRO F 317 -11.50 -0.99 -55.67
C PRO F 317 -12.10 0.23 -54.96
N LEU F 318 -11.93 1.39 -55.55
CA LEU F 318 -12.57 2.57 -55.07
C LEU F 318 -14.08 2.51 -55.32
N ILE F 319 -14.56 1.87 -56.38
CA ILE F 319 -16.02 1.83 -56.63
C ILE F 319 -16.53 0.41 -56.80
N ARG F 320 -17.58 0.04 -56.08
CA ARG F 320 -18.12 -1.29 -56.20
C ARG F 320 -19.49 -1.07 -56.72
N ILE F 321 -19.86 -1.83 -57.75
CA ILE F 321 -21.24 -1.87 -58.17
C ILE F 321 -21.85 -3.05 -57.43
N PRO F 322 -22.62 -2.80 -56.37
CA PRO F 322 -23.25 -3.98 -55.74
C PRO F 322 -24.09 -4.76 -56.74
N ALA F 323 -24.36 -6.03 -56.43
CA ALA F 323 -25.13 -6.94 -57.29
C ALA F 323 -26.59 -6.56 -57.44
N SER F 324 -27.15 -5.80 -56.52
CA SER F 324 -28.57 -5.41 -56.61
C SER F 324 -28.90 -4.55 -57.86
N ARG F 325 -30.05 -4.83 -58.48
CA ARG F 325 -30.46 -4.06 -59.66
C ARG F 325 -31.85 -3.42 -59.49
N GLY F 326 -32.66 -3.33 -60.54
CA GLY F 326 -33.97 -2.69 -60.39
C GLY F 326 -33.82 -1.36 -59.63
N ILE F 327 -34.70 -1.11 -58.69
CA ILE F 327 -34.59 0.17 -57.95
C ILE F 327 -33.33 0.36 -57.07
N SER F 328 -32.68 -0.73 -56.67
CA SER F 328 -31.50 -0.71 -55.85
C SER F 328 -30.19 -0.62 -56.60
N THR F 329 -30.23 -0.21 -57.86
CA THR F 329 -29.01 -0.09 -58.66
C THR F 329 -28.26 1.11 -58.17
N ARG F 330 -26.96 1.00 -57.93
CA ARG F 330 -26.23 2.12 -57.31
C ARG F 330 -24.70 2.06 -57.37
N VAL F 331 -24.07 3.22 -57.30
CA VAL F 331 -22.61 3.25 -57.32
C VAL F 331 -22.14 3.46 -55.86
N GLU F 332 -21.34 2.54 -55.34
CA GLU F 332 -20.91 2.66 -53.94
C GLU F 332 -19.51 3.16 -53.91
N VAL F 333 -19.28 4.37 -53.37
CA VAL F 333 -17.95 4.98 -53.37
C VAL F 333 -17.29 4.72 -52.04
N ARG F 334 -16.41 3.73 -51.96
CA ARG F 334 -16.00 3.17 -50.65
C ARG F 334 -14.93 3.99 -49.93
N SER F 335 -14.58 5.11 -50.51
CA SER F 335 -13.47 5.94 -50.08
C SER F 335 -13.88 6.86 -48.93
N VAL F 336 -15.14 7.31 -48.89
CA VAL F 336 -15.50 8.39 -48.00
C VAL F 336 -15.38 7.86 -46.61
N ASP F 337 -14.72 8.58 -45.68
CA ASP F 337 -14.76 8.11 -44.29
C ASP F 337 -15.78 8.86 -43.43
N PRO F 338 -16.14 8.29 -42.26
CA PRO F 338 -17.19 8.94 -41.47
C PRO F 338 -16.69 10.19 -40.76
N ALA F 339 -15.46 10.62 -41.00
CA ALA F 339 -15.08 11.93 -40.50
C ALA F 339 -15.37 13.01 -41.51
N ALA F 340 -15.78 12.68 -42.74
CA ALA F 340 -16.05 13.74 -43.74
C ALA F 340 -17.27 14.55 -43.33
N ASN F 341 -17.31 15.81 -43.72
CA ASN F 341 -18.50 16.61 -43.55
C ASN F 341 -19.47 15.98 -44.55
N PRO F 342 -20.55 15.36 -44.06
CA PRO F 342 -21.42 14.76 -45.07
C PRO F 342 -21.85 15.70 -46.26
N TYR F 343 -22.13 16.99 -45.99
CA TYR F 343 -22.59 17.94 -46.99
C TYR F 343 -21.52 18.25 -48.04
N LEU F 344 -20.29 18.39 -47.65
CA LEU F 344 -19.26 18.68 -48.63
C LEU F 344 -18.90 17.40 -49.41
N ALA F 345 -18.96 16.25 -48.79
CA ALA F 345 -18.59 15.08 -49.53
C ALA F 345 -19.63 14.90 -50.66
N LEU F 346 -20.90 15.15 -50.39
CA LEU F 346 -21.87 14.88 -51.41
C LEU F 346 -21.71 15.93 -52.47
N SER F 347 -21.23 17.10 -52.08
CA SER F 347 -21.19 18.24 -52.97
C SER F 347 -20.09 17.95 -53.97
N VAL F 348 -18.95 17.48 -53.49
CA VAL F 348 -17.83 17.17 -54.36
C VAL F 348 -18.00 15.87 -55.20
N LEU F 349 -18.81 14.93 -54.71
CA LEU F 349 -19.11 13.65 -55.37
C LEU F 349 -20.17 13.81 -56.43
N LEU F 350 -21.17 14.65 -56.16
CA LEU F 350 -22.21 14.95 -57.15
C LEU F 350 -21.59 15.75 -58.32
N ALA F 351 -20.74 16.73 -57.98
CA ALA F 351 -20.01 17.48 -58.98
C ALA F 351 -19.20 16.53 -59.82
N ALA F 352 -18.46 15.54 -59.27
CA ALA F 352 -17.66 14.71 -60.18
C ALA F 352 -18.60 13.89 -61.05
N GLY F 353 -19.72 13.47 -60.50
CA GLY F 353 -20.59 12.54 -61.19
C GLY F 353 -21.28 13.24 -62.31
N LEU F 354 -21.64 14.51 -62.14
CA LEU F 354 -22.26 15.31 -63.19
C LEU F 354 -21.26 15.72 -64.28
N ASP F 355 -20.00 15.93 -63.94
CA ASP F 355 -19.03 16.28 -64.96
C ASP F 355 -18.93 15.14 -65.98
N GLY F 356 -18.97 13.89 -65.49
CA GLY F 356 -18.92 12.75 -66.40
C GLY F 356 -20.21 12.67 -67.23
N ILE F 357 -21.36 12.87 -66.61
CA ILE F 357 -22.61 12.83 -67.34
C ILE F 357 -22.66 13.90 -68.40
N LYS F 358 -22.63 15.18 -68.00
CA LYS F 358 -22.78 16.27 -68.96
C LYS F 358 -21.77 16.21 -70.11
N ASN F 359 -20.59 15.65 -69.88
CA ASN F 359 -19.61 15.49 -70.93
C ASN F 359 -19.57 14.07 -71.46
N LYS F 360 -20.67 13.34 -71.29
CA LYS F 360 -20.71 11.90 -71.62
C LYS F 360 -19.31 11.29 -71.68
N LEU F 361 -18.54 11.34 -70.58
CA LEU F 361 -17.21 10.72 -70.49
C LEU F 361 -17.30 9.20 -70.66
N GLU F 362 -16.17 8.57 -70.96
CA GLU F 362 -16.16 7.14 -71.21
C GLU F 362 -15.56 6.41 -70.03
N ALA F 363 -16.29 5.47 -69.46
CA ALA F 363 -15.74 4.85 -68.25
C ALA F 363 -14.65 3.86 -68.61
N PRO F 364 -13.62 3.78 -67.78
CA PRO F 364 -12.55 2.82 -68.06
C PRO F 364 -13.06 1.39 -67.91
N ALA F 365 -12.27 0.43 -68.38
CA ALA F 365 -12.63 -0.97 -68.22
C ALA F 365 -12.56 -1.28 -66.72
N PRO F 366 -13.55 -2.03 -66.18
CA PRO F 366 -13.59 -2.41 -64.77
C PRO F 366 -12.43 -3.34 -64.53
N ILE F 367 -11.97 -3.38 -63.28
CA ILE F 367 -10.82 -4.17 -62.97
C ILE F 367 -11.38 -5.28 -62.13
N ASP F 368 -11.35 -6.51 -62.67
CA ASP F 368 -11.95 -7.63 -61.97
C ASP F 368 -10.98 -8.54 -61.22
N ARG F 369 -9.93 -7.93 -60.68
CA ARG F 369 -8.95 -8.58 -59.84
C ARG F 369 -9.14 -8.11 -58.38
N ASN F 370 -8.38 -8.69 -57.46
CA ASN F 370 -8.13 -8.08 -56.16
C ASN F 370 -6.99 -7.08 -56.44
N ILE F 371 -7.35 -5.82 -56.57
CA ILE F 371 -6.38 -4.89 -57.06
C ILE F 371 -5.25 -4.66 -56.01
N TYR F 372 -5.50 -5.07 -54.74
CA TYR F 372 -4.44 -5.16 -53.70
C TYR F 372 -3.30 -6.11 -54.09
N VAL F 373 -3.57 -7.21 -54.78
CA VAL F 373 -2.49 -8.11 -55.14
C VAL F 373 -1.82 -7.74 -56.42
N MET F 374 -2.38 -6.80 -57.19
CA MET F 374 -1.75 -6.36 -58.45
C MET F 374 -0.45 -5.66 -58.17
N SER F 375 0.57 -6.01 -58.94
CA SER F 375 1.88 -5.43 -58.76
C SER F 375 1.95 -4.04 -59.38
N LYS F 376 2.97 -3.29 -58.99
CA LYS F 376 3.23 -1.99 -59.60
C LYS F 376 3.12 -2.08 -61.11
N GLU F 377 3.94 -2.94 -61.71
CA GLU F 377 3.95 -3.06 -63.16
C GLU F 377 2.56 -3.40 -63.69
N GLU F 378 1.93 -4.40 -63.08
CA GLU F 378 0.58 -4.78 -63.39
C GLU F 378 -0.41 -3.58 -63.33
N ARG F 379 -0.27 -2.70 -62.34
CA ARG F 379 -1.24 -1.62 -62.18
C ARG F 379 -1.03 -0.55 -63.23
N MET F 380 0.23 -0.37 -63.65
CA MET F 380 0.60 0.56 -64.72
C MET F 380 0.12 0.09 -66.09
N GLU F 381 0.19 -1.23 -66.35
CA GLU F 381 -0.37 -1.80 -67.58
C GLU F 381 -1.80 -1.34 -67.81
N ASN F 382 -2.58 -1.22 -66.74
CA ASN F 382 -3.93 -0.66 -66.81
C ASN F 382 -3.90 0.80 -66.38
N GLY F 383 -4.99 1.52 -66.57
CA GLY F 383 -4.98 2.91 -66.14
C GLY F 383 -5.31 3.02 -64.66
N ILE F 384 -4.40 2.64 -63.77
CA ILE F 384 -4.75 2.63 -62.35
C ILE F 384 -3.81 3.47 -61.52
N VAL F 385 -4.33 4.61 -61.10
CA VAL F 385 -3.56 5.50 -60.25
C VAL F 385 -3.91 5.33 -58.79
N ASP F 386 -2.92 5.55 -57.93
CA ASP F 386 -3.11 5.52 -56.48
C ASP F 386 -3.84 6.76 -55.97
N LEU F 387 -4.73 6.60 -54.98
CA LEU F 387 -5.23 7.76 -54.26
C LEU F 387 -4.12 8.52 -53.57
N PRO F 388 -4.34 9.81 -53.27
CA PRO F 388 -3.32 10.60 -52.53
C PRO F 388 -2.79 9.89 -51.29
N ALA F 389 -1.49 9.94 -51.06
CA ALA F 389 -0.88 9.19 -49.94
C ALA F 389 -1.01 9.90 -48.57
N THR F 390 -1.15 11.21 -48.54
CA THR F 390 -1.36 11.85 -47.25
C THR F 390 -2.40 12.91 -47.44
N LEU F 391 -2.83 13.56 -46.35
CA LEU F 391 -3.72 14.71 -46.45
C LEU F 391 -3.05 15.84 -47.27
N ALA F 392 -1.78 16.17 -46.99
CA ALA F 392 -1.07 17.21 -47.77
C ALA F 392 -1.11 16.96 -49.28
N GLU F 393 -0.80 15.73 -49.72
CA GLU F 393 -1.00 15.43 -51.14
C GLU F 393 -2.45 15.57 -51.54
N ALA F 394 -3.41 15.01 -50.79
CA ALA F 394 -4.82 15.20 -51.17
C ALA F 394 -5.17 16.67 -51.38
N LEU F 395 -4.52 17.57 -50.66
CA LEU F 395 -4.79 18.98 -50.77
C LEU F 395 -4.18 19.61 -52.04
N GLU F 396 -2.93 19.25 -52.38
CA GLU F 396 -2.32 19.82 -53.58
C GLU F 396 -3.12 19.37 -54.80
N GLU F 397 -3.64 18.14 -54.75
CA GLU F 397 -4.38 17.57 -55.83
C GLU F 397 -5.72 18.23 -56.02
N PHE F 398 -6.41 18.41 -54.92
CA PHE F 398 -7.67 19.12 -54.88
C PHE F 398 -7.50 20.55 -55.47
N LYS F 399 -6.41 21.22 -55.12
CA LYS F 399 -6.30 22.59 -55.57
C LYS F 399 -6.26 22.66 -57.06
N SER F 400 -5.43 21.83 -57.65
CA SER F 400 -5.31 21.71 -59.11
C SER F 400 -6.55 21.48 -59.92
N ASN F 401 -7.68 21.24 -59.28
CA ASN F 401 -8.80 20.68 -59.98
C ASN F 401 -9.96 21.61 -59.89
N GLU F 402 -10.09 22.39 -60.94
CA GLU F 402 -11.05 23.43 -61.02
C GLU F 402 -12.49 22.96 -60.76
N VAL F 403 -12.88 21.80 -61.27
CA VAL F 403 -14.26 21.39 -61.05
C VAL F 403 -14.54 21.11 -59.60
N MET F 404 -13.59 20.47 -58.90
CA MET F 404 -13.75 20.23 -57.47
C MET F 404 -13.74 21.51 -56.65
N VAL F 405 -12.85 22.46 -56.96
CA VAL F 405 -12.83 23.77 -56.31
C VAL F 405 -14.18 24.49 -56.44
N LYS F 406 -14.75 24.52 -57.65
CA LYS F 406 -16.02 25.22 -57.87
C LYS F 406 -17.16 24.53 -57.12
N ALA F 407 -16.99 23.24 -56.83
CA ALA F 407 -17.97 22.49 -56.04
C ALA F 407 -18.02 22.94 -54.56
N LEU F 408 -16.90 23.39 -54.00
CA LEU F 408 -16.96 24.05 -52.69
C LEU F 408 -17.33 25.55 -52.72
N GLY F 409 -16.81 26.34 -53.67
CA GLY F 409 -17.12 27.76 -53.71
C GLY F 409 -16.03 28.56 -53.01
N GLU F 410 -15.88 29.85 -53.28
CA GLU F 410 -14.80 30.64 -52.70
C GLU F 410 -14.57 30.43 -51.18
N HIS F 411 -15.60 30.72 -50.38
CA HIS F 411 -15.51 30.74 -48.93
C HIS F 411 -15.12 29.36 -48.40
N LEU F 412 -15.98 28.36 -48.62
CA LEU F 412 -15.70 26.99 -48.18
C LEU F 412 -14.36 26.43 -48.65
N PHE F 413 -13.95 26.76 -49.86
CA PHE F 413 -12.69 26.29 -50.38
C PHE F 413 -11.55 26.91 -49.61
N GLU F 414 -11.63 28.21 -49.40
CA GLU F 414 -10.55 28.90 -48.71
C GLU F 414 -10.38 28.45 -47.25
N HIS F 415 -11.47 28.56 -46.48
CA HIS F 415 -11.50 28.05 -45.13
C HIS F 415 -11.09 26.62 -44.94
N PHE F 416 -11.57 25.76 -45.82
CA PHE F 416 -11.22 24.37 -45.76
C PHE F 416 -9.69 24.26 -45.90
N ILE F 417 -9.11 24.84 -46.95
CA ILE F 417 -7.66 24.74 -47.18
C ILE F 417 -6.85 25.29 -46.04
N GLU F 418 -7.36 26.33 -45.45
CA GLU F 418 -6.65 26.97 -44.39
C GLU F 418 -6.68 26.06 -43.16
N ALA F 419 -7.89 25.68 -42.73
CA ALA F 419 -8.08 24.79 -41.58
C ALA F 419 -7.25 23.48 -41.67
N LYS F 420 -7.20 22.86 -42.86
CA LYS F 420 -6.42 21.62 -43.13
C LYS F 420 -4.92 21.88 -43.21
N GLU F 421 -4.49 23.03 -43.73
CA GLU F 421 -3.05 23.26 -43.79
C GLU F 421 -2.50 23.45 -42.39
N ILE F 422 -3.24 24.15 -41.56
CA ILE F 422 -2.85 24.36 -40.18
C ILE F 422 -2.79 22.99 -39.43
N GLU F 423 -3.86 22.21 -39.56
CA GLU F 423 -3.89 20.87 -39.05
C GLU F 423 -2.66 20.06 -39.51
N TRP F 424 -2.42 19.97 -40.81
CA TRP F 424 -1.26 19.22 -41.32
C TRP F 424 0.10 19.71 -40.77
N ASP F 425 0.20 21.00 -40.47
CA ASP F 425 1.40 21.53 -39.85
C ASP F 425 1.60 21.03 -38.46
N MET F 426 0.53 21.10 -37.67
CA MET F 426 0.64 20.65 -36.30
C MET F 426 1.08 19.21 -36.33
N PHE F 427 0.52 18.46 -37.27
CA PHE F 427 0.87 17.08 -37.38
C PHE F 427 2.37 16.89 -37.75
N ARG F 428 2.83 17.70 -38.70
CA ARG F 428 4.07 17.49 -39.43
C ARG F 428 5.24 17.78 -38.51
N THR F 429 5.11 18.82 -37.69
CA THR F 429 6.20 19.31 -36.86
C THR F 429 6.15 18.66 -35.49
N GLN F 430 5.10 17.92 -35.21
CA GLN F 430 5.00 17.12 -33.98
C GLN F 430 6.15 16.09 -33.93
N VAL F 431 6.61 15.71 -32.77
CA VAL F 431 7.52 14.57 -32.76
C VAL F 431 6.83 13.39 -32.10
N HIS F 432 6.49 12.33 -32.85
CA HIS F 432 5.71 11.21 -32.26
C HIS F 432 6.52 10.14 -31.55
N PRO F 433 5.93 9.49 -30.54
CA PRO F 433 6.62 8.38 -29.87
C PRO F 433 7.28 7.36 -30.81
N TRP F 434 6.64 6.99 -31.90
CA TRP F 434 7.28 6.11 -32.87
C TRP F 434 8.73 6.59 -33.20
N GLU F 435 8.90 7.91 -33.34
CA GLU F 435 10.18 8.41 -33.78
C GLU F 435 11.21 8.17 -32.68
N ARG F 436 10.87 8.46 -31.41
CA ARG F 436 11.84 8.13 -30.34
C ARG F 436 12.13 6.60 -30.23
N GLU F 437 11.12 5.75 -30.45
CA GLU F 437 11.32 4.31 -30.44
C GLU F 437 12.25 3.83 -31.51
N GLN F 438 12.19 4.45 -32.68
CA GLN F 438 13.01 4.02 -33.79
C GLN F 438 14.41 4.65 -33.76
N TYR F 439 14.55 5.85 -33.21
CA TYR F 439 15.77 6.63 -33.42
C TYR F 439 16.51 6.93 -32.11
N MET F 440 15.79 7.09 -30.99
CA MET F 440 16.45 7.56 -29.74
C MET F 440 17.63 6.68 -29.24
N SER F 441 17.59 5.39 -29.52
CA SER F 441 18.69 4.49 -29.21
C SER F 441 19.49 4.10 -30.44
N GLN F 442 18.83 4.03 -31.58
CA GLN F 442 19.53 3.67 -32.81
C GLN F 442 20.55 4.74 -33.18
N TYR F 443 20.27 6.00 -32.85
CA TYR F 443 21.16 7.10 -33.16
C TYR F 443 21.45 7.87 -31.87
N ALA G 1 49.69 -37.97 -27.13
CA ALA G 1 49.60 -37.90 -25.67
C ALA G 1 50.20 -36.60 -25.18
N LYS G 2 49.31 -35.67 -24.93
CA LYS G 2 49.68 -34.38 -24.39
C LYS G 2 50.32 -34.53 -22.98
N TYR G 3 49.63 -35.11 -21.98
CA TYR G 3 50.22 -35.25 -20.64
C TYR G 3 50.35 -36.70 -20.23
N THR G 4 51.32 -37.01 -19.39
CA THR G 4 51.38 -38.34 -18.75
C THR G 4 51.12 -38.31 -17.21
N ARG G 5 50.87 -39.47 -16.63
CA ARG G 5 50.71 -39.60 -15.19
C ARG G 5 51.71 -38.67 -14.45
N GLU G 6 53.01 -38.77 -14.71
CA GLU G 6 53.98 -37.86 -14.06
C GLU G 6 53.77 -36.39 -14.40
N ASP G 7 53.40 -36.10 -15.62
CA ASP G 7 53.23 -34.74 -16.02
C ASP G 7 52.16 -34.17 -15.12
N ILE G 8 51.12 -34.98 -14.89
CA ILE G 8 49.98 -34.46 -14.18
C ILE G 8 50.33 -34.43 -12.73
N GLU G 9 51.09 -35.42 -12.27
CA GLU G 9 51.44 -35.49 -10.85
C GLU G 9 52.25 -34.26 -10.50
N LYS G 10 53.03 -33.80 -11.45
CA LYS G 10 53.94 -32.70 -11.22
C LYS G 10 53.30 -31.32 -11.46
N LEU G 11 52.42 -31.22 -12.45
CA LEU G 11 51.61 -30.03 -12.60
C LEU G 11 50.82 -29.75 -11.33
N VAL G 12 50.09 -30.77 -10.84
CA VAL G 12 49.22 -30.60 -9.67
C VAL G 12 49.98 -30.04 -8.51
N LYS G 13 51.15 -30.60 -8.22
CA LYS G 13 51.91 -30.10 -7.09
C LYS G 13 52.30 -28.67 -7.38
N GLU G 14 52.83 -28.43 -8.58
CA GLU G 14 53.39 -27.13 -8.91
C GLU G 14 52.33 -26.06 -8.86
N GLU G 15 51.12 -26.39 -9.30
CA GLU G 15 50.06 -25.39 -9.44
C GLU G 15 49.28 -25.18 -8.16
N ASN G 16 49.48 -26.11 -7.23
CA ASN G 16 48.76 -26.12 -5.95
C ASN G 16 47.28 -26.43 -6.09
N VAL G 17 47.00 -27.44 -6.89
CA VAL G 17 45.64 -27.89 -7.10
C VAL G 17 45.15 -28.54 -5.82
N LYS G 18 44.02 -28.06 -5.32
CA LYS G 18 43.48 -28.52 -4.05
C LYS G 18 42.38 -29.53 -4.25
N TYR G 19 41.68 -29.45 -5.38
CA TYR G 19 40.57 -30.39 -5.69
C TYR G 19 40.61 -30.93 -7.12
N ILE G 20 40.06 -32.12 -7.35
CA ILE G 20 39.94 -32.58 -8.72
C ILE G 20 38.49 -32.87 -9.12
N ARG G 21 38.10 -32.51 -10.32
CA ARG G 21 36.76 -32.85 -10.80
C ARG G 21 36.85 -33.86 -11.86
N LEU G 22 36.24 -35.00 -11.65
CA LEU G 22 36.13 -35.96 -12.72
C LEU G 22 34.83 -35.70 -13.38
N GLN G 23 34.82 -35.27 -14.65
CA GLN G 23 33.57 -34.96 -15.38
C GLN G 23 33.25 -35.89 -16.49
N PHE G 24 31.98 -36.04 -16.81
CA PHE G 24 31.62 -36.79 -18.01
C PHE G 24 30.31 -36.29 -18.59
N THR G 25 29.86 -36.88 -19.68
CA THR G 25 28.69 -36.45 -20.40
C THR G 25 27.63 -37.54 -20.46
N ASP G 26 26.42 -37.28 -20.01
CA ASP G 26 25.32 -38.19 -20.18
C ASP G 26 24.72 -38.16 -21.60
N ILE G 27 23.61 -38.90 -21.77
CA ILE G 27 23.11 -39.23 -23.10
C ILE G 27 22.44 -37.97 -23.70
N LEU G 28 22.12 -36.99 -22.85
CA LEU G 28 21.46 -35.78 -23.29
C LEU G 28 22.46 -34.64 -23.56
N GLY G 29 23.75 -34.88 -23.33
CA GLY G 29 24.73 -33.83 -23.49
C GLY G 29 25.14 -33.13 -22.21
N THR G 30 24.34 -33.32 -21.16
CA THR G 30 24.58 -32.68 -19.87
C THR G 30 25.90 -33.06 -19.23
N ILE G 31 26.71 -32.07 -18.91
CA ILE G 31 27.94 -32.31 -18.16
C ILE G 31 27.59 -32.76 -16.73
N LYS G 32 28.37 -33.69 -16.23
CA LYS G 32 28.14 -34.26 -14.90
C LYS G 32 29.49 -34.40 -14.20
N ASN G 33 29.52 -34.32 -12.89
CA ASN G 33 30.82 -34.45 -12.25
C ASN G 33 30.74 -34.67 -10.76
N VAL G 34 31.83 -35.19 -10.26
CA VAL G 34 31.98 -35.43 -8.83
C VAL G 34 33.31 -34.80 -8.43
N GLU G 35 33.39 -34.19 -7.26
CA GLU G 35 34.63 -33.49 -6.90
C GLU G 35 35.34 -34.28 -5.88
N ILE G 36 36.66 -34.37 -5.98
CA ILE G 36 37.43 -35.07 -4.92
C ILE G 36 38.66 -34.30 -4.42
N PRO G 37 38.98 -34.48 -3.14
CA PRO G 37 40.17 -33.75 -2.69
C PRO G 37 41.44 -34.29 -3.39
N VAL G 38 42.47 -33.49 -3.49
CA VAL G 38 43.54 -33.89 -4.38
C VAL G 38 44.28 -35.08 -3.77
N SER G 39 43.99 -35.41 -2.52
CA SER G 39 44.66 -36.54 -1.88
C SER G 39 44.12 -37.84 -2.51
N GLN G 40 43.05 -37.74 -3.29
CA GLN G 40 42.40 -38.89 -3.87
C GLN G 40 42.84 -39.02 -5.31
N LEU G 41 43.80 -38.19 -5.73
CA LEU G 41 44.28 -38.21 -7.10
C LEU G 41 44.72 -39.63 -7.50
N GLY G 42 45.48 -40.27 -6.63
CA GLY G 42 45.97 -41.58 -6.96
C GLY G 42 44.82 -42.53 -7.27
N LYS G 43 43.80 -42.56 -6.40
CA LYS G 43 42.64 -43.43 -6.65
C LYS G 43 41.99 -43.17 -8.03
N ALA G 44 42.00 -41.90 -8.44
CA ALA G 44 41.33 -41.47 -9.63
C ALA G 44 42.15 -41.93 -10.82
N LEU G 45 43.49 -41.72 -10.78
CA LEU G 45 44.37 -42.19 -11.85
C LEU G 45 44.40 -43.72 -11.88
N ASP G 46 44.12 -44.36 -10.76
CA ASP G 46 44.02 -45.82 -10.77
C ASP G 46 42.68 -46.29 -11.33
N ASN G 47 41.84 -45.36 -11.80
CA ASN G 47 40.53 -45.69 -12.34
C ASN G 47 39.70 -46.45 -11.36
N LYS G 48 39.51 -45.85 -10.18
CA LYS G 48 38.83 -46.54 -9.10
C LYS G 48 37.66 -45.76 -8.64
N VAL G 49 37.49 -44.54 -9.11
CA VAL G 49 36.41 -43.74 -8.59
C VAL G 49 35.11 -44.20 -9.23
N MET G 50 34.06 -44.31 -8.41
CA MET G 50 32.80 -44.90 -8.85
C MET G 50 31.63 -43.96 -8.79
N PHE G 51 30.49 -44.35 -9.34
CA PHE G 51 29.28 -43.52 -9.17
C PHE G 51 28.04 -44.38 -9.43
N ASP G 52 26.88 -43.85 -9.10
CA ASP G 52 25.62 -44.54 -9.34
C ASP G 52 25.21 -44.34 -10.82
N GLY G 53 25.60 -45.31 -11.61
CA GLY G 53 25.25 -45.29 -13.01
C GLY G 53 23.77 -45.18 -13.28
N SER G 54 22.90 -45.42 -12.31
CA SER G 54 21.47 -45.47 -12.60
C SER G 54 20.83 -44.14 -12.28
N SER G 55 21.64 -43.21 -11.80
CA SER G 55 21.22 -41.80 -11.66
C SER G 55 21.75 -40.88 -12.79
N ILE G 56 22.25 -41.48 -13.88
CA ILE G 56 22.64 -40.74 -15.06
C ILE G 56 21.79 -41.13 -16.28
N GLU G 57 20.99 -40.19 -16.76
CA GLU G 57 20.20 -40.35 -17.99
C GLU G 57 20.88 -41.19 -19.06
N GLY G 58 20.21 -42.27 -19.48
CA GLY G 58 20.68 -43.11 -20.60
C GLY G 58 21.82 -44.10 -20.29
N PHE G 59 22.04 -44.43 -19.02
CA PHE G 59 23.18 -45.27 -18.66
C PHE G 59 22.64 -46.65 -18.24
N VAL G 60 22.94 -47.08 -17.03
CA VAL G 60 22.59 -48.42 -16.65
C VAL G 60 21.38 -48.46 -15.73
N ARG G 61 20.88 -49.64 -15.43
CA ARG G 61 19.76 -49.67 -14.52
C ARG G 61 20.11 -49.94 -13.06
N ILE G 62 19.14 -49.60 -12.22
CA ILE G 62 19.21 -49.67 -10.77
C ILE G 62 19.83 -50.97 -10.21
N GLU G 63 19.55 -52.10 -10.86
CA GLU G 63 20.07 -53.41 -10.43
C GLU G 63 21.47 -53.73 -10.91
N GLU G 64 22.15 -52.80 -11.53
CA GLU G 64 23.52 -53.00 -11.86
C GLU G 64 24.05 -51.63 -11.96
N SER G 65 24.05 -50.92 -10.85
CA SER G 65 24.28 -49.50 -10.93
C SER G 65 25.74 -49.08 -10.77
N ASP G 66 26.56 -49.91 -10.13
CA ASP G 66 27.99 -49.54 -9.95
C ASP G 66 28.68 -49.34 -11.29
N MET G 67 29.45 -48.25 -11.43
CA MET G 67 30.09 -47.95 -12.70
C MET G 67 31.38 -47.30 -12.29
N TYR G 68 32.35 -47.31 -13.20
CA TYR G 68 33.70 -46.74 -12.98
C TYR G 68 34.05 -45.55 -13.87
N LEU G 69 35.01 -44.75 -13.42
CA LEU G 69 35.49 -43.54 -14.12
C LEU G 69 36.98 -43.70 -14.51
N TYR G 70 37.28 -43.48 -15.78
CA TYR G 70 38.67 -43.56 -16.26
C TYR G 70 39.12 -42.19 -16.81
N PRO G 71 39.80 -41.40 -15.96
CA PRO G 71 40.22 -40.09 -16.47
C PRO G 71 41.08 -40.20 -17.72
N ASP G 72 40.81 -39.30 -18.65
CA ASP G 72 41.66 -39.11 -19.80
C ASP G 72 42.75 -38.07 -19.49
N LEU G 73 43.99 -38.50 -19.29
CA LEU G 73 45.05 -37.59 -18.83
C LEU G 73 45.24 -36.34 -19.73
N ASN G 74 45.02 -36.46 -21.03
CA ASN G 74 45.21 -35.32 -21.90
C ASN G 74 44.13 -34.23 -21.71
N THR G 75 43.13 -34.47 -20.86
CA THR G 75 42.11 -33.45 -20.67
C THR G 75 42.38 -32.59 -19.45
N PHE G 76 43.51 -32.80 -18.80
CA PHE G 76 43.80 -32.00 -17.63
C PHE G 76 43.70 -30.50 -17.90
N VAL G 77 42.82 -29.81 -17.18
CA VAL G 77 42.76 -28.33 -17.28
C VAL G 77 42.38 -27.73 -15.89
N ILE G 78 42.93 -26.56 -15.57
CA ILE G 78 42.63 -25.89 -14.29
C ILE G 78 41.50 -24.86 -14.40
N PHE G 79 40.53 -24.89 -13.48
CA PHE G 79 39.48 -23.86 -13.49
C PHE G 79 39.90 -22.59 -12.69
N PRO G 80 40.38 -21.57 -13.39
CA PRO G 80 40.88 -20.37 -12.70
C PRO G 80 39.89 -19.65 -11.75
N TRP G 81 38.58 -19.82 -11.90
CA TRP G 81 37.64 -19.15 -10.98
C TRP G 81 37.51 -19.93 -9.61
N THR G 82 38.42 -20.83 -9.33
CA THR G 82 38.36 -21.61 -8.12
C THR G 82 39.67 -21.50 -7.34
N ALA G 83 40.68 -20.82 -7.90
CA ALA G 83 42.01 -20.85 -7.31
C ALA G 83 42.04 -19.99 -6.00
N GLU G 84 41.05 -19.14 -5.84
CA GLU G 84 40.88 -18.38 -4.64
C GLU G 84 40.59 -19.23 -3.37
N LYS G 85 39.47 -19.96 -3.36
CA LYS G 85 39.14 -20.83 -2.22
C LYS G 85 39.80 -22.21 -2.24
N GLY G 86 40.03 -22.78 -3.42
CA GLY G 86 40.59 -24.13 -3.58
C GLY G 86 40.70 -24.54 -5.07
N LYS G 87 41.89 -24.32 -5.65
CA LYS G 87 42.16 -24.56 -7.08
C LYS G 87 41.65 -25.95 -7.47
N VAL G 88 40.78 -26.00 -8.47
CA VAL G 88 40.20 -27.23 -8.98
C VAL G 88 40.67 -27.45 -10.38
N ALA G 89 41.31 -28.60 -10.60
CA ALA G 89 41.62 -29.08 -11.94
C ALA G 89 40.58 -30.12 -12.39
N ARG G 90 40.24 -30.20 -13.67
CA ARG G 90 39.26 -31.22 -14.10
C ARG G 90 39.94 -32.26 -14.96
N PHE G 91 39.32 -33.42 -15.09
CA PHE G 91 39.67 -34.46 -16.04
C PHE G 91 38.36 -34.83 -16.71
N ILE G 92 38.31 -34.96 -18.03
CA ILE G 92 37.15 -35.60 -18.64
C ILE G 92 37.41 -37.07 -18.59
N CYS G 93 36.37 -37.82 -18.21
CA CYS G 93 36.49 -39.27 -17.99
C CYS G 93 35.71 -40.14 -18.99
N ASP G 94 36.23 -41.35 -19.30
CA ASP G 94 35.46 -42.34 -20.07
C ASP G 94 34.73 -43.30 -19.10
N ILE G 95 33.57 -43.81 -19.48
CA ILE G 95 32.86 -44.73 -18.61
C ILE G 95 33.23 -46.22 -18.82
N TYR G 96 33.52 -46.94 -17.72
CA TYR G 96 33.78 -48.39 -17.76
C TYR G 96 32.88 -49.13 -16.81
N ASN G 97 32.51 -50.35 -17.20
CA ASN G 97 31.78 -51.28 -16.35
C ASN G 97 32.57 -51.91 -15.25
N PRO G 98 31.85 -52.39 -14.24
CA PRO G 98 32.52 -52.98 -13.09
C PRO G 98 33.44 -54.06 -13.57
N ASP G 99 33.22 -54.76 -14.67
CA ASP G 99 34.29 -55.69 -15.07
C ASP G 99 35.54 -54.86 -15.41
N GLY G 100 35.99 -54.77 -16.64
CA GLY G 100 36.94 -53.74 -16.97
C GLY G 100 36.75 -53.30 -18.41
N THR G 101 35.58 -53.62 -18.98
CA THR G 101 35.25 -53.25 -20.34
C THR G 101 34.65 -51.82 -20.44
N PRO G 102 35.00 -51.08 -21.49
CA PRO G 102 34.37 -49.76 -21.70
C PRO G 102 32.85 -49.85 -21.86
N PHE G 103 32.14 -48.91 -21.22
CA PHE G 103 30.70 -48.92 -21.20
C PHE G 103 30.18 -48.62 -22.63
N GLU G 104 29.34 -49.51 -23.16
CA GLU G 104 28.85 -49.38 -24.53
C GLU G 104 28.03 -48.14 -24.79
N GLY G 105 27.55 -47.47 -23.73
CA GLY G 105 26.57 -46.40 -23.86
C GLY G 105 27.16 -45.10 -23.44
N ASP G 106 28.46 -44.99 -23.46
CA ASP G 106 29.11 -43.73 -23.18
C ASP G 106 29.31 -42.94 -24.48
N PRO G 107 28.60 -41.82 -24.66
CA PRO G 107 28.70 -41.04 -25.90
C PRO G 107 30.13 -40.74 -26.38
N ARG G 108 31.02 -40.24 -25.53
CA ARG G 108 32.41 -40.03 -25.95
C ARG G 108 33.09 -41.31 -26.51
N ASN G 109 32.90 -42.45 -25.88
CA ASN G 109 33.48 -43.64 -26.44
C ASN G 109 32.89 -44.03 -27.83
N ASN G 110 31.59 -43.93 -28.00
CA ASN G 110 31.07 -44.14 -29.33
C ASN G 110 31.78 -43.26 -30.39
N LEU G 111 32.09 -42.00 -30.05
CA LEU G 111 32.67 -41.12 -31.05
C LEU G 111 34.01 -41.73 -31.51
N LYS G 112 34.70 -42.37 -30.57
CA LYS G 112 36.02 -42.87 -30.80
C LYS G 112 36.02 -44.07 -31.72
N ARG G 113 34.91 -44.79 -31.65
CA ARG G 113 34.71 -45.96 -32.48
C ARG G 113 34.48 -45.60 -33.96
N ILE G 114 33.64 -44.60 -34.22
CA ILE G 114 33.48 -44.15 -35.57
C ILE G 114 34.78 -43.51 -36.01
N LEU G 115 35.57 -42.96 -35.12
CA LEU G 115 36.82 -42.38 -35.55
C LEU G 115 37.82 -43.47 -36.07
N LYS G 116 37.62 -44.70 -35.64
CA LYS G 116 38.51 -45.78 -35.96
C LYS G 116 38.18 -46.21 -37.35
N GLU G 117 36.91 -46.11 -37.69
CA GLU G 117 36.49 -46.34 -39.05
C GLU G 117 37.08 -45.30 -39.98
N MET G 118 37.37 -44.13 -39.50
CA MET G 118 37.98 -43.16 -40.38
C MET G 118 39.44 -43.54 -40.69
N GLU G 119 40.17 -43.93 -39.66
CA GLU G 119 41.57 -44.25 -39.82
C GLU G 119 41.60 -45.46 -40.74
N ASP G 120 40.55 -46.25 -40.68
CA ASP G 120 40.58 -47.48 -41.46
C ASP G 120 40.55 -47.11 -42.91
N LEU G 121 39.89 -45.99 -43.19
CA LEU G 121 39.77 -45.48 -44.56
C LEU G 121 40.90 -44.57 -44.98
N GLY G 122 41.94 -44.41 -44.17
CA GLY G 122 43.12 -43.72 -44.64
C GLY G 122 43.31 -42.35 -44.08
N PHE G 123 42.27 -41.75 -43.59
CA PHE G 123 42.47 -40.40 -43.06
C PHE G 123 42.97 -40.42 -41.63
N SER G 124 43.65 -39.36 -41.22
CA SER G 124 44.28 -39.40 -39.93
C SER G 124 43.74 -38.41 -38.89
N ASP G 125 42.84 -37.52 -39.27
CA ASP G 125 42.23 -36.62 -38.32
C ASP G 125 40.92 -36.15 -38.85
N PHE G 126 39.95 -35.93 -37.99
CA PHE G 126 38.68 -35.36 -38.39
C PHE G 126 38.51 -34.10 -37.59
N ASN G 127 38.71 -32.95 -38.19
CA ASN G 127 38.69 -31.72 -37.44
C ASN G 127 37.29 -31.19 -37.35
N LEU G 128 36.95 -30.58 -36.21
CA LEU G 128 35.64 -29.96 -35.96
C LEU G 128 35.88 -28.55 -35.45
N GLY G 129 35.27 -27.58 -36.09
CA GLY G 129 35.29 -26.20 -35.62
C GLY G 129 33.85 -25.84 -35.28
N PRO G 130 33.48 -26.02 -34.02
CA PRO G 130 32.10 -25.77 -33.58
C PRO G 130 31.80 -24.27 -33.32
N GLU G 131 30.61 -23.77 -33.64
CA GLU G 131 30.22 -22.42 -33.19
C GLU G 131 28.94 -22.38 -32.30
N PRO G 132 29.06 -22.41 -30.98
CA PRO G 132 27.78 -22.56 -30.28
C PRO G 132 27.17 -21.25 -29.72
N GLU G 133 26.29 -20.64 -30.50
CA GLU G 133 25.72 -19.33 -30.19
C GLU G 133 24.88 -19.48 -28.92
N PHE G 134 24.75 -18.43 -28.10
CA PHE G 134 23.93 -18.55 -26.89
C PHE G 134 23.14 -17.27 -26.62
N PHE G 135 22.09 -17.32 -25.78
CA PHE G 135 21.45 -16.09 -25.33
C PHE G 135 21.81 -15.71 -23.86
N LEU G 136 21.70 -14.43 -23.52
CA LEU G 136 21.85 -14.00 -22.13
C LEU G 136 20.56 -13.34 -21.63
N PHE G 137 19.92 -14.00 -20.65
CA PHE G 137 18.83 -13.40 -19.87
C PHE G 137 19.24 -12.85 -18.49
N LYS G 138 18.47 -11.86 -18.01
CA LYS G 138 18.64 -11.32 -16.68
C LYS G 138 18.10 -12.23 -15.53
N LEU G 139 18.91 -12.33 -14.46
CA LEU G 139 18.45 -12.97 -13.21
C LEU G 139 17.59 -11.96 -12.47
N ASP G 140 16.54 -12.44 -11.81
CA ASP G 140 15.80 -11.64 -10.84
C ASP G 140 16.50 -11.60 -9.44
N GLU G 141 15.77 -11.16 -8.42
CA GLU G 141 16.33 -10.93 -7.08
C GLU G 141 16.57 -12.22 -6.34
N LYS G 142 15.90 -13.28 -6.78
CA LYS G 142 16.18 -14.58 -6.22
C LYS G 142 17.12 -15.40 -7.13
N GLY G 143 18.07 -14.75 -7.83
CA GLY G 143 18.95 -15.44 -8.78
C GLY G 143 18.28 -16.40 -9.78
N GLU G 144 17.00 -16.20 -10.08
CA GLU G 144 16.29 -16.99 -11.07
C GLU G 144 16.29 -16.29 -12.44
N PRO G 145 16.44 -17.04 -13.53
CA PRO G 145 16.36 -16.33 -14.80
C PRO G 145 14.98 -15.74 -15.03
N THR G 146 14.87 -14.66 -15.83
CA THR G 146 13.59 -14.04 -16.25
C THR G 146 13.54 -14.11 -17.76
N LEU G 147 12.46 -13.63 -18.40
CA LEU G 147 12.37 -13.68 -19.88
C LEU G 147 12.94 -12.48 -20.56
N GLU G 148 13.81 -11.75 -19.88
CA GLU G 148 14.21 -10.43 -20.34
C GLU G 148 15.64 -10.55 -20.78
N LEU G 149 15.85 -10.39 -22.08
CA LEU G 149 17.20 -10.47 -22.66
C LEU G 149 18.11 -9.43 -22.05
N ASN G 150 19.41 -9.65 -22.16
CA ASN G 150 20.33 -8.73 -21.48
C ASN G 150 20.47 -7.40 -22.23
N ASP G 151 20.07 -7.38 -23.49
CA ASP G 151 20.12 -6.14 -24.32
C ASP G 151 19.26 -6.31 -25.57
N LYS G 152 19.25 -5.30 -26.43
CA LYS G 152 18.41 -5.36 -27.62
C LYS G 152 19.30 -5.13 -28.80
N GLY G 153 20.56 -5.55 -28.68
CA GLY G 153 21.58 -5.36 -29.70
C GLY G 153 21.39 -6.31 -30.88
N GLY G 154 22.15 -6.05 -31.97
CA GLY G 154 22.16 -6.88 -33.17
C GLY G 154 23.56 -7.23 -33.66
N TYR G 155 23.65 -7.85 -34.84
CA TYR G 155 24.90 -8.49 -35.26
C TYR G 155 26.04 -7.46 -35.32
N PHE G 156 27.15 -7.84 -34.73
CA PHE G 156 28.34 -6.96 -34.68
C PHE G 156 28.17 -5.59 -34.01
N ASP G 157 27.10 -5.36 -33.24
CA ASP G 157 26.88 -4.06 -32.59
C ASP G 157 27.94 -3.70 -31.51
N LEU G 158 28.12 -2.39 -31.26
CA LEU G 158 29.07 -1.94 -30.29
C LEU G 158 28.29 -1.64 -29.00
N ALA G 159 28.99 -1.66 -27.87
CA ALA G 159 28.40 -1.18 -26.63
C ALA G 159 28.21 0.29 -26.80
N PRO G 160 27.13 0.86 -26.27
CA PRO G 160 25.95 0.65 -25.41
C PRO G 160 24.82 -0.25 -25.96
N THR G 161 24.58 -0.32 -27.26
CA THR G 161 23.54 -1.19 -27.84
C THR G 161 23.78 -2.65 -27.46
N ASP G 162 25.04 -3.02 -27.54
CA ASP G 162 25.49 -4.31 -27.09
C ASP G 162 25.83 -4.11 -25.61
N LEU G 163 25.13 -4.82 -24.71
CA LEU G 163 25.44 -4.77 -23.29
C LEU G 163 26.19 -6.02 -22.87
N GLY G 164 26.33 -7.00 -23.75
CA GLY G 164 27.04 -8.22 -23.42
C GLY G 164 28.56 -8.12 -23.52
N GLU G 165 29.09 -6.94 -23.83
CA GLU G 165 30.53 -6.80 -24.07
C GLU G 165 31.37 -7.21 -22.83
N ASN G 166 30.97 -6.79 -21.64
CA ASN G 166 31.86 -7.06 -20.50
C ASN G 166 31.84 -8.50 -20.11
N CYS G 167 30.66 -9.11 -20.19
CA CYS G 167 30.48 -10.52 -19.88
C CYS G 167 31.23 -11.43 -20.90
N ARG G 168 31.05 -11.11 -22.17
CA ARG G 168 31.83 -11.72 -23.23
C ARG G 168 33.35 -11.50 -23.01
N ARG G 169 33.75 -10.34 -22.51
CA ARG G 169 35.16 -10.15 -22.31
C ARG G 169 35.63 -11.06 -21.22
N ASP G 170 34.79 -11.32 -20.21
CA ASP G 170 35.20 -12.20 -19.10
C ASP G 170 35.21 -13.68 -19.48
N ILE G 171 34.27 -14.09 -20.33
CA ILE G 171 34.27 -15.43 -20.79
C ILE G 171 35.56 -15.63 -21.54
N VAL G 172 35.90 -14.70 -22.45
CA VAL G 172 37.10 -14.85 -23.29
C VAL G 172 38.32 -14.95 -22.38
N LEU G 173 38.44 -14.06 -21.43
CA LEU G 173 39.53 -14.14 -20.50
C LEU G 173 39.58 -15.51 -19.80
N GLU G 174 38.46 -16.10 -19.35
CA GLU G 174 38.58 -17.39 -18.65
C GLU G 174 39.07 -18.45 -19.61
N LEU G 175 38.58 -18.45 -20.84
CA LEU G 175 38.89 -19.50 -21.82
C LEU G 175 40.37 -19.43 -22.24
N GLU G 176 40.87 -18.20 -22.46
CA GLU G 176 42.28 -17.99 -22.79
C GLU G 176 43.18 -18.48 -21.64
N GLU G 177 42.79 -18.23 -20.41
CA GLU G 177 43.58 -18.75 -19.29
C GLU G 177 43.52 -20.27 -19.19
N MET G 178 42.41 -20.85 -19.62
CA MET G 178 42.25 -22.30 -19.67
C MET G 178 42.86 -22.93 -20.93
N GLY G 179 43.55 -22.12 -21.74
CA GLY G 179 44.15 -22.57 -22.98
C GLY G 179 43.32 -22.61 -24.26
N PHE G 180 42.07 -22.14 -24.28
CA PHE G 180 41.38 -22.01 -25.55
C PHE G 180 42.07 -21.07 -26.51
N GLU G 181 42.08 -21.41 -27.80
CA GLU G 181 42.52 -20.43 -28.81
C GLU G 181 41.35 -19.61 -29.34
N ILE G 182 41.10 -18.46 -28.75
CA ILE G 182 39.95 -17.66 -29.18
C ILE G 182 40.17 -16.97 -30.54
N GLU G 183 39.17 -17.07 -31.41
CA GLU G 183 39.29 -16.57 -32.77
C GLU G 183 38.58 -15.24 -32.80
N ALA G 184 37.39 -15.17 -32.19
CA ALA G 184 36.63 -13.94 -32.17
C ALA G 184 35.43 -13.97 -31.17
N SER G 185 34.87 -12.79 -30.93
CA SER G 185 33.73 -12.63 -30.05
C SER G 185 32.97 -11.39 -30.53
N HIS G 186 31.64 -11.50 -30.66
CA HIS G 186 30.82 -10.38 -31.14
C HIS G 186 29.39 -10.61 -30.71
N HIS G 187 28.52 -9.61 -30.83
CA HIS G 187 27.13 -9.79 -30.55
C HIS G 187 26.55 -10.50 -31.79
N GLU G 188 25.47 -11.28 -31.67
CA GLU G 188 24.93 -11.96 -32.88
C GLU G 188 23.63 -11.30 -33.29
N VAL G 189 22.98 -11.77 -34.36
CA VAL G 189 21.74 -11.16 -34.88
C VAL G 189 20.58 -10.89 -33.86
N ALA G 190 20.14 -11.89 -33.09
CA ALA G 190 18.96 -11.70 -32.24
C ALA G 190 19.31 -10.78 -31.04
N PRO G 191 18.33 -10.01 -30.52
CA PRO G 191 18.64 -9.34 -29.23
C PRO G 191 19.11 -10.34 -28.14
N GLY G 192 20.01 -9.91 -27.27
CA GLY G 192 20.51 -10.81 -26.26
C GLY G 192 21.35 -12.01 -26.70
N GLN G 193 21.74 -12.13 -27.96
CA GLN G 193 22.51 -13.33 -28.44
C GLN G 193 23.96 -12.99 -28.73
N HIS G 194 24.82 -13.99 -28.66
CA HIS G 194 26.23 -13.75 -28.64
C HIS G 194 26.98 -14.95 -29.21
N GLU G 195 28.24 -14.73 -29.56
CA GLU G 195 29.04 -15.80 -30.12
C GLU G 195 30.48 -15.59 -29.72
N ILE G 196 31.17 -16.70 -29.40
CA ILE G 196 32.60 -16.68 -29.11
C ILE G 196 33.13 -17.79 -29.99
N ASP G 197 34.04 -17.50 -30.90
CA ASP G 197 34.59 -18.53 -31.78
C ASP G 197 35.93 -18.92 -31.20
N PHE G 198 36.36 -20.13 -31.50
CA PHE G 198 37.67 -20.61 -31.07
C PHE G 198 38.23 -21.66 -32.05
N LYS G 199 39.54 -21.80 -32.15
CA LYS G 199 40.15 -22.75 -33.13
C LYS G 199 39.58 -24.18 -33.14
N TYR G 200 39.45 -24.75 -34.33
CA TYR G 200 39.00 -26.15 -34.49
C TYR G 200 40.02 -27.08 -33.91
N ALA G 201 39.60 -28.27 -33.53
CA ALA G 201 40.56 -29.27 -33.04
C ALA G 201 40.11 -30.60 -33.54
N GLY G 202 40.90 -31.66 -33.28
CA GLY G 202 40.44 -33.03 -33.58
C GLY G 202 39.07 -33.33 -33.00
N ALA G 203 38.27 -34.15 -33.65
CA ALA G 203 36.89 -34.39 -33.19
C ALA G 203 36.70 -34.57 -31.66
N VAL G 204 37.49 -35.42 -31.00
CA VAL G 204 37.31 -35.59 -29.57
C VAL G 204 37.68 -34.33 -28.76
N ARG G 205 38.87 -33.76 -28.96
CA ARG G 205 39.29 -32.57 -28.22
C ARG G 205 38.27 -31.50 -28.40
N SER G 206 37.63 -31.51 -29.57
CA SER G 206 36.72 -30.43 -29.90
C SER G 206 35.37 -30.61 -29.25
N CYS G 207 34.89 -31.85 -29.10
CA CYS G 207 33.70 -32.11 -28.30
C CYS G 207 33.92 -31.81 -26.83
N ASP G 208 35.07 -32.22 -26.32
CA ASP G 208 35.45 -31.87 -24.97
C ASP G 208 35.35 -30.32 -24.79
N ASP G 209 35.84 -29.58 -25.79
CA ASP G 209 35.86 -28.14 -25.77
C ASP G 209 34.47 -27.57 -25.76
N ILE G 210 33.54 -28.13 -26.53
CA ILE G 210 32.19 -27.59 -26.56
C ILE G 210 31.64 -27.76 -25.15
N GLN G 211 32.02 -28.84 -24.46
CA GLN G 211 31.41 -29.11 -23.17
C GLN G 211 32.00 -28.12 -22.15
N THR G 212 33.28 -27.79 -22.30
CA THR G 212 33.94 -26.90 -21.34
C THR G 212 33.55 -25.45 -21.62
N PHE G 213 33.07 -25.17 -22.83
CA PHE G 213 32.72 -23.82 -23.19
C PHE G 213 31.32 -23.53 -22.66
N LYS G 214 30.41 -24.50 -22.72
CA LYS G 214 29.08 -24.22 -22.18
C LYS G 214 29.22 -23.94 -20.65
N LEU G 215 30.08 -24.70 -19.98
CA LEU G 215 30.16 -24.62 -18.58
C LEU G 215 30.67 -23.25 -18.19
N VAL G 216 31.78 -22.83 -18.81
CA VAL G 216 32.39 -21.54 -18.50
C VAL G 216 31.48 -20.36 -18.88
N VAL G 217 30.84 -20.42 -20.03
CA VAL G 217 29.90 -19.38 -20.35
C VAL G 217 28.82 -19.26 -19.27
N LYS G 218 28.25 -20.37 -18.83
CA LYS G 218 27.16 -20.25 -17.88
C LYS G 218 27.60 -19.76 -16.51
N THR G 219 28.82 -20.13 -16.13
CA THR G 219 29.45 -19.66 -14.89
C THR G 219 29.80 -18.16 -14.91
N ILE G 220 30.57 -17.68 -15.90
CA ILE G 220 30.93 -16.27 -15.85
C ILE G 220 29.71 -15.36 -16.14
N ALA G 221 28.72 -15.80 -16.93
CA ALA G 221 27.46 -15.06 -17.09
C ALA G 221 26.70 -14.91 -15.73
N ARG G 222 26.78 -15.93 -14.85
CA ARG G 222 26.15 -15.80 -13.53
C ARG G 222 26.84 -14.76 -12.66
N LYS G 223 28.17 -14.67 -12.73
CA LYS G 223 28.84 -13.62 -11.99
C LYS G 223 28.34 -12.24 -12.41
N HIS G 224 27.84 -12.09 -13.64
CA HIS G 224 27.34 -10.76 -14.07
C HIS G 224 25.85 -10.68 -13.93
N GLY G 225 25.30 -11.53 -13.07
CA GLY G 225 23.88 -11.54 -12.87
C GLY G 225 23.08 -11.92 -14.12
N LEU G 226 23.64 -12.78 -14.98
CA LEU G 226 22.87 -13.24 -16.15
C LEU G 226 22.83 -14.72 -16.19
N HIS G 227 21.87 -15.22 -16.95
CA HIS G 227 21.68 -16.64 -17.20
C HIS G 227 21.86 -16.89 -18.67
N ALA G 228 22.98 -17.51 -19.04
CA ALA G 228 23.26 -18.00 -20.39
C ALA G 228 22.50 -19.31 -20.68
N THR G 229 21.98 -19.43 -21.89
CA THR G 229 21.22 -20.60 -22.31
C THR G 229 21.58 -20.93 -23.77
N PHE G 230 21.77 -22.23 -23.99
CA PHE G 230 22.03 -22.78 -25.29
C PHE G 230 20.80 -23.35 -25.99
N MET G 231 19.62 -23.11 -25.41
CA MET G 231 18.34 -23.48 -25.97
C MET G 231 18.27 -23.02 -27.44
N PRO G 232 17.95 -23.92 -28.38
CA PRO G 232 17.91 -23.60 -29.82
C PRO G 232 17.10 -22.34 -30.18
N LYS G 233 15.86 -22.26 -29.70
CA LYS G 233 14.92 -21.22 -30.09
C LYS G 233 14.18 -20.70 -28.84
N PRO G 234 14.84 -19.89 -27.99
CA PRO G 234 14.09 -19.52 -26.78
C PRO G 234 12.83 -18.65 -27.03
N LEU G 235 12.77 -17.94 -28.15
CA LEU G 235 11.74 -16.90 -28.41
C LEU G 235 11.28 -16.95 -29.85
N PHE G 236 10.00 -16.77 -30.07
CA PHE G 236 9.50 -16.86 -31.42
C PHE G 236 9.81 -15.58 -32.23
N GLY G 237 9.94 -15.71 -33.54
CA GLY G 237 10.15 -14.56 -34.40
C GLY G 237 11.52 -13.88 -34.33
N VAL G 238 12.47 -14.47 -33.60
CA VAL G 238 13.87 -14.01 -33.67
C VAL G 238 14.78 -15.21 -33.93
N ASN G 239 16.00 -14.92 -34.39
CA ASN G 239 16.95 -15.96 -34.72
C ASN G 239 17.07 -16.93 -33.56
N GLY G 240 17.23 -18.21 -33.88
CA GLY G 240 17.61 -19.23 -32.90
C GLY G 240 19.13 -19.29 -32.80
N SER G 241 19.68 -20.18 -31.98
CA SER G 241 21.10 -20.34 -31.88
C SER G 241 21.46 -21.67 -32.50
N GLY G 242 22.45 -21.71 -33.38
CA GLY G 242 22.92 -22.96 -33.95
C GLY G 242 24.23 -23.32 -33.31
N MET G 243 24.72 -24.53 -33.56
CA MET G 243 26.09 -24.85 -33.22
C MET G 243 26.72 -25.40 -34.48
N HIS G 244 27.01 -24.51 -35.42
CA HIS G 244 27.49 -24.89 -36.74
C HIS G 244 28.71 -25.75 -36.60
N CYS G 245 28.82 -26.81 -37.39
CA CYS G 245 29.97 -27.70 -37.29
C CYS G 245 30.84 -27.70 -38.54
N ASN G 246 32.03 -27.14 -38.43
CA ASN G 246 32.91 -27.05 -39.56
C ASN G 246 33.75 -28.33 -39.62
N LEU G 247 33.49 -29.14 -40.64
CA LEU G 247 34.09 -30.45 -40.72
C LEU G 247 35.22 -30.47 -41.74
N SER G 248 36.24 -31.28 -41.51
CA SER G 248 37.23 -31.47 -42.54
C SER G 248 38.07 -32.76 -42.27
N LEU G 249 38.54 -33.44 -43.32
CA LEU G 249 39.42 -34.59 -43.15
C LEU G 249 40.87 -34.28 -43.48
N PHE G 250 41.80 -34.82 -42.72
CA PHE G 250 43.19 -34.59 -43.06
C PHE G 250 43.83 -35.91 -43.45
N LYS G 251 44.88 -35.84 -44.26
CA LYS G 251 45.59 -37.03 -44.70
C LYS G 251 47.01 -36.65 -44.90
N ASN G 252 47.88 -37.29 -44.13
CA ASN G 252 49.30 -36.96 -44.14
C ASN G 252 49.47 -35.52 -43.68
N GLY G 253 48.83 -35.16 -42.57
CA GLY G 253 48.90 -33.78 -42.10
C GLY G 253 48.41 -32.71 -43.10
N VAL G 254 47.84 -33.11 -44.24
CA VAL G 254 47.32 -32.14 -45.19
C VAL G 254 45.79 -32.22 -45.28
N ASN G 255 45.16 -31.08 -45.54
CA ASN G 255 43.72 -31.08 -45.76
C ASN G 255 43.20 -31.89 -46.99
N ALA G 256 42.69 -33.10 -46.80
CA ALA G 256 42.22 -33.93 -47.90
C ALA G 256 41.09 -33.30 -48.70
N PHE G 257 40.61 -32.14 -48.32
CA PHE G 257 39.38 -31.66 -48.95
C PHE G 257 39.69 -30.66 -50.07
N PHE G 258 40.95 -30.35 -50.32
CA PHE G 258 41.27 -29.21 -51.16
C PHE G 258 42.03 -29.66 -52.38
N ASP G 259 41.53 -29.30 -53.56
CA ASP G 259 42.26 -29.56 -54.79
C ASP G 259 42.47 -28.24 -55.60
N GLU G 260 43.72 -27.77 -55.59
CA GLU G 260 44.10 -26.51 -56.22
C GLU G 260 43.50 -26.41 -57.62
N ASN G 261 43.55 -27.51 -58.36
CA ASN G 261 43.16 -27.50 -59.75
C ASN G 261 41.84 -28.16 -60.04
N ALA G 262 40.85 -27.95 -59.18
CA ALA G 262 39.55 -28.58 -59.37
C ALA G 262 38.47 -27.53 -59.38
N ASP G 263 37.28 -27.95 -59.71
CA ASP G 263 36.12 -27.09 -59.56
C ASP G 263 35.97 -26.59 -58.10
N LEU G 264 35.70 -25.32 -57.95
CA LEU G 264 35.57 -24.75 -56.63
C LEU G 264 36.82 -25.01 -55.80
N GLN G 265 37.85 -25.61 -56.37
CA GLN G 265 39.04 -25.96 -55.60
C GLN G 265 38.72 -26.90 -54.47
N LEU G 266 37.61 -27.63 -54.62
CA LEU G 266 37.21 -28.74 -53.76
C LEU G 266 37.68 -30.08 -54.34
N SER G 267 38.51 -30.80 -53.62
CA SER G 267 38.98 -32.12 -54.05
C SER G 267 37.80 -33.09 -54.26
N GLU G 268 38.08 -34.31 -54.68
CA GLU G 268 37.00 -35.25 -54.92
C GLU G 268 36.52 -35.79 -53.58
N THR G 269 37.46 -36.01 -52.68
CA THR G 269 37.11 -36.50 -51.34
C THR G 269 36.10 -35.55 -50.69
N ALA G 270 36.31 -34.27 -50.88
CA ALA G 270 35.38 -33.32 -50.33
C ALA G 270 34.04 -33.61 -50.97
N LYS G 271 34.03 -33.94 -52.26
CA LYS G 271 32.76 -33.99 -52.99
C LYS G 271 31.95 -35.23 -52.53
N HIS G 272 32.67 -36.31 -52.27
CA HIS G 272 32.10 -37.55 -51.78
C HIS G 272 31.56 -37.39 -50.33
N PHE G 273 32.36 -36.72 -49.46
CA PHE G 273 31.93 -36.35 -48.15
C PHE G 273 30.62 -35.57 -48.17
N ILE G 274 30.57 -34.48 -48.92
CA ILE G 274 29.34 -33.72 -49.03
C ILE G 274 28.27 -34.63 -49.55
N ALA G 275 28.66 -35.57 -50.39
CA ALA G 275 27.70 -36.52 -50.97
C ALA G 275 27.03 -37.32 -49.85
N GLY G 276 27.83 -37.71 -48.85
CA GLY G 276 27.34 -38.47 -47.69
C GLY G 276 26.42 -37.65 -46.75
N ILE G 277 26.78 -36.39 -46.49
CA ILE G 277 26.02 -35.60 -45.52
C ILE G 277 24.61 -35.43 -46.08
N VAL G 278 24.55 -35.15 -47.38
CA VAL G 278 23.28 -34.95 -48.06
C VAL G 278 22.35 -36.18 -48.04
N LYS G 279 22.86 -37.34 -48.45
CA LYS G 279 21.95 -38.49 -48.37
C LYS G 279 21.55 -38.91 -46.97
N HIS G 280 22.34 -38.55 -45.94
CA HIS G 280 22.01 -38.97 -44.60
C HIS G 280 21.36 -37.88 -43.77
N ALA G 281 21.37 -36.63 -44.25
CA ALA G 281 20.86 -35.49 -43.48
C ALA G 281 19.56 -35.72 -42.82
N THR G 282 18.53 -36.15 -43.56
CA THR G 282 17.18 -36.23 -42.95
C THR G 282 17.10 -37.28 -41.83
N SER G 283 18.11 -38.13 -41.80
CA SER G 283 18.20 -39.22 -40.88
C SER G 283 18.95 -38.90 -39.59
N PHE G 284 20.10 -38.22 -39.69
CA PHE G 284 20.80 -37.82 -38.47
C PHE G 284 20.20 -36.58 -37.77
N THR G 285 19.11 -36.03 -38.28
CA THR G 285 18.63 -34.77 -37.71
C THR G 285 18.09 -34.96 -36.28
N ALA G 286 17.33 -36.03 -36.05
CA ALA G 286 16.92 -36.43 -34.69
C ALA G 286 18.09 -36.29 -33.66
N VAL G 287 19.28 -36.79 -34.01
CA VAL G 287 20.46 -36.67 -33.15
C VAL G 287 21.11 -35.29 -33.15
N THR G 288 21.17 -34.62 -34.31
CA THR G 288 21.80 -33.29 -34.33
C THR G 288 20.91 -32.18 -33.78
N ASN G 289 19.62 -32.49 -33.58
CA ASN G 289 18.59 -31.59 -33.16
C ASN G 289 17.66 -32.38 -32.23
N PRO G 290 18.14 -32.64 -31.01
CA PRO G 290 17.46 -33.63 -30.17
C PRO G 290 16.29 -33.12 -29.32
N THR G 291 15.87 -31.88 -29.43
CA THR G 291 14.78 -31.38 -28.59
C THR G 291 13.55 -30.99 -29.38
N VAL G 292 12.47 -30.78 -28.65
CA VAL G 292 11.22 -30.44 -29.26
C VAL G 292 11.49 -29.08 -29.79
N ASN G 293 12.12 -28.24 -28.97
CA ASN G 293 12.39 -26.84 -29.31
C ASN G 293 13.30 -26.64 -30.53
N SER G 294 14.23 -27.57 -30.78
CA SER G 294 15.14 -27.52 -31.93
C SER G 294 14.39 -27.41 -33.26
N TYR G 295 13.19 -27.99 -33.35
CA TYR G 295 12.42 -27.90 -34.58
C TYR G 295 11.75 -26.55 -34.81
N LYS G 296 11.59 -25.76 -33.76
CA LYS G 296 11.09 -24.42 -33.93
C LYS G 296 12.22 -23.50 -34.44
N ARG G 297 13.45 -23.98 -34.62
CA ARG G 297 14.53 -23.11 -35.14
C ARG G 297 14.74 -23.39 -36.63
N LEU G 298 14.46 -24.64 -36.98
CA LEU G 298 14.56 -25.13 -38.34
C LEU G 298 13.37 -24.66 -39.17
N VAL G 299 12.91 -23.44 -38.95
CA VAL G 299 11.94 -22.83 -39.84
C VAL G 299 12.66 -21.81 -40.72
N PRO G 300 12.18 -21.61 -41.94
CA PRO G 300 12.93 -20.80 -42.92
C PRO G 300 12.99 -19.34 -42.54
N GLY G 301 14.04 -18.63 -42.94
CA GLY G 301 14.13 -17.20 -42.77
C GLY G 301 15.05 -16.68 -41.65
N TYR G 302 15.91 -17.50 -41.09
CA TYR G 302 16.69 -17.05 -39.96
C TYR G 302 18.10 -17.61 -40.03
N GLU G 303 18.62 -17.77 -41.23
CA GLU G 303 19.93 -18.39 -41.35
C GLU G 303 20.05 -19.82 -40.76
N ALA G 304 18.90 -20.47 -40.47
CA ALA G 304 18.89 -21.87 -40.09
C ALA G 304 18.57 -22.76 -41.27
N PRO G 305 19.21 -23.95 -41.37
CA PRO G 305 18.90 -24.84 -42.49
C PRO G 305 17.47 -25.30 -42.39
N CYS G 306 16.94 -25.67 -43.53
CA CYS G 306 15.54 -26.00 -43.59
C CYS G 306 15.41 -27.12 -44.60
N TYR G 307 16.37 -27.16 -45.54
CA TYR G 307 16.25 -27.95 -46.74
C TYR G 307 17.60 -28.54 -47.00
N VAL G 308 17.63 -29.79 -47.40
CA VAL G 308 18.87 -30.46 -47.64
C VAL G 308 19.50 -29.92 -48.91
N ALA G 309 20.64 -29.22 -48.82
CA ALA G 309 21.32 -28.79 -50.07
C ALA G 309 22.68 -28.24 -49.74
N TRP G 310 23.51 -28.00 -50.72
CA TRP G 310 24.73 -27.31 -50.40
C TRP G 310 25.10 -26.23 -51.47
N SER G 311 25.83 -25.21 -51.07
CA SER G 311 26.28 -24.13 -51.94
C SER G 311 27.52 -23.47 -51.33
N ALA G 312 28.32 -22.78 -52.15
CA ALA G 312 29.47 -22.08 -51.60
C ALA G 312 29.00 -20.71 -51.03
N GLN G 313 29.57 -20.28 -49.89
CA GLN G 313 29.32 -18.95 -49.31
C GLN G 313 27.85 -18.62 -49.14
N ASN G 314 27.01 -19.64 -49.07
CA ASN G 314 25.58 -19.45 -49.02
C ASN G 314 25.06 -19.82 -47.59
N ARG G 315 24.35 -18.92 -46.92
CA ARG G 315 23.97 -19.21 -45.53
C ARG G 315 22.52 -19.76 -45.44
N SER G 316 21.96 -20.19 -46.56
CA SER G 316 20.56 -20.69 -46.54
C SER G 316 20.48 -22.26 -46.68
N PRO G 317 21.57 -22.92 -47.10
CA PRO G 317 21.31 -24.34 -47.24
C PRO G 317 21.70 -25.05 -45.96
N LEU G 318 21.62 -26.37 -45.99
CA LEU G 318 22.06 -27.22 -44.90
C LEU G 318 23.60 -27.18 -44.81
N ILE G 319 24.31 -27.24 -45.94
CA ILE G 319 25.76 -27.15 -45.94
C ILE G 319 26.27 -25.93 -46.70
N ARG G 320 27.09 -25.11 -46.06
CA ARG G 320 27.67 -24.00 -46.76
C ARG G 320 29.12 -24.36 -46.89
N ILE G 321 29.76 -24.02 -48.02
CA ILE G 321 31.21 -24.13 -48.09
C ILE G 321 31.76 -22.74 -48.02
N PRO G 322 32.40 -22.40 -46.92
CA PRO G 322 33.03 -21.08 -46.76
C PRO G 322 34.07 -20.82 -47.85
N ALA G 323 34.46 -19.55 -48.00
CA ALA G 323 35.33 -19.08 -49.09
C ALA G 323 36.77 -19.45 -48.86
N SER G 324 37.11 -19.74 -47.62
CA SER G 324 38.47 -20.04 -47.26
C SER G 324 38.91 -21.29 -48.00
N ARG G 325 40.11 -21.33 -48.56
CA ARG G 325 40.65 -22.63 -49.00
C ARG G 325 42.01 -22.91 -48.39
N GLY G 326 42.79 -23.77 -49.04
CA GLY G 326 44.02 -24.27 -48.45
C GLY G 326 43.68 -25.02 -47.15
N ILE G 327 44.37 -24.64 -46.08
CA ILE G 327 44.24 -25.41 -44.88
C ILE G 327 42.87 -25.23 -44.24
N SER G 328 42.21 -24.11 -44.54
CA SER G 328 40.88 -23.82 -44.05
C SER G 328 39.71 -24.39 -44.85
N THR G 329 39.96 -25.36 -45.71
CA THR G 329 38.90 -25.76 -46.63
C THR G 329 37.99 -26.56 -45.77
N ARG G 330 36.70 -26.32 -45.82
CA ARG G 330 35.86 -27.02 -44.85
C ARG G 330 34.44 -27.13 -45.30
N VAL G 331 33.79 -28.20 -44.86
CA VAL G 331 32.38 -28.33 -45.07
C VAL G 331 31.65 -27.93 -43.78
N GLU G 332 30.81 -26.89 -43.86
CA GLU G 332 30.12 -26.37 -42.68
C GLU G 332 28.68 -26.84 -42.62
N VAL G 333 28.34 -27.73 -41.64
CA VAL G 333 26.98 -28.26 -41.46
C VAL G 333 26.24 -27.38 -40.50
N ARG G 334 25.21 -26.71 -40.95
CA ARG G 334 24.65 -25.65 -40.10
C ARG G 334 23.39 -26.02 -39.32
N SER G 335 22.88 -27.23 -39.49
CA SER G 335 21.70 -27.67 -38.75
C SER G 335 22.04 -27.93 -37.32
N VAL G 336 23.25 -28.40 -37.06
CA VAL G 336 23.54 -28.82 -35.72
C VAL G 336 23.16 -27.69 -34.78
N ASP G 337 22.44 -27.99 -33.69
CA ASP G 337 22.20 -26.95 -32.70
C ASP G 337 22.91 -27.25 -31.36
N PRO G 338 23.01 -26.24 -30.50
CA PRO G 338 23.88 -26.44 -29.31
C PRO G 338 23.22 -27.28 -28.19
N ALA G 339 22.04 -27.84 -28.44
CA ALA G 339 21.45 -28.68 -27.46
C ALA G 339 21.91 -30.11 -27.76
N ALA G 340 22.49 -30.30 -28.93
CA ALA G 340 22.94 -31.62 -29.36
C ALA G 340 24.08 -32.08 -28.46
N ASN G 341 24.04 -33.34 -28.06
CA ASN G 341 25.22 -33.98 -27.49
C ASN G 341 26.35 -33.96 -28.53
N PRO G 342 27.40 -33.15 -28.30
CA PRO G 342 28.52 -33.06 -29.27
C PRO G 342 29.14 -34.43 -29.73
N TYR G 343 29.34 -35.36 -28.81
CA TYR G 343 29.89 -36.68 -29.12
C TYR G 343 29.00 -37.43 -30.14
N LEU G 344 27.71 -37.42 -29.93
CA LEU G 344 26.88 -38.25 -30.75
C LEU G 344 26.67 -37.57 -32.09
N ALA G 345 26.44 -36.25 -32.09
CA ALA G 345 26.27 -35.51 -33.36
C ALA G 345 27.46 -35.74 -34.31
N LEU G 346 28.66 -35.62 -33.76
CA LEU G 346 29.88 -35.72 -34.53
C LEU G 346 30.13 -37.14 -34.95
N SER G 347 29.50 -38.09 -34.26
CA SER G 347 29.49 -39.51 -34.62
C SER G 347 28.61 -39.79 -35.85
N VAL G 348 27.45 -39.15 -35.93
CA VAL G 348 26.58 -39.33 -37.07
C VAL G 348 27.07 -38.55 -38.33
N LEU G 349 27.68 -37.37 -38.18
CA LEU G 349 28.16 -36.64 -39.35
C LEU G 349 29.35 -37.38 -39.90
N LEU G 350 30.21 -37.91 -39.05
CA LEU G 350 31.37 -38.65 -39.54
C LEU G 350 30.94 -39.94 -40.29
N ALA G 351 30.02 -40.70 -39.69
CA ALA G 351 29.56 -41.94 -40.30
C ALA G 351 29.02 -41.63 -41.69
N ALA G 352 28.15 -40.61 -41.80
CA ALA G 352 27.60 -40.19 -43.10
C ALA G 352 28.71 -39.73 -44.08
N GLY G 353 29.60 -38.85 -43.64
CA GLY G 353 30.67 -38.38 -44.49
C GLY G 353 31.45 -39.55 -45.06
N LEU G 354 31.88 -40.44 -44.18
CA LEU G 354 32.70 -41.60 -44.54
C LEU G 354 31.97 -42.57 -45.44
N ASP G 355 30.65 -42.61 -45.33
CA ASP G 355 29.85 -43.40 -46.23
C ASP G 355 30.02 -42.92 -47.67
N GLY G 356 29.62 -41.68 -47.95
CA GLY G 356 29.80 -41.12 -49.26
C GLY G 356 31.24 -41.35 -49.73
N ILE G 357 32.25 -41.19 -48.86
CA ILE G 357 33.61 -41.37 -49.35
C ILE G 357 33.83 -42.83 -49.71
N LYS G 358 33.32 -43.75 -48.89
CA LYS G 358 33.48 -45.17 -49.14
C LYS G 358 32.95 -45.58 -50.49
N ASN G 359 31.64 -45.42 -50.67
CA ASN G 359 30.96 -45.79 -51.90
C ASN G 359 31.11 -44.78 -53.02
N LYS G 360 32.15 -43.95 -52.95
CA LYS G 360 32.27 -42.76 -53.81
C LYS G 360 30.92 -42.25 -54.33
N LEU G 361 29.97 -41.97 -53.45
CA LEU G 361 28.71 -41.29 -53.81
C LEU G 361 28.97 -40.04 -54.64
N GLU G 362 28.00 -39.62 -55.43
CA GLU G 362 28.23 -38.44 -56.26
C GLU G 362 27.40 -37.29 -55.71
N ALA G 363 28.04 -36.14 -55.49
CA ALA G 363 27.35 -35.08 -54.76
C ALA G 363 26.36 -34.52 -55.71
N PRO G 364 25.23 -34.05 -55.20
CA PRO G 364 24.30 -33.37 -56.11
C PRO G 364 24.85 -32.01 -56.61
N ALA G 365 24.29 -31.42 -57.67
CA ALA G 365 24.63 -30.06 -58.06
C ALA G 365 24.33 -29.12 -56.90
N PRO G 366 25.26 -28.18 -56.64
CA PRO G 366 25.13 -27.18 -55.58
C PRO G 366 24.00 -26.30 -55.93
N ILE G 367 23.12 -25.98 -55.02
CA ILE G 367 21.98 -25.13 -55.26
C ILE G 367 22.40 -23.72 -54.88
N ASP G 368 22.43 -22.78 -55.79
CA ASP G 368 23.02 -21.48 -55.48
C ASP G 368 22.03 -20.37 -55.52
N ARG G 369 21.14 -20.35 -54.55
CA ARG G 369 20.24 -19.23 -54.37
C ARG G 369 19.74 -19.25 -52.96
N ASN G 370 18.79 -18.39 -52.65
CA ASN G 370 18.24 -18.30 -51.32
C ASN G 370 17.09 -19.35 -51.22
N ILE G 371 17.46 -20.57 -50.89
CA ILE G 371 16.52 -21.67 -50.86
C ILE G 371 15.20 -21.27 -50.17
N TYR G 372 15.29 -20.36 -49.19
CA TYR G 372 14.11 -19.90 -48.44
C TYR G 372 13.04 -19.33 -49.35
N VAL G 373 13.41 -18.50 -50.33
CA VAL G 373 12.42 -17.88 -51.19
C VAL G 373 12.18 -18.70 -52.45
N MET G 374 12.62 -19.94 -52.43
CA MET G 374 12.43 -20.85 -53.54
C MET G 374 11.06 -21.50 -53.42
N SER G 375 10.36 -21.53 -54.55
CA SER G 375 9.01 -22.05 -54.56
C SER G 375 8.96 -23.56 -54.23
N LYS G 376 7.79 -23.97 -53.77
CA LYS G 376 7.51 -25.33 -53.41
C LYS G 376 7.82 -26.20 -54.60
N GLU G 377 7.27 -25.81 -55.76
CA GLU G 377 7.43 -26.63 -56.95
C GLU G 377 8.89 -26.69 -57.39
N GLU G 378 9.56 -25.54 -57.45
CA GLU G 378 10.95 -25.45 -57.91
C GLU G 378 11.93 -26.31 -57.08
N ARG G 379 11.60 -26.52 -55.81
CA ARG G 379 12.40 -27.40 -54.94
C ARG G 379 12.34 -28.89 -55.36
N MET G 380 11.15 -29.32 -55.78
CA MET G 380 11.00 -30.66 -56.28
C MET G 380 11.76 -30.81 -57.58
N GLU G 381 11.61 -29.86 -58.51
CA GLU G 381 12.32 -29.92 -59.81
C GLU G 381 13.81 -30.19 -59.59
N ASN G 382 14.37 -29.66 -58.49
CA ASN G 382 15.74 -30.02 -58.10
C ASN G 382 15.69 -31.11 -57.07
N GLY G 383 16.81 -31.68 -56.69
CA GLY G 383 16.71 -32.74 -55.69
C GLY G 383 16.25 -32.37 -54.27
N ILE G 384 15.49 -31.31 -54.05
CA ILE G 384 15.49 -30.68 -52.70
C ILE G 384 14.49 -31.28 -51.69
N VAL G 385 15.01 -31.96 -50.67
CA VAL G 385 14.15 -32.49 -49.61
C VAL G 385 14.23 -31.63 -48.36
N ASP G 386 13.08 -31.49 -47.72
CA ASP G 386 12.99 -30.82 -46.42
C ASP G 386 13.60 -31.65 -45.28
N LEU G 387 14.17 -30.97 -44.27
CA LEU G 387 14.51 -31.63 -43.02
C LEU G 387 13.20 -32.02 -42.38
N PRO G 388 13.21 -32.97 -41.44
CA PRO G 388 12.02 -33.37 -40.72
C PRO G 388 11.45 -32.21 -39.91
N ALA G 389 10.12 -32.19 -39.75
CA ALA G 389 9.43 -31.06 -39.11
C ALA G 389 9.27 -31.12 -37.58
N THR G 390 9.47 -32.29 -36.97
CA THR G 390 9.28 -32.35 -35.54
C THR G 390 10.30 -33.33 -35.08
N LEU G 391 10.53 -33.35 -33.77
CA LEU G 391 11.29 -34.43 -33.16
C LEU G 391 10.66 -35.84 -33.50
N ALA G 392 9.34 -36.01 -33.53
CA ALA G 392 8.80 -37.35 -33.76
C ALA G 392 9.14 -37.81 -35.19
N GLU G 393 8.97 -36.88 -36.12
CA GLU G 393 9.32 -37.11 -37.51
C GLU G 393 10.83 -37.42 -37.66
N ALA G 394 11.71 -36.68 -36.98
CA ALA G 394 13.16 -36.98 -37.08
C ALA G 394 13.47 -38.38 -36.56
N LEU G 395 12.75 -38.77 -35.50
CA LEU G 395 12.91 -40.07 -34.87
C LEU G 395 12.50 -41.22 -35.81
N GLU G 396 11.37 -41.07 -36.48
CA GLU G 396 11.04 -42.07 -37.51
C GLU G 396 12.11 -42.18 -38.59
N GLU G 397 12.63 -41.06 -39.10
CA GLU G 397 13.64 -41.10 -40.16
C GLU G 397 14.89 -41.75 -39.66
N PHE G 398 15.36 -41.31 -38.50
CA PHE G 398 16.54 -41.86 -37.85
C PHE G 398 16.47 -43.39 -37.84
N LYS G 399 15.38 -43.92 -37.28
CA LYS G 399 15.21 -45.37 -37.14
C LYS G 399 15.32 -46.14 -38.45
N SER G 400 14.75 -45.62 -39.53
CA SER G 400 14.72 -46.29 -40.83
C SER G 400 16.07 -46.43 -41.51
N ASN G 401 17.15 -46.19 -40.79
CA ASN G 401 18.41 -45.97 -41.48
C ASN G 401 19.56 -46.68 -40.82
N GLU G 402 19.87 -47.82 -41.41
CA GLU G 402 20.87 -48.71 -40.86
C GLU G 402 22.16 -48.02 -40.53
N VAL G 403 22.66 -47.13 -41.37
CA VAL G 403 24.04 -46.67 -41.16
C VAL G 403 24.11 -45.65 -40.03
N MET G 404 23.03 -44.85 -39.87
CA MET G 404 22.89 -43.95 -38.74
C MET G 404 22.70 -44.71 -37.42
N VAL G 405 21.65 -45.53 -37.36
CA VAL G 405 21.41 -46.41 -36.20
C VAL G 405 22.73 -47.11 -35.81
N LYS G 406 23.41 -47.74 -36.75
CA LYS G 406 24.70 -48.35 -36.41
C LYS G 406 25.69 -47.34 -35.88
N ALA G 407 25.73 -46.11 -36.40
CA ALA G 407 26.73 -45.13 -35.92
C ALA G 407 26.57 -44.77 -34.39
N LEU G 408 25.42 -45.15 -33.81
CA LEU G 408 25.09 -44.96 -32.43
C LEU G 408 25.34 -46.20 -31.59
N GLY G 409 25.17 -47.39 -32.19
CA GLY G 409 25.35 -48.64 -31.47
C GLY G 409 24.08 -49.01 -30.72
N GLU G 410 23.96 -50.22 -30.19
CA GLU G 410 22.66 -50.66 -29.64
C GLU G 410 22.17 -49.84 -28.44
N HIS G 411 22.97 -49.83 -27.41
CA HIS G 411 22.63 -49.19 -26.16
C HIS G 411 22.14 -47.75 -26.30
N LEU G 412 22.99 -46.91 -26.89
CA LEU G 412 22.71 -45.52 -27.10
C LEU G 412 21.50 -45.28 -27.92
N PHE G 413 21.42 -45.95 -29.07
CA PHE G 413 20.25 -45.91 -29.92
C PHE G 413 18.95 -46.20 -29.14
N GLU G 414 18.88 -47.34 -28.45
CA GLU G 414 17.67 -47.68 -27.73
C GLU G 414 17.28 -46.64 -26.66
N HIS G 415 18.26 -46.21 -25.87
CA HIS G 415 17.98 -45.26 -24.80
C HIS G 415 17.71 -43.87 -25.39
N PHE G 416 18.36 -43.54 -26.51
CA PHE G 416 18.12 -42.23 -27.07
C PHE G 416 16.66 -42.20 -27.52
N ILE G 417 16.22 -43.29 -28.18
CA ILE G 417 14.88 -43.33 -28.73
C ILE G 417 13.82 -43.33 -27.60
N GLU G 418 14.05 -44.16 -26.58
CA GLU G 418 13.18 -44.20 -25.42
C GLU G 418 13.07 -42.81 -24.68
N ALA G 419 14.19 -42.13 -24.43
CA ALA G 419 14.14 -40.82 -23.76
C ALA G 419 13.43 -39.79 -24.64
N LYS G 420 13.71 -39.76 -25.95
CA LYS G 420 13.05 -38.81 -26.86
C LYS G 420 11.57 -39.10 -27.14
N GLU G 421 11.17 -40.36 -27.04
CA GLU G 421 9.75 -40.67 -27.20
C GLU G 421 9.01 -40.24 -25.94
N ILE G 422 9.63 -40.37 -24.77
CA ILE G 422 8.96 -39.84 -23.58
C ILE G 422 8.79 -38.31 -23.64
N GLU G 423 9.89 -37.61 -23.77
CA GLU G 423 9.90 -36.20 -24.04
C GLU G 423 8.83 -35.78 -25.04
N TRP G 424 8.75 -36.45 -26.19
CA TRP G 424 7.71 -36.09 -27.18
C TRP G 424 6.30 -36.35 -26.68
N ASP G 425 6.13 -37.47 -26.01
CA ASP G 425 4.83 -37.80 -25.48
C ASP G 425 4.37 -36.76 -24.45
N MET G 426 5.27 -36.28 -23.62
CA MET G 426 4.93 -35.30 -22.64
C MET G 426 4.50 -34.01 -23.35
N PHE G 427 5.28 -33.59 -24.36
CA PHE G 427 4.95 -32.38 -25.07
C PHE G 427 3.60 -32.45 -25.76
N ARG G 428 3.37 -33.54 -26.51
CA ARG G 428 2.16 -33.68 -27.30
C ARG G 428 0.87 -33.70 -26.47
N THR G 429 0.89 -34.25 -25.24
CA THR G 429 -0.31 -34.35 -24.40
C THR G 429 -0.49 -33.04 -23.62
N GLN G 430 0.55 -32.23 -23.52
CA GLN G 430 0.44 -30.96 -22.80
C GLN G 430 -0.60 -30.02 -23.46
N VAL G 431 -1.26 -29.16 -22.67
CA VAL G 431 -2.16 -28.16 -23.28
C VAL G 431 -1.53 -26.78 -23.14
N HIS G 432 -1.00 -26.19 -24.22
CA HIS G 432 -0.25 -24.94 -24.04
C HIS G 432 -1.14 -23.68 -23.95
N PRO G 433 -0.69 -22.68 -23.17
CA PRO G 433 -1.43 -21.39 -23.17
C PRO G 433 -1.90 -20.93 -24.58
N TRP G 434 -1.14 -21.22 -25.63
CA TRP G 434 -1.53 -20.82 -27.01
C TRP G 434 -2.88 -21.42 -27.42
N GLU G 435 -3.13 -22.65 -26.96
CA GLU G 435 -4.35 -23.35 -27.33
C GLU G 435 -5.61 -22.75 -26.66
N ARG G 436 -5.52 -22.30 -25.40
CA ARG G 436 -6.65 -21.59 -24.78
C ARG G 436 -6.82 -20.19 -25.37
N GLU G 437 -5.73 -19.56 -25.78
CA GLU G 437 -5.83 -18.27 -26.41
C GLU G 437 -6.60 -18.38 -27.70
N GLN G 438 -6.32 -19.43 -28.47
CA GLN G 438 -6.95 -19.59 -29.76
C GLN G 438 -8.32 -20.19 -29.66
N TYR G 439 -8.64 -20.89 -28.60
CA TYR G 439 -9.80 -21.75 -28.71
C TYR G 439 -10.81 -21.60 -27.57
N MET G 440 -10.33 -21.16 -26.42
CA MET G 440 -11.16 -21.01 -25.22
C MET G 440 -12.37 -20.18 -25.45
N SER G 441 -12.19 -19.07 -26.15
CA SER G 441 -13.31 -18.16 -26.39
C SER G 441 -13.86 -18.37 -27.75
N GLN G 442 -13.03 -18.89 -28.66
CA GLN G 442 -13.47 -19.11 -30.03
C GLN G 442 -14.53 -20.17 -30.09
N TYR G 443 -14.45 -21.17 -29.17
CA TYR G 443 -15.36 -22.31 -29.14
C TYR G 443 -15.90 -22.46 -27.72
N ALA H 1 46.58 -45.87 22.93
CA ALA H 1 46.09 -44.51 23.14
C ALA H 1 46.53 -43.55 22.00
N LYS H 2 45.59 -42.72 21.55
CA LYS H 2 45.87 -41.70 20.52
C LYS H 2 46.22 -40.30 21.13
N TYR H 3 46.05 -40.14 22.45
CA TYR H 3 46.51 -38.94 23.19
C TYR H 3 46.58 -39.18 24.70
N THR H 4 47.40 -38.40 25.37
CA THR H 4 47.47 -38.50 26.83
C THR H 4 47.16 -37.17 27.45
N ARG H 5 46.74 -37.19 28.70
CA ARG H 5 46.53 -35.93 29.39
C ARG H 5 47.65 -34.92 29.05
N GLU H 6 48.92 -35.37 29.15
CA GLU H 6 50.07 -34.49 28.88
C GLU H 6 50.06 -33.92 27.48
N ASP H 7 49.78 -34.79 26.51
CA ASP H 7 49.65 -34.37 25.12
C ASP H 7 48.56 -33.33 24.96
N ILE H 8 47.44 -33.56 25.65
CA ILE H 8 46.32 -32.64 25.56
C ILE H 8 46.73 -31.36 26.24
N GLU H 9 47.43 -31.43 27.36
CA GLU H 9 47.85 -30.19 28.00
C GLU H 9 48.81 -29.44 27.07
N LYS H 10 49.74 -30.15 26.43
CA LYS H 10 50.67 -29.51 25.49
C LYS H 10 49.89 -28.83 24.35
N LEU H 11 48.96 -29.53 23.71
CA LEU H 11 48.21 -28.97 22.57
C LEU H 11 47.47 -27.72 22.96
N VAL H 12 46.69 -27.84 24.03
CA VAL H 12 45.89 -26.73 24.50
C VAL H 12 46.76 -25.50 24.58
N LYS H 13 47.95 -25.66 25.14
CA LYS H 13 48.83 -24.52 25.37
C LYS H 13 49.38 -24.05 24.05
N GLU H 14 49.93 -24.98 23.33
CA GLU H 14 50.63 -24.67 22.11
C GLU H 14 49.70 -24.04 21.06
N GLU H 15 48.50 -24.59 20.86
CA GLU H 15 47.55 -24.08 19.87
C GLU H 15 46.69 -22.88 20.33
N ASN H 16 46.90 -22.40 21.56
CA ASN H 16 46.21 -21.23 22.15
C ASN H 16 44.72 -21.39 22.29
N VAL H 17 44.31 -22.60 22.70
CA VAL H 17 42.92 -22.88 23.07
C VAL H 17 42.49 -22.08 24.33
N LYS H 18 41.33 -21.41 24.23
CA LYS H 18 40.80 -20.54 25.28
C LYS H 18 39.53 -21.08 25.92
N TYR H 19 38.79 -21.89 25.18
CA TYR H 19 37.62 -22.56 25.74
C TYR H 19 37.56 -23.99 25.33
N ILE H 20 36.99 -24.81 26.20
CA ILE H 20 36.78 -26.17 25.82
C ILE H 20 35.34 -26.56 25.97
N ARG H 21 34.84 -27.29 24.95
CA ARG H 21 33.51 -27.83 24.92
C ARG H 21 33.45 -29.33 25.22
N LEU H 22 32.74 -29.64 26.29
CA LEU H 22 32.43 -31.02 26.64
C LEU H 22 31.14 -31.45 25.94
N GLN H 23 31.21 -32.41 25.04
CA GLN H 23 30.02 -32.74 24.22
C GLN H 23 29.54 -34.17 24.47
N PHE H 24 28.24 -34.39 24.46
CA PHE H 24 27.74 -35.74 24.52
C PHE H 24 26.47 -35.88 23.69
N THR H 25 25.92 -37.08 23.66
CA THR H 25 24.75 -37.35 22.85
C THR H 25 23.59 -37.85 23.68
N ASP H 26 22.40 -37.29 23.44
CA ASP H 26 21.23 -37.75 24.16
C ASP H 26 20.59 -38.96 23.46
N ILE H 27 19.47 -39.43 23.97
CA ILE H 27 18.95 -40.70 23.47
C ILE H 27 18.46 -40.56 22.02
N LEU H 28 18.05 -39.36 21.62
CA LEU H 28 17.56 -39.14 20.29
C LEU H 28 18.69 -38.90 19.30
N GLY H 29 19.91 -38.75 19.75
CA GLY H 29 21.00 -38.73 18.80
C GLY H 29 21.47 -37.32 18.69
N THR H 30 20.77 -36.45 19.40
CA THR H 30 21.04 -35.05 19.30
C THR H 30 22.27 -34.73 20.16
N ILE H 31 23.21 -33.92 19.63
CA ILE H 31 24.39 -33.56 20.37
C ILE H 31 24.11 -32.47 21.44
N LYS H 32 24.87 -32.52 22.54
CA LYS H 32 24.71 -31.62 23.70
C LYS H 32 26.06 -31.23 24.22
N ASN H 33 26.18 -30.00 24.73
CA ASN H 33 27.47 -29.56 25.25
C ASN H 33 27.38 -28.44 26.22
N VAL H 34 28.48 -28.24 26.94
CA VAL H 34 28.62 -27.16 27.88
C VAL H 34 30.02 -26.60 27.65
N GLU H 35 30.17 -25.28 27.83
CA GLU H 35 31.45 -24.62 27.52
C GLU H 35 32.07 -24.15 28.80
N ILE H 36 33.38 -24.31 28.89
CA ILE H 36 34.09 -23.94 30.14
C ILE H 36 35.43 -23.29 29.76
N PRO H 37 35.85 -22.23 30.47
CA PRO H 37 37.10 -21.62 30.01
C PRO H 37 38.29 -22.54 30.23
N VAL H 38 39.40 -22.27 29.57
CA VAL H 38 40.49 -23.23 29.54
C VAL H 38 41.13 -23.40 30.94
N SER H 39 40.80 -22.48 31.85
CA SER H 39 41.30 -22.53 33.23
C SER H 39 40.60 -23.63 34.05
N GLN H 40 39.55 -24.20 33.49
CA GLN H 40 38.83 -25.32 34.06
C GLN H 40 39.22 -26.63 33.35
N LEU H 41 40.24 -26.60 32.49
CA LEU H 41 40.73 -27.83 31.86
C LEU H 41 40.96 -28.95 32.87
N GLY H 42 41.65 -28.65 33.96
CA GLY H 42 41.99 -29.63 34.98
C GLY H 42 40.76 -30.29 35.59
N LYS H 43 39.76 -29.49 35.93
CA LYS H 43 38.54 -30.02 36.51
C LYS H 43 37.77 -30.97 35.52
N ALA H 44 37.89 -30.77 34.20
CA ALA H 44 37.19 -31.63 33.25
C ALA H 44 38.01 -32.93 33.05
N LEU H 45 39.34 -32.78 32.99
CA LEU H 45 40.19 -33.94 32.86
C LEU H 45 40.09 -34.79 34.13
N ASP H 46 39.74 -34.16 35.26
CA ASP H 46 39.54 -34.88 36.50
C ASP H 46 38.12 -35.40 36.62
N ASN H 47 37.36 -35.43 35.54
CA ASN H 47 36.01 -35.99 35.63
C ASN H 47 35.15 -35.38 36.74
N LYS H 48 35.10 -34.04 36.76
CA LYS H 48 34.43 -33.30 37.80
C LYS H 48 33.37 -32.35 37.26
N VAL H 49 33.20 -32.27 35.96
CA VAL H 49 32.19 -31.36 35.47
C VAL H 49 30.86 -32.06 35.53
N MET H 50 29.84 -31.38 36.04
CA MET H 50 28.54 -31.97 36.24
C MET H 50 27.41 -31.31 35.41
N PHE H 51 26.24 -31.94 35.44
CA PHE H 51 25.10 -31.40 34.72
C PHE H 51 23.81 -32.00 35.23
N ASP H 52 22.69 -31.35 34.93
CA ASP H 52 21.35 -31.82 35.22
C ASP H 52 20.94 -32.91 34.22
N GLY H 53 21.11 -34.15 34.65
CA GLY H 53 20.84 -35.29 33.82
C GLY H 53 19.36 -35.43 33.59
N SER H 54 18.54 -34.67 34.31
CA SER H 54 17.13 -34.85 34.11
C SER H 54 16.56 -33.86 33.13
N SER H 55 17.48 -33.09 32.51
CA SER H 55 17.13 -32.15 31.44
C SER H 55 17.63 -32.62 30.08
N ILE H 56 18.15 -33.84 30.04
CA ILE H 56 18.61 -34.44 28.83
C ILE H 56 17.65 -35.63 28.55
N GLU H 57 17.19 -35.73 27.31
CA GLU H 57 16.28 -36.79 26.89
C GLU H 57 16.73 -38.24 27.15
N GLY H 58 15.90 -39.00 27.84
CA GLY H 58 16.15 -40.42 28.05
C GLY H 58 17.28 -40.70 29.03
N PHE H 59 17.62 -39.71 29.88
CA PHE H 59 18.62 -39.93 30.93
C PHE H 59 18.00 -40.25 32.31
N VAL H 60 18.32 -39.48 33.33
CA VAL H 60 17.88 -39.80 34.68
C VAL H 60 16.72 -38.92 35.10
N ARG H 61 16.10 -39.15 36.23
CA ARG H 61 14.98 -38.30 36.58
C ARG H 61 15.27 -37.21 37.66
N ILE H 62 14.29 -36.34 37.91
CA ILE H 62 14.49 -35.08 38.63
C ILE H 62 15.13 -35.30 39.99
N GLU H 63 14.62 -36.27 40.76
CA GLU H 63 15.09 -36.64 42.13
C GLU H 63 16.50 -37.17 42.22
N GLU H 64 17.09 -37.56 41.11
CA GLU H 64 18.46 -38.03 41.09
C GLU H 64 19.19 -37.42 39.94
N SER H 65 19.14 -36.11 39.86
CA SER H 65 19.46 -35.49 38.62
C SER H 65 20.97 -35.33 38.46
N ASP H 66 21.76 -35.19 39.53
CA ASP H 66 23.21 -34.94 39.35
C ASP H 66 23.92 -36.03 38.57
N MET H 67 24.74 -35.64 37.59
CA MET H 67 25.40 -36.59 36.70
C MET H 67 26.73 -36.05 36.34
N TYR H 68 27.68 -36.89 36.00
CA TYR H 68 29.01 -36.39 35.67
C TYR H 68 29.42 -36.62 34.25
N LEU H 69 30.40 -35.84 33.77
CA LEU H 69 30.97 -35.98 32.44
C LEU H 69 32.42 -36.43 32.48
N TYR H 70 32.77 -37.42 31.68
CA TYR H 70 34.13 -37.91 31.66
C TYR H 70 34.68 -37.80 30.25
N PRO H 71 35.51 -36.77 29.95
CA PRO H 71 36.08 -36.59 28.61
C PRO H 71 36.96 -37.72 28.10
N ASP H 72 36.74 -38.08 26.82
CA ASP H 72 37.54 -39.03 26.09
C ASP H 72 38.72 -38.29 25.43
N LEU H 73 39.94 -38.44 25.93
CA LEU H 73 41.06 -37.67 25.41
C LEU H 73 41.32 -37.88 23.92
N ASN H 74 40.82 -38.94 23.33
CA ASN H 74 41.19 -39.24 21.94
C ASN H 74 40.31 -38.52 20.96
N THR H 75 39.26 -37.88 21.45
CA THR H 75 38.34 -37.13 20.64
C THR H 75 38.66 -35.62 20.58
N PHE H 76 39.77 -35.18 21.18
CA PHE H 76 40.19 -33.78 21.13
C PHE H 76 40.16 -33.23 19.71
N VAL H 77 39.51 -32.11 19.47
CA VAL H 77 39.44 -31.53 18.12
C VAL H 77 39.20 -30.04 18.23
N ILE H 78 39.93 -29.26 17.43
CA ILE H 78 39.79 -27.80 17.40
C ILE H 78 38.72 -27.33 16.40
N PHE H 79 37.74 -26.53 16.80
CA PHE H 79 36.80 -26.01 15.78
C PHE H 79 37.39 -24.79 15.14
N PRO H 80 37.84 -24.89 13.87
CA PRO H 80 38.46 -23.75 13.18
C PRO H 80 37.58 -22.48 13.11
N TRP H 81 36.25 -22.55 13.08
CA TRP H 81 35.47 -21.32 12.91
C TRP H 81 35.45 -20.47 14.16
N THR H 82 35.90 -21.02 15.28
CA THR H 82 35.83 -20.25 16.51
C THR H 82 37.15 -19.53 16.77
N ALA H 83 38.24 -19.99 16.17
CA ALA H 83 39.58 -19.39 16.36
C ALA H 83 39.68 -17.84 16.38
N GLU H 84 38.88 -17.12 15.58
CA GLU H 84 39.02 -15.67 15.56
C GLU H 84 38.72 -14.99 16.90
N LYS H 85 37.63 -15.40 17.56
CA LYS H 85 37.12 -14.76 18.79
C LYS H 85 37.50 -15.48 20.11
N GLY H 86 37.70 -16.81 20.09
CA GLY H 86 38.11 -17.58 21.26
C GLY H 86 38.25 -19.05 20.88
N LYS H 87 39.49 -19.49 20.62
CA LYS H 87 39.66 -20.77 19.98
C LYS H 87 39.14 -21.90 20.87
N VAL H 88 38.26 -22.73 20.32
CA VAL H 88 37.62 -23.82 21.07
C VAL H 88 38.13 -25.21 20.69
N ALA H 89 38.20 -26.10 21.69
CA ALA H 89 38.52 -27.52 21.50
C ALA H 89 37.39 -28.34 22.14
N ARG H 90 36.94 -29.39 21.48
CA ARG H 90 35.87 -30.18 22.06
C ARG H 90 36.45 -31.53 22.54
N PHE H 91 35.76 -32.15 23.48
CA PHE H 91 35.96 -33.53 23.92
C PHE H 91 34.61 -34.20 23.87
N ILE H 92 34.47 -35.33 23.21
CA ILE H 92 33.28 -36.10 23.37
C ILE H 92 33.40 -36.82 24.70
N CYS H 93 32.32 -36.90 25.47
CA CYS H 93 32.41 -37.46 26.84
C CYS H 93 31.55 -38.70 27.07
N ASP H 94 31.95 -39.55 28.01
CA ASP H 94 31.09 -40.67 28.45
C ASP H 94 30.43 -40.21 29.77
N ILE H 95 29.15 -40.52 29.96
CA ILE H 95 28.40 -40.10 31.14
C ILE H 95 28.56 -41.06 32.31
N TYR H 96 28.84 -40.52 33.50
CA TYR H 96 28.96 -41.30 34.71
C TYR H 96 27.96 -40.87 35.79
N ASN H 97 27.51 -41.83 36.58
CA ASN H 97 26.77 -41.58 37.80
C ASN H 97 27.59 -40.95 38.91
N PRO H 98 26.92 -40.33 39.90
CA PRO H 98 27.67 -39.73 41.03
C PRO H 98 28.39 -40.80 41.85
N ASP H 99 27.88 -42.04 41.93
CA ASP H 99 28.64 -43.15 42.57
C ASP H 99 29.94 -43.56 41.84
N GLY H 100 30.22 -43.01 40.67
CA GLY H 100 31.48 -43.25 40.00
C GLY H 100 31.35 -44.35 38.94
N THR H 101 30.16 -44.92 38.80
CA THR H 101 29.92 -45.99 37.82
C THR H 101 29.31 -45.44 36.51
N PRO H 102 29.72 -45.99 35.34
CA PRO H 102 29.16 -45.55 34.07
C PRO H 102 27.63 -45.60 34.10
N PHE H 103 27.00 -44.80 33.28
CA PHE H 103 25.58 -44.66 33.35
C PHE H 103 25.03 -45.58 32.30
N GLU H 104 23.96 -46.29 32.62
CA GLU H 104 23.56 -47.43 31.83
C GLU H 104 22.81 -46.92 30.59
N GLY H 105 22.34 -45.68 30.64
CA GLY H 105 21.56 -45.14 29.54
C GLY H 105 22.35 -44.25 28.56
N ASP H 106 23.69 -44.35 28.59
CA ASP H 106 24.58 -43.60 27.69
C ASP H 106 24.74 -44.38 26.38
N PRO H 107 24.15 -43.88 25.30
CA PRO H 107 24.29 -44.43 23.96
C PRO H 107 25.73 -44.79 23.57
N ARG H 108 26.68 -43.90 23.78
CA ARG H 108 28.04 -44.20 23.33
C ARG H 108 28.60 -45.39 24.08
N ASN H 109 28.26 -45.42 25.35
CA ASN H 109 28.60 -46.52 26.20
C ASN H 109 27.94 -47.87 25.81
N ASN H 110 26.64 -47.83 25.56
CA ASN H 110 26.02 -49.01 25.05
C ASN H 110 26.78 -49.58 23.85
N LEU H 111 27.33 -48.74 22.97
CA LEU H 111 28.02 -49.24 21.78
C LEU H 111 29.26 -50.04 22.14
N LYS H 112 30.01 -49.55 23.12
CA LYS H 112 31.28 -50.12 23.52
C LYS H 112 31.03 -51.50 24.11
N ARG H 113 29.84 -51.66 24.67
CA ARG H 113 29.45 -52.92 25.21
C ARG H 113 29.28 -53.99 24.11
N ILE H 114 28.45 -53.68 23.11
CA ILE H 114 28.30 -54.57 21.97
C ILE H 114 29.64 -54.82 21.26
N LEU H 115 30.49 -53.80 21.14
CA LEU H 115 31.83 -53.99 20.58
C LEU H 115 32.58 -55.04 21.40
N LYS H 116 32.35 -55.05 22.70
CA LYS H 116 33.10 -55.95 23.55
C LYS H 116 32.72 -57.40 23.17
N GLU H 117 31.45 -57.63 22.81
CA GLU H 117 31.02 -58.91 22.24
C GLU H 117 31.70 -59.20 20.89
N MET H 118 31.84 -58.20 20.05
CA MET H 118 32.58 -58.38 18.83
C MET H 118 34.00 -58.93 19.05
N GLU H 119 34.74 -58.33 19.96
CA GLU H 119 36.07 -58.84 20.27
C GLU H 119 36.00 -60.25 20.88
N ASP H 120 34.97 -60.56 21.65
CA ASP H 120 34.87 -61.90 22.20
C ASP H 120 34.92 -62.89 21.06
N LEU H 121 34.27 -62.54 19.96
CA LEU H 121 34.20 -63.43 18.82
C LEU H 121 35.47 -63.43 17.97
N GLY H 122 36.53 -62.75 18.38
CA GLY H 122 37.74 -62.89 17.64
C GLY H 122 38.00 -61.80 16.60
N PHE H 123 37.04 -60.92 16.36
CA PHE H 123 37.31 -59.83 15.44
C PHE H 123 37.85 -58.62 16.21
N SER H 124 38.69 -57.83 15.60
CA SER H 124 39.27 -56.71 16.30
C SER H 124 38.74 -55.28 15.95
N ASP H 125 38.07 -55.09 14.82
CA ASP H 125 37.54 -53.78 14.46
C ASP H 125 36.26 -53.92 13.68
N PHE H 126 35.29 -53.08 14.02
CA PHE H 126 34.06 -52.98 13.26
C PHE H 126 34.15 -51.61 12.56
N ASN H 127 34.40 -51.61 11.24
CA ASN H 127 34.52 -50.39 10.47
C ASN H 127 33.18 -49.97 9.91
N LEU H 128 32.90 -48.67 10.00
CA LEU H 128 31.68 -48.04 9.52
C LEU H 128 32.05 -46.93 8.54
N GLY H 129 31.52 -46.99 7.32
CA GLY H 129 31.62 -45.94 6.31
C GLY H 129 30.24 -45.33 6.09
N PRO H 130 29.92 -44.30 6.86
CA PRO H 130 28.60 -43.68 6.80
C PRO H 130 28.53 -42.65 5.65
N GLU H 131 27.44 -42.59 4.88
CA GLU H 131 27.27 -41.50 3.93
C GLU H 131 26.05 -40.64 4.30
N PRO H 132 26.22 -39.59 5.12
CA PRO H 132 24.93 -38.97 5.53
C PRO H 132 24.47 -37.82 4.59
N GLU H 133 23.42 -38.06 3.83
CA GLU H 133 22.89 -37.14 2.85
C GLU H 133 22.05 -36.08 3.56
N PHE H 134 21.94 -34.87 3.01
CA PHE H 134 21.21 -33.82 3.68
C PHE H 134 20.66 -32.84 2.67
N PHE H 135 19.62 -32.12 3.02
CA PHE H 135 19.14 -31.06 2.18
C PHE H 135 19.56 -29.71 2.70
N LEU H 136 19.64 -28.75 1.79
CA LEU H 136 19.82 -27.39 2.18
C LEU H 136 18.56 -26.56 1.80
N PHE H 137 18.06 -25.81 2.76
CA PHE H 137 16.94 -24.91 2.56
C PHE H 137 17.34 -23.47 2.83
N LYS H 138 16.67 -22.55 2.17
CA LYS H 138 17.05 -21.16 2.32
C LYS H 138 16.45 -20.62 3.61
N LEU H 139 17.26 -19.91 4.40
CA LEU H 139 16.76 -19.09 5.52
C LEU H 139 15.95 -17.83 5.05
N ASP H 140 14.89 -17.44 5.76
CA ASP H 140 14.20 -16.15 5.57
C ASP H 140 15.02 -15.03 6.18
N GLU H 141 14.38 -13.87 6.31
CA GLU H 141 15.06 -12.68 6.77
C GLU H 141 15.12 -12.67 8.28
N LYS H 142 14.21 -13.35 8.95
CA LYS H 142 14.33 -13.53 10.40
C LYS H 142 15.31 -14.71 10.73
N GLY H 143 16.07 -15.21 9.73
CA GLY H 143 16.99 -16.33 9.94
C GLY H 143 16.32 -17.67 10.27
N GLU H 144 15.01 -17.79 10.10
CA GLU H 144 14.35 -19.10 10.19
C GLU H 144 14.33 -19.84 8.80
N PRO H 145 14.29 -21.18 8.79
CA PRO H 145 14.30 -21.85 7.49
C PRO H 145 12.99 -21.71 6.74
N THR H 146 12.99 -21.83 5.42
CA THR H 146 11.78 -21.76 4.58
C THR H 146 11.66 -23.14 3.94
N LEU H 147 10.65 -23.38 3.09
CA LEU H 147 10.53 -24.67 2.39
C LEU H 147 11.18 -24.66 1.04
N GLU H 148 12.01 -23.67 0.79
CA GLU H 148 12.59 -23.44 -0.53
C GLU H 148 14.01 -24.05 -0.65
N LEU H 149 14.18 -24.98 -1.57
CA LEU H 149 15.47 -25.68 -1.63
C LEU H 149 16.54 -24.71 -2.13
N ASN H 150 17.81 -25.03 -1.85
CA ASN H 150 18.90 -24.11 -2.25
C ASN H 150 19.07 -24.02 -3.80
N ASP H 151 18.66 -25.09 -4.49
CA ASP H 151 18.78 -25.12 -5.96
C ASP H 151 17.77 -26.14 -6.52
N LYS H 152 17.71 -26.35 -7.84
CA LYS H 152 16.93 -27.46 -8.35
C LYS H 152 17.81 -28.43 -9.14
N GLY H 153 19.08 -28.56 -8.77
CA GLY H 153 19.96 -29.54 -9.44
C GLY H 153 19.63 -30.99 -9.13
N GLY H 154 20.39 -31.89 -9.70
CA GLY H 154 20.24 -33.30 -9.49
C GLY H 154 21.61 -33.96 -9.49
N TYR H 155 21.62 -35.30 -9.65
CA TYR H 155 22.82 -36.11 -9.39
C TYR H 155 24.01 -35.63 -10.17
N PHE H 156 25.12 -35.36 -9.50
CA PHE H 156 26.45 -35.03 -10.11
C PHE H 156 26.38 -33.83 -10.99
N ASP H 157 25.41 -32.94 -10.77
CA ASP H 157 25.33 -31.72 -11.55
C ASP H 157 26.42 -30.69 -11.28
N LEU H 158 26.66 -29.89 -12.30
CA LEU H 158 27.66 -28.82 -12.24
C LEU H 158 26.98 -27.51 -11.93
N ALA H 159 27.77 -26.55 -11.47
CA ALA H 159 27.29 -25.19 -11.23
C ALA H 159 26.84 -24.56 -12.48
N PRO H 160 25.81 -23.72 -12.35
CA PRO H 160 24.63 -22.90 -12.28
C PRO H 160 23.57 -23.81 -11.76
N THR H 161 23.54 -25.10 -12.19
CA THR H 161 22.41 -25.98 -11.82
C THR H 161 22.49 -26.46 -10.37
N ASP H 162 23.73 -26.64 -9.95
CA ASP H 162 24.12 -26.96 -8.59
C ASP H 162 24.54 -25.68 -7.87
N LEU H 163 23.86 -25.33 -6.82
CA LEU H 163 24.18 -24.07 -6.15
C LEU H 163 24.87 -24.31 -4.77
N GLY H 164 25.08 -25.57 -4.42
CA GLY H 164 25.63 -25.90 -3.14
C GLY H 164 27.11 -26.06 -3.32
N GLU H 165 27.60 -25.79 -4.51
CA GLU H 165 29.01 -25.99 -4.76
C GLU H 165 29.88 -25.21 -3.79
N ASN H 166 29.47 -24.02 -3.40
CA ASN H 166 30.31 -23.25 -2.47
C ASN H 166 30.19 -23.60 -1.00
N CYS H 167 28.95 -23.82 -0.58
CA CYS H 167 28.66 -24.21 0.77
C CYS H 167 29.40 -25.51 0.93
N ARG H 168 29.09 -26.43 0.08
CA ARG H 168 29.65 -27.74 0.30
C ARG H 168 31.19 -27.72 0.18
N ARG H 169 31.75 -26.72 -0.50
CA ARG H 169 33.21 -26.59 -0.53
C ARG H 169 33.80 -26.07 0.81
N ASP H 170 33.05 -25.22 1.51
CA ASP H 170 33.45 -24.62 2.78
C ASP H 170 33.35 -25.63 3.90
N ILE H 171 32.37 -26.53 3.76
CA ILE H 171 32.23 -27.67 4.66
C ILE H 171 33.45 -28.57 4.47
N VAL H 172 33.72 -28.92 3.24
CA VAL H 172 34.90 -29.75 2.98
C VAL H 172 36.13 -29.06 3.61
N LEU H 173 36.33 -27.76 3.41
CA LEU H 173 37.45 -27.07 4.07
C LEU H 173 37.54 -27.26 5.60
N GLU H 174 36.45 -27.06 6.35
CA GLU H 174 36.53 -27.14 7.81
C GLU H 174 36.79 -28.57 8.22
N LEU H 175 36.11 -29.52 7.57
CA LEU H 175 36.35 -30.95 7.89
C LEU H 175 37.82 -31.32 7.67
N GLU H 176 38.43 -30.80 6.62
CA GLU H 176 39.82 -31.16 6.38
C GLU H 176 40.69 -30.43 7.38
N GLU H 177 40.26 -29.29 7.85
CA GLU H 177 41.04 -28.68 8.90
C GLU H 177 40.91 -29.46 10.20
N MET H 178 39.77 -30.09 10.39
CA MET H 178 39.50 -30.81 11.59
C MET H 178 39.96 -32.24 11.49
N GLY H 179 40.82 -32.55 10.53
CA GLY H 179 41.30 -33.93 10.40
C GLY H 179 40.45 -34.92 9.60
N PHE H 180 39.20 -34.64 9.23
CA PHE H 180 38.45 -35.63 8.43
C PHE H 180 39.18 -35.98 7.15
N GLU H 181 39.22 -37.23 6.78
CA GLU H 181 39.68 -37.58 5.47
C GLU H 181 38.59 -37.56 4.33
N ILE H 182 38.31 -36.41 3.73
CA ILE H 182 37.23 -36.36 2.73
C ILE H 182 37.50 -37.20 1.44
N GLU H 183 36.45 -37.92 1.05
CA GLU H 183 36.42 -38.85 -0.06
C GLU H 183 35.92 -38.16 -1.32
N ALA H 184 34.74 -37.55 -1.21
CA ALA H 184 34.12 -36.96 -2.38
C ALA H 184 33.04 -35.98 -1.95
N SER H 185 32.74 -35.03 -2.82
CA SER H 185 31.67 -34.08 -2.58
C SER H 185 30.89 -33.91 -3.93
N HIS H 186 29.55 -33.97 -3.91
CA HIS H 186 28.73 -33.85 -5.11
C HIS H 186 27.31 -33.48 -4.77
N HIS H 187 26.53 -33.11 -5.78
CA HIS H 187 25.10 -32.94 -5.63
C HIS H 187 24.35 -34.29 -5.71
N GLU H 188 23.24 -34.43 -4.98
CA GLU H 188 22.58 -35.71 -4.91
C GLU H 188 21.34 -35.72 -5.77
N VAL H 189 20.58 -36.80 -5.81
CA VAL H 189 19.50 -36.92 -6.77
C VAL H 189 18.43 -35.84 -6.59
N ALA H 190 17.94 -35.57 -5.40
CA ALA H 190 16.80 -34.66 -5.34
C ALA H 190 17.19 -33.19 -5.39
N PRO H 191 16.24 -32.34 -5.76
CA PRO H 191 16.63 -30.92 -5.65
C PRO H 191 16.99 -30.51 -4.21
N GLY H 192 18.00 -29.70 -4.08
CA GLY H 192 18.47 -29.26 -2.82
C GLY H 192 19.20 -30.31 -2.03
N GLN H 193 19.63 -31.39 -2.65
CA GLN H 193 20.23 -32.49 -1.86
C GLN H 193 21.71 -32.66 -2.17
N HIS H 194 22.48 -33.07 -1.17
CA HIS H 194 23.93 -33.11 -1.28
C HIS H 194 24.55 -34.24 -0.45
N GLU H 195 25.78 -34.59 -0.75
CA GLU H 195 26.46 -35.62 0.01
C GLU H 195 27.94 -35.25 0.14
N ILE H 196 28.55 -35.54 1.29
CA ILE H 196 29.98 -35.42 1.33
C ILE H 196 30.43 -36.73 1.90
N ASP H 197 31.37 -37.40 1.29
CA ASP H 197 31.83 -38.64 1.80
C ASP H 197 33.16 -38.48 2.47
N PHE H 198 33.43 -39.36 3.42
CA PHE H 198 34.70 -39.31 4.10
C PHE H 198 35.06 -40.75 4.44
N LYS H 199 36.34 -41.05 4.55
CA LYS H 199 36.84 -42.41 4.75
C LYS H 199 36.24 -43.06 6.03
N TYR H 200 35.88 -44.33 5.94
CA TYR H 200 35.42 -45.12 7.11
C TYR H 200 36.43 -45.05 8.25
N ALA H 201 36.00 -45.50 9.43
CA ALA H 201 36.83 -45.61 10.60
C ALA H 201 36.19 -46.63 11.57
N GLY H 202 36.87 -46.93 12.70
CA GLY H 202 36.26 -47.80 13.69
C GLY H 202 34.92 -47.32 14.21
N ALA H 203 34.01 -48.22 14.56
CA ALA H 203 32.65 -47.79 14.93
C ALA H 203 32.53 -46.57 15.85
N VAL H 204 33.13 -46.56 17.06
CA VAL H 204 32.98 -45.41 17.96
C VAL H 204 33.51 -44.09 17.32
N ARG H 205 34.64 -44.17 16.65
CA ARG H 205 35.25 -43.02 16.00
C ARG H 205 34.36 -42.50 14.89
N SER H 206 33.81 -43.41 14.10
CA SER H 206 32.96 -43.05 13.01
C SER H 206 31.61 -42.48 13.49
N CYS H 207 31.07 -42.94 14.62
CA CYS H 207 29.88 -42.29 15.19
C CYS H 207 30.21 -40.92 15.77
N ASP H 208 31.39 -40.77 16.35
CA ASP H 208 31.83 -39.45 16.73
C ASP H 208 31.93 -38.58 15.47
N ASP H 209 32.47 -39.12 14.38
CA ASP H 209 32.63 -38.35 13.14
C ASP H 209 31.28 -37.98 12.59
N ILE H 210 30.30 -38.86 12.73
CA ILE H 210 28.97 -38.52 12.22
C ILE H 210 28.41 -37.33 12.98
N GLN H 211 28.51 -37.39 14.30
CA GLN H 211 28.04 -36.29 15.11
C GLN H 211 28.83 -35.00 14.75
N THR H 212 30.11 -35.13 14.46
CA THR H 212 30.90 -33.92 14.22
C THR H 212 30.53 -33.34 12.85
N PHE H 213 30.49 -34.20 11.84
CA PHE H 213 29.97 -33.88 10.51
C PHE H 213 28.65 -33.15 10.54
N LYS H 214 27.66 -33.70 11.24
CA LYS H 214 26.35 -33.05 11.25
C LYS H 214 26.42 -31.62 11.80
N LEU H 215 27.19 -31.45 12.88
CA LEU H 215 27.38 -30.18 13.49
C LEU H 215 28.13 -29.24 12.55
N VAL H 216 29.25 -29.66 11.98
CA VAL H 216 29.92 -28.78 11.03
C VAL H 216 29.02 -28.40 9.82
N VAL H 217 28.43 -29.39 9.14
CA VAL H 217 27.48 -29.10 8.09
C VAL H 217 26.44 -28.06 8.54
N LYS H 218 25.77 -28.22 9.66
CA LYS H 218 24.73 -27.24 10.01
C LYS H 218 25.28 -25.81 10.26
N THR H 219 26.50 -25.72 10.80
CA THR H 219 27.14 -24.44 11.16
C THR H 219 27.56 -23.64 9.92
N ILE H 220 28.30 -24.26 9.01
CA ILE H 220 28.71 -23.69 7.72
C ILE H 220 27.53 -23.42 6.76
N ALA H 221 26.43 -24.20 6.81
CA ALA H 221 25.31 -23.84 5.94
C ALA H 221 24.76 -22.49 6.42
N ARG H 222 24.73 -22.32 7.75
CA ARG H 222 24.20 -21.10 8.35
C ARG H 222 25.04 -19.89 7.89
N LYS H 223 26.35 -20.02 7.88
CA LYS H 223 27.12 -18.91 7.33
C LYS H 223 26.76 -18.64 5.86
N HIS H 224 26.15 -19.57 5.13
CA HIS H 224 25.80 -19.24 3.74
C HIS H 224 24.34 -18.91 3.61
N GLY H 225 23.70 -18.68 4.72
CA GLY H 225 22.30 -18.29 4.67
C GLY H 225 21.44 -19.49 4.43
N LEU H 226 21.91 -20.67 4.81
CA LEU H 226 21.14 -21.86 4.50
C LEU H 226 20.85 -22.69 5.75
N HIS H 227 19.78 -23.46 5.71
CA HIS H 227 19.48 -24.33 6.81
C HIS H 227 19.76 -25.76 6.39
N ALA H 228 20.74 -26.44 6.95
CA ALA H 228 20.97 -27.85 6.59
C ALA H 228 20.07 -28.67 7.47
N THR H 229 19.48 -29.76 6.98
CA THR H 229 18.65 -30.66 7.78
C THR H 229 18.92 -32.07 7.34
N PHE H 230 18.89 -32.98 8.29
CA PHE H 230 19.10 -34.37 8.05
C PHE H 230 17.81 -35.11 8.25
N MET H 231 16.70 -34.39 8.29
CA MET H 231 15.41 -35.06 8.29
C MET H 231 15.34 -36.04 7.08
N PRO H 232 14.84 -37.25 7.29
CA PRO H 232 14.74 -38.32 6.29
C PRO H 232 14.02 -37.99 4.98
N LYS H 233 12.80 -37.48 5.04
CA LYS H 233 11.95 -37.22 3.87
C LYS H 233 11.25 -35.86 4.04
N PRO H 234 12.04 -34.80 3.80
CA PRO H 234 11.41 -33.49 4.08
C PRO H 234 10.25 -33.19 3.12
N LEU H 235 10.21 -33.84 1.95
CA LEU H 235 9.21 -33.53 0.93
C LEU H 235 8.71 -34.78 0.26
N PHE H 236 7.40 -34.93 0.13
CA PHE H 236 6.91 -36.10 -0.61
C PHE H 236 7.30 -36.04 -2.10
N GLY H 237 7.46 -37.21 -2.74
CA GLY H 237 7.61 -37.29 -4.18
C GLY H 237 9.03 -37.21 -4.72
N VAL H 238 9.99 -36.77 -3.92
CA VAL H 238 11.40 -36.85 -4.31
C VAL H 238 12.20 -37.71 -3.35
N ASN H 239 13.41 -38.10 -3.76
CA ASN H 239 14.29 -38.89 -2.91
C ASN H 239 14.38 -38.36 -1.49
N GLY H 240 14.33 -39.27 -0.50
CA GLY H 240 14.64 -38.91 0.88
C GLY H 240 16.16 -38.95 1.09
N SER H 241 16.64 -38.66 2.30
CA SER H 241 18.05 -38.75 2.63
C SER H 241 18.28 -40.00 3.39
N GLY H 242 19.27 -40.78 2.99
CA GLY H 242 19.60 -41.98 3.74
C GLY H 242 20.92 -41.74 4.41
N MET H 243 21.30 -42.66 5.28
CA MET H 243 22.62 -42.60 5.86
C MET H 243 23.16 -43.99 5.76
N HIS H 244 23.53 -44.38 4.55
CA HIS H 244 23.95 -45.73 4.31
C HIS H 244 25.08 -46.03 5.23
N CYS H 245 25.00 -47.22 5.83
CA CYS H 245 26.03 -47.75 6.72
C CYS H 245 26.88 -48.89 6.09
N ASN H 246 28.05 -48.54 5.57
CA ASN H 246 28.94 -49.55 5.02
C ASN H 246 29.72 -50.20 6.14
N LEU H 247 29.59 -51.52 6.23
CA LEU H 247 30.12 -52.22 7.39
C LEU H 247 31.14 -53.28 6.99
N SER H 248 32.20 -53.37 7.77
CA SER H 248 33.03 -54.54 7.61
C SER H 248 33.73 -55.01 8.93
N LEU H 249 34.22 -56.25 8.99
CA LEU H 249 34.97 -56.74 10.16
C LEU H 249 36.40 -57.02 9.79
N PHE H 250 37.33 -56.36 10.44
CA PHE H 250 38.72 -56.72 10.31
C PHE H 250 39.11 -57.69 11.42
N LYS H 251 39.58 -58.85 11.03
CA LYS H 251 40.08 -59.82 11.97
C LYS H 251 41.56 -59.85 11.67
N ASN H 252 42.41 -59.72 12.68
CA ASN H 252 43.83 -59.77 12.36
C ASN H 252 44.20 -58.65 11.38
N GLY H 253 43.78 -57.40 11.67
CA GLY H 253 44.07 -56.24 10.81
C GLY H 253 43.72 -56.33 9.30
N VAL H 254 42.86 -57.27 8.90
CA VAL H 254 42.56 -57.50 7.49
C VAL H 254 41.06 -57.64 7.31
N ASN H 255 40.57 -57.21 6.15
CA ASN H 255 39.13 -57.33 5.86
C ASN H 255 38.74 -58.82 5.80
N ALA H 256 38.01 -59.25 6.84
CA ALA H 256 37.51 -60.60 7.01
C ALA H 256 36.32 -60.95 6.13
N PHE H 257 35.97 -60.04 5.23
CA PHE H 257 34.79 -60.18 4.39
C PHE H 257 35.18 -60.65 2.98
N PHE H 258 36.46 -60.46 2.62
CA PHE H 258 36.97 -60.69 1.25
C PHE H 258 37.52 -62.09 1.19
N ASP H 259 37.20 -62.75 0.10
CA ASP H 259 37.74 -64.06 -0.15
C ASP H 259 37.87 -64.30 -1.65
N GLU H 260 39.04 -63.99 -2.24
CA GLU H 260 39.20 -64.04 -3.73
C GLU H 260 38.66 -65.31 -4.36
N ASN H 261 39.01 -66.42 -3.78
CA ASN H 261 38.53 -67.68 -4.32
C ASN H 261 37.06 -67.94 -4.06
N ALA H 262 36.42 -67.21 -3.15
CA ALA H 262 35.00 -67.46 -2.86
C ALA H 262 34.09 -67.06 -4.02
N ASP H 263 32.85 -67.52 -3.94
CA ASP H 263 31.85 -67.05 -4.89
C ASP H 263 31.60 -65.57 -4.58
N LEU H 264 31.63 -64.75 -5.64
CA LEU H 264 31.44 -63.30 -5.51
C LEU H 264 32.58 -62.68 -4.69
N GLN H 265 33.63 -63.47 -4.49
CA GLN H 265 34.74 -63.03 -3.67
C GLN H 265 34.24 -62.57 -2.31
N LEU H 266 33.10 -63.12 -1.90
CA LEU H 266 32.62 -62.95 -0.52
C LEU H 266 32.90 -64.19 0.39
N SER H 267 33.72 -63.96 1.42
CA SER H 267 34.05 -64.93 2.45
C SER H 267 32.79 -65.39 3.16
N GLU H 268 32.87 -66.52 3.85
CA GLU H 268 31.73 -67.03 4.62
C GLU H 268 31.37 -66.15 5.85
N THR H 269 32.36 -65.58 6.54
CA THR H 269 31.97 -64.60 7.55
C THR H 269 30.99 -63.56 6.96
N ALA H 270 31.37 -62.96 5.84
CA ALA H 270 30.50 -62.00 5.24
C ALA H 270 29.13 -62.63 4.99
N LYS H 271 29.08 -63.86 4.55
CA LYS H 271 27.76 -64.38 4.19
C LYS H 271 26.89 -64.61 5.45
N HIS H 272 27.57 -64.91 6.56
CA HIS H 272 26.91 -65.10 7.84
C HIS H 272 26.48 -63.74 8.39
N PHE H 273 27.34 -62.75 8.23
CA PHE H 273 27.01 -61.44 8.70
C PHE H 273 25.72 -61.02 8.03
N ILE H 274 25.72 -61.11 6.70
CA ILE H 274 24.59 -60.67 5.92
C ILE H 274 23.35 -61.39 6.43
N ALA H 275 23.48 -62.69 6.66
CA ALA H 275 22.37 -63.49 7.19
C ALA H 275 21.80 -62.90 8.47
N GLY H 276 22.69 -62.50 9.40
CA GLY H 276 22.32 -61.88 10.67
C GLY H 276 21.53 -60.59 10.40
N ILE H 277 22.07 -59.74 9.51
CA ILE H 277 21.43 -58.49 9.14
C ILE H 277 20.01 -58.70 8.65
N VAL H 278 19.85 -59.59 7.66
CA VAL H 278 18.53 -60.00 7.14
C VAL H 278 17.56 -60.56 8.24
N LYS H 279 18.04 -61.50 9.05
CA LYS H 279 17.20 -62.03 10.15
C LYS H 279 16.57 -60.93 11.00
N HIS H 280 17.41 -60.00 11.48
CA HIS H 280 16.90 -58.99 12.39
C HIS H 280 16.44 -57.69 11.75
N ALA H 281 16.63 -57.54 10.44
CA ALA H 281 16.20 -56.33 9.73
C ALA H 281 14.88 -55.71 10.20
N THR H 282 13.78 -56.47 10.19
CA THR H 282 12.47 -55.85 10.56
C THR H 282 12.39 -55.49 12.07
N SER H 283 13.22 -56.13 12.88
CA SER H 283 13.28 -55.82 14.29
C SER H 283 14.11 -54.59 14.65
N PHE H 284 15.16 -54.26 13.88
CA PHE H 284 15.98 -53.12 14.28
C PHE H 284 15.68 -51.80 13.59
N THR H 285 14.65 -51.82 12.78
CA THR H 285 14.24 -50.67 11.99
C THR H 285 13.78 -49.51 12.84
N ALA H 286 13.19 -49.79 14.00
CA ALA H 286 12.67 -48.80 14.92
C ALA H 286 13.86 -47.99 15.42
N VAL H 287 15.03 -48.64 15.55
CA VAL H 287 16.21 -47.89 16.05
C VAL H 287 16.93 -47.17 14.91
N THR H 288 17.06 -47.84 13.76
CA THR H 288 17.73 -47.27 12.58
C THR H 288 16.88 -46.22 11.84
N ASN H 289 15.57 -46.26 12.08
CA ASN H 289 14.58 -45.37 11.51
C ASN H 289 13.69 -44.90 12.64
N PRO H 290 14.21 -43.97 13.43
CA PRO H 290 13.49 -43.77 14.70
C PRO H 290 12.37 -42.77 14.65
N THR H 291 11.99 -42.16 13.52
CA THR H 291 11.01 -41.06 13.58
C THR H 291 9.78 -41.47 12.83
N VAL H 292 8.71 -40.73 12.98
CA VAL H 292 7.52 -41.04 12.27
C VAL H 292 7.92 -40.89 10.83
N ASN H 293 8.68 -39.84 10.55
CA ASN H 293 8.98 -39.44 9.18
C ASN H 293 9.94 -40.42 8.42
N SER H 294 10.80 -41.11 9.15
CA SER H 294 11.61 -42.19 8.56
C SER H 294 10.77 -43.11 7.65
N TYR H 295 9.51 -43.33 7.98
CA TYR H 295 8.74 -44.31 7.24
C TYR H 295 8.17 -43.75 5.97
N LYS H 296 8.15 -42.41 5.82
CA LYS H 296 7.82 -41.77 4.52
C LYS H 296 8.98 -41.93 3.50
N ARG H 297 10.16 -42.32 3.99
CA ARG H 297 11.30 -42.57 3.08
C ARG H 297 11.34 -44.02 2.63
N LEU H 298 10.81 -44.90 3.48
CA LEU H 298 10.93 -46.31 3.24
C LEU H 298 9.77 -46.76 2.33
N VAL H 299 9.61 -46.08 1.18
CA VAL H 299 8.60 -46.42 0.18
C VAL H 299 9.34 -46.80 -1.10
N PRO H 300 8.69 -47.52 -2.03
CA PRO H 300 9.46 -48.05 -3.16
C PRO H 300 9.71 -47.03 -4.28
N GLY H 301 10.90 -47.00 -4.87
CA GLY H 301 11.15 -46.17 -6.04
C GLY H 301 12.18 -45.06 -5.92
N TYR H 302 12.79 -44.89 -4.77
CA TYR H 302 13.63 -43.73 -4.54
C TYR H 302 15.00 -44.14 -4.05
N GLU H 303 15.44 -45.31 -4.49
CA GLU H 303 16.73 -45.85 -4.05
C GLU H 303 16.83 -46.09 -2.50
N ALA H 304 15.68 -46.18 -1.82
CA ALA H 304 15.61 -46.52 -0.42
C ALA H 304 15.14 -47.97 -0.26
N PRO H 305 15.58 -48.65 0.78
CA PRO H 305 15.12 -50.00 1.05
C PRO H 305 13.63 -49.99 1.32
N CYS H 306 12.99 -51.10 0.97
CA CYS H 306 11.57 -51.25 1.16
C CYS H 306 11.32 -52.70 1.65
N TYR H 307 12.30 -53.57 1.36
CA TYR H 307 12.12 -55.00 1.33
C TYR H 307 13.39 -55.59 1.83
N VAL H 308 13.28 -56.63 2.63
CA VAL H 308 14.45 -57.24 3.20
C VAL H 308 15.00 -58.18 2.18
N ALA H 309 16.17 -57.82 1.63
CA ALA H 309 16.97 -58.69 0.75
C ALA H 309 18.31 -58.12 0.57
N TRP H 310 19.21 -58.87 -0.01
CA TRP H 310 20.51 -58.34 -0.38
C TRP H 310 20.88 -58.69 -1.83
N SER H 311 21.87 -58.00 -2.41
CA SER H 311 22.25 -58.13 -3.82
C SER H 311 23.50 -57.36 -4.15
N ALA H 312 24.29 -57.84 -5.11
CA ALA H 312 25.51 -57.16 -5.53
C ALA H 312 25.17 -55.98 -6.46
N GLN H 313 25.77 -54.81 -6.16
CA GLN H 313 25.74 -53.61 -7.00
C GLN H 313 24.36 -53.13 -7.32
N ASN H 314 23.45 -53.32 -6.40
CA ASN H 314 22.04 -53.14 -6.65
C ASN H 314 21.52 -52.16 -5.61
N ARG H 315 20.89 -51.10 -6.08
CA ARG H 315 20.54 -49.99 -5.23
C ARG H 315 19.06 -50.05 -4.82
N SER H 316 18.44 -51.20 -4.98
CA SER H 316 17.04 -51.33 -4.62
C SER H 316 16.71 -52.19 -3.35
N PRO H 317 17.59 -53.12 -2.96
CA PRO H 317 17.33 -53.97 -1.75
C PRO H 317 17.78 -53.30 -0.45
N LEU H 318 17.70 -54.02 0.66
CA LEU H 318 18.17 -53.43 1.92
C LEU H 318 19.68 -53.42 2.01
N ILE H 319 20.30 -54.44 1.43
CA ILE H 319 21.74 -54.62 1.56
C ILE H 319 22.35 -54.67 0.20
N ARG H 320 23.10 -53.64 -0.19
CA ARG H 320 23.87 -53.73 -1.40
C ARG H 320 25.30 -54.13 -1.06
N ILE H 321 25.88 -55.06 -1.84
CA ILE H 321 27.31 -55.33 -1.80
C ILE H 321 28.10 -54.63 -2.92
N PRO H 322 28.71 -53.47 -2.64
CA PRO H 322 29.41 -52.72 -3.71
C PRO H 322 30.49 -53.55 -4.46
N ALA H 323 30.72 -53.20 -5.72
CA ALA H 323 31.62 -53.90 -6.65
C ALA H 323 33.00 -54.02 -6.08
N SER H 324 33.41 -53.02 -5.29
CA SER H 324 34.74 -53.02 -4.64
C SER H 324 35.11 -54.34 -3.97
N ARG H 325 36.40 -54.64 -3.87
CA ARG H 325 36.82 -55.86 -3.16
C ARG H 325 38.14 -55.60 -2.45
N GLY H 326 38.93 -56.63 -2.16
CA GLY H 326 40.13 -56.42 -1.36
C GLY H 326 39.74 -55.73 -0.05
N ILE H 327 40.50 -54.71 0.36
CA ILE H 327 40.25 -54.05 1.63
C ILE H 327 38.91 -53.29 1.67
N SER H 328 38.28 -53.07 0.53
CA SER H 328 37.07 -52.26 0.47
C SER H 328 35.79 -53.06 0.50
N THR H 329 35.93 -54.37 0.65
CA THR H 329 34.80 -55.32 0.59
C THR H 329 33.88 -54.98 1.74
N ARG H 330 32.59 -54.81 1.52
CA ARG H 330 31.77 -54.36 2.66
C ARG H 330 30.31 -54.55 2.45
N VAL H 331 29.55 -54.46 3.51
CA VAL H 331 28.12 -54.68 3.40
C VAL H 331 27.44 -53.34 3.58
N GLU H 332 26.63 -52.93 2.62
CA GLU H 332 26.03 -51.60 2.73
C GLU H 332 24.58 -51.70 3.19
N VAL H 333 24.30 -51.23 4.40
CA VAL H 333 22.93 -51.34 4.93
C VAL H 333 22.24 -50.05 4.69
N ARG H 334 21.38 -50.03 3.67
CA ARG H 334 20.96 -48.71 3.23
C ARG H 334 19.63 -48.21 3.77
N SER H 335 19.13 -48.86 4.80
CA SER H 335 17.90 -48.43 5.44
C SER H 335 18.16 -47.33 6.46
N VAL H 336 19.37 -47.28 7.03
CA VAL H 336 19.57 -46.34 8.12
C VAL H 336 19.33 -44.95 7.60
N ASP H 337 18.70 -44.10 8.39
CA ASP H 337 18.56 -42.73 7.94
C ASP H 337 19.28 -41.80 8.92
N PRO H 338 19.57 -40.57 8.48
CA PRO H 338 20.43 -39.70 9.31
C PRO H 338 19.76 -39.23 10.61
N ALA H 339 18.45 -39.40 10.80
CA ALA H 339 17.82 -39.18 12.10
C ALA H 339 18.20 -40.28 13.13
N ALA H 340 18.68 -41.44 12.73
CA ALA H 340 19.12 -42.41 13.73
C ALA H 340 20.16 -41.88 14.75
N ASN H 341 20.13 -42.39 15.98
CA ASN H 341 21.21 -42.16 16.92
C ASN H 341 22.37 -43.07 16.48
N PRO H 342 23.48 -42.51 15.96
CA PRO H 342 24.51 -43.38 15.41
C PRO H 342 24.88 -44.51 16.38
N TYR H 343 25.02 -44.19 17.65
CA TYR H 343 25.50 -45.15 18.62
C TYR H 343 24.53 -46.33 18.79
N LEU H 344 23.24 -46.03 18.80
CA LEU H 344 22.26 -47.10 18.96
C LEU H 344 22.13 -47.90 17.64
N ALA H 345 22.24 -47.21 16.49
CA ALA H 345 22.08 -47.87 15.21
C ALA H 345 23.21 -48.90 15.00
N LEU H 346 24.43 -48.54 15.36
CA LEU H 346 25.56 -49.44 15.25
C LEU H 346 25.48 -50.56 16.25
N SER H 347 24.95 -50.29 17.44
CA SER H 347 24.83 -51.33 18.49
C SER H 347 23.92 -52.43 18.01
N VAL H 348 22.83 -52.03 17.38
CA VAL H 348 21.82 -52.94 16.87
C VAL H 348 22.25 -53.65 15.57
N LEU H 349 23.11 -53.01 14.80
CA LEU H 349 23.61 -53.56 13.53
C LEU H 349 24.72 -54.56 13.78
N LEU H 350 25.60 -54.21 14.74
CA LEU H 350 26.60 -55.15 15.26
C LEU H 350 25.99 -56.40 15.96
N ALA H 351 24.98 -56.24 16.81
CA ALA H 351 24.29 -57.39 17.40
C ALA H 351 23.61 -58.25 16.34
N ALA H 352 23.05 -57.68 15.25
CA ALA H 352 22.40 -58.55 14.26
C ALA H 352 23.45 -59.34 13.50
N GLY H 353 24.45 -58.61 13.03
CA GLY H 353 25.53 -59.18 12.26
C GLY H 353 26.26 -60.24 13.01
N LEU H 354 26.72 -59.92 14.23
CA LEU H 354 27.33 -60.90 15.16
C LEU H 354 26.45 -62.14 15.47
N ASP H 355 25.14 -61.96 15.60
CA ASP H 355 24.26 -63.10 15.84
C ASP H 355 24.33 -64.04 14.68
N GLY H 356 24.28 -63.51 13.46
CA GLY H 356 24.28 -64.37 12.30
C GLY H 356 25.64 -65.04 12.18
N ILE H 357 26.71 -64.42 12.68
CA ILE H 357 28.01 -65.08 12.62
C ILE H 357 28.20 -66.18 13.68
N LYS H 358 27.61 -66.03 14.87
CA LYS H 358 27.84 -66.95 16.00
C LYS H 358 27.21 -68.26 15.64
N ASN H 359 26.00 -68.17 15.14
CA ASN H 359 25.28 -69.33 14.78
C ASN H 359 25.47 -69.66 13.31
N LYS H 360 26.48 -69.04 12.69
CA LYS H 360 26.77 -69.27 11.29
C LYS H 360 25.50 -69.37 10.40
N LEU H 361 24.60 -68.39 10.45
CA LEU H 361 23.33 -68.47 9.71
C LEU H 361 23.60 -68.44 8.22
N GLU H 362 22.71 -69.03 7.44
CA GLU H 362 22.91 -69.19 6.03
C GLU H 362 22.19 -68.08 5.29
N ALA H 363 22.93 -67.27 4.56
CA ALA H 363 22.30 -66.15 3.90
C ALA H 363 21.22 -66.65 2.93
N PRO H 364 20.17 -65.86 2.72
CA PRO H 364 19.31 -66.28 1.60
C PRO H 364 20.00 -66.04 0.21
N ALA H 365 19.33 -66.42 -0.88
CA ALA H 365 19.87 -66.21 -2.22
C ALA H 365 19.80 -64.70 -2.52
N PRO H 366 20.81 -64.15 -3.19
CA PRO H 366 20.66 -62.74 -3.56
C PRO H 366 19.54 -62.56 -4.51
N ILE H 367 18.89 -61.42 -4.44
CA ILE H 367 17.84 -61.08 -5.36
C ILE H 367 18.47 -60.08 -6.33
N ASP H 368 18.71 -60.55 -7.56
CA ASP H 368 19.40 -59.76 -8.58
C ASP H 368 18.35 -59.24 -9.54
N ARG H 369 17.71 -58.15 -9.15
CA ARG H 369 16.48 -57.69 -9.81
C ARG H 369 16.22 -56.32 -9.28
N ASN H 370 15.41 -55.54 -9.95
CA ASN H 370 14.89 -54.31 -9.37
C ASN H 370 13.69 -54.71 -8.51
N ILE H 371 13.92 -54.86 -7.21
CA ILE H 371 12.89 -55.34 -6.28
C ILE H 371 11.63 -54.50 -6.27
N TYR H 372 11.76 -53.21 -6.58
CA TYR H 372 10.62 -52.29 -6.63
C TYR H 372 9.62 -52.71 -7.66
N VAL H 373 10.03 -53.39 -8.73
CA VAL H 373 9.07 -53.75 -9.79
C VAL H 373 8.60 -55.16 -9.74
N MET H 374 8.99 -55.89 -8.67
CA MET H 374 8.51 -57.26 -8.36
C MET H 374 7.09 -57.32 -7.80
N SER H 375 6.27 -58.24 -8.29
CA SER H 375 4.87 -58.31 -7.89
C SER H 375 4.81 -58.71 -6.43
N LYS H 376 3.71 -58.42 -5.74
CA LYS H 376 3.53 -59.00 -4.39
C LYS H 376 3.68 -60.52 -4.47
N GLU H 377 2.97 -61.14 -5.41
CA GLU H 377 2.99 -62.58 -5.53
C GLU H 377 4.41 -63.08 -5.73
N GLU H 378 5.16 -62.41 -6.59
CA GLU H 378 6.55 -62.78 -6.82
C GLU H 378 7.47 -62.60 -5.57
N ARG H 379 7.26 -61.52 -4.82
CA ARG H 379 8.03 -61.29 -3.62
C ARG H 379 7.78 -62.35 -2.57
N MET H 380 6.52 -62.80 -2.47
CA MET H 380 6.18 -63.93 -1.60
C MET H 380 6.81 -65.21 -2.13
N GLU H 381 6.79 -65.43 -3.45
CA GLU H 381 7.44 -66.60 -4.00
C GLU H 381 8.90 -66.70 -3.50
N ASN H 382 9.52 -65.60 -3.12
CA ASN H 382 10.85 -65.68 -2.53
C ASN H 382 10.66 -65.28 -1.11
N GLY H 383 11.64 -65.44 -0.28
CA GLY H 383 11.39 -65.13 1.12
C GLY H 383 11.23 -63.64 1.42
N ILE H 384 10.82 -62.84 0.45
CA ILE H 384 11.00 -61.40 0.61
C ILE H 384 9.95 -60.70 1.47
N VAL H 385 10.44 -60.16 2.58
CA VAL H 385 9.59 -59.52 3.55
C VAL H 385 9.67 -58.01 3.53
N ASP H 386 8.54 -57.41 3.78
CA ASP H 386 8.47 -55.98 3.95
C ASP H 386 9.06 -55.47 5.27
N LEU H 387 9.76 -54.33 5.20
CA LEU H 387 10.13 -53.60 6.40
C LEU H 387 8.88 -53.08 7.09
N PRO H 388 8.97 -52.74 8.37
CA PRO H 388 7.75 -52.23 8.99
C PRO H 388 7.37 -50.93 8.31
N ALA H 389 6.06 -50.73 8.19
CA ALA H 389 5.46 -49.65 7.43
C ALA H 389 5.22 -48.36 8.20
N THR H 390 5.14 -48.40 9.52
CA THR H 390 5.07 -47.13 10.28
C THR H 390 5.97 -47.32 11.45
N LEU H 391 6.14 -46.26 12.24
CA LEU H 391 6.96 -46.32 13.45
C LEU H 391 6.31 -47.22 14.50
N ALA H 392 4.99 -47.13 14.64
CA ALA H 392 4.29 -48.02 15.55
C ALA H 392 4.61 -49.45 15.15
N GLU H 393 4.48 -49.76 13.87
CA GLU H 393 4.76 -51.13 13.49
C GLU H 393 6.19 -51.55 13.82
N ALA H 394 7.19 -50.67 13.60
CA ALA H 394 8.59 -51.02 13.92
C ALA H 394 8.82 -51.20 15.43
N LEU H 395 8.12 -50.44 16.25
CA LEU H 395 8.26 -50.60 17.70
C LEU H 395 7.77 -51.98 18.18
N GLU H 396 6.64 -52.45 17.62
CA GLU H 396 6.04 -53.71 18.03
C GLU H 396 6.96 -54.85 17.67
N GLU H 397 7.60 -54.77 16.51
CA GLU H 397 8.53 -55.79 16.07
C GLU H 397 9.79 -55.74 16.88
N PHE H 398 10.26 -54.52 17.14
CA PHE H 398 11.47 -54.31 17.91
C PHE H 398 11.36 -54.98 19.29
N LYS H 399 10.27 -54.73 20.00
CA LYS H 399 10.30 -55.18 21.40
C LYS H 399 10.04 -56.68 21.45
N SER H 400 9.45 -57.18 20.39
CA SER H 400 9.15 -58.59 20.31
C SER H 400 10.43 -59.45 20.08
N ASN H 401 11.61 -58.81 20.01
CA ASN H 401 12.86 -59.50 19.61
C ASN H 401 13.95 -59.36 20.67
N GLU H 402 14.37 -60.47 21.20
CA GLU H 402 15.10 -60.41 22.40
C GLU H 402 16.53 -60.02 22.13
N VAL H 403 17.08 -60.45 20.99
CA VAL H 403 18.47 -60.11 20.69
C VAL H 403 18.60 -58.62 20.41
N MET H 404 17.56 -57.97 19.95
CA MET H 404 17.68 -56.52 19.68
C MET H 404 17.48 -55.72 20.94
N VAL H 405 16.46 -56.07 21.72
CA VAL H 405 16.26 -55.44 23.01
C VAL H 405 17.55 -55.55 23.88
N LYS H 406 18.13 -56.73 23.95
CA LYS H 406 19.33 -56.87 24.72
C LYS H 406 20.37 -55.92 24.19
N ALA H 407 20.39 -55.70 22.87
CA ALA H 407 21.38 -54.80 22.22
C ALA H 407 21.36 -53.36 22.76
N LEU H 408 20.20 -52.86 23.17
CA LEU H 408 20.07 -51.57 23.86
C LEU H 408 20.29 -51.58 25.41
N GLY H 409 19.89 -52.66 26.10
CA GLY H 409 19.97 -52.66 27.55
C GLY H 409 18.72 -52.08 28.16
N GLU H 410 18.43 -52.41 29.40
CA GLU H 410 17.18 -52.04 30.06
C GLU H 410 16.83 -50.56 30.02
N HIS H 411 17.77 -49.73 30.45
CA HIS H 411 17.49 -48.32 30.59
C HIS H 411 17.15 -47.66 29.23
N LEU H 412 18.01 -47.92 28.25
CA LEU H 412 17.82 -47.46 26.88
C LEU H 412 16.58 -48.02 26.20
N PHE H 413 16.31 -49.30 26.42
CA PHE H 413 15.17 -49.90 25.81
C PHE H 413 13.88 -49.32 26.41
N GLU H 414 13.81 -49.16 27.72
CA GLU H 414 12.62 -48.52 28.27
C GLU H 414 12.46 -47.03 27.91
N HIS H 415 13.50 -46.21 28.04
CA HIS H 415 13.38 -44.80 27.63
C HIS H 415 13.10 -44.59 26.12
N PHE H 416 13.73 -45.41 25.27
CA PHE H 416 13.52 -45.31 23.82
C PHE H 416 12.03 -45.57 23.52
N ILE H 417 11.45 -46.58 24.14
CA ILE H 417 10.08 -46.93 23.85
C ILE H 417 9.13 -45.97 24.40
N GLU H 418 9.39 -45.49 25.58
CA GLU H 418 8.54 -44.49 26.16
C GLU H 418 8.53 -43.19 25.31
N ALA H 419 9.69 -42.77 24.77
CA ALA H 419 9.75 -41.47 24.07
C ALA H 419 9.08 -41.65 22.74
N LYS H 420 9.31 -42.81 22.08
CA LYS H 420 8.73 -43.06 20.78
C LYS H 420 7.23 -43.35 20.83
N GLU H 421 6.74 -43.81 21.94
CA GLU H 421 5.31 -44.02 22.00
C GLU H 421 4.66 -42.71 22.24
N ILE H 422 5.25 -41.85 23.06
CA ILE H 422 4.69 -40.53 23.21
C ILE H 422 4.61 -39.78 21.87
N GLU H 423 5.64 -39.93 21.07
CA GLU H 423 5.77 -39.26 19.79
C GLU H 423 4.80 -39.83 18.75
N TRP H 424 4.64 -41.15 18.73
CA TRP H 424 3.67 -41.79 17.86
C TRP H 424 2.25 -41.38 18.28
N ASP H 425 2.03 -41.26 19.57
CA ASP H 425 0.71 -40.95 19.99
C ASP H 425 0.43 -39.47 19.62
N MET H 426 1.43 -38.59 19.72
CA MET H 426 1.16 -37.21 19.37
C MET H 426 0.75 -37.20 17.93
N PHE H 427 1.59 -37.79 17.07
CA PHE H 427 1.33 -37.88 15.62
C PHE H 427 -0.05 -38.42 15.25
N ARG H 428 -0.43 -39.51 15.89
CA ARG H 428 -1.66 -40.24 15.59
C ARG H 428 -2.92 -39.46 15.86
N THR H 429 -2.90 -38.58 16.85
CA THR H 429 -4.10 -37.96 17.34
C THR H 429 -4.20 -36.67 16.64
N GLN H 430 -3.13 -36.26 16.03
CA GLN H 430 -3.15 -35.00 15.27
C GLN H 430 -4.09 -35.09 14.04
N VAL H 431 -4.72 -33.98 13.70
CA VAL H 431 -5.55 -33.89 12.51
C VAL H 431 -4.76 -33.03 11.49
N HIS H 432 -4.24 -33.65 10.43
CA HIS H 432 -3.38 -32.90 9.47
C HIS H 432 -4.12 -32.24 8.32
N PRO H 433 -3.52 -31.16 7.77
CA PRO H 433 -4.18 -30.47 6.66
C PRO H 433 -4.69 -31.42 5.59
N TRP H 434 -3.93 -32.48 5.32
CA TRP H 434 -4.29 -33.43 4.25
C TRP H 434 -5.67 -34.05 4.52
N GLU H 435 -5.97 -34.32 5.80
CA GLU H 435 -7.26 -34.88 6.15
C GLU H 435 -8.34 -33.83 5.88
N ARG H 436 -8.09 -32.56 6.18
CA ARG H 436 -9.11 -31.57 5.82
C ARG H 436 -9.29 -31.36 4.32
N GLU H 437 -8.20 -31.37 3.56
CA GLU H 437 -8.31 -31.22 2.12
C GLU H 437 -9.14 -32.35 1.54
N GLN H 438 -8.95 -33.55 2.05
CA GLN H 438 -9.55 -34.74 1.49
C GLN H 438 -10.97 -34.95 1.95
N TYR H 439 -11.33 -34.41 3.11
CA TYR H 439 -12.57 -34.86 3.77
C TYR H 439 -13.52 -33.75 4.13
N MET H 440 -13.02 -32.52 4.34
CA MET H 440 -13.86 -31.43 4.82
C MET H 440 -14.95 -31.02 3.89
N SER H 441 -14.75 -31.30 2.63
CA SER H 441 -15.73 -30.90 1.60
C SER H 441 -16.36 -32.09 1.09
N GLN H 442 -15.64 -33.22 1.15
CA GLN H 442 -16.10 -34.45 0.56
C GLN H 442 -17.25 -34.95 1.41
N TYR H 443 -17.18 -34.66 2.72
CA TYR H 443 -18.12 -35.19 3.72
C TYR H 443 -18.72 -34.05 4.55
N ALA I 1 41.99 -6.51 52.68
CA ALA I 1 43.30 -5.96 52.35
C ALA I 1 43.65 -6.23 50.89
N LYS I 2 42.87 -5.67 49.98
CA LYS I 2 43.13 -5.87 48.57
C LYS I 2 43.78 -4.61 48.01
N TYR I 3 43.16 -3.45 48.19
CA TYR I 3 43.73 -2.22 47.65
C TYR I 3 43.77 -1.12 48.69
N THR I 4 44.80 -0.29 48.61
CA THR I 4 44.90 0.88 49.47
C THR I 4 44.80 2.13 48.62
N ARG I 5 44.48 3.25 49.25
CA ARG I 5 44.35 4.48 48.50
C ARG I 5 45.53 4.63 47.51
N GLU I 6 46.76 4.36 47.94
CA GLU I 6 47.93 4.43 47.06
C GLU I 6 47.87 3.47 45.89
N ASP I 7 47.47 2.23 46.14
CA ASP I 7 47.27 1.32 45.01
C ASP I 7 46.35 1.99 43.98
N ILE I 8 45.15 2.37 44.40
CA ILE I 8 44.15 2.98 43.52
C ILE I 8 44.68 4.18 42.75
N GLU I 9 45.39 5.08 43.42
CA GLU I 9 45.99 6.23 42.74
C GLU I 9 47.03 5.78 41.72
N LYS I 10 47.73 4.70 42.02
CA LYS I 10 48.68 4.20 41.08
C LYS I 10 47.98 3.48 39.90
N LEU I 11 46.96 2.70 40.17
CA LEU I 11 46.34 1.91 39.11
C LEU I 11 45.74 2.86 38.12
N VAL I 12 44.99 3.82 38.67
CA VAL I 12 44.32 4.84 37.90
C VAL I 12 45.28 5.52 36.93
N LYS I 13 46.50 5.76 37.37
CA LYS I 13 47.46 6.43 36.50
C LYS I 13 48.03 5.44 35.46
N GLU I 14 48.47 4.30 35.92
CA GLU I 14 49.03 3.34 34.99
C GLU I 14 48.02 2.85 33.96
N GLU I 15 46.76 2.62 34.38
CA GLU I 15 45.73 2.11 33.45
C GLU I 15 45.11 3.23 32.63
N ASN I 16 45.50 4.44 32.99
CA ASN I 16 45.05 5.61 32.30
C ASN I 16 43.56 5.80 32.42
N VAL I 17 43.04 5.49 33.61
CA VAL I 17 41.61 5.66 33.90
C VAL I 17 41.22 7.13 33.77
N LYS I 18 40.11 7.39 33.11
CA LYS I 18 39.71 8.75 32.80
C LYS I 18 38.45 9.16 33.53
N TYR I 19 37.66 8.20 34.02
CA TYR I 19 36.44 8.53 34.77
C TYR I 19 36.25 7.49 35.83
N ILE I 20 35.49 7.84 36.86
CA ILE I 20 35.30 6.95 38.00
C ILE I 20 33.80 6.81 38.19
N ARG I 21 33.31 5.59 38.35
CA ARG I 21 31.88 5.45 38.64
C ARG I 21 31.74 5.05 40.08
N LEU I 22 30.89 5.75 40.78
CA LEU I 22 30.61 5.40 42.16
C LEU I 22 29.27 4.73 42.20
N GLN I 23 29.22 3.43 42.43
CA GLN I 23 27.92 2.77 42.37
C GLN I 23 27.43 2.25 43.72
N PHE I 24 26.12 2.30 43.92
CA PHE I 24 25.49 1.57 45.04
C PHE I 24 24.18 0.87 44.59
N THR I 25 23.48 0.21 45.52
CA THR I 25 22.27 -0.56 45.24
C THR I 25 21.12 -0.03 46.05
N ASP I 26 19.94 0.10 45.46
CA ASP I 26 18.77 0.55 46.24
C ASP I 26 18.06 -0.63 46.86
N ILE I 27 16.93 -0.37 47.51
CA ILE I 27 16.16 -1.36 48.27
C ILE I 27 15.59 -2.47 47.32
N LEU I 28 15.20 -2.11 46.10
CA LEU I 28 14.82 -3.16 45.15
C LEU I 28 15.95 -3.96 44.53
N GLY I 29 17.19 -3.63 44.85
CA GLY I 29 18.31 -4.33 44.21
C GLY I 29 18.82 -3.67 42.94
N THR I 30 18.23 -2.55 42.56
CA THR I 30 18.68 -1.83 41.38
C THR I 30 19.95 -1.04 41.55
N ILE I 31 20.91 -1.37 40.71
CA ILE I 31 22.19 -0.67 40.66
C ILE I 31 22.02 0.83 40.27
N LYS I 32 22.70 1.69 41.01
CA LYS I 32 22.65 3.10 40.81
C LYS I 32 24.07 3.62 40.75
N ASN I 33 24.30 4.68 39.98
CA ASN I 33 25.65 5.26 39.92
C ASN I 33 25.69 6.67 39.41
N VAL I 34 26.76 7.36 39.77
CA VAL I 34 27.09 8.69 39.27
C VAL I 34 28.52 8.59 38.73
N GLU I 35 28.87 9.37 37.73
CA GLU I 35 30.20 9.29 37.17
C GLU I 35 30.95 10.59 37.40
N ILE I 36 32.23 10.52 37.64
CA ILE I 36 32.99 11.73 37.92
C ILE I 36 34.34 11.69 37.20
N PRO I 37 34.80 12.83 36.69
CA PRO I 37 36.09 12.68 36.05
C PRO I 37 37.16 12.37 37.08
N VAL I 38 38.23 11.74 36.59
CA VAL I 38 39.28 11.20 37.43
C VAL I 38 39.96 12.33 38.22
N SER I 39 39.71 13.58 37.84
CA SER I 39 40.32 14.70 38.54
C SER I 39 39.66 14.84 39.91
N GLN I 40 38.46 14.28 40.04
CA GLN I 40 37.72 14.27 41.31
C GLN I 40 37.95 13.03 42.15
N LEU I 41 38.89 12.17 41.78
CA LEU I 41 39.20 10.99 42.57
C LEU I 41 39.44 11.29 44.05
N GLY I 42 40.21 12.33 44.34
CA GLY I 42 40.49 12.70 45.71
C GLY I 42 39.23 13.10 46.45
N LYS I 43 38.36 13.87 45.78
CA LYS I 43 37.12 14.19 46.46
C LYS I 43 36.35 12.88 46.80
N ALA I 44 36.40 11.87 45.95
CA ALA I 44 35.60 10.67 46.14
C ALA I 44 36.25 9.82 47.22
N LEU I 45 37.56 9.76 47.23
CA LEU I 45 38.27 8.93 48.20
C LEU I 45 38.28 9.62 49.55
N ASP I 46 37.80 10.84 49.64
CA ASP I 46 37.62 11.48 50.92
C ASP I 46 36.18 11.35 51.34
N ASN I 47 35.38 10.53 50.67
CA ASN I 47 33.98 10.39 51.08
C ASN I 47 33.22 11.73 51.13
N LYS I 48 33.39 12.54 50.09
CA LYS I 48 32.80 13.86 50.05
C LYS I 48 31.75 13.95 48.94
N VAL I 49 31.60 12.90 48.16
CA VAL I 49 30.67 12.94 47.04
C VAL I 49 29.27 12.69 47.58
N MET I 50 28.31 13.54 47.23
CA MET I 50 26.98 13.49 47.81
C MET I 50 25.90 13.12 46.79
N PHE I 51 24.67 12.86 47.24
CA PHE I 51 23.60 12.62 46.29
C PHE I 51 22.27 12.82 46.93
N ASP I 52 21.22 12.88 46.12
CA ASP I 52 19.86 13.05 46.63
C ASP I 52 19.24 11.70 47.08
N GLY I 53 19.47 11.36 48.36
CA GLY I 53 18.91 10.12 48.90
C GLY I 53 17.39 10.09 48.90
N SER I 54 16.76 11.17 48.53
CA SER I 54 15.31 11.24 48.54
C SER I 54 14.77 10.68 47.18
N SER I 55 15.71 10.48 46.24
CA SER I 55 15.34 10.06 44.90
C SER I 55 15.74 8.60 44.65
N ILE I 56 16.24 7.95 45.68
CA ILE I 56 16.56 6.53 45.58
C ILE I 56 15.50 5.77 46.36
N GLU I 57 14.88 4.81 45.66
CA GLU I 57 13.89 3.96 46.23
C GLU I 57 14.36 3.37 47.58
N GLY I 58 13.58 3.68 48.61
CA GLY I 58 13.73 3.07 49.92
C GLY I 58 14.67 3.81 50.88
N PHE I 59 15.28 4.90 50.43
CA PHE I 59 16.24 5.58 51.31
C PHE I 59 15.59 6.62 52.24
N VAL I 60 15.97 7.89 52.09
CA VAL I 60 15.50 8.89 53.07
C VAL I 60 14.46 9.79 52.49
N ARG I 61 13.98 10.74 53.27
CA ARG I 61 12.97 11.59 52.70
C ARG I 61 13.44 12.99 52.30
N ILE I 62 12.60 13.62 51.47
CA ILE I 62 12.95 14.84 50.76
C ILE I 62 13.54 15.94 51.67
N GLU I 63 13.07 16.04 52.93
CA GLU I 63 13.49 17.12 53.86
C GLU I 63 14.78 16.83 54.56
N GLU I 64 15.36 15.68 54.27
CA GLU I 64 16.57 15.25 54.92
C GLU I 64 17.42 14.51 53.83
N SER I 65 17.41 15.04 52.62
CA SER I 65 17.81 14.25 51.47
C SER I 65 19.32 14.06 51.31
N ASP I 66 20.09 15.03 51.80
CA ASP I 66 21.53 14.98 51.61
C ASP I 66 22.09 13.70 52.22
N MET I 67 22.81 12.92 51.38
CA MET I 67 23.40 11.67 51.76
C MET I 67 24.77 11.65 51.16
N TYR I 68 25.66 10.79 51.67
CA TYR I 68 27.06 10.75 51.19
C TYR I 68 27.46 9.40 50.65
N LEU I 69 28.51 9.34 49.84
CA LEU I 69 29.00 8.07 49.27
C LEU I 69 30.40 7.81 49.76
N TYR I 70 30.61 6.61 50.32
CA TYR I 70 31.94 6.20 50.78
C TYR I 70 32.45 5.00 49.95
N PRO I 71 33.32 5.26 48.97
CA PRO I 71 33.83 4.14 48.18
C PRO I 71 34.56 3.13 49.04
N ASP I 72 34.24 1.86 48.77
CA ASP I 72 34.94 0.70 49.24
C ASP I 72 36.10 0.34 48.28
N LEU I 73 37.33 0.69 48.70
CA LEU I 73 38.52 0.54 47.85
C LEU I 73 38.69 -0.81 47.15
N ASN I 74 38.14 -1.86 47.70
CA ASN I 74 38.47 -3.19 47.24
C ASN I 74 37.57 -3.59 46.09
N THR I 75 36.61 -2.74 45.76
CA THR I 75 35.73 -2.98 44.63
C THR I 75 36.20 -2.26 43.35
N PHE I 76 37.43 -1.75 43.29
CA PHE I 76 37.93 -1.16 42.06
C PHE I 76 37.87 -2.08 40.84
N VAL I 77 37.22 -1.67 39.76
CA VAL I 77 37.16 -2.50 38.55
C VAL I 77 37.03 -1.61 37.31
N ILE I 78 37.86 -1.87 36.31
CA ILE I 78 37.77 -1.21 35.02
C ILE I 78 36.75 -1.83 34.04
N PHE I 79 35.88 -1.03 33.44
CA PHE I 79 34.95 -1.56 32.47
C PHE I 79 35.62 -1.49 31.10
N PRO I 80 36.05 -2.65 30.54
CA PRO I 80 36.77 -2.71 29.26
C PRO I 80 36.05 -2.08 28.05
N TRP I 81 34.78 -2.36 27.87
CA TRP I 81 34.04 -1.75 26.79
C TRP I 81 34.03 -0.17 26.79
N THR I 82 34.47 0.44 27.89
CA THR I 82 34.55 1.89 27.90
C THR I 82 35.95 2.44 27.58
N ALA I 83 36.91 1.59 27.24
CA ALA I 83 38.31 2.03 27.20
C ALA I 83 38.62 2.81 25.92
N GLU I 84 37.94 2.46 24.83
CA GLU I 84 38.15 3.11 23.54
C GLU I 84 37.84 4.61 23.53
N LYS I 85 36.69 5.04 24.06
CA LYS I 85 36.36 6.48 24.09
C LYS I 85 36.71 7.25 25.41
N GLY I 86 36.82 6.54 26.54
CA GLY I 86 37.16 7.15 27.84
C GLY I 86 37.08 6.18 29.04
N LYS I 87 38.21 5.52 29.35
CA LYS I 87 38.30 4.41 30.26
C LYS I 87 37.67 4.71 31.65
N VAL I 88 36.84 3.79 32.14
CA VAL I 88 36.04 3.99 33.33
C VAL I 88 36.40 2.90 34.30
N ALA I 89 36.82 3.33 35.52
CA ALA I 89 36.92 2.49 36.74
C ALA I 89 35.73 2.72 37.69
N ARG I 90 35.28 1.69 38.37
CA ARG I 90 34.11 1.84 39.25
C ARG I 90 34.53 1.57 40.71
N PHE I 91 33.70 1.99 41.66
CA PHE I 91 33.81 1.65 43.11
C PHE I 91 32.46 1.39 43.63
N ILE I 92 32.24 0.29 44.36
CA ILE I 92 30.97 0.14 45.06
C ILE I 92 31.05 0.99 46.37
N CYS I 93 29.96 1.67 46.73
CA CYS I 93 29.97 2.53 47.90
C CYS I 93 28.96 2.21 49.01
N ASP I 94 29.27 2.69 50.21
CA ASP I 94 28.41 2.53 51.38
C ASP I 94 27.72 3.90 51.60
N ILE I 95 26.46 3.91 52.00
CA ILE I 95 25.78 5.15 52.19
C ILE I 95 25.91 5.65 53.62
N TYR I 96 26.34 6.90 53.74
CA TYR I 96 26.48 7.52 55.03
C TYR I 96 25.56 8.73 55.22
N ASN I 97 25.09 9.01 56.46
CA ASN I 97 24.33 10.24 56.72
C ASN I 97 25.21 11.46 56.80
N PRO I 98 24.64 12.64 56.73
CA PRO I 98 25.60 13.77 56.80
C PRO I 98 26.29 13.99 58.19
N ASP I 99 25.79 13.41 59.27
CA ASP I 99 26.55 13.45 60.53
C ASP I 99 27.77 12.52 60.57
N GLY I 100 27.92 11.60 59.64
CA GLY I 100 29.08 10.72 59.67
C GLY I 100 28.81 9.26 60.01
N THR I 101 27.60 8.99 60.50
CA THR I 101 27.20 7.62 60.81
C THR I 101 26.68 6.79 59.59
N PRO I 102 26.90 5.49 59.58
CA PRO I 102 26.35 4.76 58.45
C PRO I 102 24.86 4.94 58.38
N PHE I 103 24.30 4.79 57.20
CA PHE I 103 22.88 4.89 56.99
C PHE I 103 22.27 3.54 57.35
N GLU I 104 21.20 3.53 58.13
CA GLU I 104 20.59 2.28 58.59
C GLU I 104 19.79 1.57 57.50
N GLY I 105 19.60 2.25 56.36
CA GLY I 105 18.72 1.74 55.32
C GLY I 105 19.46 1.16 54.16
N ASP I 106 20.79 1.17 54.24
CA ASP I 106 21.65 0.72 53.16
C ASP I 106 21.77 -0.81 53.12
N PRO I 107 21.12 -1.47 52.15
CA PRO I 107 21.13 -2.94 52.05
C PRO I 107 22.50 -3.60 52.23
N ARG I 108 23.55 -3.12 51.56
CA ARG I 108 24.88 -3.73 51.70
C ARG I 108 25.39 -3.63 53.15
N ASN I 109 25.35 -2.42 53.70
CA ASN I 109 25.61 -2.25 55.11
C ASN I 109 24.86 -3.26 56.01
N ASN I 110 23.57 -3.48 55.76
CA ASN I 110 22.83 -4.46 56.50
C ASN I 110 23.36 -5.93 56.45
N LEU I 111 23.91 -6.33 55.32
CA LEU I 111 24.42 -7.67 55.16
C LEU I 111 25.68 -7.76 56.01
N LYS I 112 26.40 -6.66 56.14
CA LYS I 112 27.60 -6.61 56.95
C LYS I 112 27.29 -6.95 58.39
N ARG I 113 26.21 -6.35 58.87
CA ARG I 113 25.76 -6.47 60.26
C ARG I 113 25.37 -7.95 60.59
N ILE I 114 24.61 -8.61 59.72
CA ILE I 114 24.27 -10.01 59.91
C ILE I 114 25.51 -10.84 59.83
N LEU I 115 26.49 -10.45 59.01
CA LEU I 115 27.78 -11.13 59.00
C LEU I 115 28.57 -11.02 60.31
N LYS I 116 28.30 -9.98 61.09
CA LYS I 116 28.99 -9.77 62.31
C LYS I 116 28.41 -10.75 63.32
N GLU I 117 27.12 -11.05 63.19
CA GLU I 117 26.47 -12.11 63.95
C GLU I 117 26.98 -13.49 63.55
N MET I 118 27.48 -13.61 62.34
CA MET I 118 28.11 -14.85 61.92
C MET I 118 29.48 -14.97 62.59
N GLU I 119 30.19 -13.87 62.66
CA GLU I 119 31.46 -13.91 63.38
C GLU I 119 31.31 -14.16 64.85
N ASP I 120 30.25 -13.67 65.45
CA ASP I 120 30.04 -13.83 66.89
C ASP I 120 29.84 -15.30 67.20
N LEU I 121 29.29 -16.06 66.25
CA LEU I 121 29.09 -17.51 66.39
C LEU I 121 30.35 -18.28 65.98
N GLY I 122 31.39 -17.59 65.55
CA GLY I 122 32.64 -18.25 65.27
C GLY I 122 32.95 -18.72 63.84
N PHE I 123 32.43 -18.06 62.83
CA PHE I 123 32.76 -18.49 61.49
C PHE I 123 33.57 -17.43 60.77
N SER I 124 34.60 -17.86 60.04
CA SER I 124 35.48 -16.98 59.27
C SER I 124 34.71 -16.31 58.14
N ASP I 125 33.93 -17.08 57.34
CA ASP I 125 33.22 -16.52 56.18
C ASP I 125 32.02 -17.28 55.75
N PHE I 126 31.17 -16.59 54.99
CA PHE I 126 29.92 -17.13 54.45
C PHE I 126 30.03 -17.04 52.94
N ASN I 127 30.11 -18.18 52.27
CA ASN I 127 30.34 -18.16 50.83
C ASN I 127 29.10 -18.35 50.07
N LEU I 128 28.97 -17.55 49.05
CA LEU I 128 27.83 -17.57 48.18
C LEU I 128 28.31 -17.93 46.78
N GLY I 129 27.69 -18.91 46.15
CA GLY I 129 27.85 -19.14 44.71
C GLY I 129 26.55 -18.92 43.95
N PRO I 130 26.34 -17.72 43.39
CA PRO I 130 25.14 -17.33 42.64
C PRO I 130 25.08 -17.99 41.24
N GLU I 131 23.95 -18.46 40.75
CA GLU I 131 23.90 -18.74 39.30
C GLU I 131 22.61 -18.07 38.74
N PRO I 132 22.71 -16.80 38.36
CA PRO I 132 21.43 -16.19 38.02
C PRO I 132 21.16 -16.31 36.54
N GLU I 133 20.27 -17.23 36.14
CA GLU I 133 19.82 -17.44 34.76
C GLU I 133 19.19 -16.18 34.17
N PHE I 134 19.11 -16.08 32.85
CA PHE I 134 18.43 -14.92 32.18
C PHE I 134 17.91 -15.33 30.79
N PHE I 135 17.07 -14.53 30.22
CA PHE I 135 16.52 -14.79 28.94
C PHE I 135 17.06 -13.70 28.01
N LEU I 136 17.12 -14.05 26.73
CA LEU I 136 17.46 -13.11 25.68
C LEU I 136 16.25 -12.86 24.77
N PHE I 137 15.79 -11.62 24.70
CA PHE I 137 14.74 -11.27 23.75
C PHE I 137 15.34 -10.42 22.64
N LYS I 138 14.86 -10.58 21.42
CA LYS I 138 15.28 -9.71 20.31
C LYS I 138 14.83 -8.27 20.48
N LEU I 139 15.72 -7.32 20.23
CA LEU I 139 15.28 -5.91 20.14
C LEU I 139 14.66 -5.65 18.81
N ASP I 140 13.82 -4.62 18.72
CA ASP I 140 13.29 -4.13 17.42
C ASP I 140 14.18 -3.02 16.81
N GLU I 141 13.69 -2.36 15.75
CA GLU I 141 14.42 -1.26 15.08
C GLU I 141 14.46 0.01 15.96
N LYS I 142 13.57 0.14 16.94
CA LYS I 142 13.66 1.26 17.84
C LYS I 142 14.56 0.97 19.08
N GLY I 143 15.25 -0.17 19.10
CA GLY I 143 16.05 -0.55 20.26
C GLY I 143 15.20 -0.97 21.47
N GLU I 144 13.95 -1.35 21.24
CA GLU I 144 13.08 -1.75 22.37
C GLU I 144 12.83 -3.26 22.38
N PRO I 145 12.80 -3.88 23.55
CA PRO I 145 12.66 -5.33 23.48
C PRO I 145 11.30 -5.75 22.98
N THR I 146 11.27 -6.79 22.18
CA THR I 146 10.02 -7.52 21.84
C THR I 146 9.88 -8.81 22.68
N LEU I 147 8.81 -9.59 22.43
CA LEU I 147 8.65 -10.92 23.03
C LEU I 147 9.21 -12.08 22.18
N GLU I 148 10.07 -11.80 21.21
CA GLU I 148 10.67 -12.88 20.45
C GLU I 148 11.87 -13.32 21.21
N LEU I 149 11.91 -14.59 21.52
CA LEU I 149 13.06 -15.13 22.25
C LEU I 149 14.18 -15.18 21.27
N ASN I 150 15.42 -14.99 21.68
CA ASN I 150 16.52 -15.03 20.69
C ASN I 150 16.66 -16.36 19.89
N ASP I 151 16.17 -17.50 20.39
CA ASP I 151 16.34 -18.80 19.71
C ASP I 151 15.26 -19.75 20.27
N LYS I 152 15.16 -20.97 19.77
CA LYS I 152 14.22 -21.90 20.34
C LYS I 152 15.01 -23.09 20.88
N GLY I 153 16.25 -22.88 21.26
CA GLY I 153 17.07 -23.90 21.90
C GLY I 153 16.60 -24.36 23.29
N GLY I 154 17.29 -25.38 23.80
CA GLY I 154 17.00 -26.02 25.06
C GLY I 154 18.32 -26.29 25.79
N TYR I 155 18.28 -27.22 26.75
CA TYR I 155 19.35 -27.37 27.69
C TYR I 155 20.57 -27.97 27.00
N PHE I 156 21.69 -27.24 27.09
CA PHE I 156 22.99 -27.70 26.60
C PHE I 156 22.95 -27.84 25.12
N ASP I 157 22.02 -27.17 24.46
CA ASP I 157 22.01 -27.24 23.00
C ASP I 157 23.19 -26.56 22.29
N LEU I 158 23.49 -27.00 21.06
CA LEU I 158 24.70 -26.63 20.29
C LEU I 158 24.25 -25.60 19.31
N ALA I 159 25.15 -24.74 18.83
CA ALA I 159 24.76 -23.84 17.80
C ALA I 159 24.30 -24.56 16.58
N PRO I 160 23.51 -23.82 15.78
CA PRO I 160 22.36 -23.34 15.04
C PRO I 160 21.07 -23.36 15.93
N THR I 161 20.88 -24.35 16.79
CA THR I 161 19.66 -24.38 17.62
C THR I 161 19.83 -23.40 18.76
N ASP I 162 21.03 -23.41 19.33
CA ASP I 162 21.51 -22.39 20.21
C ASP I 162 22.08 -21.23 19.38
N LEU I 163 21.43 -20.07 19.41
CA LEU I 163 21.94 -18.88 18.72
C LEU I 163 22.38 -17.91 19.78
N GLY I 164 22.84 -18.45 20.88
CA GLY I 164 23.28 -17.58 21.95
C GLY I 164 24.76 -17.73 22.23
N GLU I 165 25.43 -18.63 21.50
CA GLU I 165 26.86 -18.82 21.75
C GLU I 165 27.58 -17.52 21.51
N ASN I 166 27.21 -16.79 20.46
CA ASN I 166 27.85 -15.49 20.16
C ASN I 166 27.86 -14.62 21.40
N CYS I 167 26.66 -14.33 21.91
CA CYS I 167 26.52 -13.32 22.92
C CYS I 167 27.23 -13.78 24.23
N ARG I 168 26.87 -14.94 24.74
CA ARG I 168 27.55 -15.48 25.92
C ARG I 168 29.05 -15.44 25.76
N ARG I 169 29.51 -15.78 24.57
CA ARG I 169 30.94 -15.78 24.34
C ARG I 169 31.48 -14.41 24.66
N ASP I 170 30.80 -13.33 24.23
CA ASP I 170 31.28 -11.98 24.49
C ASP I 170 31.06 -11.57 25.97
N ILE I 171 30.03 -12.11 26.60
CA ILE I 171 29.78 -11.76 27.98
C ILE I 171 30.95 -12.31 28.78
N VAL I 172 31.32 -13.52 28.42
CA VAL I 172 32.35 -14.22 29.14
C VAL I 172 33.63 -13.43 28.90
N LEU I 173 33.83 -12.89 27.71
CA LEU I 173 35.08 -12.16 27.47
C LEU I 173 35.16 -10.94 28.39
N GLU I 174 34.09 -10.15 28.48
CA GLU I 174 34.11 -8.98 29.36
C GLU I 174 34.37 -9.39 30.77
N LEU I 175 33.58 -10.34 31.27
CA LEU I 175 33.73 -10.83 32.67
C LEU I 175 35.16 -11.37 32.98
N GLU I 176 35.71 -12.21 32.08
CA GLU I 176 37.04 -12.76 32.32
C GLU I 176 37.99 -11.62 32.47
N GLU I 177 37.90 -10.65 31.56
CA GLU I 177 38.76 -9.46 31.65
C GLU I 177 38.56 -8.53 32.84
N MET I 178 37.37 -8.49 33.43
CA MET I 178 37.14 -7.69 34.64
C MET I 178 37.50 -8.50 35.90
N GLY I 179 38.07 -9.69 35.73
CA GLY I 179 38.55 -10.46 36.85
C GLY I 179 37.65 -11.57 37.38
N PHE I 180 36.47 -11.80 36.83
CA PHE I 180 35.71 -12.98 37.22
C PHE I 180 36.39 -14.32 36.93
N GLU I 181 36.29 -15.26 37.86
CA GLU I 181 36.54 -16.67 37.61
C GLU I 181 35.32 -17.38 37.01
N ILE I 182 35.18 -17.39 35.70
CA ILE I 182 34.07 -18.06 35.04
C ILE I 182 34.20 -19.61 35.06
N GLU I 183 33.10 -20.31 35.26
CA GLU I 183 33.19 -21.74 35.46
C GLU I 183 32.51 -22.48 34.33
N ALA I 184 31.38 -21.99 33.88
CA ALA I 184 30.76 -22.64 32.73
C ALA I 184 29.83 -21.70 32.00
N SER I 185 29.38 -22.13 30.81
CA SER I 185 28.43 -21.35 30.00
C SER I 185 27.54 -22.27 29.17
N HIS I 186 26.23 -22.04 29.14
CA HIS I 186 25.40 -22.89 28.28
C HIS I 186 24.02 -22.35 28.06
N HIS I 187 23.37 -22.81 26.98
CA HIS I 187 21.93 -22.76 26.88
C HIS I 187 21.22 -23.55 28.01
N GLU I 188 20.10 -23.04 28.46
CA GLU I 188 19.47 -23.52 29.67
C GLU I 188 18.11 -24.03 29.19
N VAL I 189 17.18 -24.44 30.04
CA VAL I 189 16.14 -25.37 29.57
C VAL I 189 15.12 -24.74 28.63
N ALA I 190 14.71 -23.51 28.93
CA ALA I 190 13.66 -22.84 28.14
C ALA I 190 14.13 -22.14 26.88
N PRO I 191 13.20 -21.95 25.92
CA PRO I 191 13.68 -21.25 24.73
C PRO I 191 14.30 -19.91 25.15
N GLY I 192 15.46 -19.57 24.58
CA GLY I 192 16.04 -18.27 24.78
C GLY I 192 16.58 -18.03 26.17
N GLN I 193 16.94 -19.07 26.89
CA GLN I 193 17.36 -18.95 28.29
C GLN I 193 18.82 -19.39 28.36
N HIS I 194 19.56 -18.77 29.26
CA HIS I 194 21.00 -18.92 29.27
C HIS I 194 21.55 -18.83 30.67
N GLU I 195 22.66 -19.50 30.87
CA GLU I 195 23.33 -19.48 32.13
C GLU I 195 24.82 -19.27 31.91
N ILE I 196 25.43 -18.43 32.76
CA ILE I 196 26.88 -18.28 32.83
C ILE I 196 27.27 -18.34 34.27
N ASP I 197 28.01 -19.37 34.65
CA ASP I 197 28.35 -19.61 36.09
C ASP I 197 29.72 -19.07 36.47
N PHE I 198 29.88 -18.70 37.72
CA PHE I 198 31.14 -18.19 38.12
C PHE I 198 31.42 -18.62 39.54
N LYS I 199 32.67 -18.83 39.86
CA LYS I 199 33.15 -19.11 41.20
C LYS I 199 32.48 -18.33 42.36
N TYR I 200 32.10 -19.03 43.40
CA TYR I 200 31.66 -18.39 44.65
C TYR I 200 32.68 -17.38 45.23
N ALA I 201 32.20 -16.45 46.06
CA ALA I 201 33.09 -15.69 46.91
C ALA I 201 32.42 -15.45 48.27
N GLY I 202 33.06 -14.67 49.14
CA GLY I 202 32.42 -14.27 50.37
C GLY I 202 31.17 -13.46 50.15
N ALA I 203 30.12 -13.72 50.89
CA ALA I 203 28.85 -12.96 50.73
C ALA I 203 28.94 -11.52 50.21
N VAL I 204 29.75 -10.64 50.76
CA VAL I 204 29.65 -9.26 50.28
C VAL I 204 30.18 -9.08 48.82
N ARG I 205 31.30 -9.73 48.52
CA ARG I 205 31.92 -9.79 47.23
C ARG I 205 30.99 -10.56 46.27
N SER I 206 30.39 -11.63 46.74
CA SER I 206 29.42 -12.32 45.91
C SER I 206 28.22 -11.46 45.52
N CYS I 207 27.66 -10.64 46.41
CA CYS I 207 26.56 -9.77 46.01
C CYS I 207 27.02 -8.63 45.08
N ASP I 208 28.26 -8.15 45.25
CA ASP I 208 28.81 -7.14 44.38
C ASP I 208 28.93 -7.75 42.97
N ASP I 209 29.45 -8.98 42.91
CA ASP I 209 29.54 -9.72 41.63
C ASP I 209 28.23 -9.88 40.92
N ILE I 210 27.20 -10.38 41.60
CA ILE I 210 25.86 -10.42 41.02
C ILE I 210 25.43 -9.06 40.43
N GLN I 211 25.69 -7.98 41.12
CA GLN I 211 25.30 -6.69 40.57
C GLN I 211 26.17 -6.39 39.30
N THR I 212 27.45 -6.70 39.36
CA THR I 212 28.34 -6.35 38.28
C THR I 212 27.97 -7.30 37.12
N PHE I 213 27.58 -8.53 37.45
CA PHE I 213 27.25 -9.53 36.46
C PHE I 213 26.00 -9.13 35.65
N LYS I 214 24.94 -8.67 36.33
CA LYS I 214 23.70 -8.35 35.66
C LYS I 214 24.00 -7.14 34.74
N LEU I 215 24.87 -6.25 35.21
CA LEU I 215 25.23 -5.08 34.47
C LEU I 215 25.92 -5.47 33.19
N VAL I 216 26.83 -6.45 33.24
CA VAL I 216 27.69 -6.74 32.07
C VAL I 216 26.88 -7.53 31.05
N VAL I 217 26.07 -8.47 31.53
CA VAL I 217 25.20 -9.23 30.65
C VAL I 217 24.29 -8.30 29.81
N LYS I 218 23.68 -7.29 30.43
CA LYS I 218 22.69 -6.49 29.78
C LYS I 218 23.37 -5.63 28.74
N THR I 219 24.53 -5.10 29.08
CA THR I 219 25.33 -4.33 28.14
C THR I 219 25.78 -5.15 26.93
N ILE I 220 26.34 -6.34 27.14
CA ILE I 220 26.94 -7.00 26.00
C ILE I 220 25.80 -7.51 25.15
N ALA I 221 24.66 -7.77 25.79
CA ALA I 221 23.53 -8.33 25.07
C ALA I 221 23.00 -7.25 24.14
N ARG I 222 22.95 -6.01 24.63
CA ARG I 222 22.53 -4.93 23.77
C ARG I 222 23.46 -4.78 22.53
N LYS I 223 24.78 -4.95 22.69
CA LYS I 223 25.66 -4.94 21.52
C LYS I 223 25.31 -6.02 20.50
N HIS I 224 24.59 -7.08 20.87
CA HIS I 224 24.23 -8.09 19.87
C HIS I 224 22.79 -7.92 19.50
N GLY I 225 22.31 -6.70 19.74
CA GLY I 225 20.91 -6.41 19.51
C GLY I 225 19.94 -7.33 20.22
N LEU I 226 20.26 -7.63 21.48
CA LEU I 226 19.39 -8.45 22.30
C LEU I 226 19.10 -7.69 23.60
N HIS I 227 17.95 -7.98 24.18
CA HIS I 227 17.60 -7.49 25.50
C HIS I 227 17.71 -8.63 26.50
N ALA I 228 18.63 -8.52 27.47
CA ALA I 228 18.79 -9.51 28.56
C ALA I 228 17.91 -9.15 29.71
N THR I 229 17.18 -10.11 30.28
CA THR I 229 16.33 -9.81 31.46
C THR I 229 16.42 -10.91 32.48
N PHE I 230 16.44 -10.50 33.76
CA PHE I 230 16.42 -11.40 34.92
C PHE I 230 15.01 -11.50 35.55
N MET I 231 13.95 -11.01 34.88
CA MET I 231 12.57 -11.28 35.32
C MET I 231 12.41 -12.76 35.60
N PRO I 232 11.78 -13.13 36.70
CA PRO I 232 11.66 -14.54 37.12
C PRO I 232 10.93 -15.46 36.11
N LYS I 233 9.76 -15.03 35.67
CA LYS I 233 8.93 -15.86 34.83
C LYS I 233 8.40 -15.05 33.63
N PRO I 234 9.23 -14.79 32.61
CA PRO I 234 8.79 -13.91 31.50
C PRO I 234 7.62 -14.50 30.76
N LEU I 235 7.52 -15.82 30.68
CA LEU I 235 6.42 -16.45 29.97
C LEU I 235 5.79 -17.69 30.69
N PHE I 236 4.46 -17.73 30.75
CA PHE I 236 3.73 -18.87 31.26
C PHE I 236 4.05 -20.17 30.48
N GLY I 237 3.90 -21.36 31.09
CA GLY I 237 4.23 -22.64 30.48
C GLY I 237 5.65 -23.14 30.24
N VAL I 238 6.69 -22.31 30.39
CA VAL I 238 8.14 -22.72 30.21
C VAL I 238 8.86 -22.39 31.49
N ASN I 239 10.10 -22.80 31.63
CA ASN I 239 10.81 -22.54 32.88
C ASN I 239 10.92 -21.03 33.21
N GLY I 240 10.98 -20.73 34.50
CA GLY I 240 11.32 -19.39 34.95
C GLY I 240 12.82 -19.29 35.12
N SER I 241 13.32 -18.13 35.52
CA SER I 241 14.72 -18.00 35.88
C SER I 241 14.92 -18.06 37.40
N GLY I 242 15.89 -18.83 37.83
CA GLY I 242 16.21 -18.78 39.26
C GLY I 242 17.49 -18.07 39.52
N MET I 243 17.76 -17.75 40.79
CA MET I 243 19.10 -17.36 41.14
C MET I 243 19.53 -18.22 42.28
N HIS I 244 19.74 -19.48 41.97
CA HIS I 244 20.07 -20.46 43.00
C HIS I 244 21.18 -19.97 43.87
N CYS I 245 21.03 -20.12 45.18
CA CYS I 245 22.07 -19.62 46.13
C CYS I 245 22.79 -20.73 46.78
N ASN I 246 24.03 -20.97 46.33
CA ASN I 246 24.83 -22.00 46.94
C ASN I 246 25.49 -21.38 48.19
N LEU I 247 25.10 -21.88 49.37
CA LEU I 247 25.57 -21.35 50.63
C LEU I 247 26.57 -22.27 51.31
N SER I 248 27.53 -21.70 52.00
CA SER I 248 28.34 -22.52 52.87
C SER I 248 29.05 -21.66 53.92
N LEU I 249 29.35 -22.26 55.08
CA LEU I 249 30.03 -21.56 56.19
C LEU I 249 31.44 -22.10 56.36
N PHE I 250 32.44 -21.24 56.40
CA PHE I 250 33.80 -21.68 56.66
C PHE I 250 34.30 -21.33 58.06
N LYS I 251 35.29 -22.06 58.56
CA LYS I 251 35.77 -21.85 59.94
C LYS I 251 37.22 -22.24 59.96
N ASN I 252 38.07 -21.37 60.46
CA ASN I 252 39.48 -21.67 60.30
C ASN I 252 39.78 -21.86 58.80
N GLY I 253 39.07 -21.17 57.90
CA GLY I 253 39.26 -21.42 56.47
C GLY I 253 38.94 -22.84 55.97
N VAL I 254 38.00 -23.52 56.58
CA VAL I 254 37.65 -24.84 56.10
C VAL I 254 36.14 -24.92 56.04
N ASN I 255 35.68 -25.65 55.05
CA ASN I 255 34.26 -25.84 54.87
C ASN I 255 33.64 -26.54 56.09
N ALA I 256 32.87 -25.82 56.90
CA ALA I 256 32.26 -26.39 58.10
C ALA I 256 31.12 -27.38 57.83
N PHE I 257 30.80 -27.55 56.55
CA PHE I 257 29.58 -28.27 56.17
C PHE I 257 29.85 -29.74 55.85
N PHE I 258 31.12 -30.04 55.61
CA PHE I 258 31.60 -31.37 55.23
C PHE I 258 32.02 -32.17 56.43
N ASP I 259 31.60 -33.41 56.49
CA ASP I 259 31.99 -34.34 57.56
C ASP I 259 31.99 -35.71 56.96
N GLU I 260 33.11 -36.14 56.37
CA GLU I 260 33.11 -37.44 55.64
C GLU I 260 32.68 -38.63 56.47
N ASN I 261 32.83 -38.56 57.79
CA ASN I 261 32.41 -39.70 58.58
C ASN I 261 30.94 -39.61 58.96
N ALA I 262 30.25 -38.52 58.59
CA ALA I 262 28.81 -38.39 58.93
C ALA I 262 27.92 -39.10 57.91
N ASP I 263 26.62 -39.17 58.18
CA ASP I 263 25.68 -39.63 57.16
C ASP I 263 25.64 -38.55 56.06
N LEU I 264 25.60 -38.98 54.79
CA LEU I 264 25.63 -38.06 53.64
C LEU I 264 26.82 -37.12 53.73
N GLN I 265 27.82 -37.43 54.55
CA GLN I 265 28.99 -36.57 54.72
C GLN I 265 28.66 -35.15 54.95
N LEU I 266 27.46 -34.93 55.51
CA LEU I 266 27.00 -33.63 55.99
C LEU I 266 27.16 -33.49 57.51
N SER I 267 27.98 -32.52 57.90
CA SER I 267 28.27 -32.23 59.29
C SER I 267 27.04 -31.74 60.12
N GLU I 268 27.26 -31.49 61.38
CA GLU I 268 26.18 -31.14 62.30
C GLU I 268 25.77 -29.70 61.98
N THR I 269 26.76 -28.87 61.74
CA THR I 269 26.51 -27.49 61.44
C THR I 269 25.60 -27.36 60.23
N ALA I 270 25.93 -28.12 59.20
CA ALA I 270 25.11 -28.17 57.98
C ALA I 270 23.69 -28.51 58.31
N LYS I 271 23.53 -29.57 59.10
CA LYS I 271 22.23 -30.07 59.40
C LYS I 271 21.43 -29.04 60.15
N HIS I 272 22.04 -28.43 61.16
CA HIS I 272 21.41 -27.35 61.94
C HIS I 272 21.03 -26.16 61.06
N PHE I 273 22.00 -25.68 60.27
CA PHE I 273 21.82 -24.64 59.27
C PHE I 273 20.61 -24.92 58.35
N ILE I 274 20.55 -26.11 57.76
CA ILE I 274 19.43 -26.51 56.93
C ILE I 274 18.13 -26.47 57.74
N ALA I 275 18.21 -26.82 59.01
CA ALA I 275 17.03 -26.72 59.86
C ALA I 275 16.60 -25.27 60.00
N GLY I 276 17.57 -24.34 60.13
CA GLY I 276 17.29 -22.91 60.18
C GLY I 276 16.56 -22.39 58.92
N ILE I 277 17.06 -22.80 57.76
CA ILE I 277 16.46 -22.44 56.48
C ILE I 277 15.04 -22.95 56.33
N VAL I 278 14.84 -24.21 56.62
CA VAL I 278 13.53 -24.83 56.51
C VAL I 278 12.50 -24.15 57.43
N LYS I 279 12.93 -23.84 58.66
CA LYS I 279 12.10 -23.14 59.64
C LYS I 279 11.65 -21.79 59.12
N HIS I 280 12.58 -20.93 58.74
CA HIS I 280 12.15 -19.60 58.34
C HIS I 280 11.80 -19.43 56.84
N ALA I 281 11.95 -20.52 56.06
CA ALA I 281 11.64 -20.52 54.64
C ALA I 281 10.37 -19.77 54.30
N THR I 282 9.20 -20.26 54.71
CA THR I 282 7.95 -19.57 54.35
C THR I 282 7.88 -18.11 54.75
N SER I 283 8.82 -17.70 55.64
CA SER I 283 8.91 -16.35 56.18
C SER I 283 9.83 -15.38 55.47
N PHE I 284 10.98 -15.88 54.98
CA PHE I 284 11.91 -15.02 54.22
C PHE I 284 11.61 -14.93 52.71
N THR I 285 10.58 -15.66 52.27
CA THR I 285 10.30 -15.77 50.84
C THR I 285 9.91 -14.42 50.24
N ALA I 286 9.35 -13.53 51.07
CA ALA I 286 8.92 -12.23 50.61
C ALA I 286 10.20 -11.51 50.20
N VAL I 287 11.29 -11.76 50.91
CA VAL I 287 12.53 -11.08 50.59
C VAL I 287 13.23 -11.73 49.38
N THR I 288 13.36 -13.04 49.40
CA THR I 288 14.07 -13.74 48.35
C THR I 288 13.27 -13.86 47.02
N ASN I 289 11.98 -13.58 47.07
CA ASN I 289 11.11 -13.54 45.91
C ASN I 289 10.22 -12.30 46.07
N PRO I 290 10.79 -11.16 45.75
CA PRO I 290 10.14 -9.90 46.14
C PRO I 290 9.20 -9.28 45.13
N THR I 291 8.89 -9.95 44.04
CA THR I 291 7.98 -9.39 43.06
C THR I 291 6.73 -10.23 42.92
N VAL I 292 5.72 -9.67 42.31
CA VAL I 292 4.51 -10.39 42.04
C VAL I 292 4.86 -11.55 41.10
N ASN I 293 5.55 -11.27 40.03
CA ASN I 293 5.91 -12.28 39.07
C ASN I 293 6.71 -13.44 39.68
N SER I 294 7.35 -13.23 40.84
CA SER I 294 8.18 -14.26 41.49
C SER I 294 7.36 -15.47 41.80
N TYR I 295 6.10 -15.22 42.08
CA TYR I 295 5.21 -16.27 42.55
C TYR I 295 4.69 -17.09 41.37
N LYS I 296 4.73 -16.55 40.18
CA LYS I 296 4.43 -17.34 38.99
C LYS I 296 5.57 -18.35 38.64
N ARG I 297 6.77 -18.17 39.18
CA ARG I 297 7.80 -19.19 38.95
C ARG I 297 7.67 -20.31 40.00
N LEU I 298 7.04 -19.95 41.12
CA LEU I 298 7.03 -20.83 42.28
C LEU I 298 5.82 -21.73 42.14
N VAL I 299 5.73 -22.38 40.99
CA VAL I 299 4.74 -23.40 40.71
C VAL I 299 5.40 -24.75 40.37
N PRO I 300 4.71 -25.85 40.66
CA PRO I 300 5.33 -27.17 40.43
C PRO I 300 5.54 -27.51 38.93
N GLY I 301 6.66 -28.17 38.59
CA GLY I 301 6.89 -28.69 37.24
C GLY I 301 8.01 -28.00 36.46
N TYR I 302 8.75 -27.12 37.11
CA TYR I 302 9.66 -26.32 36.35
C TYR I 302 11.03 -26.27 36.99
N GLU I 303 11.27 -27.16 37.92
CA GLU I 303 12.56 -27.22 38.60
C GLU I 303 12.75 -25.98 39.49
N ALA I 304 11.65 -25.37 39.89
CA ALA I 304 11.64 -24.34 40.90
C ALA I 304 10.92 -24.91 42.16
N PRO I 305 11.35 -24.49 43.37
CA PRO I 305 10.77 -24.94 44.63
C PRO I 305 9.31 -24.55 44.74
N CYS I 306 8.58 -25.39 45.43
CA CYS I 306 7.17 -25.20 45.62
C CYS I 306 6.82 -25.38 47.12
N TYR I 307 7.64 -26.21 47.76
CA TYR I 307 7.35 -26.84 49.01
C TYR I 307 8.61 -26.82 49.85
N VAL I 308 8.48 -26.50 51.11
CA VAL I 308 9.60 -26.48 52.01
C VAL I 308 10.04 -27.90 52.35
N ALA I 309 11.12 -28.37 51.71
CA ALA I 309 11.78 -29.63 52.11
C ALA I 309 13.18 -29.55 51.55
N TRP I 310 14.00 -30.53 51.82
CA TRP I 310 15.36 -30.58 51.22
C TRP I 310 15.68 -32.04 50.80
N SER I 311 16.73 -32.27 50.03
CA SER I 311 17.04 -33.61 49.57
C SER I 311 18.39 -33.55 48.90
N ALA I 312 19.10 -34.65 48.77
CA ALA I 312 20.37 -34.64 48.02
C ALA I 312 20.09 -34.78 46.48
N GLN I 313 20.83 -34.02 45.65
CA GLN I 313 20.84 -34.27 44.24
C GLN I 313 19.46 -34.35 43.58
N ASN I 314 18.55 -33.59 44.18
CA ASN I 314 17.16 -33.57 43.79
C ASN I 314 16.83 -32.11 43.35
N ARG I 315 16.16 -31.93 42.20
CA ARG I 315 15.91 -30.57 41.72
C ARG I 315 14.42 -30.16 41.91
N SER I 316 13.72 -30.94 42.73
CA SER I 316 12.33 -30.60 43.00
C SER I 316 12.02 -29.90 44.37
N PRO I 317 12.88 -30.04 45.40
CA PRO I 317 12.61 -29.43 46.70
C PRO I 317 13.05 -27.96 46.81
N LEU I 318 12.87 -27.36 47.98
CA LEU I 318 13.38 -26.04 48.19
C LEU I 318 14.90 -26.03 48.38
N ILE I 319 15.45 -27.05 49.04
CA ILE I 319 16.91 -27.09 49.25
C ILE I 319 17.46 -28.35 48.68
N ARG I 320 18.37 -28.23 47.73
CA ARG I 320 19.06 -29.37 47.13
C ARG I 320 20.47 -29.45 47.69
N ILE I 321 20.94 -30.64 48.07
CA ILE I 321 22.36 -30.80 48.39
C ILE I 321 23.10 -31.47 47.25
N PRO I 322 23.80 -30.68 46.41
CA PRO I 322 24.59 -31.21 45.28
C PRO I 322 25.55 -32.32 45.68
N ALA I 323 25.86 -33.21 44.75
CA ALA I 323 26.72 -34.38 45.00
C ALA I 323 28.10 -34.00 45.55
N SER I 324 28.68 -32.90 45.12
CA SER I 324 30.06 -32.63 45.49
C SER I 324 30.25 -32.46 47.01
N ARG I 325 31.39 -32.94 47.52
CA ARG I 325 31.71 -32.81 48.94
C ARG I 325 33.07 -32.16 49.02
N GLY I 326 33.75 -32.33 50.16
CA GLY I 326 35.01 -31.64 50.35
C GLY I 326 34.81 -30.13 50.32
N ILE I 327 35.76 -29.39 49.75
CA ILE I 327 35.68 -27.94 49.82
C ILE I 327 34.41 -27.42 49.15
N SER I 328 33.76 -28.25 48.35
CA SER I 328 32.59 -27.89 47.59
C SER I 328 31.26 -28.26 48.26
N THR I 329 31.27 -28.80 49.47
CA THR I 329 30.02 -29.14 50.15
C THR I 329 29.21 -27.89 50.33
N ARG I 330 27.96 -27.86 49.90
CA ARG I 330 27.21 -26.60 49.89
C ARG I 330 25.71 -26.81 50.02
N VAL I 331 24.99 -25.84 50.55
CA VAL I 331 23.55 -25.98 50.58
C VAL I 331 22.96 -25.06 49.52
N GLU I 332 22.26 -25.63 48.54
CA GLU I 332 21.77 -24.84 47.42
C GLU I 332 20.30 -24.50 47.69
N VAL I 333 20.00 -23.19 47.80
CA VAL I 333 18.63 -22.75 48.11
C VAL I 333 18.03 -22.31 46.85
N ARG I 334 17.09 -23.06 46.33
CA ARG I 334 16.69 -22.76 44.96
C ARG I 334 15.52 -21.84 44.87
N SER I 335 15.02 -21.32 45.99
CA SER I 335 13.86 -20.46 45.82
C SER I 335 14.31 -19.07 45.37
N VAL I 336 15.52 -18.63 45.68
CA VAL I 336 15.81 -17.24 45.41
C VAL I 336 15.65 -16.95 43.88
N ASP I 337 15.13 -15.79 43.48
CA ASP I 337 15.12 -15.50 42.05
C ASP I 337 15.99 -14.27 41.77
N PRO I 338 16.36 -14.05 40.50
CA PRO I 338 17.31 -12.97 40.21
C PRO I 338 16.66 -11.57 40.28
N ALA I 339 15.40 -11.49 40.68
CA ALA I 339 14.87 -10.18 41.05
C ALA I 339 15.12 -9.87 42.52
N ALA I 340 15.62 -10.80 43.33
CA ALA I 340 15.85 -10.52 44.77
C ALA I 340 16.93 -9.47 44.87
N ASN I 341 16.94 -8.65 45.91
CA ASN I 341 18.07 -7.78 46.19
C ASN I 341 19.17 -8.67 46.74
N PRO I 342 20.32 -8.70 46.08
CA PRO I 342 21.22 -9.73 46.58
C PRO I 342 21.61 -9.53 48.09
N TYR I 343 21.86 -8.30 48.54
CA TYR I 343 22.25 -8.09 49.96
C TYR I 343 21.17 -8.50 50.99
N LEU I 344 19.92 -8.20 50.70
CA LEU I 344 18.91 -8.49 51.63
C LEU I 344 18.61 -9.96 51.57
N ALA I 345 18.80 -10.61 50.41
CA ALA I 345 18.53 -12.08 50.36
C ALA I 345 19.59 -12.80 51.17
N LEU I 346 20.86 -12.50 50.93
CA LEU I 346 21.89 -13.05 51.83
C LEU I 346 21.59 -12.78 53.32
N SER I 347 21.10 -11.59 53.67
CA SER I 347 20.97 -11.18 55.05
C SER I 347 19.93 -12.04 55.78
N VAL I 348 18.83 -12.34 55.10
CA VAL I 348 17.74 -13.15 55.64
C VAL I 348 18.10 -14.65 55.59
N LEU I 349 18.87 -15.10 54.58
CA LEU I 349 19.26 -16.51 54.51
C LEU I 349 20.29 -16.82 55.57
N LEU I 350 21.23 -15.91 55.79
CA LEU I 350 22.23 -16.06 56.86
C LEU I 350 21.58 -16.04 58.23
N ALA I 351 20.74 -15.04 58.48
CA ALA I 351 20.00 -14.98 59.72
C ALA I 351 19.28 -16.29 60.00
N ALA I 352 18.48 -16.77 59.03
CA ALA I 352 17.78 -18.06 59.22
C ALA I 352 18.74 -19.21 59.53
N GLY I 353 19.85 -19.23 58.81
CA GLY I 353 20.81 -20.31 58.95
C GLY I 353 21.37 -20.27 60.35
N LEU I 354 21.83 -19.08 60.76
CA LEU I 354 22.44 -18.86 62.04
C LEU I 354 21.45 -19.10 63.20
N ASP I 355 20.15 -18.96 62.99
CA ASP I 355 19.22 -19.29 64.07
C ASP I 355 19.26 -20.80 64.25
N GLY I 356 19.39 -21.52 63.15
CA GLY I 356 19.41 -22.96 63.21
C GLY I 356 20.56 -23.55 64.02
N ILE I 357 21.75 -23.02 63.75
CA ILE I 357 22.95 -23.39 64.47
C ILE I 357 22.99 -22.94 65.97
N LYS I 358 22.64 -21.67 66.22
CA LYS I 358 22.56 -21.11 67.57
C LYS I 358 21.70 -21.95 68.51
N ASN I 359 20.53 -22.36 68.06
CA ASN I 359 19.64 -23.18 68.86
C ASN I 359 19.76 -24.58 68.47
N LYS I 360 20.88 -24.94 67.84
CA LYS I 360 21.04 -26.31 67.38
C LYS I 360 19.71 -26.98 66.93
N LEU I 361 18.92 -26.42 66.01
CA LEU I 361 17.62 -27.05 65.67
C LEU I 361 17.84 -28.37 64.91
N GLU I 362 16.85 -29.24 64.94
CA GLU I 362 16.95 -30.54 64.31
C GLU I 362 16.37 -30.44 62.89
N ALA I 363 17.13 -30.85 61.88
CA ALA I 363 16.64 -30.83 60.52
C ALA I 363 15.55 -31.87 60.39
N PRO I 364 14.59 -31.65 59.49
CA PRO I 364 13.56 -32.61 59.09
C PRO I 364 14.15 -33.79 58.29
N ALA I 365 13.43 -34.90 58.22
CA ALA I 365 13.87 -36.01 57.37
C ALA I 365 13.86 -35.49 55.94
N PRO I 366 14.94 -35.70 55.17
CA PRO I 366 14.94 -35.31 53.76
C PRO I 366 13.88 -36.07 52.99
N ILE I 367 13.19 -35.37 52.11
CA ILE I 367 12.16 -35.96 51.30
C ILE I 367 12.83 -36.41 50.01
N ASP I 368 13.05 -37.69 49.84
CA ASP I 368 13.85 -38.13 48.74
C ASP I 368 12.99 -38.54 47.58
N ARG I 369 12.19 -37.59 47.09
CA ARG I 369 11.45 -37.81 45.83
C ARG I 369 11.10 -36.57 45.11
N ASN I 370 10.35 -36.78 44.05
CA ASN I 370 9.76 -35.69 43.25
C ASN I 370 8.54 -35.14 43.98
N ILE I 371 8.77 -34.19 44.88
CA ILE I 371 7.69 -33.49 45.57
C ILE I 371 6.52 -33.09 44.65
N TYR I 372 6.79 -32.68 43.39
CA TYR I 372 5.75 -32.28 42.43
C TYR I 372 4.69 -33.41 42.33
N VAL I 373 5.10 -34.65 42.12
CA VAL I 373 4.15 -35.75 41.92
C VAL I 373 3.61 -36.40 43.21
N MET I 374 3.72 -35.72 44.34
CA MET I 374 3.10 -36.15 45.61
C MET I 374 1.71 -35.55 45.76
N SER I 375 0.78 -36.34 46.30
CA SER I 375 -0.58 -35.90 46.50
C SER I 375 -0.66 -34.96 47.69
N LYS I 376 -1.80 -34.29 47.85
CA LYS I 376 -1.99 -33.40 49.01
C LYS I 376 -1.85 -34.19 50.32
N GLU I 377 -2.39 -35.41 50.31
CA GLU I 377 -2.33 -36.30 51.46
C GLU I 377 -0.86 -36.57 51.85
N GLU I 378 -0.11 -37.21 50.95
CA GLU I 378 1.29 -37.55 51.22
C GLU I 378 2.05 -36.40 51.93
N ARG I 379 1.90 -35.19 51.37
CA ARG I 379 2.68 -34.04 51.79
C ARG I 379 2.38 -33.65 53.23
N MET I 380 1.08 -33.51 53.52
CA MET I 380 0.59 -33.33 54.89
C MET I 380 1.13 -34.37 55.85
N GLU I 381 0.97 -35.65 55.51
CA GLU I 381 1.50 -36.72 56.33
C GLU I 381 3.00 -36.63 56.51
N ASN I 382 3.70 -35.94 55.63
CA ASN I 382 5.14 -35.77 55.86
C ASN I 382 5.54 -34.45 56.50
N GLY I 383 4.56 -33.59 56.74
CA GLY I 383 4.84 -32.33 57.36
C GLY I 383 5.41 -31.35 56.36
N ILE I 384 5.11 -31.54 55.09
CA ILE I 384 5.63 -30.66 54.04
C ILE I 384 4.75 -29.44 53.85
N VAL I 385 5.33 -28.30 54.15
CA VAL I 385 4.62 -27.03 54.14
C VAL I 385 4.77 -26.35 52.79
N ASP I 386 3.76 -25.61 52.36
CA ASP I 386 3.83 -24.93 51.06
C ASP I 386 4.50 -23.57 51.18
N LEU I 387 5.27 -23.17 50.16
CA LEU I 387 5.74 -21.81 50.13
C LEU I 387 4.55 -20.86 50.00
N PRO I 388 4.73 -19.58 50.38
CA PRO I 388 3.63 -18.61 50.21
C PRO I 388 3.30 -18.55 48.74
N ALA I 389 2.03 -18.34 48.40
CA ALA I 389 1.59 -18.50 47.01
C ALA I 389 1.42 -17.16 46.29
N THR I 390 1.47 -16.05 47.01
CA THR I 390 1.47 -14.76 46.34
C THR I 390 2.39 -13.86 47.12
N LEU I 391 2.74 -12.71 46.55
CA LEU I 391 3.58 -11.80 47.26
C LEU I 391 2.85 -11.37 48.55
N ALA I 392 1.53 -11.22 48.52
CA ALA I 392 0.79 -10.77 49.72
C ALA I 392 0.88 -11.80 50.82
N GLU I 393 0.62 -13.07 50.51
CA GLU I 393 0.86 -14.09 51.55
C GLU I 393 2.29 -14.02 52.06
N ALA I 394 3.31 -13.89 51.21
CA ALA I 394 4.69 -13.87 51.74
C ALA I 394 4.97 -12.72 52.70
N LEU I 395 4.34 -11.58 52.44
CA LEU I 395 4.53 -10.42 53.28
C LEU I 395 3.99 -10.70 54.66
N GLU I 396 2.77 -11.28 54.75
CA GLU I 396 2.13 -11.56 56.04
C GLU I 396 3.01 -12.51 56.88
N GLU I 397 3.43 -13.61 56.26
CA GLU I 397 4.38 -14.51 56.86
C GLU I 397 5.62 -13.77 57.34
N PHE I 398 6.23 -12.95 56.48
CA PHE I 398 7.47 -12.25 56.86
C PHE I 398 7.24 -11.39 58.12
N LYS I 399 6.16 -10.60 58.13
CA LYS I 399 5.87 -9.82 59.31
C LYS I 399 5.79 -10.61 60.64
N SER I 400 5.23 -11.79 60.61
CA SER I 400 5.04 -12.40 61.91
C SER I 400 6.28 -13.15 62.41
N ASN I 401 7.42 -12.92 61.78
CA ASN I 401 8.65 -13.59 62.18
C ASN I 401 9.67 -12.58 62.71
N GLU I 402 9.86 -12.56 64.01
CA GLU I 402 10.71 -11.56 64.61
C GLU I 402 12.09 -11.75 64.08
N VAL I 403 12.57 -12.98 63.94
CA VAL I 403 13.99 -13.12 63.60
C VAL I 403 14.34 -12.65 62.17
N MET I 404 13.40 -12.79 61.22
CA MET I 404 13.52 -12.26 59.87
C MET I 404 13.36 -10.74 59.86
N VAL I 405 12.33 -10.26 60.53
CA VAL I 405 12.11 -8.85 60.63
C VAL I 405 13.35 -8.18 61.20
N LYS I 406 13.97 -8.83 62.17
CA LYS I 406 15.09 -8.19 62.79
C LYS I 406 16.30 -8.29 61.88
N ALA I 407 16.36 -9.36 61.04
CA ALA I 407 17.43 -9.49 60.01
C ALA I 407 17.46 -8.26 59.03
N LEU I 408 16.30 -7.62 58.85
CA LEU I 408 16.23 -6.48 57.95
C LEU I 408 16.58 -5.22 58.61
N GLY I 409 16.35 -5.05 59.92
CA GLY I 409 16.61 -3.74 60.52
C GLY I 409 15.31 -2.98 60.49
N GLU I 410 15.21 -1.81 61.11
CA GLU I 410 13.89 -1.16 61.20
C GLU I 410 13.53 -0.40 59.93
N HIS I 411 14.53 0.28 59.39
CA HIS I 411 14.30 1.18 58.30
C HIS I 411 13.95 0.31 57.07
N LEU I 412 14.83 -0.63 56.72
CA LEU I 412 14.62 -1.52 55.61
C LEU I 412 13.31 -2.29 55.70
N PHE I 413 13.03 -2.86 56.87
CA PHE I 413 11.83 -3.62 57.06
C PHE I 413 10.61 -2.78 56.73
N GLU I 414 10.49 -1.69 57.47
CA GLU I 414 9.44 -0.74 57.27
C GLU I 414 9.38 -0.25 55.78
N HIS I 415 10.50 0.08 55.14
CA HIS I 415 10.43 0.55 53.75
C HIS I 415 10.14 -0.56 52.73
N PHE I 416 10.62 -1.78 52.99
CA PHE I 416 10.31 -2.93 52.16
C PHE I 416 8.80 -3.23 52.11
N ILE I 417 8.19 -3.43 53.28
CA ILE I 417 6.75 -3.66 53.33
C ILE I 417 6.03 -2.51 52.71
N GLU I 418 6.50 -1.31 52.90
CA GLU I 418 5.75 -0.24 52.29
C GLU I 418 5.82 -0.37 50.76
N ALA I 419 7.00 -0.57 50.20
CA ALA I 419 7.09 -0.62 48.74
C ALA I 419 6.29 -1.81 48.18
N LYS I 420 6.31 -2.99 48.83
CA LYS I 420 5.66 -4.18 48.28
C LYS I 420 4.18 -4.19 48.56
N GLU I 421 3.77 -3.54 49.63
CA GLU I 421 2.35 -3.40 49.81
C GLU I 421 1.81 -2.54 48.69
N ILE I 422 2.53 -1.49 48.32
CA ILE I 422 2.06 -0.62 47.26
C ILE I 422 1.99 -1.36 45.93
N GLU I 423 3.06 -2.08 45.65
CA GLU I 423 3.21 -2.84 44.43
C GLU I 423 2.11 -3.86 44.31
N TRP I 424 1.80 -4.55 45.41
CA TRP I 424 0.76 -5.56 45.40
C TRP I 424 -0.60 -4.91 45.15
N ASP I 425 -0.79 -3.71 45.67
CA ASP I 425 -2.09 -3.11 45.56
C ASP I 425 -2.32 -2.68 44.10
N MET I 426 -1.29 -2.15 43.47
CA MET I 426 -1.42 -1.88 42.07
C MET I 426 -1.80 -3.17 41.31
N PHE I 427 -1.11 -4.29 41.56
CA PHE I 427 -1.39 -5.50 40.83
C PHE I 427 -2.83 -5.98 41.06
N ARG I 428 -3.27 -6.05 42.31
CA ARG I 428 -4.59 -6.60 42.60
C ARG I 428 -5.77 -5.81 42.01
N THR I 429 -5.62 -4.54 41.73
CA THR I 429 -6.77 -3.74 41.34
C THR I 429 -6.79 -3.64 39.83
N GLN I 430 -5.68 -4.04 39.24
CA GLN I 430 -5.50 -4.03 37.79
C GLN I 430 -6.48 -5.01 37.20
N VAL I 431 -7.08 -4.69 36.07
CA VAL I 431 -7.97 -5.68 35.43
C VAL I 431 -7.19 -6.27 34.28
N HIS I 432 -6.83 -7.55 34.30
CA HIS I 432 -5.92 -8.09 33.25
C HIS I 432 -6.61 -8.53 31.95
N PRO I 433 -5.88 -8.49 30.81
CA PRO I 433 -6.54 -9.07 29.60
C PRO I 433 -7.21 -10.46 29.83
N TRP I 434 -6.50 -11.38 30.51
CA TRP I 434 -7.06 -12.69 30.91
C TRP I 434 -8.51 -12.60 31.38
N GLU I 435 -8.76 -11.68 32.32
CA GLU I 435 -10.07 -11.59 32.94
C GLU I 435 -11.09 -11.31 31.83
N ARG I 436 -10.75 -10.43 30.89
CA ARG I 436 -11.66 -10.16 29.75
C ARG I 436 -11.88 -11.34 28.82
N GLU I 437 -10.81 -12.04 28.48
CA GLU I 437 -10.94 -13.22 27.62
C GLU I 437 -11.82 -14.24 28.33
N GLN I 438 -11.74 -14.34 29.64
CA GLN I 438 -12.50 -15.33 30.39
C GLN I 438 -13.95 -14.94 30.62
N TYR I 439 -14.19 -13.66 30.88
CA TYR I 439 -15.48 -13.24 31.46
C TYR I 439 -16.29 -12.34 30.58
N MET I 440 -15.62 -11.51 29.77
CA MET I 440 -16.28 -10.48 28.93
C MET I 440 -17.35 -11.00 27.99
N SER I 441 -17.27 -12.28 27.70
CA SER I 441 -18.23 -12.91 26.83
C SER I 441 -19.05 -13.88 27.58
N GLN I 442 -18.52 -14.39 28.69
CA GLN I 442 -19.15 -15.51 29.34
C GLN I 442 -20.31 -14.98 30.19
N TYR I 443 -20.12 -13.75 30.64
CA TYR I 443 -21.04 -13.07 31.49
C TYR I 443 -21.36 -11.74 30.74
N TYR J 3 44.81 37.00 30.26
CA TYR J 3 45.07 37.18 28.81
C TYR J 3 45.30 38.61 28.36
N THR J 4 46.43 38.82 27.71
CA THR J 4 46.68 40.09 27.03
C THR J 4 46.53 39.96 25.48
N ARG J 5 46.35 41.11 24.82
CA ARG J 5 46.22 41.07 23.37
C ARG J 5 47.39 40.26 22.77
N GLU J 6 48.60 40.44 23.29
CA GLU J 6 49.74 39.69 22.80
C GLU J 6 49.62 38.19 23.06
N ASP J 7 49.08 37.79 24.21
CA ASP J 7 48.85 36.37 24.49
C ASP J 7 47.90 35.83 23.42
N ILE J 8 46.82 36.54 23.16
CA ILE J 8 45.83 36.02 22.23
C ILE J 8 46.47 35.84 20.85
N GLU J 9 47.32 36.78 20.42
CA GLU J 9 47.95 36.63 19.09
C GLU J 9 48.84 35.38 19.02
N LYS J 10 49.69 35.22 20.02
CA LYS J 10 50.52 34.06 20.12
C LYS J 10 49.71 32.77 20.12
N LEU J 11 48.63 32.74 20.90
CA LEU J 11 47.77 31.55 21.02
C LEU J 11 47.10 31.18 19.69
N VAL J 12 46.51 32.20 19.08
CA VAL J 12 45.88 32.06 17.81
C VAL J 12 46.85 31.41 16.85
N LYS J 13 48.12 31.77 16.93
CA LYS J 13 49.06 31.22 15.96
C LYS J 13 49.48 29.78 16.31
N GLU J 14 49.86 29.52 17.56
CA GLU J 14 50.30 28.17 17.95
C GLU J 14 49.24 27.09 17.74
N GLU J 15 47.98 27.48 17.98
CA GLU J 15 46.89 26.54 17.83
C GLU J 15 46.35 26.52 16.39
N ASN J 16 46.89 27.38 15.52
CA ASN J 16 46.40 27.47 14.14
C ASN J 16 44.91 27.78 14.01
N VAL J 17 44.43 28.78 14.72
CA VAL J 17 43.02 29.12 14.63
C VAL J 17 42.72 29.77 13.29
N LYS J 18 41.66 29.35 12.61
CA LYS J 18 41.39 29.92 11.30
C LYS J 18 40.24 30.91 11.29
N TYR J 19 39.35 30.82 12.30
CA TYR J 19 38.18 31.70 12.39
C TYR J 19 37.93 32.10 13.80
N ILE J 20 37.43 33.32 14.01
CA ILE J 20 37.08 33.80 15.33
C ILE J 20 35.57 33.96 15.36
N ARG J 21 34.89 33.51 16.43
CA ARG J 21 33.47 33.81 16.55
C ARG J 21 33.36 34.92 17.57
N LEU J 22 32.74 36.03 17.23
CA LEU J 22 32.43 37.04 18.25
C LEU J 22 31.04 36.74 18.85
N GLN J 23 30.94 36.39 20.12
CA GLN J 23 29.62 36.07 20.62
C GLN J 23 29.17 36.89 21.81
N PHE J 24 27.86 37.03 21.92
CA PHE J 24 27.24 37.74 22.99
C PHE J 24 25.86 37.14 23.29
N THR J 25 25.18 37.70 24.27
CA THR J 25 23.86 37.25 24.68
C THR J 25 22.70 38.28 24.57
N ASP J 26 21.58 37.91 23.93
CA ASP J 26 20.41 38.80 23.93
C ASP J 26 19.57 38.79 25.23
N ILE J 27 18.54 39.62 25.29
CA ILE J 27 17.81 39.75 26.55
C ILE J 27 17.13 38.41 26.93
N LEU J 28 16.79 37.55 25.98
CA LEU J 28 16.18 36.26 26.34
C LEU J 28 17.15 35.22 26.88
N GLY J 29 18.44 35.52 26.73
CA GLY J 29 19.50 34.66 27.22
C GLY J 29 20.09 33.81 26.11
N THR J 30 19.75 34.19 24.87
CA THR J 30 20.15 33.45 23.68
C THR J 30 21.52 33.86 23.21
N ILE J 31 22.34 32.88 22.90
CA ILE J 31 23.68 33.15 22.42
C ILE J 31 23.57 33.62 20.95
N LYS J 32 24.36 34.64 20.63
CA LYS J 32 24.47 35.20 19.26
C LYS J 32 25.91 35.33 18.83
N ASN J 33 26.16 35.15 17.55
CA ASN J 33 27.53 35.34 17.10
C ASN J 33 27.65 35.61 15.62
N VAL J 34 28.84 36.08 15.26
CA VAL J 34 29.21 36.27 13.86
C VAL J 34 30.61 35.71 13.69
N GLU J 35 30.89 35.15 12.53
CA GLU J 35 32.19 34.50 12.36
C GLU J 35 33.05 35.30 11.40
N ILE J 36 34.30 35.51 11.77
CA ILE J 36 35.22 36.30 10.96
C ILE J 36 36.54 35.55 10.66
N PRO J 37 37.11 35.76 9.48
CA PRO J 37 38.37 35.02 9.30
C PRO J 37 39.46 35.55 10.22
N VAL J 38 40.45 34.71 10.47
CA VAL J 38 41.48 35.06 11.48
C VAL J 38 42.30 36.31 11.08
N SER J 39 42.27 36.64 9.79
CA SER J 39 42.93 37.83 9.26
C SER J 39 42.22 39.12 9.69
N GLN J 40 41.00 38.97 10.22
CA GLN J 40 40.24 40.12 10.75
C GLN J 40 40.41 40.32 12.24
N LEU J 41 41.29 39.53 12.86
CA LEU J 41 41.51 39.58 14.31
C LEU J 41 41.81 40.98 14.82
N GLY J 42 42.77 41.66 14.18
CA GLY J 42 43.18 42.99 14.55
C GLY J 42 41.95 43.86 14.64
N LYS J 43 41.06 43.71 13.68
CA LYS J 43 39.90 44.59 13.64
C LYS J 43 38.92 44.32 14.84
N ALA J 44 38.84 43.04 15.20
CA ALA J 44 37.93 42.62 16.25
C ALA J 44 38.55 43.08 17.60
N LEU J 45 39.88 42.88 17.76
CA LEU J 45 40.62 43.36 18.91
C LEU J 45 40.69 44.88 18.90
N ASP J 46 40.45 45.51 17.74
CA ASP J 46 40.41 46.96 17.73
C ASP J 46 39.01 47.46 18.09
N ASN J 47 38.17 46.52 18.53
CA ASN J 47 36.78 46.82 18.80
C ASN J 47 36.06 47.56 17.67
N LYS J 48 36.19 47.08 16.44
CA LYS J 48 35.70 47.79 15.26
C LYS J 48 34.66 46.92 14.47
N VAL J 49 34.36 45.75 15.00
CA VAL J 49 33.49 44.87 14.30
C VAL J 49 32.08 45.23 14.72
N MET J 50 31.17 45.42 13.75
CA MET J 50 29.80 45.87 14.02
C MET J 50 28.67 44.85 13.74
N PHE J 51 27.46 45.17 14.21
CA PHE J 51 26.31 44.34 13.95
C PHE J 51 24.97 45.13 13.99
N ASP J 52 23.94 44.58 13.40
CA ASP J 52 22.65 45.19 13.46
C ASP J 52 22.01 45.00 14.84
N GLY J 53 22.04 46.08 15.59
CA GLY J 53 21.48 46.03 16.91
C GLY J 53 19.96 45.90 16.93
N SER J 54 19.29 46.34 15.89
CA SER J 54 17.82 46.23 15.90
C SER J 54 17.37 44.82 15.54
N SER J 55 18.31 43.92 15.27
CA SER J 55 17.90 42.57 14.93
C SER J 55 18.10 41.58 16.07
N ILE J 56 18.51 42.06 17.26
CA ILE J 56 18.66 41.28 18.52
C ILE J 56 17.63 41.71 19.57
N GLU J 57 16.94 40.72 20.13
CA GLU J 57 15.88 40.95 21.06
C GLU J 57 16.36 41.84 22.20
N GLY J 58 15.61 42.89 22.47
CA GLY J 58 15.80 43.68 23.68
C GLY J 58 16.86 44.77 23.50
N PHE J 59 17.39 44.94 22.27
CA PHE J 59 18.53 45.84 22.08
C PHE J 59 18.04 47.20 21.58
N VAL J 60 18.62 47.73 20.53
CA VAL J 60 18.23 49.10 20.09
C VAL J 60 17.23 49.11 18.97
N ARG J 61 16.81 50.28 18.54
CA ARG J 61 15.80 50.23 17.51
C ARG J 61 16.34 50.57 16.08
N ILE J 62 15.54 50.24 15.06
CA ILE J 62 16.01 50.26 13.67
C ILE J 62 16.70 51.57 13.26
N GLU J 63 16.20 52.68 13.76
CA GLU J 63 16.77 54.03 13.49
C GLU J 63 18.14 54.30 14.09
N GLU J 64 18.64 53.42 14.93
CA GLU J 64 19.92 53.70 15.52
C GLU J 64 20.50 52.38 15.78
N SER J 65 20.74 51.65 14.69
CA SER J 65 20.97 50.24 14.82
C SER J 65 22.44 49.82 14.81
N ASP J 66 23.36 50.64 14.31
CA ASP J 66 24.80 50.30 14.34
C ASP J 66 25.31 50.17 15.76
N MET J 67 26.01 49.09 16.06
CA MET J 67 26.43 48.82 17.43
C MET J 67 27.72 48.10 17.25
N TYR J 68 28.55 48.10 18.27
CA TYR J 68 29.89 47.52 18.20
C TYR J 68 30.09 46.38 19.18
N LEU J 69 31.11 45.56 18.91
CA LEU J 69 31.40 44.37 19.70
C LEU J 69 32.79 44.55 20.29
N TYR J 70 32.87 44.51 21.61
CA TYR J 70 34.12 44.66 22.31
C TYR J 70 34.45 43.34 22.98
N PRO J 71 35.30 42.52 22.34
CA PRO J 71 35.66 41.22 22.90
C PRO J 71 36.36 41.32 24.25
N ASP J 72 35.97 40.44 25.16
CA ASP J 72 36.65 40.20 26.40
C ASP J 72 37.79 39.21 26.12
N LEU J 73 39.03 39.68 26.09
CA LEU J 73 40.15 38.77 25.87
C LEU J 73 40.14 37.54 26.77
N ASN J 74 39.69 37.70 28.01
CA ASN J 74 39.71 36.58 28.95
C ASN J 74 38.74 35.43 28.63
N THR J 75 37.82 35.61 27.68
CA THR J 75 36.88 34.55 27.37
C THR J 75 37.31 33.71 26.17
N PHE J 76 38.50 33.97 25.64
CA PHE J 76 39.10 33.10 24.64
C PHE J 76 38.91 31.59 24.89
N VAL J 77 38.41 30.86 23.90
CA VAL J 77 38.18 29.44 23.99
C VAL J 77 38.12 28.82 22.57
N ILE J 78 38.79 27.69 22.37
CA ILE J 78 38.68 27.01 21.10
C ILE J 78 37.52 26.02 21.12
N PHE J 79 36.77 25.94 20.02
CA PHE J 79 35.80 24.86 19.84
C PHE J 79 36.46 23.67 19.14
N PRO J 80 36.82 22.63 19.90
CA PRO J 80 37.40 21.43 19.29
C PRO J 80 36.59 20.76 18.15
N TRP J 81 35.27 20.79 18.10
CA TRP J 81 34.53 20.06 17.05
C TRP J 81 34.62 20.82 15.72
N THR J 82 35.46 21.85 15.62
CA THR J 82 35.61 22.61 14.38
C THR J 82 37.05 22.56 13.83
N ALA J 83 37.98 21.96 14.58
CA ALA J 83 39.40 21.99 14.21
C ALA J 83 39.70 21.22 12.90
N GLU J 84 38.82 20.30 12.60
CA GLU J 84 38.92 19.43 11.44
C GLU J 84 38.84 20.16 10.09
N LYS J 85 37.78 20.94 9.88
CA LYS J 85 37.61 21.65 8.61
C LYS J 85 38.06 23.14 8.61
N GLY J 86 38.12 23.77 9.82
CA GLY J 86 38.54 25.16 10.06
C GLY J 86 38.50 25.58 11.56
N LYS J 87 39.53 25.25 12.35
CA LYS J 87 39.57 25.55 13.82
C LYS J 87 39.04 26.94 14.17
N VAL J 88 38.05 26.95 15.06
CA VAL J 88 37.39 28.17 15.53
C VAL J 88 37.79 28.55 16.97
N ALA J 89 38.04 29.83 17.21
CA ALA J 89 38.25 30.31 18.59
C ALA J 89 37.17 31.37 18.92
N ARG J 90 36.59 31.38 20.13
CA ARG J 90 35.47 32.31 20.36
C ARG J 90 35.94 33.38 21.31
N PHE J 91 35.20 34.50 21.37
CA PHE J 91 35.37 35.58 22.34
C PHE J 91 33.98 35.96 22.77
N ILE J 92 33.71 36.10 24.05
CA ILE J 92 32.46 36.72 24.46
C ILE J 92 32.68 38.23 24.41
N CYS J 93 31.68 38.99 24.03
CA CYS J 93 31.89 40.43 23.91
C CYS J 93 30.89 41.26 24.68
N ASP J 94 31.27 42.50 24.97
CA ASP J 94 30.34 43.44 25.57
C ASP J 94 29.86 44.33 24.44
N ILE J 95 28.62 44.80 24.50
CA ILE J 95 28.07 45.68 23.48
C ILE J 95 28.40 47.18 23.69
N TYR J 96 28.74 47.89 22.61
CA TYR J 96 29.03 49.31 22.75
C TYR J 96 28.25 50.11 21.75
N ASN J 97 27.83 51.31 22.14
CA ASN J 97 27.26 52.32 21.27
C ASN J 97 28.25 53.01 20.35
N PRO J 98 27.76 53.51 19.21
CA PRO J 98 28.76 53.98 18.26
C PRO J 98 29.65 55.07 18.88
N ASP J 99 29.26 55.66 19.99
CA ASP J 99 30.10 56.69 20.55
C ASP J 99 31.08 56.18 21.61
N GLY J 100 31.37 54.90 21.65
CA GLY J 100 32.38 54.45 22.60
C GLY J 100 31.80 54.33 24.00
N THR J 101 30.51 54.61 24.12
CA THR J 101 29.74 54.35 25.35
C THR J 101 29.21 52.90 25.50
N PRO J 102 29.39 52.26 26.66
CA PRO J 102 28.78 50.92 26.94
C PRO J 102 27.25 50.89 26.74
N PHE J 103 26.70 49.81 26.22
CA PHE J 103 25.26 49.86 25.95
C PHE J 103 24.55 49.47 27.22
N GLU J 104 23.73 50.36 27.76
CA GLU J 104 23.02 50.17 29.04
C GLU J 104 22.06 48.97 29.04
N GLY J 105 21.79 48.36 27.90
CA GLY J 105 20.88 47.23 27.83
C GLY J 105 21.52 45.87 27.53
N ASP J 106 22.83 45.79 27.62
CA ASP J 106 23.50 44.52 27.60
C ASP J 106 23.46 43.75 28.96
N PRO J 107 22.75 42.61 29.00
CA PRO J 107 22.60 41.90 30.26
C PRO J 107 23.94 41.62 30.93
N ARG J 108 24.98 41.32 30.19
CA ARG J 108 26.21 40.92 30.83
C ARG J 108 26.77 42.13 31.52
N ASN J 109 26.80 43.24 30.81
CA ASN J 109 27.23 44.44 31.45
C ASN J 109 26.37 44.85 32.68
N ASN J 110 25.12 44.51 32.70
CA ASN J 110 24.38 44.81 33.85
C ASN J 110 24.88 44.03 35.04
N LEU J 111 25.23 42.78 34.87
CA LEU J 111 25.66 42.00 36.02
C LEU J 111 26.89 42.68 36.69
N LYS J 112 27.71 43.35 35.89
CA LYS J 112 28.98 43.87 36.32
C LYS J 112 28.75 45.07 37.19
N ARG J 113 27.73 45.84 36.83
CA ARG J 113 27.23 46.91 37.67
C ARG J 113 26.78 46.45 39.11
N ILE J 114 25.97 45.41 39.20
CA ILE J 114 25.57 44.94 40.50
C ILE J 114 26.79 44.41 41.23
N LEU J 115 27.74 43.82 40.50
CA LEU J 115 28.94 43.36 41.14
C LEU J 115 29.69 44.52 41.79
N LYS J 116 29.69 45.68 41.15
CA LYS J 116 30.42 46.84 41.60
C LYS J 116 29.81 47.26 42.96
N GLU J 117 28.48 47.17 43.06
CA GLU J 117 27.78 47.36 44.34
C GLU J 117 28.20 46.37 45.41
N MET J 118 28.39 45.12 45.05
CA MET J 118 28.93 44.17 46.00
C MET J 118 30.34 44.62 46.48
N GLU J 119 31.22 45.00 45.55
CA GLU J 119 32.52 45.54 45.94
C GLU J 119 32.43 46.73 46.92
N ASP J 120 31.46 47.61 46.71
CA ASP J 120 31.23 48.72 47.63
C ASP J 120 31.04 48.21 49.02
N LEU J 121 30.30 47.11 49.16
CA LEU J 121 30.01 46.52 50.45
C LEU J 121 31.17 45.70 50.97
N GLY J 122 32.28 45.58 50.24
CA GLY J 122 33.51 45.02 50.80
C GLY J 122 33.82 43.56 50.46
N PHE J 123 33.12 43.04 49.46
CA PHE J 123 33.22 41.63 49.18
C PHE J 123 34.00 41.41 47.89
N SER J 124 34.85 40.41 47.90
CA SER J 124 35.79 40.10 46.86
C SER J 124 35.13 39.52 45.60
N ASP J 125 34.35 38.46 45.76
CA ASP J 125 33.70 37.84 44.63
C ASP J 125 32.35 37.24 45.00
N PHE J 126 31.45 37.22 44.03
CA PHE J 126 30.22 36.45 44.10
C PHE J 126 30.41 35.21 43.29
N ASN J 127 30.38 34.04 43.94
CA ASN J 127 30.46 32.78 43.24
C ASN J 127 29.13 32.12 42.98
N LEU J 128 29.01 31.54 41.79
CA LEU J 128 27.83 30.85 41.31
C LEU J 128 28.18 29.41 40.83
N GLY J 129 27.59 28.38 41.44
CA GLY J 129 27.71 27.04 40.88
C GLY J 129 26.41 26.65 40.22
N PRO J 130 26.30 26.88 38.90
CA PRO J 130 25.08 26.54 38.15
C PRO J 130 24.89 25.02 38.00
N GLU J 131 23.67 24.51 38.09
CA GLU J 131 23.37 23.17 37.61
C GLU J 131 22.28 23.18 36.53
N PRO J 132 22.61 23.47 35.26
CA PRO J 132 21.44 23.49 34.34
C PRO J 132 21.08 22.10 33.85
N GLU J 133 20.02 21.51 34.38
CA GLU J 133 19.48 20.23 33.92
C GLU J 133 18.87 20.26 32.52
N PHE J 134 18.79 19.11 31.83
CA PHE J 134 18.26 19.09 30.44
C PHE J 134 17.68 17.77 30.00
N PHE J 135 16.74 17.84 29.07
CA PHE J 135 16.18 16.63 28.47
C PHE J 135 16.76 16.34 27.10
N LEU J 136 16.82 15.07 26.75
CA LEU J 136 17.27 14.63 25.45
C LEU J 136 16.09 14.01 24.68
N PHE J 137 15.79 14.51 23.49
CA PHE J 137 14.79 13.86 22.59
C PHE J 137 15.38 13.30 21.31
N LYS J 138 14.72 12.34 20.71
CA LYS J 138 15.17 11.75 19.44
C LYS J 138 14.78 12.67 18.30
N LEU J 139 15.69 12.79 17.35
CA LEU J 139 15.43 13.53 16.10
C LEU J 139 14.68 12.58 15.14
N ASP J 140 13.82 13.07 14.25
CA ASP J 140 13.31 12.20 13.17
C ASP J 140 14.32 12.15 12.01
N GLU J 141 13.95 11.46 10.94
CA GLU J 141 14.81 11.28 9.74
C GLU J 141 15.10 12.62 9.05
N LYS J 142 14.25 13.63 9.25
CA LYS J 142 14.52 14.96 8.72
C LYS J 142 15.37 15.85 9.71
N GLY J 143 15.84 15.28 10.82
CA GLY J 143 16.63 16.05 11.78
C GLY J 143 15.84 16.98 12.68
N GLU J 144 14.50 16.85 12.70
CA GLU J 144 13.61 17.60 13.59
C GLU J 144 13.28 16.82 14.89
N PRO J 145 13.10 17.53 16.02
CA PRO J 145 12.85 16.86 17.29
C PRO J 145 11.50 16.16 17.30
N THR J 146 11.37 15.09 18.05
CA THR J 146 10.10 14.41 18.23
C THR J 146 9.84 14.47 19.72
N LEU J 147 8.61 14.22 20.16
CA LEU J 147 8.29 14.14 21.59
C LEU J 147 8.79 12.88 22.30
N GLU J 148 9.62 12.06 21.65
CA GLU J 148 10.02 10.77 22.21
C GLU J 148 11.34 10.92 22.99
N LEU J 149 11.40 10.53 24.26
CA LEU J 149 12.65 10.77 25.04
C LEU J 149 13.70 9.75 24.65
N ASN J 150 14.95 10.01 25.01
CA ASN J 150 16.04 9.17 24.52
C ASN J 150 16.04 7.80 25.23
N ASP J 151 15.61 7.81 26.50
CA ASP J 151 15.40 6.58 27.28
C ASP J 151 14.25 6.78 28.25
N LYS J 152 14.08 5.81 29.13
CA LYS J 152 13.03 5.83 30.15
C LYS J 152 13.68 5.57 31.50
N GLY J 153 14.99 5.81 31.58
CA GLY J 153 15.75 5.78 32.82
C GLY J 153 15.29 6.76 33.87
N GLY J 154 15.86 6.60 35.06
CA GLY J 154 15.54 7.39 36.22
C GLY J 154 16.84 7.81 36.89
N TYR J 155 16.74 8.40 38.08
CA TYR J 155 17.86 9.03 38.78
C TYR J 155 18.97 8.06 39.07
N PHE J 156 20.18 8.38 38.61
CA PHE J 156 21.40 7.57 38.80
C PHE J 156 21.38 6.22 38.14
N ASP J 157 20.46 6.01 37.21
CA ASP J 157 20.40 4.74 36.48
C ASP J 157 21.56 4.51 35.56
N LEU J 158 21.80 3.22 35.29
CA LEU J 158 22.98 2.70 34.60
C LEU J 158 22.60 2.22 33.22
N ALA J 159 23.58 2.03 32.36
CA ALA J 159 23.25 1.70 31.00
C ALA J 159 22.74 0.29 30.95
N PRO J 160 21.75 0.10 30.04
CA PRO J 160 20.72 -0.23 29.09
C PRO J 160 19.58 0.79 29.42
N THR J 161 19.34 1.05 30.71
CA THR J 161 18.23 1.91 31.15
C THR J 161 18.50 3.39 30.85
N ASP J 162 19.73 3.80 31.17
CA ASP J 162 20.26 5.08 30.78
C ASP J 162 20.90 4.92 29.39
N LEU J 163 20.27 5.53 28.38
CA LEU J 163 20.80 5.52 27.03
C LEU J 163 21.47 6.85 26.69
N GLY J 164 21.81 7.62 27.71
CA GLY J 164 22.45 8.91 27.46
C GLY J 164 23.91 8.86 27.82
N GLU J 165 24.40 7.72 28.25
CA GLU J 165 25.74 7.59 28.73
C GLU J 165 26.78 8.11 27.74
N ASN J 166 26.60 7.79 26.46
CA ASN J 166 27.64 8.07 25.47
C ASN J 166 27.63 9.51 25.02
N CYS J 167 26.42 10.00 24.83
CA CYS J 167 26.18 11.38 24.58
C CYS J 167 26.83 12.22 25.71
N ARG J 168 26.32 12.03 26.91
CA ARG J 168 26.81 12.87 27.97
C ARG J 168 28.31 12.65 28.13
N ARG J 169 28.78 11.44 27.81
CA ARG J 169 30.22 11.18 27.82
C ARG J 169 31.00 12.11 26.85
N ASP J 170 30.55 12.25 25.61
CA ASP J 170 31.17 13.12 24.63
C ASP J 170 31.00 14.61 24.97
N ILE J 171 29.89 14.99 25.57
CA ILE J 171 29.74 16.33 26.03
C ILE J 171 30.86 16.65 27.04
N VAL J 172 31.04 15.76 28.00
CA VAL J 172 32.05 15.94 29.00
C VAL J 172 33.42 15.99 28.29
N LEU J 173 33.75 15.05 27.41
CA LEU J 173 34.98 15.17 26.61
C LEU J 173 35.23 16.57 25.96
N GLU J 174 34.23 17.11 25.24
CA GLU J 174 34.36 18.46 24.68
C GLU J 174 34.55 19.51 25.78
N LEU J 175 33.72 19.51 26.83
CA LEU J 175 33.85 20.52 27.93
C LEU J 175 35.25 20.48 28.59
N GLU J 176 35.85 19.28 28.68
CA GLU J 176 37.12 19.16 29.36
C GLU J 176 38.22 19.74 28.48
N GLU J 177 38.14 19.49 27.17
CA GLU J 177 39.11 19.99 26.21
C GLU J 177 39.02 21.50 26.19
N MET J 178 37.85 22.03 26.50
CA MET J 178 37.61 23.47 26.51
C MET J 178 37.90 24.09 27.89
N GLY J 179 38.50 23.33 28.80
CA GLY J 179 38.88 23.89 30.09
C GLY J 179 37.84 23.95 31.21
N PHE J 180 36.67 23.35 31.03
CA PHE J 180 35.70 23.16 32.11
C PHE J 180 36.19 22.13 33.11
N GLU J 181 36.10 22.50 34.39
CA GLU J 181 36.27 21.53 35.47
C GLU J 181 34.99 20.73 35.74
N ILE J 182 34.78 19.69 34.96
CA ILE J 182 33.65 18.81 35.23
C ILE J 182 33.73 18.13 36.62
N GLU J 183 32.58 18.06 37.26
CA GLU J 183 32.50 17.54 38.60
C GLU J 183 31.72 16.26 38.65
N ALA J 184 30.63 16.18 37.89
CA ALA J 184 29.73 15.02 38.01
C ALA J 184 28.92 14.84 36.77
N SER J 185 28.38 13.65 36.55
CA SER J 185 27.64 13.42 35.31
C SER J 185 26.66 12.26 35.55
N HIS J 186 25.35 12.45 35.39
CA HIS J 186 24.40 11.37 35.70
C HIS J 186 23.07 11.55 35.04
N HIS J 187 22.22 10.53 35.14
CA HIS J 187 20.84 10.62 34.74
C HIS J 187 20.04 11.20 35.91
N GLU J 188 19.10 12.07 35.59
CA GLU J 188 18.26 12.75 36.54
C GLU J 188 16.93 12.01 36.72
N VAL J 189 15.95 12.54 37.47
CA VAL J 189 14.91 11.64 37.98
C VAL J 189 13.93 11.31 36.84
N ALA J 190 13.70 12.29 35.99
CA ALA J 190 12.76 12.11 34.89
C ALA J 190 13.30 11.27 33.74
N PRO J 191 12.40 10.50 33.11
CA PRO J 191 12.80 9.79 31.89
C PRO J 191 13.29 10.77 30.82
N GLY J 192 14.42 10.40 30.21
CA GLY J 192 15.16 11.26 29.33
C GLY J 192 15.85 12.47 29.96
N GLN J 193 15.96 12.57 31.29
CA GLN J 193 16.57 13.79 31.89
C GLN J 193 17.98 13.53 32.33
N HIS J 194 18.81 14.55 32.26
CA HIS J 194 20.24 14.43 32.48
C HIS J 194 20.83 15.63 33.12
N GLU J 195 22.03 15.44 33.62
CA GLU J 195 22.75 16.51 34.33
C GLU J 195 24.29 16.31 34.25
N ILE J 196 24.97 17.42 33.95
CA ILE J 196 26.42 17.50 34.00
C ILE J 196 26.75 18.64 34.89
N ASP J 197 27.55 18.40 35.90
CA ASP J 197 27.86 19.42 36.92
C ASP J 197 29.27 19.88 36.66
N PHE J 198 29.51 21.17 36.90
CA PHE J 198 30.85 21.71 36.73
C PHE J 198 31.19 22.64 37.90
N LYS J 199 32.47 22.80 38.23
CA LYS J 199 32.89 23.69 39.32
C LYS J 199 32.34 25.14 39.19
N TYR J 200 31.95 25.71 40.32
CA TYR J 200 31.53 27.11 40.36
C TYR J 200 32.66 28.07 39.96
N ALA J 201 32.26 29.34 39.76
CA ALA J 201 33.19 30.35 39.32
C ALA J 201 32.64 31.73 39.63
N GLY J 202 33.47 32.77 39.45
CA GLY J 202 33.01 34.13 39.61
C GLY J 202 31.75 34.34 38.80
N ALA J 203 30.83 35.16 39.29
CA ALA J 203 29.53 35.35 38.65
C ALA J 203 29.60 35.58 37.15
N VAL J 204 30.43 36.52 36.67
CA VAL J 204 30.49 36.78 35.23
C VAL J 204 31.03 35.53 34.44
N ARG J 205 32.19 35.03 34.76
CA ARG J 205 32.68 33.84 34.12
C ARG J 205 31.66 32.71 34.22
N SER J 206 30.88 32.69 35.29
CA SER J 206 30.03 31.55 35.50
C SER J 206 28.83 31.60 34.55
N CYS J 207 28.26 32.78 34.37
CA CYS J 207 27.26 33.02 33.35
C CYS J 207 27.76 32.71 31.90
N ASP J 208 28.98 33.18 31.59
CA ASP J 208 29.70 32.73 30.40
C ASP J 208 29.74 31.19 30.30
N ASP J 209 30.16 30.47 31.34
CA ASP J 209 30.06 28.99 31.38
C ASP J 209 28.66 28.45 31.09
N ILE J 210 27.60 29.02 31.67
CA ILE J 210 26.26 28.50 31.35
C ILE J 210 25.97 28.60 29.85
N GLN J 211 26.40 29.69 29.23
CA GLN J 211 26.05 29.89 27.85
C GLN J 211 26.92 28.92 27.04
N THR J 212 28.15 28.73 27.48
CA THR J 212 29.02 27.85 26.72
C THR J 212 28.52 26.41 26.88
N PHE J 213 28.14 26.07 28.10
CA PHE J 213 27.66 24.73 28.39
C PHE J 213 26.46 24.45 27.53
N LYS J 214 25.52 25.39 27.38
CA LYS J 214 24.29 25.06 26.66
C LYS J 214 24.62 24.75 25.17
N LEU J 215 25.59 25.50 24.66
CA LEU J 215 25.93 25.46 23.29
C LEU J 215 26.56 24.12 22.96
N VAL J 216 27.45 23.69 23.82
CA VAL J 216 28.17 22.45 23.63
C VAL J 216 27.20 21.26 23.84
N VAL J 217 26.29 21.38 24.80
CA VAL J 217 25.35 20.26 25.00
C VAL J 217 24.52 20.10 23.68
N LYS J 218 24.01 21.20 23.14
CA LYS J 218 23.13 21.10 22.02
C LYS J 218 23.90 20.57 20.83
N THR J 219 25.13 21.07 20.65
CA THR J 219 25.95 20.66 19.50
C THR J 219 26.25 19.17 19.52
N ILE J 220 26.78 18.65 20.62
CA ILE J 220 27.10 17.22 20.64
C ILE J 220 25.87 16.28 20.62
N ALA J 221 24.74 16.64 21.25
CA ALA J 221 23.52 15.81 21.15
C ALA J 221 23.11 15.58 19.69
N ARG J 222 23.10 16.66 18.91
CA ARG J 222 22.91 16.62 17.46
C ARG J 222 23.81 15.54 16.85
N LYS J 223 25.06 15.45 17.27
CA LYS J 223 25.87 14.41 16.66
C LYS J 223 25.44 13.01 17.02
N HIS J 224 24.67 12.84 18.07
CA HIS J 224 24.22 11.48 18.48
C HIS J 224 22.80 11.29 18.04
N GLY J 225 22.36 12.17 17.16
CA GLY J 225 21.02 12.08 16.69
C GLY J 225 20.00 12.49 17.72
N LEU J 226 20.39 13.39 18.63
CA LEU J 226 19.49 13.88 19.68
C LEU J 226 19.25 15.40 19.64
N HIS J 227 18.08 15.82 20.12
CA HIS J 227 17.81 17.21 20.41
C HIS J 227 17.85 17.52 21.89
N ALA J 228 18.80 18.34 22.34
CA ALA J 228 18.84 18.75 23.78
C ALA J 228 17.99 19.99 24.00
N THR J 229 17.25 20.04 25.09
CA THR J 229 16.41 21.20 25.43
C THR J 229 16.52 21.56 26.92
N PHE J 230 16.49 22.84 27.20
CA PHE J 230 16.57 23.35 28.58
C PHE J 230 15.24 23.93 28.98
N MET J 231 14.23 23.75 28.12
CA MET J 231 12.86 24.04 28.46
C MET J 231 12.56 23.57 29.90
N PRO J 232 12.08 24.47 30.77
CA PRO J 232 11.84 24.09 32.18
C PRO J 232 10.85 22.92 32.48
N LYS J 233 9.86 22.69 31.66
CA LYS J 233 8.96 21.59 31.94
C LYS J 233 8.41 21.01 30.61
N PRO J 234 9.21 20.14 29.95
CA PRO J 234 8.63 19.78 28.63
C PRO J 234 7.36 18.92 28.70
N LEU J 235 7.21 18.12 29.76
CA LEU J 235 6.12 17.16 29.88
C LEU J 235 5.41 17.23 31.24
N PHE J 236 4.09 17.16 31.25
CA PHE J 236 3.34 17.20 32.47
C PHE J 236 3.47 15.93 33.30
N GLY J 237 3.41 16.06 34.65
CA GLY J 237 3.49 14.93 35.56
C GLY J 237 4.81 14.15 35.66
N VAL J 238 5.92 14.76 35.22
CA VAL J 238 7.28 14.29 35.57
C VAL J 238 8.09 15.52 35.92
N ASN J 239 9.26 15.35 36.55
CA ASN J 239 10.07 16.52 36.98
C ASN J 239 10.33 17.49 35.81
N GLY J 240 10.40 18.79 36.11
CA GLY J 240 10.86 19.71 35.08
C GLY J 240 12.38 19.80 35.15
N SER J 241 13.03 20.69 34.41
CA SER J 241 14.44 20.93 34.65
C SER J 241 14.62 22.16 35.50
N GLY J 242 15.62 22.17 36.35
CA GLY J 242 15.90 23.41 37.08
C GLY J 242 17.30 23.88 36.71
N MET J 243 17.60 25.11 37.08
CA MET J 243 18.96 25.52 37.01
C MET J 243 19.39 26.10 38.38
N HIS J 244 19.72 25.23 39.30
CA HIS J 244 19.91 25.64 40.65
C HIS J 244 21.10 26.57 40.74
N CYS J 245 20.96 27.68 41.47
CA CYS J 245 22.06 28.64 41.63
C CYS J 245 22.58 28.66 43.04
N ASN J 246 23.72 27.98 43.22
CA ASN J 246 24.43 27.98 44.48
C ASN J 246 25.22 29.28 44.59
N LEU J 247 25.04 30.00 45.68
CA LEU J 247 25.71 31.29 45.76
C LEU J 247 26.57 31.36 46.99
N SER J 248 27.57 32.21 46.93
CA SER J 248 28.33 32.48 48.13
C SER J 248 29.17 33.71 47.86
N LEU J 249 29.37 34.55 48.88
CA LEU J 249 30.20 35.75 48.84
C LEU J 249 31.55 35.39 49.38
N PHE J 250 32.66 35.87 48.81
CA PHE J 250 33.95 35.68 49.46
C PHE J 250 34.48 37.04 49.93
N LYS J 251 35.40 37.03 50.87
CA LYS J 251 35.88 38.26 51.49
C LYS J 251 37.35 38.13 51.67
N ASN J 252 38.11 38.93 50.92
CA ASN J 252 39.54 38.67 50.77
C ASN J 252 39.85 37.16 50.60
N GLY J 253 39.13 36.51 49.69
CA GLY J 253 39.43 35.12 49.37
C GLY J 253 39.01 34.11 50.43
N VAL J 254 37.93 34.35 51.15
CA VAL J 254 37.51 33.41 52.19
C VAL J 254 36.00 33.33 52.21
N ASN J 255 35.42 32.15 52.42
CA ASN J 255 33.95 32.03 52.36
C ASN J 255 33.22 32.80 53.49
N ALA J 256 32.71 33.98 53.17
CA ALA J 256 32.01 34.80 54.15
C ALA J 256 30.70 34.24 54.64
N PHE J 257 30.39 32.98 54.35
CA PHE J 257 29.09 32.40 54.72
C PHE J 257 29.26 31.33 55.78
N PHE J 258 30.48 30.86 55.93
CA PHE J 258 30.85 29.85 56.92
C PHE J 258 31.25 30.46 58.25
N ASP J 259 30.76 29.90 59.34
CA ASP J 259 31.24 30.27 60.64
C ASP J 259 31.30 29.05 61.59
N GLU J 260 32.51 28.50 61.70
CA GLU J 260 32.79 27.31 62.51
C GLU J 260 31.94 27.32 63.78
N ASN J 261 31.78 28.46 64.45
CA ASN J 261 31.03 28.49 65.71
C ASN J 261 29.71 29.25 65.69
N ALA J 262 28.67 28.72 65.04
CA ALA J 262 27.41 29.42 64.94
C ALA J 262 26.28 28.42 64.74
N ASP J 263 25.03 28.85 64.90
CA ASP J 263 23.93 27.93 64.63
C ASP J 263 24.11 27.43 63.18
N LEU J 264 24.22 26.10 63.05
CA LEU J 264 24.32 25.50 61.74
C LEU J 264 25.56 26.00 61.01
N GLN J 265 26.59 26.43 61.72
CA GLN J 265 27.82 26.97 61.11
C GLN J 265 27.60 27.99 60.01
N LEU J 266 26.45 28.66 60.05
CA LEU J 266 26.15 29.68 59.05
C LEU J 266 26.46 31.05 59.65
N SER J 267 27.47 31.73 59.12
CA SER J 267 27.87 33.05 59.56
C SER J 267 26.69 33.96 59.53
N GLU J 268 26.77 35.10 60.21
CA GLU J 268 25.67 36.06 60.17
C GLU J 268 25.43 36.70 58.78
N THR J 269 26.48 36.99 58.03
CA THR J 269 26.25 37.62 56.75
C THR J 269 25.50 36.63 55.86
N ALA J 270 25.69 35.35 56.15
CA ALA J 270 24.84 34.33 55.56
C ALA J 270 23.36 34.51 55.93
N LYS J 271 23.04 34.82 57.16
CA LYS J 271 21.62 34.87 57.49
C LYS J 271 20.98 36.12 56.90
N HIS J 272 21.79 37.15 56.79
CA HIS J 272 21.36 38.39 56.17
C HIS J 272 21.09 38.17 54.69
N PHE J 273 22.04 37.52 54.00
CA PHE J 273 21.87 37.13 52.60
C PHE J 273 20.56 36.41 52.38
N ILE J 274 20.35 35.32 53.12
CA ILE J 274 19.13 34.51 53.04
C ILE J 274 17.91 35.32 53.32
N ALA J 275 18.01 36.19 54.32
CA ALA J 275 16.92 37.13 54.63
C ALA J 275 16.51 37.95 53.39
N GLY J 276 17.49 38.41 52.59
CA GLY J 276 17.25 39.24 51.41
C GLY J 276 16.53 38.43 50.31
N ILE J 277 17.02 37.22 50.09
CA ILE J 277 16.41 36.37 49.12
C ILE J 277 15.01 36.01 49.51
N VAL J 278 14.78 35.77 50.77
CA VAL J 278 13.44 35.31 51.19
C VAL J 278 12.41 36.45 50.96
N LYS J 279 12.78 37.66 51.35
CA LYS J 279 11.87 38.78 51.13
C LYS J 279 11.72 39.22 49.66
N HIS J 280 12.78 39.18 48.86
CA HIS J 280 12.59 39.59 47.47
C HIS J 280 12.12 38.46 46.58
N ALA J 281 12.07 37.22 47.09
CA ALA J 281 11.85 36.06 46.24
C ALA J 281 10.63 36.18 45.31
N THR J 282 9.49 36.55 45.86
CA THR J 282 8.29 36.51 45.04
C THR J 282 8.36 37.56 43.96
N SER J 283 9.39 38.40 44.04
CA SER J 283 9.59 39.51 43.13
C SER J 283 10.54 39.14 42.02
N PHE J 284 11.72 38.59 42.32
CA PHE J 284 12.66 38.23 41.24
C PHE J 284 12.22 36.98 40.43
N THR J 285 11.02 36.49 40.66
CA THR J 285 10.62 35.21 40.09
C THR J 285 10.34 35.43 38.62
N ALA J 286 9.68 36.52 38.26
CA ALA J 286 9.58 36.92 36.86
C ALA J 286 10.94 36.86 36.12
N VAL J 287 12.03 37.23 36.79
CA VAL J 287 13.34 37.13 36.10
C VAL J 287 13.93 35.72 36.06
N THR J 288 13.97 35.04 37.21
CA THR J 288 14.57 33.73 37.32
C THR J 288 13.71 32.65 36.66
N ASN J 289 12.45 32.95 36.42
CA ASN J 289 11.59 32.04 35.69
C ASN J 289 10.86 32.85 34.65
N PRO J 290 11.55 33.22 33.56
CA PRO J 290 10.96 34.20 32.61
C PRO J 290 10.00 33.64 31.59
N THR J 291 9.69 32.35 31.56
CA THR J 291 8.84 31.84 30.49
C THR J 291 7.50 31.44 31.03
N VAL J 292 6.53 31.23 30.17
CA VAL J 292 5.22 30.84 30.63
C VAL J 292 5.32 29.46 31.25
N ASN J 293 6.10 28.59 30.60
CA ASN J 293 6.26 27.19 30.97
C ASN J 293 7.01 27.02 32.32
N SER J 294 7.87 27.96 32.69
CA SER J 294 8.45 27.95 34.04
C SER J 294 7.45 27.66 35.20
N TYR J 295 6.24 28.17 35.08
CA TYR J 295 5.22 28.10 36.12
C TYR J 295 4.55 26.72 36.16
N LYS J 296 4.69 25.96 35.08
CA LYS J 296 4.27 24.58 35.14
C LYS J 296 5.29 23.77 35.95
N ARG J 297 6.51 24.29 36.19
CA ARG J 297 7.51 23.53 36.93
C ARG J 297 7.40 23.88 38.40
N LEU J 298 6.95 25.10 38.70
CA LEU J 298 6.80 25.60 40.07
C LEU J 298 5.49 25.07 40.66
N VAL J 299 5.35 23.75 40.61
CA VAL J 299 4.18 23.09 41.15
C VAL J 299 4.73 22.13 42.18
N PRO J 300 4.01 21.93 43.28
CA PRO J 300 4.49 21.06 44.38
C PRO J 300 4.52 19.58 43.99
N GLY J 301 5.56 18.87 44.48
CA GLY J 301 5.73 17.42 44.30
C GLY J 301 6.87 16.92 43.39
N TYR J 302 7.73 17.82 42.90
CA TYR J 302 8.71 17.42 41.93
C TYR J 302 10.04 18.03 42.27
N GLU J 303 10.25 18.34 43.54
CA GLU J 303 11.53 18.83 44.04
C GLU J 303 11.85 20.21 43.49
N ALA J 304 10.83 20.95 43.08
CA ALA J 304 10.97 22.34 42.67
C ALA J 304 10.31 23.22 43.72
N PRO J 305 10.83 24.43 43.93
CA PRO J 305 10.25 25.34 44.94
C PRO J 305 8.82 25.71 44.64
N CYS J 306 8.15 26.16 45.66
CA CYS J 306 6.75 26.42 45.56
C CYS J 306 6.44 27.52 46.53
N TYR J 307 7.27 27.59 47.59
CA TYR J 307 6.98 28.35 48.77
C TYR J 307 8.23 29.05 49.31
N VAL J 308 8.10 30.32 49.61
CA VAL J 308 9.24 31.02 50.15
C VAL J 308 9.50 30.47 51.56
N ALA J 309 10.59 29.71 51.70
CA ALA J 309 11.11 29.22 53.00
C ALA J 309 12.51 28.73 52.74
N TRP J 310 13.37 28.73 53.74
CA TRP J 310 14.64 28.04 53.60
C TRP J 310 14.77 26.78 54.54
N SER J 311 15.73 25.91 54.29
CA SER J 311 15.90 24.77 55.17
C SER J 311 17.19 24.05 54.91
N ALA J 312 17.77 23.47 55.92
CA ALA J 312 19.00 22.72 55.68
C ALA J 312 18.63 21.37 55.06
N GLN J 313 19.46 20.96 54.10
CA GLN J 313 19.39 19.60 53.53
C GLN J 313 18.02 19.21 53.02
N ASN J 314 17.22 20.21 52.73
CA ASN J 314 15.82 20.06 52.39
C ASN J 314 15.58 20.43 50.92
N ARG J 315 15.03 19.50 50.17
CA ARG J 315 15.04 19.57 48.73
C ARG J 315 13.63 20.03 48.31
N SER J 316 12.88 20.60 49.25
CA SER J 316 11.49 21.03 48.97
C SER J 316 11.22 22.57 49.11
N PRO J 317 12.05 23.33 49.86
CA PRO J 317 11.79 24.78 49.97
C PRO J 317 12.39 25.56 48.78
N LEU J 318 12.24 26.87 48.78
CA LEU J 318 12.92 27.70 47.81
C LEU J 318 14.44 27.61 48.01
N ILE J 319 14.95 27.72 49.22
CA ILE J 319 16.40 27.77 49.46
C ILE J 319 16.78 26.61 50.31
N ARG J 320 17.74 25.84 49.83
CA ARG J 320 18.25 24.71 50.58
C ARG J 320 19.64 25.15 51.00
N ILE J 321 19.98 24.95 52.27
CA ILE J 321 21.37 25.02 52.63
C ILE J 321 21.93 23.60 52.54
N PRO J 322 22.83 23.36 51.59
CA PRO J 322 23.43 22.03 51.45
C PRO J 322 24.32 21.69 52.66
N ALA J 323 24.39 20.41 53.02
CA ALA J 323 25.11 19.96 54.20
C ALA J 323 26.52 20.53 54.24
N SER J 324 27.14 20.74 53.08
CA SER J 324 28.56 21.15 53.05
C SER J 324 28.92 22.40 53.90
N ARG J 325 30.14 22.46 54.44
CA ARG J 325 30.62 23.70 55.03
C ARG J 325 32.07 24.02 54.61
N GLY J 326 32.74 24.91 55.31
CA GLY J 326 34.06 25.30 54.86
C GLY J 326 33.89 26.09 53.58
N ILE J 327 34.79 25.83 52.64
CA ILE J 327 34.83 26.64 51.42
C ILE J 327 33.59 26.48 50.56
N SER J 328 32.77 25.47 50.86
CA SER J 328 31.64 25.07 50.07
C SER J 328 30.31 25.48 50.67
N THR J 329 30.38 26.36 51.67
CA THR J 329 29.19 26.77 52.41
C THR J 329 28.45 27.61 51.41
N ARG J 330 27.17 27.36 51.19
CA ARG J 330 26.53 28.06 50.11
C ARG J 330 25.03 28.06 50.31
N VAL J 331 24.36 29.00 49.66
CA VAL J 331 22.91 29.04 49.64
C VAL J 331 22.46 28.57 48.26
N GLU J 332 21.59 27.59 48.20
CA GLU J 332 21.15 27.08 46.88
C GLU J 332 19.77 27.59 46.56
N VAL J 333 19.66 28.47 45.54
CA VAL J 333 18.36 29.01 45.20
C VAL J 333 17.76 28.11 44.11
N ARG J 334 16.75 27.30 44.44
CA ARG J 334 16.37 26.23 43.55
C ARG J 334 15.25 26.62 42.58
N SER J 335 14.68 27.78 42.75
CA SER J 335 13.65 28.24 41.84
C SER J 335 14.18 28.53 40.44
N VAL J 336 15.45 28.99 40.31
CA VAL J 336 15.94 29.43 39.03
C VAL J 336 15.77 28.30 37.98
N ASP J 337 15.38 28.61 36.75
CA ASP J 337 15.25 27.54 35.75
C ASP J 337 16.14 27.81 34.52
N PRO J 338 16.44 26.78 33.72
CA PRO J 338 17.48 26.96 32.68
C PRO J 338 17.05 27.91 31.58
N ALA J 339 15.78 28.28 31.52
CA ALA J 339 15.40 29.27 30.55
C ALA J 339 15.94 30.66 30.98
N ALA J 340 16.13 30.97 32.26
CA ALA J 340 16.61 32.30 32.71
C ALA J 340 17.86 32.79 31.98
N ASN J 341 17.88 34.05 31.60
CA ASN J 341 19.12 34.65 31.16
C ASN J 341 20.05 34.72 32.37
N PRO J 342 21.16 33.96 32.35
CA PRO J 342 21.93 33.89 33.61
C PRO J 342 22.43 35.27 34.17
N TYR J 343 22.87 36.15 33.29
CA TYR J 343 23.32 37.48 33.68
C TYR J 343 22.25 38.24 34.43
N LEU J 344 21.05 38.28 33.89
CA LEU J 344 19.97 38.96 34.58
C LEU J 344 19.61 38.22 35.85
N ALA J 345 19.65 36.88 35.81
CA ALA J 345 19.25 36.08 37.00
C ALA J 345 20.13 36.35 38.23
N LEU J 346 21.46 36.34 38.00
CA LEU J 346 22.51 36.69 38.98
C LEU J 346 22.41 38.13 39.40
N SER J 347 22.00 38.99 38.51
CA SER J 347 21.96 40.36 38.87
C SER J 347 20.90 40.54 39.93
N VAL J 348 19.77 39.94 39.71
CA VAL J 348 18.58 40.16 40.54
C VAL J 348 18.67 39.40 41.89
N LEU J 349 19.39 38.26 41.94
CA LEU J 349 19.63 37.49 43.18
C LEU J 349 20.69 38.14 43.96
N LEU J 350 21.68 38.74 43.30
CA LEU J 350 22.76 39.40 44.00
C LEU J 350 22.19 40.66 44.67
N ALA J 351 21.26 41.32 43.98
CA ALA J 351 20.70 42.57 44.47
C ALA J 351 19.92 42.26 45.72
N ALA J 352 19.02 41.27 45.62
CA ALA J 352 18.28 40.80 46.79
C ALA J 352 19.19 40.40 47.99
N GLY J 353 20.18 39.55 47.75
CA GLY J 353 21.04 39.17 48.85
C GLY J 353 21.75 40.35 49.50
N LEU J 354 22.21 41.30 48.69
CA LEU J 354 23.02 42.41 49.16
C LEU J 354 22.20 43.39 49.98
N ASP J 355 20.94 43.52 49.63
CA ASP J 355 19.96 44.25 50.43
C ASP J 355 19.80 43.65 51.85
N GLY J 356 19.71 42.31 51.93
CA GLY J 356 19.59 41.65 53.23
C GLY J 356 20.79 41.98 54.10
N ILE J 357 21.98 41.96 53.49
CA ILE J 357 23.20 42.15 54.23
C ILE J 357 23.36 43.58 54.66
N LYS J 358 23.30 44.45 53.68
CA LYS J 358 23.40 45.88 53.90
C LYS J 358 22.44 46.38 55.00
N ASN J 359 21.22 45.84 55.06
CA ASN J 359 20.25 46.22 56.08
C ASN J 359 20.13 45.21 57.21
N LYS J 360 21.18 44.41 57.43
CA LYS J 360 21.15 43.38 58.46
C LYS J 360 19.76 42.76 58.74
N LEU J 361 19.05 42.35 57.68
CA LEU J 361 17.73 41.76 57.84
C LEU J 361 17.79 40.46 58.65
N GLU J 362 16.66 40.12 59.27
CA GLU J 362 16.59 38.95 60.13
C GLU J 362 16.02 37.83 59.30
N ALA J 363 16.71 36.71 59.27
CA ALA J 363 16.28 35.61 58.48
C ALA J 363 15.11 34.96 59.25
N PRO J 364 14.08 34.49 58.54
CA PRO J 364 12.95 33.76 59.12
C PRO J 364 13.46 32.51 59.73
N ALA J 365 12.66 31.89 60.60
CA ALA J 365 12.96 30.57 61.12
C ALA J 365 12.89 29.59 59.95
N PRO J 366 13.82 28.64 59.87
CA PRO J 366 13.78 27.64 58.80
C PRO J 366 12.58 26.72 58.96
N ILE J 367 12.03 26.27 57.85
CA ILE J 367 10.92 25.35 57.88
C ILE J 367 11.49 23.92 57.69
N ASP J 368 11.58 23.15 58.76
CA ASP J 368 12.18 21.83 58.66
C ASP J 368 11.14 20.73 58.55
N ARG J 369 10.52 20.64 57.39
CA ARG J 369 9.49 19.65 57.16
C ARG J 369 9.33 19.60 55.65
N ASN J 370 8.36 18.85 55.14
CA ASN J 370 8.17 18.72 53.70
C ASN J 370 7.08 19.75 53.37
N ILE J 371 7.48 20.93 52.85
CA ILE J 371 6.52 21.99 52.65
C ILE J 371 5.29 21.53 51.83
N TYR J 372 5.48 20.63 50.85
CA TYR J 372 4.42 20.15 49.94
C TYR J 372 3.24 19.55 50.71
N VAL J 373 3.52 18.82 51.78
CA VAL J 373 2.44 18.15 52.50
C VAL J 373 1.78 19.00 53.56
N MET J 374 2.44 20.10 53.95
CA MET J 374 1.91 21.08 54.92
C MET J 374 0.58 21.71 54.49
N SER J 375 -0.42 21.64 55.36
CA SER J 375 -1.75 22.11 55.03
C SER J 375 -1.72 23.59 54.78
N LYS J 376 -2.54 24.02 53.83
CA LYS J 376 -2.67 25.44 53.59
C LYS J 376 -2.71 26.20 54.94
N GLU J 377 -3.31 25.57 55.93
CA GLU J 377 -3.51 26.26 57.18
C GLU J 377 -2.19 26.51 57.92
N GLU J 378 -1.38 25.46 58.08
CA GLU J 378 -0.10 25.60 58.78
C GLU J 378 0.80 26.58 58.09
N ARG J 379 0.73 26.64 56.75
CA ARG J 379 1.60 27.55 56.02
C ARG J 379 1.37 29.01 56.42
N MET J 380 0.08 29.39 56.54
CA MET J 380 -0.29 30.73 57.01
C MET J 380 0.25 30.96 58.39
N GLU J 381 -0.01 30.02 59.30
CA GLU J 381 0.52 30.11 60.67
C GLU J 381 2.01 30.30 60.72
N ASN J 382 2.71 30.21 59.60
CA ASN J 382 4.14 30.36 59.63
C ASN J 382 4.71 31.54 58.88
N GLY J 383 4.00 32.12 57.94
CA GLY J 383 4.64 33.21 57.20
C GLY J 383 5.11 32.74 55.85
N ILE J 384 4.96 31.45 55.61
CA ILE J 384 5.26 30.84 54.34
C ILE J 384 4.34 31.43 53.28
N VAL J 385 4.91 32.24 52.38
CA VAL J 385 4.21 32.76 51.23
C VAL J 385 4.41 31.91 49.94
N ASP J 386 3.38 31.72 49.14
CA ASP J 386 3.60 31.11 47.81
C ASP J 386 4.42 32.00 46.81
N LEU J 387 5.24 31.37 45.96
CA LEU J 387 5.75 32.05 44.76
C LEU J 387 4.63 32.36 43.79
N PRO J 388 4.84 33.31 42.85
CA PRO J 388 3.80 33.57 41.85
C PRO J 388 3.36 32.29 41.12
N ALA J 389 2.10 32.23 40.76
CA ALA J 389 1.63 31.03 40.05
C ALA J 389 1.62 31.18 38.50
N THR J 390 1.77 32.37 37.94
CA THR J 390 1.86 32.45 36.48
C THR J 390 2.83 33.53 36.19
N LEU J 391 3.32 33.56 34.95
CA LEU J 391 4.23 34.63 34.53
C LEU J 391 3.57 36.01 34.74
N ALA J 392 2.30 36.13 34.37
CA ALA J 392 1.63 37.43 34.51
C ALA J 392 1.70 37.87 35.98
N GLU J 393 1.26 37.02 36.92
CA GLU J 393 1.43 37.27 38.37
C GLU J 393 2.85 37.63 38.83
N ALA J 394 3.91 36.93 38.39
CA ALA J 394 5.31 37.28 38.70
C ALA J 394 5.75 38.66 38.15
N LEU J 395 5.33 38.97 36.94
CA LEU J 395 5.64 40.26 36.41
C LEU J 395 5.06 41.36 37.32
N GLU J 396 3.80 41.22 37.73
CA GLU J 396 3.19 42.24 38.54
C GLU J 396 3.94 42.47 39.86
N GLU J 397 4.46 41.39 40.42
CA GLU J 397 5.24 41.49 41.65
C GLU J 397 6.62 42.04 41.38
N PHE J 398 7.18 41.73 40.21
CA PHE J 398 8.49 42.26 39.87
C PHE J 398 8.37 43.79 39.73
N LYS J 399 7.30 44.24 39.08
CA LYS J 399 7.09 45.67 38.91
C LYS J 399 7.09 46.47 40.24
N SER J 400 6.47 45.91 41.26
CA SER J 400 6.24 46.71 42.44
C SER J 400 7.42 46.64 43.41
N ASN J 401 8.61 46.31 42.92
CA ASN J 401 9.74 46.17 43.81
C ASN J 401 10.89 47.00 43.28
N GLU J 402 11.11 48.12 43.94
CA GLU J 402 12.13 49.06 43.55
C GLU J 402 13.47 48.39 43.44
N VAL J 403 13.80 47.57 44.43
CA VAL J 403 15.14 47.04 44.52
C VAL J 403 15.40 46.11 43.34
N MET J 404 14.38 45.34 42.94
CA MET J 404 14.50 44.43 41.79
C MET J 404 14.53 45.28 40.50
N VAL J 405 13.62 46.24 40.36
CA VAL J 405 13.64 47.09 39.19
C VAL J 405 15.01 47.76 38.98
N LYS J 406 15.49 48.47 39.97
CA LYS J 406 16.85 49.00 39.92
C LYS J 406 17.89 47.92 39.60
N ALA J 407 17.79 46.71 40.16
CA ALA J 407 18.77 45.67 39.78
C ALA J 407 18.91 45.46 38.21
N LEU J 408 17.83 45.69 37.46
CA LEU J 408 17.81 45.56 35.99
C LEU J 408 18.24 46.87 35.25
N GLY J 409 17.75 48.04 35.71
CA GLY J 409 18.11 49.30 35.09
C GLY J 409 17.03 49.62 34.10
N GLU J 410 16.94 50.88 33.62
CA GLU J 410 15.79 51.33 32.80
C GLU J 410 15.57 50.42 31.56
N HIS J 411 16.59 50.35 30.70
CA HIS J 411 16.51 49.70 29.41
C HIS J 411 16.12 48.22 29.52
N LEU J 412 16.82 47.51 30.40
CA LEU J 412 16.61 46.07 30.57
C LEU J 412 15.24 45.79 31.09
N PHE J 413 14.82 46.64 32.01
CA PHE J 413 13.52 46.51 32.65
C PHE J 413 12.36 46.76 31.72
N GLU J 414 12.37 47.89 31.01
CA GLU J 414 11.33 48.18 30.03
C GLU J 414 11.27 47.10 28.96
N HIS J 415 12.42 46.73 28.38
CA HIS J 415 12.45 45.70 27.34
C HIS J 415 12.00 44.33 27.80
N PHE J 416 12.41 43.93 29.02
CA PHE J 416 11.98 42.66 29.59
C PHE J 416 10.47 42.59 29.75
N ILE J 417 9.92 43.59 30.43
CA ILE J 417 8.50 43.67 30.69
C ILE J 417 7.75 43.59 29.38
N GLU J 418 8.29 44.28 28.39
CA GLU J 418 7.60 44.45 27.12
C GLU J 418 7.55 43.09 26.38
N ALA J 419 8.70 42.42 26.30
CA ALA J 419 8.79 41.12 25.64
C ALA J 419 7.89 40.13 26.37
N LYS J 420 7.91 40.17 27.71
CA LYS J 420 7.17 39.19 28.49
C LYS J 420 5.67 39.43 28.52
N GLU J 421 5.24 40.67 28.39
CA GLU J 421 3.83 40.88 28.42
C GLU J 421 3.26 40.38 27.13
N ILE J 422 4.04 40.55 26.07
CA ILE J 422 3.64 40.12 24.74
C ILE J 422 3.56 38.59 24.69
N GLU J 423 4.56 37.94 25.23
CA GLU J 423 4.60 36.50 25.26
C GLU J 423 3.36 36.00 26.02
N TRP J 424 3.03 36.65 27.13
CA TRP J 424 1.90 36.24 27.95
C TRP J 424 0.61 36.42 27.18
N ASP J 425 0.57 37.43 26.34
CA ASP J 425 -0.62 37.65 25.53
C ASP J 425 -0.89 36.57 24.50
N MET J 426 0.11 36.19 23.73
CA MET J 426 -0.11 35.13 22.77
C MET J 426 -0.67 33.95 23.58
N PHE J 427 0.04 33.58 24.65
CA PHE J 427 -0.35 32.43 25.42
C PHE J 427 -1.78 32.54 25.87
N ARG J 428 -2.09 33.70 26.46
CA ARG J 428 -3.39 33.89 27.11
C ARG J 428 -4.56 33.69 26.13
N THR J 429 -4.41 34.17 24.89
CA THR J 429 -5.49 34.29 23.92
C THR J 429 -5.56 33.03 23.08
N GLN J 430 -4.48 32.28 23.11
CA GLN J 430 -4.43 31.04 22.38
C GLN J 430 -5.49 30.00 22.90
N VAL J 431 -6.07 29.20 21.98
CA VAL J 431 -7.00 28.17 22.44
C VAL J 431 -6.29 26.80 22.38
N HIS J 432 -6.07 26.13 23.51
CA HIS J 432 -5.20 24.94 23.48
C HIS J 432 -5.98 23.70 23.26
N PRO J 433 -5.33 22.63 22.78
CA PRO J 433 -6.21 21.45 22.66
C PRO J 433 -6.87 20.98 23.98
N TRP J 434 -6.21 21.17 25.10
CA TRP J 434 -6.76 20.76 26.40
C TRP J 434 -8.24 21.22 26.48
N GLU J 435 -8.47 22.39 25.89
CA GLU J 435 -9.71 23.11 26.09
C GLU J 435 -10.78 22.46 25.24
N ARG J 436 -10.44 21.98 24.04
CA ARG J 436 -11.46 21.26 23.29
C ARG J 436 -11.67 19.88 23.88
N GLU J 437 -10.65 19.29 24.50
CA GLU J 437 -10.88 17.99 25.08
C GLU J 437 -11.91 18.12 26.19
N GLN J 438 -11.76 19.16 27.02
CA GLN J 438 -12.66 19.37 28.15
C GLN J 438 -14.06 19.89 27.78
N TYR J 439 -14.15 20.70 26.73
CA TYR J 439 -15.36 21.53 26.58
C TYR J 439 -16.09 21.27 25.30
N MET J 440 -15.35 20.77 24.31
CA MET J 440 -15.84 20.63 22.96
C MET J 440 -17.04 19.74 22.93
N SER J 441 -17.06 18.74 23.81
CA SER J 441 -18.19 17.79 23.88
C SER J 441 -19.03 17.95 25.11
N GLN J 442 -18.44 18.46 26.18
CA GLN J 442 -19.13 18.76 27.41
C GLN J 442 -20.21 19.83 27.20
N TYR J 443 -19.95 20.78 26.31
CA TYR J 443 -20.87 21.90 26.05
C TYR J 443 -21.24 21.94 24.57
N ALA K 1 49.40 46.56 -16.49
CA ALA K 1 48.36 46.46 -15.45
C ALA K 1 48.85 45.58 -14.28
N LYS K 2 48.32 44.35 -14.17
CA LYS K 2 48.83 43.36 -13.23
C LYS K 2 49.37 42.13 -14.04
N TYR K 3 48.56 41.12 -14.30
CA TYR K 3 49.00 39.95 -15.08
C TYR K 3 49.30 40.23 -16.55
N THR K 4 50.36 39.60 -17.04
CA THR K 4 50.71 39.70 -18.45
C THR K 4 50.69 38.34 -19.13
N ARG K 5 50.49 38.33 -20.44
CA ARG K 5 50.47 37.07 -21.16
C ARG K 5 51.57 36.10 -20.68
N GLU K 6 52.82 36.55 -20.63
CA GLU K 6 53.95 35.71 -20.18
C GLU K 6 53.72 35.13 -18.79
N ASP K 7 53.16 35.93 -17.91
CA ASP K 7 52.77 35.48 -16.56
C ASP K 7 51.72 34.39 -16.58
N ILE K 8 50.70 34.59 -17.41
CA ILE K 8 49.61 33.62 -17.56
C ILE K 8 50.21 32.34 -18.12
N GLU K 9 51.18 32.47 -19.02
CA GLU K 9 51.72 31.28 -19.64
C GLU K 9 52.55 30.50 -18.65
N LYS K 10 53.20 31.17 -17.71
CA LYS K 10 53.90 30.50 -16.60
C LYS K 10 52.94 29.87 -15.58
N LEU K 11 51.97 30.64 -15.08
CA LEU K 11 51.01 30.07 -14.12
C LEU K 11 50.33 28.82 -14.68
N VAL K 12 49.77 28.91 -15.89
CA VAL K 12 49.16 27.75 -16.53
C VAL K 12 50.06 26.50 -16.55
N LYS K 13 51.33 26.64 -16.95
CA LYS K 13 52.25 25.51 -16.84
C LYS K 13 52.50 25.09 -15.39
N GLU K 14 52.93 26.01 -14.52
CA GLU K 14 53.29 25.70 -13.13
C GLU K 14 52.17 25.03 -12.35
N GLU K 15 50.93 25.43 -12.64
CA GLU K 15 49.76 24.84 -12.03
C GLU K 15 49.37 23.75 -12.94
N ASN K 16 48.51 22.89 -12.50
CA ASN K 16 48.23 21.81 -13.43
C ASN K 16 47.15 22.21 -14.43
N VAL K 17 47.26 23.37 -15.07
CA VAL K 17 46.04 23.87 -15.73
C VAL K 17 45.77 23.19 -17.09
N LYS K 18 44.66 22.45 -17.14
CA LYS K 18 44.32 21.57 -18.24
C LYS K 18 43.14 22.11 -19.10
N TYR K 19 42.39 23.07 -18.57
CA TYR K 19 41.26 23.68 -19.29
C TYR K 19 41.07 25.11 -18.86
N ILE K 20 40.73 25.92 -19.84
CA ILE K 20 40.52 27.32 -19.62
C ILE K 20 39.01 27.60 -19.81
N ARG K 21 38.40 28.33 -18.91
CA ARG K 21 36.99 28.67 -19.09
C ARG K 21 36.89 30.14 -19.39
N LEU K 22 36.29 30.46 -20.53
CA LEU K 22 36.10 31.87 -20.90
C LEU K 22 34.70 32.29 -20.48
N GLN K 23 34.60 33.23 -19.52
CA GLN K 23 33.27 33.65 -19.02
C GLN K 23 32.94 35.11 -19.27
N PHE K 24 31.65 35.38 -19.47
CA PHE K 24 31.15 36.74 -19.60
C PHE K 24 29.71 36.77 -19.06
N THR K 25 29.08 37.93 -19.01
CA THR K 25 27.78 38.00 -18.41
C THR K 25 26.78 38.56 -19.39
N ASP K 26 25.57 38.02 -19.41
CA ASP K 26 24.54 38.52 -20.31
C ASP K 26 23.83 39.78 -19.74
N ILE K 27 22.67 40.11 -20.27
CA ILE K 27 22.12 41.40 -19.97
C ILE K 27 21.35 41.24 -18.70
N LEU K 28 20.83 40.02 -18.52
CA LEU K 28 20.11 39.69 -17.29
C LEU K 28 21.03 39.45 -16.09
N GLY K 29 22.35 39.45 -16.28
CA GLY K 29 23.28 39.30 -15.18
C GLY K 29 23.83 37.89 -15.09
N THR K 30 23.30 37.02 -15.92
CA THR K 30 23.65 35.63 -15.87
C THR K 30 25.05 35.32 -16.35
N ILE K 31 25.79 34.59 -15.57
CA ILE K 31 27.09 34.18 -16.08
C ILE K 31 27.03 33.10 -17.18
N LYS K 32 27.93 33.25 -18.14
CA LYS K 32 28.01 32.35 -19.28
C LYS K 32 29.44 31.89 -19.58
N ASN K 33 29.60 30.73 -20.19
CA ASN K 33 30.96 30.31 -20.49
C ASN K 33 31.04 29.13 -21.43
N VAL K 34 32.24 29.02 -21.99
CA VAL K 34 32.66 27.94 -22.85
C VAL K 34 33.94 27.42 -22.28
N GLU K 35 34.25 26.15 -22.45
CA GLU K 35 35.49 25.63 -21.90
C GLU K 35 36.33 25.17 -23.06
N ILE K 36 37.65 25.42 -22.99
CA ILE K 36 38.54 25.02 -24.07
C ILE K 36 39.77 24.33 -23.52
N PRO K 37 40.31 23.32 -24.20
CA PRO K 37 41.50 22.73 -23.58
C PRO K 37 42.68 23.70 -23.59
N VAL K 38 43.57 23.55 -22.59
CA VAL K 38 44.68 24.48 -22.40
C VAL K 38 45.51 24.69 -23.73
N SER K 39 45.51 23.71 -24.63
CA SER K 39 46.22 23.83 -25.93
C SER K 39 45.72 24.98 -26.78
N GLN K 40 44.55 25.45 -26.43
CA GLN K 40 43.88 26.49 -27.17
C GLN K 40 44.18 27.83 -26.47
N LEU K 41 44.94 27.77 -25.37
CA LEU K 41 45.34 29.02 -24.70
C LEU K 41 45.81 30.07 -25.73
N GLY K 42 46.84 29.79 -26.52
CA GLY K 42 47.20 30.70 -27.58
C GLY K 42 46.00 31.32 -28.33
N LYS K 43 45.13 30.49 -28.93
CA LYS K 43 43.96 31.01 -29.65
C LYS K 43 43.08 32.00 -28.82
N ALA K 44 42.96 31.76 -27.51
CA ALA K 44 42.16 32.63 -26.66
C ALA K 44 42.92 33.94 -26.40
N LEU K 45 44.21 33.78 -26.15
CA LEU K 45 44.98 34.94 -25.81
C LEU K 45 45.05 35.83 -27.04
N ASP K 46 44.83 35.21 -28.20
CA ASP K 46 44.89 35.91 -29.48
C ASP K 46 43.55 36.53 -29.82
N ASN K 47 42.65 36.61 -28.84
CA ASN K 47 41.27 37.05 -29.08
C ASN K 47 40.57 36.41 -30.29
N LYS K 48 40.73 35.09 -30.45
CA LYS K 48 40.22 34.40 -31.64
C LYS K 48 39.10 33.38 -31.36
N VAL K 49 38.72 33.19 -30.10
CA VAL K 49 37.67 32.25 -29.78
C VAL K 49 36.34 32.92 -30.03
N MET K 50 35.42 32.26 -30.71
CA MET K 50 34.18 32.91 -31.08
C MET K 50 32.95 32.25 -30.42
N PHE K 51 31.77 32.87 -30.58
CA PHE K 51 30.55 32.28 -30.08
C PHE K 51 29.29 32.81 -30.78
N ASP K 52 28.19 32.10 -30.61
CA ASP K 52 26.94 32.55 -31.16
C ASP K 52 26.30 33.63 -30.26
N GLY K 53 26.60 34.87 -30.58
CA GLY K 53 26.03 35.97 -29.88
C GLY K 53 24.53 36.04 -30.05
N SER K 54 23.92 35.28 -30.94
CA SER K 54 22.45 35.36 -30.99
C SER K 54 21.80 34.41 -29.99
N SER K 55 22.61 33.69 -29.23
CA SER K 55 22.10 32.69 -28.30
C SER K 55 22.33 33.19 -26.86
N ILE K 56 22.63 34.48 -26.74
CA ILE K 56 22.85 35.14 -25.44
C ILE K 56 21.77 36.22 -25.28
N GLU K 57 21.03 36.24 -24.18
CA GLU K 57 20.04 37.31 -23.95
C GLU K 57 20.60 38.74 -24.11
N GLY K 58 19.90 39.51 -24.95
CA GLY K 58 20.19 40.91 -25.22
C GLY K 58 21.46 41.26 -26.00
N PHE K 59 22.08 40.28 -26.65
CA PHE K 59 23.28 40.49 -27.46
C PHE K 59 22.95 40.83 -28.91
N VAL K 60 23.31 39.96 -29.85
CA VAL K 60 23.01 40.27 -31.24
C VAL K 60 22.00 39.32 -31.93
N ARG K 61 21.65 39.61 -33.16
CA ARG K 61 20.64 38.85 -33.89
C ARG K 61 21.23 37.68 -34.69
N ILE K 62 20.31 36.84 -35.16
CA ILE K 62 20.68 35.61 -35.80
C ILE K 62 21.49 35.81 -37.08
N GLU K 63 21.27 36.93 -37.82
CA GLU K 63 21.90 37.25 -39.14
C GLU K 63 23.33 37.70 -39.06
N GLU K 64 23.72 38.24 -37.90
CA GLU K 64 25.09 38.63 -37.67
C GLU K 64 25.41 38.07 -36.32
N SER K 65 25.56 36.76 -36.21
CA SER K 65 25.69 36.16 -34.88
C SER K 65 27.13 36.06 -34.41
N ASP K 66 28.05 35.90 -35.34
CA ASP K 66 29.43 35.64 -34.98
C ASP K 66 29.90 36.75 -34.04
N MET K 67 30.60 36.39 -32.97
CA MET K 67 31.07 37.35 -31.96
C MET K 67 32.35 36.80 -31.35
N TYR K 68 33.19 37.68 -30.83
CA TYR K 68 34.49 37.24 -30.28
C TYR K 68 34.64 37.56 -28.80
N LEU K 69 35.56 36.84 -28.17
CA LEU K 69 35.81 36.92 -26.75
C LEU K 69 37.23 37.41 -26.60
N TYR K 70 37.38 38.53 -25.93
CA TYR K 70 38.69 39.03 -25.59
C TYR K 70 38.95 38.92 -24.08
N PRO K 71 39.64 37.85 -23.64
CA PRO K 71 39.94 37.64 -22.21
C PRO K 71 40.68 38.80 -21.55
N ASP K 72 40.32 39.12 -20.32
CA ASP K 72 40.97 40.12 -19.50
C ASP K 72 41.98 39.39 -18.68
N LEU K 73 43.27 39.48 -19.04
CA LEU K 73 44.32 38.79 -18.30
C LEU K 73 44.27 38.92 -16.79
N ASN K 74 43.88 40.08 -16.25
CA ASN K 74 43.93 40.26 -14.78
C ASN K 74 42.83 39.50 -14.03
N THR K 75 41.84 38.94 -14.74
CA THR K 75 40.77 38.15 -14.11
C THR K 75 41.13 36.66 -14.00
N PHE K 76 42.38 36.29 -14.27
CA PHE K 76 42.79 34.90 -14.20
C PHE K 76 42.53 34.30 -12.77
N VAL K 77 41.76 33.24 -12.66
CA VAL K 77 41.54 32.57 -11.37
C VAL K 77 41.33 31.07 -11.56
N ILE K 78 41.93 30.24 -10.69
CA ILE K 78 41.73 28.77 -10.75
C ILE K 78 40.57 28.27 -9.90
N PHE K 79 39.67 27.44 -10.44
CA PHE K 79 38.56 26.91 -9.60
C PHE K 79 39.10 25.70 -8.86
N PRO K 80 39.26 25.79 -7.52
CA PRO K 80 39.85 24.70 -6.71
C PRO K 80 39.03 23.36 -6.70
N TRP K 81 37.71 23.48 -6.77
CA TRP K 81 36.83 22.30 -6.86
C TRP K 81 36.96 21.51 -8.20
N THR K 82 37.80 21.96 -9.12
CA THR K 82 37.95 21.14 -10.31
C THR K 82 39.35 20.54 -10.43
N ALA K 83 40.21 20.78 -9.43
CA ALA K 83 41.63 20.53 -9.60
C ALA K 83 42.03 19.06 -9.47
N GLU K 84 41.05 18.20 -9.31
CA GLU K 84 41.30 16.81 -9.01
C GLU K 84 41.22 16.01 -10.29
N LYS K 85 40.18 16.27 -11.10
CA LYS K 85 40.00 15.57 -12.39
C LYS K 85 40.41 16.32 -13.68
N GLY K 86 40.59 17.64 -13.60
CA GLY K 86 40.94 18.47 -14.74
C GLY K 86 40.95 19.91 -14.30
N LYS K 87 42.09 20.39 -13.80
CA LYS K 87 42.16 21.72 -13.21
C LYS K 87 41.82 22.78 -14.21
N VAL K 88 40.99 23.74 -13.80
CA VAL K 88 40.41 24.82 -14.61
C VAL K 88 40.73 26.29 -14.15
N ALA K 89 41.24 27.13 -15.04
CA ALA K 89 41.38 28.56 -14.75
C ALA K 89 40.35 29.27 -15.61
N ARG K 90 39.79 30.38 -15.13
CA ARG K 90 38.82 31.13 -15.91
C ARG K 90 39.43 32.48 -16.27
N PHE K 91 38.85 33.13 -17.28
CA PHE K 91 39.20 34.48 -17.68
C PHE K 91 37.85 35.10 -17.80
N ILE K 92 37.60 36.27 -17.23
CA ILE K 92 36.41 36.98 -17.64
C ILE K 92 36.74 37.73 -18.97
N CYS K 93 35.79 37.81 -19.88
CA CYS K 93 36.08 38.44 -21.17
C CYS K 93 35.18 39.60 -21.50
N ASP K 94 35.70 40.44 -22.42
CA ASP K 94 34.96 41.53 -23.06
C ASP K 94 34.54 41.05 -24.47
N ILE K 95 33.41 41.55 -24.98
CA ILE K 95 32.82 41.03 -26.19
C ILE K 95 33.21 41.95 -27.33
N TYR K 96 33.74 41.38 -28.42
CA TYR K 96 34.07 42.17 -29.58
C TYR K 96 33.25 41.74 -30.79
N ASN K 97 32.97 42.72 -31.65
CA ASN K 97 32.34 42.49 -32.94
C ASN K 97 33.36 41.93 -33.91
N PRO K 98 32.89 41.27 -34.94
CA PRO K 98 33.91 40.62 -35.79
C PRO K 98 34.88 41.68 -36.44
N ASP K 99 34.49 42.94 -36.51
CA ASP K 99 35.44 43.92 -37.09
C ASP K 99 36.46 44.56 -36.11
N GLY K 100 36.65 43.95 -34.93
CA GLY K 100 37.64 44.44 -33.95
C GLY K 100 37.18 45.58 -33.04
N THR K 101 35.94 46.05 -33.24
CA THR K 101 35.28 47.00 -32.33
C THR K 101 34.56 46.33 -31.08
N PRO K 102 34.75 46.90 -29.89
CA PRO K 102 33.99 46.48 -28.69
C PRO K 102 32.48 46.46 -28.94
N PHE K 103 31.81 45.48 -28.36
CA PHE K 103 30.38 45.36 -28.58
C PHE K 103 29.70 46.39 -27.66
N GLU K 104 28.89 47.28 -28.23
CA GLU K 104 28.10 48.21 -27.39
C GLU K 104 27.11 47.54 -26.43
N GLY K 105 26.87 46.26 -26.60
CA GLY K 105 25.78 45.68 -25.86
C GLY K 105 26.31 44.93 -24.69
N ASP K 106 27.59 45.06 -24.35
CA ASP K 106 28.18 44.21 -23.32
C ASP K 106 28.26 44.94 -21.97
N PRO K 107 27.58 44.44 -20.90
CA PRO K 107 27.53 45.13 -19.62
C PRO K 107 28.89 45.47 -19.02
N ARG K 108 29.83 44.57 -18.96
CA ARG K 108 31.09 44.98 -18.31
C ARG K 108 31.70 46.20 -19.04
N ASN K 109 31.68 46.18 -20.37
CA ASN K 109 32.29 47.28 -21.11
C ASN K 109 31.54 48.61 -20.91
N ASN K 110 30.22 48.54 -20.85
CA ASN K 110 29.48 49.68 -20.43
C ASN K 110 29.97 50.27 -19.05
N LEU K 111 30.08 49.45 -18.01
CA LEU K 111 30.58 49.96 -16.74
C LEU K 111 31.88 50.76 -16.98
N LYS K 112 32.83 50.25 -17.77
CA LYS K 112 34.05 51.01 -18.02
C LYS K 112 33.87 52.44 -18.65
N ARG K 113 32.98 52.58 -19.60
CA ARG K 113 32.75 53.90 -20.20
C ARG K 113 32.24 54.86 -19.12
N ILE K 114 31.45 54.35 -18.19
CA ILE K 114 31.03 55.20 -17.11
C ILE K 114 32.19 55.55 -16.16
N LEU K 115 33.06 54.57 -15.89
CA LEU K 115 34.21 54.77 -15.03
C LEU K 115 35.13 55.79 -15.64
N LYS K 116 35.01 55.98 -16.95
CA LYS K 116 35.86 56.90 -17.69
C LYS K 116 35.35 58.32 -17.49
N GLU K 117 34.03 58.44 -17.34
CA GLU K 117 33.42 59.70 -17.01
C GLU K 117 33.86 60.09 -15.62
N MET K 118 33.96 59.09 -14.77
CA MET K 118 34.45 59.36 -13.46
C MET K 118 35.90 59.88 -13.48
N GLU K 119 36.72 59.35 -14.38
CA GLU K 119 38.11 59.78 -14.39
C GLU K 119 38.21 61.20 -14.89
N ASP K 120 37.36 61.57 -15.84
CA ASP K 120 37.43 62.92 -16.39
C ASP K 120 36.94 63.88 -15.34
N LEU K 121 36.45 63.35 -14.24
CA LEU K 121 35.88 64.21 -13.26
C LEU K 121 36.85 64.30 -12.04
N GLY K 122 38.03 63.68 -12.09
CA GLY K 122 39.03 63.94 -11.06
C GLY K 122 39.30 62.81 -10.08
N PHE K 123 38.43 61.81 -10.08
CA PHE K 123 38.56 60.68 -9.17
C PHE K 123 39.36 59.52 -9.77
N SER K 124 40.04 58.80 -8.88
CA SER K 124 40.94 57.76 -9.30
C SER K 124 40.33 56.36 -9.25
N ASP K 125 39.38 56.12 -8.34
CA ASP K 125 38.74 54.81 -8.15
C ASP K 125 37.33 54.96 -7.64
N PHE K 126 36.49 54.03 -8.06
CA PHE K 126 35.14 53.93 -7.56
C PHE K 126 35.03 52.52 -6.94
N ASN K 127 34.99 52.53 -5.60
CA ASN K 127 34.88 51.30 -4.83
C ASN K 127 33.45 50.94 -4.45
N LEU K 128 33.23 49.64 -4.48
CA LEU K 128 31.98 49.01 -4.15
C LEU K 128 32.25 47.85 -3.20
N GLY K 129 31.57 47.85 -2.07
CA GLY K 129 31.52 46.67 -1.22
C GLY K 129 30.13 46.06 -1.26
N PRO K 130 29.92 44.99 -2.05
CA PRO K 130 28.56 44.45 -2.21
C PRO K 130 28.19 43.52 -1.07
N GLU K 131 26.93 43.43 -0.62
CA GLU K 131 26.55 42.39 0.37
C GLU K 131 25.47 41.41 -0.12
N PRO K 132 25.84 40.36 -0.84
CA PRO K 132 24.68 39.70 -1.46
C PRO K 132 24.11 38.55 -0.62
N GLU K 133 23.03 38.80 0.11
CA GLU K 133 22.35 37.83 0.96
C GLU K 133 21.75 36.73 0.08
N PHE K 134 21.53 35.53 0.62
CA PHE K 134 20.88 34.45 -0.16
C PHE K 134 20.18 33.49 0.77
N PHE K 135 19.28 32.70 0.25
CA PHE K 135 18.61 31.68 0.97
C PHE K 135 19.11 30.28 0.56
N LEU K 136 18.96 29.29 1.44
CA LEU K 136 19.32 27.92 1.15
C LEU K 136 18.08 27.11 1.27
N PHE K 137 17.76 26.38 0.21
CA PHE K 137 16.62 25.49 0.23
C PHE K 137 17.05 24.04 0.13
N LYS K 138 16.35 23.14 0.79
CA LYS K 138 16.73 21.74 0.67
C LYS K 138 16.34 21.19 -0.70
N LEU K 139 17.27 20.42 -1.28
CA LEU K 139 17.02 19.56 -2.47
C LEU K 139 16.28 18.28 -2.13
N ASP K 140 15.51 17.77 -3.09
CA ASP K 140 14.81 16.50 -2.94
C ASP K 140 15.72 15.33 -3.41
N GLU K 141 15.19 14.12 -3.35
CA GLU K 141 15.91 12.91 -3.77
C GLU K 141 16.16 12.93 -5.28
N LYS K 142 15.53 13.86 -6.00
CA LYS K 142 15.74 14.00 -7.44
C LYS K 142 16.71 15.15 -7.85
N GLY K 143 17.34 15.80 -6.85
CA GLY K 143 18.26 16.92 -7.08
C GLY K 143 17.59 18.27 -7.39
N GLU K 144 16.28 18.34 -7.27
CA GLU K 144 15.49 19.56 -7.48
C GLU K 144 15.17 20.38 -6.17
N PRO K 145 15.21 21.69 -6.23
CA PRO K 145 14.89 22.37 -4.99
C PRO K 145 13.44 22.15 -4.58
N THR K 146 13.17 22.27 -3.29
CA THR K 146 11.83 22.24 -2.69
C THR K 146 11.59 23.58 -1.97
N LEU K 147 10.46 23.77 -1.32
CA LEU K 147 10.20 25.06 -0.67
C LEU K 147 10.58 25.02 0.78
N GLU K 148 11.48 24.11 1.13
CA GLU K 148 11.77 23.88 2.54
C GLU K 148 13.16 24.43 2.89
N LEU K 149 13.13 25.47 3.71
CA LEU K 149 14.37 26.14 4.10
C LEU K 149 15.36 25.24 4.80
N ASN K 150 16.63 25.55 4.68
CA ASN K 150 17.58 24.67 5.33
C ASN K 150 17.47 24.70 6.86
N ASP K 151 16.89 25.74 7.44
CA ASP K 151 16.70 25.77 8.88
C ASP K 151 15.72 26.86 9.29
N LYS K 152 15.50 27.00 10.59
CA LYS K 152 14.53 27.97 11.10
C LYS K 152 15.22 28.98 12.00
N GLY K 153 16.54 29.14 11.82
CA GLY K 153 17.34 30.12 12.55
C GLY K 153 17.01 31.57 12.27
N GLY K 154 17.78 32.47 12.87
CA GLY K 154 17.58 33.91 12.84
C GLY K 154 18.93 34.62 12.88
N TYR K 155 18.92 35.92 13.09
CA TYR K 155 20.11 36.75 12.96
C TYR K 155 21.16 36.33 13.97
N PHE K 156 22.34 35.97 13.47
CA PHE K 156 23.48 35.63 14.34
C PHE K 156 23.31 34.39 15.21
N ASP K 157 22.35 33.55 14.84
CA ASP K 157 22.09 32.37 15.58
C ASP K 157 23.26 31.38 15.45
N LEU K 158 23.39 30.51 16.47
CA LEU K 158 24.40 29.46 16.52
C LEU K 158 23.79 28.14 16.13
N ALA K 159 24.68 27.26 15.71
CA ALA K 159 24.36 25.86 15.44
C ALA K 159 23.74 25.19 16.65
N PRO K 160 22.69 24.39 16.32
CA PRO K 160 21.56 23.51 16.22
C PRO K 160 20.55 24.46 15.45
N THR K 161 20.34 25.69 15.97
CA THR K 161 19.41 26.66 15.33
C THR K 161 19.85 27.11 13.94
N ASP K 162 21.11 27.52 13.78
CA ASP K 162 21.71 27.79 12.46
C ASP K 162 22.28 26.47 11.86
N LEU K 163 21.66 25.90 10.83
CA LEU K 163 22.20 24.71 10.19
C LEU K 163 23.04 25.00 8.93
N GLY K 164 23.30 26.27 8.67
CA GLY K 164 23.98 26.67 7.45
C GLY K 164 25.45 26.91 7.72
N GLU K 165 25.88 26.63 8.95
CA GLU K 165 27.25 26.92 9.40
C GLU K 165 28.25 26.08 8.60
N ASN K 166 27.96 24.82 8.31
CA ASN K 166 28.94 24.12 7.49
C ASN K 166 28.93 24.49 6.04
N CYS K 167 27.75 24.84 5.52
CA CYS K 167 27.71 25.17 4.13
C CYS K 167 28.52 26.45 4.01
N ARG K 168 28.28 27.40 4.89
CA ARG K 168 28.96 28.66 4.75
C ARG K 168 30.46 28.46 4.88
N ARG K 169 30.85 27.60 5.79
CA ARG K 169 32.28 27.39 5.97
C ARG K 169 32.91 26.94 4.65
N ASP K 170 32.24 26.03 3.94
CA ASP K 170 32.83 25.48 2.72
C ASP K 170 32.86 26.56 1.62
N ILE K 171 31.87 27.45 1.64
CA ILE K 171 31.81 28.55 0.73
C ILE K 171 33.03 29.45 0.99
N VAL K 172 33.25 29.72 2.29
CA VAL K 172 34.25 30.68 2.68
C VAL K 172 35.58 30.08 2.32
N LEU K 173 35.73 28.76 2.52
CA LEU K 173 36.97 28.08 2.18
C LEU K 173 37.32 28.23 0.70
N GLU K 174 36.36 28.01 -0.20
CA GLU K 174 36.65 28.17 -1.63
C GLU K 174 36.98 29.61 -1.95
N LEU K 175 36.20 30.56 -1.45
CA LEU K 175 36.42 31.95 -1.81
C LEU K 175 37.79 32.41 -1.34
N GLU K 176 38.27 31.88 -0.19
CA GLU K 176 39.56 32.30 0.32
C GLU K 176 40.64 31.68 -0.55
N GLU K 177 40.40 30.46 -0.99
CA GLU K 177 41.30 29.78 -1.90
C GLU K 177 41.43 30.52 -3.25
N MET K 178 40.34 31.12 -3.72
CA MET K 178 40.33 31.82 -4.97
C MET K 178 40.76 33.30 -4.83
N GLY K 179 41.26 33.64 -3.63
CA GLY K 179 41.85 34.93 -3.42
C GLY K 179 40.93 36.01 -2.90
N PHE K 180 39.66 35.72 -2.62
CA PHE K 180 38.81 36.68 -1.87
C PHE K 180 39.33 37.03 -0.44
N GLU K 181 39.07 38.25 0.01
CA GLU K 181 39.29 38.63 1.42
C GLU K 181 38.00 38.67 2.19
N ILE K 182 37.57 37.52 2.68
CA ILE K 182 36.31 37.45 3.37
C ILE K 182 36.39 38.24 4.68
N GLU K 183 35.29 38.87 5.01
CA GLU K 183 35.26 39.73 6.17
C GLU K 183 34.35 39.23 7.30
N ALA K 184 33.32 38.46 6.98
CA ALA K 184 32.45 37.94 8.02
C ALA K 184 31.46 36.97 7.43
N SER K 185 30.81 36.22 8.32
CA SER K 185 29.91 35.21 7.89
C SER K 185 28.91 34.86 8.99
N HIS K 186 27.61 34.79 8.67
CA HIS K 186 26.59 34.61 9.70
C HIS K 186 25.23 34.31 9.14
N HIS K 187 24.31 33.87 10.01
CA HIS K 187 22.91 33.72 9.66
C HIS K 187 22.17 35.10 9.62
N GLU K 188 21.28 35.26 8.65
CA GLU K 188 20.59 36.49 8.50
C GLU K 188 19.23 36.36 9.20
N VAL K 189 18.40 37.40 9.12
CA VAL K 189 17.22 37.49 9.92
C VAL K 189 16.22 36.38 9.63
N ALA K 190 15.84 36.20 8.38
CA ALA K 190 14.80 35.23 8.05
C ALA K 190 15.30 33.82 8.16
N PRO K 191 14.36 32.86 8.28
CA PRO K 191 14.82 31.47 8.27
C PRO K 191 15.40 31.06 6.89
N GLY K 192 16.39 30.18 6.87
CA GLY K 192 17.17 29.83 5.70
C GLY K 192 18.01 30.96 5.07
N GLN K 193 18.19 32.07 5.75
CA GLN K 193 18.89 33.18 5.08
C GLN K 193 20.31 33.32 5.62
N HIS K 194 21.26 33.66 4.76
CA HIS K 194 22.66 33.71 5.13
C HIS K 194 23.40 34.87 4.44
N GLU K 195 24.57 35.18 4.98
CA GLU K 195 25.35 36.24 4.44
C GLU K 195 26.84 35.97 4.60
N ILE K 196 27.60 36.30 3.57
CA ILE K 196 29.05 36.16 3.64
C ILE K 196 29.54 37.47 3.15
N ASP K 197 30.46 38.11 3.84
CA ASP K 197 30.90 39.42 3.43
C ASP K 197 32.34 39.35 2.95
N PHE K 198 32.68 40.21 2.00
CA PHE K 198 34.04 40.27 1.55
C PHE K 198 34.49 41.72 1.27
N LYS K 199 35.78 41.92 1.20
CA LYS K 199 36.31 43.28 1.15
C LYS K 199 35.91 43.96 -0.14
N TYR K 200 35.60 45.24 -0.05
CA TYR K 200 35.28 46.02 -1.26
C TYR K 200 36.46 46.09 -2.25
N ALA K 201 36.15 46.44 -3.51
CA ALA K 201 37.18 46.62 -4.51
C ALA K 201 36.74 47.68 -5.50
N GLY K 202 37.61 48.01 -6.46
CA GLY K 202 37.19 48.86 -7.58
C GLY K 202 35.98 48.34 -8.34
N ALA K 203 35.13 49.22 -8.79
CA ALA K 203 33.86 48.83 -9.39
C ALA K 203 33.91 47.57 -10.31
N VAL K 204 34.84 47.51 -11.28
CA VAL K 204 34.89 46.38 -12.24
C VAL K 204 35.28 45.03 -11.54
N ARG K 205 36.34 45.04 -10.73
CA ARG K 205 36.74 43.86 -9.98
C ARG K 205 35.64 43.40 -9.02
N SER K 206 34.96 44.37 -8.43
CA SER K 206 33.93 44.09 -7.47
C SER K 206 32.77 43.41 -8.17
N CYS K 207 32.29 43.95 -9.29
CA CYS K 207 31.32 43.23 -10.12
C CYS K 207 31.78 41.85 -10.58
N ASP K 208 33.04 41.72 -10.98
CA ASP K 208 33.60 40.43 -11.35
C ASP K 208 33.41 39.48 -10.17
N ASP K 209 33.78 39.93 -8.97
CA ASP K 209 33.67 39.11 -7.75
C ASP K 209 32.27 38.72 -7.41
N ILE K 210 31.31 39.60 -7.58
CA ILE K 210 29.93 39.19 -7.42
C ILE K 210 29.59 38.06 -8.35
N GLN K 211 30.09 38.07 -9.57
CA GLN K 211 29.57 37.06 -10.48
C GLN K 211 30.19 35.73 -10.03
N THR K 212 31.39 35.82 -9.48
CA THR K 212 32.15 34.68 -9.04
C THR K 212 31.61 34.17 -7.70
N PHE K 213 31.19 35.07 -6.82
CA PHE K 213 30.67 34.71 -5.51
C PHE K 213 29.36 33.94 -5.72
N LYS K 214 28.51 34.39 -6.65
CA LYS K 214 27.23 33.68 -6.87
C LYS K 214 27.49 32.25 -7.36
N LEU K 215 28.55 32.12 -8.14
CA LEU K 215 28.87 30.89 -8.80
C LEU K 215 29.32 29.87 -7.78
N VAL K 216 30.31 30.27 -6.96
CA VAL K 216 30.85 29.45 -5.90
C VAL K 216 29.80 29.10 -4.83
N VAL K 217 28.99 30.07 -4.41
CA VAL K 217 27.93 29.80 -3.45
C VAL K 217 26.95 28.72 -3.97
N LYS K 218 26.47 28.87 -5.21
CA LYS K 218 25.59 27.83 -5.82
C LYS K 218 26.31 26.52 -5.96
N THR K 219 27.58 26.54 -6.36
CA THR K 219 28.32 25.29 -6.55
C THR K 219 28.43 24.55 -5.19
N ILE K 220 29.05 25.19 -4.17
CA ILE K 220 29.22 24.60 -2.83
C ILE K 220 27.89 24.23 -2.13
N ALA K 221 26.86 25.06 -2.25
CA ALA K 221 25.57 24.72 -1.66
C ALA K 221 25.09 23.38 -2.26
N ARG K 222 25.26 23.21 -3.59
CA ARG K 222 24.83 21.96 -4.17
C ARG K 222 25.56 20.74 -3.53
N LYS K 223 26.83 20.86 -3.21
CA LYS K 223 27.50 19.76 -2.56
C LYS K 223 26.82 19.44 -1.25
N HIS K 224 26.23 20.42 -0.60
CA HIS K 224 25.70 20.11 0.74
C HIS K 224 24.27 19.71 0.62
N GLY K 225 23.84 19.34 -0.57
CA GLY K 225 22.45 19.00 -0.76
C GLY K 225 21.48 20.18 -0.70
N LEU K 226 21.95 21.36 -1.13
CA LEU K 226 21.14 22.58 -0.96
C LEU K 226 21.13 23.40 -2.20
N HIS K 227 20.03 24.12 -2.39
CA HIS K 227 19.92 25.02 -3.48
C HIS K 227 20.03 26.47 -3.03
N ALA K 228 21.05 27.18 -3.49
CA ALA K 228 21.26 28.57 -3.11
C ALA K 228 20.50 29.33 -4.14
N THR K 229 19.61 30.23 -3.72
CA THR K 229 18.93 31.15 -4.59
C THR K 229 19.20 32.57 -4.12
N PHE K 230 19.51 33.45 -5.07
CA PHE K 230 19.60 34.88 -4.81
C PHE K 230 18.31 35.63 -5.19
N MET K 231 17.19 34.94 -5.31
CA MET K 231 15.90 35.60 -5.52
C MET K 231 15.60 36.68 -4.47
N PRO K 232 15.06 37.81 -4.88
CA PRO K 232 14.86 38.87 -3.87
C PRO K 232 13.94 38.51 -2.64
N LYS K 233 12.82 37.87 -2.86
CA LYS K 233 11.81 37.64 -1.86
C LYS K 233 11.22 36.24 -2.08
N PRO K 234 11.92 35.18 -1.64
CA PRO K 234 11.43 33.83 -1.95
C PRO K 234 10.09 33.50 -1.29
N LEU K 235 9.79 34.13 -0.14
CA LEU K 235 8.60 33.83 0.69
C LEU K 235 8.03 35.09 1.27
N PHE K 236 6.70 35.12 1.32
CA PHE K 236 6.01 36.25 1.86
C PHE K 236 6.05 36.27 3.43
N GLY K 237 6.04 37.46 4.04
CA GLY K 237 6.02 37.54 5.49
C GLY K 237 7.33 37.45 6.27
N VAL K 238 8.46 37.15 5.60
CA VAL K 238 9.83 37.21 6.18
C VAL K 238 10.76 38.11 5.34
N ASN K 239 11.94 38.42 5.87
CA ASN K 239 12.83 39.33 5.16
C ASN K 239 13.14 38.79 3.78
N GLY K 240 13.39 39.67 2.82
CA GLY K 240 13.87 39.21 1.54
C GLY K 240 15.38 39.30 1.56
N SER K 241 15.99 39.03 0.42
CA SER K 241 17.41 39.25 0.28
C SER K 241 17.75 40.56 -0.42
N GLY K 242 18.71 41.30 0.13
CA GLY K 242 19.16 42.55 -0.45
C GLY K 242 20.52 42.34 -0.99
N MET K 243 20.94 43.17 -1.96
CA MET K 243 22.36 43.26 -2.26
C MET K 243 22.88 44.68 -2.03
N HIS K 244 23.02 45.05 -0.75
CA HIS K 244 23.41 46.40 -0.42
C HIS K 244 24.72 46.73 -1.14
N CYS K 245 24.73 47.94 -1.72
CA CYS K 245 25.89 48.50 -2.42
C CYS K 245 26.57 49.65 -1.69
N ASN K 246 27.63 49.35 -0.95
CA ASN K 246 28.41 50.38 -0.29
C ASN K 246 29.32 51.09 -1.27
N LEU K 247 29.05 52.37 -1.57
CA LEU K 247 29.83 53.13 -2.58
C LEU K 247 30.76 54.16 -1.95
N SER K 248 31.96 54.32 -2.47
CA SER K 248 32.73 55.51 -2.13
C SER K 248 33.64 55.98 -3.31
N LEU K 249 34.19 57.18 -3.22
CA LEU K 249 35.04 57.73 -4.28
C LEU K 249 36.38 58.05 -3.68
N PHE K 250 37.45 57.62 -4.35
CA PHE K 250 38.81 57.95 -3.95
C PHE K 250 39.48 59.01 -4.91
N LYS K 251 40.31 59.88 -4.34
CA LYS K 251 40.90 61.01 -5.05
C LYS K 251 42.31 61.04 -4.57
N ASN K 252 43.25 60.71 -5.45
CA ASN K 252 44.65 60.68 -5.04
C ASN K 252 44.79 59.48 -4.11
N GLY K 253 44.17 58.36 -4.47
CA GLY K 253 44.17 57.21 -3.56
C GLY K 253 43.87 57.56 -2.09
N VAL K 254 42.91 58.45 -1.82
CA VAL K 254 42.41 58.67 -0.46
C VAL K 254 40.88 58.77 -0.53
N ASN K 255 40.21 58.28 0.52
CA ASN K 255 38.74 58.38 0.59
C ASN K 255 38.22 59.83 0.51
N ALA K 256 37.55 60.18 -0.59
CA ALA K 256 37.03 61.50 -0.78
C ALA K 256 35.71 61.78 -0.04
N PHE K 257 35.13 60.79 0.65
CA PHE K 257 33.84 61.01 1.36
C PHE K 257 34.06 61.41 2.81
N PHE K 258 35.30 61.27 3.30
CA PHE K 258 35.65 61.59 4.69
C PHE K 258 36.07 63.05 4.83
N ASP K 259 35.49 63.73 5.82
CA ASP K 259 35.92 65.05 6.20
C ASP K 259 35.86 65.23 7.71
N GLU K 260 36.97 64.94 8.43
CA GLU K 260 36.94 64.89 9.91
C GLU K 260 36.38 66.15 10.54
N ASN K 261 36.39 67.23 9.78
CA ASN K 261 35.91 68.45 10.31
C ASN K 261 34.44 68.70 9.97
N ALA K 262 33.92 68.14 8.88
CA ALA K 262 32.54 68.46 8.51
C ALA K 262 31.51 67.89 9.50
N ASP K 263 30.22 68.15 9.23
CA ASP K 263 29.11 67.52 9.94
C ASP K 263 28.98 66.04 9.59
N LEU K 264 28.83 65.23 10.64
CA LEU K 264 28.83 63.78 10.52
C LEU K 264 30.11 63.34 9.87
N GLN K 265 31.10 64.23 9.78
CA GLN K 265 32.41 63.97 9.18
C GLN K 265 32.29 63.50 7.77
N LEU K 266 31.29 64.05 7.08
CA LEU K 266 31.07 63.79 5.65
C LEU K 266 31.46 65.03 4.81
N SER K 267 32.34 64.85 3.83
CA SER K 267 32.82 65.94 2.99
C SER K 267 31.73 66.41 2.12
N GLU K 268 32.00 67.40 1.28
CA GLU K 268 31.01 67.92 0.33
C GLU K 268 30.75 66.97 -0.87
N THR K 269 31.80 66.32 -1.34
CA THR K 269 31.62 65.39 -2.44
C THR K 269 30.65 64.32 -2.03
N ALA K 270 30.79 63.88 -0.80
CA ALA K 270 29.90 62.85 -0.27
C ALA K 270 28.50 63.38 -0.31
N LYS K 271 28.30 64.56 0.24
CA LYS K 271 26.96 65.12 0.26
C LYS K 271 26.41 65.37 -1.14
N HIS K 272 27.28 65.69 -2.11
CA HIS K 272 26.79 65.92 -3.46
C HIS K 272 26.36 64.59 -4.07
N PHE K 273 27.17 63.55 -3.77
CA PHE K 273 26.95 62.22 -4.26
C PHE K 273 25.60 61.71 -3.74
N ILE K 274 25.37 61.86 -2.45
CA ILE K 274 24.14 61.37 -1.89
C ILE K 274 23.00 62.05 -2.57
N ALA K 275 23.22 63.32 -2.88
CA ALA K 275 22.21 64.14 -3.58
C ALA K 275 21.89 63.54 -4.94
N GLY K 276 22.92 63.08 -5.68
CA GLY K 276 22.68 62.40 -6.94
C GLY K 276 21.93 61.06 -6.80
N ILE K 277 22.25 60.30 -5.74
CA ILE K 277 21.58 59.04 -5.51
C ILE K 277 20.11 59.27 -5.24
N VAL K 278 19.82 60.20 -4.34
CA VAL K 278 18.42 60.57 -4.01
C VAL K 278 17.58 61.09 -5.21
N LYS K 279 18.18 62.01 -5.96
CA LYS K 279 17.59 62.54 -7.19
C LYS K 279 17.22 61.42 -8.19
N HIS K 280 18.14 60.53 -8.55
CA HIS K 280 17.80 59.53 -9.54
C HIS K 280 17.26 58.22 -8.95
N ALA K 281 17.19 58.10 -7.62
CA ALA K 281 16.72 56.84 -7.02
C ALA K 281 15.53 56.19 -7.69
N THR K 282 14.39 56.86 -7.80
CA THR K 282 13.15 56.25 -8.34
C THR K 282 13.33 55.81 -9.78
N SER K 283 14.29 56.44 -10.45
CA SER K 283 14.51 56.24 -11.86
C SER K 283 15.42 55.10 -12.20
N PHE K 284 16.35 54.82 -11.31
CA PHE K 284 17.33 53.78 -11.59
C PHE K 284 16.92 52.46 -10.93
N THR K 285 15.77 52.45 -10.28
CA THR K 285 15.31 51.27 -9.53
C THR K 285 15.04 50.13 -10.46
N ALA K 286 14.51 50.42 -11.66
CA ALA K 286 14.24 49.38 -12.66
C ALA K 286 15.49 48.56 -12.83
N VAL K 287 16.65 49.20 -12.93
CA VAL K 287 17.89 48.45 -13.17
C VAL K 287 18.46 47.77 -11.92
N THR K 288 18.27 48.36 -10.74
CA THR K 288 18.76 47.77 -9.51
C THR K 288 17.81 46.72 -8.89
N ASN K 289 16.60 46.67 -9.40
CA ASN K 289 15.56 45.80 -8.95
C ASN K 289 14.88 45.35 -10.23
N PRO K 290 15.57 44.46 -10.94
CA PRO K 290 15.14 44.21 -12.32
C PRO K 290 14.10 43.15 -12.46
N THR K 291 13.58 42.53 -11.40
CA THR K 291 12.60 41.49 -11.66
C THR K 291 11.25 41.84 -11.08
N VAL K 292 10.24 41.07 -11.43
CA VAL K 292 8.91 41.32 -10.92
C VAL K 292 8.88 41.17 -9.41
N ASN K 293 9.64 40.20 -8.93
CA ASN K 293 9.71 39.78 -7.53
C ASN K 293 10.51 40.75 -6.62
N SER K 294 11.48 41.48 -7.18
CA SER K 294 12.17 42.55 -6.49
C SER K 294 11.22 43.48 -5.77
N TYR K 295 10.02 43.64 -6.30
CA TYR K 295 9.11 44.56 -5.68
C TYR K 295 8.33 43.98 -4.51
N LYS K 296 8.24 42.65 -4.37
CA LYS K 296 7.64 42.08 -3.17
C LYS K 296 8.62 42.20 -2.01
N ARG K 297 9.87 42.61 -2.27
CA ARG K 297 10.77 42.88 -1.15
C ARG K 297 10.77 44.33 -0.72
N LEU K 298 10.29 45.21 -1.59
CA LEU K 298 10.34 46.63 -1.29
C LEU K 298 8.99 47.00 -0.68
N VAL K 299 8.76 46.50 0.53
CA VAL K 299 7.54 46.79 1.29
C VAL K 299 7.97 47.03 2.74
N PRO K 300 7.36 47.99 3.41
CA PRO K 300 7.86 48.42 4.74
C PRO K 300 7.91 47.29 5.76
N GLY K 301 8.94 47.34 6.60
CA GLY K 301 8.97 46.47 7.75
C GLY K 301 10.03 45.40 7.75
N TYR K 302 10.91 45.35 6.76
CA TYR K 302 11.87 44.24 6.66
C TYR K 302 13.28 44.67 6.38
N GLU K 303 13.66 45.81 6.93
CA GLU K 303 14.99 46.41 6.69
C GLU K 303 15.33 46.61 5.21
N ALA K 304 14.31 46.52 4.36
CA ALA K 304 14.49 46.82 2.96
C ALA K 304 13.88 48.20 2.65
N PRO K 305 14.49 48.96 1.76
CA PRO K 305 14.03 50.31 1.47
C PRO K 305 12.67 50.34 0.79
N CYS K 306 11.98 51.41 1.09
CA CYS K 306 10.62 51.62 0.64
C CYS K 306 10.54 53.04 0.13
N TYR K 307 11.25 53.93 0.82
CA TYR K 307 11.12 55.36 0.65
C TYR K 307 12.48 55.93 0.41
N VAL K 308 12.52 57.03 -0.35
CA VAL K 308 13.76 57.64 -0.76
C VAL K 308 14.16 58.59 0.32
N ALA K 309 15.25 58.30 1.03
CA ALA K 309 15.76 59.18 2.09
C ALA K 309 17.13 58.72 2.46
N TRP K 310 17.91 59.51 3.16
CA TRP K 310 19.16 58.99 3.72
C TRP K 310 19.24 59.29 5.26
N SER K 311 20.10 58.58 5.97
CA SER K 311 20.14 58.69 7.42
C SER K 311 21.31 57.92 7.96
N ALA K 312 21.89 58.42 9.04
CA ALA K 312 23.03 57.75 9.69
C ALA K 312 22.54 56.54 10.51
N GLN K 313 23.13 55.37 10.23
CA GLN K 313 23.00 54.23 11.10
C GLN K 313 21.55 53.79 11.17
N ASN K 314 20.77 54.19 10.20
CA ASN K 314 19.37 53.93 10.18
C ASN K 314 19.14 52.87 9.11
N ARG K 315 18.38 51.83 9.40
CA ARG K 315 18.21 50.72 8.48
C ARG K 315 16.82 50.77 7.85
N SER K 316 16.20 51.94 7.99
CA SER K 316 14.85 52.22 7.51
C SER K 316 14.80 52.83 6.06
N PRO K 317 15.79 53.67 5.69
CA PRO K 317 15.70 54.46 4.43
C PRO K 317 16.37 53.80 3.23
N LEU K 318 16.38 54.47 2.09
CA LEU K 318 17.17 54.01 0.97
C LEU K 318 18.69 54.08 1.15
N ILE K 319 19.21 55.13 1.73
CA ILE K 319 20.64 55.25 1.98
C ILE K 319 20.93 55.34 3.49
N ARG K 320 21.77 54.45 3.97
CA ARG K 320 22.28 54.56 5.29
C ARG K 320 23.71 55.01 5.20
N ILE K 321 24.11 55.93 6.10
CA ILE K 321 25.52 56.15 6.30
C ILE K 321 25.94 55.44 7.54
N PRO K 322 26.73 54.36 7.42
CA PRO K 322 27.18 53.58 8.56
C PRO K 322 28.07 54.39 9.46
N ALA K 323 28.21 53.98 10.71
CA ALA K 323 28.90 54.79 11.71
C ALA K 323 30.37 55.01 11.34
N SER K 324 31.00 54.04 10.67
CA SER K 324 32.44 54.09 10.35
C SER K 324 32.90 55.34 9.57
N ARG K 325 34.03 55.92 9.94
CA ARG K 325 34.58 57.01 9.14
C ARG K 325 35.99 56.67 8.67
N GLY K 326 36.84 57.70 8.46
CA GLY K 326 38.18 57.46 7.95
C GLY K 326 38.06 56.82 6.60
N ILE K 327 38.93 55.86 6.30
CA ILE K 327 38.89 55.23 4.98
C ILE K 327 37.61 54.40 4.72
N SER K 328 36.82 54.16 5.77
CA SER K 328 35.60 53.37 5.67
C SER K 328 34.32 54.16 5.42
N THR K 329 34.44 55.48 5.31
CA THR K 329 33.28 56.33 5.14
C THR K 329 32.74 55.90 3.84
N ARG K 330 31.43 55.70 3.73
CA ARG K 330 30.86 55.17 2.48
C ARG K 330 29.36 55.40 2.46
N VAL K 331 28.77 55.42 1.28
CA VAL K 331 27.32 55.51 1.17
C VAL K 331 26.69 54.15 0.89
N GLU K 332 25.75 53.71 1.71
CA GLU K 332 25.17 52.38 1.50
C GLU K 332 23.80 52.44 0.88
N VAL K 333 23.70 52.00 -0.39
CA VAL K 333 22.43 52.05 -1.10
C VAL K 333 21.82 50.70 -0.87
N ARG K 334 20.64 50.70 -0.25
CA ARG K 334 20.13 49.44 0.28
C ARG K 334 19.04 48.91 -0.56
N SER K 335 18.71 49.64 -1.64
CA SER K 335 17.69 49.15 -2.57
C SER K 335 18.16 47.99 -3.43
N VAL K 336 19.44 47.94 -3.78
CA VAL K 336 19.87 47.05 -4.83
C VAL K 336 19.56 45.64 -4.43
N ASP K 337 19.05 44.76 -5.30
CA ASP K 337 18.90 43.35 -4.88
C ASP K 337 19.82 42.51 -5.71
N PRO K 338 20.09 41.28 -5.25
CA PRO K 338 21.08 40.42 -5.90
C PRO K 338 20.54 39.78 -7.17
N ALA K 339 19.36 40.13 -7.61
CA ALA K 339 19.02 39.81 -8.98
C ALA K 339 19.48 40.90 -9.97
N ALA K 340 20.16 41.94 -9.54
CA ALA K 340 20.56 42.98 -10.48
C ALA K 340 21.74 42.53 -11.28
N ASN K 341 21.89 42.98 -12.51
CA ASN K 341 23.16 42.88 -13.19
C ASN K 341 24.26 43.80 -12.58
N PRO K 342 25.23 43.25 -11.83
CA PRO K 342 26.13 44.18 -11.14
C PRO K 342 26.73 45.26 -12.05
N TYR K 343 27.29 44.94 -13.20
CA TYR K 343 27.80 45.94 -14.17
C TYR K 343 26.81 47.06 -14.50
N LEU K 344 25.57 46.70 -14.81
CA LEU K 344 24.53 47.69 -15.06
C LEU K 344 24.18 48.48 -13.80
N ALA K 345 23.74 47.82 -12.73
CA ALA K 345 23.59 48.54 -11.43
C ALA K 345 24.73 49.51 -11.06
N LEU K 346 26.01 49.12 -11.15
CA LEU K 346 27.07 50.06 -10.80
C LEU K 346 27.08 51.24 -11.75
N SER K 347 26.76 50.99 -13.01
CA SER K 347 26.68 52.03 -14.07
C SER K 347 25.67 53.13 -13.72
N VAL K 348 24.42 52.79 -13.40
CA VAL K 348 23.46 53.81 -13.02
C VAL K 348 23.77 54.44 -11.68
N LEU K 349 24.40 53.71 -10.75
CA LEU K 349 24.70 54.29 -9.45
C LEU K 349 25.84 55.25 -9.54
N LEU K 350 26.85 54.92 -10.31
CA LEU K 350 27.93 55.85 -10.67
C LEU K 350 27.43 57.16 -11.33
N ALA K 351 26.84 57.00 -12.50
CA ALA K 351 26.20 58.09 -13.24
C ALA K 351 25.41 59.01 -12.30
N ALA K 352 24.56 58.43 -11.42
CA ALA K 352 23.71 59.23 -10.52
C ALA K 352 24.56 59.98 -9.48
N GLY K 353 25.57 59.34 -8.96
CA GLY K 353 26.44 60.00 -8.04
C GLY K 353 27.21 61.11 -8.74
N LEU K 354 27.84 60.77 -9.86
CA LEU K 354 28.62 61.75 -10.64
C LEU K 354 27.77 62.95 -11.08
N ASP K 355 26.50 62.72 -11.36
CA ASP K 355 25.67 63.82 -11.69
C ASP K 355 25.54 64.76 -10.50
N GLY K 356 25.28 64.24 -9.30
CA GLY K 356 25.18 65.08 -8.13
C GLY K 356 26.49 65.78 -7.80
N ILE K 357 27.63 65.13 -7.98
CA ILE K 357 28.90 65.81 -7.81
C ILE K 357 29.17 66.92 -8.87
N LYS K 358 28.93 66.63 -10.15
CA LYS K 358 29.21 67.54 -11.26
C LYS K 358 28.48 68.82 -11.06
N ASN K 359 27.22 68.70 -10.69
CA ASN K 359 26.40 69.86 -10.58
C ASN K 359 26.34 70.32 -9.15
N LYS K 360 27.29 69.88 -8.32
CA LYS K 360 27.19 70.11 -6.88
C LYS K 360 25.74 70.20 -6.37
N LEU K 361 24.95 69.12 -6.43
CA LEU K 361 23.58 69.12 -5.90
C LEU K 361 23.58 69.17 -4.37
N GLU K 362 22.54 69.77 -3.79
CA GLU K 362 22.37 69.84 -2.34
C GLU K 362 21.53 68.68 -1.78
N ALA K 363 22.12 67.91 -0.91
CA ALA K 363 21.38 66.78 -0.38
C ALA K 363 20.20 67.29 0.44
N PRO K 364 19.09 66.55 0.47
CA PRO K 364 18.00 66.92 1.38
C PRO K 364 18.36 66.65 2.88
N ALA K 365 17.47 66.94 3.81
CA ALA K 365 17.86 66.79 5.21
C ALA K 365 17.65 65.31 5.58
N PRO K 366 18.62 64.69 6.28
CA PRO K 366 18.54 63.26 6.65
C PRO K 366 17.31 63.01 7.51
N ILE K 367 16.65 61.88 7.37
CA ILE K 367 15.39 61.64 8.07
C ILE K 367 15.82 60.77 9.23
N ASP K 368 15.85 61.31 10.43
CA ASP K 368 16.35 60.52 11.53
C ASP K 368 15.24 59.82 12.34
N ARG K 369 14.55 58.85 11.75
CA ARG K 369 13.60 58.03 12.48
C ARG K 369 13.34 56.70 11.73
N ASN K 370 12.32 55.98 12.17
CA ASN K 370 11.84 54.78 11.51
C ASN K 370 10.81 55.23 10.43
N ILE K 371 11.31 55.61 9.23
CA ILE K 371 10.40 55.92 8.09
C ILE K 371 9.18 55.02 7.95
N TYR K 372 9.33 53.71 8.20
CA TYR K 372 8.21 52.77 8.11
C TYR K 372 6.99 53.18 8.94
N VAL K 373 7.18 53.78 10.11
CA VAL K 373 6.01 54.09 10.96
C VAL K 373 5.61 55.58 10.90
N MET K 374 6.10 56.29 9.87
CA MET K 374 5.73 57.67 9.55
C MET K 374 4.47 57.66 8.69
N SER K 375 3.46 58.42 9.11
CA SER K 375 2.20 58.50 8.38
C SER K 375 2.40 58.95 6.92
N LYS K 376 1.44 58.64 6.05
CA LYS K 376 1.46 59.22 4.69
C LYS K 376 1.66 60.72 4.79
N GLU K 377 0.81 61.34 5.60
CA GLU K 377 0.77 62.78 5.69
C GLU K 377 2.12 63.30 6.18
N GLU K 378 2.71 62.63 7.15
CA GLU K 378 4.02 63.07 7.62
C GLU K 378 5.13 62.93 6.57
N ARG K 379 5.02 61.92 5.71
CA ARG K 379 5.99 61.75 4.66
C ARG K 379 5.91 62.85 3.62
N MET K 380 4.70 63.23 3.25
CA MET K 380 4.56 64.32 2.30
C MET K 380 5.18 65.56 2.89
N GLU K 381 4.92 65.82 4.17
CA GLU K 381 5.40 67.03 4.82
C GLU K 381 6.91 67.03 4.88
N ASN K 382 7.55 65.88 4.78
CA ASN K 382 9.01 65.89 4.69
C ASN K 382 9.58 65.78 3.27
N GLY K 383 8.73 65.53 2.26
CA GLY K 383 9.23 65.37 0.93
C GLY K 383 9.71 63.95 0.70
N ILE K 384 9.13 63.01 1.40
CA ILE K 384 9.53 61.65 1.19
C ILE K 384 8.74 60.95 0.05
N VAL K 385 9.40 60.81 -1.10
CA VAL K 385 8.79 60.10 -2.23
C VAL K 385 9.01 58.56 -2.15
N ASP K 386 7.97 57.76 -2.44
CA ASP K 386 8.11 56.29 -2.47
C ASP K 386 8.95 55.82 -3.65
N LEU K 387 9.56 54.64 -3.58
CA LEU K 387 10.18 54.05 -4.78
C LEU K 387 9.07 53.46 -5.68
N PRO K 388 9.39 53.10 -6.93
CA PRO K 388 8.28 52.49 -7.71
C PRO K 388 7.74 51.24 -7.07
N ALA K 389 6.43 51.07 -7.10
CA ALA K 389 5.81 49.90 -6.45
C ALA K 389 5.76 48.65 -7.33
N THR K 390 6.09 48.77 -8.62
CA THR K 390 6.20 47.54 -9.43
C THR K 390 7.26 47.70 -10.49
N LEU K 391 7.71 46.56 -11.01
CA LEU K 391 8.58 46.54 -12.15
C LEU K 391 8.05 47.48 -13.28
N ALA K 392 6.78 47.37 -13.64
CA ALA K 392 6.25 48.23 -14.71
C ALA K 392 6.39 49.73 -14.34
N GLU K 393 6.06 50.04 -13.11
CA GLU K 393 6.20 51.41 -12.64
C GLU K 393 7.68 51.88 -12.70
N ALA K 394 8.63 51.04 -12.27
CA ALA K 394 10.07 51.35 -12.35
C ALA K 394 10.55 51.59 -13.78
N LEU K 395 10.02 50.80 -14.70
CA LEU K 395 10.44 50.90 -16.07
C LEU K 395 10.03 52.23 -16.63
N GLU K 396 8.78 52.64 -16.36
CA GLU K 396 8.30 53.95 -16.87
C GLU K 396 9.18 55.07 -16.38
N GLU K 397 9.50 55.07 -15.07
CA GLU K 397 10.42 56.04 -14.48
C GLU K 397 11.79 56.04 -15.09
N PHE K 398 12.36 54.86 -15.28
CA PHE K 398 13.68 54.75 -15.82
C PHE K 398 13.69 55.40 -17.23
N LYS K 399 12.64 55.16 -18.00
CA LYS K 399 12.54 55.73 -19.34
C LYS K 399 12.55 57.26 -19.27
N SER K 400 11.78 57.84 -18.37
CA SER K 400 11.73 59.31 -18.29
C SER K 400 13.05 59.99 -18.03
N ASN K 401 14.06 59.24 -17.64
CA ASN K 401 15.22 59.86 -17.04
C ASN K 401 16.42 59.75 -17.96
N GLU K 402 16.82 60.90 -18.45
CA GLU K 402 17.82 60.94 -19.48
C GLU K 402 19.20 60.54 -19.00
N VAL K 403 19.59 60.91 -17.79
CA VAL K 403 20.93 60.61 -17.33
C VAL K 403 21.06 59.11 -17.15
N MET K 404 20.07 58.47 -16.53
CA MET K 404 20.00 57.00 -16.45
C MET K 404 19.96 56.32 -17.83
N VAL K 405 19.15 56.82 -18.77
CA VAL K 405 19.12 56.16 -20.09
C VAL K 405 20.50 56.24 -20.79
N LYS K 406 21.22 57.36 -20.68
CA LYS K 406 22.52 57.42 -21.34
C LYS K 406 23.51 56.57 -20.56
N ALA K 407 23.20 56.19 -19.32
CA ALA K 407 24.16 55.40 -18.53
C ALA K 407 24.27 53.94 -19.06
N LEU K 408 23.18 53.39 -19.57
CA LEU K 408 23.21 52.13 -20.25
C LEU K 408 23.59 52.20 -21.73
N GLY K 409 23.25 53.29 -22.42
CA GLY K 409 23.59 53.40 -23.83
C GLY K 409 22.53 52.69 -24.66
N GLU K 410 22.34 53.10 -25.90
CA GLU K 410 21.16 52.68 -26.67
C GLU K 410 20.94 51.16 -26.75
N HIS K 411 21.96 50.39 -27.12
CA HIS K 411 21.82 48.95 -27.24
C HIS K 411 21.29 48.28 -25.95
N LEU K 412 21.93 48.61 -24.82
CA LEU K 412 21.59 48.07 -23.52
C LEU K 412 20.21 48.51 -23.07
N PHE K 413 19.93 49.77 -23.32
CA PHE K 413 18.67 50.34 -22.98
C PHE K 413 17.58 49.63 -23.71
N GLU K 414 17.65 49.62 -25.06
CA GLU K 414 16.57 49.05 -25.88
C GLU K 414 16.36 47.62 -25.43
N HIS K 415 17.44 46.84 -25.37
CA HIS K 415 17.30 45.43 -25.07
C HIS K 415 16.75 45.16 -23.71
N PHE K 416 17.14 45.98 -22.72
CA PHE K 416 16.73 45.78 -21.34
C PHE K 416 15.23 46.04 -21.28
N ILE K 417 14.81 47.16 -21.89
CA ILE K 417 13.44 47.50 -21.82
C ILE K 417 12.61 46.42 -22.44
N GLU K 418 13.04 45.92 -23.59
CA GLU K 418 12.31 44.90 -24.32
C GLU K 418 12.15 43.63 -23.46
N ALA K 419 13.27 43.13 -22.95
CA ALA K 419 13.19 41.98 -22.06
C ALA K 419 12.25 42.21 -20.86
N LYS K 420 12.32 43.33 -20.14
CA LYS K 420 11.43 43.50 -19.00
C LYS K 420 9.97 43.73 -19.37
N GLU K 421 9.68 44.22 -20.54
CA GLU K 421 8.29 44.40 -20.83
C GLU K 421 7.74 43.05 -21.15
N ILE K 422 8.56 42.20 -21.70
CA ILE K 422 8.05 40.88 -21.98
C ILE K 422 7.74 40.19 -20.67
N GLU K 423 8.70 40.30 -19.75
CA GLU K 423 8.67 39.63 -18.47
C GLU K 423 7.44 40.05 -17.70
N TRP K 424 7.22 41.35 -17.62
CA TRP K 424 6.09 41.91 -16.91
C TRP K 424 4.84 41.41 -17.55
N ASP K 425 4.81 41.47 -18.87
CA ASP K 425 3.64 41.09 -19.58
C ASP K 425 3.22 39.64 -19.27
N MET K 426 4.17 38.70 -19.20
CA MET K 426 3.80 37.33 -18.84
C MET K 426 3.15 37.40 -17.47
N PHE K 427 3.85 38.01 -16.51
CA PHE K 427 3.38 38.11 -15.15
C PHE K 427 1.94 38.66 -15.02
N ARG K 428 1.64 39.79 -15.67
CA ARG K 428 0.36 40.43 -15.46
C ARG K 428 -0.80 39.61 -16.04
N THR K 429 -0.54 38.78 -17.06
CA THR K 429 -1.62 38.03 -17.74
C THR K 429 -1.80 36.66 -17.19
N GLN K 430 -0.78 36.21 -16.51
CA GLN K 430 -0.86 34.99 -15.69
C GLN K 430 -1.96 35.04 -14.62
N VAL K 431 -2.67 33.94 -14.40
CA VAL K 431 -3.68 33.87 -13.33
C VAL K 431 -3.12 33.09 -12.14
N HIS K 432 -2.94 33.70 -10.97
CA HIS K 432 -2.28 32.95 -9.87
C HIS K 432 -3.20 32.17 -8.87
N PRO K 433 -2.69 31.05 -8.30
CA PRO K 433 -3.52 30.34 -7.29
C PRO K 433 -4.23 31.26 -6.29
N TRP K 434 -3.58 32.37 -5.90
CA TRP K 434 -4.19 33.36 -4.98
C TRP K 434 -5.55 33.87 -5.45
N GLU K 435 -5.63 34.17 -6.73
CA GLU K 435 -6.82 34.74 -7.29
C GLU K 435 -7.91 33.70 -7.18
N ARG K 436 -7.50 32.45 -7.30
CA ARG K 436 -8.50 31.40 -7.29
C ARG K 436 -8.96 31.14 -5.87
N GLU K 437 -8.09 31.33 -4.90
CA GLU K 437 -8.52 31.12 -3.50
C GLU K 437 -9.40 32.22 -3.05
N GLN K 438 -9.06 33.44 -3.40
CA GLN K 438 -9.86 34.61 -3.09
C GLN K 438 -11.20 34.72 -3.84
N TYR K 439 -11.28 34.21 -5.07
CA TYR K 439 -12.46 34.57 -5.88
C TYR K 439 -13.23 33.38 -6.36
N MET K 440 -12.60 32.23 -6.49
CA MET K 440 -13.28 31.12 -7.16
C MET K 440 -14.53 30.65 -6.40
N SER K 441 -14.64 30.98 -5.14
CA SER K 441 -15.87 30.68 -4.40
C SER K 441 -16.59 31.92 -3.98
N GLN K 442 -15.86 32.94 -3.60
CA GLN K 442 -16.51 34.16 -3.18
C GLN K 442 -17.44 34.58 -4.35
N TYR K 443 -17.04 34.28 -5.60
CA TYR K 443 -17.84 34.68 -6.77
C TYR K 443 -18.33 33.50 -7.58
N ALA L 1 52.14 8.37 -45.01
CA ALA L 1 51.82 7.08 -44.37
C ALA L 1 52.02 7.12 -42.82
N LYS L 2 50.92 7.13 -42.08
CA LYS L 2 50.97 7.26 -40.61
C LYS L 2 51.76 6.12 -39.94
N TYR L 3 51.24 4.91 -40.14
CA TYR L 3 51.75 3.70 -39.50
C TYR L 3 51.95 2.61 -40.53
N THR L 4 53.01 1.85 -40.32
CA THR L 4 53.34 0.78 -41.22
C THR L 4 53.13 -0.59 -40.50
N ARG L 5 52.95 -1.68 -41.23
CA ARG L 5 52.73 -2.99 -40.58
C ARG L 5 53.70 -3.29 -39.41
N GLU L 6 54.97 -2.97 -39.55
CA GLU L 6 55.93 -3.17 -38.45
C GLU L 6 55.71 -2.14 -37.35
N ASP L 7 55.27 -0.94 -37.69
CA ASP L 7 54.99 0.07 -36.63
C ASP L 7 53.81 -0.29 -35.72
N ILE L 8 52.74 -0.78 -36.35
CA ILE L 8 51.59 -1.25 -35.65
C ILE L 8 51.95 -2.45 -34.78
N GLU L 9 52.85 -3.32 -35.25
CA GLU L 9 53.21 -4.50 -34.43
C GLU L 9 54.07 -4.16 -33.26
N LYS L 10 54.85 -3.11 -33.41
CA LYS L 10 55.66 -2.60 -32.32
C LYS L 10 54.78 -1.84 -31.30
N LEU L 11 53.84 -1.06 -31.80
CA LEU L 11 52.88 -0.37 -30.92
C LEU L 11 52.12 -1.35 -30.02
N VAL L 12 51.52 -2.36 -30.63
CA VAL L 12 50.72 -3.31 -29.89
C VAL L 12 51.51 -3.94 -28.76
N LYS L 13 52.81 -4.12 -28.99
CA LYS L 13 53.68 -4.77 -28.01
C LYS L 13 53.98 -3.84 -26.85
N GLU L 14 54.35 -2.60 -27.14
CA GLU L 14 54.69 -1.63 -26.10
C GLU L 14 53.52 -1.18 -25.27
N GLU L 15 52.33 -1.05 -25.89
CA GLU L 15 51.14 -0.61 -25.16
C GLU L 15 50.44 -1.77 -24.55
N ASN L 16 50.95 -2.96 -24.83
CA ASN L 16 50.37 -4.15 -24.24
C ASN L 16 48.90 -4.39 -24.57
N VAL L 17 48.51 -4.02 -25.80
CA VAL L 17 47.20 -4.33 -26.38
C VAL L 17 46.82 -5.81 -26.28
N LYS L 18 45.60 -6.11 -25.85
CA LYS L 18 45.22 -7.52 -25.66
C LYS L 18 44.17 -8.00 -26.71
N TYR L 19 43.43 -7.08 -27.32
CA TYR L 19 42.36 -7.38 -28.26
C TYR L 19 42.34 -6.31 -29.35
N ILE L 20 42.03 -6.73 -30.57
CA ILE L 20 41.87 -5.83 -31.66
C ILE L 20 40.39 -5.81 -32.05
N ARG L 21 39.85 -4.62 -32.21
CA ARG L 21 38.52 -4.45 -32.65
C ARG L 21 38.60 -4.04 -34.14
N LEU L 22 38.03 -4.85 -35.02
CA LEU L 22 37.89 -4.47 -36.40
C LEU L 22 36.50 -3.85 -36.61
N GLN L 23 36.50 -2.57 -37.04
CA GLN L 23 35.27 -1.79 -37.14
C GLN L 23 34.96 -1.28 -38.56
N PHE L 24 33.71 -1.14 -38.88
CA PHE L 24 33.39 -0.61 -40.19
C PHE L 24 32.01 -0.04 -40.02
N THR L 25 31.47 0.50 -41.11
CA THR L 25 30.16 1.16 -41.06
C THR L 25 29.19 0.62 -42.07
N ASP L 26 27.93 0.47 -41.65
CA ASP L 26 26.90 0.03 -42.58
C ASP L 26 26.28 1.23 -43.28
N ILE L 27 25.33 0.96 -44.16
CA ILE L 27 24.78 1.95 -45.02
C ILE L 27 24.08 2.97 -44.11
N LEU L 28 23.53 2.54 -42.98
CA LEU L 28 22.84 3.51 -42.12
C LEU L 28 23.77 4.44 -41.28
N GLY L 29 25.06 4.14 -41.26
CA GLY L 29 26.03 4.93 -40.51
C GLY L 29 26.30 4.30 -39.14
N THR L 30 25.55 3.25 -38.83
CA THR L 30 25.81 2.50 -37.61
C THR L 30 27.19 1.82 -37.63
N ILE L 31 27.93 1.96 -36.54
CA ILE L 31 29.22 1.35 -36.41
C ILE L 31 29.09 -0.11 -35.99
N LYS L 32 29.89 -0.99 -36.57
CA LYS L 32 29.84 -2.41 -36.25
C LYS L 32 31.26 -2.90 -35.98
N ASN L 33 31.41 -3.97 -35.26
CA ASN L 33 32.76 -4.42 -35.02
C ASN L 33 32.76 -5.82 -34.52
N VAL L 34 33.90 -6.47 -34.70
CA VAL L 34 34.15 -7.81 -34.17
C VAL L 34 35.42 -7.70 -33.33
N GLU L 35 35.54 -8.52 -32.28
CA GLU L 35 36.71 -8.39 -31.42
C GLU L 35 37.44 -9.67 -31.56
N ILE L 36 38.77 -9.58 -31.73
CA ILE L 36 39.64 -10.75 -31.95
C ILE L 36 40.85 -10.70 -31.01
N PRO L 37 41.31 -11.88 -30.56
CA PRO L 37 42.40 -11.72 -29.59
C PRO L 37 43.68 -11.20 -30.30
N VAL L 38 44.58 -10.57 -29.59
CA VAL L 38 45.70 -9.91 -30.27
C VAL L 38 46.56 -10.94 -31.00
N SER L 39 46.48 -12.20 -30.58
CA SER L 39 47.12 -13.29 -31.29
C SER L 39 46.56 -13.45 -32.72
N GLN L 40 45.46 -12.80 -33.05
CA GLN L 40 44.87 -12.87 -34.38
C GLN L 40 45.26 -11.66 -35.21
N LEU L 41 46.12 -10.84 -34.61
CA LEU L 41 46.61 -9.64 -35.29
C LEU L 41 47.11 -9.96 -36.69
N GLY L 42 48.03 -10.94 -36.79
CA GLY L 42 48.57 -11.35 -38.05
C GLY L 42 47.49 -11.68 -39.06
N LYS L 43 46.56 -12.57 -38.71
CA LYS L 43 45.46 -12.92 -39.60
C LYS L 43 44.71 -11.66 -40.12
N ALA L 44 44.51 -10.67 -39.24
CA ALA L 44 43.73 -9.48 -39.63
C ALA L 44 44.52 -8.59 -40.56
N LEU L 45 45.82 -8.47 -40.34
CA LEU L 45 46.62 -7.64 -41.18
C LEU L 45 46.77 -8.31 -42.53
N ASP L 46 46.57 -9.64 -42.58
CA ASP L 46 46.63 -10.37 -43.85
C ASP L 46 45.31 -10.30 -44.62
N ASN L 47 44.39 -9.49 -44.12
CA ASN L 47 43.10 -9.31 -44.76
C ASN L 47 42.34 -10.62 -44.93
N LYS L 48 42.31 -11.40 -43.85
CA LYS L 48 41.68 -12.69 -43.81
C LYS L 48 40.48 -12.77 -42.85
N VAL L 49 40.23 -11.76 -42.04
CA VAL L 49 39.08 -11.83 -41.15
C VAL L 49 37.74 -11.68 -41.90
N MET L 50 36.77 -12.57 -41.63
CA MET L 50 35.55 -12.53 -42.43
C MET L 50 34.33 -12.18 -41.66
N PHE L 51 33.21 -11.98 -42.36
CA PHE L 51 31.94 -11.80 -41.71
C PHE L 51 30.74 -12.04 -42.66
N ASP L 52 29.60 -12.32 -42.05
CA ASP L 52 28.28 -12.36 -42.67
C ASP L 52 27.85 -10.98 -43.20
N GLY L 53 28.08 -10.81 -44.50
CA GLY L 53 27.78 -9.55 -45.17
C GLY L 53 26.29 -9.50 -45.31
N SER L 54 25.67 -10.61 -45.05
CA SER L 54 24.23 -10.68 -45.19
C SER L 54 23.52 -10.17 -43.93
N SER L 55 24.27 -9.97 -42.85
CA SER L 55 23.64 -9.43 -41.63
C SER L 55 23.91 -7.96 -41.36
N ILE L 56 24.50 -7.26 -42.31
CA ILE L 56 24.77 -5.86 -42.18
C ILE L 56 23.83 -5.12 -43.11
N GLU L 57 23.17 -4.08 -42.63
CA GLU L 57 22.34 -3.18 -43.42
C GLU L 57 22.97 -2.68 -44.72
N GLY L 58 22.31 -3.01 -45.82
CA GLY L 58 22.65 -2.52 -47.16
C GLY L 58 23.88 -3.16 -47.82
N PHE L 59 24.24 -4.38 -47.43
CA PHE L 59 25.43 -4.99 -47.99
C PHE L 59 25.08 -6.11 -48.99
N VAL L 60 25.55 -7.33 -48.74
CA VAL L 60 25.27 -8.42 -49.71
C VAL L 60 24.15 -9.34 -49.28
N ARG L 61 23.65 -10.18 -50.19
CA ARG L 61 22.47 -10.98 -49.91
C ARG L 61 22.90 -12.36 -49.44
N ILE L 62 21.96 -13.10 -48.84
CA ILE L 62 22.28 -14.29 -48.08
C ILE L 62 23.04 -15.37 -48.89
N GLU L 63 22.78 -15.49 -50.21
CA GLU L 63 23.45 -16.54 -51.04
C GLU L 63 24.89 -16.21 -51.36
N GLU L 64 25.28 -15.01 -51.01
CA GLU L 64 26.63 -14.56 -51.30
C GLU L 64 27.09 -13.76 -50.13
N SER L 65 27.16 -14.42 -48.98
CA SER L 65 27.33 -13.68 -47.76
C SER L 65 28.77 -13.52 -47.33
N ASP L 66 29.68 -14.41 -47.66
CA ASP L 66 31.07 -14.25 -47.21
C ASP L 66 31.66 -12.92 -47.69
N MET L 67 32.48 -12.28 -46.85
CA MET L 67 32.92 -10.89 -47.09
C MET L 67 34.13 -10.69 -46.24
N TYR L 68 35.06 -9.85 -46.67
CA TYR L 68 36.35 -9.80 -45.95
C TYR L 68 36.59 -8.43 -45.44
N LEU L 69 37.30 -8.33 -44.31
CA LEU L 69 37.65 -7.05 -43.67
C LEU L 69 39.13 -6.70 -43.94
N TYR L 70 39.40 -5.52 -44.48
CA TYR L 70 40.79 -5.08 -44.67
C TYR L 70 41.16 -3.85 -43.79
N PRO L 71 41.95 -4.06 -42.73
CA PRO L 71 42.24 -2.90 -41.86
C PRO L 71 43.03 -1.83 -42.58
N ASP L 72 42.79 -0.60 -42.17
CA ASP L 72 43.61 0.49 -42.56
C ASP L 72 44.57 0.81 -41.41
N LEU L 73 45.86 0.48 -41.56
CA LEU L 73 46.86 0.67 -40.49
C LEU L 73 46.87 2.07 -39.85
N ASN L 74 46.34 3.08 -40.53
CA ASN L 74 46.47 4.41 -40.05
C ASN L 74 45.34 4.80 -39.09
N THR L 75 44.35 3.93 -38.92
CA THR L 75 43.19 4.19 -38.08
C THR L 75 43.36 3.59 -36.70
N PHE L 76 44.51 2.99 -36.45
CA PHE L 76 44.92 2.47 -35.15
C PHE L 76 44.71 3.43 -33.99
N VAL L 77 43.98 2.99 -32.97
CA VAL L 77 43.83 3.76 -31.74
C VAL L 77 43.50 2.83 -30.53
N ILE L 78 44.07 3.12 -29.35
CA ILE L 78 43.76 2.42 -28.10
C ILE L 78 42.47 3.00 -27.40
N PHE L 79 41.53 2.17 -26.95
CA PHE L 79 40.40 2.64 -26.15
C PHE L 79 40.78 2.64 -24.68
N PRO L 80 40.98 3.83 -24.10
CA PRO L 80 41.45 3.96 -22.71
C PRO L 80 40.48 3.40 -21.64
N TRP L 81 39.19 3.23 -21.93
CA TRP L 81 38.28 2.69 -20.93
C TRP L 81 38.37 1.17 -20.89
N THR L 82 39.16 0.58 -21.78
CA THR L 82 39.25 -0.86 -21.76
C THR L 82 40.54 -1.35 -21.12
N ALA L 83 41.46 -0.44 -20.83
CA ALA L 83 42.78 -0.85 -20.36
C ALA L 83 42.80 -1.68 -19.06
N GLU L 84 41.86 -1.43 -18.16
CA GLU L 84 41.94 -2.05 -16.86
C GLU L 84 41.71 -3.58 -16.90
N LYS L 85 41.08 -4.07 -17.95
CA LYS L 85 40.84 -5.53 -18.10
C LYS L 85 41.06 -6.02 -19.54
N GLY L 86 42.24 -5.78 -20.11
CA GLY L 86 42.53 -6.11 -21.49
C GLY L 86 42.27 -4.96 -22.43
N LYS L 87 43.30 -4.13 -22.65
CA LYS L 87 43.18 -2.97 -23.49
C LYS L 87 42.97 -3.37 -24.96
N VAL L 88 42.08 -2.63 -25.58
CA VAL L 88 41.67 -2.84 -26.92
C VAL L 88 42.24 -1.77 -27.80
N ALA L 89 42.69 -2.15 -28.99
CA ALA L 89 43.04 -1.14 -30.03
C ALA L 89 42.10 -1.42 -31.18
N ARG L 90 41.66 -0.43 -31.93
CA ARG L 90 40.79 -0.72 -33.07
C ARG L 90 41.42 -0.30 -34.41
N PHE L 91 40.83 -0.80 -35.49
CA PHE L 91 41.19 -0.48 -36.85
C PHE L 91 39.88 -0.26 -37.53
N ILE L 92 39.76 0.83 -38.28
CA ILE L 92 38.65 0.97 -39.19
C ILE L 92 39.00 0.06 -40.37
N CYS L 93 37.99 -0.55 -41.00
CA CYS L 93 38.27 -1.45 -42.13
C CYS L 93 37.56 -1.09 -43.47
N ASP L 94 38.19 -1.42 -44.59
CA ASP L 94 37.45 -1.45 -45.86
C ASP L 94 36.94 -2.88 -46.13
N ILE L 95 35.72 -2.97 -46.66
CA ILE L 95 35.13 -4.25 -46.99
C ILE L 95 35.58 -4.70 -48.40
N TYR L 96 35.95 -5.98 -48.53
CA TYR L 96 36.35 -6.58 -49.80
C TYR L 96 35.50 -7.82 -50.10
N ASN L 97 35.15 -8.06 -51.38
CA ASN L 97 34.55 -9.34 -51.82
C ASN L 97 35.51 -10.53 -51.75
N PRO L 98 34.95 -11.73 -51.64
CA PRO L 98 35.81 -12.92 -51.54
C PRO L 98 36.83 -12.97 -52.69
N ASP L 99 36.60 -12.24 -53.77
CA ASP L 99 37.46 -12.41 -54.91
C ASP L 99 38.59 -11.37 -55.01
N GLY L 100 38.86 -10.61 -53.95
CA GLY L 100 39.92 -9.61 -54.00
C GLY L 100 39.51 -8.19 -54.43
N THR L 101 38.30 -8.01 -54.93
CA THR L 101 37.92 -6.71 -55.42
C THR L 101 37.21 -5.93 -54.33
N PRO L 102 37.49 -4.64 -54.26
CA PRO L 102 36.66 -3.85 -53.33
C PRO L 102 35.15 -4.02 -53.54
N PHE L 103 34.40 -3.84 -52.46
CA PHE L 103 32.96 -3.99 -52.48
C PHE L 103 32.39 -2.63 -52.80
N GLU L 104 31.60 -2.54 -53.86
CA GLU L 104 31.08 -1.25 -54.30
C GLU L 104 30.17 -0.57 -53.27
N GLY L 105 29.60 -1.34 -52.34
CA GLY L 105 28.56 -0.84 -51.45
C GLY L 105 29.11 -0.41 -50.10
N ASP L 106 30.43 -0.38 -50.00
CA ASP L 106 31.10 0.00 -48.78
C ASP L 106 31.20 1.54 -48.69
N PRO L 107 30.45 2.18 -47.74
CA PRO L 107 30.39 3.63 -47.68
C PRO L 107 31.78 4.30 -47.72
N ARG L 108 32.71 3.86 -46.88
CA ARG L 108 34.03 4.53 -46.79
C ARG L 108 34.79 4.50 -48.14
N ASN L 109 34.75 3.33 -48.75
CA ASN L 109 35.35 3.15 -50.06
C ASN L 109 34.80 4.09 -51.15
N ASN L 110 33.49 4.30 -51.13
CA ASN L 110 32.86 5.26 -52.02
C ASN L 110 33.36 6.71 -51.91
N LEU L 111 33.53 7.15 -50.65
CA LEU L 111 34.04 8.48 -50.35
C LEU L 111 35.46 8.61 -50.90
N LYS L 112 36.23 7.54 -50.81
CA LYS L 112 37.58 7.51 -51.31
C LYS L 112 37.58 7.62 -52.83
N ARG L 113 36.54 7.07 -53.46
CA ARG L 113 36.31 7.21 -54.92
C ARG L 113 36.03 8.68 -55.42
N ILE L 114 35.03 9.34 -54.84
CA ILE L 114 34.85 10.77 -55.10
C ILE L 114 36.09 11.59 -54.76
N LEU L 115 36.84 11.24 -53.71
CA LEU L 115 38.09 11.96 -53.42
C LEU L 115 39.13 11.85 -54.57
N LYS L 116 39.04 10.77 -55.34
CA LYS L 116 39.96 10.51 -56.42
C LYS L 116 39.59 11.44 -57.55
N GLU L 117 38.29 11.64 -57.69
CA GLU L 117 37.74 12.65 -58.57
C GLU L 117 38.14 14.05 -58.09
N MET L 118 38.38 14.25 -56.80
CA MET L 118 38.86 15.57 -56.37
C MET L 118 40.33 15.77 -56.77
N GLU L 119 41.14 14.72 -56.66
CA GLU L 119 42.53 14.88 -57.00
C GLU L 119 42.65 15.14 -58.50
N ASP L 120 41.74 14.58 -59.28
CA ASP L 120 41.94 14.72 -60.71
C ASP L 120 41.66 16.18 -61.11
N LEU L 121 40.94 16.90 -60.26
CA LEU L 121 40.73 18.32 -60.55
C LEU L 121 41.81 19.19 -59.90
N GLY L 122 42.79 18.61 -59.24
CA GLY L 122 43.97 19.36 -58.89
C GLY L 122 44.12 19.76 -57.45
N PHE L 123 43.26 19.25 -56.58
CA PHE L 123 43.36 19.56 -55.15
C PHE L 123 44.01 18.49 -54.29
N SER L 124 44.88 18.95 -53.41
CA SER L 124 45.55 18.13 -52.39
C SER L 124 44.61 17.39 -51.43
N ASP L 125 43.62 18.08 -50.88
CA ASP L 125 42.75 17.48 -49.88
C ASP L 125 41.47 18.25 -49.65
N PHE L 126 40.51 17.53 -49.09
CA PHE L 126 39.19 18.00 -48.76
C PHE L 126 39.06 17.89 -47.23
N ASN L 127 39.04 19.03 -46.54
CA ASN L 127 39.00 19.06 -45.10
C ASN L 127 37.58 19.21 -44.56
N LEU L 128 37.28 18.54 -43.46
CA LEU L 128 35.97 18.59 -42.81
C LEU L 128 36.14 18.90 -41.29
N GLY L 129 35.33 19.86 -40.79
CA GLY L 129 35.15 20.11 -39.36
C GLY L 129 33.70 19.88 -38.94
N PRO L 130 33.38 18.67 -38.45
CA PRO L 130 32.04 18.36 -37.95
C PRO L 130 31.73 18.92 -36.54
N GLU L 131 30.49 19.28 -36.28
CA GLU L 131 30.09 19.55 -34.90
C GLU L 131 28.90 18.62 -34.51
N PRO L 132 29.19 17.46 -33.95
CA PRO L 132 27.93 16.72 -33.74
C PRO L 132 27.27 17.07 -32.39
N GLU L 133 26.12 17.71 -32.36
CA GLU L 133 25.46 18.04 -31.09
C GLU L 133 24.74 16.82 -30.54
N PHE L 134 24.44 16.73 -29.25
CA PHE L 134 23.74 15.53 -28.72
C PHE L 134 22.94 15.91 -27.49
N PHE L 135 21.99 15.07 -27.12
CA PHE L 135 21.25 15.27 -25.89
C PHE L 135 21.64 14.19 -24.90
N LEU L 136 21.49 14.51 -23.62
CA LEU L 136 21.68 13.56 -22.54
C LEU L 136 20.34 13.37 -21.77
N PHE L 137 19.88 12.13 -21.71
CA PHE L 137 18.66 11.77 -20.97
C PHE L 137 18.93 10.93 -19.73
N LYS L 138 18.17 11.08 -18.67
CA LYS L 138 18.36 10.19 -17.47
C LYS L 138 17.98 8.75 -17.76
N LEU L 139 18.87 7.81 -17.45
CA LEU L 139 18.47 6.39 -17.41
C LEU L 139 17.60 6.11 -16.18
N ASP L 140 16.68 5.15 -16.23
CA ASP L 140 15.97 4.65 -15.02
C ASP L 140 16.73 3.57 -14.24
N GLU L 141 16.12 3.07 -13.16
CA GLU L 141 16.75 2.04 -12.31
C GLU L 141 17.07 0.76 -13.12
N LYS L 142 16.39 0.52 -14.24
CA LYS L 142 16.72 -0.65 -15.06
C LYS L 142 17.81 -0.35 -16.11
N GLY L 143 18.43 0.83 -16.07
CA GLY L 143 19.44 1.23 -17.06
C GLY L 143 18.89 1.52 -18.47
N GLU L 144 17.58 1.78 -18.53
CA GLU L 144 16.89 2.13 -19.78
C GLU L 144 16.68 3.64 -19.88
N PRO L 145 16.79 4.24 -21.07
CA PRO L 145 16.60 5.70 -21.25
C PRO L 145 15.20 6.08 -20.77
N THR L 146 15.05 7.28 -20.22
CA THR L 146 13.72 7.87 -19.96
C THR L 146 13.67 9.18 -20.74
N LEU L 147 12.55 9.86 -20.68
CA LEU L 147 12.38 11.13 -21.39
C LEU L 147 12.75 12.35 -20.56
N GLU L 148 13.41 12.15 -19.43
CA GLU L 148 13.81 13.26 -18.57
C GLU L 148 15.21 13.78 -18.94
N LEU L 149 15.32 14.99 -19.48
CA LEU L 149 16.68 15.55 -19.78
C LEU L 149 17.62 15.71 -18.56
N ASN L 150 18.93 15.72 -18.80
CA ASN L 150 19.86 15.69 -17.71
C ASN L 150 19.78 16.96 -16.88
N ASP L 151 19.32 18.03 -17.49
CA ASP L 151 19.33 19.33 -16.81
C ASP L 151 18.36 20.23 -17.52
N LYS L 152 18.12 21.42 -17.02
CA LYS L 152 17.23 22.32 -17.74
C LYS L 152 17.99 23.57 -18.14
N GLY L 153 19.29 23.42 -18.36
CA GLY L 153 20.14 24.53 -18.81
C GLY L 153 20.05 24.94 -20.29
N GLY L 154 20.82 25.97 -20.62
CA GLY L 154 20.79 26.55 -21.93
C GLY L 154 22.20 26.86 -22.37
N TYR L 155 22.29 27.67 -23.44
CA TYR L 155 23.52 27.91 -24.21
C TYR L 155 24.58 28.51 -23.34
N PHE L 156 25.73 27.88 -23.24
CA PHE L 156 26.86 28.39 -22.43
C PHE L 156 26.57 28.53 -20.96
N ASP L 157 25.56 27.87 -20.46
CA ASP L 157 25.29 27.97 -19.03
C ASP L 157 26.34 27.31 -18.12
N LEU L 158 26.48 27.81 -16.89
CA LEU L 158 27.34 27.26 -15.87
C LEU L 158 26.57 26.31 -14.92
N ALA L 159 27.26 25.34 -14.33
CA ALA L 159 26.67 24.50 -13.23
C ALA L 159 26.29 25.38 -12.04
N PRO L 160 25.22 25.02 -11.31
CA PRO L 160 24.34 23.85 -11.44
C PRO L 160 23.10 23.99 -12.33
N THR L 161 23.07 25.04 -13.17
CA THR L 161 22.07 25.15 -14.24
C THR L 161 22.39 24.10 -15.34
N ASP L 162 23.63 24.16 -15.82
CA ASP L 162 24.28 23.10 -16.60
C ASP L 162 24.76 21.95 -15.66
N LEU L 163 24.14 20.79 -15.82
CA LEU L 163 24.52 19.60 -15.08
C LEU L 163 25.28 18.61 -15.95
N GLY L 164 25.76 19.01 -17.13
CA GLY L 164 26.49 18.08 -17.97
C GLY L 164 27.99 18.35 -17.90
N GLU L 165 28.39 19.29 -17.06
CA GLU L 165 29.80 19.68 -17.02
C GLU L 165 30.68 18.46 -16.77
N ASN L 166 30.19 17.51 -15.98
CA ASN L 166 31.08 16.44 -15.55
C ASN L 166 31.21 15.41 -16.63
N CYS L 167 30.09 14.95 -17.17
CA CYS L 167 30.07 14.04 -18.29
C CYS L 167 30.85 14.61 -19.52
N ARG L 168 30.64 15.86 -19.87
CA ARG L 168 31.40 16.43 -21.00
C ARG L 168 32.88 16.36 -20.70
N ARG L 169 33.22 16.66 -19.46
CA ARG L 169 34.61 16.69 -19.04
C ARG L 169 35.25 15.30 -19.14
N ASP L 170 34.51 14.25 -18.83
CA ASP L 170 35.01 12.88 -18.98
C ASP L 170 35.04 12.45 -20.44
N ILE L 171 34.08 12.93 -21.23
CA ILE L 171 34.16 12.71 -22.65
C ILE L 171 35.45 13.34 -23.17
N VAL L 172 35.69 14.59 -22.82
CA VAL L 172 36.79 15.30 -23.43
C VAL L 172 38.07 14.60 -22.99
N LEU L 173 38.10 14.12 -21.75
CA LEU L 173 39.26 13.42 -21.25
C LEU L 173 39.55 12.19 -22.11
N GLU L 174 38.53 11.40 -22.37
CA GLU L 174 38.68 10.21 -23.16
C GLU L 174 39.17 10.60 -24.54
N LEU L 175 38.55 11.61 -25.16
CA LEU L 175 38.94 11.97 -26.55
C LEU L 175 40.38 12.44 -26.63
N GLU L 176 40.85 13.16 -25.62
CA GLU L 176 42.23 13.65 -25.62
C GLU L 176 43.26 12.51 -25.48
N GLU L 177 42.91 11.39 -24.84
CA GLU L 177 43.87 10.28 -24.75
C GLU L 177 43.85 9.52 -26.07
N MET L 178 42.71 9.44 -26.72
CA MET L 178 42.65 8.77 -27.96
C MET L 178 43.21 9.68 -29.06
N GLY L 179 43.86 10.79 -28.72
CA GLY L 179 44.48 11.60 -29.75
C GLY L 179 43.63 12.65 -30.44
N PHE L 180 42.37 12.80 -30.09
CA PHE L 180 41.59 13.89 -30.68
C PHE L 180 42.09 15.25 -30.25
N GLU L 181 42.09 16.19 -31.17
CA GLU L 181 42.41 17.54 -30.80
C GLU L 181 41.17 18.40 -30.46
N ILE L 182 40.69 18.33 -29.25
CA ILE L 182 39.49 19.02 -28.87
C ILE L 182 39.64 20.56 -28.90
N GLU L 183 38.57 21.23 -29.28
CA GLU L 183 38.65 22.65 -29.55
C GLU L 183 37.82 23.41 -28.50
N ALA L 184 36.68 22.84 -28.10
CA ALA L 184 35.78 23.52 -27.13
C ALA L 184 34.77 22.53 -26.60
N SER L 185 34.05 22.95 -25.56
CA SER L 185 33.05 22.07 -24.95
C SER L 185 32.08 22.93 -24.21
N HIS L 186 30.78 22.77 -24.44
CA HIS L 186 29.81 23.63 -23.77
C HIS L 186 28.38 23.11 -23.80
N HIS L 187 27.52 23.68 -22.95
CA HIS L 187 26.09 23.44 -23.02
C HIS L 187 25.47 24.16 -24.25
N GLU L 188 24.60 23.46 -24.97
CA GLU L 188 23.90 24.00 -26.14
C GLU L 188 22.55 24.60 -25.80
N VAL L 189 21.83 25.10 -26.77
CA VAL L 189 20.67 25.93 -26.44
C VAL L 189 19.55 25.20 -25.67
N ALA L 190 19.18 23.98 -26.11
CA ALA L 190 18.02 23.23 -25.56
C ALA L 190 18.33 22.67 -24.20
N PRO L 191 17.33 22.61 -23.33
CA PRO L 191 17.68 21.79 -22.16
C PRO L 191 18.27 20.42 -22.54
N GLY L 192 19.26 19.95 -21.78
CA GLY L 192 19.80 18.63 -21.98
C GLY L 192 20.75 18.46 -23.14
N GLN L 193 21.06 19.55 -23.83
CA GLN L 193 21.87 19.54 -25.07
C GLN L 193 23.31 20.00 -24.85
N HIS L 194 24.21 19.34 -25.55
CA HIS L 194 25.64 19.59 -25.44
C HIS L 194 26.38 19.49 -26.76
N GLU L 195 27.60 20.00 -26.72
CA GLU L 195 28.46 20.04 -27.85
C GLU L 195 29.90 19.95 -27.40
N ILE L 196 30.68 19.12 -28.09
CA ILE L 196 32.13 19.11 -27.97
C ILE L 196 32.71 19.19 -29.35
N ASP L 197 33.54 20.20 -29.61
CA ASP L 197 34.16 20.44 -30.93
C ASP L 197 35.61 19.95 -31.01
N PHE L 198 36.05 19.60 -32.21
CA PHE L 198 37.43 19.15 -32.38
C PHE L 198 38.00 19.61 -33.72
N LYS L 199 39.30 19.49 -33.95
CA LYS L 199 39.93 20.08 -35.16
C LYS L 199 39.57 19.27 -36.39
N TYR L 200 39.32 19.97 -37.50
CA TYR L 200 39.07 19.30 -38.80
C TYR L 200 40.22 18.33 -39.22
N ALA L 201 39.96 17.56 -40.25
CA ALA L 201 40.97 16.67 -40.82
C ALA L 201 40.61 16.34 -42.29
N GLY L 202 41.43 15.57 -42.97
CA GLY L 202 41.04 15.10 -44.28
C GLY L 202 39.71 14.39 -44.21
N ALA L 203 38.91 14.47 -45.27
CA ALA L 203 37.58 13.91 -45.31
C ALA L 203 37.52 12.54 -44.69
N VAL L 204 38.39 11.62 -45.11
CA VAL L 204 38.29 10.25 -44.63
C VAL L 204 38.59 10.14 -43.11
N ARG L 205 39.74 10.61 -42.66
CA ARG L 205 40.05 10.64 -41.25
C ARG L 205 38.89 11.31 -40.49
N SER L 206 38.39 12.40 -41.06
CA SER L 206 37.36 13.15 -40.38
C SER L 206 36.07 12.35 -40.19
N CYS L 207 35.67 11.56 -41.18
CA CYS L 207 34.54 10.69 -41.01
C CYS L 207 34.81 9.57 -39.95
N ASP L 208 36.00 9.01 -39.96
CA ASP L 208 36.35 8.06 -38.92
C ASP L 208 36.22 8.74 -37.49
N ASP L 209 36.70 9.96 -37.30
CA ASP L 209 36.57 10.63 -35.99
C ASP L 209 35.14 10.84 -35.61
N ILE L 210 34.27 11.16 -36.54
CA ILE L 210 32.86 11.23 -36.19
C ILE L 210 32.34 9.88 -35.58
N GLN L 211 32.64 8.77 -36.24
CA GLN L 211 32.20 7.52 -35.71
C GLN L 211 32.85 7.26 -34.34
N THR L 212 34.10 7.62 -34.19
CA THR L 212 34.81 7.34 -32.95
C THR L 212 34.20 8.20 -31.82
N PHE L 213 33.96 9.48 -32.14
CA PHE L 213 33.25 10.43 -31.27
C PHE L 213 31.89 9.97 -30.73
N LYS L 214 31.00 9.44 -31.58
CA LYS L 214 29.65 9.07 -31.15
C LYS L 214 29.77 7.94 -30.11
N LEU L 215 30.79 7.11 -30.30
CA LEU L 215 30.96 5.95 -29.52
C LEU L 215 31.42 6.34 -28.14
N VAL L 216 32.48 7.14 -28.06
CA VAL L 216 33.03 7.61 -26.76
C VAL L 216 31.97 8.45 -26.01
N VAL L 217 31.17 9.23 -26.72
CA VAL L 217 30.14 10.00 -26.04
C VAL L 217 29.10 9.08 -25.44
N LYS L 218 28.54 8.18 -26.24
CA LYS L 218 27.52 7.28 -25.79
C LYS L 218 28.08 6.44 -24.62
N THR L 219 29.33 6.01 -24.72
CA THR L 219 29.92 5.16 -23.70
C THR L 219 30.08 5.91 -22.39
N ILE L 220 30.78 7.03 -22.40
CA ILE L 220 31.06 7.77 -21.15
C ILE L 220 29.76 8.26 -20.48
N ALA L 221 28.78 8.72 -21.23
CA ALA L 221 27.53 9.17 -20.63
C ALA L 221 26.84 8.02 -19.87
N ARG L 222 27.00 6.79 -20.35
CA ARG L 222 26.38 5.68 -19.66
C ARG L 222 27.05 5.55 -18.29
N LYS L 223 28.34 5.83 -18.23
CA LYS L 223 29.08 5.79 -16.96
C LYS L 223 28.53 6.82 -16.01
N HIS L 224 27.83 7.80 -16.49
CA HIS L 224 27.30 8.76 -15.55
C HIS L 224 25.83 8.50 -15.39
N GLY L 225 25.36 7.36 -15.77
CA GLY L 225 23.94 7.16 -15.57
C GLY L 225 23.10 7.91 -16.57
N LEU L 226 23.68 8.15 -17.75
CA LEU L 226 23.01 8.91 -18.79
C LEU L 226 22.94 8.17 -20.13
N HIS L 227 21.96 8.55 -20.93
CA HIS L 227 21.82 8.07 -22.31
C HIS L 227 22.07 9.17 -23.31
N ALA L 228 23.17 9.12 -24.07
CA ALA L 228 23.47 10.15 -25.10
C ALA L 228 22.76 9.80 -26.41
N THR L 229 22.19 10.77 -27.10
CA THR L 229 21.54 10.46 -28.36
C THR L 229 21.85 11.52 -29.34
N PHE L 230 21.98 11.08 -30.59
CA PHE L 230 22.24 12.00 -31.67
C PHE L 230 21.05 12.14 -32.60
N MET L 231 19.88 11.73 -32.11
CA MET L 231 18.65 11.80 -32.87
C MET L 231 18.51 13.29 -33.18
N PRO L 232 18.13 13.62 -34.40
CA PRO L 232 18.01 15.02 -34.83
C PRO L 232 17.09 15.90 -33.91
N LYS L 233 15.88 15.44 -33.65
CA LYS L 233 14.94 16.23 -32.91
C LYS L 233 14.18 15.30 -31.94
N PRO L 234 14.74 15.03 -30.72
CA PRO L 234 14.12 14.16 -29.70
C PRO L 234 12.77 14.71 -29.17
N LEU L 235 12.67 16.03 -29.01
CA LEU L 235 11.49 16.64 -28.42
C LEU L 235 10.98 17.80 -29.27
N PHE L 236 9.66 17.92 -29.39
CA PHE L 236 9.09 19.06 -30.09
C PHE L 236 9.24 20.41 -29.30
N GLY L 237 9.29 21.54 -30.03
CA GLY L 237 9.35 22.82 -29.39
C GLY L 237 10.69 23.39 -28.94
N VAL L 238 11.70 22.52 -28.78
CA VAL L 238 13.09 22.92 -28.41
C VAL L 238 14.02 22.63 -29.57
N ASN L 239 15.19 23.26 -29.62
CA ASN L 239 16.16 22.98 -30.70
C ASN L 239 16.42 21.51 -31.04
N GLY L 240 16.62 21.19 -32.31
CA GLY L 240 17.10 19.85 -32.62
C GLY L 240 18.61 19.80 -32.50
N SER L 241 19.21 18.65 -32.81
CA SER L 241 20.66 18.55 -32.95
C SER L 241 21.15 18.54 -34.40
N GLY L 242 22.08 19.45 -34.66
CA GLY L 242 22.63 19.52 -36.00
C GLY L 242 23.97 18.81 -36.01
N MET L 243 24.47 18.42 -37.19
CA MET L 243 25.89 18.11 -37.33
C MET L 243 26.55 18.98 -38.38
N HIS L 244 26.84 20.23 -38.08
CA HIS L 244 27.39 21.18 -39.08
C HIS L 244 28.68 20.69 -39.78
N CYS L 245 28.72 20.84 -41.11
CA CYS L 245 29.85 20.39 -41.89
C CYS L 245 30.66 21.55 -42.48
N ASN L 246 31.79 21.80 -41.86
CA ASN L 246 32.70 22.83 -42.26
C ASN L 246 33.60 22.22 -43.33
N LEU L 247 33.60 22.83 -44.52
CA LEU L 247 34.26 22.26 -45.67
C LEU L 247 35.32 23.21 -46.20
N SER L 248 36.40 22.64 -46.68
CA SER L 248 37.34 23.47 -47.43
C SER L 248 38.24 22.57 -48.29
N LEU L 249 38.89 23.17 -49.31
CA LEU L 249 39.80 22.50 -50.22
C LEU L 249 41.24 23.03 -50.13
N PHE L 250 42.22 22.19 -50.12
CA PHE L 250 43.59 22.67 -50.08
C PHE L 250 44.27 22.33 -51.40
N LYS L 251 45.10 23.27 -51.85
CA LYS L 251 45.72 23.14 -53.15
C LYS L 251 47.12 23.62 -52.95
N ASN L 252 48.06 22.70 -53.01
CA ASN L 252 49.44 23.05 -52.72
C ASN L 252 49.64 23.32 -51.22
N GLY L 253 48.98 22.54 -50.35
CA GLY L 253 49.02 22.82 -48.92
C GLY L 253 48.69 24.30 -48.70
N VAL L 254 47.46 24.71 -49.00
CA VAL L 254 47.02 26.07 -48.77
C VAL L 254 45.53 26.20 -49.01
N ASN L 255 44.87 26.91 -48.13
CA ASN L 255 43.44 27.07 -48.26
C ASN L 255 43.09 27.77 -49.58
N ALA L 256 42.67 26.97 -50.55
CA ALA L 256 42.17 27.43 -51.87
C ALA L 256 40.93 28.31 -51.83
N PHE L 257 40.26 28.35 -50.69
CA PHE L 257 39.00 29.06 -50.57
C PHE L 257 39.24 30.51 -50.13
N PHE L 258 40.48 30.80 -49.74
CA PHE L 258 40.81 32.10 -49.20
C PHE L 258 41.48 32.89 -50.27
N ASP L 259 41.04 34.12 -50.37
CA ASP L 259 41.52 35.02 -51.39
C ASP L 259 41.67 36.42 -50.80
N GLU L 260 42.91 36.70 -50.36
CA GLU L 260 43.27 37.93 -49.63
C GLU L 260 42.62 39.20 -50.18
N ASN L 261 42.70 39.36 -51.49
CA ASN L 261 42.03 40.47 -52.16
C ASN L 261 40.89 39.89 -52.95
N ALA L 262 39.71 39.79 -52.34
CA ALA L 262 38.51 39.41 -53.09
C ALA L 262 37.31 39.85 -52.29
N ASP L 263 36.14 39.98 -52.92
CA ASP L 263 34.89 40.15 -52.16
C ASP L 263 34.74 39.16 -50.91
N LEU L 264 34.55 39.68 -49.70
CA LEU L 264 34.50 38.82 -48.50
C LEU L 264 35.74 37.95 -48.32
N GLN L 265 36.83 38.21 -49.06
CA GLN L 265 38.07 37.38 -49.07
C GLN L 265 37.84 35.93 -49.46
N LEU L 266 36.74 35.72 -50.19
CA LEU L 266 36.35 34.42 -50.74
C LEU L 266 36.85 34.27 -52.16
N SER L 267 37.62 33.23 -52.43
CA SER L 267 38.25 33.03 -53.71
C SER L 267 37.20 32.58 -54.64
N GLU L 268 37.49 32.62 -55.93
CA GLU L 268 36.51 32.10 -56.89
C GLU L 268 36.25 30.59 -56.74
N THR L 269 37.28 29.85 -56.43
CA THR L 269 37.09 28.45 -56.25
C THR L 269 36.04 28.23 -55.18
N ALA L 270 36.16 28.98 -54.09
CA ALA L 270 35.13 28.93 -53.06
C ALA L 270 33.78 29.34 -53.60
N LYS L 271 33.74 30.27 -54.54
CA LYS L 271 32.44 30.76 -55.01
C LYS L 271 31.72 29.71 -55.82
N HIS L 272 32.51 28.98 -56.62
CA HIS L 272 32.00 27.92 -57.47
C HIS L 272 31.55 26.75 -56.64
N PHE L 273 32.33 26.43 -55.61
CA PHE L 273 32.02 25.35 -54.71
C PHE L 273 30.66 25.62 -54.06
N ILE L 274 30.49 26.83 -53.51
CA ILE L 274 29.22 27.27 -52.94
C ILE L 274 28.10 27.18 -53.98
N ALA L 275 28.42 27.51 -55.21
CA ALA L 275 27.44 27.42 -56.29
C ALA L 275 26.97 25.96 -56.46
N GLY L 276 27.92 25.03 -56.51
CA GLY L 276 27.63 23.60 -56.56
C GLY L 276 26.80 23.05 -55.39
N ILE L 277 27.19 23.41 -54.16
CA ILE L 277 26.41 23.04 -52.98
C ILE L 277 24.94 23.51 -53.09
N VAL L 278 24.75 24.79 -53.42
CA VAL L 278 23.41 25.37 -53.47
C VAL L 278 22.52 24.63 -54.49
N LYS L 279 23.10 24.40 -55.67
CA LYS L 279 22.47 23.71 -56.79
C LYS L 279 22.01 22.27 -56.46
N HIS L 280 22.84 21.49 -55.77
CA HIS L 280 22.42 20.12 -55.48
C HIS L 280 21.72 19.94 -54.10
N ALA L 281 21.57 21.04 -53.34
CA ALA L 281 21.09 21.00 -51.94
C ALA L 281 19.82 20.19 -51.80
N THR L 282 18.80 20.50 -52.59
CA THR L 282 17.55 19.81 -52.40
C THR L 282 17.64 18.37 -52.76
N SER L 283 18.68 18.00 -53.49
CA SER L 283 18.82 16.63 -54.01
C SER L 283 19.62 15.73 -53.15
N PHE L 284 20.55 16.29 -52.36
CA PHE L 284 21.40 15.49 -51.46
C PHE L 284 20.91 15.41 -50.04
N THR L 285 19.79 16.09 -49.76
CA THR L 285 19.18 16.13 -48.43
C THR L 285 18.75 14.75 -47.97
N ALA L 286 18.13 13.96 -48.84
CA ALA L 286 17.84 12.56 -48.51
C ALA L 286 19.05 11.92 -47.80
N VAL L 287 20.27 12.26 -48.25
CA VAL L 287 21.47 11.64 -47.69
C VAL L 287 21.94 12.31 -46.40
N THR L 288 22.04 13.64 -46.41
CA THR L 288 22.44 14.41 -45.23
C THR L 288 21.41 14.40 -44.10
N ASN L 289 20.20 13.93 -44.37
CA ASN L 289 19.13 13.90 -43.42
C ASN L 289 18.32 12.65 -43.73
N PRO L 290 18.89 11.49 -43.37
CA PRO L 290 18.29 10.22 -43.80
C PRO L 290 17.17 9.65 -42.92
N THR L 291 16.55 10.40 -42.01
CA THR L 291 15.53 9.76 -41.19
C THR L 291 14.23 10.50 -41.20
N VAL L 292 13.16 9.88 -40.70
CA VAL L 292 11.88 10.54 -40.73
C VAL L 292 12.08 11.74 -39.85
N ASN L 293 12.75 11.50 -38.74
CA ASN L 293 12.79 12.48 -37.70
C ASN L 293 13.65 13.69 -38.13
N SER L 294 14.63 13.48 -39.02
CA SER L 294 15.44 14.58 -39.55
C SER L 294 14.66 15.79 -40.04
N TYR L 295 13.46 15.56 -40.53
CA TYR L 295 12.56 16.59 -41.11
C TYR L 295 11.79 17.39 -40.07
N LYS L 296 11.79 16.91 -38.83
CA LYS L 296 11.16 17.64 -37.75
C LYS L 296 12.16 18.64 -37.19
N ARG L 297 13.45 18.48 -37.51
CA ARG L 297 14.42 19.45 -37.09
C ARG L 297 14.52 20.55 -38.13
N LEU L 298 14.20 20.19 -39.37
CA LEU L 298 14.29 21.13 -40.50
C LEU L 298 13.02 21.97 -40.56
N VAL L 299 12.58 22.49 -39.42
CA VAL L 299 11.54 23.51 -39.36
C VAL L 299 12.18 24.84 -38.91
N PRO L 300 11.66 25.98 -39.35
CA PRO L 300 12.27 27.28 -39.07
C PRO L 300 12.22 27.73 -37.61
N GLY L 301 13.26 28.42 -37.12
CA GLY L 301 13.23 29.03 -35.82
C GLY L 301 14.09 28.36 -34.75
N TYR L 302 14.93 27.42 -35.14
CA TYR L 302 15.76 26.72 -34.17
C TYR L 302 17.18 26.66 -34.65
N GLU L 303 17.62 27.66 -35.39
CA GLU L 303 18.97 27.68 -35.97
C GLU L 303 19.26 26.40 -36.79
N ALA L 304 18.21 25.85 -37.39
CA ALA L 304 18.37 24.83 -38.41
C ALA L 304 17.98 25.39 -39.79
N PRO L 305 18.73 25.01 -40.84
CA PRO L 305 18.46 25.41 -42.23
C PRO L 305 17.06 24.95 -42.59
N CYS L 306 16.45 25.68 -43.46
CA CYS L 306 15.10 25.40 -43.84
C CYS L 306 14.97 25.73 -45.33
N TYR L 307 15.94 26.53 -45.81
CA TYR L 307 15.86 27.21 -47.08
C TYR L 307 17.24 27.23 -47.70
N VAL L 308 17.30 27.05 -49.01
CA VAL L 308 18.57 27.05 -49.75
C VAL L 308 19.09 28.47 -50.08
N ALA L 309 19.93 29.01 -49.21
CA ALA L 309 20.57 30.29 -49.47
C ALA L 309 21.89 30.24 -48.78
N TRP L 310 22.82 31.14 -49.09
CA TRP L 310 24.03 31.20 -48.30
C TRP L 310 24.28 32.64 -47.78
N SER L 311 25.00 32.77 -46.69
CA SER L 311 25.28 34.12 -46.12
C SER L 311 26.45 34.10 -45.16
N ALA L 312 27.22 35.19 -45.16
CA ALA L 312 28.34 35.37 -44.20
C ALA L 312 27.81 35.52 -42.73
N GLN L 313 28.23 34.58 -41.87
CA GLN L 313 28.02 34.60 -40.43
C GLN L 313 26.58 34.82 -39.92
N ASN L 314 25.68 34.19 -40.65
CA ASN L 314 24.25 34.16 -40.42
C ASN L 314 23.99 32.70 -40.01
N ARG L 315 23.00 32.46 -39.15
CA ARG L 315 22.76 31.13 -38.60
C ARG L 315 21.34 30.66 -38.96
N SER L 316 20.77 31.25 -40.00
CA SER L 316 19.44 30.88 -40.50
C SER L 316 19.48 30.21 -41.92
N PRO L 317 20.56 30.45 -42.69
CA PRO L 317 20.54 29.88 -44.06
C PRO L 317 21.01 28.44 -44.13
N LEU L 318 20.94 27.79 -45.27
CA LEU L 318 21.55 26.48 -45.37
C LEU L 318 23.07 26.58 -45.17
N ILE L 319 23.72 27.56 -45.83
CA ILE L 319 25.20 27.75 -45.76
C ILE L 319 25.57 29.02 -45.00
N ARG L 320 26.54 28.92 -44.11
CA ARG L 320 27.01 30.08 -43.39
C ARG L 320 28.49 30.10 -43.68
N ILE L 321 28.97 31.28 -44.05
CA ILE L 321 30.40 31.50 -44.09
C ILE L 321 30.82 32.07 -42.74
N PRO L 322 31.64 31.35 -41.99
CA PRO L 322 32.06 32.03 -40.75
C PRO L 322 33.09 33.14 -41.01
N ALA L 323 33.21 34.02 -40.02
CA ALA L 323 33.95 35.27 -40.12
C ALA L 323 35.41 34.98 -40.36
N SER L 324 35.90 33.99 -39.60
CA SER L 324 37.28 33.51 -39.70
C SER L 324 37.77 33.54 -41.13
N ARG L 325 38.97 34.06 -41.37
CA ARG L 325 39.41 34.00 -42.76
C ARG L 325 40.78 33.33 -42.83
N GLY L 326 41.59 33.58 -43.84
CA GLY L 326 42.91 32.94 -43.83
C GLY L 326 42.77 31.42 -43.89
N ILE L 327 43.51 30.70 -43.06
CA ILE L 327 43.53 29.23 -43.19
C ILE L 327 42.21 28.60 -42.67
N SER L 328 41.40 29.39 -41.99
CA SER L 328 40.17 28.89 -41.42
C SER L 328 38.98 29.15 -42.31
N THR L 329 39.25 29.63 -43.50
CA THR L 329 38.18 30.04 -44.38
C THR L 329 37.43 28.77 -44.72
N ARG L 330 36.11 28.79 -44.62
CA ARG L 330 35.42 27.55 -44.95
C ARG L 330 33.96 27.71 -45.19
N VAL L 331 33.35 26.75 -45.86
CA VAL L 331 31.90 26.80 -46.07
C VAL L 331 31.23 25.90 -45.06
N GLU L 332 30.21 26.40 -44.37
CA GLU L 332 29.53 25.55 -43.36
C GLU L 332 28.15 25.17 -43.82
N VAL L 333 27.97 23.87 -44.09
CA VAL L 333 26.69 23.37 -44.54
C VAL L 333 25.96 22.93 -43.28
N ARG L 334 24.92 23.65 -42.84
CA ARG L 334 24.39 23.36 -41.49
C ARG L 334 23.17 22.47 -41.51
N SER L 335 22.98 21.83 -42.60
CA SER L 335 21.79 21.10 -42.84
C SER L 335 22.04 19.70 -42.27
N VAL L 336 23.28 19.24 -42.33
CA VAL L 336 23.55 17.84 -42.12
C VAL L 336 23.10 17.49 -40.69
N ASP L 337 22.63 16.27 -40.42
CA ASP L 337 22.31 15.92 -39.03
C ASP L 337 23.09 14.70 -38.63
N PRO L 338 23.11 14.42 -37.31
CA PRO L 338 24.03 13.40 -36.81
C PRO L 338 23.51 11.99 -37.12
N ALA L 339 22.25 11.92 -37.52
CA ALA L 339 21.69 10.66 -37.94
C ALA L 339 22.39 10.30 -39.28
N ALA L 340 22.88 11.28 -40.06
CA ALA L 340 23.64 11.03 -41.34
C ALA L 340 24.73 9.97 -41.34
N ASN L 341 24.93 9.32 -42.47
CA ASN L 341 26.11 8.48 -42.57
C ASN L 341 27.28 9.40 -42.93
N PRO L 342 28.25 9.57 -42.03
CA PRO L 342 29.25 10.54 -42.48
C PRO L 342 29.90 10.27 -43.91
N TYR L 343 30.38 9.06 -44.20
CA TYR L 343 30.91 8.72 -45.55
C TYR L 343 30.02 9.06 -46.74
N LEU L 344 28.72 8.82 -46.64
CA LEU L 344 27.86 9.12 -47.73
C LEU L 344 27.62 10.62 -47.80
N ALA L 345 27.40 11.27 -46.66
CA ALA L 345 27.15 12.73 -46.65
C ALA L 345 28.33 13.55 -47.24
N LEU L 346 29.56 13.12 -46.96
CA LEU L 346 30.71 13.86 -47.43
C LEU L 346 30.81 13.69 -48.93
N SER L 347 30.58 12.48 -49.40
CA SER L 347 30.79 12.16 -50.79
C SER L 347 29.69 12.77 -51.61
N VAL L 348 28.53 12.98 -51.03
CA VAL L 348 27.48 13.72 -51.74
C VAL L 348 27.72 15.26 -51.78
N LEU L 349 28.39 15.81 -50.77
CA LEU L 349 28.70 17.21 -50.74
C LEU L 349 29.97 17.55 -51.55
N LEU L 350 30.95 16.64 -51.60
CA LEU L 350 32.15 16.83 -52.43
C LEU L 350 31.76 16.81 -53.90
N ALA L 351 30.96 15.83 -54.28
CA ALA L 351 30.42 15.75 -55.64
C ALA L 351 29.68 17.04 -55.96
N ALA L 352 28.93 17.61 -54.99
CA ALA L 352 28.13 18.79 -55.33
C ALA L 352 29.05 20.04 -55.48
N GLY L 353 30.09 20.12 -54.67
CA GLY L 353 31.03 21.21 -54.75
C GLY L 353 32.03 21.04 -55.88
N LEU L 354 32.46 19.82 -56.21
CA LEU L 354 33.33 19.65 -57.34
C LEU L 354 32.56 19.93 -58.62
N ASP L 355 31.27 19.68 -58.64
CA ASP L 355 30.53 19.89 -59.88
C ASP L 355 30.49 21.38 -60.20
N GLY L 356 30.40 22.21 -59.17
CA GLY L 356 30.39 23.64 -59.36
C GLY L 356 31.76 24.13 -59.78
N ILE L 357 32.83 23.58 -59.20
CA ILE L 357 34.16 24.09 -59.54
C ILE L 357 34.51 23.71 -60.97
N LYS L 358 34.10 22.51 -61.37
CA LYS L 358 34.34 21.96 -62.72
C LYS L 358 33.71 22.88 -63.80
N ASN L 359 32.43 23.16 -63.62
CA ASN L 359 31.74 23.98 -64.56
C ASN L 359 31.77 25.43 -64.16
N LYS L 360 32.81 25.86 -63.48
CA LYS L 360 32.76 27.19 -62.86
C LYS L 360 31.37 27.80 -62.68
N LEU L 361 30.45 27.07 -62.02
CA LEU L 361 29.07 27.55 -61.80
C LEU L 361 29.09 28.88 -61.06
N GLU L 362 28.01 29.63 -61.16
CA GLU L 362 27.99 31.00 -60.62
C GLU L 362 27.21 31.03 -59.32
N ALA L 363 27.83 31.58 -58.29
CA ALA L 363 27.16 31.62 -57.00
C ALA L 363 26.00 32.62 -56.98
N PRO L 364 24.90 32.28 -56.30
CA PRO L 364 23.80 33.23 -56.19
C PRO L 364 24.12 34.29 -55.15
N ALA L 365 23.60 35.50 -55.33
CA ALA L 365 23.81 36.53 -54.30
C ALA L 365 23.46 35.99 -52.88
N PRO L 366 24.34 36.27 -51.90
CA PRO L 366 24.10 35.91 -50.49
C PRO L 366 22.84 36.57 -49.96
N ILE L 367 22.15 35.89 -49.06
CA ILE L 367 20.89 36.39 -48.52
C ILE L 367 21.25 36.89 -47.15
N ASP L 368 21.40 38.20 -46.99
CA ASP L 368 21.91 38.76 -45.74
C ASP L 368 20.80 39.20 -44.82
N ARG L 369 20.16 38.23 -44.21
CA ARG L 369 19.12 38.54 -43.27
C ARG L 369 18.58 37.29 -42.59
N ASN L 370 17.52 37.44 -41.82
CA ASN L 370 16.95 36.32 -41.07
C ASN L 370 15.85 35.68 -41.96
N ILE L 371 16.22 34.65 -42.73
CA ILE L 371 15.30 33.96 -43.65
C ILE L 371 14.02 33.49 -42.96
N TYR L 372 14.09 33.04 -41.69
CA TYR L 372 12.91 32.61 -40.92
C TYR L 372 11.79 33.67 -40.88
N VAL L 373 12.12 34.95 -40.80
CA VAL L 373 11.05 35.92 -40.80
C VAL L 373 10.65 36.36 -42.22
N MET L 374 11.45 36.07 -43.23
CA MET L 374 11.07 36.32 -44.63
C MET L 374 9.72 35.70 -45.04
N SER L 375 8.90 36.51 -45.70
CA SER L 375 7.58 36.10 -46.13
C SER L 375 7.67 35.15 -47.31
N LYS L 376 6.65 34.34 -47.46
CA LYS L 376 6.58 33.39 -48.56
C LYS L 376 6.76 34.09 -49.90
N GLU L 377 6.34 35.34 -50.02
CA GLU L 377 6.54 36.00 -51.31
C GLU L 377 7.98 36.43 -51.53
N GLU L 378 8.57 37.03 -50.49
CA GLU L 378 9.94 37.56 -50.48
C GLU L 378 10.99 36.50 -50.88
N ARG L 379 10.75 35.29 -50.41
CA ARG L 379 11.67 34.21 -50.66
C ARG L 379 11.61 33.86 -52.13
N MET L 380 10.42 33.91 -52.71
CA MET L 380 10.25 33.67 -54.16
C MET L 380 10.88 34.74 -55.02
N GLU L 381 10.64 36.00 -54.70
CA GLU L 381 11.36 37.05 -55.43
C GLU L 381 12.86 36.82 -55.46
N ASN L 382 13.41 36.24 -54.39
CA ASN L 382 14.84 36.02 -54.32
C ASN L 382 15.22 34.63 -54.85
N GLY L 383 14.24 33.84 -55.24
CA GLY L 383 14.54 32.56 -55.83
C GLY L 383 15.16 31.65 -54.79
N ILE L 384 14.62 31.73 -53.58
CA ILE L 384 15.05 30.87 -52.52
C ILE L 384 14.10 29.68 -52.45
N VAL L 385 14.64 28.48 -52.64
CA VAL L 385 13.85 27.26 -52.56
C VAL L 385 13.92 26.60 -51.17
N ASP L 386 12.79 26.05 -50.76
CA ASP L 386 12.71 25.26 -49.53
C ASP L 386 13.52 23.96 -49.65
N LEU L 387 14.10 23.47 -48.55
CA LEU L 387 14.52 22.06 -48.56
C LEU L 387 13.28 21.14 -48.59
N PRO L 388 13.47 19.87 -48.95
CA PRO L 388 12.31 18.96 -48.92
C PRO L 388 11.73 18.82 -47.51
N ALA L 389 10.42 18.55 -47.37
CA ALA L 389 9.72 18.75 -46.10
C ALA L 389 9.47 17.43 -45.37
N THR L 390 9.61 16.33 -46.10
CA THR L 390 9.64 15.02 -45.47
C THR L 390 10.77 14.27 -46.13
N LEU L 391 11.17 13.13 -45.54
CA LEU L 391 12.07 12.19 -46.17
C LEU L 391 11.50 11.64 -47.53
N ALA L 392 10.18 11.51 -47.65
CA ALA L 392 9.64 10.97 -48.89
C ALA L 392 9.94 11.93 -50.03
N GLU L 393 9.74 13.23 -49.79
CA GLU L 393 10.19 14.24 -50.77
C GLU L 393 11.68 14.26 -51.05
N ALA L 394 12.53 14.17 -50.01
CA ALA L 394 13.99 14.25 -50.23
C ALA L 394 14.44 13.14 -51.16
N LEU L 395 13.92 11.94 -50.94
CA LEU L 395 14.18 10.79 -51.82
C LEU L 395 13.76 11.03 -53.29
N GLU L 396 12.64 11.71 -53.51
CA GLU L 396 12.29 12.06 -54.87
C GLU L 396 13.35 13.01 -55.47
N GLU L 397 13.86 13.97 -54.72
CA GLU L 397 14.81 14.89 -55.33
C GLU L 397 16.09 14.17 -55.63
N PHE L 398 16.38 13.19 -54.81
CA PHE L 398 17.63 12.51 -54.91
C PHE L 398 17.66 11.68 -56.19
N LYS L 399 16.54 11.06 -56.48
CA LYS L 399 16.52 10.19 -57.62
C LYS L 399 16.64 11.02 -58.86
N SER L 400 15.94 12.15 -58.90
CA SER L 400 15.98 13.02 -60.06
C SER L 400 17.36 13.58 -60.44
N ASN L 401 18.40 13.33 -59.65
CA ASN L 401 19.68 14.03 -59.86
C ASN L 401 20.83 13.04 -60.19
N GLU L 402 21.32 13.08 -61.42
CA GLU L 402 22.30 12.10 -61.82
C GLU L 402 23.63 12.34 -61.14
N VAL L 403 23.98 13.59 -60.85
CA VAL L 403 25.27 13.77 -60.19
C VAL L 403 25.27 13.11 -58.80
N MET L 404 24.18 13.34 -58.06
CA MET L 404 23.99 12.79 -56.71
C MET L 404 23.84 11.27 -56.70
N VAL L 405 23.16 10.73 -57.70
CA VAL L 405 23.04 9.28 -57.84
C VAL L 405 24.41 8.69 -58.18
N LYS L 406 25.06 9.23 -59.20
CA LYS L 406 26.36 8.69 -59.53
C LYS L 406 27.31 8.87 -58.36
N ALA L 407 27.06 9.80 -57.43
CA ALA L 407 27.96 9.98 -56.25
C ALA L 407 27.95 8.80 -55.21
N LEU L 408 26.78 8.19 -55.01
CA LEU L 408 26.62 7.01 -54.21
C LEU L 408 27.09 5.80 -54.96
N GLY L 409 26.92 5.78 -56.29
CA GLY L 409 27.17 4.56 -57.06
C GLY L 409 25.96 3.63 -56.98
N GLU L 410 25.91 2.62 -57.84
CA GLU L 410 24.68 1.82 -58.04
C GLU L 410 24.17 0.99 -56.85
N HIS L 411 25.09 0.26 -56.23
CA HIS L 411 24.78 -0.62 -55.10
C HIS L 411 24.32 0.23 -53.90
N LEU L 412 25.06 1.26 -53.56
CA LEU L 412 24.67 2.08 -52.41
C LEU L 412 23.34 2.79 -52.67
N PHE L 413 23.19 3.29 -53.90
CA PHE L 413 22.05 4.09 -54.27
C PHE L 413 20.81 3.18 -54.17
N GLU L 414 20.89 1.97 -54.69
CA GLU L 414 19.74 1.10 -54.74
C GLU L 414 19.34 0.67 -53.31
N HIS L 415 20.33 0.30 -52.50
CA HIS L 415 20.09 -0.15 -51.15
C HIS L 415 19.69 0.97 -50.21
N PHE L 416 20.22 2.15 -50.46
CA PHE L 416 19.80 3.28 -49.65
C PHE L 416 18.31 3.53 -49.92
N ILE L 417 17.90 3.59 -51.21
CA ILE L 417 16.51 3.86 -51.54
C ILE L 417 15.54 2.80 -50.99
N GLU L 418 15.94 1.55 -51.12
CA GLU L 418 15.16 0.41 -50.63
C GLU L 418 14.92 0.53 -49.11
N ALA L 419 15.98 0.76 -48.33
CA ALA L 419 15.88 0.89 -46.89
C ALA L 419 15.03 2.08 -46.46
N LYS L 420 15.14 3.19 -47.21
CA LYS L 420 14.45 4.39 -46.82
C LYS L 420 13.02 4.40 -47.28
N GLU L 421 12.69 3.70 -48.34
CA GLU L 421 11.29 3.64 -48.69
C GLU L 421 10.58 2.72 -47.70
N ILE L 422 11.21 1.65 -47.24
CA ILE L 422 10.46 0.79 -46.33
C ILE L 422 10.31 1.51 -44.95
N GLU L 423 11.32 2.26 -44.55
CA GLU L 423 11.22 3.06 -43.35
C GLU L 423 10.08 4.09 -43.47
N TRP L 424 10.04 4.85 -44.55
CA TRP L 424 8.98 5.88 -44.69
C TRP L 424 7.64 5.20 -44.66
N ASP L 425 7.55 4.03 -45.27
CA ASP L 425 6.27 3.35 -45.32
C ASP L 425 5.81 2.86 -43.94
N MET L 426 6.74 2.42 -43.09
CA MET L 426 6.32 2.06 -41.73
C MET L 426 5.70 3.26 -41.03
N PHE L 427 6.39 4.39 -41.11
CA PHE L 427 5.97 5.58 -40.43
C PHE L 427 4.60 6.03 -40.90
N ARG L 428 4.33 5.95 -42.21
CA ARG L 428 3.13 6.56 -42.75
C ARG L 428 1.87 5.75 -42.41
N THR L 429 2.04 4.46 -42.16
CA THR L 429 0.88 3.61 -41.91
C THR L 429 0.64 3.54 -40.41
N GLN L 430 1.62 3.97 -39.63
CA GLN L 430 1.48 3.99 -38.17
C GLN L 430 0.35 4.96 -37.71
N VAL L 431 -0.41 4.59 -36.70
CA VAL L 431 -1.38 5.52 -36.12
C VAL L 431 -0.85 6.11 -34.79
N HIS L 432 -0.44 7.37 -34.82
CA HIS L 432 0.21 7.99 -33.66
C HIS L 432 -0.76 8.46 -32.60
N PRO L 433 -0.29 8.53 -31.32
CA PRO L 433 -1.14 9.00 -30.21
C PRO L 433 -1.78 10.35 -30.47
N TRP L 434 -1.02 11.25 -31.12
CA TRP L 434 -1.49 12.58 -31.58
C TRP L 434 -2.79 12.46 -32.35
N GLU L 435 -2.85 11.50 -33.27
CA GLU L 435 -4.12 11.32 -34.00
C GLU L 435 -5.28 10.92 -33.07
N ARG L 436 -5.09 10.02 -32.12
CA ARG L 436 -6.21 9.73 -31.21
C ARG L 436 -6.59 10.93 -30.34
N GLU L 437 -5.60 11.64 -29.79
CA GLU L 437 -5.93 12.83 -29.02
C GLU L 437 -6.66 13.87 -29.84
N GLN L 438 -6.38 13.95 -31.13
CA GLN L 438 -7.02 14.97 -31.97
C GLN L 438 -8.38 14.55 -32.51
N TYR L 439 -8.55 13.29 -32.88
CA TYR L 439 -9.76 12.86 -33.57
C TYR L 439 -10.67 11.91 -32.79
N MET L 440 -10.17 11.23 -31.76
CA MET L 440 -10.98 10.18 -31.05
C MET L 440 -12.23 10.66 -30.37
N SER L 441 -12.23 11.88 -29.91
CA SER L 441 -13.43 12.43 -29.30
C SER L 441 -14.03 13.41 -30.22
N GLN L 442 -13.26 13.96 -31.14
CA GLN L 442 -13.83 15.00 -31.98
C GLN L 442 -14.72 14.39 -33.07
N TYR L 443 -14.36 13.20 -33.56
CA TYR L 443 -15.21 12.43 -34.47
C TYR L 443 -15.74 11.18 -33.74
#